data_9L5V
#
_entry.id   9L5V
#
_cell.length_a   1.00
_cell.length_b   1.00
_cell.length_c   1.00
_cell.angle_alpha   90.00
_cell.angle_beta   90.00
_cell.angle_gamma   90.00
#
_symmetry.space_group_name_H-M   'P 1'
#
loop_
_entity.id
_entity.type
_entity.pdbx_description
1 polymer 'Photosystem II protein D1'
2 polymer 'Photosystem II CP47 reaction center protein'
3 polymer 'Photosystem II CP43 reaction center protein'
4 polymer 'Photosystem II D2 protein'
5 polymer 'Cytochrome b559 subunit alpha'
6 polymer 'Cytochrome b559 subunit beta'
7 polymer 'Photosystem II reaction center protein H'
8 polymer 'Photosystem II reaction center protein I'
9 polymer 'Photosystem II reaction center protein K'
10 polymer 'Photosystem II reaction center protein L'
11 polymer 'Photosystem II protein M'
12 polymer 'Photosystem II reaction center protein T'
13 polymer 'Photosystem II protein W'
14 polymer 'Photosystem II reaction center X protein'
15 polymer 'Photosystem II reaction center protein Psb30'
16 polymer 'Photosystem II reaction center protein Z'
17 polymer ACPII-1
18 polymer ACPII-2
19 polymer ACPII-3
20 polymer ACPII-4
21 polymer ACPII-5
22 polymer ACPII-6
23 polymer Psb-gama_linker
24 polymer Psb-gama_linker
25 non-polymer 'FE (II) ION'
26 non-polymer 'CHLOROPHYLL A'
27 non-polymer 'PHEOPHYTIN A'
28 non-polymer 1,3,3-trimethyl-2-[(1E,3E,5E,7E,9E,11E,13E,15E,17E)-3,7,12,16-tetramethyl-18-[(1R)-2,6,6-trimethylcyclohex-2-en-1-yl]octadeca-1,3,5,7,9,11,13,15,17-nonaenyl]cyclohexene
29 non-polymer 2,3-DIMETHYL-5-(3,7,11,15,19,23,27,31,35-NONAMETHYL-2,6,10,14,18,22,26,30,34-HEXATRIACONTANONAENYL-2,5-CYCLOHEXADIENE-1,4-DIONE-2,3-DIMETHYL-5-SOLANESYL-1,4-BENZOQUINONE
30 non-polymer 1,2-DI-O-ACYL-3-O-[6-DEOXY-6-SULFO-ALPHA-D-GLUCOPYRANOSYL]-SN-GLYCEROL
31 non-polymer 'CHLORIDE ION'
32 non-polymer 'MANGANESE (II) ION'
33 non-polymer 1,2-DISTEAROYL-MONOGALACTOSYL-DIGLYCERIDE
34 non-polymer 1,2-DIPALMITOYL-PHOSPHATIDYL-GLYCEROLE
35 non-polymer 'DIGALACTOSYL DIACYL GLYCEROL (DGDG)'
36 non-polymer 'BICARBONATE ION'
37 non-polymer 'PROTOPORPHYRIN IX CONTAINING FE'
38 non-polymer 'Chlorophyll c2'
39 non-polymer (1~{R})-3,5,5-trimethyl-4-[(3~{E},5~{E},7~{E},9~{E},11~{E},13~{E},15~{E})-3,7,12,16-tetramethyl-18-[(4~{R})-2,6,6-trimethyl-4-oxidanyl-cyclohexen-1-yl]octadeca-3,5,7,9,11,13,15-heptaen-1,17-diynyl]cyclohex-3-en-1-ol
40 non-polymer (1~{R})-3,5,5-trimethyl-4-[(3~{E},5~{E},7~{E},9~{E},11~{E},13~{E},15~{E},17~{E})-3,7,12,16-tetramethyl-18-(2,6,6-trimethylcyclohexen-1-yl)octadeca-3,5,7,9,11,13,15,17-octaen-1-ynyl]cyclohex-3-en-1-ol
41 water water
#
loop_
_entity_poly.entity_id
_entity_poly.type
_entity_poly.pdbx_seq_one_letter_code
_entity_poly.pdbx_strand_id
1 'polypeptide(L)'
;TSTIVAWEVIYYNLYKNKKMTATLERRESASLWERFCSWITSTENRLYIGWFGVLMIPTLLTATTVYIIAFIAAPPVDID
GIREPVAGSLLYGNNIISGAVIPSSASIGIHFYPIWEAASLDEWLYNGGPYQLIVDHFLLGVCGWIGREWEFSYRLGMRP
WISVAFTAPVAAASAVFLVYPIGQGSFSDGMPLGISGTFNFMLVFQAEHNILMHPFHQLGVAGVFGGSLFSAMHGSLVTS
SLIRETTENESANYGYKFGQEEETYNIVAAHGYFGRLIFQYASFNNSRALHFFLGLWPVVGIWFTALGIMTMAFNLNGFN
FNQSVVDSQGRVINTWADILNRANLGMEVMHERNAHNFPLDLAAGESLPVALTA
;
A,a
2 'polypeptide(L)'
;GLPWYRVHTVVLNDPGRLIAVHLMHTALVAGWAGSMALYELAVFDPSDPVLNPMWRQGMFVMPFMARIGVTDSWGGWSIT
GESVANPGFWSFEGVALAHIGLSGLLFLAAVWHWVYWDLELFRDPRTGNPALDLPKIFGIHLLLSGVLCFGFGAFHVTGA
WGPGIWVSDAYGITGKVQPVAPAWGPEGFNPFNPSGVASHHIAAGILGFAAGIFHIAVRPPQRLYRALRMGNIETVLSSS
IAAVFWSAFITTGTMWYGSATTPIELFGPTRYQWDSGYFQQEIERRVENSLNEGLSLSEAWSRIPDKLAFYDYVGNNPAK
GGLFRAGPMNKGDGIAEAWLGHPIFQDKEGRELTVRRMPAFFETFPVILVDKDGIIRADIPFRRAESKYSIEQVGVTTSF
YGGKLNGQVFTDAPTVKKYARKAQLGEVMEFDRTTLESDGVFRSSPRGWYTFGHANFALLFFLGHLWHGSRTLFRDVFSG
IGAEVTEQVEFGAFQKLGDRSTKKQGAV
;
B,b
3 'polypeptide(L)'
;MKVFALGWLLKISLMKTLYSLRRFYHVETPFNSNIGIAGRDIESTGFAWWSGNSRLINVSGKLLGAHVAHAGLMVFWCGA
MTLFEVAHYIPEKPLYEQGLILLPHLASLGWGVGPGGEIVDIYPYFVVGILHIISSAVLGFGGVYHSLIGPDTLEESFPA
FGYDWRDKNKITTILGIHLVILGFGALLLVVKAMYLGGLYDTWAPGGGDVRIIDNPTLNPAVIIGYVLKSPWGGDGWICS
VNNMEDIVGGHIWIGFTCIAGGFWHILTKPFAWARRAYVWSGEAYLSYSLVAVSLMGFIASQYSWYNNTAYPSEFYGPTG
PEASQSQAFTFLVRDQRLGASVASAQGPTGLGKYLMRSPSGEIILGGETQRFWDLRAPWIEPLRGPNGLDLNKIKNDIQP
WQERRAAEYMTHAPLGSLNSVGGVATEINSVNFVSPRSWLTCAHFLLGFVFYIGHLWHAGRARAAAAGFEKGINRENEPV
LSLRPI
;
C,c
4 'polypeptide(L)'
;MTIAIGQEEGRGWFDLADDWLKRDRFVFVGWSGLLLFPTSYLSIGGWFTGTTFVTSWYTHGLASSYLEGCNFFTAAVSTP
ANSMGHSLLLLWGPEAQGDFTRWCQIGGLWAFCALHGSFGLIGFCLRQFEIARLVGIRPYNAIAFSGPIAIFVSVFLMYP
LGQASWFFAPSLGVAAIFRFLLFIQGFHNFTLNPFHMMGVAGILGAALLCAIHGATVQNTIFEDGDAANTFRAFTPTQAE
ETYSMVTANRFWSQIFGVAFSNKRWLHFFMLFVPLAGLWTSAIGIVGLALNLRAYDFVSQELRAAEDPEFETFYTKNILL
NEGIRSWMAAQDQPHENFIFPEEVLPRGNAL
;
D,d
5 'polypeptide(L)'
;MSGGSTGERPFSDIITSIRYWIIHSITIPALFVAGWLFVSTGLAYDIFGTPRPNEYFTQERQQVPLVNDRFSAKQELEDL
TKGL
;
E,e
6 'polypeptide(L)' MSKIKQPISYPIFTFRWLAIHGLAVPTVFFLGAITSMQFIQR F,f
7 'polypeptide(L)' MALRTRLGELLRPLNSEYGKVAPGWGTTPIMGFVMLLFAVFLLIILQIYNSSLIIENVDVDWASLGS H,h
8 'polypeptide(L)' MFTLKIVVYTTVTLFVSLFTFGFLSNDASRNPNRKDLE I,i
9 'polypeptide(L)' MEGIFLLAKLPEAYAVFKPIIDVAPVIPVFFLLLAFVWQAAVGFR K,k
10 'polypeptide(L)' MSGPNPNKQPVELNRTSLFWGLLLIFVLAVLFSSYFFN L,l
11 'polypeptide(L)'
;TPFAMHASSAALLVLACAAGAAAFAPSTPALTGLKTTAFCQGPKLSAACRTPRAAKATAPSMSLMETANQAVLLAEGGMN
VSVAAYLAVLLGTFVPVVFLITLFIQSEARKAAESGTE
;
M,m
12 'polypeptide(L)' METLVYTFLLIGTLGVLFFAVFFRDPPRIAKK T,t
13 'polypeptide(L)'
;DLIMLRTAVLCALIATAAAFSAAPMSGLQLRSGKTAMTMKSEGPMAAMNANVAKALAPAVAAFSVAAPAFAEGTGEALGV
DDGRLLVPLVLIPVFVALLYGNFASTQDNEDFFDTYDQRRK
;
W,w
14 'polypeptide(L)' MTPSFSAFINSLLAGLFIVIIPIGTALLIVSQSDRLTRN X,x
15 'polypeptide(L)' MPNLQTVAQLISLFLILTSGPAIIVLIALRRGNL Y,y
16 'polypeptide(L)' MVAILQLLVSMLILLSFALVVSVPVILVSPGEWEKSKGLVYTGAGLWFGLVIMTAAFNSFVI Z,z
17 'polypeptide(L)'
;MLRSAVLATVAVSASAFTSPALFTRTSTRPAVSTAPTMQLYREGVLQGLGTDAIPGTDRPKNLDGALVGDVGFDPLGFSN
WLDLRWAREAEIKHGRVAMLAATGMIVQDVYKFPGVQKTFGDASMMKLHNVAVDQGAMQQLFLWITVLETLTGIPAIIQT
LNGSERQPGDFGFDPLGCGRNPETLARRQLVELKNGRLAMIAVGGMVHHYLLVGRGPIEFVKNIPNFKNPLPPF
;
1,N
18 'polypeptide(L)'
;MLRTALIAACVASASAFAPGFAPMAMKSRSSAVSSMRMQEGDFSAAVPFLKRPTNLDGQYIGDVGFDPLGFSDVFDLRVL
REAELKHGRFAMLATLGFIVQELYTFPFFPKMAPVDAHDYFVKQGGGSQIIFWISFVELFGVVALFETLQGKREPGDFAF
DPLGLAKDEATLERYRLAEVKHARLAMIAIGGFIHQYWVTKQTVLEQLGNFKSLA
;
2,O
19 'polypeptide(L)'
;DRSYSMPFLERPPALDGSLAGDVGFDPLGFSNYFDLKWLREAELKHGRVCMLGCTGFITQEKIQLPLPGFDNKVATEAFF
SVPAGGLWQIFFTLGAIEILSNGGKLAPGDMFADGRAPGDLGFDPLNLSGDDAALRRFILAELKHCRLAMIGLGGMLHQM
LITKQGPLDQLANFQPIQYYGL
;
3,P
20 'polypeptide(L)'
;LPRTANRAAAKTSPTMQLYKEGVLQGITVNAIPKSERPFGLDGTYVGDVGFDPLGFSSIIDMRWLREAELKHGRVCMLAA
TGMIVQDVYQFPGVTKSFGDAKMTTLHDVAVKQGSMQQLLVWLGLLEIFGFVAIVQMLQGSDRQPGDFGFDPLNCAANPD
TLARRQLVELKNGRLAMIATAGMLHHFFITGKGPIQLITG
;
4,Q
21 'polypeptide(L)'
;MFRTTLALAAVAGAAAFAPAPAFAPKASIRAATNTAPRMAVFQGDFSESVPFLKTPTNLDGSLPGDVGFDPLGFSEVFDI
RVLREAELKHGRIAMLATLGYLVQEAYVFPFFDKVPPIQAHDVLVKSGGMSQILLWTSFLEIFGGIALFQTIQGRRYPGD
FAFDPLGLSQGKNAEKLERYQLAEIKHSRLAMLAFSGFVHQGFITKQGVLEQLGNFKPIPGFPEATFF
;
5,R
22 'polypeptide(L)'
;NAMPFLERPPKLDGSLAGDVGFDPVGFSNYFDIRWLREAELKHGRVCMLGVTGLLVQEAICLPQFANGKTPVDDFFVVPA
AGLWQVFFTIGAVEFFSNGFKLTPGDMFSEGREAGDLGFDPLGCGKNPDALARRRLVEVKNGRLAMIAFGGMLHQQLLTG
QGTLEQLANFKAIN
;
6,S
23 'polypeptide(L)'
;LTTRIMARTVAVLACSLLLFAPSSHAFAPAGVARVGMPLRSNAVSARSARVTPAKMAMDPSQISHIADGAQTFLSTLDTV
PFIDEVTGEAQGFTAPKNHFASVIGLWVLFALPVWSAAYKQAGASNPEWFGVSQVSEDAPGIGLLAKAAPEYNGPSFREG
LEYVFSFVWKPPILIAWKPRTVYDRDAMDPARDTVVSKLYKGLGGALDKTAVYDEEDQLLILSDLVTFEETDLGRRREKI
AEQAGWYTGNPSFGRSLIEYSEQTRKGKKDMGTVTISTEELAKLRAEAAKKE
;
G
24 'polypeptide(L)'
;LTTRIMARTVAVLACSLLLFAPSSHAFAPAGVARVGMPLRSNAVSARSARVTPAKMAMDPSQISHIADGAQTFLSTLDTV
PFIDEVTGEPQGFTSPKNHFASVIGLWVLFALPVWSAAYKQAGCTTPDWFGVSQVAEDAPGVGLLAKAAPEYNGPSFREG
LEYVFSFVWKPPILIAWKPRTVYDRDAMDPARDTVVSKLYKGLGGALDKTAVYDEEDQLLILSDLVTFEETDLGRRREKI
AEQAGWYTGNPSFGRSLIEYSEQTRKGKKDMGTVTISTEELAKLRAEAAKKE
;
g
#
# COMPACT_ATOMS: atom_id res chain seq x y z
N SER A 29 39.64 37.42 -10.86
CA SER A 29 39.34 36.92 -12.22
C SER A 29 39.05 38.10 -13.15
N ALA A 30 40.16 38.73 -13.74
CA ALA A 30 39.97 39.92 -14.60
C ALA A 30 39.73 39.49 -16.05
N SER A 31 38.93 38.44 -16.25
CA SER A 31 38.71 37.93 -17.62
C SER A 31 37.41 37.13 -17.68
N LEU A 32 36.78 37.10 -18.84
CA LEU A 32 35.61 36.22 -18.93
C LEU A 32 36.03 34.76 -18.98
N TRP A 33 37.07 34.45 -19.75
CA TRP A 33 37.57 33.07 -19.79
C TRP A 33 38.14 32.65 -18.44
N GLU A 34 38.80 33.57 -17.74
CA GLU A 34 39.31 33.24 -16.41
C GLU A 34 38.16 32.95 -15.44
N ARG A 35 37.08 33.72 -15.56
CA ARG A 35 35.89 33.47 -14.70
C ARG A 35 35.31 32.09 -15.03
N PHE A 36 35.20 31.77 -16.33
CA PHE A 36 34.67 30.46 -16.73
C PHE A 36 35.56 29.33 -16.22
N CYS A 37 36.88 29.50 -16.30
CA CYS A 37 37.80 28.49 -15.79
C CYS A 37 37.68 28.33 -14.28
N SER A 38 37.51 29.45 -13.57
CA SER A 38 37.33 29.40 -12.12
C SER A 38 36.05 28.67 -11.75
N TRP A 39 34.97 28.92 -12.49
CA TRP A 39 33.71 28.23 -12.20
C TRP A 39 33.81 26.75 -12.54
N ILE A 40 34.46 26.40 -13.64
CA ILE A 40 34.56 25.00 -14.06
C ILE A 40 35.37 24.20 -13.04
N THR A 41 36.52 24.73 -12.63
CA THR A 41 37.39 24.06 -11.68
C THR A 41 37.09 24.46 -10.23
N SER A 42 35.89 24.93 -9.94
CA SER A 42 35.53 25.36 -8.60
C SER A 42 35.23 24.15 -7.72
N THR A 43 35.71 24.21 -6.48
CA THR A 43 35.41 23.20 -5.48
C THR A 43 34.14 23.51 -4.71
N GLU A 44 33.47 24.61 -5.04
CA GLU A 44 32.27 25.04 -4.28
C GLU A 44 31.01 24.40 -4.89
N ASN A 45 31.11 23.81 -6.08
CA ASN A 45 29.96 23.15 -6.68
C ASN A 45 29.61 21.89 -5.88
N ARG A 46 28.33 21.53 -5.91
CA ARG A 46 27.88 20.32 -5.23
C ARG A 46 28.55 19.09 -5.85
N LEU A 47 28.61 19.04 -7.17
CA LEU A 47 29.39 18.03 -7.89
C LEU A 47 30.48 18.75 -8.69
N TYR A 48 31.73 18.32 -8.49
CA TYR A 48 32.83 18.92 -9.21
C TYR A 48 32.69 18.65 -10.70
N ILE A 49 32.94 19.68 -11.50
CA ILE A 49 32.81 19.53 -12.95
C ILE A 49 34.18 19.31 -13.57
N GLY A 50 35.03 20.32 -13.51
CA GLY A 50 36.34 20.21 -14.12
C GLY A 50 36.35 20.06 -15.62
N TRP A 51 37.54 20.14 -16.22
CA TRP A 51 37.66 20.06 -17.67
C TRP A 51 37.32 18.66 -18.18
N PHE A 52 37.73 17.63 -17.45
CA PHE A 52 37.32 16.28 -17.82
C PHE A 52 35.82 16.09 -17.69
N GLY A 53 35.21 16.75 -16.69
CA GLY A 53 33.76 16.70 -16.58
C GLY A 53 33.05 17.44 -17.70
N VAL A 54 33.71 18.41 -18.31
CA VAL A 54 33.12 19.13 -19.43
C VAL A 54 32.84 18.14 -20.56
N LEU A 55 33.64 17.09 -20.63
CA LEU A 55 33.41 16.08 -21.64
C LEU A 55 32.58 14.96 -21.08
N MET A 56 32.75 14.69 -19.79
CA MET A 56 32.10 13.53 -19.18
C MET A 56 30.59 13.72 -19.07
N ILE A 57 30.16 14.89 -18.59
CA ILE A 57 28.73 15.10 -18.31
C ILE A 57 27.86 15.01 -19.57
N PRO A 58 28.18 15.70 -20.67
CA PRO A 58 27.32 15.55 -21.87
C PRO A 58 27.28 14.12 -22.40
N THR A 59 28.44 13.46 -22.51
CA THR A 59 28.46 12.10 -23.03
C THR A 59 27.70 11.13 -22.12
N LEU A 60 27.91 11.22 -20.81
CA LEU A 60 27.22 10.33 -19.89
C LEU A 60 25.73 10.59 -19.85
N LEU A 61 25.33 11.84 -19.88
CA LEU A 61 23.90 12.16 -19.89
C LEU A 61 23.24 11.68 -21.18
N THR A 62 23.91 11.89 -22.32
CA THR A 62 23.37 11.42 -23.59
C THR A 62 23.22 9.90 -23.59
N ALA A 63 24.26 9.19 -23.16
CA ALA A 63 24.20 7.74 -23.12
C ALA A 63 23.13 7.26 -22.15
N THR A 64 22.95 8.00 -21.06
CA THR A 64 21.91 7.65 -20.06
C THR A 64 20.54 7.80 -20.69
N THR A 65 20.23 8.97 -21.24
CA THR A 65 18.93 9.24 -21.83
C THR A 65 18.55 8.28 -22.94
N VAL A 66 19.50 7.98 -23.81
CA VAL A 66 19.25 7.03 -24.93
C VAL A 66 19.08 5.62 -24.33
N TYR A 67 19.93 5.23 -23.39
CA TYR A 67 19.76 3.89 -22.82
C TYR A 67 18.38 3.72 -22.21
N ILE A 68 17.90 4.73 -21.48
CA ILE A 68 16.57 4.63 -20.86
C ILE A 68 15.49 4.53 -21.94
N ILE A 69 15.59 5.39 -22.96
CA ILE A 69 14.60 5.41 -24.03
C ILE A 69 14.61 4.09 -24.80
N ALA A 70 15.80 3.56 -25.08
CA ALA A 70 15.89 2.28 -25.78
C ALA A 70 15.39 1.13 -24.93
N PHE A 71 15.73 1.10 -23.64
CA PHE A 71 15.27 0.05 -22.76
C PHE A 71 13.75 0.07 -22.62
N ILE A 72 13.15 1.25 -22.73
CA ILE A 72 11.69 1.35 -22.60
C ILE A 72 10.98 1.01 -23.91
N ALA A 73 11.44 1.58 -25.03
CA ALA A 73 10.60 1.56 -26.23
C ALA A 73 11.35 1.32 -27.54
N ALA A 74 12.53 0.71 -27.53
CA ALA A 74 13.25 0.51 -28.78
C ALA A 74 12.60 -0.59 -29.61
N PRO A 75 12.61 -0.46 -30.93
CA PRO A 75 12.14 -1.55 -31.81
C PRO A 75 13.11 -2.72 -31.75
N PRO A 76 12.66 -3.92 -32.12
CA PRO A 76 13.57 -5.08 -32.15
C PRO A 76 14.68 -4.88 -33.16
N VAL A 77 15.84 -5.47 -32.86
CA VAL A 77 17.06 -5.26 -33.63
C VAL A 77 17.45 -6.59 -34.29
N ASP A 78 17.73 -6.53 -35.59
CA ASP A 78 18.23 -7.68 -36.35
C ASP A 78 19.72 -7.81 -36.07
N ILE A 79 20.04 -8.42 -34.93
CA ILE A 79 21.42 -8.49 -34.47
C ILE A 79 22.24 -9.41 -35.36
N ASP A 80 21.63 -10.51 -35.80
CA ASP A 80 22.39 -11.52 -36.61
C ASP A 80 22.44 -11.08 -38.08
N GLY A 81 21.81 -9.95 -38.40
CA GLY A 81 21.78 -9.46 -39.80
C GLY A 81 21.18 -10.49 -40.73
N ILE A 82 20.10 -11.16 -40.32
CA ILE A 82 19.45 -12.21 -41.14
C ILE A 82 17.95 -11.92 -41.23
N ARG A 83 17.56 -10.65 -41.10
CA ARG A 83 16.13 -10.26 -41.12
C ARG A 83 15.36 -11.02 -40.03
N GLU A 84 16.02 -11.32 -38.91
CA GLU A 84 15.34 -11.99 -37.78
C GLU A 84 15.50 -11.11 -36.54
N PRO A 85 14.60 -10.13 -36.30
CA PRO A 85 14.77 -9.20 -35.20
C PRO A 85 14.65 -9.79 -33.80
N VAL A 86 15.52 -9.36 -32.89
CA VAL A 86 15.47 -9.81 -31.50
C VAL A 86 14.99 -8.65 -30.65
N ALA A 87 13.93 -8.89 -29.88
CA ALA A 87 13.34 -7.86 -29.03
C ALA A 87 14.06 -7.81 -27.68
N GLY A 88 14.31 -6.60 -27.21
CA GLY A 88 14.95 -6.40 -25.92
C GLY A 88 14.35 -5.26 -25.13
N SER A 89 13.21 -4.74 -25.60
CA SER A 89 12.58 -3.58 -24.99
C SER A 89 11.38 -4.00 -24.14
N LEU A 90 11.07 -3.16 -23.15
CA LEU A 90 9.97 -3.46 -22.24
C LEU A 90 8.63 -3.47 -22.96
N LEU A 91 8.47 -2.57 -23.95
CA LEU A 91 7.19 -2.45 -24.68
C LEU A 91 7.01 -3.58 -25.70
N TYR A 92 8.07 -4.25 -26.08
CA TYR A 92 7.97 -5.33 -27.08
C TYR A 92 7.90 -6.69 -26.37
N GLY A 93 7.64 -6.72 -25.07
CA GLY A 93 7.44 -8.01 -24.37
C GLY A 93 8.55 -8.46 -23.43
N ASN A 94 9.49 -7.59 -23.11
CA ASN A 94 10.58 -7.93 -22.17
C ASN A 94 10.28 -7.46 -20.75
N ASN A 95 10.96 -8.03 -19.76
CA ASN A 95 10.85 -7.62 -18.33
C ASN A 95 12.18 -6.98 -17.94
N ILE A 96 12.44 -6.64 -16.67
CA ILE A 96 13.73 -5.99 -16.35
C ILE A 96 14.87 -6.99 -16.63
N ILE A 97 14.67 -8.27 -16.31
CA ILE A 97 15.78 -9.26 -16.47
C ILE A 97 16.05 -9.50 -17.98
N SER A 98 15.01 -9.77 -18.75
CA SER A 98 15.20 -10.10 -20.20
C SER A 98 15.50 -8.84 -21.01
N GLY A 99 15.12 -7.67 -20.50
CA GLY A 99 15.33 -6.42 -21.25
C GLY A 99 16.78 -6.12 -21.52
N ALA A 100 17.10 -5.61 -22.70
CA ALA A 100 18.46 -5.24 -23.06
C ALA A 100 18.44 -4.32 -24.26
N VAL A 101 19.54 -3.59 -24.44
CA VAL A 101 19.79 -2.84 -25.67
C VAL A 101 20.59 -3.75 -26.58
N ILE A 102 19.94 -4.25 -27.63
CA ILE A 102 20.54 -5.27 -28.49
C ILE A 102 21.74 -4.69 -29.21
N PRO A 103 22.85 -5.42 -29.32
CA PRO A 103 24.00 -4.92 -30.07
C PRO A 103 23.66 -4.69 -31.54
N SER A 104 24.56 -3.97 -32.21
CA SER A 104 24.33 -3.57 -33.59
C SER A 104 24.28 -4.78 -34.52
N SER A 105 23.70 -4.57 -35.69
CA SER A 105 23.53 -5.64 -36.66
C SER A 105 24.89 -6.15 -37.14
N ALA A 106 24.93 -7.46 -37.41
CA ALA A 106 26.15 -8.07 -37.94
C ALA A 106 26.49 -7.54 -39.33
N SER A 107 25.49 -7.07 -40.08
CA SER A 107 25.76 -6.45 -41.37
C SER A 107 26.52 -5.13 -41.21
N ILE A 108 26.30 -4.44 -40.09
CA ILE A 108 27.04 -3.21 -39.82
C ILE A 108 28.51 -3.52 -39.55
N GLY A 109 28.77 -4.61 -38.84
CA GLY A 109 30.14 -4.91 -38.45
C GLY A 109 30.63 -3.93 -37.40
N ILE A 110 31.81 -3.36 -37.63
CA ILE A 110 32.34 -2.33 -36.76
C ILE A 110 32.39 -1.01 -37.53
N HIS A 111 31.54 -0.88 -38.54
CA HIS A 111 31.40 0.38 -39.23
C HIS A 111 30.79 1.43 -38.31
N PHE A 112 31.27 2.66 -38.41
CA PHE A 112 30.69 3.76 -37.65
C PHE A 112 29.27 4.02 -38.12
N TYR A 113 28.30 3.92 -37.21
CA TYR A 113 26.88 3.95 -37.55
C TYR A 113 26.16 4.98 -36.69
N PRO A 114 26.34 6.27 -36.97
CA PRO A 114 25.54 7.29 -36.30
C PRO A 114 24.16 7.39 -36.94
N ILE A 115 23.35 8.31 -36.43
CA ILE A 115 21.99 8.48 -36.95
C ILE A 115 22.03 9.02 -38.37
N TRP A 116 22.94 9.95 -38.66
CA TRP A 116 22.98 10.58 -39.98
C TRP A 116 23.56 9.67 -41.06
N GLU A 117 24.16 8.54 -40.69
CA GLU A 117 24.67 7.57 -41.66
C GLU A 117 23.65 6.49 -42.00
N ALA A 118 22.42 6.60 -41.50
CA ALA A 118 21.35 5.69 -41.82
C ALA A 118 20.34 6.38 -42.72
N ALA A 119 19.71 5.59 -43.61
CA ALA A 119 18.74 6.16 -44.54
C ALA A 119 17.54 6.73 -43.81
N SER A 120 17.05 6.03 -42.79
CA SER A 120 15.91 6.49 -42.01
C SER A 120 16.15 6.16 -40.54
N LEU A 121 15.36 6.82 -39.68
CA LEU A 121 15.43 6.54 -38.26
C LEU A 121 14.99 5.12 -37.96
N ASP A 122 14.01 4.61 -38.70
CA ASP A 122 13.60 3.21 -38.56
C ASP A 122 14.73 2.27 -38.93
N GLU A 123 15.46 2.60 -39.99
CA GLU A 123 16.62 1.76 -40.39
C GLU A 123 17.65 1.81 -39.26
N TRP A 124 17.93 3.01 -38.74
CA TRP A 124 18.93 3.13 -37.67
C TRP A 124 18.54 2.30 -36.45
N LEU A 125 17.27 2.34 -36.06
CA LEU A 125 16.82 1.54 -34.93
C LEU A 125 16.84 0.05 -35.25
N TYR A 126 16.60 -0.31 -36.50
CA TYR A 126 16.53 -1.73 -36.87
C TYR A 126 17.90 -2.39 -36.87
N ASN A 127 18.97 -1.62 -37.06
CA ASN A 127 20.32 -2.18 -37.16
C ASN A 127 21.13 -2.02 -35.89
N GLY A 128 20.50 -1.60 -34.78
CA GLY A 128 21.21 -1.50 -33.53
C GLY A 128 22.13 -0.30 -33.38
N GLY A 129 21.80 0.81 -34.05
CA GLY A 129 22.52 2.06 -33.88
C GLY A 129 22.56 2.64 -32.50
N PRO A 130 21.44 2.63 -31.74
CA PRO A 130 21.50 3.11 -30.35
C PRO A 130 22.52 2.37 -29.49
N TYR A 131 22.78 1.09 -29.77
CA TYR A 131 23.83 0.39 -29.04
C TYR A 131 25.19 1.05 -29.26
N GLN A 132 25.51 1.37 -30.51
CA GLN A 132 26.77 2.06 -30.80
C GLN A 132 26.82 3.42 -30.15
N LEU A 133 25.70 4.16 -30.21
CA LEU A 133 25.65 5.49 -29.58
C LEU A 133 25.94 5.40 -28.09
N ILE A 134 25.23 4.50 -27.39
CA ILE A 134 25.41 4.35 -25.96
C ILE A 134 26.82 3.90 -25.63
N VAL A 135 27.35 2.93 -26.39
CA VAL A 135 28.67 2.40 -26.08
C VAL A 135 29.74 3.47 -26.24
N ASP A 136 29.69 4.23 -27.34
CA ASP A 136 30.71 5.24 -27.58
C ASP A 136 30.62 6.37 -26.54
N HIS A 137 29.41 6.88 -26.29
CA HIS A 137 29.28 7.95 -25.31
C HIS A 137 29.62 7.48 -23.91
N PHE A 138 29.27 6.24 -23.58
CA PHE A 138 29.58 5.68 -22.24
C PHE A 138 31.08 5.54 -22.09
N LEU A 139 31.74 4.99 -23.11
CA LEU A 139 33.21 4.76 -23.03
C LEU A 139 33.94 6.10 -22.95
N LEU A 140 33.40 7.15 -23.57
CA LEU A 140 34.02 8.49 -23.44
C LEU A 140 33.74 9.00 -22.02
N GLY A 141 32.51 8.83 -21.54
CA GLY A 141 32.15 9.26 -20.19
C GLY A 141 32.99 8.63 -19.11
N VAL A 142 33.32 7.34 -19.25
CA VAL A 142 34.13 6.70 -18.21
C VAL A 142 35.58 7.16 -18.30
N CYS A 143 36.08 7.44 -19.51
CA CYS A 143 37.39 8.08 -19.61
C CYS A 143 37.39 9.45 -18.94
N GLY A 144 36.33 10.23 -19.18
CA GLY A 144 36.18 11.49 -18.49
C GLY A 144 36.06 11.34 -16.99
N TRP A 145 35.44 10.25 -16.53
CA TRP A 145 35.35 10.01 -15.09
C TRP A 145 36.70 9.71 -14.48
N ILE A 146 37.54 8.92 -15.18
CA ILE A 146 38.92 8.71 -14.74
C ILE A 146 39.65 10.04 -14.62
N GLY A 147 39.58 10.84 -15.69
CA GLY A 147 40.26 12.13 -15.68
C GLY A 147 39.71 13.07 -14.62
N ARG A 148 38.41 13.01 -14.36
CA ARG A 148 37.78 13.90 -13.38
C ARG A 148 38.14 13.48 -11.96
N GLU A 149 38.26 12.18 -11.71
CA GLU A 149 38.78 11.72 -10.43
C GLU A 149 40.18 12.23 -10.20
N TRP A 150 41.05 12.13 -11.21
CA TRP A 150 42.38 12.71 -11.08
C TRP A 150 42.29 14.22 -10.84
N GLU A 151 41.40 14.91 -11.56
CA GLU A 151 41.33 16.36 -11.49
C GLU A 151 40.90 16.83 -10.12
N PHE A 152 39.90 16.17 -9.52
CA PHE A 152 39.47 16.58 -8.20
C PHE A 152 40.48 16.17 -7.14
N SER A 153 41.21 15.07 -7.36
CA SER A 153 42.31 14.74 -6.44
C SER A 153 43.38 15.84 -6.47
N TYR A 154 43.68 16.36 -7.66
CA TYR A 154 44.65 17.44 -7.77
C TYR A 154 44.11 18.74 -7.15
N ARG A 155 42.81 19.00 -7.34
CA ARG A 155 42.22 20.22 -6.77
C ARG A 155 42.20 20.17 -5.25
N LEU A 156 42.00 19.00 -4.66
CA LEU A 156 41.97 18.86 -3.21
C LEU A 156 43.35 18.68 -2.60
N GLY A 157 44.39 18.55 -3.41
CA GLY A 157 45.74 18.39 -2.89
C GLY A 157 46.08 17.01 -2.38
N MET A 158 45.30 16.00 -2.77
CA MET A 158 45.54 14.63 -2.35
C MET A 158 46.28 13.87 -3.46
N ARG A 159 46.70 12.65 -3.17
CA ARG A 159 47.41 11.86 -4.17
C ARG A 159 46.43 11.49 -5.28
N PRO A 160 46.94 11.17 -6.47
CA PRO A 160 46.07 11.07 -7.67
C PRO A 160 45.75 9.66 -8.16
N TRP A 161 46.08 8.61 -7.41
CA TRP A 161 46.05 7.26 -7.96
C TRP A 161 44.74 6.51 -7.69
N ILE A 162 43.68 7.22 -7.33
CA ILE A 162 42.36 6.59 -7.29
C ILE A 162 41.90 6.28 -8.72
N SER A 163 42.22 7.16 -9.67
CA SER A 163 41.88 6.93 -11.07
C SER A 163 42.60 5.70 -11.62
N VAL A 164 43.83 5.44 -11.16
CA VAL A 164 44.54 4.23 -11.56
C VAL A 164 43.78 2.99 -11.09
N ALA A 165 43.20 3.05 -9.89
CA ALA A 165 42.34 1.96 -9.43
C ALA A 165 41.09 1.83 -10.29
N PHE A 166 40.48 2.97 -10.66
CA PHE A 166 39.25 2.93 -11.45
C PHE A 166 39.50 2.51 -12.90
N THR A 167 40.76 2.52 -13.36
CA THR A 167 41.03 2.08 -14.72
C THR A 167 40.62 0.63 -14.97
N ALA A 168 40.65 -0.21 -13.94
CA ALA A 168 40.36 -1.63 -14.13
C ALA A 168 38.92 -1.91 -14.56
N PRO A 169 37.88 -1.43 -13.88
CA PRO A 169 36.52 -1.62 -14.43
C PRO A 169 36.32 -0.93 -15.77
N VAL A 170 36.96 0.21 -16.00
CA VAL A 170 36.90 0.86 -17.31
C VAL A 170 37.53 -0.02 -18.37
N ALA A 171 38.67 -0.63 -18.04
CA ALA A 171 39.32 -1.55 -18.97
C ALA A 171 38.42 -2.73 -19.27
N ALA A 172 37.77 -3.29 -18.25
CA ALA A 172 36.86 -4.42 -18.46
C ALA A 172 35.69 -4.02 -19.35
N ALA A 173 35.10 -2.85 -19.09
CA ALA A 173 33.98 -2.38 -19.89
C ALA A 173 34.39 -2.14 -21.34
N SER A 174 35.56 -1.55 -21.56
CA SER A 174 36.04 -1.32 -22.92
C SER A 174 36.37 -2.64 -23.62
N ALA A 175 36.88 -3.62 -22.88
CA ALA A 175 37.16 -4.93 -23.47
C ALA A 175 35.87 -5.64 -23.88
N VAL A 176 34.84 -5.58 -23.04
CA VAL A 176 33.60 -6.28 -23.37
C VAL A 176 32.72 -5.49 -24.34
N PHE A 177 32.95 -4.19 -24.50
CA PHE A 177 32.13 -3.36 -25.37
C PHE A 177 32.82 -2.93 -26.66
N LEU A 178 34.13 -2.70 -26.63
CA LEU A 178 34.84 -2.17 -27.79
C LEU A 178 35.91 -3.11 -28.31
N VAL A 179 36.79 -3.63 -27.43
CA VAL A 179 37.94 -4.38 -27.90
C VAL A 179 37.52 -5.71 -28.52
N TYR A 180 36.59 -6.42 -27.87
CA TYR A 180 36.11 -7.69 -28.41
C TYR A 180 35.39 -7.51 -29.75
N PRO A 181 34.49 -6.52 -29.95
CA PRO A 181 33.97 -6.30 -31.31
C PRO A 181 35.03 -5.97 -32.34
N ILE A 182 36.07 -5.23 -31.93
CA ILE A 182 37.16 -4.91 -32.87
C ILE A 182 37.89 -6.16 -33.30
N GLY A 183 38.18 -7.03 -32.33
CA GLY A 183 38.89 -8.29 -32.64
C GLY A 183 38.04 -9.25 -33.44
N GLN A 184 36.72 -9.25 -33.21
CA GLN A 184 35.82 -10.22 -33.90
C GLN A 184 35.30 -9.60 -35.20
N GLY A 185 35.33 -8.27 -35.32
CA GLY A 185 34.93 -7.62 -36.58
C GLY A 185 33.45 -7.32 -36.64
N SER A 186 32.77 -7.26 -35.49
CA SER A 186 31.34 -6.88 -35.48
C SER A 186 30.88 -6.45 -34.08
N PHE A 187 30.20 -5.31 -33.98
CA PHE A 187 29.63 -4.91 -32.70
C PHE A 187 28.54 -5.87 -32.22
N SER A 188 28.05 -6.76 -33.08
CA SER A 188 27.09 -7.78 -32.65
C SER A 188 27.70 -8.75 -31.65
N ASP A 189 29.02 -8.89 -31.64
CA ASP A 189 29.71 -9.74 -30.67
C ASP A 189 29.92 -9.05 -29.33
N GLY A 190 29.61 -7.75 -29.22
CA GLY A 190 29.75 -7.07 -27.94
C GLY A 190 28.69 -7.51 -26.94
N MET A 191 28.94 -7.20 -25.68
CA MET A 191 28.01 -7.60 -24.62
C MET A 191 26.75 -6.76 -24.71
N PRO A 192 25.57 -7.39 -24.75
CA PRO A 192 24.33 -6.61 -24.75
C PRO A 192 24.14 -5.84 -23.44
N LEU A 193 23.49 -4.69 -23.55
CA LEU A 193 23.27 -3.82 -22.40
C LEU A 193 22.04 -4.29 -21.60
N GLY A 194 22.20 -5.46 -21.00
CA GLY A 194 21.12 -6.05 -20.25
C GLY A 194 21.64 -7.14 -19.33
N ILE A 195 20.69 -7.81 -18.68
CA ILE A 195 20.95 -8.87 -17.72
C ILE A 195 21.04 -10.22 -18.42
N SER A 196 19.98 -10.66 -19.10
CA SER A 196 19.97 -11.89 -19.88
C SER A 196 20.92 -11.79 -21.06
N GLY A 197 21.05 -10.61 -21.65
CA GLY A 197 22.05 -10.42 -22.70
C GLY A 197 23.46 -10.62 -22.18
N THR A 198 23.73 -10.14 -20.96
CA THR A 198 25.03 -10.39 -20.34
C THR A 198 25.27 -11.87 -20.13
N PHE A 199 24.25 -12.59 -19.65
CA PHE A 199 24.40 -14.03 -19.45
C PHE A 199 24.66 -14.74 -20.78
N ASN A 200 23.97 -14.32 -21.83
CA ASN A 200 24.19 -14.89 -23.16
C ASN A 200 25.61 -14.61 -23.63
N PHE A 201 26.10 -13.39 -23.39
CA PHE A 201 27.48 -13.06 -23.75
C PHE A 201 28.46 -13.97 -23.02
N MET A 202 28.24 -14.20 -21.72
CA MET A 202 29.14 -15.06 -20.95
C MET A 202 29.12 -16.48 -21.48
N LEU A 203 27.93 -17.01 -21.76
CA LEU A 203 27.81 -18.39 -22.23
C LEU A 203 28.44 -18.57 -23.60
N VAL A 204 28.19 -17.62 -24.52
CA VAL A 204 28.77 -17.71 -25.86
C VAL A 204 30.29 -17.56 -25.80
N PHE A 205 30.78 -16.66 -24.94
CA PHE A 205 32.22 -16.50 -24.79
C PHE A 205 32.86 -17.77 -24.25
N GLN A 206 32.22 -18.41 -23.27
CA GLN A 206 32.75 -19.66 -22.74
C GLN A 206 32.75 -20.76 -23.80
N ALA A 207 31.69 -20.82 -24.61
CA ALA A 207 31.64 -21.81 -25.68
C ALA A 207 32.73 -21.57 -26.70
N GLU A 208 32.92 -20.33 -27.14
CA GLU A 208 33.87 -20.07 -28.26
C GLU A 208 35.33 -20.00 -27.82
N HIS A 209 35.62 -19.63 -26.57
CA HIS A 209 37.00 -19.42 -26.17
C HIS A 209 37.44 -20.22 -24.97
N ASN A 210 36.50 -20.80 -24.22
CA ASN A 210 36.85 -21.58 -23.03
C ASN A 210 37.54 -20.65 -22.04
N ILE A 211 36.83 -19.61 -21.61
CA ILE A 211 37.40 -18.58 -20.75
C ILE A 211 37.69 -19.14 -19.35
N LEU A 212 36.94 -20.16 -18.92
CA LEU A 212 37.18 -20.75 -17.61
C LEU A 212 38.57 -21.35 -17.50
N MET A 213 39.08 -21.93 -18.58
CA MET A 213 40.43 -22.47 -18.60
C MET A 213 41.48 -21.42 -18.93
N HIS A 214 41.09 -20.19 -19.19
CA HIS A 214 42.06 -19.13 -19.44
C HIS A 214 42.66 -18.67 -18.12
N PRO A 215 43.99 -18.64 -18.00
CA PRO A 215 44.60 -18.25 -16.72
C PRO A 215 44.29 -16.82 -16.30
N PHE A 216 44.00 -15.93 -17.24
CA PHE A 216 43.68 -14.56 -16.89
C PHE A 216 42.31 -14.45 -16.22
N HIS A 217 41.31 -15.17 -16.72
CA HIS A 217 40.02 -15.19 -16.02
C HIS A 217 40.15 -15.86 -14.67
N GLN A 218 41.03 -16.85 -14.54
CA GLN A 218 41.31 -17.42 -13.23
C GLN A 218 41.92 -16.39 -12.30
N LEU A 219 42.83 -15.56 -12.83
CA LEU A 219 43.40 -14.48 -12.03
C LEU A 219 42.34 -13.47 -11.64
N GLY A 220 41.40 -13.18 -12.55
CA GLY A 220 40.31 -12.27 -12.21
C GLY A 220 39.38 -12.84 -11.14
N VAL A 221 39.09 -14.14 -11.23
CA VAL A 221 38.28 -14.79 -10.21
C VAL A 221 38.99 -14.76 -8.86
N ALA A 222 40.30 -15.03 -8.86
CA ALA A 222 41.09 -14.91 -7.65
C ALA A 222 41.06 -13.47 -7.13
N GLY A 223 41.10 -12.50 -8.03
CA GLY A 223 41.04 -11.11 -7.62
C GLY A 223 39.75 -10.74 -6.94
N VAL A 224 38.60 -11.10 -7.53
CA VAL A 224 37.30 -10.77 -6.91
C VAL A 224 37.02 -11.58 -5.65
N PHE A 225 37.41 -12.84 -5.63
CA PHE A 225 37.25 -13.62 -4.40
C PHE A 225 38.14 -13.09 -3.29
N GLY A 226 39.40 -12.76 -3.61
CA GLY A 226 40.27 -12.17 -2.63
C GLY A 226 39.81 -10.80 -2.18
N GLY A 227 39.23 -10.02 -3.11
CA GLY A 227 38.69 -8.72 -2.72
C GLY A 227 37.55 -8.86 -1.74
N SER A 228 36.64 -9.80 -1.98
CA SER A 228 35.55 -10.06 -1.04
C SER A 228 36.10 -10.54 0.31
N LEU A 229 37.04 -11.49 0.27
CA LEU A 229 37.62 -12.02 1.50
C LEU A 229 38.32 -10.92 2.30
N PHE A 230 39.10 -10.08 1.62
CA PHE A 230 39.87 -9.05 2.29
C PHE A 230 39.00 -7.91 2.79
N SER A 231 37.94 -7.56 2.04
CA SER A 231 36.98 -6.58 2.53
C SER A 231 36.29 -7.08 3.78
N ALA A 232 35.84 -8.34 3.77
CA ALA A 232 35.20 -8.90 4.95
C ALA A 232 36.17 -8.97 6.12
N MET A 233 37.42 -9.38 5.85
CA MET A 233 38.41 -9.51 6.94
C MET A 233 38.70 -8.12 7.54
N HIS A 234 38.98 -7.14 6.68
CA HIS A 234 39.30 -5.80 7.18
C HIS A 234 38.14 -5.21 7.95
N GLY A 235 36.91 -5.37 7.45
CA GLY A 235 35.76 -4.91 8.19
C GLY A 235 35.60 -5.61 9.52
N SER A 236 35.80 -6.93 9.54
CA SER A 236 35.70 -7.68 10.78
C SER A 236 36.75 -7.25 11.80
N LEU A 237 37.99 -7.03 11.34
CA LEU A 237 39.05 -6.66 12.27
C LEU A 237 38.87 -5.24 12.80
N VAL A 238 38.41 -4.33 11.96
CA VAL A 238 38.19 -2.96 12.44
C VAL A 238 36.97 -2.91 13.37
N THR A 239 35.87 -3.57 13.00
CA THR A 239 34.68 -3.57 13.83
C THR A 239 34.91 -4.33 15.15
N SER A 240 35.74 -5.36 15.11
CA SER A 240 36.02 -6.15 16.32
C SER A 240 36.79 -5.34 17.34
N SER A 241 37.72 -4.49 16.89
CA SER A 241 38.59 -3.74 17.76
C SER A 241 38.15 -2.28 17.91
N LEU A 242 36.85 -2.01 17.80
CA LEU A 242 36.36 -0.65 17.98
C LEU A 242 36.53 -0.21 19.42
N SER A 251 23.93 3.15 18.80
CA SER A 251 24.78 2.46 17.85
C SER A 251 26.25 2.77 18.11
N ALA A 252 27.10 1.77 17.86
CA ALA A 252 28.53 1.96 18.03
C ALA A 252 29.13 2.93 17.01
N ASN A 253 28.44 3.16 15.88
CA ASN A 253 28.95 4.07 14.87
C ASN A 253 29.03 5.50 15.39
N TYR A 254 28.19 5.86 16.36
CA TYR A 254 28.27 7.17 16.98
C TYR A 254 29.51 7.33 17.86
N GLY A 255 30.23 6.25 18.15
CA GLY A 255 31.50 6.36 18.84
C GLY A 255 32.57 7.03 18.00
N TYR A 256 32.40 7.07 16.68
CA TYR A 256 33.28 7.81 15.79
C TYR A 256 32.62 9.13 15.42
N LYS A 257 33.39 10.21 15.51
CA LYS A 257 32.93 11.54 15.13
C LYS A 257 33.64 11.97 13.86
N PHE A 258 32.87 12.47 12.89
CA PHE A 258 33.47 12.92 11.64
C PHE A 258 34.44 14.07 11.88
N HIS A 271 45.74 -6.55 15.03
CA HIS A 271 46.95 -7.22 14.57
C HIS A 271 47.25 -8.45 15.42
N GLY A 272 47.09 -8.35 16.73
CA GLY A 272 47.32 -9.51 17.59
C GLY A 272 46.31 -10.62 17.33
N TYR A 273 45.04 -10.26 17.14
CA TYR A 273 44.03 -11.26 16.83
C TYR A 273 44.34 -11.95 15.50
N PHE A 274 44.74 -11.19 14.49
CA PHE A 274 45.05 -11.80 13.20
C PHE A 274 46.30 -12.66 13.26
N GLY A 275 47.32 -12.21 13.99
CA GLY A 275 48.54 -12.98 14.15
C GLY A 275 48.40 -14.16 15.09
N ARG A 276 47.30 -14.26 15.82
CA ARG A 276 47.00 -15.47 16.58
C ARG A 276 46.05 -16.40 15.84
N LEU A 277 45.21 -15.85 14.95
CA LEU A 277 44.35 -16.71 14.13
C LEU A 277 45.16 -17.55 13.16
N ILE A 278 46.22 -16.99 12.60
CA ILE A 278 47.17 -17.70 11.76
C ILE A 278 48.51 -17.58 12.48
N SER A 283 50.79 -11.20 9.02
CA SER A 283 50.01 -10.09 9.52
C SER A 283 50.48 -8.81 8.85
N PHE A 284 49.58 -7.83 8.78
CA PHE A 284 49.89 -6.51 8.21
C PHE A 284 49.94 -5.52 9.36
N ASN A 285 51.12 -5.39 9.98
CA ASN A 285 51.29 -4.45 11.07
C ASN A 285 51.15 -3.02 10.59
N ASN A 286 51.65 -2.72 9.39
CA ASN A 286 51.55 -1.38 8.82
C ASN A 286 50.17 -1.21 8.21
N SER A 287 49.42 -0.21 8.69
CA SER A 287 48.09 0.05 8.15
C SER A 287 48.15 0.55 6.72
N ARG A 288 49.14 1.39 6.41
CA ARG A 288 49.27 1.91 5.04
C ARG A 288 49.58 0.79 4.06
N ALA A 289 50.47 -0.13 4.44
CA ALA A 289 50.77 -1.27 3.59
C ALA A 289 49.55 -2.17 3.43
N LEU A 290 48.79 -2.36 4.51
CA LEU A 290 47.57 -3.16 4.43
C LEU A 290 46.57 -2.55 3.45
N HIS A 291 46.37 -1.25 3.52
CA HIS A 291 45.43 -0.60 2.62
C HIS A 291 45.95 -0.56 1.19
N PHE A 292 47.27 -0.45 1.01
CA PHE A 292 47.85 -0.55 -0.33
C PHE A 292 47.58 -1.93 -0.93
N PHE A 293 47.74 -2.98 -0.13
CA PHE A 293 47.44 -4.34 -0.61
C PHE A 293 45.95 -4.49 -0.92
N LEU A 294 45.09 -3.91 -0.08
CA LEU A 294 43.65 -3.94 -0.31
C LEU A 294 43.29 -3.28 -1.64
N GLY A 295 43.92 -2.14 -1.94
CA GLY A 295 43.69 -1.51 -3.23
C GLY A 295 44.28 -2.30 -4.38
N LEU A 296 45.44 -2.93 -4.15
CA LEU A 296 46.20 -3.54 -5.23
C LEU A 296 45.54 -4.83 -5.73
N TRP A 297 45.13 -5.71 -4.81
CA TRP A 297 44.77 -7.07 -5.20
C TRP A 297 43.61 -7.14 -6.19
N PRO A 298 42.41 -6.59 -5.90
CA PRO A 298 41.32 -6.69 -6.88
C PRO A 298 41.57 -5.88 -8.15
N VAL A 299 42.29 -4.76 -8.05
CA VAL A 299 42.60 -3.97 -9.24
C VAL A 299 43.49 -4.78 -10.19
N VAL A 300 44.51 -5.46 -9.64
CA VAL A 300 45.37 -6.29 -10.46
C VAL A 300 44.59 -7.46 -11.05
N GLY A 301 43.69 -8.06 -10.25
CA GLY A 301 42.87 -9.14 -10.79
C GLY A 301 41.99 -8.72 -11.94
N ILE A 302 41.32 -7.56 -11.81
CA ILE A 302 40.45 -7.08 -12.88
C ILE A 302 41.26 -6.66 -14.08
N TRP A 303 42.46 -6.10 -13.87
CA TRP A 303 43.36 -5.80 -14.98
C TRP A 303 43.70 -7.07 -15.75
N PHE A 304 44.02 -8.14 -15.03
CA PHE A 304 44.37 -9.40 -15.68
C PHE A 304 43.20 -9.99 -16.44
N THR A 305 42.00 -9.93 -15.86
CA THR A 305 40.85 -10.52 -16.57
C THR A 305 40.46 -9.67 -17.79
N ALA A 306 40.63 -8.35 -17.71
CA ALA A 306 40.40 -7.51 -18.88
C ALA A 306 41.42 -7.79 -19.97
N LEU A 307 42.69 -7.99 -19.58
CA LEU A 307 43.71 -8.36 -20.55
C LEU A 307 43.41 -9.71 -21.18
N GLY A 308 42.87 -10.65 -20.38
CA GLY A 308 42.48 -11.94 -20.94
C GLY A 308 41.37 -11.81 -21.96
N ILE A 309 40.37 -10.98 -21.67
CA ILE A 309 39.29 -10.72 -22.63
C ILE A 309 39.85 -10.10 -23.90
N MET A 310 40.78 -9.14 -23.75
CA MET A 310 41.39 -8.51 -24.92
C MET A 310 42.17 -9.53 -25.76
N THR A 311 42.91 -10.43 -25.10
CA THR A 311 43.68 -11.43 -25.84
C THR A 311 42.76 -12.42 -26.54
N MET A 312 41.69 -12.87 -25.87
CA MET A 312 40.75 -13.78 -26.50
C MET A 312 39.93 -13.10 -27.60
N ALA A 313 39.88 -11.77 -27.59
CA ALA A 313 39.28 -11.07 -28.72
C ALA A 313 40.05 -11.32 -30.01
N PHE A 314 41.35 -11.57 -29.91
CA PHE A 314 42.19 -11.92 -31.06
C PHE A 314 42.52 -13.42 -31.05
N ASN A 315 41.64 -14.23 -30.46
CA ASN A 315 41.68 -15.69 -30.53
C ASN A 315 42.93 -16.25 -29.86
N LEU A 316 43.33 -15.66 -28.73
CA LEU A 316 44.34 -16.25 -27.86
C LEU A 316 43.59 -16.90 -26.71
N ASN A 317 43.04 -18.09 -26.99
CA ASN A 317 42.10 -18.73 -26.09
C ASN A 317 42.81 -19.39 -24.92
N GLY A 318 42.03 -19.99 -24.03
CA GLY A 318 42.55 -20.59 -22.82
C GLY A 318 43.18 -21.95 -23.07
N PHE A 319 43.53 -22.60 -21.97
CA PHE A 319 44.19 -23.90 -22.02
C PHE A 319 43.27 -24.96 -22.61
N ASN A 320 43.87 -25.88 -23.36
CA ASN A 320 43.16 -26.99 -23.99
C ASN A 320 43.76 -28.30 -23.49
N PHE A 321 43.11 -28.92 -22.51
CA PHE A 321 43.53 -30.21 -21.97
C PHE A 321 42.67 -31.36 -22.47
N ASN A 322 41.99 -31.17 -23.61
CA ASN A 322 41.11 -32.20 -24.14
C ASN A 322 41.92 -33.39 -24.65
N GLN A 323 41.41 -34.60 -24.39
CA GLN A 323 42.03 -35.85 -24.81
C GLN A 323 43.48 -35.96 -24.31
N SER A 324 43.69 -35.54 -23.06
CA SER A 324 45.02 -35.55 -22.47
C SER A 324 45.41 -36.91 -21.87
N VAL A 325 44.44 -37.81 -21.69
CA VAL A 325 44.71 -39.12 -21.10
C VAL A 325 44.21 -40.18 -22.06
N VAL A 326 45.09 -41.12 -22.41
CA VAL A 326 44.76 -42.26 -23.26
C VAL A 326 45.28 -43.53 -22.60
N ASP A 327 44.69 -44.66 -22.97
CA ASP A 327 45.11 -45.94 -22.45
C ASP A 327 46.19 -46.53 -23.36
N SER A 328 46.56 -47.79 -23.11
CA SER A 328 47.57 -48.44 -23.95
C SER A 328 47.08 -48.65 -25.38
N GLN A 329 45.81 -49.02 -25.54
CA GLN A 329 45.26 -49.28 -26.86
C GLN A 329 45.02 -48.01 -27.68
N GLY A 330 45.10 -46.83 -27.05
CA GLY A 330 44.89 -45.58 -27.74
C GLY A 330 43.53 -44.95 -27.55
N ARG A 331 42.63 -45.59 -26.80
N ARG A 331 42.65 -45.61 -26.79
CA ARG A 331 41.32 -44.99 -26.53
CA ARG A 331 41.32 -45.02 -26.49
C ARG A 331 41.47 -43.83 -25.56
C ARG A 331 41.51 -43.81 -25.55
N VAL A 332 40.74 -42.76 -25.82
CA VAL A 332 40.81 -41.56 -24.99
C VAL A 332 40.05 -41.79 -23.70
N ILE A 333 40.73 -41.56 -22.57
CA ILE A 333 40.10 -41.59 -21.26
C ILE A 333 39.73 -40.16 -20.89
N ASN A 334 38.45 -39.92 -20.70
CA ASN A 334 37.96 -38.56 -20.48
C ASN A 334 38.36 -38.05 -19.10
N THR A 335 38.53 -36.74 -19.00
CA THR A 335 38.76 -36.04 -17.75
C THR A 335 37.63 -35.03 -17.55
N TRP A 336 37.75 -34.22 -16.49
CA TRP A 336 36.78 -33.15 -16.28
C TRP A 336 36.87 -32.09 -17.38
N ALA A 337 38.06 -31.91 -17.95
CA ALA A 337 38.20 -31.02 -19.10
C ALA A 337 37.40 -31.51 -20.29
N ASP A 338 37.28 -32.83 -20.46
CA ASP A 338 36.47 -33.37 -21.54
C ASP A 338 34.99 -33.08 -21.31
N ILE A 339 34.52 -33.16 -20.07
CA ILE A 339 33.13 -32.80 -19.78
C ILE A 339 32.90 -31.31 -20.02
N LEU A 340 33.87 -30.47 -19.63
CA LEU A 340 33.78 -29.05 -19.90
C LEU A 340 33.72 -28.78 -21.40
N ASN A 341 34.52 -29.50 -22.18
CA ASN A 341 34.50 -29.35 -23.63
C ASN A 341 33.17 -29.83 -24.22
N ARG A 342 32.59 -30.88 -23.64
CA ARG A 342 31.26 -31.32 -24.08
C ARG A 342 30.21 -30.24 -23.85
N ALA A 343 30.25 -29.59 -22.68
CA ALA A 343 29.33 -28.50 -22.42
C ALA A 343 29.57 -27.32 -23.38
N ASN A 344 30.83 -27.00 -23.65
CA ASN A 344 31.14 -25.93 -24.58
C ASN A 344 30.65 -26.25 -25.99
N LEU A 345 30.80 -27.51 -26.42
CA LEU A 345 30.29 -27.93 -27.72
C LEU A 345 28.78 -27.86 -27.76
N GLY A 346 28.11 -28.24 -26.67
CA GLY A 346 26.65 -28.14 -26.63
C GLY A 346 26.17 -26.71 -26.74
N MET A 347 26.90 -25.77 -26.13
CA MET A 347 26.55 -24.36 -26.31
C MET A 347 26.86 -23.88 -27.71
N GLU A 348 28.01 -24.29 -28.24
CA GLU A 348 28.48 -23.82 -29.58
C GLU A 348 27.45 -24.13 -30.67
N VAL A 349 26.95 -25.37 -30.72
CA VAL A 349 26.03 -25.74 -31.84
C VAL A 349 24.77 -24.86 -31.76
N MET A 350 24.23 -24.63 -30.56
CA MET A 350 23.02 -23.79 -30.38
C MET A 350 23.29 -22.35 -30.81
N HIS A 351 24.45 -21.79 -30.45
CA HIS A 351 24.76 -20.38 -30.78
C HIS A 351 24.84 -20.19 -32.30
N GLU A 352 25.46 -21.15 -33.01
CA GLU A 352 25.63 -21.03 -34.49
C GLU A 352 24.35 -21.55 -35.19
N ARG A 353 23.51 -20.63 -35.66
CA ARG A 353 22.24 -21.01 -36.34
C ARG A 353 22.54 -21.56 -37.74
N ASN A 354 23.77 -21.37 -38.23
CA ASN A 354 24.17 -21.90 -39.55
C ASN A 354 24.83 -23.28 -39.36
N ALA A 355 25.19 -23.96 -40.46
CA ALA A 355 25.86 -25.27 -40.37
C ALA A 355 27.07 -25.16 -39.43
N GLY B 1 19.47 7.36 20.31
CA GLY B 1 18.45 6.38 20.63
C GLY B 1 18.73 5.01 20.04
N LEU B 2 17.78 4.10 20.20
CA LEU B 2 17.96 2.74 19.70
C LEU B 2 17.87 2.71 18.17
N PRO B 3 18.74 1.96 17.51
CA PRO B 3 18.56 1.73 16.07
C PRO B 3 17.33 0.89 15.79
N TRP B 4 16.94 0.87 14.51
CA TRP B 4 15.74 0.14 14.12
C TRP B 4 15.85 -1.35 14.37
N TYR B 5 17.08 -1.89 14.36
CA TYR B 5 17.28 -3.33 14.49
C TYR B 5 17.47 -3.78 15.94
N ARG B 6 17.35 -2.87 16.90
CA ARG B 6 17.47 -3.23 18.32
C ARG B 6 16.24 -2.87 19.13
N VAL B 7 15.14 -2.45 18.49
CA VAL B 7 14.02 -1.84 19.20
C VAL B 7 13.43 -2.81 20.21
N HIS B 8 13.18 -4.06 19.78
CA HIS B 8 12.55 -5.04 20.65
C HIS B 8 13.40 -5.40 21.85
N THR B 9 14.69 -5.03 21.84
CA THR B 9 15.52 -5.22 23.03
C THR B 9 15.05 -4.39 24.22
N VAL B 10 14.01 -3.56 24.07
CA VAL B 10 13.42 -2.93 25.25
C VAL B 10 12.78 -3.96 26.17
N VAL B 11 12.33 -5.09 25.63
CA VAL B 11 11.66 -6.08 26.47
C VAL B 11 12.65 -7.16 26.89
N LEU B 12 13.94 -6.88 26.73
CA LEU B 12 14.97 -7.84 27.14
C LEU B 12 15.00 -8.01 28.66
N ASN B 13 14.86 -6.90 29.39
CA ASN B 13 14.98 -6.95 30.88
C ASN B 13 13.61 -6.73 31.54
N ASP B 14 12.51 -6.84 30.77
CA ASP B 14 11.17 -6.74 31.33
C ASP B 14 10.44 -8.05 31.11
N PRO B 15 10.37 -8.92 32.12
CA PRO B 15 9.70 -10.23 31.93
C PRO B 15 8.24 -10.12 31.55
N GLY B 16 7.51 -9.14 32.11
CA GLY B 16 6.10 -9.02 31.81
C GLY B 16 5.83 -8.68 30.36
N ARG B 17 6.56 -7.69 29.84
CA ARG B 17 6.38 -7.32 28.44
C ARG B 17 7.02 -8.32 27.49
N LEU B 18 8.04 -9.07 27.94
CA LEU B 18 8.52 -10.20 27.15
C LEU B 18 7.43 -11.26 27.00
N ILE B 19 6.74 -11.58 28.09
CA ILE B 19 5.60 -12.50 28.01
C ILE B 19 4.51 -11.91 27.12
N ALA B 20 4.32 -10.60 27.18
CA ALA B 20 3.31 -9.95 26.33
C ALA B 20 3.64 -10.10 24.84
N VAL B 21 4.89 -9.84 24.47
CA VAL B 21 5.26 -9.93 23.06
C VAL B 21 5.29 -11.38 22.58
N HIS B 22 5.68 -12.32 23.44
CA HIS B 22 5.58 -13.73 23.07
C HIS B 22 4.13 -14.16 22.91
N LEU B 23 3.23 -13.64 23.76
CA LEU B 23 1.80 -13.91 23.61
C LEU B 23 1.28 -13.33 22.30
N MET B 24 1.77 -12.15 21.92
CA MET B 24 1.38 -11.55 20.65
C MET B 24 1.84 -12.40 19.46
N HIS B 25 3.07 -12.91 19.52
CA HIS B 25 3.55 -13.75 18.43
C HIS B 25 2.76 -15.05 18.34
N THR B 26 2.43 -15.66 19.49
CA THR B 26 1.60 -16.85 19.48
C THR B 26 0.21 -16.56 18.93
N ALA B 27 -0.35 -15.41 19.29
CA ALA B 27 -1.65 -15.00 18.74
C ALA B 27 -1.60 -14.84 17.24
N LEU B 28 -0.54 -14.21 16.73
CA LEU B 28 -0.39 -14.05 15.29
C LEU B 28 -0.26 -15.40 14.60
N VAL B 29 0.51 -16.31 15.18
CA VAL B 29 0.70 -17.63 14.58
C VAL B 29 -0.61 -18.41 14.56
N ALA B 30 -1.35 -18.40 15.67
CA ALA B 30 -2.63 -19.11 15.73
C ALA B 30 -3.64 -18.50 14.77
N GLY B 31 -3.67 -17.16 14.67
CA GLY B 31 -4.55 -16.52 13.72
C GLY B 31 -4.20 -16.86 12.29
N TRP B 32 -2.90 -16.93 11.99
CA TRP B 32 -2.48 -17.37 10.66
C TRP B 32 -2.94 -18.79 10.38
N ALA B 33 -2.81 -19.68 11.38
CA ALA B 33 -3.24 -21.06 11.19
C ALA B 33 -4.73 -21.13 10.89
N GLY B 34 -5.54 -20.42 11.66
CA GLY B 34 -6.98 -20.43 11.44
C GLY B 34 -7.36 -19.83 10.10
N SER B 35 -6.76 -18.69 9.76
CA SER B 35 -7.07 -18.03 8.49
C SER B 35 -6.63 -18.88 7.29
N MET B 36 -5.45 -19.51 7.38
CA MET B 36 -4.99 -20.37 6.30
C MET B 36 -5.89 -21.59 6.14
N ALA B 37 -6.33 -22.18 7.26
CA ALA B 37 -7.26 -23.29 7.17
C ALA B 37 -8.58 -22.88 6.53
N LEU B 38 -9.10 -21.71 6.91
CA LEU B 38 -10.34 -21.23 6.31
C LEU B 38 -10.19 -20.96 4.82
N TYR B 39 -9.07 -20.34 4.42
CA TYR B 39 -8.83 -20.08 3.01
C TYR B 39 -8.70 -21.39 2.22
N GLU B 40 -7.98 -22.36 2.77
CA GLU B 40 -7.84 -23.65 2.10
C GLU B 40 -9.18 -24.34 1.97
N LEU B 41 -10.02 -24.27 3.01
CA LEU B 41 -11.36 -24.83 2.93
C LEU B 41 -12.19 -24.14 1.86
N ALA B 42 -12.02 -22.83 1.74
CA ALA B 42 -12.79 -22.05 0.74
C ALA B 42 -12.33 -22.41 -0.67
N VAL B 43 -11.12 -22.96 -0.81
CA VAL B 43 -10.56 -23.27 -2.16
C VAL B 43 -10.57 -24.79 -2.38
N PHE B 44 -10.61 -25.58 -1.31
CA PHE B 44 -10.51 -27.06 -1.46
C PHE B 44 -11.69 -27.63 -2.22
N ASP B 45 -11.41 -28.60 -3.11
CA ASP B 45 -12.45 -29.31 -3.83
C ASP B 45 -12.42 -30.78 -3.46
N PRO B 46 -13.37 -31.28 -2.68
CA PRO B 46 -13.34 -32.69 -2.28
C PRO B 46 -14.03 -33.62 -3.27
N SER B 47 -14.26 -33.12 -4.49
CA SER B 47 -15.03 -33.89 -5.47
C SER B 47 -14.31 -35.17 -5.88
N ASP B 48 -13.00 -35.09 -6.11
CA ASP B 48 -12.22 -36.21 -6.65
C ASP B 48 -11.03 -36.48 -5.74
N PRO B 49 -11.22 -37.24 -4.66
CA PRO B 49 -10.12 -37.51 -3.73
C PRO B 49 -8.98 -38.32 -4.32
N VAL B 50 -9.21 -39.13 -5.35
CA VAL B 50 -8.13 -39.95 -5.89
C VAL B 50 -7.30 -39.29 -6.98
N LEU B 51 -7.95 -38.56 -7.87
CA LEU B 51 -7.21 -37.92 -8.96
C LEU B 51 -7.05 -36.41 -8.78
N ASN B 52 -7.71 -35.81 -7.79
CA ASN B 52 -7.47 -34.42 -7.40
C ASN B 52 -7.32 -34.35 -5.89
N PRO B 53 -6.25 -34.93 -5.33
CA PRO B 53 -6.11 -34.94 -3.86
C PRO B 53 -5.75 -33.58 -3.29
N MET B 54 -5.53 -33.54 -1.98
CA MET B 54 -5.20 -32.28 -1.31
C MET B 54 -3.85 -31.74 -1.75
N TRP B 55 -2.87 -32.63 -1.98
CA TRP B 55 -1.53 -32.18 -2.37
C TRP B 55 -1.47 -31.72 -3.82
N ARG B 56 -2.50 -31.99 -4.62
CA ARG B 56 -2.60 -31.45 -5.97
C ARG B 56 -3.29 -30.10 -6.00
N GLN B 57 -3.88 -29.67 -4.88
CA GLN B 57 -4.60 -28.41 -4.81
C GLN B 57 -3.87 -27.36 -3.98
N GLY B 58 -2.60 -27.59 -3.65
CA GLY B 58 -1.82 -26.61 -2.93
C GLY B 58 -2.16 -26.48 -1.46
N MET B 59 -2.78 -27.50 -0.87
CA MET B 59 -3.14 -27.44 0.54
C MET B 59 -1.90 -27.64 1.41
N PHE B 60 -1.69 -26.71 2.35
CA PHE B 60 -0.51 -26.72 3.19
C PHE B 60 -0.80 -27.13 4.63
N VAL B 61 -1.74 -26.48 5.29
CA VAL B 61 -2.07 -26.82 6.67
C VAL B 61 -3.09 -27.96 6.76
N MET B 62 -3.89 -28.17 5.71
CA MET B 62 -4.83 -29.30 5.71
C MET B 62 -4.14 -30.65 5.80
N PRO B 63 -3.00 -30.93 5.12
CA PRO B 63 -2.30 -32.20 5.41
C PRO B 63 -1.89 -32.35 6.86
N PHE B 64 -1.46 -31.28 7.52
CA PHE B 64 -1.07 -31.41 8.92
C PHE B 64 -2.29 -31.59 9.83
N MET B 65 -3.44 -31.05 9.43
CA MET B 65 -4.67 -31.35 10.17
C MET B 65 -5.07 -32.81 9.98
N ALA B 66 -4.96 -33.33 8.75
CA ALA B 66 -5.36 -34.69 8.46
C ALA B 66 -4.36 -35.72 8.98
N ARG B 67 -3.13 -35.31 9.29
CA ARG B 67 -2.12 -36.25 9.76
C ARG B 67 -2.52 -36.86 11.10
N ILE B 68 -3.01 -36.00 11.97
CA ILE B 68 -3.30 -36.45 13.35
C ILE B 68 -4.79 -36.45 13.64
N GLY B 69 -5.62 -36.87 12.70
CA GLY B 69 -7.05 -37.08 13.00
C GLY B 69 -8.12 -36.17 12.42
N VAL B 70 -7.83 -34.97 11.97
CA VAL B 70 -8.96 -34.14 11.48
C VAL B 70 -9.18 -34.45 9.99
N THR B 71 -10.18 -35.27 9.68
CA THR B 71 -10.46 -35.65 8.30
C THR B 71 -11.86 -35.27 7.85
N ASP B 72 -12.83 -35.20 8.75
CA ASP B 72 -14.20 -34.86 8.38
C ASP B 72 -14.36 -33.34 8.26
N SER B 73 -15.45 -32.95 7.61
CA SER B 73 -15.79 -31.54 7.42
C SER B 73 -17.26 -31.32 7.68
N TRP B 74 -17.60 -30.10 8.09
CA TRP B 74 -19.00 -29.75 8.35
C TRP B 74 -19.84 -29.72 7.07
N GLY B 75 -19.22 -29.77 5.89
CA GLY B 75 -19.92 -29.85 4.64
C GLY B 75 -20.36 -31.23 4.23
N GLY B 76 -20.23 -32.22 5.12
CA GLY B 76 -20.66 -33.57 4.82
C GLY B 76 -19.72 -34.38 3.97
N TRP B 77 -18.44 -34.04 3.93
CA TRP B 77 -17.46 -34.77 3.16
C TRP B 77 -16.21 -35.02 4.00
N SER B 78 -15.39 -35.96 3.54
CA SER B 78 -14.16 -36.33 4.21
C SER B 78 -13.03 -36.40 3.19
N ILE B 79 -11.78 -36.37 3.65
CA ILE B 79 -10.70 -36.37 2.62
C ILE B 79 -10.60 -37.80 2.04
N THR B 80 -10.88 -38.83 2.84
CA THR B 80 -10.87 -40.16 2.25
C THR B 80 -11.97 -40.36 1.21
N GLY B 81 -12.93 -39.43 1.11
CA GLY B 81 -14.02 -39.55 0.18
C GLY B 81 -15.27 -40.19 0.73
N GLU B 82 -15.21 -40.65 1.98
CA GLU B 82 -16.45 -41.18 2.62
C GLU B 82 -17.36 -39.98 2.93
N SER B 83 -18.68 -40.18 2.88
CA SER B 83 -19.63 -39.08 3.19
C SER B 83 -19.94 -39.09 4.69
N VAL B 84 -19.44 -38.10 5.43
CA VAL B 84 -19.63 -38.11 6.92
C VAL B 84 -21.07 -37.68 7.22
N ALA B 85 -21.79 -38.49 8.01
CA ALA B 85 -23.20 -38.17 8.36
C ALA B 85 -23.22 -37.00 9.33
N ASN B 86 -22.64 -37.18 10.52
CA ASN B 86 -22.55 -36.07 11.50
C ASN B 86 -21.07 -35.69 11.65
N PRO B 87 -20.52 -34.67 10.95
CA PRO B 87 -19.11 -34.36 11.03
C PRO B 87 -18.55 -34.32 12.45
N GLY B 88 -19.11 -33.46 13.30
CA GLY B 88 -18.56 -33.27 14.65
C GLY B 88 -17.90 -31.90 14.70
N PHE B 89 -17.75 -31.32 15.90
CA PHE B 89 -17.20 -29.94 16.02
C PHE B 89 -15.76 -29.95 15.46
N TRP B 90 -15.03 -31.04 15.69
CA TRP B 90 -13.62 -31.12 15.22
C TRP B 90 -13.61 -31.48 13.73
N SER B 91 -13.83 -30.48 12.89
CA SER B 91 -13.84 -30.64 11.42
C SER B 91 -12.91 -29.55 10.90
N PHE B 92 -12.48 -29.60 9.64
CA PHE B 92 -11.47 -28.59 9.22
C PHE B 92 -12.08 -27.20 9.44
N GLU B 93 -13.37 -27.03 9.14
CA GLU B 93 -14.02 -25.71 9.42
C GLU B 93 -14.00 -25.46 10.95
N GLY B 94 -14.33 -26.47 11.74
CA GLY B 94 -14.29 -26.31 13.21
C GLY B 94 -12.87 -26.08 13.71
N VAL B 95 -11.91 -26.84 13.17
CA VAL B 95 -10.48 -26.70 13.61
C VAL B 95 -9.98 -25.30 13.25
N ALA B 96 -10.35 -24.79 12.07
CA ALA B 96 -9.90 -23.45 11.63
C ALA B 96 -10.44 -22.40 12.61
N LEU B 97 -11.71 -22.56 13.02
CA LEU B 97 -12.32 -21.62 13.99
C LEU B 97 -11.56 -21.71 15.32
N ALA B 98 -11.16 -22.92 15.73
CA ALA B 98 -10.49 -23.09 17.04
C ALA B 98 -9.17 -22.32 17.07
N HIS B 99 -8.39 -22.38 15.99
CA HIS B 99 -7.12 -21.62 15.94
C HIS B 99 -7.37 -20.10 15.97
N ILE B 100 -8.38 -19.64 15.23
CA ILE B 100 -8.72 -18.18 15.26
C ILE B 100 -9.17 -17.80 16.67
N GLY B 101 -9.97 -18.66 17.31
CA GLY B 101 -10.47 -18.36 18.66
C GLY B 101 -9.31 -18.23 19.63
N LEU B 102 -8.32 -19.11 19.51
CA LEU B 102 -7.13 -19.08 20.39
C LEU B 102 -6.38 -17.77 20.18
N SER B 103 -6.29 -17.32 18.92
CA SER B 103 -5.54 -16.08 18.60
C SER B 103 -6.16 -14.88 19.32
N GLY B 104 -7.49 -14.79 19.33
CA GLY B 104 -8.16 -13.66 20.00
C GLY B 104 -7.85 -13.66 21.48
N LEU B 105 -7.88 -14.83 22.11
CA LEU B 105 -7.58 -14.94 23.57
C LEU B 105 -6.12 -14.52 23.83
N LEU B 106 -5.20 -14.95 22.96
CA LEU B 106 -3.76 -14.65 23.19
C LEU B 106 -3.53 -13.13 23.13
N PHE B 107 -4.20 -12.45 22.19
CA PHE B 107 -4.01 -10.98 22.03
C PHE B 107 -4.44 -10.26 23.30
N LEU B 108 -5.59 -10.67 23.86
CA LEU B 108 -6.12 -10.00 25.08
C LEU B 108 -5.15 -10.22 26.25
N ALA B 109 -4.62 -11.43 26.38
CA ALA B 109 -3.66 -11.75 27.46
C ALA B 109 -2.39 -10.90 27.28
N ALA B 110 -1.91 -10.77 26.05
CA ALA B 110 -0.66 -10.02 25.79
C ALA B 110 -0.83 -8.56 26.19
N VAL B 111 -1.99 -7.97 25.88
CA VAL B 111 -2.26 -6.56 26.28
C VAL B 111 -2.28 -6.48 27.82
N TRP B 112 -2.89 -7.46 28.49
CA TRP B 112 -2.98 -7.39 29.97
C TRP B 112 -1.57 -7.44 30.54
N HIS B 113 -0.74 -8.34 30.03
CA HIS B 113 0.67 -8.46 30.52
C HIS B 113 1.41 -7.16 30.19
N TRP B 114 1.17 -6.61 29.00
CA TRP B 114 1.92 -5.40 28.60
C TRP B 114 1.56 -4.26 29.56
N VAL B 115 0.28 -4.11 29.88
CA VAL B 115 -0.14 -3.06 30.87
C VAL B 115 0.42 -3.41 32.25
N TYR B 116 0.33 -4.63 32.70
CA TYR B 116 0.89 -4.89 34.00
C TYR B 116 2.29 -5.47 33.89
N TRP B 117 3.20 -4.65 33.33
CA TRP B 117 4.62 -5.02 33.17
C TRP B 117 5.23 -5.25 34.54
N ASP B 118 4.64 -4.64 35.59
CA ASP B 118 5.24 -4.71 36.95
C ASP B 118 4.47 -5.68 37.85
N LEU B 119 4.94 -6.92 37.95
CA LEU B 119 4.30 -7.91 38.86
C LEU B 119 5.35 -8.38 39.87
N GLU B 120 4.92 -8.67 41.10
CA GLU B 120 5.87 -9.11 42.16
C GLU B 120 6.57 -10.41 41.73
N LEU B 121 5.84 -11.37 41.15
CA LEU B 121 6.44 -12.64 40.69
C LEU B 121 7.79 -12.37 40.03
N PHE B 122 7.77 -11.48 39.02
CA PHE B 122 8.92 -11.05 38.21
C PHE B 122 10.06 -10.45 39.00
N ARG B 123 9.80 -10.00 40.22
CA ARG B 123 10.89 -9.35 40.94
C ARG B 123 11.60 -10.27 41.90
N ASP B 124 12.91 -10.12 41.96
CA ASP B 124 13.74 -10.93 42.83
C ASP B 124 13.59 -10.45 44.26
N PRO B 125 13.17 -11.35 45.16
CA PRO B 125 13.02 -10.96 46.57
C PRO B 125 14.29 -10.33 47.16
N ARG B 126 15.44 -10.93 46.88
CA ARG B 126 16.72 -10.46 47.36
C ARG B 126 17.03 -9.00 47.01
N THR B 127 17.22 -8.72 45.73
CA THR B 127 17.58 -7.37 45.28
C THR B 127 16.43 -6.43 44.89
N GLY B 128 15.25 -6.96 44.59
CA GLY B 128 14.14 -6.12 44.19
C GLY B 128 14.22 -5.73 42.74
N ASN B 129 14.99 -6.49 41.97
CA ASN B 129 15.16 -6.23 40.56
C ASN B 129 14.47 -7.30 39.76
N PRO B 130 13.93 -6.94 38.59
CA PRO B 130 13.26 -7.93 37.76
C PRO B 130 14.25 -9.01 37.38
N ALA B 131 13.89 -10.27 37.59
CA ALA B 131 14.80 -11.37 37.29
C ALA B 131 14.04 -12.62 36.90
N LEU B 132 14.72 -13.56 36.26
CA LEU B 132 14.06 -14.81 35.83
C LEU B 132 14.97 -16.00 36.16
N ASP B 133 14.51 -16.91 37.03
CA ASP B 133 15.29 -18.13 37.35
C ASP B 133 15.11 -19.11 36.18
N LEU B 134 15.99 -19.06 35.18
CA LEU B 134 15.81 -19.88 33.95
C LEU B 134 15.98 -21.40 34.17
N PRO B 135 17.03 -21.80 34.89
CA PRO B 135 17.35 -23.18 35.21
C PRO B 135 16.10 -23.80 35.79
N LYS B 136 15.33 -23.00 36.51
CA LYS B 136 14.10 -23.48 37.09
C LYS B 136 12.96 -23.43 36.09
N ILE B 137 12.92 -22.32 35.36
CA ILE B 137 11.89 -22.11 34.39
C ILE B 137 12.05 -23.19 33.35
N PHE B 138 13.29 -23.51 33.03
CA PHE B 138 13.57 -24.55 32.06
C PHE B 138 12.96 -25.83 32.58
N GLY B 139 13.27 -26.17 33.83
CA GLY B 139 12.76 -27.36 34.47
C GLY B 139 11.25 -27.42 34.44
N ILE B 140 10.59 -26.32 34.80
CA ILE B 140 9.14 -26.28 34.80
C ILE B 140 8.60 -26.48 33.39
N HIS B 141 9.22 -25.84 32.41
CA HIS B 141 8.80 -25.95 31.02
C HIS B 141 9.13 -27.32 30.45
N LEU B 142 10.27 -27.87 30.82
CA LEU B 142 10.68 -29.19 30.33
C LEU B 142 9.74 -30.24 30.83
N LEU B 143 9.33 -30.11 32.09
CA LEU B 143 8.40 -31.02 32.73
C LEU B 143 7.06 -30.93 32.04
N LEU B 144 6.65 -29.72 31.69
CA LEU B 144 5.39 -29.49 31.00
C LEU B 144 5.43 -30.11 29.61
N SER B 145 6.59 -30.03 28.97
CA SER B 145 6.81 -30.59 27.65
C SER B 145 6.68 -32.09 27.69
N GLY B 146 7.31 -32.70 28.69
CA GLY B 146 7.27 -34.14 28.85
C GLY B 146 5.87 -34.66 29.03
N VAL B 147 5.07 -33.95 29.82
CA VAL B 147 3.70 -34.36 30.05
C VAL B 147 2.87 -34.28 28.78
N LEU B 148 3.03 -33.21 28.02
CA LEU B 148 2.29 -33.04 26.78
C LEU B 148 2.77 -34.05 25.74
N CYS B 149 4.07 -34.29 25.72
CA CYS B 149 4.66 -35.23 24.79
C CYS B 149 4.17 -36.63 25.08
N PHE B 150 4.32 -37.05 26.33
CA PHE B 150 3.90 -38.37 26.73
C PHE B 150 2.43 -38.59 26.42
N GLY B 151 1.68 -37.50 26.55
CA GLY B 151 0.24 -37.51 26.42
C GLY B 151 -0.24 -37.71 25.02
N PHE B 152 0.42 -37.02 24.10
CA PHE B 152 0.12 -37.14 22.70
C PHE B 152 0.37 -38.59 22.32
N GLY B 153 1.51 -39.13 22.70
CA GLY B 153 1.82 -40.51 22.37
C GLY B 153 0.94 -41.57 23.00
N ALA B 154 0.64 -41.41 24.29
CA ALA B 154 -0.16 -42.40 25.00
C ALA B 154 -1.65 -42.38 24.71
N PHE B 155 -2.23 -41.20 24.54
CA PHE B 155 -3.66 -41.09 24.28
C PHE B 155 -4.05 -40.75 22.86
N HIS B 156 -3.27 -39.93 22.17
CA HIS B 156 -3.57 -39.56 20.80
C HIS B 156 -2.99 -40.53 19.73
N VAL B 157 -1.68 -40.53 19.44
CA VAL B 157 -1.10 -41.46 18.41
C VAL B 157 -1.62 -42.90 18.61
N THR B 158 -1.80 -43.36 19.85
CA THR B 158 -2.32 -44.72 20.10
C THR B 158 -3.84 -44.88 19.97
N GLY B 159 -4.60 -43.85 20.32
CA GLY B 159 -6.04 -43.92 20.22
C GLY B 159 -6.76 -44.30 21.50
N ALA B 160 -6.04 -44.38 22.61
CA ALA B 160 -6.65 -44.74 23.89
C ALA B 160 -7.73 -43.73 24.25
N TRP B 161 -7.41 -42.47 24.09
CA TRP B 161 -8.30 -41.36 24.35
C TRP B 161 -7.90 -40.31 23.32
N GLY B 162 -8.13 -40.64 22.06
CA GLY B 162 -7.79 -39.76 20.96
C GLY B 162 -8.09 -40.44 19.64
N PRO B 163 -7.90 -39.73 18.53
CA PRO B 163 -8.22 -40.28 17.22
C PRO B 163 -7.17 -41.16 16.55
N GLY B 164 -5.93 -41.16 17.02
CA GLY B 164 -4.89 -41.93 16.38
C GLY B 164 -4.21 -41.07 15.33
N ILE B 165 -3.43 -41.66 14.44
CA ILE B 165 -2.76 -40.89 13.40
C ILE B 165 -3.04 -41.46 12.03
N TRP B 166 -2.56 -40.78 11.01
CA TRP B 166 -2.80 -41.22 9.64
C TRP B 166 -1.82 -42.34 9.29
N VAL B 167 -2.38 -43.48 8.89
CA VAL B 167 -1.52 -44.65 8.50
C VAL B 167 -2.01 -45.15 7.15
N SER B 168 -1.09 -45.32 6.19
CA SER B 168 -1.48 -45.77 4.83
C SER B 168 -0.71 -47.05 4.45
N ASP B 169 -1.00 -47.59 3.27
CA ASP B 169 -0.27 -48.78 2.78
C ASP B 169 1.07 -48.33 2.17
N ALA B 170 1.83 -49.26 1.61
CA ALA B 170 3.15 -48.92 1.02
C ALA B 170 2.97 -48.03 -0.21
N TYR B 171 1.79 -48.06 -0.85
CA TYR B 171 1.63 -47.31 -2.12
C TYR B 171 0.52 -46.26 -1.99
N GLY B 172 0.22 -45.83 -0.76
CA GLY B 172 -0.76 -44.73 -0.56
C GLY B 172 -2.04 -44.92 -1.35
N ILE B 173 -2.60 -46.13 -1.33
CA ILE B 173 -3.91 -46.38 -2.00
C ILE B 173 -4.99 -46.37 -0.91
N THR B 174 -4.71 -47.01 0.23
CA THR B 174 -5.71 -47.09 1.33
C THR B 174 -5.09 -46.56 2.59
N GLY B 175 -5.41 -45.31 2.96
CA GLY B 175 -4.90 -44.73 4.18
C GLY B 175 -5.97 -43.94 4.91
N LYS B 176 -5.90 -43.98 6.24
CA LYS B 176 -6.91 -43.31 7.06
C LYS B 176 -6.32 -43.09 8.45
N VAL B 177 -7.03 -42.34 9.27
CA VAL B 177 -6.58 -42.11 10.62
C VAL B 177 -6.98 -43.33 11.44
N GLN B 178 -6.03 -43.86 12.20
CA GLN B 178 -6.33 -45.02 13.02
C GLN B 178 -5.35 -45.08 14.16
N PRO B 179 -5.70 -45.81 15.22
CA PRO B 179 -4.82 -45.94 16.38
C PRO B 179 -3.60 -46.76 16.02
N VAL B 180 -2.46 -46.38 16.57
CA VAL B 180 -1.23 -47.12 16.33
C VAL B 180 -0.67 -47.53 17.67
N ALA B 181 -0.34 -48.80 17.82
CA ALA B 181 0.21 -49.32 19.06
C ALA B 181 1.70 -49.02 19.15
N PRO B 182 2.24 -48.92 20.36
CA PRO B 182 3.68 -48.62 20.39
C PRO B 182 4.53 -49.84 20.05
N ALA B 183 5.67 -49.57 19.41
CA ALA B 183 6.66 -50.60 19.08
C ALA B 183 7.92 -50.31 19.87
N TRP B 184 8.18 -51.12 20.89
CA TRP B 184 9.29 -50.89 21.80
C TRP B 184 10.57 -51.59 21.39
N GLY B 185 10.55 -52.38 20.31
CA GLY B 185 11.74 -53.02 19.82
C GLY B 185 12.54 -52.14 18.90
N PRO B 186 13.57 -52.70 18.27
CA PRO B 186 14.34 -51.91 17.28
C PRO B 186 13.53 -51.51 16.06
N GLU B 187 12.41 -52.19 15.80
CA GLU B 187 11.55 -51.86 14.66
C GLU B 187 10.84 -50.53 14.83
N GLY B 188 10.89 -49.93 16.02
CA GLY B 188 10.31 -48.61 16.23
C GLY B 188 11.20 -47.44 15.84
N PHE B 189 12.40 -47.75 15.35
CA PHE B 189 13.36 -46.73 14.99
C PHE B 189 13.43 -46.36 13.51
N ASN B 190 12.96 -47.22 12.63
CA ASN B 190 12.97 -46.80 11.23
C ASN B 190 11.88 -45.73 11.02
N PRO B 191 12.14 -44.73 10.19
CA PRO B 191 11.18 -43.62 10.03
C PRO B 191 9.86 -44.04 9.42
N PHE B 192 9.79 -45.20 8.76
CA PHE B 192 8.60 -45.62 8.05
C PHE B 192 7.70 -46.55 8.88
N ASN B 193 7.80 -46.45 10.20
CA ASN B 193 6.92 -47.28 11.07
C ASN B 193 6.11 -46.36 11.99
N PRO B 194 4.79 -46.19 11.77
CA PRO B 194 3.98 -45.29 12.61
C PRO B 194 3.97 -45.66 14.08
N SER B 195 4.14 -46.94 14.41
CA SER B 195 4.21 -47.36 15.82
C SER B 195 5.39 -46.72 16.54
N GLY B 196 6.47 -46.46 15.79
CA GLY B 196 7.62 -45.80 16.37
C GLY B 196 7.30 -44.41 16.89
N VAL B 197 6.35 -43.72 16.27
CA VAL B 197 5.94 -42.40 16.74
C VAL B 197 5.33 -42.49 18.13
N ALA B 198 4.40 -43.44 18.32
CA ALA B 198 3.75 -43.60 19.62
C ALA B 198 4.76 -44.00 20.69
N SER B 199 5.61 -44.99 20.38
CA SER B 199 6.60 -45.43 21.36
C SER B 199 7.58 -44.31 21.69
N HIS B 200 7.98 -43.54 20.68
CA HIS B 200 8.89 -42.42 20.88
C HIS B 200 8.28 -41.37 21.79
N HIS B 201 7.06 -40.95 21.49
CA HIS B 201 6.46 -39.88 22.28
C HIS B 201 6.23 -40.33 23.72
N ILE B 202 5.82 -41.59 23.92
CA ILE B 202 5.64 -42.07 25.29
C ILE B 202 6.95 -42.09 26.05
N ALA B 203 7.99 -42.71 25.47
CA ALA B 203 9.26 -42.86 26.19
C ALA B 203 9.94 -41.50 26.40
N ALA B 204 9.96 -40.67 25.36
CA ALA B 204 10.56 -39.34 25.46
C ALA B 204 9.79 -38.47 26.43
N GLY B 205 8.46 -38.62 26.49
CA GLY B 205 7.70 -37.88 27.48
C GLY B 205 8.04 -38.27 28.91
N ILE B 206 8.19 -39.58 29.15
CA ILE B 206 8.59 -40.03 30.49
C ILE B 206 9.98 -39.50 30.85
N LEU B 207 10.92 -39.60 29.90
CA LEU B 207 12.28 -39.11 30.15
C LEU B 207 12.29 -37.60 30.37
N GLY B 208 11.49 -36.86 29.60
CA GLY B 208 11.40 -35.43 29.77
C GLY B 208 10.76 -35.04 31.10
N PHE B 209 9.78 -35.82 31.56
CA PHE B 209 9.22 -35.62 32.89
C PHE B 209 10.29 -35.77 33.96
N ALA B 210 11.09 -36.84 33.86
CA ALA B 210 12.18 -37.04 34.82
C ALA B 210 13.21 -35.91 34.74
N ALA B 211 13.56 -35.50 33.52
CA ALA B 211 14.53 -34.44 33.33
C ALA B 211 14.02 -33.10 33.87
N GLY B 212 12.72 -32.84 33.70
CA GLY B 212 12.15 -31.64 34.27
C GLY B 212 12.15 -31.66 35.78
N ILE B 213 11.88 -32.83 36.36
CA ILE B 213 11.98 -32.94 37.85
C ILE B 213 13.43 -32.60 38.23
N PHE B 214 14.41 -33.21 37.56
CA PHE B 214 15.80 -32.95 37.92
C PHE B 214 16.16 -31.47 37.80
N HIS B 215 15.88 -30.87 36.64
CA HIS B 215 16.25 -29.48 36.40
C HIS B 215 15.45 -28.52 37.27
N ILE B 216 14.33 -28.94 37.85
CA ILE B 216 13.67 -28.16 38.88
C ILE B 216 14.39 -28.31 40.21
N ALA B 217 14.70 -29.55 40.60
CA ALA B 217 15.22 -29.80 41.94
C ALA B 217 16.66 -29.34 42.10
N VAL B 218 17.49 -29.59 41.11
CA VAL B 218 18.92 -29.31 41.19
C VAL B 218 19.42 -28.04 40.54
N ARG B 219 20.21 -27.27 41.29
CA ARG B 219 20.76 -26.01 40.80
C ARG B 219 21.95 -26.31 39.91
N PRO B 220 22.24 -25.40 38.97
CA PRO B 220 23.36 -25.62 38.06
C PRO B 220 24.70 -25.38 38.72
N PRO B 221 25.73 -26.13 38.30
CA PRO B 221 27.08 -25.95 38.84
C PRO B 221 27.59 -24.54 38.52
N GLN B 222 28.36 -23.96 39.43
CA GLN B 222 28.88 -22.61 39.26
C GLN B 222 29.69 -22.48 37.97
N ARG B 223 30.45 -23.53 37.61
CA ARG B 223 31.23 -23.50 36.38
C ARG B 223 30.34 -23.39 35.16
N LEU B 224 29.25 -24.15 35.13
CA LEU B 224 28.31 -24.04 34.00
C LEU B 224 27.55 -22.73 34.03
N TYR B 225 27.23 -22.22 35.22
CA TYR B 225 26.52 -20.94 35.31
C TYR B 225 27.39 -19.80 34.77
N ARG B 226 28.69 -19.86 35.03
CA ARG B 226 29.58 -18.77 34.56
C ARG B 226 29.98 -19.01 33.10
N ALA B 227 30.05 -20.27 32.67
CA ALA B 227 30.47 -20.56 31.30
C ALA B 227 29.35 -20.30 30.31
N LEU B 228 28.14 -20.75 30.61
CA LEU B 228 27.02 -20.58 29.70
C LEU B 228 26.24 -19.30 29.92
N ARG B 229 26.68 -18.47 30.88
CA ARG B 229 25.99 -17.18 31.19
C ARG B 229 24.50 -17.46 31.47
N MET B 230 24.22 -18.40 32.37
CA MET B 230 22.85 -18.82 32.63
C MET B 230 21.99 -17.74 33.29
N GLY B 231 22.59 -16.67 33.79
CA GLY B 231 21.83 -15.54 34.28
C GLY B 231 21.38 -14.58 33.20
N ASN B 232 21.71 -14.86 31.95
CA ASN B 232 21.39 -14.00 30.82
C ASN B 232 20.36 -14.70 29.94
N ILE B 233 19.31 -13.97 29.55
CA ILE B 233 18.26 -14.52 28.70
C ILE B 233 18.77 -14.79 27.28
N GLU B 234 19.82 -14.09 26.85
CA GLU B 234 20.28 -14.22 25.47
C GLU B 234 20.92 -15.57 25.22
N THR B 235 21.54 -16.18 26.23
CA THR B 235 22.07 -17.53 26.03
C THR B 235 20.94 -18.53 25.87
N VAL B 236 19.82 -18.33 26.56
CA VAL B 236 18.64 -19.15 26.35
C VAL B 236 18.13 -18.97 24.93
N LEU B 237 18.11 -17.72 24.45
CA LEU B 237 17.69 -17.46 23.08
C LEU B 237 18.60 -18.17 22.08
N SER B 238 19.90 -18.11 22.29
CA SER B 238 20.85 -18.73 21.36
C SER B 238 20.71 -20.25 21.36
N SER B 239 20.60 -20.85 22.55
CA SER B 239 20.45 -22.31 22.62
C SER B 239 19.12 -22.76 22.03
N SER B 240 18.04 -22.00 22.27
CA SER B 240 16.75 -22.33 21.70
C SER B 240 16.78 -22.22 20.18
N ILE B 241 17.45 -21.20 19.65
CA ILE B 241 17.58 -21.06 18.20
C ILE B 241 18.39 -22.21 17.62
N ALA B 242 19.43 -22.65 18.34
CA ALA B 242 20.23 -23.78 17.89
C ALA B 242 19.38 -25.05 17.82
N ALA B 243 18.65 -25.36 18.89
CA ALA B 243 17.79 -26.54 18.88
C ALA B 243 16.69 -26.41 17.83
N VAL B 244 16.18 -25.21 17.61
CA VAL B 244 15.11 -25.05 16.61
C VAL B 244 15.61 -25.24 15.19
N PHE B 245 16.79 -24.74 14.87
CA PHE B 245 17.25 -25.02 13.51
C PHE B 245 17.70 -26.47 13.36
N TRP B 246 18.15 -27.10 14.44
CA TRP B 246 18.40 -28.54 14.43
C TRP B 246 17.12 -29.31 14.08
N SER B 247 16.03 -28.98 14.79
CA SER B 247 14.75 -29.63 14.51
C SER B 247 14.23 -29.27 13.13
N ALA B 248 14.48 -28.05 12.67
CA ALA B 248 14.05 -27.66 11.33
C ALA B 248 14.77 -28.47 10.26
N PHE B 249 16.08 -28.67 10.42
CA PHE B 249 16.82 -29.53 9.50
C PHE B 249 16.30 -30.95 9.53
N ILE B 250 16.02 -31.48 10.72
CA ILE B 250 15.51 -32.86 10.82
C ILE B 250 14.16 -32.99 10.14
N THR B 251 13.26 -32.03 10.37
CA THR B 251 11.93 -32.10 9.74
C THR B 251 12.03 -31.91 8.23
N THR B 252 12.94 -31.05 7.77
CA THR B 252 13.17 -30.90 6.34
C THR B 252 13.63 -32.21 5.72
N GLY B 253 14.57 -32.89 6.38
CA GLY B 253 15.03 -34.18 5.87
C GLY B 253 13.94 -35.22 5.84
N THR B 254 13.13 -35.30 6.91
CA THR B 254 12.07 -36.28 6.95
C THR B 254 10.99 -35.99 5.91
N MET B 255 10.69 -34.71 5.67
CA MET B 255 9.71 -34.36 4.65
C MET B 255 10.23 -34.69 3.26
N TRP B 256 11.49 -34.35 2.97
CA TRP B 256 12.02 -34.55 1.62
C TRP B 256 12.25 -36.02 1.32
N TYR B 257 12.85 -36.76 2.25
CA TYR B 257 13.14 -38.17 2.02
C TYR B 257 11.93 -39.06 2.25
N GLY B 258 10.96 -38.62 3.05
CA GLY B 258 9.78 -39.40 3.33
C GLY B 258 9.87 -40.08 4.68
N SER B 259 8.70 -40.30 5.28
CA SER B 259 8.60 -40.90 6.61
C SER B 259 7.16 -41.32 6.83
N ALA B 260 6.92 -42.02 7.95
CA ALA B 260 5.56 -42.33 8.36
C ALA B 260 4.79 -41.09 8.76
N THR B 261 5.49 -40.03 9.16
CA THR B 261 4.87 -38.76 9.50
C THR B 261 4.67 -37.86 8.29
N THR B 262 5.05 -38.32 7.10
CA THR B 262 4.81 -37.59 5.85
C THR B 262 4.14 -38.54 4.86
N PRO B 263 2.85 -38.82 5.04
CA PRO B 263 2.18 -39.78 4.16
C PRO B 263 2.08 -39.28 2.73
N ILE B 264 2.09 -40.20 1.78
CA ILE B 264 2.07 -39.75 0.34
C ILE B 264 0.64 -39.33 -0.04
N GLU B 265 -0.38 -39.84 0.67
CA GLU B 265 -1.73 -39.37 0.37
C GLU B 265 -1.99 -37.96 0.88
N LEU B 266 -1.14 -37.45 1.77
CA LEU B 266 -1.32 -36.11 2.33
C LEU B 266 -0.35 -35.08 1.74
N PHE B 267 0.89 -35.49 1.43
CA PHE B 267 1.89 -34.57 0.93
C PHE B 267 2.34 -34.86 -0.50
N GLY B 268 1.91 -35.97 -1.09
CA GLY B 268 2.32 -36.31 -2.43
C GLY B 268 3.53 -37.21 -2.44
N PRO B 269 3.87 -37.75 -3.61
CA PRO B 269 5.06 -38.61 -3.72
C PRO B 269 6.34 -37.83 -3.52
N THR B 270 7.38 -38.53 -3.11
CA THR B 270 8.71 -37.98 -3.04
C THR B 270 9.42 -38.12 -4.39
N ARG B 271 10.52 -37.38 -4.56
CA ARG B 271 11.28 -37.46 -5.80
C ARG B 271 12.01 -38.79 -5.93
N TYR B 272 12.40 -39.39 -4.79
CA TYR B 272 13.14 -40.64 -4.82
C TYR B 272 12.24 -41.83 -5.15
N GLN B 273 10.92 -41.67 -5.02
CA GLN B 273 10.02 -42.70 -5.51
C GLN B 273 9.95 -42.71 -7.03
N TRP B 274 10.08 -41.54 -7.66
CA TRP B 274 10.17 -41.48 -9.12
C TRP B 274 11.55 -41.89 -9.60
N ASP B 275 12.59 -41.57 -8.83
CA ASP B 275 13.97 -41.87 -9.29
C ASP B 275 14.17 -43.39 -9.33
N SER B 276 13.65 -44.11 -8.34
CA SER B 276 13.80 -45.55 -8.29
C SER B 276 12.66 -46.30 -8.96
N GLY B 277 11.67 -45.59 -9.50
CA GLY B 277 10.51 -46.25 -10.09
C GLY B 277 9.71 -47.04 -9.07
N TYR B 278 9.47 -46.41 -7.91
CA TYR B 278 8.83 -47.11 -6.81
C TYR B 278 7.42 -47.57 -7.16
N PHE B 279 6.65 -46.72 -7.83
CA PHE B 279 5.30 -47.11 -8.23
C PHE B 279 5.27 -47.88 -9.53
N GLN B 280 6.21 -47.60 -10.44
CA GLN B 280 6.25 -48.30 -11.73
C GLN B 280 6.52 -49.79 -11.53
N GLN B 281 7.46 -50.13 -10.64
CA GLN B 281 7.76 -51.52 -10.37
C GLN B 281 6.55 -52.24 -9.78
N GLU B 282 5.82 -51.59 -8.88
CA GLU B 282 4.62 -52.20 -8.31
C GLU B 282 3.55 -52.41 -9.37
N ILE B 283 3.37 -51.43 -10.26
CA ILE B 283 2.38 -51.56 -11.32
C ILE B 283 2.73 -52.72 -12.24
N GLU B 284 4.00 -52.80 -12.62
CA GLU B 284 4.46 -53.91 -13.50
C GLU B 284 4.25 -55.25 -12.77
N ARG B 285 4.58 -55.26 -11.48
CA ARG B 285 4.45 -56.42 -10.62
C ARG B 285 3.02 -56.93 -10.61
N ARG B 286 2.08 -56.02 -10.40
CA ARG B 286 0.65 -56.35 -10.38
C ARG B 286 0.19 -56.85 -11.75
N VAL B 287 0.65 -56.20 -12.83
CA VAL B 287 0.27 -56.61 -14.17
C VAL B 287 0.78 -58.03 -14.46
N GLU B 288 2.03 -58.28 -14.08
CA GLU B 288 2.62 -59.62 -14.29
C GLU B 288 1.78 -60.65 -13.52
N ASN B 289 1.50 -60.38 -12.24
CA ASN B 289 0.75 -61.33 -11.42
C ASN B 289 -0.62 -61.60 -12.03
N SER B 290 -1.28 -60.56 -12.54
CA SER B 290 -2.58 -60.75 -13.18
C SER B 290 -2.44 -61.58 -14.46
N LEU B 291 -1.36 -61.33 -15.21
CA LEU B 291 -1.12 -62.10 -16.46
C LEU B 291 -0.84 -63.56 -16.11
N ASN B 292 -0.05 -63.79 -15.04
CA ASN B 292 0.24 -65.18 -14.59
C ASN B 292 -1.07 -65.88 -14.28
N GLU B 293 -2.07 -65.14 -13.76
CA GLU B 293 -3.37 -65.73 -13.42
C GLU B 293 -4.11 -66.15 -14.70
N GLY B 294 -3.63 -65.71 -15.86
CA GLY B 294 -4.28 -66.04 -17.14
C GLY B 294 -5.03 -64.84 -17.69
N LEU B 295 -5.29 -63.85 -16.84
CA LEU B 295 -5.99 -62.62 -17.28
C LEU B 295 -5.24 -62.03 -18.48
N SER B 296 -5.97 -61.55 -19.49
CA SER B 296 -5.35 -60.94 -20.64
C SER B 296 -4.70 -59.61 -20.27
N LEU B 297 -3.97 -59.03 -21.23
CA LEU B 297 -3.27 -57.74 -20.99
C LEU B 297 -4.29 -56.66 -20.63
N SER B 298 -5.36 -56.55 -21.41
CA SER B 298 -6.36 -55.52 -21.16
C SER B 298 -6.96 -55.68 -19.77
N GLU B 299 -7.30 -56.91 -19.38
CA GLU B 299 -7.82 -57.16 -18.04
C GLU B 299 -6.77 -56.86 -16.98
N ALA B 300 -5.51 -57.23 -17.24
CA ALA B 300 -4.44 -57.00 -16.27
C ALA B 300 -4.23 -55.51 -16.03
N TRP B 301 -4.23 -54.71 -17.10
CA TRP B 301 -4.08 -53.27 -16.94
C TRP B 301 -5.36 -52.59 -16.47
N SER B 302 -6.51 -53.24 -16.60
CA SER B 302 -7.75 -52.69 -16.06
C SER B 302 -7.88 -52.91 -14.57
N ARG B 303 -7.05 -53.80 -14.00
CA ARG B 303 -7.09 -54.06 -12.54
C ARG B 303 -6.25 -53.01 -11.80
N ILE B 304 -5.45 -52.24 -12.53
CA ILE B 304 -4.57 -51.24 -11.91
C ILE B 304 -5.41 -50.06 -11.45
N PRO B 305 -5.35 -49.69 -10.18
CA PRO B 305 -6.11 -48.53 -9.71
C PRO B 305 -5.60 -47.23 -10.33
N ASP B 306 -6.51 -46.26 -10.48
CA ASP B 306 -6.12 -44.96 -11.07
C ASP B 306 -5.14 -44.26 -10.12
N LYS B 307 -5.36 -44.37 -8.80
CA LYS B 307 -4.50 -43.67 -7.86
C LYS B 307 -3.04 -44.12 -8.00
N LEU B 308 -2.81 -45.42 -8.12
CA LEU B 308 -1.46 -45.94 -8.26
C LEU B 308 -0.81 -45.46 -9.56
N ALA B 309 -1.57 -45.44 -10.65
CA ALA B 309 -1.05 -44.92 -11.92
C ALA B 309 -0.76 -43.42 -11.83
N PHE B 310 -1.61 -42.68 -11.12
CA PHE B 310 -1.39 -41.25 -10.95
C PHE B 310 -0.15 -40.98 -10.10
N TYR B 311 0.17 -41.88 -9.17
CA TYR B 311 1.42 -41.77 -8.44
C TYR B 311 2.63 -41.95 -9.34
N ASP B 312 2.52 -42.78 -10.38
CA ASP B 312 3.62 -42.98 -11.33
C ASP B 312 3.54 -41.96 -12.47
N TYR B 313 3.56 -40.69 -12.09
CA TYR B 313 3.49 -39.57 -13.02
C TYR B 313 4.50 -38.52 -12.60
N VAL B 314 5.32 -38.05 -13.55
CA VAL B 314 6.40 -37.12 -13.21
C VAL B 314 5.87 -35.74 -12.86
N GLY B 315 4.61 -35.43 -13.21
CA GLY B 315 4.04 -34.16 -12.80
C GLY B 315 3.78 -34.08 -11.31
N ASN B 316 3.68 -35.22 -10.63
CA ASN B 316 3.54 -35.27 -9.19
C ASN B 316 4.88 -35.30 -8.47
N ASN B 317 5.98 -35.31 -9.21
CA ASN B 317 7.31 -35.26 -8.61
C ASN B 317 7.52 -33.88 -7.98
N PRO B 318 7.89 -33.80 -6.70
CA PRO B 318 8.14 -32.48 -6.09
C PRO B 318 9.33 -31.76 -6.67
N ALA B 319 10.23 -32.46 -7.38
CA ALA B 319 11.41 -31.84 -7.97
C ALA B 319 11.21 -31.45 -9.42
N LYS B 320 9.98 -31.11 -9.81
CA LYS B 320 9.67 -30.68 -11.16
C LYS B 320 9.10 -29.28 -11.22
N GLY B 321 8.95 -28.60 -10.10
CA GLY B 321 8.36 -27.28 -10.04
C GLY B 321 9.37 -26.17 -10.27
N GLY B 322 8.96 -24.96 -9.91
CA GLY B 322 9.82 -23.80 -10.05
C GLY B 322 9.71 -22.89 -8.84
N LEU B 323 10.74 -22.08 -8.66
CA LEU B 323 10.78 -21.16 -7.52
C LEU B 323 9.65 -20.13 -7.60
N PHE B 324 9.41 -19.60 -8.79
CA PHE B 324 8.37 -18.58 -8.98
C PHE B 324 7.19 -19.10 -9.79
N ARG B 325 7.08 -20.43 -9.92
CA ARG B 325 5.87 -21.06 -10.46
C ARG B 325 4.91 -21.23 -9.29
N ALA B 326 4.03 -20.25 -9.12
CA ALA B 326 3.18 -20.20 -7.93
C ALA B 326 1.87 -20.96 -8.16
N GLY B 327 1.24 -21.34 -7.06
CA GLY B 327 -0.06 -21.97 -7.09
C GLY B 327 0.00 -23.48 -6.98
N PRO B 328 -1.17 -24.12 -7.07
CA PRO B 328 -1.22 -25.58 -6.97
C PRO B 328 -0.72 -26.24 -8.25
N MET B 329 -0.48 -27.55 -8.13
CA MET B 329 -0.03 -28.33 -9.29
C MET B 329 -1.10 -28.40 -10.37
N ASN B 330 -2.38 -28.27 -9.98
CA ASN B 330 -3.46 -28.18 -10.95
C ASN B 330 -3.33 -26.93 -11.81
N LYS B 331 -2.91 -25.81 -11.20
CA LYS B 331 -2.56 -24.63 -11.97
C LYS B 331 -1.40 -24.89 -12.92
N GLY B 332 -0.55 -25.87 -12.61
CA GLY B 332 0.58 -26.19 -13.45
C GLY B 332 0.24 -27.04 -14.66
N ASP B 333 -0.28 -28.25 -14.47
CA ASP B 333 -0.51 -29.12 -15.66
C ASP B 333 -1.99 -29.43 -15.86
N GLY B 334 -2.89 -28.68 -15.22
CA GLY B 334 -4.31 -28.95 -15.31
C GLY B 334 -4.77 -29.89 -14.21
N ILE B 335 -6.08 -30.05 -14.13
CA ILE B 335 -6.68 -30.99 -13.18
C ILE B 335 -6.85 -32.34 -13.87
N ALA B 336 -6.39 -33.40 -13.20
CA ALA B 336 -6.48 -34.73 -13.77
C ALA B 336 -7.92 -35.22 -13.73
N GLU B 337 -8.40 -35.71 -14.87
CA GLU B 337 -9.78 -36.19 -14.99
C GLU B 337 -9.85 -37.71 -14.92
N ALA B 338 -9.09 -38.41 -15.76
CA ALA B 338 -9.12 -39.87 -15.79
C ALA B 338 -7.82 -40.39 -16.35
N TRP B 339 -7.53 -41.66 -16.03
CA TRP B 339 -6.37 -42.35 -16.55
C TRP B 339 -6.65 -42.84 -17.97
N LEU B 340 -5.75 -42.52 -18.91
CA LEU B 340 -5.94 -42.93 -20.29
C LEU B 340 -5.48 -44.35 -20.55
N GLY B 341 -4.75 -44.97 -19.63
CA GLY B 341 -4.28 -46.32 -19.80
C GLY B 341 -2.81 -46.39 -20.19
N HIS B 342 -2.24 -47.57 -20.02
CA HIS B 342 -0.82 -47.76 -20.34
C HIS B 342 -0.63 -47.92 -21.84
N PRO B 343 0.25 -47.14 -22.46
CA PRO B 343 0.51 -47.30 -23.89
C PRO B 343 1.65 -48.26 -24.16
N ILE B 344 1.51 -48.99 -25.27
CA ILE B 344 2.51 -49.93 -25.75
C ILE B 344 2.80 -49.61 -27.20
N PHE B 345 4.07 -49.42 -27.52
CA PHE B 345 4.51 -49.02 -28.85
C PHE B 345 5.16 -50.19 -29.56
N GLN B 346 4.75 -50.39 -30.81
CA GLN B 346 5.30 -51.50 -31.61
C GLN B 346 5.68 -50.96 -32.99
N ASP B 347 6.87 -51.30 -33.48
CA ASP B 347 7.32 -50.87 -34.79
C ASP B 347 6.72 -51.80 -35.86
N LYS B 348 7.21 -51.67 -37.09
CA LYS B 348 6.70 -52.51 -38.17
C LYS B 348 7.04 -53.98 -37.96
N GLU B 349 8.22 -54.24 -37.38
CA GLU B 349 8.66 -55.63 -37.14
C GLU B 349 7.83 -56.26 -36.01
N GLY B 350 7.37 -55.46 -35.06
CA GLY B 350 6.60 -55.93 -33.93
C GLY B 350 7.33 -55.93 -32.60
N ARG B 351 8.54 -55.37 -32.54
CA ARG B 351 9.28 -55.29 -31.29
C ARG B 351 8.59 -54.35 -30.31
N GLU B 352 8.57 -54.64 -29.03
CA GLU B 352 7.95 -53.68 -28.09
C GLU B 352 8.94 -52.55 -27.77
N LEU B 353 8.53 -51.29 -27.96
CA LEU B 353 9.43 -50.13 -27.73
C LEU B 353 8.96 -49.37 -26.48
N THR B 354 9.88 -48.87 -25.68
CA THR B 354 9.53 -48.07 -24.49
C THR B 354 10.09 -46.69 -24.62
N VAL B 355 9.29 -45.67 -24.33
CA VAL B 355 9.80 -44.28 -24.34
C VAL B 355 10.59 -44.08 -23.04
N ARG B 356 11.87 -43.77 -23.16
N ARG B 356 11.89 -43.77 -23.17
CA ARG B 356 12.70 -43.51 -21.96
CA ARG B 356 12.71 -43.50 -21.96
C ARG B 356 12.02 -42.41 -21.15
C ARG B 356 12.01 -42.40 -21.15
N ARG B 357 11.88 -42.61 -19.84
CA ARG B 357 11.19 -41.62 -18.99
C ARG B 357 12.12 -40.44 -18.69
N MET B 358 11.53 -39.28 -18.49
CA MET B 358 12.31 -38.05 -18.23
C MET B 358 12.92 -38.08 -16.84
N PRO B 359 14.23 -37.88 -16.69
CA PRO B 359 14.85 -37.73 -15.36
C PRO B 359 14.40 -36.38 -14.82
N ALA B 360 14.22 -36.23 -13.50
CA ALA B 360 13.69 -34.98 -12.92
C ALA B 360 14.59 -33.78 -13.19
N PHE B 361 15.87 -34.01 -13.44
CA PHE B 361 16.82 -32.91 -13.67
C PHE B 361 16.50 -32.20 -14.95
N PHE B 362 15.99 -32.92 -15.95
CA PHE B 362 15.82 -32.29 -17.28
C PHE B 362 14.52 -31.55 -17.43
N GLU B 363 14.57 -30.28 -17.78
CA GLU B 363 13.36 -29.48 -18.09
C GLU B 363 12.79 -30.03 -19.39
N THR B 364 13.66 -30.39 -20.32
CA THR B 364 13.28 -30.96 -21.61
C THR B 364 14.11 -32.20 -21.78
N PHE B 365 13.52 -33.31 -22.20
CA PHE B 365 14.28 -34.55 -22.45
C PHE B 365 14.02 -35.03 -23.86
N PRO B 366 15.04 -35.52 -24.58
CA PRO B 366 14.82 -36.07 -25.90
C PRO B 366 13.81 -37.21 -25.86
N VAL B 367 12.91 -37.28 -26.83
CA VAL B 367 11.89 -38.37 -26.87
C VAL B 367 12.51 -39.51 -27.67
N ILE B 368 12.88 -40.58 -27.00
CA ILE B 368 13.58 -41.73 -27.64
C ILE B 368 12.79 -42.99 -27.32
N LEU B 369 12.60 -43.88 -28.30
CA LEU B 369 11.87 -45.15 -28.08
C LEU B 369 12.89 -46.28 -28.22
N VAL B 370 12.98 -47.13 -27.21
CA VAL B 370 14.05 -48.17 -27.20
C VAL B 370 13.43 -49.57 -27.12
N ASP B 371 14.08 -50.55 -27.73
CA ASP B 371 13.60 -51.95 -27.71
C ASP B 371 14.03 -52.64 -26.43
N LYS B 372 13.74 -53.94 -26.31
CA LYS B 372 14.05 -54.70 -25.07
C LYS B 372 15.54 -54.69 -24.78
N ASP B 373 16.38 -54.72 -25.81
CA ASP B 373 17.86 -54.76 -25.61
C ASP B 373 18.42 -53.35 -25.53
N GLY B 374 17.56 -52.33 -25.57
CA GLY B 374 18.03 -50.94 -25.37
C GLY B 374 18.52 -50.28 -26.64
N ILE B 375 18.34 -50.90 -27.78
CA ILE B 375 18.71 -50.20 -29.04
C ILE B 375 17.64 -49.14 -29.29
N ILE B 376 18.03 -47.97 -29.78
CA ILE B 376 17.02 -46.93 -30.11
C ILE B 376 16.37 -47.34 -31.43
N ARG B 377 15.06 -47.50 -31.45
CA ARG B 377 14.36 -47.86 -32.69
C ARG B 377 13.71 -46.61 -33.30
N ALA B 378 13.15 -45.74 -32.47
CA ALA B 378 12.48 -44.52 -32.97
C ALA B 378 12.73 -43.33 -32.06
N ASP B 379 12.55 -42.13 -32.60
CA ASP B 379 12.75 -40.90 -31.81
C ASP B 379 11.97 -39.76 -32.43
N ILE B 380 11.69 -38.75 -31.65
CA ILE B 380 11.10 -37.51 -32.22
C ILE B 380 12.33 -36.63 -32.42
N PRO B 381 12.63 -36.23 -33.67
CA PRO B 381 13.84 -35.48 -33.94
C PRO B 381 13.77 -34.08 -33.37
N PHE B 382 14.92 -33.47 -33.11
CA PHE B 382 14.97 -32.10 -32.55
C PHE B 382 14.31 -31.29 -33.62
N ARG B 383 13.62 -30.22 -33.27
CA ARG B 383 12.72 -29.61 -34.25
C ARG B 383 13.37 -29.24 -35.57
N ARG B 384 12.70 -29.58 -36.65
CA ARG B 384 13.17 -29.24 -38.02
C ARG B 384 14.56 -29.81 -38.26
N ALA B 385 14.82 -31.02 -37.77
CA ALA B 385 16.12 -31.69 -37.98
C ALA B 385 15.90 -32.95 -38.81
N GLU B 386 16.73 -33.14 -39.83
CA GLU B 386 16.59 -34.31 -40.71
C GLU B 386 16.83 -35.56 -39.86
N SER B 387 16.03 -36.60 -40.06
CA SER B 387 16.14 -37.79 -39.19
C SER B 387 16.19 -39.07 -40.02
N LYS B 388 16.45 -40.19 -39.37
CA LYS B 388 16.40 -41.51 -40.05
C LYS B 388 15.55 -42.44 -39.20
N TYR B 389 15.23 -42.05 -37.97
CA TYR B 389 14.51 -42.94 -37.03
C TYR B 389 13.28 -42.24 -36.51
N SER B 390 12.69 -41.39 -37.33
CA SER B 390 11.46 -40.68 -36.94
C SER B 390 10.31 -41.66 -36.75
N ILE B 391 9.34 -41.31 -35.91
CA ILE B 391 8.17 -42.19 -35.69
C ILE B 391 7.43 -42.33 -37.02
N GLU B 392 7.37 -41.28 -37.83
CA GLU B 392 6.75 -41.42 -39.18
C GLU B 392 7.55 -42.43 -40.02
N GLN B 393 8.87 -42.32 -40.05
CA GLN B 393 9.70 -43.23 -40.89
C GLN B 393 9.69 -44.67 -40.35
N VAL B 394 9.73 -44.86 -39.03
CA VAL B 394 9.82 -46.24 -38.45
C VAL B 394 8.42 -46.85 -38.27
N GLY B 395 7.37 -46.05 -38.43
CA GLY B 395 5.99 -46.55 -38.32
C GLY B 395 5.65 -47.18 -36.98
N VAL B 396 5.97 -46.51 -35.87
CA VAL B 396 5.55 -47.01 -34.53
C VAL B 396 4.02 -46.88 -34.41
N THR B 397 3.37 -47.79 -33.69
CA THR B 397 1.91 -47.72 -33.47
C THR B 397 1.67 -47.85 -31.99
N THR B 398 0.61 -47.23 -31.48
CA THR B 398 0.39 -47.24 -30.03
C THR B 398 -0.92 -47.91 -29.70
N SER B 399 -0.90 -48.89 -28.81
CA SER B 399 -2.12 -49.60 -28.37
C SER B 399 -2.27 -49.39 -26.86
N PHE B 400 -3.43 -48.91 -26.41
CA PHE B 400 -3.64 -48.60 -24.97
C PHE B 400 -4.29 -49.77 -24.26
N TYR B 401 -3.85 -50.05 -23.04
CA TYR B 401 -4.48 -51.11 -22.22
C TYR B 401 -4.83 -50.50 -20.89
N GLY B 402 -6.10 -50.55 -20.50
CA GLY B 402 -6.54 -49.92 -19.25
C GLY B 402 -6.99 -48.51 -19.50
N GLY B 403 -7.73 -47.92 -18.57
CA GLY B 403 -8.11 -46.51 -18.67
C GLY B 403 -9.16 -46.24 -19.72
N LYS B 404 -9.35 -44.97 -20.06
CA LYS B 404 -10.35 -44.56 -21.08
C LYS B 404 -10.03 -45.13 -22.45
N LEU B 405 -8.76 -45.16 -22.83
CA LEU B 405 -8.41 -45.51 -24.22
C LEU B 405 -8.14 -47.01 -24.31
N ASN B 406 -8.57 -47.78 -23.31
CA ASN B 406 -8.32 -49.24 -23.30
C ASN B 406 -8.84 -49.85 -24.59
N GLY B 407 -8.00 -50.65 -25.24
CA GLY B 407 -8.39 -51.35 -26.47
C GLY B 407 -8.23 -50.52 -27.72
N GLN B 408 -7.80 -49.27 -27.63
CA GLN B 408 -7.74 -48.45 -28.86
C GLN B 408 -6.33 -48.51 -29.46
N VAL B 409 -6.23 -48.61 -30.78
CA VAL B 409 -4.90 -48.66 -31.46
C VAL B 409 -4.76 -47.40 -32.33
N PHE B 410 -3.63 -46.73 -32.23
CA PHE B 410 -3.40 -45.49 -33.01
C PHE B 410 -2.23 -45.71 -33.93
N THR B 411 -2.41 -45.46 -35.22
CA THR B 411 -1.36 -45.72 -36.20
C THR B 411 -0.89 -44.41 -36.78
N ASP B 412 -1.69 -43.37 -36.63
CA ASP B 412 -1.32 -42.07 -37.24
C ASP B 412 -0.12 -41.48 -36.49
N ALA B 413 0.83 -40.91 -37.22
CA ALA B 413 2.04 -40.39 -36.58
C ALA B 413 1.69 -39.25 -35.61
N PRO B 414 0.80 -38.31 -35.93
CA PRO B 414 0.58 -37.22 -35.00
C PRO B 414 0.10 -37.72 -33.66
N THR B 415 -0.86 -38.64 -33.66
CA THR B 415 -1.38 -39.18 -32.39
C THR B 415 -0.30 -40.00 -31.71
N VAL B 416 0.47 -40.77 -32.48
CA VAL B 416 1.49 -41.66 -31.85
C VAL B 416 2.51 -40.75 -31.17
N LYS B 417 2.92 -39.67 -31.84
CA LYS B 417 3.96 -38.78 -31.28
C LYS B 417 3.41 -38.11 -30.01
N LYS B 418 2.14 -37.72 -30.03
CA LYS B 418 1.55 -37.03 -28.87
C LYS B 418 1.60 -37.96 -27.68
N TYR B 419 1.22 -39.21 -27.88
CA TYR B 419 1.20 -40.21 -26.78
C TYR B 419 2.60 -40.51 -26.34
N ALA B 420 3.55 -40.54 -27.27
CA ALA B 420 4.96 -40.77 -26.92
C ALA B 420 5.51 -39.63 -26.07
N ARG B 421 5.16 -38.39 -26.39
CA ARG B 421 5.62 -37.28 -25.54
C ARG B 421 5.03 -37.48 -24.14
N LYS B 422 3.76 -37.85 -24.08
CA LYS B 422 3.08 -38.04 -22.78
C LYS B 422 3.68 -39.23 -22.04
N ALA B 423 4.10 -40.26 -22.76
CA ALA B 423 4.65 -41.49 -22.13
C ALA B 423 5.98 -41.22 -21.43
N GLN B 424 6.72 -40.20 -21.82
CA GLN B 424 8.04 -39.90 -21.21
C GLN B 424 7.78 -39.32 -19.83
N LEU B 425 6.53 -38.95 -19.57
CA LEU B 425 6.16 -38.32 -18.28
C LEU B 425 5.63 -39.41 -17.36
N GLY B 426 5.73 -40.66 -17.75
CA GLY B 426 5.12 -41.71 -16.92
C GLY B 426 3.75 -42.02 -17.40
N GLU B 427 2.88 -42.47 -16.52
CA GLU B 427 1.55 -42.93 -16.94
C GLU B 427 0.79 -41.80 -17.61
N VAL B 428 0.09 -42.12 -18.68
CA VAL B 428 -0.59 -41.08 -19.50
C VAL B 428 -1.91 -40.66 -18.84
N MET B 429 -2.02 -39.38 -18.57
CA MET B 429 -3.22 -38.87 -17.91
C MET B 429 -3.86 -37.78 -18.76
N GLU B 430 -5.18 -37.67 -18.57
CA GLU B 430 -5.96 -36.62 -19.28
C GLU B 430 -6.22 -35.48 -18.29
N PHE B 431 -5.92 -34.25 -18.69
CA PHE B 431 -6.07 -33.08 -17.85
C PHE B 431 -6.98 -32.07 -18.51
N ASP B 432 -7.67 -31.32 -17.64
CA ASP B 432 -8.51 -30.18 -18.12
C ASP B 432 -7.79 -28.93 -17.61
N ARG B 433 -7.51 -27.97 -18.49
CA ARG B 433 -6.81 -26.77 -18.07
C ARG B 433 -7.64 -25.50 -18.24
N THR B 434 -8.95 -25.64 -18.36
CA THR B 434 -9.80 -24.44 -18.56
C THR B 434 -10.29 -23.92 -17.24
N THR B 435 -10.53 -24.78 -16.27
CA THR B 435 -11.12 -24.34 -15.01
C THR B 435 -10.19 -23.43 -14.23
N LEU B 436 -8.87 -23.61 -14.41
CA LEU B 436 -7.87 -22.83 -13.64
C LEU B 436 -6.89 -22.14 -14.60
N GLU B 437 -7.20 -22.12 -15.91
CA GLU B 437 -6.32 -21.50 -16.93
C GLU B 437 -4.87 -21.97 -16.69
N SER B 438 -4.63 -23.27 -16.82
CA SER B 438 -3.29 -23.85 -16.53
C SER B 438 -2.27 -23.62 -17.66
N ASP B 439 -1.07 -23.24 -17.28
CA ASP B 439 0.02 -22.89 -18.22
C ASP B 439 0.81 -24.08 -18.75
N GLY B 440 0.70 -25.25 -18.14
CA GLY B 440 1.40 -26.41 -18.70
C GLY B 440 2.81 -26.51 -18.19
N VAL B 441 3.19 -25.68 -17.22
CA VAL B 441 4.55 -25.79 -16.61
C VAL B 441 4.38 -26.40 -15.22
N PHE B 442 5.13 -27.44 -14.91
CA PHE B 442 4.93 -28.18 -13.64
C PHE B 442 5.14 -27.35 -12.39
N ARG B 443 4.28 -27.55 -11.41
CA ARG B 443 4.41 -26.90 -10.11
C ARG B 443 5.05 -27.87 -9.12
N SER B 444 5.16 -27.43 -7.87
CA SER B 444 5.73 -28.23 -6.80
C SER B 444 4.66 -28.64 -5.80
N SER B 445 4.81 -29.83 -5.24
CA SER B 445 3.91 -30.33 -4.22
C SER B 445 4.16 -29.57 -2.91
N PRO B 446 3.21 -29.62 -1.97
CA PRO B 446 3.45 -29.00 -0.66
C PRO B 446 4.66 -29.56 0.07
N ARG B 447 5.02 -30.82 -0.21
CA ARG B 447 6.24 -31.40 0.35
C ARG B 447 7.47 -30.58 -0.04
N GLY B 448 7.60 -30.27 -1.33
CA GLY B 448 8.75 -29.50 -1.79
C GLY B 448 8.77 -28.08 -1.26
N TRP B 449 7.60 -27.44 -1.19
CA TRP B 449 7.54 -26.09 -0.64
C TRP B 449 7.90 -26.06 0.84
N TYR B 450 7.42 -27.03 1.61
CA TYR B 450 7.81 -27.13 3.01
C TYR B 450 9.31 -27.34 3.13
N THR B 451 9.87 -28.23 2.30
CA THR B 451 11.30 -28.51 2.36
C THR B 451 12.12 -27.27 2.07
N PHE B 452 11.74 -26.53 1.02
CA PHE B 452 12.44 -25.30 0.65
C PHE B 452 12.38 -24.27 1.76
N GLY B 453 11.16 -23.98 2.23
CA GLY B 453 10.99 -22.96 3.24
C GLY B 453 11.72 -23.27 4.53
N HIS B 454 11.59 -24.50 5.02
CA HIS B 454 12.21 -24.83 6.29
C HIS B 454 13.71 -25.06 6.17
N ALA B 455 14.23 -25.44 4.99
CA ALA B 455 15.67 -25.50 4.82
C ALA B 455 16.28 -24.10 4.86
N ASN B 456 15.67 -23.14 4.15
CA ASN B 456 16.17 -21.77 4.22
C ASN B 456 16.03 -21.20 5.62
N PHE B 457 14.92 -21.51 6.29
CA PHE B 457 14.73 -21.07 7.67
C PHE B 457 15.79 -21.67 8.59
N ALA B 458 16.15 -22.93 8.39
CA ALA B 458 17.18 -23.56 9.21
C ALA B 458 18.54 -22.92 8.99
N LEU B 459 18.87 -22.59 7.75
CA LEU B 459 20.15 -21.91 7.48
C LEU B 459 20.19 -20.52 8.13
N LEU B 460 19.11 -19.75 7.95
CA LEU B 460 19.06 -18.42 8.56
C LEU B 460 19.06 -18.50 10.08
N PHE B 461 18.47 -19.53 10.65
CA PHE B 461 18.51 -19.70 12.10
C PHE B 461 19.86 -20.22 12.59
N PHE B 462 20.63 -20.92 11.75
CA PHE B 462 22.03 -21.17 12.10
C PHE B 462 22.80 -19.85 12.19
N LEU B 463 22.56 -18.95 11.24
CA LEU B 463 23.14 -17.61 11.32
C LEU B 463 22.70 -16.90 12.59
N GLY B 464 21.43 -17.02 12.94
CA GLY B 464 20.93 -16.40 14.17
C GLY B 464 21.53 -17.01 15.42
N HIS B 465 21.74 -18.33 15.43
CA HIS B 465 22.42 -18.98 16.54
C HIS B 465 23.82 -18.41 16.72
N LEU B 466 24.56 -18.29 15.60
CA LEU B 466 25.90 -17.71 15.67
C LEU B 466 25.86 -16.29 16.24
N TRP B 467 24.96 -15.45 15.71
CA TRP B 467 24.91 -14.05 16.14
C TRP B 467 24.54 -13.92 17.61
N HIS B 468 23.48 -14.61 18.03
CA HIS B 468 23.01 -14.43 19.40
C HIS B 468 23.94 -15.11 20.41
N GLY B 469 24.58 -16.22 20.03
CA GLY B 469 25.59 -16.80 20.90
C GLY B 469 26.79 -15.91 21.07
N SER B 470 27.24 -15.28 19.97
CA SER B 470 28.31 -14.29 20.08
C SER B 470 27.88 -13.12 20.95
N ARG B 471 26.61 -12.71 20.84
CA ARG B 471 26.11 -11.59 21.63
C ARG B 471 26.12 -11.91 23.13
N THR B 472 25.64 -13.10 23.50
CA THR B 472 25.57 -13.42 24.92
C THR B 472 26.93 -13.80 25.51
N LEU B 473 27.84 -14.34 24.69
CA LEU B 473 29.17 -14.67 25.19
C LEU B 473 30.12 -13.48 25.19
N PHE B 474 29.74 -12.36 24.56
CA PHE B 474 30.58 -11.18 24.46
C PHE B 474 29.82 -9.93 24.89
N ARG B 475 28.96 -10.07 25.90
CA ARG B 475 28.11 -8.93 26.34
C ARG B 475 28.99 -7.82 26.92
N ASP B 476 30.03 -8.18 27.66
CA ASP B 476 30.88 -7.17 28.29
C ASP B 476 31.59 -6.27 27.30
N VAL B 477 31.90 -6.82 26.12
CA VAL B 477 32.77 -6.09 25.15
C VAL B 477 31.95 -5.53 23.99
N PHE B 478 30.62 -5.63 24.06
CA PHE B 478 29.83 -5.00 22.97
C PHE B 478 29.92 -3.48 23.11
N SER B 479 29.49 -2.75 22.09
CA SER B 479 29.54 -1.25 22.12
C SER B 479 30.96 -0.74 22.31
N GLY B 480 31.99 -1.51 21.91
CA GLY B 480 33.38 -1.00 21.98
C GLY B 480 34.26 -1.74 22.96
N ILE B 481 35.58 -1.73 22.73
CA ILE B 481 36.55 -2.38 23.66
C ILE B 481 37.30 -1.27 24.42
N GLY B 482 38.20 -1.63 25.34
CA GLY B 482 38.87 -0.57 26.14
C GLY B 482 40.33 -0.45 25.77
N ILE C 37 77.51 4.39 0.06
CA ILE C 37 76.23 4.23 -0.69
C ILE C 37 75.47 5.56 -0.66
N ALA C 38 76.20 6.68 -0.63
CA ALA C 38 75.54 8.02 -0.67
C ALA C 38 74.64 8.09 -1.90
N GLY C 39 73.37 8.40 -1.70
CA GLY C 39 72.43 8.48 -2.79
C GLY C 39 71.94 7.16 -3.33
N ARG C 40 72.28 6.06 -2.64
CA ARG C 40 71.89 4.71 -3.10
C ARG C 40 71.16 3.97 -1.98
N ASP C 41 70.36 4.68 -1.18
CA ASP C 41 69.60 4.07 -0.10
C ASP C 41 68.41 4.95 0.22
N ILE C 42 67.44 4.39 0.93
CA ILE C 42 66.23 5.12 1.28
C ILE C 42 66.53 6.23 2.28
N GLU C 43 67.59 6.07 3.08
CA GLU C 43 67.92 7.09 4.09
C GLU C 43 68.32 8.41 3.44
N SER C 44 69.06 8.36 2.34
CA SER C 44 69.56 9.57 1.68
C SER C 44 68.71 9.99 0.48
N THR C 45 67.81 9.14 0.00
CA THR C 45 67.00 9.45 -1.16
C THR C 45 65.50 9.47 -0.90
N GLY C 46 65.02 8.74 0.11
CA GLY C 46 63.60 8.63 0.35
C GLY C 46 62.89 7.61 -0.51
N PHE C 47 63.61 6.91 -1.39
CA PHE C 47 63.04 5.89 -2.26
C PHE C 47 63.50 4.52 -1.81
N ALA C 48 62.57 3.57 -1.72
CA ALA C 48 62.91 2.21 -1.35
C ALA C 48 63.59 1.49 -2.52
N TRP C 49 64.01 0.25 -2.28
CA TRP C 49 64.71 -0.51 -3.32
C TRP C 49 63.80 -0.80 -4.51
N TRP C 50 62.53 -1.14 -4.25
CA TRP C 50 61.60 -1.45 -5.33
C TRP C 50 61.20 -0.23 -6.14
N SER C 51 61.53 0.97 -5.67
CA SER C 51 61.42 2.19 -6.46
C SER C 51 62.78 2.81 -6.71
N GLY C 52 63.83 1.98 -6.70
CA GLY C 52 65.19 2.46 -6.64
C GLY C 52 65.64 3.25 -7.85
N ASN C 53 65.16 2.89 -9.04
CA ASN C 53 65.52 3.65 -10.22
C ASN C 53 64.97 5.08 -10.18
N SER C 54 64.01 5.36 -9.29
CA SER C 54 63.58 6.73 -9.04
C SER C 54 64.71 7.58 -8.49
N ARG C 55 65.74 6.97 -7.91
CA ARG C 55 66.92 7.70 -7.47
C ARG C 55 67.75 8.21 -8.64
N LEU C 56 67.44 7.80 -9.87
CA LEU C 56 68.18 8.21 -11.06
C LEU C 56 67.61 9.47 -11.72
N ILE C 57 66.57 10.07 -11.15
CA ILE C 57 65.93 11.21 -11.78
C ILE C 57 66.86 12.42 -11.80
N ASN C 58 67.54 12.69 -10.68
CA ASN C 58 68.33 13.91 -10.54
C ASN C 58 69.82 13.70 -10.77
N VAL C 59 70.19 12.50 -11.21
CA VAL C 59 71.61 12.22 -11.57
C VAL C 59 71.61 11.90 -13.08
N SER C 60 72.35 12.67 -13.88
CA SER C 60 72.27 12.51 -15.36
C SER C 60 73.16 11.37 -15.88
N GLY C 61 74.41 11.28 -15.41
CA GLY C 61 75.29 10.27 -15.99
C GLY C 61 74.77 8.85 -15.79
N LYS C 62 74.30 8.55 -14.58
CA LYS C 62 73.76 7.22 -14.31
C LYS C 62 72.47 6.98 -15.07
N LEU C 63 71.64 8.02 -15.24
CA LEU C 63 70.43 7.88 -16.04
C LEU C 63 70.77 7.58 -17.50
N LEU C 64 71.77 8.28 -18.05
CA LEU C 64 72.22 8.01 -19.41
C LEU C 64 72.75 6.59 -19.54
N GLY C 65 73.51 6.15 -18.53
CA GLY C 65 74.00 4.77 -18.55
C GLY C 65 72.89 3.75 -18.50
N ALA C 66 71.88 4.00 -17.69
CA ALA C 66 70.74 3.09 -17.62
C ALA C 66 70.02 3.00 -18.96
N HIS C 67 69.81 4.15 -19.60
CA HIS C 67 69.15 4.13 -20.90
C HIS C 67 69.99 3.43 -21.96
N VAL C 68 71.30 3.65 -21.96
CA VAL C 68 72.16 2.99 -22.94
C VAL C 68 72.21 1.49 -22.68
N ALA C 69 72.19 1.08 -21.40
CA ALA C 69 72.17 -0.33 -21.07
C ALA C 69 70.86 -0.99 -21.52
N HIS C 70 69.73 -0.30 -21.34
CA HIS C 70 68.47 -0.85 -21.81
C HIS C 70 68.42 -0.94 -23.32
N ALA C 71 69.01 0.05 -24.01
CA ALA C 71 69.11 -0.03 -25.46
C ALA C 71 69.96 -1.23 -25.88
N GLY C 72 71.06 -1.46 -25.16
CA GLY C 72 71.86 -2.65 -25.43
C GLY C 72 71.08 -3.93 -25.21
N LEU C 73 70.24 -3.96 -24.18
CA LEU C 73 69.37 -5.11 -23.95
C LEU C 73 68.42 -5.33 -25.13
N MET C 74 67.82 -4.25 -25.63
CA MET C 74 66.89 -4.37 -26.75
C MET C 74 67.61 -4.88 -28.01
N VAL C 75 68.80 -4.36 -28.29
CA VAL C 75 69.54 -4.80 -29.47
C VAL C 75 70.00 -6.25 -29.31
N PHE C 76 70.39 -6.62 -28.08
CA PHE C 76 70.77 -8.00 -27.82
C PHE C 76 69.59 -8.94 -28.02
N TRP C 77 68.41 -8.57 -27.55
CA TRP C 77 67.24 -9.41 -27.78
C TRP C 77 66.94 -9.54 -29.26
N CYS C 78 67.04 -8.42 -30.00
CA CYS C 78 66.80 -8.47 -31.45
C CYS C 78 67.74 -9.46 -32.12
N GLY C 79 69.05 -9.32 -31.87
CA GLY C 79 70.02 -10.20 -32.50
C GLY C 79 69.85 -11.65 -32.09
N ALA C 80 69.67 -11.89 -30.78
CA ALA C 80 69.53 -13.24 -30.27
C ALA C 80 68.28 -13.92 -30.79
N MET C 81 67.16 -13.19 -30.85
CA MET C 81 65.93 -13.77 -31.36
C MET C 81 66.00 -14.00 -32.87
N THR C 82 66.69 -13.13 -33.60
CA THR C 82 66.90 -13.37 -35.02
C THR C 82 67.72 -14.64 -35.24
N LEU C 83 68.78 -14.82 -34.46
CA LEU C 83 69.58 -16.04 -34.56
C LEU C 83 68.78 -17.27 -34.16
N PHE C 84 67.94 -17.13 -33.12
CA PHE C 84 67.08 -18.23 -32.71
C PHE C 84 66.09 -18.62 -33.80
N GLU C 85 65.50 -17.63 -34.47
CA GLU C 85 64.52 -17.92 -35.51
C GLU C 85 65.18 -18.52 -36.75
N VAL C 86 66.35 -18.04 -37.13
CA VAL C 86 66.97 -18.66 -38.29
C VAL C 86 67.43 -20.06 -37.92
N ALA C 87 67.86 -20.24 -36.67
CA ALA C 87 68.31 -21.57 -36.26
C ALA C 87 67.18 -22.59 -36.25
N HIS C 88 65.93 -22.14 -36.14
CA HIS C 88 64.78 -23.03 -36.11
C HIS C 88 63.96 -22.98 -37.40
N TYR C 89 64.47 -22.31 -38.43
CA TYR C 89 63.72 -22.14 -39.67
C TYR C 89 63.77 -23.43 -40.49
N ILE C 90 62.59 -23.99 -40.75
CA ILE C 90 62.48 -25.20 -41.61
C ILE C 90 62.12 -24.69 -43.02
N PRO C 91 62.92 -24.99 -44.07
CA PRO C 91 62.69 -24.38 -45.39
C PRO C 91 61.33 -24.70 -46.01
N GLU C 92 60.80 -25.90 -45.81
CA GLU C 92 59.54 -26.26 -46.46
C GLU C 92 58.36 -25.51 -45.88
N LYS C 93 58.34 -25.31 -44.56
CA LYS C 93 57.24 -24.60 -43.93
C LYS C 93 57.31 -23.11 -44.22
N PRO C 94 56.16 -22.44 -44.32
CA PRO C 94 56.16 -20.98 -44.43
C PRO C 94 56.59 -20.34 -43.11
N LEU C 95 56.85 -19.03 -43.18
CA LEU C 95 57.31 -18.30 -42.00
C LEU C 95 56.26 -18.28 -40.91
N TYR C 96 54.98 -18.09 -41.27
CA TYR C 96 53.93 -17.95 -40.28
C TYR C 96 53.53 -19.26 -39.62
N GLU C 97 53.99 -20.41 -40.14
CA GLU C 97 53.70 -21.70 -39.53
C GLU C 97 54.77 -22.15 -38.55
N GLN C 98 55.81 -21.34 -38.33
CA GLN C 98 56.92 -21.73 -37.47
C GLN C 98 57.06 -20.82 -36.25
N GLY C 99 56.08 -19.96 -35.98
CA GLY C 99 56.14 -19.07 -34.83
C GLY C 99 57.25 -18.05 -34.91
N LEU C 100 57.46 -17.45 -36.08
CA LEU C 100 58.52 -16.48 -36.29
C LEU C 100 57.92 -15.09 -36.49
N ILE C 101 58.51 -14.09 -35.84
CA ILE C 101 58.00 -12.73 -35.89
C ILE C 101 59.01 -11.72 -36.40
N LEU C 102 60.31 -12.00 -36.32
CA LEU C 102 61.32 -11.06 -36.83
C LEU C 102 61.71 -11.37 -38.26
N LEU C 103 61.76 -12.65 -38.61
CA LEU C 103 61.98 -13.02 -40.01
C LEU C 103 60.91 -12.47 -40.96
N PRO C 104 59.62 -12.46 -40.63
CA PRO C 104 58.66 -11.72 -41.49
C PRO C 104 58.99 -10.25 -41.62
N HIS C 105 59.47 -9.61 -40.54
CA HIS C 105 59.87 -8.20 -40.62
C HIS C 105 61.03 -8.01 -41.59
N LEU C 106 62.00 -8.92 -41.54
CA LEU C 106 63.13 -8.83 -42.47
C LEU C 106 62.71 -9.16 -43.90
N ALA C 107 61.78 -10.10 -44.05
CA ALA C 107 61.36 -10.53 -45.41
C ALA C 107 60.60 -9.38 -46.09
N SER C 108 59.81 -8.64 -45.32
CA SER C 108 59.04 -7.50 -45.88
C SER C 108 60.00 -6.43 -46.41
N LEU C 109 61.20 -6.32 -45.80
CA LEU C 109 62.21 -5.33 -46.25
C LEU C 109 62.80 -5.78 -47.59
N GLY C 110 62.49 -7.00 -48.04
CA GLY C 110 62.99 -7.50 -49.29
C GLY C 110 64.18 -8.43 -49.20
N TRP C 111 64.79 -8.57 -48.02
CA TRP C 111 65.95 -9.42 -47.88
C TRP C 111 65.57 -10.90 -47.90
N GLY C 112 66.27 -11.68 -48.71
CA GLY C 112 66.14 -13.12 -48.70
C GLY C 112 64.79 -13.65 -49.12
N VAL C 113 64.06 -12.92 -49.95
CA VAL C 113 62.73 -13.34 -50.41
C VAL C 113 62.64 -13.15 -51.92
N GLY C 114 62.06 -14.13 -52.60
CA GLY C 114 61.85 -14.05 -54.03
C GLY C 114 60.41 -13.82 -54.37
N PRO C 115 59.94 -14.13 -55.62
CA PRO C 115 58.57 -13.84 -56.01
C PRO C 115 57.58 -14.80 -55.36
N GLY C 116 56.39 -14.31 -55.03
CA GLY C 116 55.36 -15.16 -54.40
C GLY C 116 55.54 -15.22 -52.90
N GLY C 117 56.65 -14.66 -52.40
CA GLY C 117 56.91 -14.66 -50.95
C GLY C 117 57.71 -15.88 -50.53
N GLU C 118 58.45 -16.47 -51.46
CA GLU C 118 59.31 -17.64 -51.13
C GLU C 118 60.60 -17.13 -50.46
N ILE C 119 61.04 -17.80 -49.40
CA ILE C 119 62.30 -17.40 -48.71
C ILE C 119 63.47 -18.12 -49.40
N VAL C 120 64.21 -17.42 -50.26
CA VAL C 120 65.32 -18.05 -51.01
C VAL C 120 66.51 -18.28 -50.07
N ASP C 121 66.83 -17.30 -49.22
CA ASP C 121 68.03 -17.43 -48.35
C ASP C 121 67.77 -16.78 -46.98
N ILE C 122 68.39 -17.29 -45.93
CA ILE C 122 68.24 -16.70 -44.56
C ILE C 122 69.59 -16.12 -44.14
N TYR C 123 70.59 -16.19 -45.02
CA TYR C 123 71.92 -15.62 -44.71
C TYR C 123 71.78 -14.13 -44.31
N PRO C 124 71.12 -13.24 -45.09
CA PRO C 124 70.96 -11.84 -44.65
C PRO C 124 70.29 -11.71 -43.29
N TYR C 125 69.36 -12.60 -42.95
CA TYR C 125 68.77 -12.58 -41.62
C TYR C 125 69.82 -12.90 -40.56
N PHE C 126 70.70 -13.86 -40.86
CA PHE C 126 71.81 -14.19 -39.96
C PHE C 126 72.73 -12.98 -39.80
N VAL C 127 73.00 -12.26 -40.88
CA VAL C 127 73.86 -11.08 -40.81
C VAL C 127 73.22 -10.00 -39.94
N VAL C 128 71.91 -9.80 -40.10
CA VAL C 128 71.19 -8.82 -39.28
C VAL C 128 71.28 -9.19 -37.81
N GLY C 129 71.03 -10.47 -37.50
CA GLY C 129 71.12 -10.91 -36.12
C GLY C 129 72.52 -10.75 -35.54
N ILE C 130 73.53 -11.08 -36.34
CA ILE C 130 74.92 -10.95 -35.87
C ILE C 130 75.26 -9.49 -35.61
N LEU C 131 74.87 -8.59 -36.53
CA LEU C 131 75.19 -7.18 -36.37
C LEU C 131 74.51 -6.61 -35.12
N HIS C 132 73.22 -6.94 -34.91
CA HIS C 132 72.55 -6.46 -33.71
C HIS C 132 73.19 -7.05 -32.45
N ILE C 133 73.45 -8.35 -32.44
CA ILE C 133 73.98 -8.98 -31.23
C ILE C 133 75.42 -8.55 -30.95
N ILE C 134 76.14 -8.04 -31.94
CA ILE C 134 77.49 -7.54 -31.70
C ILE C 134 77.48 -6.08 -31.27
N SER C 135 76.65 -5.25 -31.90
CA SER C 135 76.48 -3.88 -31.42
C SER C 135 75.90 -3.83 -30.02
N SER C 136 75.19 -4.89 -29.60
CA SER C 136 74.68 -4.96 -28.25
C SER C 136 75.79 -4.97 -27.22
N ALA C 137 76.93 -5.61 -27.54
CA ALA C 137 78.06 -5.61 -26.63
C ALA C 137 78.61 -4.20 -26.42
N VAL C 138 78.73 -3.43 -27.51
CA VAL C 138 79.22 -2.06 -27.39
C VAL C 138 78.24 -1.21 -26.59
N LEU C 139 76.94 -1.34 -26.87
CA LEU C 139 75.94 -0.56 -26.13
C LEU C 139 75.91 -0.96 -24.66
N GLY C 140 76.06 -2.25 -24.36
CA GLY C 140 76.09 -2.69 -22.98
C GLY C 140 77.31 -2.18 -22.23
N PHE C 141 78.47 -2.18 -22.89
CA PHE C 141 79.66 -1.60 -22.28
C PHE C 141 79.47 -0.11 -22.02
N GLY C 142 78.87 0.60 -22.97
CA GLY C 142 78.60 2.02 -22.76
C GLY C 142 77.67 2.27 -21.60
N GLY C 143 76.61 1.47 -21.50
CA GLY C 143 75.69 1.60 -20.38
C GLY C 143 76.35 1.30 -19.04
N VAL C 144 77.14 0.23 -18.98
CA VAL C 144 77.84 -0.13 -17.75
C VAL C 144 78.82 0.96 -17.35
N TYR C 145 79.57 1.50 -18.32
CA TYR C 145 80.52 2.57 -18.03
C TYR C 145 79.81 3.82 -17.51
N HIS C 146 78.81 4.30 -18.25
CA HIS C 146 78.12 5.51 -17.85
C HIS C 146 77.28 5.32 -16.58
N SER C 147 77.00 4.07 -16.19
CA SER C 147 76.25 3.81 -14.97
C SER C 147 77.14 3.66 -13.74
N LEU C 148 78.18 2.85 -13.83
CA LEU C 148 78.93 2.43 -12.63
C LEU C 148 80.10 3.36 -12.32
N ILE C 149 81.04 3.50 -13.26
CA ILE C 149 82.25 4.26 -13.00
C ILE C 149 82.23 5.66 -13.63
N GLY C 150 81.25 5.95 -14.48
CA GLY C 150 81.11 7.28 -15.03
C GLY C 150 80.63 8.26 -13.98
N PRO C 151 80.75 9.55 -14.27
CA PRO C 151 80.29 10.56 -13.30
C PRO C 151 78.79 10.48 -13.10
N ASP C 152 78.38 10.68 -11.84
CA ASP C 152 76.95 10.65 -11.51
C ASP C 152 76.20 11.78 -12.21
N THR C 153 76.79 12.97 -12.24
CA THR C 153 76.20 14.13 -12.88
C THR C 153 77.09 14.55 -14.05
N LEU C 154 76.46 15.12 -15.08
CA LEU C 154 77.17 15.46 -16.31
C LEU C 154 77.47 16.94 -16.45
N GLU C 155 76.66 17.82 -15.87
CA GLU C 155 76.80 19.25 -16.15
C GLU C 155 78.08 19.84 -15.57
N GLU C 156 78.59 19.28 -14.46
CA GLU C 156 79.79 19.83 -13.86
C GLU C 156 81.05 19.49 -14.65
N SER C 157 81.02 18.39 -15.42
CA SER C 157 82.17 17.98 -16.21
C SER C 157 81.95 18.10 -17.71
N PHE C 158 80.73 17.86 -18.19
CA PHE C 158 80.38 17.97 -19.61
C PHE C 158 79.16 18.86 -19.71
N PRO C 159 79.34 20.18 -19.72
CA PRO C 159 78.19 21.10 -19.77
C PRO C 159 77.34 20.96 -21.03
N ALA C 160 77.91 20.47 -22.13
CA ALA C 160 77.14 20.30 -23.36
C ALA C 160 76.11 19.18 -23.26
N PHE C 161 76.27 18.27 -22.30
CA PHE C 161 75.34 17.14 -22.15
C PHE C 161 74.47 17.23 -20.91
N GLY C 162 74.82 18.08 -19.94
CA GLY C 162 74.06 18.17 -18.72
C GLY C 162 72.72 18.87 -18.90
N TYR C 163 71.83 18.64 -17.95
CA TYR C 163 70.51 19.26 -17.97
C TYR C 163 69.94 19.27 -16.55
N ASP C 164 68.81 19.94 -16.40
CA ASP C 164 68.18 20.15 -15.10
C ASP C 164 66.74 19.66 -15.04
N TRP C 165 66.17 19.22 -16.17
CA TRP C 165 64.77 18.84 -16.35
C TRP C 165 63.86 20.05 -16.32
N ARG C 166 64.41 21.24 -16.07
CA ARG C 166 63.66 22.48 -16.05
C ARG C 166 64.18 23.51 -17.03
N ASP C 167 65.37 23.30 -17.59
CA ASP C 167 65.89 24.17 -18.65
C ASP C 167 65.20 23.75 -19.95
N LYS C 168 64.14 24.49 -20.31
CA LYS C 168 63.31 24.10 -21.45
C LYS C 168 64.11 24.11 -22.75
N ASN C 169 65.02 25.07 -22.90
CA ASN C 169 65.80 25.17 -24.14
C ASN C 169 66.66 23.94 -24.36
N LYS C 170 67.34 23.48 -23.30
CA LYS C 170 68.22 22.31 -23.43
C LYS C 170 67.41 21.04 -23.71
N ILE C 171 66.28 20.87 -23.04
CA ILE C 171 65.45 19.68 -23.25
C ILE C 171 64.90 19.70 -24.67
N THR C 172 64.46 20.86 -25.16
CA THR C 172 64.02 20.96 -26.55
C THR C 172 65.16 20.70 -27.53
N THR C 173 66.39 21.10 -27.18
CA THR C 173 67.53 20.80 -28.04
C THR C 173 67.77 19.30 -28.14
N ILE C 174 67.72 18.60 -27.00
CA ILE C 174 67.90 17.14 -27.01
C ILE C 174 66.76 16.48 -27.80
N LEU C 175 65.53 16.96 -27.59
CA LEU C 175 64.39 16.46 -28.34
C LEU C 175 64.58 16.66 -29.83
N GLY C 176 65.09 17.83 -30.24
CA GLY C 176 65.31 18.09 -31.65
C GLY C 176 66.40 17.21 -32.24
N ILE C 177 67.47 16.97 -31.50
CA ILE C 177 68.54 16.09 -31.99
C ILE C 177 68.00 14.68 -32.21
N HIS C 178 67.25 14.16 -31.24
CA HIS C 178 66.71 12.81 -31.41
C HIS C 178 65.61 12.77 -32.46
N LEU C 179 64.91 13.89 -32.67
CA LEU C 179 63.97 13.99 -33.78
C LEU C 179 64.68 13.91 -35.12
N VAL C 180 65.83 14.57 -35.25
CA VAL C 180 66.62 14.48 -36.46
C VAL C 180 67.08 13.04 -36.68
N ILE C 181 67.47 12.37 -35.59
CA ILE C 181 67.88 10.96 -35.70
C ILE C 181 66.72 10.10 -36.22
N LEU C 182 65.52 10.30 -35.67
CA LEU C 182 64.36 9.52 -36.11
C LEU C 182 64.01 9.82 -37.56
N GLY C 183 64.08 11.09 -37.96
CA GLY C 183 63.84 11.45 -39.35
C GLY C 183 64.83 10.81 -40.30
N PHE C 184 66.10 10.77 -39.89
CA PHE C 184 67.11 10.10 -40.70
C PHE C 184 66.87 8.59 -40.76
N GLY C 185 66.35 8.00 -39.70
CA GLY C 185 65.97 6.59 -39.76
C GLY C 185 64.84 6.34 -40.74
N ALA C 186 63.83 7.22 -40.74
CA ALA C 186 62.74 7.10 -41.70
C ALA C 186 63.25 7.27 -43.14
N LEU C 187 64.15 8.24 -43.35
CA LEU C 187 64.75 8.41 -44.67
C LEU C 187 65.63 7.22 -45.05
N LEU C 188 66.24 6.56 -44.07
CA LEU C 188 67.00 5.34 -44.35
C LEU C 188 66.07 4.23 -44.84
N LEU C 189 64.90 4.09 -44.21
CA LEU C 189 63.89 3.16 -44.73
C LEU C 189 63.48 3.53 -46.14
N VAL C 190 63.31 4.84 -46.40
CA VAL C 190 62.96 5.30 -47.74
C VAL C 190 64.03 4.92 -48.75
N VAL C 191 65.30 5.11 -48.38
CA VAL C 191 66.41 4.78 -49.27
C VAL C 191 66.44 3.28 -49.56
N LYS C 192 66.21 2.47 -48.52
CA LYS C 192 66.08 1.03 -48.73
C LYS C 192 64.94 0.71 -49.69
N ALA C 193 63.83 1.45 -49.57
CA ALA C 193 62.66 1.20 -50.42
C ALA C 193 62.94 1.55 -51.89
N MET C 194 63.63 2.67 -52.13
CA MET C 194 63.75 3.19 -53.49
C MET C 194 65.09 2.88 -54.16
N TYR C 195 66.17 2.78 -53.41
CA TYR C 195 67.48 2.61 -54.09
C TYR C 195 68.05 1.24 -53.81
N LEU C 196 68.23 0.91 -52.54
CA LEU C 196 68.91 -0.35 -52.17
C LEU C 196 68.00 -1.58 -52.14
N GLY C 197 67.49 -2.06 -53.27
CA GLY C 197 66.77 -3.34 -53.31
C GLY C 197 65.28 -3.29 -53.17
N GLY C 198 64.72 -2.15 -52.79
CA GLY C 198 63.26 -2.02 -52.76
C GLY C 198 62.67 -2.77 -51.62
N LEU C 199 61.35 -2.96 -51.65
CA LEU C 199 60.66 -3.66 -50.57
C LEU C 199 59.68 -4.63 -51.22
N TYR C 200 59.31 -5.66 -50.50
CA TYR C 200 58.35 -6.65 -50.97
C TYR C 200 56.97 -6.03 -51.11
N ASP C 201 56.30 -6.32 -52.22
CA ASP C 201 54.98 -5.81 -52.51
C ASP C 201 54.05 -6.99 -52.78
N THR C 202 52.99 -7.11 -51.98
CA THR C 202 51.98 -8.13 -52.22
C THR C 202 51.09 -7.79 -53.39
N TRP C 203 50.99 -6.52 -53.76
CA TRP C 203 50.10 -6.07 -54.81
C TRP C 203 50.72 -6.11 -56.19
N ALA C 204 51.93 -6.66 -56.32
CA ALA C 204 52.51 -6.90 -57.63
C ALA C 204 51.68 -7.96 -58.36
N PRO C 205 51.58 -7.88 -59.68
CA PRO C 205 50.77 -8.85 -60.43
C PRO C 205 51.31 -10.27 -60.28
N GLY C 206 50.38 -11.22 -60.21
CA GLY C 206 50.73 -12.62 -60.06
C GLY C 206 51.46 -12.94 -58.77
N GLY C 207 51.02 -12.35 -57.66
CA GLY C 207 51.68 -12.54 -56.39
C GLY C 207 52.71 -11.46 -56.11
N GLY C 208 53.12 -11.38 -54.84
CA GLY C 208 54.05 -10.36 -54.43
C GLY C 208 55.46 -10.62 -54.95
N ASP C 209 56.25 -9.55 -54.95
CA ASP C 209 57.63 -9.61 -55.45
C ASP C 209 58.39 -8.44 -54.85
N VAL C 210 59.72 -8.56 -54.84
CA VAL C 210 60.58 -7.48 -54.39
C VAL C 210 60.66 -6.44 -55.50
N ARG C 211 60.14 -5.24 -55.23
CA ARG C 211 60.03 -4.20 -56.22
C ARG C 211 60.69 -2.92 -55.70
N ILE C 212 61.31 -2.18 -56.62
CA ILE C 212 61.83 -0.85 -56.33
C ILE C 212 60.67 0.14 -56.42
N ILE C 213 60.48 0.93 -55.36
CA ILE C 213 59.40 1.91 -55.34
C ILE C 213 59.87 3.15 -56.10
N ASP C 214 59.57 3.20 -57.40
CA ASP C 214 60.08 4.28 -58.25
C ASP C 214 59.44 5.61 -57.90
N ASN C 215 58.12 5.65 -57.79
CA ASN C 215 57.37 6.89 -57.60
C ASN C 215 56.49 6.79 -56.36
N PRO C 216 57.01 7.14 -55.19
CA PRO C 216 56.16 7.20 -53.99
C PRO C 216 55.19 8.36 -54.06
N THR C 217 54.14 8.27 -53.25
CA THR C 217 53.09 9.28 -53.24
C THR C 217 53.51 10.43 -52.33
N LEU C 218 53.96 11.53 -52.94
CA LEU C 218 54.36 12.70 -52.12
C LEU C 218 53.24 13.75 -52.09
N ASN C 219 52.09 13.43 -52.69
CA ASN C 219 50.94 14.37 -52.71
C ASN C 219 50.40 14.54 -51.28
N PRO C 220 50.48 15.73 -50.66
CA PRO C 220 50.06 15.89 -49.26
C PRO C 220 48.60 15.52 -49.01
N ALA C 221 47.74 15.58 -50.04
CA ALA C 221 46.32 15.29 -49.83
C ALA C 221 46.12 13.84 -49.42
N VAL C 222 46.84 12.91 -50.06
CA VAL C 222 46.69 11.49 -49.74
C VAL C 222 47.15 11.22 -48.31
N ILE C 223 48.34 11.71 -47.98
CA ILE C 223 48.92 11.44 -46.63
C ILE C 223 47.97 12.03 -45.57
N ILE C 224 47.62 13.30 -45.71
CA ILE C 224 46.68 13.95 -44.75
C ILE C 224 45.39 13.12 -44.71
N GLY C 225 44.86 12.76 -45.89
CA GLY C 225 43.66 11.90 -45.95
C GLY C 225 43.80 10.73 -45.00
N TYR C 226 44.86 9.94 -45.16
CA TYR C 226 45.12 8.79 -44.26
C TYR C 226 45.11 9.27 -42.82
N VAL C 227 45.84 10.34 -42.52
CA VAL C 227 45.95 10.73 -41.11
C VAL C 227 44.58 11.11 -40.55
N LEU C 228 43.74 11.75 -41.36
CA LEU C 228 42.44 12.22 -40.92
C LEU C 228 41.30 11.25 -41.23
N LYS C 229 41.65 10.05 -41.68
CA LYS C 229 40.60 9.07 -42.06
C LYS C 229 39.92 8.52 -40.81
N SER C 230 38.67 8.07 -40.95
CA SER C 230 37.95 7.47 -39.84
C SER C 230 38.62 6.15 -39.44
N PRO C 231 38.67 5.84 -38.15
CA PRO C 231 39.27 4.57 -37.70
C PRO C 231 38.32 3.39 -37.65
N TRP C 232 37.06 3.55 -38.04
CA TRP C 232 36.06 2.52 -37.88
C TRP C 232 36.06 1.58 -39.09
N GLY C 233 35.10 0.67 -39.13
CA GLY C 233 35.08 -0.33 -40.19
C GLY C 233 34.84 0.29 -41.55
N GLY C 234 35.60 -0.17 -42.54
CA GLY C 234 35.51 0.31 -43.89
C GLY C 234 36.46 1.44 -44.23
N ASP C 235 36.99 2.15 -43.24
CA ASP C 235 37.95 3.21 -43.46
C ASP C 235 39.31 2.88 -42.86
N GLY C 236 39.38 2.57 -41.55
CA GLY C 236 40.57 2.01 -40.96
C GLY C 236 41.67 2.99 -40.59
N TRP C 237 41.49 4.28 -40.89
CA TRP C 237 42.47 5.34 -40.56
C TRP C 237 43.80 5.00 -41.25
N ILE C 238 44.94 5.03 -40.56
CA ILE C 238 46.23 4.79 -41.20
C ILE C 238 46.54 3.31 -41.38
N CYS C 239 45.77 2.42 -40.75
CA CYS C 239 46.00 0.99 -40.88
C CYS C 239 45.64 0.50 -42.28
N SER C 240 44.81 1.24 -43.01
CA SER C 240 44.27 0.79 -44.29
C SER C 240 45.14 1.16 -45.48
N VAL C 241 46.37 1.62 -45.26
CA VAL C 241 47.25 1.91 -46.38
C VAL C 241 47.54 0.60 -47.12
N ASN C 242 47.20 0.55 -48.40
CA ASN C 242 47.13 -0.71 -49.13
C ASN C 242 48.09 -0.77 -50.31
N ASN C 243 49.07 0.13 -50.37
CA ASN C 243 50.07 0.06 -51.42
C ASN C 243 51.41 0.57 -50.87
N MET C 244 52.49 0.10 -51.49
CA MET C 244 53.82 0.44 -51.00
C MET C 244 54.20 1.88 -51.34
N GLU C 245 53.65 2.43 -52.44
CA GLU C 245 53.96 3.80 -52.82
C GLU C 245 53.49 4.78 -51.76
N ASP C 246 52.28 4.57 -51.22
CA ASP C 246 51.80 5.42 -50.14
C ASP C 246 52.67 5.29 -48.90
N ILE C 247 53.13 4.08 -48.59
CA ILE C 247 54.00 3.87 -47.43
C ILE C 247 55.29 4.65 -47.60
N VAL C 248 55.91 4.54 -48.77
CA VAL C 248 57.20 5.21 -49.00
C VAL C 248 57.02 6.72 -48.99
N GLY C 249 55.96 7.23 -49.61
CA GLY C 249 55.72 8.66 -49.60
C GLY C 249 55.44 9.20 -48.21
N GLY C 250 54.64 8.46 -47.42
CA GLY C 250 54.38 8.86 -46.05
C GLY C 250 55.64 8.84 -45.20
N HIS C 251 56.52 7.87 -45.44
CA HIS C 251 57.77 7.85 -44.70
C HIS C 251 58.72 8.96 -45.14
N ILE C 252 58.67 9.35 -46.42
CA ILE C 252 59.40 10.53 -46.88
C ILE C 252 58.92 11.75 -46.11
N TRP C 253 57.60 11.93 -46.06
CA TRP C 253 57.03 13.08 -45.35
C TRP C 253 57.37 13.04 -43.87
N ILE C 254 57.31 11.85 -43.26
CA ILE C 254 57.62 11.72 -41.84
C ILE C 254 59.08 12.06 -41.58
N GLY C 255 59.99 11.55 -42.41
CA GLY C 255 61.41 11.84 -42.21
C GLY C 255 61.74 13.31 -42.36
N PHE C 256 61.23 13.94 -43.43
CA PHE C 256 61.53 15.35 -43.64
C PHE C 256 60.86 16.22 -42.57
N THR C 257 59.63 15.87 -42.18
CA THR C 257 58.94 16.60 -41.11
C THR C 257 59.67 16.47 -39.79
N CYS C 258 60.19 15.27 -39.50
CA CYS C 258 60.94 15.08 -38.26
C CYS C 258 62.24 15.85 -38.28
N ILE C 259 62.92 15.91 -39.43
CA ILE C 259 64.14 16.70 -39.53
C ILE C 259 63.84 18.18 -39.32
N ALA C 260 62.78 18.66 -39.98
CA ALA C 260 62.38 20.08 -39.82
C ALA C 260 62.08 20.36 -38.36
N GLY C 261 61.15 19.60 -37.77
CA GLY C 261 60.77 19.77 -36.36
C GLY C 261 61.99 19.65 -35.46
N GLY C 262 62.92 18.76 -35.79
CA GLY C 262 64.16 18.61 -35.01
C GLY C 262 64.89 19.92 -34.91
N PHE C 263 65.32 20.46 -36.05
CA PHE C 263 66.08 21.74 -36.07
C PHE C 263 65.21 22.84 -35.45
N TRP C 264 63.90 22.80 -35.69
CA TRP C 264 62.99 23.78 -35.06
C TRP C 264 63.19 23.74 -33.55
N HIS C 265 62.99 22.57 -32.95
CA HIS C 265 63.11 22.44 -31.46
C HIS C 265 64.53 22.80 -31.02
N ILE C 266 65.51 22.58 -31.89
CA ILE C 266 66.88 22.95 -31.54
C ILE C 266 67.02 24.48 -31.53
N LEU C 267 66.42 25.15 -32.52
CA LEU C 267 66.66 26.61 -32.64
C LEU C 267 65.60 27.46 -31.91
N THR C 268 64.58 26.84 -31.31
CA THR C 268 63.52 27.60 -30.68
C THR C 268 63.38 27.20 -29.21
N LYS C 269 62.53 27.94 -28.52
CA LYS C 269 62.14 27.73 -27.14
C LYS C 269 60.62 27.58 -27.08
N PRO C 270 60.09 26.80 -26.15
CA PRO C 270 58.63 26.65 -26.05
C PRO C 270 57.94 27.98 -25.83
N PHE C 271 56.78 28.13 -26.48
CA PHE C 271 56.04 29.39 -26.44
C PHE C 271 55.30 29.52 -25.11
N ALA C 272 54.68 30.69 -24.93
CA ALA C 272 54.01 31.01 -23.66
C ALA C 272 52.86 30.05 -23.38
N TRP C 273 52.10 29.69 -24.42
CA TRP C 273 51.00 28.76 -24.22
C TRP C 273 51.50 27.36 -23.86
N ALA C 274 52.65 26.96 -24.40
CA ALA C 274 53.21 25.65 -24.07
C ALA C 274 53.85 25.64 -22.69
N ARG C 275 54.50 26.74 -22.30
CA ARG C 275 55.17 26.79 -21.01
C ARG C 275 54.19 26.70 -19.85
N ARG C 276 53.04 27.38 -19.96
CA ARG C 276 52.07 27.39 -18.88
C ARG C 276 51.18 26.16 -18.85
N ALA C 277 51.24 25.31 -19.88
CA ALA C 277 50.35 24.16 -19.97
C ALA C 277 50.97 22.85 -19.51
N TYR C 278 52.30 22.72 -19.60
CA TYR C 278 52.97 21.46 -19.30
C TYR C 278 53.74 21.55 -18.00
N VAL C 279 53.88 20.41 -17.34
CA VAL C 279 54.80 20.26 -16.21
C VAL C 279 56.19 19.97 -16.76
N TRP C 280 57.19 20.67 -16.23
CA TRP C 280 58.55 20.58 -16.75
C TRP C 280 59.40 19.83 -15.73
N SER C 281 59.39 18.50 -15.84
CA SER C 281 60.18 17.63 -14.99
C SER C 281 60.37 16.31 -15.72
N GLY C 282 61.32 15.51 -15.23
CA GLY C 282 61.62 14.25 -15.89
C GLY C 282 60.43 13.29 -15.91
N GLU C 283 59.69 13.23 -14.80
CA GLU C 283 58.55 12.31 -14.73
C GLU C 283 57.44 12.73 -15.67
N ALA C 284 57.24 14.03 -15.86
CA ALA C 284 56.22 14.50 -16.79
C ALA C 284 56.57 14.12 -18.22
N TYR C 285 57.84 14.31 -18.61
CA TYR C 285 58.27 13.91 -19.95
C TYR C 285 58.15 12.41 -20.12
N LEU C 286 58.47 11.65 -19.06
CA LEU C 286 58.30 10.21 -19.10
C LEU C 286 56.84 9.83 -19.33
N SER C 287 55.90 10.51 -18.66
CA SER C 287 54.49 10.22 -18.84
C SER C 287 54.03 10.55 -20.25
N TYR C 288 54.53 11.65 -20.82
CA TYR C 288 54.20 11.99 -22.20
C TYR C 288 54.68 10.90 -23.16
N SER C 289 55.92 10.44 -22.97
CA SER C 289 56.43 9.35 -23.78
C SER C 289 55.62 8.08 -23.57
N LEU C 290 55.16 7.84 -22.35
CA LEU C 290 54.39 6.63 -22.04
C LEU C 290 53.06 6.63 -22.78
N VAL C 291 52.34 7.75 -22.78
CA VAL C 291 51.06 7.79 -23.48
C VAL C 291 51.29 7.71 -24.99
N ALA C 292 52.37 8.33 -25.48
CA ALA C 292 52.68 8.24 -26.90
C ALA C 292 52.94 6.79 -27.32
N VAL C 293 53.76 6.07 -26.55
CA VAL C 293 54.08 4.70 -26.94
C VAL C 293 52.89 3.78 -26.68
N SER C 294 52.00 4.13 -25.75
CA SER C 294 50.77 3.35 -25.58
C SER C 294 49.89 3.45 -26.83
N LEU C 295 49.69 4.67 -27.32
CA LEU C 295 48.93 4.85 -28.56
C LEU C 295 49.62 4.14 -29.72
N MET C 296 50.95 4.22 -29.79
CA MET C 296 51.69 3.53 -30.84
C MET C 296 51.52 2.02 -30.75
N GLY C 297 51.50 1.47 -29.53
CA GLY C 297 51.30 0.05 -29.37
C GLY C 297 49.92 -0.40 -29.82
N PHE C 298 48.89 0.38 -29.49
CA PHE C 298 47.55 0.07 -30.00
C PHE C 298 47.52 0.11 -31.52
N ILE C 299 48.14 1.13 -32.11
CA ILE C 299 48.17 1.26 -33.57
C ILE C 299 48.90 0.08 -34.21
N ALA C 300 50.01 -0.34 -33.60
CA ALA C 300 50.78 -1.46 -34.14
C ALA C 300 50.02 -2.77 -34.02
N SER C 301 49.29 -2.97 -32.92
CA SER C 301 48.46 -4.16 -32.79
C SER C 301 47.39 -4.20 -33.87
N GLN C 302 46.76 -3.05 -34.13
CA GLN C 302 45.76 -3.01 -35.20
C GLN C 302 46.41 -3.21 -36.57
N TYR C 303 47.61 -2.69 -36.77
CA TYR C 303 48.35 -2.90 -38.01
C TYR C 303 48.61 -4.38 -38.24
N SER C 304 49.09 -5.08 -37.21
CA SER C 304 49.37 -6.50 -37.34
C SER C 304 48.09 -7.30 -37.53
N TRP C 305 46.98 -6.87 -36.92
CA TRP C 305 45.74 -7.63 -37.05
C TRP C 305 45.08 -7.44 -38.42
N TYR C 306 45.08 -6.22 -38.94
CA TYR C 306 44.30 -5.91 -40.14
C TYR C 306 45.13 -5.70 -41.40
N ASN C 307 46.24 -4.99 -41.32
CA ASN C 307 46.98 -4.61 -42.53
C ASN C 307 47.70 -5.83 -43.12
N ASN C 308 47.55 -6.03 -44.43
CA ASN C 308 48.24 -7.09 -45.15
C ASN C 308 49.18 -6.54 -46.22
N THR C 309 49.48 -5.24 -46.18
CA THR C 309 50.41 -4.61 -47.10
C THR C 309 51.78 -4.40 -46.47
N ALA C 310 51.83 -3.73 -45.32
CA ALA C 310 53.05 -3.66 -44.53
C ALA C 310 53.31 -4.95 -43.76
N TYR C 311 52.32 -5.83 -43.68
CA TYR C 311 52.45 -7.14 -43.03
C TYR C 311 51.96 -8.19 -44.01
N PRO C 312 52.80 -8.60 -44.95
CA PRO C 312 52.36 -9.53 -46.00
C PRO C 312 51.87 -10.85 -45.45
N SER C 313 50.82 -11.39 -46.08
CA SER C 313 50.23 -12.64 -45.64
C SER C 313 51.09 -13.85 -45.99
N GLU C 314 52.07 -13.70 -46.87
CA GLU C 314 52.99 -14.79 -47.13
C GLU C 314 54.02 -14.95 -46.02
N PHE C 315 54.15 -13.96 -45.15
CA PHE C 315 55.09 -14.01 -44.03
C PHE C 315 54.41 -14.06 -42.68
N TYR C 316 53.39 -13.24 -42.46
CA TYR C 316 52.67 -13.20 -41.19
C TYR C 316 51.43 -14.08 -41.20
N GLY C 317 51.08 -14.69 -42.33
CA GLY C 317 49.86 -15.43 -42.46
C GLY C 317 48.70 -14.51 -42.80
N PRO C 318 47.58 -15.11 -43.21
CA PRO C 318 46.43 -14.27 -43.56
C PRO C 318 45.94 -13.51 -42.35
N THR C 319 45.21 -12.43 -42.58
CA THR C 319 44.64 -11.66 -41.49
C THR C 319 43.34 -12.37 -41.07
N GLY C 320 42.86 -12.07 -39.86
CA GLY C 320 41.63 -12.67 -39.35
C GLY C 320 40.46 -12.67 -40.32
N PRO C 321 40.22 -11.52 -40.97
CA PRO C 321 39.16 -11.39 -41.98
C PRO C 321 39.54 -12.10 -43.26
N GLU C 322 40.83 -12.09 -43.59
CA GLU C 322 41.33 -12.71 -44.81
C GLU C 322 41.10 -14.21 -44.89
N ALA C 323 41.40 -14.92 -43.80
CA ALA C 323 41.23 -16.36 -43.78
C ALA C 323 39.78 -16.76 -43.92
N SER C 324 38.90 -16.00 -43.30
CA SER C 324 37.48 -16.27 -43.36
C SER C 324 36.88 -16.06 -44.74
N GLN C 325 37.39 -15.07 -45.46
CA GLN C 325 36.93 -14.80 -46.81
C GLN C 325 37.51 -15.86 -47.71
N SER C 326 38.81 -16.11 -47.59
CA SER C 326 39.45 -17.13 -48.40
C SER C 326 38.70 -18.45 -48.33
N GLN C 327 38.20 -18.81 -47.15
CA GLN C 327 37.37 -20.01 -47.05
C GLN C 327 36.10 -19.88 -47.88
N ALA C 328 35.44 -18.71 -47.79
CA ALA C 328 34.24 -18.48 -48.59
C ALA C 328 34.55 -18.53 -50.09
N PHE C 329 35.67 -17.95 -50.49
CA PHE C 329 36.06 -17.94 -51.90
C PHE C 329 36.40 -19.34 -52.39
N THR C 330 37.06 -20.15 -51.55
CA THR C 330 37.35 -21.53 -51.92
C THR C 330 36.07 -22.33 -52.10
N PHE C 331 35.10 -22.14 -51.20
CA PHE C 331 33.81 -22.80 -51.36
C PHE C 331 33.10 -22.33 -52.63
N LEU C 332 33.19 -21.03 -52.93
CA LEU C 332 32.60 -20.51 -54.17
C LEU C 332 33.24 -21.13 -55.40
N VAL C 333 34.57 -21.28 -55.39
CA VAL C 333 35.28 -21.87 -56.52
C VAL C 333 34.88 -23.34 -56.69
N ARG C 334 34.83 -24.08 -55.58
CA ARG C 334 34.43 -25.47 -55.65
C ARG C 334 32.95 -25.64 -55.99
N ASP C 335 32.15 -24.57 -55.84
CA ASP C 335 30.79 -24.61 -56.36
C ASP C 335 30.72 -24.30 -57.85
N GLN C 336 31.53 -23.34 -58.32
CA GLN C 336 31.55 -23.03 -59.74
C GLN C 336 32.06 -24.21 -60.56
N ARG C 337 33.21 -24.75 -60.18
CA ARG C 337 33.65 -26.02 -60.75
C ARG C 337 32.75 -27.13 -60.23
N LEU C 338 32.61 -28.19 -61.03
CA LEU C 338 31.73 -29.32 -60.71
C LEU C 338 30.29 -28.83 -60.52
N LEU C 351 22.18 -14.16 -56.34
CA LEU C 351 22.90 -14.52 -57.56
C LEU C 351 22.95 -16.05 -57.71
N GLY C 352 23.99 -16.65 -57.14
CA GLY C 352 24.14 -18.09 -57.19
C GLY C 352 24.36 -18.60 -55.78
N LYS C 353 25.50 -19.22 -55.56
CA LYS C 353 25.85 -19.71 -54.24
C LYS C 353 27.03 -18.86 -53.75
N TYR C 354 27.18 -18.79 -52.42
CA TYR C 354 28.23 -18.03 -51.73
C TYR C 354 28.27 -16.51 -51.94
N LEU C 355 27.18 -15.91 -52.43
CA LEU C 355 27.16 -14.48 -52.70
C LEU C 355 25.91 -13.79 -52.14
N MET C 356 26.00 -12.46 -51.98
CA MET C 356 24.89 -11.65 -51.49
C MET C 356 25.29 -10.22 -51.83
N ARG C 357 24.47 -9.27 -51.39
CA ARG C 357 24.69 -7.86 -51.67
C ARG C 357 25.07 -7.16 -50.37
N SER C 358 26.01 -6.23 -50.47
CA SER C 358 26.45 -5.46 -49.30
C SER C 358 25.39 -4.46 -48.84
N PRO C 359 25.55 -3.90 -47.63
CA PRO C 359 24.62 -2.84 -47.19
C PRO C 359 24.56 -1.66 -48.14
N SER C 360 25.63 -1.37 -48.87
CA SER C 360 25.62 -0.33 -49.89
C SER C 360 25.24 -0.83 -51.27
N GLY C 361 24.93 -2.12 -51.41
CA GLY C 361 24.43 -2.68 -52.66
C GLY C 361 25.43 -3.47 -53.47
N GLU C 362 26.72 -3.46 -53.09
CA GLU C 362 27.72 -4.17 -53.86
C GLU C 362 27.65 -5.68 -53.63
N ILE C 363 28.14 -6.42 -54.61
CA ILE C 363 28.12 -7.91 -54.49
C ILE C 363 29.31 -8.33 -53.62
N ILE C 364 29.03 -9.12 -52.59
CA ILE C 364 30.02 -9.61 -51.66
C ILE C 364 29.80 -11.10 -51.44
N LEU C 365 30.77 -11.73 -50.76
CA LEU C 365 30.64 -13.14 -50.41
C LEU C 365 29.61 -13.30 -49.31
N GLY C 366 28.69 -14.27 -49.49
CA GLY C 366 27.64 -14.50 -48.53
C GLY C 366 28.05 -15.42 -47.39
N GLY C 367 27.16 -15.54 -46.41
CA GLY C 367 27.40 -16.39 -45.26
C GLY C 367 27.80 -15.63 -44.01
N GLU C 368 28.52 -16.30 -43.11
CA GLU C 368 28.97 -15.64 -41.89
C GLU C 368 30.09 -14.65 -42.14
N THR C 369 30.76 -14.73 -43.30
CA THR C 369 31.84 -13.83 -43.65
C THR C 369 31.36 -12.48 -44.17
N GLN C 370 30.05 -12.22 -44.11
CA GLN C 370 29.51 -10.95 -44.59
C GLN C 370 30.10 -9.76 -43.85
N ARG C 371 30.43 -9.94 -42.56
CA ARG C 371 31.04 -8.87 -41.78
C ARG C 371 32.44 -8.51 -42.26
N PHE C 372 33.07 -9.36 -43.07
CA PHE C 372 34.43 -9.14 -43.55
C PHE C 372 34.46 -8.74 -45.02
N TRP C 373 33.42 -8.05 -45.50
CA TRP C 373 33.37 -7.63 -46.88
C TRP C 373 34.30 -6.45 -47.18
N ASP C 374 34.86 -5.82 -46.15
CA ASP C 374 35.80 -4.72 -46.35
C ASP C 374 37.22 -5.20 -46.64
N LEU C 375 37.46 -6.51 -46.61
CA LEU C 375 38.79 -7.04 -46.86
C LEU C 375 39.21 -6.80 -48.30
N ARG C 376 40.45 -6.35 -48.48
CA ARG C 376 41.08 -6.25 -49.79
C ARG C 376 42.38 -7.04 -49.76
N ALA C 377 42.44 -8.09 -50.57
CA ALA C 377 43.58 -8.98 -50.61
C ALA C 377 44.06 -9.15 -52.05
N PRO C 378 45.37 -9.33 -52.25
CA PRO C 378 45.90 -9.41 -53.62
C PRO C 378 45.32 -10.55 -54.45
N TRP C 379 45.00 -11.69 -53.83
CA TRP C 379 44.47 -12.83 -54.56
C TRP C 379 43.00 -12.67 -54.94
N ILE C 380 42.32 -11.64 -54.44
CA ILE C 380 40.91 -11.42 -54.74
C ILE C 380 40.65 -10.12 -55.48
N GLU C 381 41.62 -9.21 -55.55
CA GLU C 381 41.42 -7.95 -56.27
C GLU C 381 41.16 -8.13 -57.77
N PRO C 382 41.88 -8.99 -58.52
CA PRO C 382 41.54 -9.14 -59.95
C PRO C 382 40.14 -9.65 -60.21
N LEU C 383 39.50 -10.30 -59.23
CA LEU C 383 38.15 -10.80 -59.39
C LEU C 383 37.08 -9.81 -58.96
N ARG C 384 37.50 -8.62 -58.54
CA ARG C 384 36.53 -7.61 -58.05
C ARG C 384 36.40 -6.48 -59.09
N GLY C 385 35.22 -5.88 -59.20
CA GLY C 385 35.01 -4.76 -60.14
C GLY C 385 34.27 -3.63 -59.45
N PRO C 386 33.77 -2.62 -60.19
CA PRO C 386 33.10 -1.49 -59.58
C PRO C 386 31.88 -1.95 -58.80
N ASN C 387 31.13 -2.90 -59.36
CA ASN C 387 29.93 -3.45 -58.69
C ASN C 387 30.35 -4.34 -57.52
N GLY C 388 31.60 -4.80 -57.51
CA GLY C 388 32.07 -5.74 -56.48
C GLY C 388 32.55 -7.01 -57.15
N LEU C 389 32.42 -8.16 -56.48
CA LEU C 389 32.84 -9.41 -57.09
C LEU C 389 31.96 -9.71 -58.30
N ASP C 390 32.60 -9.94 -59.45
CA ASP C 390 31.91 -10.26 -60.68
C ASP C 390 31.95 -11.76 -60.89
N LEU C 391 30.78 -12.39 -60.96
CA LEU C 391 30.73 -13.88 -61.07
C LEU C 391 31.49 -14.33 -62.33
N ASN C 392 31.16 -13.75 -63.48
CA ASN C 392 31.78 -14.22 -64.71
C ASN C 392 33.29 -14.06 -64.67
N LYS C 393 33.77 -12.99 -64.03
CA LYS C 393 35.22 -12.79 -63.90
C LYS C 393 35.84 -13.85 -63.01
N ILE C 394 35.14 -14.27 -61.96
CA ILE C 394 35.60 -15.39 -61.14
C ILE C 394 35.56 -16.69 -61.95
N LYS C 395 34.54 -16.84 -62.80
CA LYS C 395 34.42 -18.04 -63.62
C LYS C 395 35.59 -18.16 -64.61
N ASN C 396 35.97 -17.05 -65.23
CA ASN C 396 36.91 -17.07 -66.35
C ASN C 396 38.29 -16.52 -66.00
N ASP C 397 38.36 -15.34 -65.38
CA ASP C 397 39.62 -14.65 -65.16
C ASP C 397 40.31 -15.05 -63.85
N ILE C 398 40.03 -16.24 -63.35
CA ILE C 398 40.66 -16.73 -62.12
C ILE C 398 41.98 -17.39 -62.47
N GLN C 399 42.94 -17.33 -61.55
CA GLN C 399 44.26 -17.89 -61.76
C GLN C 399 44.54 -18.98 -60.73
N PRO C 400 45.35 -19.99 -61.10
CA PRO C 400 45.66 -21.06 -60.14
C PRO C 400 46.36 -20.59 -58.87
N TRP C 401 47.21 -19.57 -58.97
CA TRP C 401 47.91 -19.08 -57.77
C TRP C 401 46.95 -18.44 -56.79
N GLN C 402 45.89 -17.79 -57.29
CA GLN C 402 44.86 -17.25 -56.41
C GLN C 402 44.15 -18.37 -55.64
N GLU C 403 43.84 -19.47 -56.33
CA GLU C 403 43.21 -20.61 -55.67
C GLU C 403 44.14 -21.22 -54.62
N ARG C 404 45.43 -21.35 -54.95
CA ARG C 404 46.38 -21.89 -53.99
C ARG C 404 46.51 -20.99 -52.76
N ARG C 405 46.58 -19.67 -52.97
CA ARG C 405 46.62 -18.74 -51.85
C ARG C 405 45.37 -18.83 -51.00
N ALA C 406 44.20 -18.91 -51.65
CA ALA C 406 42.95 -19.00 -50.90
C ALA C 406 42.88 -20.28 -50.08
N ALA C 407 43.30 -21.41 -50.65
CA ALA C 407 43.28 -22.67 -49.92
C ALA C 407 44.25 -22.65 -48.74
N GLU C 408 45.48 -22.17 -48.97
CA GLU C 408 46.47 -22.17 -47.90
C GLU C 408 46.11 -21.17 -46.80
N TYR C 409 45.40 -20.09 -47.14
CA TYR C 409 44.92 -19.18 -46.11
C TYR C 409 43.68 -19.73 -45.40
N MET C 410 42.87 -20.53 -46.10
CA MET C 410 41.75 -21.21 -45.45
C MET C 410 42.23 -22.23 -44.44
N THR C 411 43.34 -22.91 -44.73
CA THR C 411 43.86 -23.91 -43.80
C THR C 411 44.28 -23.29 -42.48
N HIS C 412 44.92 -22.12 -42.55
CA HIS C 412 45.42 -21.41 -41.33
C HIS C 412 44.55 -20.18 -41.08
N ALA C 413 43.59 -20.29 -40.15
CA ALA C 413 42.67 -19.19 -39.86
C ALA C 413 42.94 -18.64 -38.46
N PRO C 414 43.22 -17.35 -38.32
CA PRO C 414 43.34 -16.77 -36.97
C PRO C 414 42.08 -16.92 -36.13
N LEU C 415 40.90 -16.77 -36.75
CA LEU C 415 39.65 -16.91 -36.02
C LEU C 415 39.20 -18.37 -35.91
N GLY C 416 39.38 -19.14 -36.97
CA GLY C 416 39.00 -20.54 -36.98
C GLY C 416 38.37 -20.93 -38.30
N SER C 417 38.32 -22.24 -38.55
CA SER C 417 37.71 -22.77 -39.76
C SER C 417 36.90 -24.03 -39.47
N ASN C 432 45.55 -25.56 -31.30
CA ASN C 432 45.41 -25.35 -32.73
C ASN C 432 46.38 -24.29 -33.24
N PHE C 433 46.49 -24.04 -34.47
N PHE C 433 46.41 -23.98 -34.47
CA PHE C 433 47.39 -23.03 -35.02
CA PHE C 433 47.30 -22.97 -35.02
C PHE C 433 47.11 -21.65 -34.42
C PHE C 433 47.03 -21.60 -34.42
N VAL C 434 48.12 -21.07 -33.79
CA VAL C 434 48.05 -19.71 -33.26
C VAL C 434 48.84 -18.82 -34.21
N SER C 435 48.15 -17.86 -34.82
CA SER C 435 48.77 -17.03 -35.85
C SER C 435 49.81 -16.10 -35.23
N PRO C 436 50.91 -15.83 -35.94
CA PRO C 436 51.84 -14.79 -35.48
C PRO C 436 51.19 -13.42 -35.39
N ARG C 437 50.21 -13.14 -36.26
CA ARG C 437 49.45 -11.90 -36.14
C ARG C 437 48.73 -11.84 -34.81
N SER C 438 48.16 -12.96 -34.36
CA SER C 438 47.51 -13.00 -33.07
C SER C 438 48.48 -12.69 -31.93
N TRP C 439 49.69 -13.28 -31.99
CA TRP C 439 50.68 -13.03 -30.95
C TRP C 439 51.08 -11.55 -30.93
N LEU C 440 51.39 -10.99 -32.10
CA LEU C 440 51.79 -9.58 -32.16
C LEU C 440 50.68 -8.67 -31.67
N THR C 441 49.45 -8.91 -32.13
CA THR C 441 48.33 -8.05 -31.77
C THR C 441 48.05 -8.12 -30.27
N CYS C 442 47.97 -9.32 -29.71
CA CYS C 442 47.70 -9.46 -28.28
C CYS C 442 48.82 -8.85 -27.44
N ALA C 443 50.08 -9.12 -27.80
CA ALA C 443 51.20 -8.61 -27.03
C ALA C 443 51.23 -7.10 -27.03
N HIS C 444 51.12 -6.49 -28.21
CA HIS C 444 51.22 -5.03 -28.26
C HIS C 444 49.97 -4.33 -27.79
N PHE C 445 48.79 -4.97 -27.86
CA PHE C 445 47.61 -4.39 -27.22
C PHE C 445 47.75 -4.38 -25.71
N LEU C 446 48.24 -5.50 -25.13
CA LEU C 446 48.50 -5.54 -23.70
C LEU C 446 49.54 -4.51 -23.30
N LEU C 447 50.60 -4.37 -24.11
CA LEU C 447 51.63 -3.37 -23.81
C LEU C 447 51.08 -1.96 -23.89
N GLY C 448 50.23 -1.67 -24.88
CA GLY C 448 49.61 -0.37 -24.96
C GLY C 448 48.74 -0.06 -23.76
N PHE C 449 47.97 -1.04 -23.30
CA PHE C 449 47.12 -0.83 -22.13
C PHE C 449 47.95 -0.59 -20.88
N VAL C 450 48.97 -1.43 -20.64
CA VAL C 450 49.76 -1.26 -19.42
C VAL C 450 50.58 0.02 -19.48
N PHE C 451 50.95 0.47 -20.67
CA PHE C 451 51.68 1.73 -20.76
C PHE C 451 50.76 2.94 -20.67
N TYR C 452 49.48 2.79 -21.04
CA TYR C 452 48.50 3.81 -20.67
C TYR C 452 48.37 3.91 -19.15
N ILE C 453 48.35 2.76 -18.47
CA ILE C 453 48.33 2.76 -17.01
C ILE C 453 49.56 3.47 -16.46
N GLY C 454 50.73 3.16 -17.00
CA GLY C 454 51.94 3.80 -16.56
C GLY C 454 51.95 5.29 -16.81
N HIS C 455 51.41 5.71 -17.96
CA HIS C 455 51.29 7.14 -18.24
C HIS C 455 50.40 7.82 -17.21
N LEU C 456 49.25 7.21 -16.89
CA LEU C 456 48.36 7.81 -15.92
C LEU C 456 49.04 7.93 -14.55
N TRP C 457 49.72 6.86 -14.12
CA TRP C 457 50.42 6.88 -12.84
C TRP C 457 51.49 7.96 -12.81
N HIS C 458 52.36 7.98 -13.82
CA HIS C 458 53.49 8.90 -13.80
C HIS C 458 53.05 10.34 -14.02
N ALA C 459 52.00 10.57 -14.80
CA ALA C 459 51.48 11.93 -14.98
C ALA C 459 50.83 12.45 -13.71
N GLY C 460 50.03 11.61 -13.05
CA GLY C 460 49.46 12.03 -11.78
C GLY C 460 50.53 12.32 -10.74
N ARG C 461 51.56 11.47 -10.67
CA ARG C 461 52.62 11.70 -9.69
C ARG C 461 53.46 12.92 -10.06
N ALA C 462 53.67 13.18 -11.36
CA ALA C 462 54.38 14.38 -11.76
C ALA C 462 53.62 15.63 -11.37
N ARG C 463 52.30 15.64 -11.57
CA ARG C 463 51.48 16.76 -11.14
C ARG C 463 51.53 16.95 -9.62
N ALA C 464 51.43 15.84 -8.88
CA ALA C 464 51.46 15.93 -7.42
C ALA C 464 52.81 16.41 -6.92
N ALA C 465 53.90 15.95 -7.53
CA ALA C 465 55.24 16.33 -7.10
C ALA C 465 55.54 17.79 -7.46
N ALA C 466 55.06 18.25 -8.58
CA ALA C 466 55.25 19.67 -8.92
C ALA C 466 54.60 20.53 -7.85
N ALA C 467 53.35 20.24 -7.49
CA ALA C 467 52.59 21.01 -6.48
C ALA C 467 53.11 20.80 -5.06
N GLY C 468 53.78 19.69 -4.81
CA GLY C 468 54.36 19.44 -3.48
C GLY C 468 53.50 18.57 -2.59
N PHE C 469 52.48 17.90 -3.11
CA PHE C 469 51.71 16.99 -2.23
C PHE C 469 51.72 15.53 -2.67
N GLU C 470 52.82 15.01 -3.20
CA GLU C 470 52.91 13.61 -3.58
C GLU C 470 53.29 12.71 -2.42
N LYS C 471 53.75 13.28 -1.30
CA LYS C 471 54.09 12.51 -0.12
C LYS C 471 52.96 12.44 0.90
N GLY C 472 51.85 13.12 0.66
CA GLY C 472 50.71 13.08 1.54
C GLY C 472 50.16 14.47 1.83
N ILE C 473 49.17 14.50 2.72
CA ILE C 473 48.52 15.75 3.12
C ILE C 473 49.30 16.37 4.26
N ASN C 474 49.44 17.70 4.23
CA ASN C 474 50.37 18.40 5.11
C ASN C 474 50.00 18.27 6.58
N ARG C 475 48.71 18.15 6.89
CA ARG C 475 48.15 17.95 8.22
C ARG C 475 48.26 19.21 9.08
N GLU C 476 48.99 20.22 8.61
CA GLU C 476 49.06 21.52 9.28
C GLU C 476 48.15 22.55 8.63
N ASN C 477 48.17 22.63 7.31
CA ASN C 477 47.22 23.43 6.54
C ASN C 477 46.55 22.49 5.54
N GLU C 478 45.49 21.83 5.99
CA GLU C 478 44.79 20.87 5.16
C GLU C 478 43.88 21.61 4.17
N PRO C 479 44.00 21.33 2.87
CA PRO C 479 43.22 22.10 1.88
C PRO C 479 41.72 22.03 2.07
N VAL C 480 41.18 20.86 2.46
CA VAL C 480 39.74 20.74 2.60
C VAL C 480 39.21 21.40 3.86
N LEU C 481 40.07 21.67 4.85
CA LEU C 481 39.63 22.37 6.04
C LEU C 481 39.39 23.85 5.79
N SER C 482 40.04 24.39 4.74
CA SER C 482 39.89 25.84 4.39
C SER C 482 38.68 26.04 3.47
N LEU C 483 38.24 24.98 2.79
CA LEU C 483 37.12 25.08 1.81
C LEU C 483 35.81 25.42 2.53
N ARG C 484 34.76 25.74 1.79
CA ARG C 484 33.44 25.95 2.44
C ARG C 484 32.65 24.63 2.34
N PRO C 485 32.01 24.14 3.42
CA PRO C 485 31.27 22.90 3.37
C PRO C 485 30.24 22.93 2.25
N ILE C 486 30.28 21.94 1.36
CA ILE C 486 29.30 21.88 0.24
C ILE C 486 27.92 21.50 0.81
N ARG D 11 46.26 -26.84 39.53
CA ARG D 11 44.80 -26.78 39.73
C ARG D 11 44.16 -28.05 39.15
N GLY D 12 42.86 -27.99 38.84
CA GLY D 12 42.15 -29.14 38.26
C GLY D 12 42.71 -29.50 36.89
N TRP D 13 42.54 -30.77 36.49
CA TRP D 13 43.04 -31.21 35.16
C TRP D 13 42.55 -30.23 34.09
N PHE D 14 41.25 -29.88 34.10
CA PHE D 14 40.69 -28.98 33.08
C PHE D 14 41.49 -27.70 33.10
N ASP D 15 41.58 -27.10 34.30
CA ASP D 15 42.33 -25.82 34.44
C ASP D 15 43.73 -26.01 33.84
N LEU D 16 44.45 -27.07 34.20
CA LEU D 16 45.81 -27.19 33.66
C LEU D 16 45.79 -27.40 32.15
N ALA D 17 44.85 -28.21 31.65
CA ALA D 17 44.73 -28.40 30.20
C ALA D 17 44.32 -27.10 29.51
N ASP D 18 43.42 -26.33 30.14
CA ASP D 18 43.03 -25.04 29.59
C ASP D 18 44.21 -24.07 29.58
N ASP D 19 45.03 -24.09 30.63
CA ASP D 19 46.22 -23.25 30.67
C ASP D 19 47.20 -23.63 29.56
N TRP D 20 47.41 -24.93 29.34
CA TRP D 20 48.35 -25.37 28.32
C TRP D 20 47.85 -25.05 26.92
N LEU D 21 46.56 -25.28 26.66
CA LEU D 21 46.01 -24.99 25.34
C LEU D 21 45.99 -23.51 25.01
N LYS D 22 46.00 -22.65 26.03
CA LYS D 22 45.95 -21.20 25.85
C LYS D 22 47.33 -20.55 25.85
N ARG D 23 48.41 -21.34 25.90
CA ARG D 23 49.75 -20.78 25.97
C ARG D 23 50.08 -20.04 24.67
N ASP D 24 50.82 -18.93 24.82
CA ASP D 24 51.22 -18.11 23.68
C ASP D 24 52.38 -18.80 22.96
N ARG D 25 52.03 -19.66 22.01
CA ARG D 25 53.01 -20.32 21.17
C ARG D 25 53.00 -19.68 19.78
N PHE D 26 53.83 -20.21 18.89
CA PHE D 26 53.85 -19.72 17.52
C PHE D 26 52.53 -20.01 16.81
N VAL D 27 51.95 -21.19 17.06
CA VAL D 27 50.65 -21.55 16.53
C VAL D 27 49.72 -21.78 17.72
N PHE D 28 48.67 -20.96 17.80
CA PHE D 28 47.70 -21.12 18.87
C PHE D 28 46.90 -22.41 18.68
N VAL D 29 46.72 -23.15 19.77
CA VAL D 29 46.01 -24.42 19.70
C VAL D 29 44.59 -24.25 20.23
N GLY D 30 44.46 -23.95 21.51
CA GLY D 30 43.15 -23.78 22.13
C GLY D 30 42.32 -25.05 22.20
N TRP D 31 41.16 -24.96 22.85
CA TRP D 31 40.24 -26.09 22.88
C TRP D 31 39.69 -26.40 21.50
N SER D 32 39.40 -25.36 20.72
CA SER D 32 38.90 -25.56 19.35
C SER D 32 39.92 -26.23 18.45
N GLY D 33 41.21 -26.15 18.80
CA GLY D 33 42.22 -26.83 18.01
C GLY D 33 42.06 -28.34 17.99
N LEU D 34 41.58 -28.91 19.10
CA LEU D 34 41.38 -30.36 19.20
C LEU D 34 40.39 -30.86 18.14
N LEU D 35 39.49 -30.00 17.68
CA LEU D 35 38.60 -30.33 16.58
C LEU D 35 39.13 -29.84 15.24
N LEU D 36 39.78 -28.68 15.22
CA LEU D 36 40.18 -28.06 13.96
C LEU D 36 41.36 -28.80 13.33
N PHE D 37 42.46 -28.96 14.08
CA PHE D 37 43.70 -29.46 13.49
C PHE D 37 43.57 -30.86 12.91
N PRO D 38 43.04 -31.88 13.61
CA PRO D 38 42.93 -33.20 12.97
C PRO D 38 41.97 -33.23 11.79
N THR D 39 40.81 -32.59 11.92
CA THR D 39 39.82 -32.62 10.84
C THR D 39 40.34 -31.90 9.59
N SER D 40 40.88 -30.69 9.77
CA SER D 40 41.41 -29.94 8.63
C SER D 40 42.61 -30.66 8.02
N TYR D 41 43.50 -31.18 8.85
CA TYR D 41 44.66 -31.90 8.34
C TYR D 41 44.25 -33.12 7.54
N LEU D 42 43.29 -33.88 8.05
CA LEU D 42 42.81 -35.07 7.33
C LEU D 42 42.11 -34.70 6.04
N SER D 43 41.32 -33.62 6.05
CA SER D 43 40.62 -33.21 4.83
C SER D 43 41.61 -32.80 3.75
N ILE D 44 42.60 -31.99 4.12
CA ILE D 44 43.62 -31.53 3.14
C ILE D 44 44.41 -32.75 2.64
N GLY D 45 44.86 -33.62 3.55
CA GLY D 45 45.62 -34.78 3.14
C GLY D 45 44.83 -35.73 2.26
N GLY D 46 43.55 -35.91 2.55
CA GLY D 46 42.71 -36.74 1.72
C GLY D 46 42.49 -36.14 0.34
N TRP D 47 42.35 -34.82 0.27
CA TRP D 47 42.25 -34.17 -1.04
C TRP D 47 43.52 -34.36 -1.86
N PHE D 48 44.68 -34.20 -1.21
CA PHE D 48 45.94 -34.43 -1.91
C PHE D 48 46.08 -35.87 -2.36
N THR D 49 45.69 -36.82 -1.50
CA THR D 49 45.75 -38.23 -1.85
C THR D 49 44.83 -38.56 -3.02
N GLY D 50 43.61 -38.01 -3.01
CA GLY D 50 42.69 -38.26 -4.11
C GLY D 50 43.15 -37.66 -5.42
N THR D 51 43.67 -36.42 -5.38
CA THR D 51 44.14 -35.80 -6.60
C THR D 51 45.46 -36.37 -7.08
N THR D 52 46.17 -37.11 -6.22
CA THR D 52 47.45 -37.72 -6.58
C THR D 52 47.33 -39.17 -7.02
N PHE D 53 46.51 -39.97 -6.33
CA PHE D 53 46.47 -41.41 -6.57
C PHE D 53 45.09 -41.93 -6.94
N VAL D 54 44.03 -41.43 -6.32
CA VAL D 54 42.71 -42.05 -6.44
C VAL D 54 42.08 -41.67 -7.77
N THR D 55 41.52 -42.68 -8.44
CA THR D 55 40.86 -42.50 -9.73
C THR D 55 39.37 -42.27 -9.56
N SER D 56 38.72 -41.87 -10.65
CA SER D 56 37.27 -41.71 -10.72
C SER D 56 36.66 -42.61 -11.78
N TRP D 57 37.37 -43.67 -12.18
CA TRP D 57 36.97 -44.48 -13.31
C TRP D 57 35.71 -45.28 -13.03
N TYR D 58 35.52 -45.71 -11.79
CA TYR D 58 34.37 -46.55 -11.43
C TYR D 58 33.18 -45.75 -10.92
N THR D 59 33.30 -44.43 -10.80
CA THR D 59 32.21 -43.57 -10.35
C THR D 59 31.71 -42.63 -11.44
N HIS D 60 32.63 -41.97 -12.15
CA HIS D 60 32.27 -41.04 -13.21
C HIS D 60 32.73 -41.47 -14.59
N GLY D 61 33.49 -42.56 -14.70
CA GLY D 61 34.09 -42.91 -15.97
C GLY D 61 35.13 -41.90 -16.41
N LEU D 62 35.88 -41.34 -15.46
CA LEU D 62 36.85 -40.30 -15.76
C LEU D 62 38.17 -40.63 -15.07
N ALA D 63 39.26 -40.12 -15.64
CA ALA D 63 40.60 -40.25 -15.02
C ALA D 63 40.89 -38.97 -14.23
N SER D 64 41.02 -39.05 -12.91
CA SER D 64 41.26 -37.78 -12.18
C SER D 64 42.39 -37.95 -11.17
N SER D 65 43.58 -38.31 -11.62
CA SER D 65 44.73 -38.41 -10.68
C SER D 65 46.00 -38.03 -11.42
N TYR D 66 47.02 -37.59 -10.68
CA TYR D 66 48.33 -37.34 -11.29
C TYR D 66 48.86 -38.66 -11.78
N LEU D 67 48.52 -39.76 -11.10
CA LEU D 67 48.98 -41.08 -11.52
C LEU D 67 48.41 -41.48 -12.88
N GLU D 68 47.22 -41.01 -13.21
CA GLU D 68 46.59 -41.29 -14.49
C GLU D 68 47.01 -40.33 -15.60
N GLY D 69 47.73 -39.25 -15.26
CA GLY D 69 48.22 -38.31 -16.25
C GLY D 69 47.60 -36.93 -16.17
N CYS D 70 46.77 -36.65 -15.18
CA CYS D 70 46.14 -35.35 -15.07
C CYS D 70 47.10 -34.32 -14.49
N ASN D 71 46.83 -33.06 -14.80
CA ASN D 71 47.57 -31.93 -14.26
C ASN D 71 46.79 -31.31 -13.11
N PHE D 72 47.26 -30.16 -12.63
CA PHE D 72 46.61 -29.49 -11.50
C PHE D 72 45.17 -29.11 -11.83
N PHE D 73 44.90 -28.70 -13.06
CA PHE D 73 43.55 -28.25 -13.41
C PHE D 73 42.58 -29.42 -13.52
N THR D 74 43.02 -30.53 -14.12
CA THR D 74 42.12 -31.64 -14.42
C THR D 74 42.07 -32.70 -13.33
N ALA D 75 42.92 -32.62 -12.32
CA ALA D 75 42.87 -33.58 -11.22
C ALA D 75 41.84 -33.14 -10.19
N ALA D 76 41.08 -34.11 -9.68
CA ALA D 76 40.01 -33.80 -8.74
C ALA D 76 39.73 -35.02 -7.87
N VAL D 77 39.16 -34.75 -6.70
CA VAL D 77 38.58 -35.79 -5.86
C VAL D 77 37.10 -35.85 -6.23
N SER D 78 36.75 -36.81 -7.08
CA SER D 78 35.41 -36.86 -7.64
C SER D 78 34.40 -37.37 -6.62
N THR D 79 33.15 -36.98 -6.83
CA THR D 79 32.07 -37.36 -5.94
C THR D 79 31.77 -38.86 -6.07
N PRO D 80 31.16 -39.46 -5.06
CA PRO D 80 30.85 -40.90 -5.11
C PRO D 80 29.93 -41.25 -6.26
N ALA D 81 29.84 -42.56 -6.52
CA ALA D 81 28.99 -43.06 -7.58
C ALA D 81 27.52 -42.83 -7.26
N ASN D 82 26.72 -42.62 -8.31
CA ASN D 82 25.29 -42.42 -8.15
C ASN D 82 24.59 -43.65 -7.60
N SER D 83 25.28 -44.78 -7.53
CA SER D 83 24.68 -45.98 -6.90
C SER D 83 24.74 -45.87 -5.37
N MET D 84 25.57 -44.98 -4.82
CA MET D 84 25.76 -44.91 -3.35
C MET D 84 24.64 -44.12 -2.67
N GLY D 85 23.92 -43.27 -3.40
CA GLY D 85 22.87 -42.44 -2.76
C GLY D 85 23.51 -41.40 -1.85
N HIS D 86 22.84 -41.06 -0.75
CA HIS D 86 23.40 -40.10 0.23
C HIS D 86 24.04 -40.87 1.39
N SER D 87 24.85 -41.88 1.08
CA SER D 87 25.48 -42.71 2.14
C SER D 87 26.66 -41.99 2.78
N LEU D 88 26.81 -42.07 4.10
CA LEU D 88 27.99 -41.50 4.75
C LEU D 88 29.28 -42.08 4.20
N LEU D 89 29.22 -43.27 3.59
CA LEU D 89 30.37 -43.94 2.98
C LEU D 89 31.51 -44.11 3.98
N LEU D 90 31.16 -44.55 5.17
CA LEU D 90 32.16 -44.87 6.17
C LEU D 90 33.05 -46.00 5.66
N LEU D 91 34.33 -45.93 6.00
CA LEU D 91 35.29 -46.96 5.58
C LEU D 91 34.84 -48.34 6.07
N TRP D 92 34.27 -48.41 7.27
CA TRP D 92 33.72 -49.63 7.81
C TRP D 92 32.27 -49.86 7.41
N GLY D 93 31.70 -48.96 6.60
CA GLY D 93 30.30 -49.05 6.23
C GLY D 93 30.02 -50.22 5.30
N PRO D 94 28.72 -50.52 5.10
CA PRO D 94 28.37 -51.70 4.29
C PRO D 94 28.80 -51.60 2.83
N GLU D 95 29.04 -50.39 2.31
CA GLU D 95 29.47 -50.26 0.93
C GLU D 95 30.91 -50.73 0.76
N ALA D 96 31.80 -50.32 1.66
CA ALA D 96 33.22 -50.66 1.59
C ALA D 96 33.59 -51.86 2.45
N GLN D 97 32.97 -51.99 3.62
CA GLN D 97 33.20 -53.12 4.55
C GLN D 97 34.67 -53.24 4.94
N GLY D 98 35.31 -52.09 5.16
CA GLY D 98 36.68 -52.06 5.64
C GLY D 98 37.75 -52.13 4.57
N ASP D 99 37.37 -52.33 3.31
CA ASP D 99 38.35 -52.43 2.23
C ASP D 99 38.70 -51.03 1.76
N PHE D 100 39.97 -50.64 1.96
CA PHE D 100 40.41 -49.30 1.59
C PHE D 100 40.36 -49.08 0.07
N THR D 101 40.75 -50.10 -0.70
CA THR D 101 40.78 -49.97 -2.15
C THR D 101 39.38 -49.77 -2.72
N ARG D 102 38.42 -50.58 -2.28
CA ARG D 102 37.04 -50.42 -2.75
C ARG D 102 36.44 -49.11 -2.25
N TRP D 103 36.81 -48.69 -1.04
CA TRP D 103 36.34 -47.41 -0.52
C TRP D 103 36.83 -46.25 -1.37
N CYS D 104 38.09 -46.30 -1.81
CA CYS D 104 38.60 -45.25 -2.69
C CYS D 104 37.98 -45.33 -4.08
N GLN D 105 37.71 -46.55 -4.56
CA GLN D 105 37.15 -46.71 -5.91
C GLN D 105 35.71 -46.22 -5.99
N ILE D 106 34.93 -46.36 -4.91
CA ILE D 106 33.54 -45.94 -4.92
C ILE D 106 33.36 -44.47 -4.60
N GLY D 107 34.45 -43.72 -4.43
CA GLY D 107 34.34 -42.31 -4.11
C GLY D 107 34.22 -41.98 -2.65
N GLY D 108 34.52 -42.92 -1.76
CA GLY D 108 34.43 -42.66 -0.34
C GLY D 108 35.42 -41.61 0.16
N LEU D 109 36.51 -41.38 -0.57
CA LEU D 109 37.44 -40.34 -0.19
C LEU D 109 36.83 -38.96 -0.32
N TRP D 110 35.90 -38.77 -1.27
CA TRP D 110 35.19 -37.50 -1.35
C TRP D 110 34.36 -37.26 -0.10
N ALA D 111 33.66 -38.30 0.38
CA ALA D 111 32.88 -38.15 1.60
C ALA D 111 33.78 -37.90 2.80
N PHE D 112 34.93 -38.58 2.84
CA PHE D 112 35.93 -38.33 3.89
C PHE D 112 36.34 -36.87 3.91
N CYS D 113 36.74 -36.35 2.75
CA CYS D 113 37.18 -34.95 2.66
C CYS D 113 36.05 -33.99 3.02
N ALA D 114 34.84 -34.24 2.51
CA ALA D 114 33.73 -33.33 2.74
C ALA D 114 33.35 -33.27 4.21
N LEU D 115 33.24 -34.44 4.86
CA LEU D 115 32.82 -34.46 6.26
C LEU D 115 33.90 -33.88 7.16
N HIS D 116 35.15 -34.34 7.00
CA HIS D 116 36.21 -33.81 7.85
C HIS D 116 36.47 -32.33 7.56
N GLY D 117 36.19 -31.86 6.35
CA GLY D 117 36.32 -30.45 6.04
C GLY D 117 35.20 -29.60 6.61
N SER D 118 33.98 -30.12 6.63
CA SER D 118 32.90 -29.42 7.32
C SER D 118 33.20 -29.28 8.81
N PHE D 119 33.68 -30.36 9.42
CA PHE D 119 34.05 -30.27 10.82
C PHE D 119 35.28 -29.38 11.03
N GLY D 120 36.18 -29.31 10.05
CA GLY D 120 37.28 -28.37 10.12
C GLY D 120 36.84 -26.92 10.03
N LEU D 121 35.84 -26.65 9.19
CA LEU D 121 35.27 -25.30 9.13
C LEU D 121 34.60 -24.93 10.45
N ILE D 122 33.88 -25.88 11.05
CA ILE D 122 33.29 -25.65 12.36
C ILE D 122 34.39 -25.38 13.40
N GLY D 123 35.47 -26.15 13.34
CA GLY D 123 36.57 -25.95 14.26
C GLY D 123 37.26 -24.61 14.07
N PHE D 124 37.39 -24.16 12.83
CA PHE D 124 38.01 -22.87 12.57
C PHE D 124 37.11 -21.72 13.03
N CYS D 125 35.80 -21.87 12.87
CA CYS D 125 34.87 -20.87 13.39
C CYS D 125 34.96 -20.80 14.92
N LEU D 126 35.01 -21.96 15.58
CA LEU D 126 35.21 -22.00 17.01
C LEU D 126 36.55 -21.42 17.42
N ARG D 127 37.58 -21.61 16.59
CA ARG D 127 38.88 -21.02 16.85
C ARG D 127 38.82 -19.50 16.80
N GLN D 128 38.11 -18.96 15.81
CA GLN D 128 37.92 -17.51 15.75
C GLN D 128 37.19 -17.01 16.98
N PHE D 129 36.13 -17.71 17.39
CA PHE D 129 35.41 -17.33 18.61
C PHE D 129 36.32 -17.35 19.83
N GLU D 130 37.13 -18.40 19.97
CA GLU D 130 37.97 -18.56 21.16
C GLU D 130 39.07 -17.51 21.19
N ILE D 131 39.70 -17.23 20.06
CA ILE D 131 40.76 -16.23 20.03
C ILE D 131 40.19 -14.84 20.25
N ALA D 132 38.99 -14.57 19.72
CA ALA D 132 38.34 -13.29 20.00
C ALA D 132 38.02 -13.15 21.49
N ARG D 133 37.57 -14.22 22.12
CA ARG D 133 37.27 -14.18 23.55
C ARG D 133 38.53 -13.96 24.38
N LEU D 134 39.65 -14.45 23.88
CA LEU D 134 40.94 -14.28 24.53
C LEU D 134 41.50 -12.86 24.46
N VAL D 135 41.58 -12.32 23.25
CA VAL D 135 42.14 -10.97 22.94
C VAL D 135 41.21 -9.88 23.49
N GLY D 136 39.96 -10.21 23.76
CA GLY D 136 39.00 -9.23 24.31
C GLY D 136 38.31 -8.37 23.29
N ILE D 137 38.10 -8.87 22.07
CA ILE D 137 37.50 -8.07 20.97
C ILE D 137 36.14 -8.68 20.62
N ARG D 138 35.27 -7.89 20.01
CA ARG D 138 33.97 -8.41 19.58
C ARG D 138 34.21 -9.46 18.50
N PRO D 139 33.42 -10.53 18.48
CA PRO D 139 33.59 -11.66 17.55
C PRO D 139 32.92 -11.42 16.19
N TYR D 140 33.37 -10.37 15.49
CA TYR D 140 32.85 -10.14 14.15
C TYR D 140 33.53 -11.02 13.10
N ASN D 141 34.67 -11.61 13.45
CA ASN D 141 35.08 -12.84 12.78
C ASN D 141 34.29 -14.00 13.36
N ALA D 142 34.22 -15.09 12.58
CA ALA D 142 33.39 -16.27 12.84
C ALA D 142 31.91 -15.95 12.60
N ILE D 143 31.61 -14.68 12.36
CA ILE D 143 30.34 -14.27 11.78
C ILE D 143 30.52 -13.88 10.31
N ALA D 144 31.66 -13.27 9.97
CA ALA D 144 32.05 -13.14 8.58
C ALA D 144 32.31 -14.51 7.96
N PHE D 145 32.98 -15.40 8.71
CA PHE D 145 33.26 -16.75 8.23
C PHE D 145 31.99 -17.58 8.08
N SER D 146 30.88 -17.14 8.70
CA SER D 146 29.60 -17.81 8.49
C SER D 146 29.19 -17.76 7.02
N GLY D 147 29.67 -16.76 6.28
CA GLY D 147 29.46 -16.70 4.85
C GLY D 147 30.03 -17.89 4.11
N PRO D 148 31.36 -18.08 4.20
CA PRO D 148 31.96 -19.29 3.62
C PRO D 148 31.40 -20.59 4.18
N ILE D 149 31.05 -20.62 5.47
CA ILE D 149 30.45 -21.82 6.04
C ILE D 149 29.12 -22.12 5.37
N ALA D 150 28.28 -21.09 5.17
CA ALA D 150 27.00 -21.28 4.48
C ALA D 150 27.21 -21.68 3.03
N ILE D 151 28.21 -21.11 2.37
CA ILE D 151 28.52 -21.50 0.99
C ILE D 151 28.84 -22.98 0.93
N PHE D 152 29.74 -23.44 1.80
CA PHE D 152 30.13 -24.84 1.79
C PHE D 152 28.97 -25.76 2.13
N VAL D 153 28.17 -25.39 3.14
CA VAL D 153 27.06 -26.22 3.57
C VAL D 153 26.00 -26.32 2.46
N SER D 154 25.67 -25.20 1.84
CA SER D 154 24.64 -25.20 0.80
C SER D 154 25.11 -25.93 -0.45
N VAL D 155 26.35 -25.72 -0.87
CA VAL D 155 26.82 -26.24 -2.15
C VAL D 155 27.27 -27.69 -2.05
N PHE D 156 28.09 -28.02 -1.06
CA PHE D 156 28.69 -29.34 -0.98
C PHE D 156 27.87 -30.32 -0.14
N LEU D 157 26.97 -29.84 0.71
CA LEU D 157 26.17 -30.71 1.55
C LEU D 157 24.69 -30.65 1.22
N MET D 158 24.07 -29.46 1.25
CA MET D 158 22.62 -29.38 1.11
C MET D 158 22.17 -29.69 -0.32
N TYR D 159 22.92 -29.21 -1.32
CA TYR D 159 22.54 -29.47 -2.70
C TYR D 159 22.56 -30.96 -3.06
N PRO D 160 23.62 -31.73 -2.80
CA PRO D 160 23.53 -33.17 -3.09
C PRO D 160 22.49 -33.89 -2.24
N LEU D 161 22.27 -33.45 -1.01
CA LEU D 161 21.25 -34.08 -0.17
C LEU D 161 19.85 -33.86 -0.76
N GLY D 162 19.61 -32.69 -1.34
CA GLY D 162 18.35 -32.48 -2.03
C GLY D 162 18.26 -33.19 -3.37
N GLN D 163 19.39 -33.54 -3.97
CA GLN D 163 19.41 -34.22 -5.25
C GLN D 163 19.38 -35.73 -5.03
N ALA D 164 19.68 -36.49 -6.09
CA ALA D 164 19.59 -37.95 -6.01
C ALA D 164 20.63 -38.55 -5.07
N SER D 165 21.85 -38.02 -5.10
CA SER D 165 22.94 -38.62 -4.35
C SER D 165 24.08 -37.60 -4.21
N TRP D 166 25.19 -38.06 -3.64
CA TRP D 166 26.40 -37.24 -3.56
C TRP D 166 27.03 -37.01 -4.94
N PHE D 167 26.61 -37.78 -5.95
CA PHE D 167 27.20 -37.69 -7.28
C PHE D 167 27.10 -36.28 -7.86
N PHE D 168 26.00 -35.59 -7.60
CA PHE D 168 25.74 -34.28 -8.19
C PHE D 168 26.32 -33.14 -7.37
N ALA D 169 27.04 -33.45 -6.29
CA ALA D 169 27.80 -32.44 -5.58
C ALA D 169 29.02 -32.03 -6.41
N PRO D 170 29.60 -30.88 -6.12
CA PRO D 170 30.84 -30.51 -6.82
C PRO D 170 31.99 -31.41 -6.41
N SER D 171 32.75 -31.86 -7.41
CA SER D 171 33.97 -32.60 -7.14
C SER D 171 35.10 -31.62 -6.83
N LEU D 172 36.02 -32.06 -5.96
CA LEU D 172 37.04 -31.18 -5.42
C LEU D 172 38.19 -31.05 -6.42
N GLY D 173 37.96 -30.21 -7.44
CA GLY D 173 38.96 -29.95 -8.45
C GLY D 173 38.62 -28.72 -9.26
N VAL D 174 39.63 -28.22 -9.97
CA VAL D 174 39.47 -26.99 -10.74
C VAL D 174 38.52 -27.22 -11.92
N ALA D 175 38.89 -28.13 -12.82
CA ALA D 175 38.03 -28.45 -13.95
C ALA D 175 36.72 -29.07 -13.48
N ALA D 176 36.74 -29.78 -12.35
CA ALA D 176 35.50 -30.29 -11.77
C ALA D 176 34.58 -29.16 -11.32
N ILE D 177 35.15 -28.11 -10.73
CA ILE D 177 34.35 -26.96 -10.33
C ILE D 177 33.79 -26.24 -11.56
N PHE D 178 34.60 -26.11 -12.62
CA PHE D 178 34.10 -25.50 -13.85
C PHE D 178 32.96 -26.32 -14.46
N ARG D 179 33.11 -27.65 -14.44
CA ARG D 179 32.03 -28.53 -14.90
C ARG D 179 30.78 -28.34 -14.06
N PHE D 180 30.94 -28.21 -12.74
CA PHE D 180 29.80 -27.98 -11.87
C PHE D 180 29.10 -26.68 -12.22
N LEU D 181 29.87 -25.62 -12.48
CA LEU D 181 29.29 -24.34 -12.89
C LEU D 181 28.46 -24.51 -14.16
N LEU D 182 29.03 -25.13 -15.19
CA LEU D 182 28.30 -25.26 -16.45
C LEU D 182 27.11 -26.21 -16.33
N PHE D 183 27.25 -27.27 -15.52
CA PHE D 183 26.16 -28.21 -15.30
C PHE D 183 24.98 -27.53 -14.60
N ILE D 184 25.26 -26.73 -13.57
CA ILE D 184 24.20 -26.03 -12.87
C ILE D 184 23.55 -24.99 -13.78
N GLN D 185 24.36 -24.30 -14.60
CA GLN D 185 23.78 -23.36 -15.56
C GLN D 185 22.86 -24.07 -16.55
N GLY D 186 23.29 -25.22 -17.06
CA GLY D 186 22.48 -25.93 -18.03
C GLY D 186 21.19 -26.49 -17.45
N PHE D 187 21.27 -27.07 -16.25
CA PHE D 187 20.12 -27.78 -15.69
C PHE D 187 19.24 -26.92 -14.79
N HIS D 188 19.69 -25.75 -14.38
CA HIS D 188 18.93 -24.90 -13.48
C HIS D 188 18.77 -23.47 -13.95
N ASN D 189 19.56 -23.01 -14.93
CA ASN D 189 19.60 -21.60 -15.34
C ASN D 189 19.87 -20.70 -14.12
N PHE D 190 20.96 -21.01 -13.42
CA PHE D 190 21.27 -20.36 -12.15
C PHE D 190 21.61 -18.88 -12.30
N THR D 191 22.05 -18.46 -13.50
CA THR D 191 22.27 -17.04 -13.72
C THR D 191 20.97 -16.25 -13.62
N LEU D 192 19.86 -16.86 -14.05
CA LEU D 192 18.56 -16.21 -13.95
C LEU D 192 18.02 -16.17 -12.53
N ASN D 193 18.63 -16.89 -11.60
CA ASN D 193 18.15 -16.93 -10.22
C ASN D 193 18.42 -15.59 -9.54
N PRO D 194 17.40 -14.93 -8.97
CA PRO D 194 17.64 -13.63 -8.32
C PRO D 194 18.56 -13.70 -7.12
N PHE D 195 18.54 -14.80 -6.37
CA PHE D 195 19.44 -14.93 -5.22
C PHE D 195 20.89 -15.02 -5.68
N HIS D 196 21.15 -15.72 -6.78
CA HIS D 196 22.49 -15.72 -7.36
C HIS D 196 22.87 -14.34 -7.85
N MET D 197 21.91 -13.57 -8.37
CA MET D 197 22.18 -12.19 -8.77
C MET D 197 22.59 -11.34 -7.58
N MET D 198 21.90 -11.51 -6.45
CA MET D 198 22.29 -10.79 -5.24
C MET D 198 23.66 -11.22 -4.76
N GLY D 199 23.98 -12.52 -4.89
CA GLY D 199 25.31 -12.97 -4.54
C GLY D 199 26.40 -12.37 -5.42
N VAL D 200 26.15 -12.31 -6.73
CA VAL D 200 27.10 -11.69 -7.65
C VAL D 200 27.28 -10.21 -7.31
N ALA D 201 26.17 -9.53 -7.02
CA ALA D 201 26.24 -8.13 -6.62
C ALA D 201 27.05 -7.97 -5.34
N GLY D 202 26.86 -8.86 -4.37
CA GLY D 202 27.62 -8.77 -3.14
C GLY D 202 29.10 -8.98 -3.34
N ILE D 203 29.48 -9.98 -4.14
CA ILE D 203 30.89 -10.27 -4.36
C ILE D 203 31.56 -9.13 -5.13
N LEU D 204 30.92 -8.67 -6.21
CA LEU D 204 31.50 -7.59 -7.00
C LEU D 204 31.56 -6.29 -6.21
N GLY D 205 30.53 -6.00 -5.40
CA GLY D 205 30.56 -4.84 -4.55
C GLY D 205 31.61 -4.91 -3.46
N ALA D 206 31.85 -6.12 -2.94
CA ALA D 206 32.91 -6.29 -1.95
C ALA D 206 34.30 -6.05 -2.57
N ALA D 207 34.51 -6.57 -3.79
CA ALA D 207 35.76 -6.29 -4.49
C ALA D 207 35.90 -4.80 -4.78
N LEU D 208 34.81 -4.15 -5.19
CA LEU D 208 34.81 -2.72 -5.42
C LEU D 208 35.16 -1.96 -4.15
N LEU D 209 34.55 -2.35 -3.03
CA LEU D 209 34.81 -1.69 -1.75
C LEU D 209 36.26 -1.86 -1.33
N CYS D 210 36.80 -3.08 -1.49
CA CYS D 210 38.20 -3.32 -1.13
C CYS D 210 39.12 -2.43 -1.95
N ALA D 211 38.96 -2.42 -3.28
CA ALA D 211 39.83 -1.62 -4.13
C ALA D 211 39.67 -0.13 -3.84
N ILE D 212 38.43 0.35 -3.74
CA ILE D 212 38.19 1.78 -3.58
C ILE D 212 38.65 2.25 -2.21
N HIS D 213 38.48 1.43 -1.17
CA HIS D 213 38.92 1.80 0.16
C HIS D 213 40.44 1.82 0.25
N GLY D 214 41.10 0.83 -0.35
CA GLY D 214 42.55 0.83 -0.37
C GLY D 214 43.11 2.04 -1.10
N ALA D 215 42.56 2.33 -2.29
CA ALA D 215 43.03 3.50 -3.04
C ALA D 215 42.74 4.79 -2.30
N THR D 216 41.56 4.90 -1.68
CA THR D 216 41.19 6.11 -0.96
C THR D 216 42.10 6.35 0.24
N VAL D 217 42.40 5.29 1.00
CA VAL D 217 43.30 5.44 2.14
C VAL D 217 44.71 5.77 1.67
N GLN D 218 45.20 5.08 0.63
CA GLN D 218 46.55 5.34 0.15
C GLN D 218 46.70 6.74 -0.43
N ASN D 219 45.62 7.30 -0.98
CA ASN D 219 45.68 8.61 -1.62
C ASN D 219 45.24 9.75 -0.72
N THR D 220 44.90 9.48 0.54
CA THR D 220 44.53 10.52 1.49
C THR D 220 45.41 10.49 2.74
N ILE D 221 46.58 9.86 2.67
CA ILE D 221 47.46 9.78 3.82
C ILE D 221 47.99 11.16 4.19
N PHE D 222 48.26 11.36 5.48
CA PHE D 222 48.95 12.55 5.93
C PHE D 222 50.44 12.44 5.63
N GLU D 223 51.06 13.59 5.33
CA GLU D 223 52.50 13.64 5.09
C GLU D 223 53.22 13.58 6.43
N ASP D 224 53.39 12.35 6.93
CA ASP D 224 54.02 12.10 8.21
C ASP D 224 55.48 11.68 8.08
N GLY D 225 56.07 11.83 6.89
CA GLY D 225 57.46 11.47 6.70
C GLY D 225 58.07 12.27 5.57
N ASP D 226 59.40 12.38 5.61
CA ASP D 226 60.14 13.10 4.60
C ASP D 226 60.53 12.24 3.41
N ALA D 227 60.30 10.93 3.48
CA ALA D 227 60.66 10.02 2.40
C ALA D 227 59.54 9.98 1.36
N ALA D 228 59.95 9.81 0.10
CA ALA D 228 58.96 9.70 -0.98
C ALA D 228 58.12 8.43 -0.81
N ASN D 229 58.74 7.33 -0.43
N ASN D 229 58.75 7.36 -0.37
CA ASN D 229 57.99 6.13 -0.08
CA ASN D 229 58.01 6.14 -0.07
C ASN D 229 57.39 6.32 1.31
C ASN D 229 57.35 6.51 1.26
N THR D 230 56.06 6.22 1.39
CA THR D 230 55.32 6.64 2.58
C THR D 230 54.93 5.47 3.49
N PHE D 231 55.44 4.27 3.23
CA PHE D 231 55.10 3.15 4.10
C PHE D 231 55.82 3.24 5.44
N ARG D 232 56.97 3.92 5.48
CA ARG D 232 57.72 4.07 6.73
C ARG D 232 57.09 5.09 7.67
N ALA D 233 56.22 5.96 7.17
CA ALA D 233 55.66 7.03 7.98
C ALA D 233 54.64 6.54 9.00
N PHE D 234 54.21 5.28 8.93
CA PHE D 234 53.25 4.73 9.87
C PHE D 234 53.94 3.86 10.90
N THR D 235 53.47 3.93 12.14
CA THR D 235 53.93 3.09 13.26
C THR D 235 52.66 2.61 13.95
N PRO D 236 52.61 1.33 14.37
CA PRO D 236 51.38 0.80 15.00
C PRO D 236 50.96 1.53 16.26
N THR D 237 51.91 2.04 17.05
CA THR D 237 51.59 2.76 18.28
C THR D 237 51.30 4.24 17.98
N GLN D 238 50.25 4.46 17.19
CA GLN D 238 49.83 5.79 16.79
C GLN D 238 48.47 6.11 17.39
N ALA D 239 48.36 7.27 18.04
CA ALA D 239 47.09 7.79 18.51
C ALA D 239 46.41 8.68 17.49
N GLU D 240 47.04 8.93 16.35
CA GLU D 240 46.50 9.76 15.29
C GLU D 240 46.20 8.93 14.06
N GLU D 241 45.15 9.32 13.34
CA GLU D 241 44.81 8.64 12.10
C GLU D 241 45.86 8.90 11.04
N THR D 242 46.17 7.86 10.25
CA THR D 242 47.22 7.95 9.25
C THR D 242 46.74 8.55 7.93
N TYR D 243 45.43 8.69 7.74
CA TYR D 243 44.91 9.28 6.52
C TYR D 243 43.77 10.23 6.87
N SER D 244 43.52 11.18 5.97
CA SER D 244 42.53 12.23 6.20
C SER D 244 41.15 11.73 5.78
N MET D 245 40.28 11.53 6.77
CA MET D 245 38.90 11.14 6.47
C MET D 245 38.11 12.29 5.87
N VAL D 246 38.42 13.53 6.28
CA VAL D 246 37.70 14.69 5.76
C VAL D 246 38.00 14.89 4.28
N THR D 247 39.26 14.78 3.89
CA THR D 247 39.64 14.94 2.48
C THR D 247 38.99 13.85 1.63
N ALA D 248 39.00 12.61 2.12
CA ALA D 248 38.37 11.51 1.39
C ALA D 248 36.88 11.72 1.25
N ASN D 249 36.22 12.16 2.33
CA ASN D 249 34.79 12.42 2.27
C ASN D 249 34.47 13.52 1.29
N ARG D 250 35.25 14.60 1.28
CA ARG D 250 35.04 15.68 0.33
C ARG D 250 35.22 15.20 -1.10
N PHE D 251 36.28 14.42 -1.34
CA PHE D 251 36.57 13.90 -2.67
C PHE D 251 35.43 13.04 -3.19
N TRP D 252 34.98 12.08 -2.39
CA TRP D 252 33.94 11.18 -2.86
C TRP D 252 32.56 11.82 -2.86
N SER D 253 32.35 12.85 -2.04
CA SER D 253 31.06 13.55 -2.07
C SER D 253 30.94 14.48 -3.26
N GLN D 254 32.05 15.07 -3.74
CA GLN D 254 31.96 15.90 -4.93
C GLN D 254 32.31 15.16 -6.21
N ILE D 255 32.77 13.90 -6.13
CA ILE D 255 33.02 13.09 -7.31
C ILE D 255 31.87 12.13 -7.58
N PHE D 256 31.42 11.41 -6.56
CA PHE D 256 30.35 10.41 -6.72
C PHE D 256 29.00 10.92 -6.27
N GLY D 257 28.94 12.01 -5.51
CA GLY D 257 27.71 12.54 -4.99
C GLY D 257 27.40 12.12 -3.56
N VAL D 258 28.03 11.04 -3.09
CA VAL D 258 27.83 10.56 -1.72
C VAL D 258 29.15 9.98 -1.24
N ALA D 259 29.37 10.05 0.07
CA ALA D 259 30.63 9.59 0.64
C ALA D 259 30.41 9.14 2.07
N PHE D 260 31.28 8.24 2.52
CA PHE D 260 31.28 7.83 3.92
C PHE D 260 31.79 8.97 4.80
N SER D 261 31.13 9.15 5.94
CA SER D 261 31.62 10.07 6.97
C SER D 261 31.97 9.37 8.26
N ASN D 262 31.54 8.13 8.47
CA ASN D 262 31.84 7.35 9.66
C ASN D 262 32.71 6.17 9.25
N LYS D 263 33.89 6.06 9.87
CA LYS D 263 34.79 4.95 9.58
C LYS D 263 34.19 3.62 10.02
N ARG D 264 33.56 3.63 11.19
CA ARG D 264 32.96 2.39 11.71
C ARG D 264 31.92 1.89 10.69
N TRP D 265 30.99 2.76 10.28
CA TRP D 265 29.97 2.36 9.33
C TRP D 265 30.58 1.88 8.02
N LEU D 266 31.66 2.53 7.57
CA LEU D 266 32.33 2.11 6.34
C LEU D 266 32.88 0.68 6.47
N HIS D 267 33.54 0.38 7.59
CA HIS D 267 34.12 -0.94 7.76
C HIS D 267 33.03 -1.99 8.00
N PHE D 268 31.96 -1.64 8.70
CA PHE D 268 30.84 -2.57 8.83
C PHE D 268 30.19 -2.85 7.49
N PHE D 269 30.10 -1.84 6.63
CA PHE D 269 29.54 -2.05 5.29
C PHE D 269 30.44 -2.94 4.44
N MET D 270 31.76 -2.72 4.50
CA MET D 270 32.70 -3.58 3.81
C MET D 270 32.63 -5.01 4.34
N LEU D 271 32.27 -5.18 5.61
CA LEU D 271 32.02 -6.52 6.12
C LEU D 271 30.68 -7.07 5.61
N PHE D 272 29.66 -6.21 5.57
CA PHE D 272 28.29 -6.69 5.38
C PHE D 272 28.04 -7.12 3.95
N VAL D 273 28.60 -6.41 2.97
CA VAL D 273 28.28 -6.68 1.57
C VAL D 273 28.65 -8.10 1.13
N PRO D 274 29.89 -8.58 1.31
CA PRO D 274 30.18 -9.96 0.90
C PRO D 274 29.41 -11.01 1.69
N LEU D 275 29.19 -10.77 2.98
CA LEU D 275 28.44 -11.71 3.81
C LEU D 275 27.01 -11.85 3.33
N ALA D 276 26.35 -10.71 3.08
CA ALA D 276 24.99 -10.73 2.57
C ALA D 276 24.92 -11.39 1.19
N GLY D 277 25.88 -11.10 0.32
CA GLY D 277 25.91 -11.75 -0.98
C GLY D 277 26.04 -13.25 -0.87
N LEU D 278 26.96 -13.72 -0.02
CA LEU D 278 27.14 -15.15 0.16
C LEU D 278 25.91 -15.82 0.73
N TRP D 279 25.24 -15.18 1.69
CA TRP D 279 24.04 -15.78 2.27
C TRP D 279 22.90 -15.82 1.27
N THR D 280 22.75 -14.78 0.44
CA THR D 280 21.73 -14.82 -0.60
C THR D 280 22.02 -15.92 -1.62
N SER D 281 23.28 -16.06 -2.03
CA SER D 281 23.64 -17.13 -2.95
C SER D 281 23.39 -18.49 -2.32
N ALA D 282 23.63 -18.61 -1.01
CA ALA D 282 23.35 -19.87 -0.32
C ALA D 282 21.86 -20.17 -0.33
N ILE D 283 21.02 -19.16 -0.15
CA ILE D 283 19.57 -19.35 -0.26
C ILE D 283 19.21 -19.83 -1.65
N GLY D 284 19.82 -19.24 -2.68
CA GLY D 284 19.55 -19.67 -4.05
C GLY D 284 19.96 -21.11 -4.31
N ILE D 285 21.12 -21.51 -3.78
CA ILE D 285 21.57 -22.89 -3.97
C ILE D 285 20.70 -23.87 -3.20
N VAL D 286 20.23 -23.48 -2.00
CA VAL D 286 19.29 -24.31 -1.27
C VAL D 286 18.00 -24.47 -2.08
N GLY D 287 17.55 -23.40 -2.73
CA GLY D 287 16.41 -23.53 -3.63
C GLY D 287 16.68 -24.46 -4.79
N LEU D 288 17.91 -24.41 -5.34
CA LEU D 288 18.28 -25.31 -6.43
C LEU D 288 18.32 -26.76 -5.97
N ALA D 289 18.59 -26.99 -4.69
CA ALA D 289 18.75 -28.35 -4.18
C ALA D 289 17.51 -29.21 -4.41
N LEU D 290 16.32 -28.59 -4.47
CA LEU D 290 15.07 -29.30 -4.69
C LEU D 290 14.52 -29.07 -6.09
N ASN D 291 15.36 -28.62 -7.02
CA ASN D 291 14.97 -28.23 -8.38
C ASN D 291 13.92 -27.12 -8.37
N LEU D 292 13.85 -26.34 -7.29
CA LEU D 292 12.94 -25.20 -7.20
C LEU D 292 13.69 -23.98 -7.73
N ARG D 293 13.76 -23.89 -9.04
CA ARG D 293 14.63 -22.95 -9.74
C ARG D 293 13.82 -21.91 -10.49
N ALA D 294 14.38 -20.70 -10.58
CA ALA D 294 13.84 -19.65 -11.44
C ALA D 294 14.35 -19.86 -12.88
N TYR D 295 13.97 -21.01 -13.44
CA TYR D 295 14.52 -21.42 -14.73
C TYR D 295 13.94 -20.57 -15.87
N ASP D 296 12.64 -20.34 -15.87
CA ASP D 296 11.97 -19.77 -17.02
C ASP D 296 10.92 -18.75 -16.58
N PHE D 297 10.61 -17.83 -17.49
CA PHE D 297 9.48 -16.92 -17.34
C PHE D 297 8.33 -17.47 -18.17
N VAL D 298 7.19 -17.73 -17.50
CA VAL D 298 6.06 -18.38 -18.17
C VAL D 298 5.50 -17.50 -19.28
N SER D 299 5.41 -16.18 -19.03
CA SER D 299 4.88 -15.27 -20.04
C SER D 299 5.74 -15.26 -21.29
N GLN D 300 7.06 -15.23 -21.11
CA GLN D 300 7.97 -15.24 -22.26
C GLN D 300 7.88 -16.54 -23.04
N GLU D 301 7.78 -17.67 -22.35
CA GLU D 301 7.62 -18.96 -23.02
C GLU D 301 6.32 -19.01 -23.81
N LEU D 302 5.23 -18.52 -23.22
CA LEU D 302 3.95 -18.49 -23.92
C LEU D 302 4.00 -17.58 -25.13
N ARG D 303 4.66 -16.42 -25.00
CA ARG D 303 4.81 -15.51 -26.13
C ARG D 303 5.63 -16.14 -27.25
N ALA D 304 6.71 -16.85 -26.90
CA ALA D 304 7.53 -17.49 -27.92
C ALA D 304 6.83 -18.68 -28.56
N ALA D 305 5.95 -19.35 -27.82
CA ALA D 305 5.26 -20.51 -28.38
C ALA D 305 4.25 -20.10 -29.44
N GLU D 306 3.53 -19.00 -29.22
CA GLU D 306 2.51 -18.52 -30.13
C GLU D 306 3.04 -17.49 -31.12
N ASP D 307 4.34 -17.20 -31.11
CA ASP D 307 4.93 -16.22 -32.03
C ASP D 307 6.34 -16.67 -32.35
N PRO D 308 6.52 -17.36 -33.49
CA PRO D 308 7.87 -17.81 -33.87
C PRO D 308 8.84 -16.69 -34.16
N GLU D 309 8.36 -15.48 -34.46
CA GLU D 309 9.21 -14.33 -34.72
C GLU D 309 9.60 -13.58 -33.45
N PHE D 310 9.12 -14.02 -32.30
CA PHE D 310 9.47 -13.39 -31.02
C PHE D 310 10.71 -14.08 -30.46
N GLU D 311 11.79 -13.32 -30.31
CA GLU D 311 13.01 -13.85 -29.74
C GLU D 311 13.67 -12.79 -28.86
N THR D 312 14.07 -13.20 -27.66
CA THR D 312 14.85 -12.37 -26.74
C THR D 312 16.08 -13.16 -26.33
N PHE D 313 17.01 -12.47 -25.67
CA PHE D 313 18.22 -13.15 -25.18
C PHE D 313 17.90 -14.21 -24.14
N TYR D 314 16.78 -14.08 -23.43
CA TYR D 314 16.36 -15.12 -22.49
C TYR D 314 16.03 -16.42 -23.22
N THR D 315 15.34 -16.34 -24.36
CA THR D 315 15.05 -17.54 -25.13
C THR D 315 16.32 -18.18 -25.69
N LYS D 316 17.27 -17.35 -26.11
CA LYS D 316 18.56 -17.86 -26.54
C LYS D 316 19.29 -18.55 -25.40
N ASN D 317 19.19 -18.01 -24.18
CA ASN D 317 19.76 -18.66 -23.02
C ASN D 317 19.09 -19.99 -22.74
N ILE D 318 17.77 -20.06 -22.91
CA ILE D 318 17.05 -21.32 -22.74
C ILE D 318 17.55 -22.36 -23.74
N LEU D 319 17.72 -21.96 -25.00
CA LEU D 319 18.24 -22.86 -26.01
C LEU D 319 19.66 -23.31 -25.68
N LEU D 320 20.49 -22.39 -25.20
CA LEU D 320 21.85 -22.75 -24.80
C LEU D 320 21.86 -23.75 -23.66
N ASN D 321 20.98 -23.55 -22.67
CA ASN D 321 20.88 -24.50 -21.56
C ASN D 321 20.42 -25.87 -22.04
N GLU D 322 19.52 -25.88 -23.02
CA GLU D 322 19.08 -27.18 -23.60
C GLU D 322 20.28 -27.87 -24.26
N GLY D 323 21.13 -27.11 -24.96
CA GLY D 323 22.32 -27.68 -25.61
C GLY D 323 23.28 -28.28 -24.60
N ILE D 324 23.58 -27.56 -23.52
CA ILE D 324 24.47 -28.10 -22.44
C ILE D 324 23.87 -29.41 -21.93
N ARG D 325 22.57 -29.42 -21.60
CA ARG D 325 21.94 -30.62 -21.00
C ARG D 325 22.07 -31.82 -21.93
N SER D 326 21.68 -31.69 -23.20
CA SER D 326 21.68 -32.85 -24.13
C SER D 326 23.09 -33.28 -24.52
N TRP D 327 24.01 -32.33 -24.76
CA TRP D 327 25.36 -32.69 -25.25
C TRP D 327 26.32 -33.04 -24.11
N MET D 328 25.88 -32.93 -22.85
CA MET D 328 26.74 -33.33 -21.71
C MET D 328 26.09 -34.50 -20.95
N ALA D 329 24.77 -34.69 -21.05
CA ALA D 329 24.13 -35.73 -20.25
C ALA D 329 24.80 -37.08 -20.40
N ALA D 330 25.20 -37.42 -21.63
CA ALA D 330 25.72 -38.77 -21.89
C ALA D 330 27.00 -39.06 -21.11
N GLN D 331 27.93 -38.09 -21.09
CA GLN D 331 29.21 -38.31 -20.42
C GLN D 331 29.24 -37.80 -18.99
N ASP D 332 28.38 -36.84 -18.63
CA ASP D 332 28.37 -36.31 -17.28
C ASP D 332 27.60 -37.21 -16.32
N GLN D 333 26.65 -37.98 -16.83
CA GLN D 333 25.88 -38.92 -16.03
C GLN D 333 25.96 -40.30 -16.69
N PRO D 334 27.12 -40.96 -16.61
CA PRO D 334 27.26 -42.27 -17.26
C PRO D 334 26.41 -43.36 -16.63
N HIS D 335 26.00 -43.19 -15.37
CA HIS D 335 25.17 -44.20 -14.71
C HIS D 335 23.79 -44.30 -15.35
N GLU D 336 23.27 -43.19 -15.89
CA GLU D 336 21.96 -43.20 -16.53
C GLU D 336 21.96 -43.93 -17.86
N ASN D 337 23.14 -44.19 -18.44
CA ASN D 337 23.26 -44.86 -19.74
C ASN D 337 22.50 -44.11 -20.84
N PHE D 338 22.63 -42.78 -20.84
CA PHE D 338 21.97 -41.97 -21.85
C PHE D 338 22.57 -42.24 -23.22
N ILE D 339 21.72 -42.54 -24.19
CA ILE D 339 22.12 -42.71 -25.58
C ILE D 339 21.22 -41.82 -26.42
N PHE D 340 21.78 -40.71 -26.93
CA PHE D 340 21.04 -39.76 -27.73
C PHE D 340 21.53 -39.82 -29.18
N PRO D 341 20.68 -40.17 -30.13
CA PRO D 341 21.07 -40.09 -31.54
C PRO D 341 21.32 -38.65 -31.97
N GLU D 342 22.07 -38.52 -33.06
CA GLU D 342 22.42 -37.20 -33.59
C GLU D 342 21.19 -36.41 -34.00
N GLU D 343 20.13 -37.10 -34.42
CA GLU D 343 18.91 -36.42 -34.84
C GLU D 343 18.21 -35.72 -33.68
N VAL D 344 18.28 -36.31 -32.47
CA VAL D 344 17.58 -35.70 -31.33
C VAL D 344 18.43 -34.63 -30.66
N LEU D 345 19.73 -34.57 -30.95
CA LEU D 345 20.57 -33.55 -30.35
C LEU D 345 20.22 -32.18 -30.91
N PRO D 346 19.90 -31.21 -30.06
CA PRO D 346 19.59 -29.86 -30.56
C PRO D 346 20.79 -29.22 -31.22
N ARG D 347 20.50 -28.43 -32.28
CA ARG D 347 21.58 -27.71 -33.00
C ARG D 347 20.97 -26.40 -33.51
N GLY D 348 21.72 -25.30 -33.47
CA GLY D 348 21.22 -24.03 -34.01
C GLY D 348 20.79 -24.19 -35.44
N ASN D 349 21.54 -24.99 -36.22
CA ASN D 349 21.22 -25.20 -37.66
C ASN D 349 19.79 -25.74 -37.80
N ALA D 350 19.35 -26.55 -36.84
CA ALA D 350 18.00 -27.18 -36.92
C ALA D 350 17.11 -26.59 -35.83
N LEU D 351 16.52 -25.41 -36.09
CA LEU D 351 15.69 -24.75 -35.06
C LEU D 351 14.42 -24.19 -35.71
N TYR E 20 70.71 -30.81 12.65
CA TYR E 20 69.64 -30.55 11.70
C TYR E 20 69.97 -31.16 10.34
N TRP E 21 71.00 -30.64 9.68
CA TRP E 21 71.38 -31.12 8.36
C TRP E 21 71.90 -32.55 8.40
N ILE E 22 72.40 -32.98 9.56
CA ILE E 22 73.00 -34.35 9.67
C ILE E 22 71.91 -35.41 9.45
N ILE E 23 70.90 -35.45 10.34
CA ILE E 23 69.83 -36.49 10.27
C ILE E 23 69.03 -36.34 8.96
N HIS E 24 68.73 -35.12 8.55
CA HIS E 24 67.87 -34.93 7.34
C HIS E 24 68.61 -35.48 6.11
N SER E 25 69.93 -35.41 6.09
CA SER E 25 70.72 -35.92 4.94
C SER E 25 70.47 -37.42 4.69
N ILE E 26 69.77 -38.12 5.60
CA ILE E 26 69.62 -39.60 5.42
C ILE E 26 68.13 -40.03 5.44
N THR E 27 67.22 -39.11 5.74
CA THR E 27 65.78 -39.45 5.82
C THR E 27 65.00 -38.71 4.74
N ILE E 28 65.24 -37.41 4.57
CA ILE E 28 64.56 -36.68 3.45
C ILE E 28 64.85 -37.43 2.13
N PRO E 29 66.11 -37.71 1.74
CA PRO E 29 66.35 -38.51 0.54
C PRO E 29 65.49 -39.76 0.54
N ALA E 30 65.55 -40.55 1.61
CA ALA E 30 64.78 -41.81 1.69
C ALA E 30 63.29 -41.53 1.46
N LEU E 31 62.73 -40.56 2.20
CA LEU E 31 61.29 -40.20 2.03
C LEU E 31 60.99 -40.02 0.53
N PHE E 32 61.79 -39.22 -0.17
CA PHE E 32 61.58 -39.01 -1.62
C PHE E 32 61.64 -40.34 -2.35
N VAL E 33 62.74 -41.07 -2.18
CA VAL E 33 62.92 -42.37 -2.87
C VAL E 33 61.69 -43.26 -2.59
N ALA E 34 61.31 -43.38 -1.32
CA ALA E 34 60.12 -44.20 -0.97
C ALA E 34 58.95 -43.83 -1.88
N GLY E 35 58.62 -42.53 -1.97
CA GLY E 35 57.53 -42.08 -2.85
C GLY E 35 57.76 -42.55 -4.27
N TRP E 36 58.96 -42.30 -4.80
CA TRP E 36 59.31 -42.78 -6.17
C TRP E 36 58.98 -44.27 -6.29
N LEU E 37 59.58 -45.09 -5.42
CA LEU E 37 59.37 -46.56 -5.48
C LEU E 37 57.86 -46.87 -5.43
N PHE E 38 57.15 -46.34 -4.43
CA PHE E 38 55.69 -46.57 -4.32
C PHE E 38 55.06 -46.56 -5.71
N VAL E 39 55.37 -45.55 -6.51
CA VAL E 39 54.80 -45.43 -7.88
C VAL E 39 55.56 -46.39 -8.82
N SER E 40 56.90 -46.34 -8.81
CA SER E 40 57.71 -47.18 -9.73
C SER E 40 57.32 -48.65 -9.61
N THR E 41 57.25 -49.16 -8.37
CA THR E 41 56.92 -50.58 -8.15
C THR E 41 55.54 -50.87 -8.68
N GLY E 42 54.61 -49.92 -8.51
CA GLY E 42 53.21 -50.14 -8.93
C GLY E 42 52.34 -50.40 -7.73
N LEU E 43 52.91 -50.29 -6.53
CA LEU E 43 52.12 -50.48 -5.29
C LEU E 43 50.98 -49.45 -5.27
N ALA E 44 51.27 -48.20 -5.68
CA ALA E 44 50.23 -47.15 -5.75
C ALA E 44 48.95 -47.73 -6.38
N TYR E 45 49.09 -48.31 -7.57
CA TYR E 45 47.92 -48.89 -8.28
C TYR E 45 47.24 -49.92 -7.39
N ASP E 46 48.01 -50.85 -6.83
CA ASP E 46 47.40 -51.93 -6.01
C ASP E 46 46.69 -51.33 -4.80
N ILE E 47 47.30 -50.34 -4.15
CA ILE E 47 46.73 -49.77 -2.91
C ILE E 47 45.48 -48.92 -3.24
N PHE E 48 45.59 -48.04 -4.23
CA PHE E 48 44.46 -47.10 -4.51
C PHE E 48 43.56 -47.62 -5.62
N GLY E 49 43.75 -48.86 -6.08
CA GLY E 49 42.84 -49.37 -7.08
C GLY E 49 42.85 -48.61 -8.38
N THR E 50 43.81 -47.71 -8.59
CA THR E 50 43.87 -46.95 -9.83
C THR E 50 44.26 -47.88 -10.98
N PRO E 51 43.48 -47.94 -12.06
CA PRO E 51 43.82 -48.85 -13.16
C PRO E 51 45.09 -48.41 -13.88
N ARG E 52 45.90 -49.39 -14.26
CA ARG E 52 47.05 -49.16 -15.08
C ARG E 52 46.61 -48.79 -16.50
N PRO E 53 47.48 -48.16 -17.29
CA PRO E 53 47.08 -47.76 -18.65
C PRO E 53 46.67 -48.92 -19.55
N ASN E 54 47.07 -50.14 -19.24
CA ASN E 54 46.71 -51.31 -20.07
C ASN E 54 45.49 -52.06 -19.57
N GLU E 55 44.84 -51.59 -18.51
CA GLU E 55 43.70 -52.29 -17.93
C GLU E 55 42.55 -51.33 -17.63
N TYR E 56 42.28 -50.43 -18.57
CA TYR E 56 41.11 -49.52 -18.41
C TYR E 56 39.89 -50.24 -18.95
N PHE E 57 40.07 -50.94 -20.07
CA PHE E 57 38.94 -51.70 -20.69
C PHE E 57 39.39 -53.13 -20.89
N THR E 58 38.71 -54.07 -20.24
CA THR E 58 39.03 -55.51 -20.46
C THR E 58 38.57 -55.90 -21.84
N GLN E 59 39.24 -56.87 -22.47
CA GLN E 59 38.79 -57.36 -23.80
C GLN E 59 37.26 -57.44 -23.81
N GLU E 60 36.68 -58.11 -22.81
CA GLU E 60 35.20 -58.22 -22.72
C GLU E 60 34.60 -56.85 -22.40
N ARG E 61 34.88 -56.30 -21.21
CA ARG E 61 34.30 -55.01 -20.79
C ARG E 61 34.98 -53.86 -21.57
N GLN E 62 34.55 -53.63 -22.82
CA GLN E 62 35.11 -52.51 -23.61
C GLN E 62 34.28 -51.25 -23.33
N GLN E 63 33.44 -51.29 -22.30
CA GLN E 63 32.61 -50.12 -21.91
C GLN E 63 33.13 -49.55 -20.59
N VAL E 64 32.51 -48.48 -20.10
CA VAL E 64 32.94 -47.85 -18.86
C VAL E 64 32.38 -48.64 -17.68
N PRO E 65 33.21 -49.10 -16.75
CA PRO E 65 32.71 -49.86 -15.60
C PRO E 65 32.15 -48.93 -14.54
N LEU E 66 30.87 -49.17 -14.20
CA LEU E 66 30.17 -48.30 -13.21
C LEU E 66 29.48 -49.16 -12.15
N VAL E 67 29.61 -48.80 -10.88
CA VAL E 67 28.91 -49.50 -9.81
C VAL E 67 27.41 -49.24 -9.93
N ASN E 68 26.62 -50.29 -9.75
CA ASN E 68 25.17 -50.21 -9.90
C ASN E 68 24.41 -50.31 -8.59
N ASP E 69 24.91 -51.06 -7.61
CA ASP E 69 24.24 -51.22 -6.33
C ASP E 69 25.20 -50.85 -5.20
N ARG E 70 24.67 -50.16 -4.19
CA ARG E 70 25.50 -49.71 -3.09
C ARG E 70 25.85 -50.83 -2.12
N PHE E 71 24.91 -51.75 -1.88
CA PHE E 71 25.15 -52.81 -0.90
C PHE E 71 25.90 -54.00 -1.47
N SER E 72 26.07 -54.09 -2.79
CA SER E 72 26.89 -55.11 -3.42
C SER E 72 28.06 -54.47 -4.17
N ALA E 73 28.47 -53.28 -3.73
CA ALA E 73 29.54 -52.55 -4.42
C ALA E 73 30.86 -53.28 -4.34
N LYS E 74 31.18 -53.89 -3.20
CA LYS E 74 32.44 -54.59 -3.05
C LYS E 74 32.53 -55.78 -3.99
N GLN E 75 31.47 -56.59 -4.02
CA GLN E 75 31.44 -57.76 -4.94
C GLN E 75 31.51 -57.26 -6.38
N GLU E 76 30.68 -56.27 -6.72
CA GLU E 76 30.65 -55.72 -8.11
C GLU E 76 32.08 -55.34 -8.50
N LEU E 77 32.76 -54.56 -7.65
CA LEU E 77 34.10 -54.11 -7.99
C LEU E 77 35.08 -55.27 -8.09
N GLU E 78 34.90 -56.29 -7.26
CA GLU E 78 35.72 -57.49 -7.36
C GLU E 78 35.49 -58.18 -8.71
N ASP E 79 34.25 -58.25 -9.16
CA ASP E 79 33.96 -58.82 -10.47
C ASP E 79 34.53 -57.97 -11.59
N LEU E 80 34.41 -56.64 -11.49
CA LEU E 80 34.90 -55.76 -12.55
C LEU E 80 36.42 -55.77 -12.61
N THR E 81 37.10 -55.77 -11.47
CA THR E 81 38.56 -55.69 -11.42
C THR E 81 39.22 -57.07 -11.38
N LYS E 82 38.46 -58.15 -11.50
CA LYS E 82 39.06 -59.49 -11.48
C LYS E 82 39.95 -59.71 -12.69
N GLY E 83 39.51 -59.20 -13.85
CA GLY E 83 40.31 -59.32 -15.08
C GLY E 83 41.61 -58.55 -14.95
N THR F 14 59.08 -30.27 20.15
CA THR F 14 57.97 -29.32 20.37
C THR F 14 56.73 -29.75 19.61
N PHE F 15 55.60 -29.09 19.84
CA PHE F 15 54.38 -29.39 19.05
C PHE F 15 54.63 -28.91 17.63
N ARG F 16 55.34 -27.79 17.49
CA ARG F 16 55.70 -27.28 16.14
C ARG F 16 56.43 -28.39 15.39
N TRP F 17 57.43 -29.00 16.03
CA TRP F 17 58.14 -30.15 15.41
C TRP F 17 57.11 -31.07 14.76
N LEU F 18 56.20 -31.60 15.58
CA LEU F 18 55.18 -32.55 15.07
C LEU F 18 54.47 -31.94 13.85
N ALA F 19 53.88 -30.76 14.01
CA ALA F 19 53.11 -30.22 12.89
C ALA F 19 53.97 -30.08 11.64
N ILE F 20 55.21 -29.62 11.81
CA ILE F 20 56.13 -29.49 10.68
C ILE F 20 56.39 -30.84 10.04
N HIS F 21 56.58 -31.88 10.85
CA HIS F 21 56.90 -33.21 10.27
C HIS F 21 55.62 -33.81 9.67
N GLY F 22 54.46 -33.60 10.29
CA GLY F 22 53.20 -34.05 9.71
C GLY F 22 52.94 -33.42 8.35
N LEU F 23 53.35 -32.16 8.18
CA LEU F 23 53.31 -31.56 6.85
C LEU F 23 54.39 -32.14 5.94
N ALA F 24 55.63 -32.18 6.42
CA ALA F 24 56.80 -32.53 5.57
C ALA F 24 56.93 -34.01 5.20
N VAL F 25 56.73 -34.95 6.13
CA VAL F 25 56.99 -36.38 5.76
C VAL F 25 56.05 -36.79 4.62
N PRO F 26 54.74 -36.45 4.59
CA PRO F 26 53.90 -36.71 3.41
C PRO F 26 54.33 -35.82 2.23
N THR F 27 54.72 -34.56 2.48
CA THR F 27 55.08 -33.67 1.38
C THR F 27 56.23 -34.24 0.57
N VAL F 28 57.29 -34.70 1.24
CA VAL F 28 58.42 -35.27 0.52
C VAL F 28 58.04 -36.60 -0.13
N PHE F 29 57.21 -37.40 0.54
CA PHE F 29 56.74 -38.65 -0.06
C PHE F 29 55.94 -38.39 -1.33
N PHE F 30 55.05 -37.40 -1.30
CA PHE F 30 54.24 -37.06 -2.47
C PHE F 30 55.09 -36.44 -3.58
N LEU F 31 56.10 -35.65 -3.21
CA LEU F 31 57.00 -35.11 -4.22
C LEU F 31 57.76 -36.22 -4.93
N GLY F 32 58.24 -37.20 -4.17
CA GLY F 32 58.87 -38.36 -4.79
C GLY F 32 57.92 -39.13 -5.69
N ALA F 33 56.68 -39.31 -5.22
CA ALA F 33 55.68 -40.02 -6.03
C ALA F 33 55.38 -39.28 -7.33
N ILE F 34 55.22 -37.96 -7.24
CA ILE F 34 54.89 -37.16 -8.45
C ILE F 34 56.10 -37.15 -9.41
N THR F 35 57.32 -37.05 -8.86
CA THR F 35 58.54 -37.09 -9.74
C THR F 35 58.58 -38.44 -10.45
N SER F 36 58.25 -39.54 -9.75
CA SER F 36 58.19 -40.87 -10.42
C SER F 36 57.08 -40.86 -11.48
N MET F 37 55.94 -40.24 -11.18
CA MET F 37 54.82 -40.15 -12.15
C MET F 37 55.28 -39.42 -13.41
N GLN F 38 56.24 -38.49 -13.27
CA GLN F 38 56.69 -37.72 -14.43
C GLN F 38 57.45 -38.59 -15.43
N PHE F 39 58.06 -39.68 -14.98
CA PHE F 39 58.84 -40.56 -15.84
C PHE F 39 58.07 -41.83 -16.23
N ILE F 40 56.76 -41.84 -15.99
CA ILE F 40 55.93 -42.98 -16.45
C ILE F 40 55.76 -42.83 -17.98
N GLN F 41 55.60 -43.92 -18.71
CA GLN F 41 55.48 -43.84 -20.19
C GLN F 41 54.25 -43.01 -20.59
N ARG F 42 53.23 -42.95 -19.72
CA ARG F 42 51.98 -42.20 -20.03
C ARG F 42 51.73 -42.22 -21.55
N ALA G 2 5.09 -2.69 42.15
CA ALA G 2 4.87 -4.06 41.68
C ALA G 2 3.55 -4.60 42.23
N LEU G 3 2.68 -5.03 41.31
CA LEU G 3 1.36 -5.50 41.69
C LEU G 3 1.47 -6.91 42.28
N ARG G 4 0.76 -7.14 43.38
CA ARG G 4 0.67 -8.45 44.00
C ARG G 4 -0.66 -9.08 43.58
N THR G 5 -0.60 -10.33 43.14
CA THR G 5 -1.79 -11.05 42.69
C THR G 5 -1.78 -12.44 43.31
N ARG G 6 -2.95 -13.07 43.27
CA ARG G 6 -3.07 -14.44 43.81
C ARG G 6 -2.18 -15.38 42.99
N LEU G 7 -2.24 -15.31 41.66
CA LEU G 7 -1.38 -16.15 40.83
C LEU G 7 0.08 -15.79 40.99
N GLY G 8 0.39 -14.51 41.23
CA GLY G 8 1.77 -14.12 41.45
C GLY G 8 2.34 -14.70 42.72
N GLU G 9 1.54 -14.71 43.78
CA GLU G 9 1.97 -15.25 45.10
C GLU G 9 2.01 -16.77 45.02
N LEU G 10 1.14 -17.34 44.21
CA LEU G 10 1.14 -18.79 44.04
C LEU G 10 2.41 -19.27 43.36
N LEU G 11 2.89 -18.53 42.36
CA LEU G 11 4.05 -18.93 41.57
C LEU G 11 5.34 -18.26 42.03
N ARG G 12 5.29 -17.46 43.10
CA ARG G 12 6.47 -16.73 43.55
C ARG G 12 7.66 -17.62 43.93
N PRO G 13 7.50 -18.69 44.73
CA PRO G 13 8.68 -19.52 45.04
C PRO G 13 9.37 -20.13 43.84
N LEU G 14 8.64 -20.35 42.74
CA LEU G 14 9.26 -20.86 41.52
C LEU G 14 10.23 -19.85 40.91
N ASN G 15 10.03 -18.56 41.17
CA ASN G 15 10.90 -17.51 40.65
C ASN G 15 11.58 -16.76 41.80
N SER G 16 12.09 -17.50 42.78
CA SER G 16 12.68 -16.90 43.97
C SER G 16 14.19 -17.08 44.07
N GLU G 17 14.73 -18.21 43.63
CA GLU G 17 16.16 -18.48 43.78
C GLU G 17 16.93 -18.15 42.50
N TYR G 18 16.94 -16.85 42.17
CA TYR G 18 17.72 -16.36 41.04
C TYR G 18 19.19 -16.32 41.41
N GLY G 19 20.03 -16.87 40.53
CA GLY G 19 21.47 -16.86 40.73
C GLY G 19 21.99 -17.90 41.69
N LYS G 20 21.12 -18.71 42.27
CA LYS G 20 21.55 -19.78 43.21
C LYS G 20 22.24 -20.87 42.42
N VAL G 21 23.47 -21.23 42.79
CA VAL G 21 24.27 -22.19 42.05
C VAL G 21 24.81 -23.25 43.00
N ALA G 22 25.10 -24.41 42.42
CA ALA G 22 25.70 -25.51 43.16
C ALA G 22 27.19 -25.22 43.16
N PRO G 23 27.91 -25.71 44.16
CA PRO G 23 29.35 -25.41 44.19
C PRO G 23 30.18 -26.19 43.18
N GLY G 24 31.18 -25.52 42.62
CA GLY G 24 32.09 -26.14 41.67
C GLY G 24 31.55 -26.62 40.35
N TRP G 25 31.72 -27.91 40.10
CA TRP G 25 31.26 -28.55 38.88
C TRP G 25 29.93 -29.24 39.05
N GLY G 26 29.58 -29.55 40.29
CA GLY G 26 28.32 -30.21 40.56
C GLY G 26 28.15 -31.49 39.78
N THR G 27 27.02 -31.59 39.09
CA THR G 27 26.67 -32.76 38.32
C THR G 27 27.18 -32.77 36.87
N THR G 28 28.27 -32.08 36.58
CA THR G 28 28.79 -32.02 35.22
C THR G 28 29.17 -33.38 34.64
N PRO G 29 29.85 -34.30 35.35
CA PRO G 29 30.14 -35.61 34.74
C PRO G 29 28.89 -36.38 34.34
N ILE G 30 27.82 -36.29 35.12
CA ILE G 30 26.57 -36.94 34.76
C ILE G 30 26.00 -36.35 33.48
N MET G 31 26.04 -35.02 33.36
CA MET G 31 25.56 -34.36 32.15
C MET G 31 26.38 -34.78 30.94
N GLY G 32 27.71 -34.87 31.10
CA GLY G 32 28.55 -35.30 29.99
C GLY G 32 28.28 -36.74 29.59
N PHE G 33 28.06 -37.62 30.57
CA PHE G 33 27.75 -39.01 30.26
C PHE G 33 26.42 -39.13 29.52
N VAL G 34 25.41 -38.39 29.97
CA VAL G 34 24.10 -38.44 29.30
C VAL G 34 24.21 -37.84 27.90
N MET G 35 25.01 -36.79 27.72
CA MET G 35 25.22 -36.23 26.39
C MET G 35 25.93 -37.23 25.49
N LEU G 36 26.88 -37.99 26.03
CA LEU G 36 27.56 -39.01 25.24
C LEU G 36 26.58 -40.10 24.82
N LEU G 37 25.71 -40.54 25.73
CA LEU G 37 24.69 -41.51 25.38
C LEU G 37 23.74 -40.97 24.31
N PHE G 38 23.36 -39.69 24.43
CA PHE G 38 22.50 -39.07 23.44
C PHE G 38 23.18 -39.00 22.07
N ALA G 39 24.48 -38.69 22.06
CA ALA G 39 25.23 -38.67 20.81
C ALA G 39 25.29 -40.04 20.17
N VAL G 40 25.51 -41.08 20.98
CA VAL G 40 25.53 -42.45 20.46
C VAL G 40 24.16 -42.82 19.88
N PHE G 41 23.08 -42.45 20.60
CA PHE G 41 21.72 -42.72 20.11
C PHE G 41 21.45 -42.00 18.80
N LEU G 42 21.87 -40.74 18.69
CA LEU G 42 21.68 -39.98 17.46
C LEU G 42 22.47 -40.60 16.30
N LEU G 43 23.69 -41.05 16.58
CA LEU G 43 24.47 -41.74 15.54
C LEU G 43 23.77 -43.02 15.10
N ILE G 44 23.22 -43.78 16.04
CA ILE G 44 22.53 -45.02 15.70
C ILE G 44 21.34 -44.74 14.80
N ILE G 45 20.48 -43.78 15.20
CA ILE G 45 19.28 -43.52 14.40
C ILE G 45 19.64 -42.91 13.06
N LEU G 46 20.69 -42.07 13.01
CA LEU G 46 21.12 -41.50 11.74
C LEU G 46 21.61 -42.57 10.78
N GLN G 47 22.45 -43.49 11.27
CA GLN G 47 22.95 -44.54 10.40
C GLN G 47 21.85 -45.54 10.02
N ILE G 48 20.83 -45.68 10.86
CA ILE G 48 19.68 -46.49 10.46
C ILE G 48 18.91 -45.82 9.32
N TYR G 49 18.64 -44.53 9.46
CA TYR G 49 17.95 -43.79 8.35
C TYR G 49 18.88 -43.76 7.12
N ASN G 50 20.17 -43.53 7.32
CA ASN G 50 21.11 -43.44 6.20
C ASN G 50 21.33 -44.76 5.50
N SER G 51 20.82 -45.86 6.06
CA SER G 51 20.99 -47.24 5.59
C SER G 51 22.44 -47.71 5.70
N SER G 52 23.28 -46.99 6.45
CA SER G 52 24.62 -47.47 6.80
C SER G 52 24.59 -48.43 7.97
N LEU G 53 23.43 -48.64 8.58
CA LEU G 53 23.28 -49.54 9.72
C LEU G 53 22.00 -50.32 9.56
N ILE G 54 22.18 -51.62 9.34
CA ILE G 54 21.02 -52.48 9.00
C ILE G 54 20.76 -53.45 10.13
N ILE G 55 19.92 -53.07 11.09
CA ILE G 55 19.48 -54.00 12.15
C ILE G 55 18.48 -54.97 11.49
N GLU G 56 18.36 -56.19 11.99
CA GLU G 56 17.35 -57.14 11.46
C GLU G 56 15.93 -56.62 11.77
N ASN G 57 14.99 -56.85 10.87
CA ASN G 57 13.57 -56.40 11.02
C ASN G 57 13.50 -54.88 11.15
N VAL G 58 14.36 -54.14 10.44
CA VAL G 58 14.26 -52.66 10.41
C VAL G 58 14.44 -52.28 8.93
N ASP G 59 13.39 -52.44 8.10
CA ASP G 59 13.48 -52.16 6.67
C ASP G 59 13.12 -50.70 6.47
N VAL G 60 14.14 -49.85 6.32
CA VAL G 60 13.92 -48.43 6.05
C VAL G 60 13.53 -48.31 4.59
N ASP G 61 12.23 -48.30 4.33
CA ASP G 61 11.68 -48.34 2.98
C ASP G 61 10.18 -48.09 3.07
N TRP G 62 9.62 -47.52 2.00
CA TRP G 62 8.17 -47.36 1.92
C TRP G 62 7.47 -48.70 1.89
N ALA G 63 8.09 -49.71 1.27
CA ALA G 63 7.48 -51.03 1.16
C ALA G 63 7.26 -51.69 2.52
N SER G 64 7.96 -51.23 3.56
CA SER G 64 7.73 -51.74 4.91
C SER G 64 6.38 -51.32 5.48
N LEU G 65 5.68 -50.36 4.85
CA LEU G 65 4.38 -49.96 5.36
C LEU G 65 3.35 -51.07 5.17
N GLY G 66 3.44 -51.80 4.07
CA GLY G 66 2.51 -52.89 3.80
C GLY G 66 2.24 -53.12 2.33
N MET H 1 18.99 14.53 -41.64
CA MET H 1 20.26 13.79 -41.40
C MET H 1 21.43 14.78 -41.45
N PHE H 2 21.47 15.70 -42.41
CA PHE H 2 22.54 16.72 -42.41
C PHE H 2 22.32 17.65 -41.24
N THR H 3 21.08 17.98 -40.91
CA THR H 3 20.92 18.95 -39.83
C THR H 3 21.29 18.34 -38.47
N LEU H 4 20.92 17.07 -38.26
CA LEU H 4 21.35 16.40 -37.04
C LEU H 4 22.87 16.27 -36.99
N LYS H 5 23.49 15.96 -38.13
CA LYS H 5 24.94 15.85 -38.17
C LYS H 5 25.62 17.18 -37.86
N ILE H 6 25.10 18.29 -38.42
CA ILE H 6 25.73 19.58 -38.17
C ILE H 6 25.52 20.01 -36.72
N VAL H 7 24.36 19.69 -36.13
CA VAL H 7 24.13 20.00 -34.72
C VAL H 7 25.08 19.19 -33.83
N VAL H 8 25.25 17.90 -34.13
CA VAL H 8 26.14 17.06 -33.34
C VAL H 8 27.59 17.54 -33.48
N TYR H 9 27.99 17.89 -34.70
CA TYR H 9 29.35 18.40 -34.91
C TYR H 9 29.58 19.70 -34.16
N THR H 10 28.59 20.60 -34.18
CA THR H 10 28.69 21.85 -33.45
C THR H 10 28.85 21.59 -31.95
N THR H 11 28.01 20.72 -31.39
CA THR H 11 28.06 20.44 -29.97
C THR H 11 29.38 19.79 -29.56
N VAL H 12 29.82 18.78 -30.32
CA VAL H 12 31.05 18.07 -30.00
C VAL H 12 32.24 19.01 -30.11
N THR H 13 32.28 19.82 -31.18
CA THR H 13 33.39 20.76 -31.35
C THR H 13 33.41 21.78 -30.21
N LEU H 14 32.24 22.27 -29.79
CA LEU H 14 32.18 23.23 -28.69
C LEU H 14 32.73 22.61 -27.40
N PHE H 15 32.28 21.40 -27.06
CA PHE H 15 32.71 20.80 -25.81
C PHE H 15 34.18 20.41 -25.84
N VAL H 16 34.67 19.91 -26.98
CA VAL H 16 36.08 19.54 -27.09
C VAL H 16 36.95 20.79 -27.02
N SER H 17 36.53 21.89 -27.66
CA SER H 17 37.28 23.14 -27.57
C SER H 17 37.31 23.67 -26.15
N LEU H 18 36.17 23.59 -25.45
CA LEU H 18 36.13 24.03 -24.05
C LEU H 18 37.09 23.21 -23.20
N PHE H 19 37.09 21.89 -23.39
CA PHE H 19 38.02 21.01 -22.67
C PHE H 19 39.48 21.39 -22.96
N THR H 20 39.80 21.53 -24.26
CA THR H 20 41.19 21.76 -24.66
C THR H 20 41.70 23.10 -24.15
N PHE H 21 40.92 24.17 -24.32
CA PHE H 21 41.36 25.48 -23.87
C PHE H 21 41.24 25.65 -22.36
N GLY H 22 40.42 24.82 -21.70
CA GLY H 22 40.41 24.85 -20.24
C GLY H 22 41.64 24.21 -19.64
N PHE H 23 42.09 23.10 -20.20
CA PHE H 23 43.32 22.50 -19.72
C PHE H 23 44.57 23.26 -20.19
N LEU H 24 44.42 24.19 -21.12
CA LEU H 24 45.51 25.08 -21.51
C LEU H 24 45.59 26.32 -20.65
N SER H 25 44.61 26.56 -19.78
CA SER H 25 44.55 27.79 -18.99
C SER H 25 45.28 27.64 -17.66
N ASN H 26 46.51 27.16 -17.70
CA ASN H 26 47.37 26.97 -16.53
C ASN H 26 46.65 26.17 -15.45
N ASP H 27 46.30 24.92 -15.81
CA ASP H 27 45.52 24.07 -14.90
C ASP H 27 46.33 23.64 -13.69
N ALA H 28 47.65 23.53 -13.82
CA ALA H 28 48.49 23.12 -12.70
C ALA H 28 48.47 24.13 -11.58
N SER H 29 48.27 25.42 -11.89
CA SER H 29 48.20 26.44 -10.87
C SER H 29 46.94 26.35 -10.02
N ARG H 30 45.93 25.61 -10.48
CA ARG H 30 44.67 25.49 -9.75
C ARG H 30 44.74 24.35 -8.73
N ASN H 31 45.65 24.53 -7.77
CA ASN H 31 45.85 23.61 -6.67
C ASN H 31 45.91 24.38 -5.36
N PRO H 32 45.51 23.77 -4.24
CA PRO H 32 45.48 24.53 -2.97
C PRO H 32 46.84 24.96 -2.46
N ASN H 33 47.93 24.42 -2.98
CA ASN H 33 49.30 24.75 -2.51
C ASN H 33 49.90 25.86 -3.38
N ARG H 34 49.12 26.41 -4.30
CA ARG H 34 49.62 27.49 -5.14
C ARG H 34 49.61 28.80 -4.37
N LYS H 35 50.70 29.56 -4.47
CA LYS H 35 50.80 30.85 -3.80
C LYS H 35 50.97 31.97 -4.83
N LYS I 9 67.54 -23.15 -41.15
CA LYS I 9 68.54 -23.63 -40.17
C LYS I 9 69.78 -22.74 -40.27
N LEU I 10 70.66 -22.81 -39.27
CA LEU I 10 71.88 -22.02 -39.29
C LEU I 10 72.78 -22.48 -40.43
N PRO I 11 73.73 -21.62 -40.85
CA PRO I 11 74.73 -22.06 -41.83
C PRO I 11 75.55 -23.23 -41.31
N GLU I 12 76.25 -23.88 -42.24
CA GLU I 12 76.92 -25.14 -41.93
C GLU I 12 78.01 -24.95 -40.87
N ALA I 13 78.76 -23.86 -40.95
CA ALA I 13 79.82 -23.62 -39.99
C ALA I 13 79.27 -23.27 -38.61
N TYR I 14 78.17 -22.54 -38.55
CA TYR I 14 77.72 -22.03 -37.23
C TYR I 14 76.74 -22.98 -36.59
N ALA I 15 76.42 -24.08 -37.26
CA ALA I 15 75.40 -24.99 -36.72
C ALA I 15 75.86 -25.63 -35.40
N VAL I 16 77.18 -25.63 -35.14
CA VAL I 16 77.72 -26.29 -33.91
C VAL I 16 77.15 -25.56 -32.69
N PHE I 17 77.03 -24.23 -32.77
CA PHE I 17 76.57 -23.43 -31.61
C PHE I 17 75.03 -23.34 -31.50
N LYS I 18 74.29 -24.10 -32.29
CA LYS I 18 72.83 -24.08 -32.05
C LYS I 18 72.60 -23.93 -30.55
N PRO I 19 73.24 -24.70 -29.64
CA PRO I 19 72.91 -24.57 -28.22
C PRO I 19 73.07 -23.19 -27.56
N ILE I 20 74.11 -22.42 -27.87
CA ILE I 20 74.18 -21.05 -27.30
C ILE I 20 73.00 -20.27 -27.88
N ILE I 21 72.80 -20.37 -29.19
CA ILE I 21 71.72 -19.61 -29.87
C ILE I 21 70.37 -20.02 -29.25
N ASP I 22 70.25 -21.22 -28.71
CA ASP I 22 68.93 -21.68 -28.23
C ASP I 22 68.67 -21.18 -26.82
N VAL I 23 69.63 -20.47 -26.23
CA VAL I 23 69.46 -19.99 -24.84
C VAL I 23 69.59 -18.47 -24.81
N ALA I 24 70.17 -17.89 -25.85
CA ALA I 24 70.46 -16.44 -25.86
C ALA I 24 69.19 -15.59 -25.84
N PRO I 25 68.10 -15.91 -26.55
CA PRO I 25 66.95 -15.03 -26.55
C PRO I 25 66.46 -14.71 -25.13
N VAL I 26 66.60 -15.63 -24.17
CA VAL I 26 66.06 -15.41 -22.80
C VAL I 26 67.06 -14.71 -21.86
N ILE I 27 68.25 -14.33 -22.32
CA ILE I 27 69.26 -13.76 -21.39
C ILE I 27 68.69 -12.49 -20.73
N PRO I 28 68.05 -11.54 -21.46
CA PRO I 28 67.40 -10.40 -20.80
C PRO I 28 66.62 -10.62 -19.50
N VAL I 29 65.77 -11.63 -19.37
CA VAL I 29 65.03 -11.99 -18.17
C VAL I 29 65.99 -12.20 -17.01
N PHE I 30 67.07 -12.96 -17.25
CA PHE I 30 68.09 -13.17 -16.23
C PHE I 30 68.66 -11.84 -15.74
N PHE I 31 68.85 -10.89 -16.66
CA PHE I 31 69.31 -9.56 -16.27
C PHE I 31 68.40 -8.96 -15.22
N LEU I 32 67.09 -9.03 -15.44
CA LEU I 32 66.14 -8.57 -14.43
C LEU I 32 66.38 -9.30 -13.12
N LEU I 33 66.46 -10.64 -13.18
CA LEU I 33 66.75 -11.41 -11.99
C LEU I 33 68.07 -10.99 -11.37
N LEU I 34 69.07 -10.73 -12.23
CA LEU I 34 70.38 -10.31 -11.72
C LEU I 34 70.24 -9.03 -10.90
N ALA I 35 69.42 -8.09 -11.37
CA ALA I 35 69.19 -6.87 -10.62
C ALA I 35 68.69 -7.18 -9.22
N PHE I 36 67.69 -8.06 -9.13
CA PHE I 36 67.17 -8.46 -7.82
C PHE I 36 68.26 -9.09 -6.98
N VAL I 37 69.09 -9.94 -7.59
CA VAL I 37 70.19 -10.56 -6.87
C VAL I 37 71.11 -9.50 -6.31
N TRP I 38 71.41 -8.47 -7.12
CA TRP I 38 72.22 -7.36 -6.63
C TRP I 38 71.54 -6.68 -5.45
N GLN I 39 70.23 -6.45 -5.55
CA GLN I 39 69.51 -5.86 -4.42
C GLN I 39 69.47 -6.82 -3.25
N ALA I 40 69.52 -8.13 -3.51
CA ALA I 40 69.65 -9.08 -2.41
C ALA I 40 71.04 -9.04 -1.80
N ALA I 41 72.06 -8.75 -2.60
CA ALA I 41 73.43 -8.75 -2.09
C ALA I 41 73.66 -7.61 -1.11
N VAL I 42 73.12 -6.42 -1.40
CA VAL I 42 73.34 -5.25 -0.55
C VAL I 42 72.34 -5.14 0.58
N GLY I 43 71.46 -6.13 0.76
CA GLY I 43 70.48 -6.09 1.82
C GLY I 43 69.28 -5.23 1.55
N PHE I 44 68.97 -4.96 0.27
CA PHE I 44 67.83 -4.13 -0.13
C PHE I 44 67.90 -2.74 0.51
N ARG I 45 69.09 -2.17 0.56
CA ARG I 45 69.28 -0.84 1.11
C ARG I 45 68.75 0.24 0.17
N SER J 2 1.15 -1.92 36.28
CA SER J 2 1.16 -0.76 35.40
C SER J 2 2.12 0.32 35.93
N GLY J 3 1.92 1.56 35.47
CA GLY J 3 2.78 2.65 35.87
C GLY J 3 3.81 2.99 34.82
N PRO J 4 4.69 3.94 35.12
CA PRO J 4 5.74 4.30 34.15
C PRO J 4 6.73 3.17 33.96
N ASN J 5 6.95 2.81 32.69
CA ASN J 5 7.86 1.71 32.36
C ASN J 5 9.26 2.26 32.19
N PRO J 6 10.25 1.79 32.97
CA PRO J 6 11.62 2.34 32.85
C PRO J 6 12.35 1.87 31.59
N ASN J 7 11.85 0.88 30.88
CA ASN J 7 12.55 0.31 29.74
C ASN J 7 12.23 1.00 28.43
N LYS J 8 11.41 2.06 28.45
CA LYS J 8 11.08 2.78 27.23
C LYS J 8 12.30 3.52 26.70
N GLN J 9 12.56 3.33 25.42
CA GLN J 9 13.73 3.99 24.80
C GLN J 9 13.27 4.63 23.50
N PRO J 10 13.79 5.82 23.15
CA PRO J 10 13.49 6.43 21.86
C PRO J 10 14.12 5.67 20.71
N VAL J 11 13.49 5.77 19.54
CA VAL J 11 13.94 5.11 18.33
C VAL J 11 14.29 6.18 17.30
N GLU J 12 15.47 6.07 16.71
CA GLU J 12 15.94 7.06 15.75
C GLU J 12 16.35 6.37 14.45
N LEU J 13 16.03 6.99 13.32
CA LEU J 13 16.50 6.52 11.99
C LEU J 13 17.03 7.77 11.30
N ASN J 14 18.31 7.84 11.02
CA ASN J 14 18.91 9.04 10.40
C ASN J 14 18.52 9.06 8.91
N ARG J 15 18.81 10.14 8.21
CA ARG J 15 18.43 10.25 6.78
C ARG J 15 19.22 9.22 5.97
N THR J 16 20.48 9.04 6.28
CA THR J 16 21.27 8.03 5.58
C THR J 16 20.62 6.66 5.67
N SER J 17 20.14 6.29 6.86
CA SER J 17 19.46 5.01 7.02
C SER J 17 18.17 4.96 6.23
N LEU J 18 17.42 6.07 6.21
CA LEU J 18 16.16 6.13 5.43
C LEU J 18 16.48 5.86 3.96
N PHE J 19 17.46 6.59 3.41
CA PHE J 19 17.81 6.44 1.96
C PHE J 19 18.33 5.02 1.70
N TRP J 20 19.14 4.47 2.61
CA TRP J 20 19.63 3.07 2.45
C TRP J 20 18.43 2.13 2.38
N GLY J 21 17.44 2.33 3.25
CA GLY J 21 16.26 1.47 3.26
C GLY J 21 15.42 1.64 2.01
N LEU J 22 15.18 2.88 1.58
CA LEU J 22 14.41 3.11 0.36
C LEU J 22 15.10 2.51 -0.85
N LEU J 23 16.42 2.69 -0.95
CA LEU J 23 17.17 2.12 -2.06
C LEU J 23 17.10 0.60 -2.05
N LEU J 24 17.25 -0.02 -0.87
CA LEU J 24 17.17 -1.48 -0.78
C LEU J 24 15.80 -1.99 -1.19
N ILE J 25 14.74 -1.33 -0.71
CA ILE J 25 13.38 -1.80 -1.03
C ILE J 25 13.10 -1.64 -2.53
N PHE J 26 13.48 -0.49 -3.10
CA PHE J 26 13.22 -0.28 -4.53
C PHE J 26 14.04 -1.23 -5.40
N VAL J 27 15.29 -1.49 -5.01
CA VAL J 27 16.13 -2.41 -5.79
C VAL J 27 15.61 -3.83 -5.69
N LEU J 28 15.19 -4.26 -4.50
CA LEU J 28 14.60 -5.59 -4.36
C LEU J 28 13.31 -5.70 -5.17
N ALA J 29 12.50 -4.64 -5.18
CA ALA J 29 11.28 -4.65 -5.99
C ALA J 29 11.61 -4.77 -7.47
N VAL J 30 12.60 -4.01 -7.94
CA VAL J 30 13.01 -4.10 -9.35
C VAL J 30 13.51 -5.50 -9.68
N LEU J 31 14.27 -6.10 -8.77
CA LEU J 31 14.83 -7.43 -9.04
C LEU J 31 13.73 -8.50 -9.07
N PHE J 32 12.82 -8.49 -8.10
CA PHE J 32 11.84 -9.56 -7.96
C PHE J 32 10.54 -9.31 -8.70
N SER J 33 10.35 -8.13 -9.31
CA SER J 33 9.13 -7.87 -10.05
C SER J 33 8.99 -8.77 -11.27
N SER J 34 10.10 -8.99 -11.98
CA SER J 34 10.06 -9.86 -13.16
C SER J 34 9.69 -11.29 -12.79
N TYR J 35 10.18 -11.75 -11.64
CA TYR J 35 9.89 -13.12 -11.20
C TYR J 35 8.47 -13.25 -10.65
N PHE J 36 7.99 -12.24 -9.94
CA PHE J 36 6.61 -12.26 -9.49
C PHE J 36 5.64 -12.20 -10.67
N PHE J 37 5.94 -11.37 -11.66
CA PHE J 37 5.16 -11.35 -12.90
C PHE J 37 5.43 -12.55 -13.78
N ASN J 38 6.54 -13.25 -13.54
CA ASN J 38 6.86 -14.52 -14.21
C ASN J 38 6.82 -14.44 -15.73
N ASN K 80 2.05 -11.02 -16.61
CA ASN K 80 0.97 -11.86 -17.17
C ASN K 80 0.21 -12.46 -15.98
N VAL K 81 0.83 -12.43 -14.81
CA VAL K 81 0.22 -13.04 -13.59
C VAL K 81 -0.91 -12.11 -13.11
N SER K 82 -1.71 -12.58 -12.17
CA SER K 82 -2.91 -11.85 -11.72
C SER K 82 -2.54 -10.64 -10.89
N VAL K 83 -3.58 -9.92 -10.48
CA VAL K 83 -3.39 -8.66 -9.71
C VAL K 83 -2.64 -9.06 -8.45
N ALA K 84 -2.62 -10.36 -8.12
CA ALA K 84 -1.82 -10.82 -6.97
C ALA K 84 -0.35 -10.49 -7.19
N ALA K 85 0.14 -10.71 -8.39
CA ALA K 85 1.55 -10.36 -8.68
C ALA K 85 1.69 -8.86 -8.61
N TYR K 86 0.67 -8.16 -9.09
CA TYR K 86 0.70 -6.70 -8.97
C TYR K 86 0.59 -6.27 -7.51
N LEU K 87 -0.30 -6.92 -6.76
CA LEU K 87 -0.45 -6.62 -5.33
C LEU K 87 0.84 -6.93 -4.58
N ALA K 88 1.49 -8.04 -4.90
CA ALA K 88 2.75 -8.40 -4.25
C ALA K 88 3.80 -7.33 -4.50
N VAL K 89 3.99 -6.91 -5.75
CA VAL K 89 5.06 -5.93 -6.06
C VAL K 89 4.72 -4.58 -5.42
N LEU K 90 3.50 -4.08 -5.63
CA LEU K 90 3.15 -2.73 -5.15
C LEU K 90 3.10 -2.67 -3.61
N LEU K 91 2.45 -3.63 -2.96
CA LEU K 91 2.46 -3.64 -1.47
C LEU K 91 3.86 -3.92 -0.93
N GLY K 92 4.60 -4.87 -1.49
CA GLY K 92 5.95 -5.20 -1.03
C GLY K 92 6.86 -4.01 -1.11
N THR K 93 6.65 -3.14 -2.10
CA THR K 93 7.38 -1.89 -2.24
C THR K 93 6.92 -0.86 -1.21
N PHE K 94 5.60 -0.70 -1.08
CA PHE K 94 5.03 0.36 -0.21
C PHE K 94 5.11 0.05 1.27
N VAL K 95 4.74 -1.16 1.70
CA VAL K 95 4.70 -1.42 3.16
C VAL K 95 6.08 -1.12 3.77
N PRO K 96 7.21 -1.60 3.22
CA PRO K 96 8.50 -1.24 3.76
C PRO K 96 8.85 0.24 3.57
N VAL K 97 8.38 0.86 2.49
CA VAL K 97 8.75 2.27 2.21
C VAL K 97 8.11 3.17 3.27
N VAL K 98 6.82 2.99 3.50
CA VAL K 98 6.09 3.82 4.45
C VAL K 98 6.57 3.58 5.87
N PHE K 99 7.01 2.35 6.19
CA PHE K 99 7.59 2.10 7.50
C PHE K 99 8.86 2.92 7.71
N LEU K 100 9.76 2.91 6.72
CA LEU K 100 10.99 3.69 6.82
C LEU K 100 10.71 5.18 6.90
N ILE K 101 9.76 5.66 6.09
CA ILE K 101 9.42 7.08 6.09
C ILE K 101 8.83 7.49 7.44
N THR K 102 7.95 6.65 8.01
CA THR K 102 7.39 6.95 9.32
C THR K 102 8.47 6.99 10.39
N LEU K 103 9.40 6.03 10.35
CA LEU K 103 10.48 6.02 11.34
C LEU K 103 11.38 7.25 11.22
N PHE K 104 11.72 7.63 9.99
CA PHE K 104 12.55 8.82 9.77
C PHE K 104 11.84 10.08 10.22
N ILE K 105 10.55 10.19 9.92
CA ILE K 105 9.78 11.38 10.33
C ILE K 105 9.68 11.45 11.85
N GLN K 106 9.49 10.29 12.51
CA GLN K 106 9.46 10.27 13.97
C GLN K 106 10.80 10.71 14.55
N SER K 107 11.91 10.23 13.99
CA SER K 107 13.23 10.62 14.49
C SER K 107 13.47 12.11 14.30
N GLU K 108 13.11 12.65 13.12
CA GLU K 108 13.27 14.07 12.88
C GLU K 108 12.38 14.89 13.79
N ALA K 109 11.18 14.39 14.09
CA ALA K 109 10.28 15.06 15.00
C ALA K 109 10.89 15.15 16.40
N ARG K 110 11.47 14.04 16.88
CA ARG K 110 12.13 14.07 18.18
C ARG K 110 13.31 15.04 18.18
N LYS K 111 14.10 15.04 17.10
CA LYS K 111 15.24 15.95 17.00
C LYS K 111 14.79 17.41 17.03
N ALA K 112 13.73 17.73 16.29
CA ALA K 112 13.24 19.11 16.26
C ALA K 112 12.61 19.51 17.59
N ALA K 113 11.91 18.59 18.24
CA ALA K 113 11.29 18.90 19.53
C ALA K 113 12.35 19.14 20.60
N GLU K 114 13.44 18.37 20.59
CA GLU K 114 14.43 18.51 21.70
C GLU K 114 15.33 19.71 21.41
N SER K 115 15.55 20.07 20.14
CA SER K 115 16.32 21.31 19.87
C SER K 115 15.36 22.51 19.83
N MET L 1 0.80 -4.02 -19.18
CA MET L 1 0.57 -3.25 -17.97
C MET L 1 1.77 -3.36 -17.02
N GLU L 2 2.46 -4.50 -17.08
CA GLU L 2 3.65 -4.69 -16.26
C GLU L 2 4.79 -3.76 -16.66
N THR L 3 4.80 -3.27 -17.90
CA THR L 3 5.79 -2.30 -18.32
C THR L 3 5.65 -1.00 -17.52
N LEU L 4 4.43 -0.64 -17.17
CA LEU L 4 4.17 0.57 -16.35
C LEU L 4 4.72 0.37 -14.95
N VAL L 5 4.63 -0.84 -14.42
CA VAL L 5 5.19 -1.13 -13.10
C VAL L 5 6.72 -1.10 -13.16
N TYR L 6 7.31 -1.68 -14.21
CA TYR L 6 8.76 -1.66 -14.35
C TYR L 6 9.29 -0.24 -14.46
N THR L 7 8.66 0.57 -15.30
CA THR L 7 9.10 1.96 -15.47
C THR L 7 8.92 2.75 -14.17
N PHE L 8 7.82 2.52 -13.46
CA PHE L 8 7.58 3.19 -12.19
C PHE L 8 8.67 2.83 -11.18
N LEU L 9 9.04 1.55 -11.10
CA LEU L 9 10.08 1.14 -10.17
C LEU L 9 11.43 1.74 -10.53
N LEU L 10 11.77 1.76 -11.82
CA LEU L 10 13.05 2.34 -12.24
C LEU L 10 13.10 3.83 -11.94
N ILE L 11 12.01 4.56 -12.24
CA ILE L 11 11.98 5.99 -12.00
C ILE L 11 12.01 6.28 -10.50
N GLY L 12 11.34 5.45 -9.70
CA GLY L 12 11.41 5.61 -8.26
C GLY L 12 12.80 5.40 -7.71
N THR L 13 13.51 4.39 -8.22
CA THR L 13 14.89 4.17 -7.80
C THR L 13 15.78 5.35 -8.19
N LEU L 14 15.61 5.88 -9.41
CA LEU L 14 16.39 7.04 -9.82
C LEU L 14 16.08 8.27 -8.97
N GLY L 15 14.81 8.46 -8.62
CA GLY L 15 14.45 9.56 -7.74
C GLY L 15 15.01 9.39 -6.34
N VAL L 16 15.05 8.16 -5.84
CA VAL L 16 15.66 7.90 -4.54
C VAL L 16 17.16 8.24 -4.58
N LEU L 17 17.82 7.88 -5.68
CA LEU L 17 19.23 8.26 -5.84
C LEU L 17 19.39 9.78 -5.87
N PHE L 18 18.50 10.46 -6.59
CA PHE L 18 18.57 11.93 -6.68
C PHE L 18 18.41 12.57 -5.31
N PHE L 19 17.43 12.11 -4.53
CA PHE L 19 17.19 12.67 -3.21
C PHE L 19 18.30 12.31 -2.24
N ALA L 20 18.90 11.13 -2.39
CA ALA L 20 20.03 10.76 -1.55
C ALA L 20 21.24 11.63 -1.84
N VAL L 21 21.44 12.00 -3.11
CA VAL L 21 22.58 12.83 -3.47
C VAL L 21 22.36 14.27 -3.01
N PHE L 22 21.24 14.87 -3.43
CA PHE L 22 21.05 16.32 -3.26
C PHE L 22 20.28 16.69 -2.01
N PHE L 23 19.85 15.72 -1.19
CA PHE L 23 19.17 16.02 0.07
C PHE L 23 19.70 15.16 1.20
N ARG L 24 21.00 14.85 1.16
CA ARG L 24 21.61 14.06 2.21
C ARG L 24 21.77 14.91 3.48
N ASP L 25 22.09 14.23 4.57
CA ASP L 25 22.43 14.92 5.81
C ASP L 25 23.80 15.57 5.63
N PRO L 26 23.92 16.88 5.76
CA PRO L 26 25.20 17.55 5.49
C PRO L 26 26.23 17.23 6.55
N PRO L 27 27.39 16.68 6.08
CA PRO L 27 28.48 16.32 6.97
C PRO L 27 29.07 17.52 7.63
N ARG L 28 29.31 17.43 8.93
CA ARG L 28 29.84 18.57 9.70
C ARG L 28 30.90 18.04 10.67
N ILE L 29 31.88 18.87 11.02
CA ILE L 29 32.89 18.44 12.02
C ILE L 29 32.31 18.70 13.41
N ALA L 30 32.36 17.71 14.31
CA ALA L 30 31.76 17.87 15.65
C ALA L 30 32.81 17.60 16.73
N GLU M 76 35.70 12.90 -46.55
CA GLU M 76 36.02 11.82 -45.59
C GLU M 76 37.07 12.28 -44.58
N ALA M 77 37.66 13.45 -44.75
CA ALA M 77 38.77 13.81 -43.84
C ALA M 77 38.35 13.92 -42.38
N LEU M 78 37.24 14.52 -42.01
CA LEU M 78 36.83 14.44 -40.58
C LEU M 78 35.44 13.80 -40.56
N GLY M 79 35.03 13.18 -41.66
CA GLY M 79 33.65 12.73 -41.78
C GLY M 79 32.94 13.87 -42.45
N VAL M 80 33.71 14.83 -42.96
CA VAL M 80 33.15 16.05 -43.60
C VAL M 80 32.81 15.69 -45.06
N ASP M 81 31.56 15.36 -45.32
CA ASP M 81 31.10 15.07 -46.70
C ASP M 81 30.45 16.32 -47.26
N ASP M 82 30.09 17.25 -46.38
CA ASP M 82 29.43 18.52 -46.79
C ASP M 82 30.25 19.67 -46.21
N GLY M 83 30.69 20.58 -47.06
CA GLY M 83 31.53 21.71 -46.70
C GLY M 83 31.02 22.50 -45.50
N ARG M 84 29.70 22.55 -45.36
CA ARG M 84 29.08 23.30 -44.24
C ARG M 84 29.58 22.75 -42.90
N LEU M 85 29.88 21.45 -42.80
CA LEU M 85 30.40 20.85 -41.57
C LEU M 85 31.71 21.49 -41.13
N LEU M 86 32.40 22.19 -42.03
CA LEU M 86 33.71 22.79 -41.67
C LEU M 86 33.50 24.16 -41.02
N VAL M 87 32.34 24.77 -41.14
CA VAL M 87 32.06 26.08 -40.50
C VAL M 87 32.04 25.93 -38.96
N PRO M 88 31.39 24.90 -38.37
CA PRO M 88 31.50 24.67 -36.92
C PRO M 88 32.89 24.24 -36.46
N LEU M 89 33.57 23.34 -37.15
CA LEU M 89 34.89 22.80 -36.83
C LEU M 89 35.98 23.86 -36.80
N VAL M 90 35.71 25.08 -37.29
CA VAL M 90 36.69 26.15 -37.34
C VAL M 90 36.24 27.36 -36.54
N LEU M 91 35.01 27.81 -36.75
CA LEU M 91 34.53 29.02 -36.09
C LEU M 91 34.45 28.84 -34.57
N ILE M 92 33.94 27.70 -34.12
CA ILE M 92 33.85 27.44 -32.68
C ILE M 92 35.23 27.35 -32.02
N PRO M 93 36.20 26.57 -32.54
CA PRO M 93 37.53 26.60 -31.91
C PRO M 93 38.20 27.97 -31.94
N VAL M 94 37.97 28.75 -33.00
CA VAL M 94 38.55 30.09 -33.07
C VAL M 94 37.91 30.99 -32.02
N PHE M 95 36.57 31.00 -31.96
CA PHE M 95 35.85 31.89 -31.04
C PHE M 95 36.29 31.66 -29.60
N VAL M 96 36.27 30.39 -29.16
CA VAL M 96 36.76 30.05 -27.82
C VAL M 96 38.20 30.53 -27.66
N ALA M 97 39.06 30.20 -28.63
CA ALA M 97 40.45 30.67 -28.58
C ALA M 97 40.48 32.19 -28.35
N LEU M 98 39.54 32.89 -28.96
CA LEU M 98 39.48 34.35 -28.79
C LEU M 98 39.20 34.66 -27.32
N LEU M 99 38.30 33.89 -26.70
CA LEU M 99 38.04 34.07 -25.24
C LEU M 99 39.32 33.73 -24.50
N TYR M 100 40.01 32.66 -24.90
CA TYR M 100 41.29 32.27 -24.24
C TYR M 100 42.36 33.32 -24.53
N GLY M 101 42.33 34.01 -25.65
CA GLY M 101 43.42 34.97 -25.92
C GLY M 101 43.43 36.06 -24.87
N ASN M 102 42.26 36.49 -24.42
CA ASN M 102 42.16 37.53 -23.35
C ASN M 102 42.78 36.97 -22.07
N PHE M 103 42.51 35.71 -21.73
CA PHE M 103 43.18 35.10 -20.55
C PHE M 103 44.66 35.09 -20.84
N ALA M 104 45.02 34.81 -22.08
CA ALA M 104 46.46 34.67 -22.34
C ALA M 104 47.17 36.01 -22.25
N SER M 105 46.53 37.07 -22.72
CA SER M 105 47.13 38.42 -22.67
C SER M 105 47.20 38.91 -21.21
N THR M 106 46.38 38.40 -20.32
CA THR M 106 46.42 38.91 -18.95
C THR M 106 47.53 38.23 -18.16
N GLN M 107 48.09 37.16 -18.66
CA GLN M 107 49.06 36.41 -17.83
C GLN M 107 50.44 37.08 -17.89
N ASP M 108 51.25 36.87 -16.87
CA ASP M 108 52.66 37.32 -16.94
C ASP M 108 53.34 36.23 -17.77
N ASN M 109 53.80 36.56 -18.97
CA ASN M 109 54.28 35.50 -19.89
C ASN M 109 55.81 35.46 -19.98
N GLU M 110 56.51 35.94 -18.97
CA GLU M 110 57.98 35.80 -18.93
C GLU M 110 58.30 34.39 -18.43
N ASP M 111 59.50 33.88 -18.75
CA ASP M 111 59.81 32.45 -18.46
C ASP M 111 59.98 32.18 -16.97
N PHE M 112 59.54 31.00 -16.53
CA PHE M 112 59.73 30.59 -15.12
C PHE M 112 60.67 29.39 -15.15
N PHE M 113 61.67 29.37 -14.27
CA PHE M 113 62.54 28.16 -14.20
C PHE M 113 61.91 27.24 -13.18
N ASP M 114 60.75 26.67 -13.49
CA ASP M 114 60.13 25.86 -12.45
C ASP M 114 59.38 24.71 -13.10
N THR M 115 58.92 23.78 -12.27
CA THR M 115 58.14 22.65 -12.77
C THR M 115 56.84 23.13 -13.40
N TYR M 116 56.18 24.09 -12.76
CA TYR M 116 54.95 24.67 -13.30
C TYR M 116 54.90 26.14 -12.91
N ASP M 117 54.07 26.89 -13.63
CA ASP M 117 53.93 28.33 -13.41
C ASP M 117 52.83 28.59 -12.41
N GLN M 118 53.19 29.15 -11.26
CA GLN M 118 52.22 29.51 -10.24
C GLN M 118 51.60 30.87 -10.46
N ARG M 119 52.08 31.63 -11.44
CA ARG M 119 51.53 32.95 -11.74
C ARG M 119 50.26 32.80 -12.55
N ARG M 120 49.14 33.26 -12.00
CA ARG M 120 47.85 33.15 -12.66
C ARG M 120 46.84 34.12 -12.04
N MET N 1 22.76 -59.64 15.30
CA MET N 1 23.85 -58.63 15.17
C MET N 1 24.38 -58.72 13.74
N THR N 2 23.97 -57.80 12.89
CA THR N 2 24.40 -57.80 11.49
C THR N 2 25.83 -57.41 11.42
N PRO N 3 26.55 -57.72 10.32
CA PRO N 3 27.93 -57.27 10.16
C PRO N 3 27.98 -55.75 10.24
N SER N 4 26.90 -55.07 9.86
CA SER N 4 26.81 -53.59 9.94
C SER N 4 26.88 -53.10 11.39
N PHE N 5 26.21 -53.77 12.33
CA PHE N 5 26.22 -53.37 13.76
C PHE N 5 27.61 -53.61 14.33
N SER N 6 28.26 -54.70 13.94
CA SER N 6 29.61 -55.00 14.41
C SER N 6 30.59 -53.94 13.94
N ALA N 7 30.44 -53.49 12.69
CA ALA N 7 31.27 -52.41 12.18
C ALA N 7 31.03 -51.12 12.95
N PHE N 8 29.78 -50.89 13.34
CA PHE N 8 29.43 -49.65 14.09
C PHE N 8 30.12 -49.69 15.44
N ILE N 9 29.98 -50.79 16.19
CA ILE N 9 30.54 -50.84 17.56
C ILE N 9 32.06 -50.70 17.47
N ASN N 10 32.69 -51.42 16.56
CA ASN N 10 34.18 -51.36 16.42
C ASN N 10 34.58 -49.95 15.98
N SER N 11 33.77 -49.27 15.18
CA SER N 11 34.04 -47.86 14.82
C SER N 11 34.01 -46.99 16.07
N LEU N 12 33.06 -47.23 16.97
CA LEU N 12 32.99 -46.47 18.24
C LEU N 12 34.27 -46.75 19.04
N LEU N 13 34.68 -48.01 19.10
CA LEU N 13 35.86 -48.38 19.92
C LEU N 13 37.12 -47.77 19.31
N ALA N 14 37.25 -47.80 18.00
CA ALA N 14 38.48 -47.28 17.35
C ALA N 14 38.54 -45.77 17.55
N GLY N 15 37.40 -45.12 17.38
CA GLY N 15 37.38 -43.67 17.61
C GLY N 15 37.74 -43.37 19.03
N LEU N 16 37.28 -44.19 19.97
CA LEU N 16 37.69 -43.99 21.35
C LEU N 16 39.18 -44.20 21.53
N PHE N 17 39.72 -45.31 21.00
CA PHE N 17 41.07 -45.73 21.34
C PHE N 17 42.14 -45.19 20.40
N ILE N 18 41.77 -44.64 19.24
CA ILE N 18 42.74 -44.10 18.30
C ILE N 18 42.69 -42.58 18.24
N VAL N 19 41.54 -41.96 18.50
CA VAL N 19 41.36 -40.52 18.41
C VAL N 19 41.19 -39.90 19.80
N ILE N 20 40.19 -40.34 20.54
CA ILE N 20 39.85 -39.69 21.80
C ILE N 20 40.89 -39.98 22.87
N ILE N 21 41.16 -41.27 23.13
CA ILE N 21 42.09 -41.64 24.19
C ILE N 21 43.51 -41.13 23.95
N PRO N 22 44.12 -41.32 22.77
CA PRO N 22 45.50 -40.81 22.60
C PRO N 22 45.62 -39.31 22.71
N ILE N 23 44.73 -38.56 22.05
CA ILE N 23 44.80 -37.10 22.09
C ILE N 23 44.55 -36.60 23.51
N GLY N 24 43.53 -37.15 24.18
CA GLY N 24 43.26 -36.75 25.55
C GLY N 24 44.39 -37.06 26.51
N THR N 25 45.02 -38.22 26.32
CA THR N 25 46.15 -38.61 27.17
C THR N 25 47.23 -37.58 27.00
N ALA N 26 47.53 -37.22 25.76
CA ALA N 26 48.61 -36.26 25.50
C ALA N 26 48.31 -34.92 26.18
N LEU N 27 47.08 -34.43 26.09
CA LEU N 27 46.80 -33.09 26.65
C LEU N 27 46.98 -33.13 28.17
N LEU N 28 46.43 -34.15 28.83
CA LEU N 28 46.63 -34.29 30.30
C LEU N 28 48.11 -34.48 30.62
N ILE N 29 48.83 -35.27 29.83
CA ILE N 29 50.26 -35.56 30.15
C ILE N 29 51.08 -34.28 30.01
N VAL N 30 50.87 -33.50 28.95
CA VAL N 30 51.72 -32.30 28.69
C VAL N 30 51.18 -31.11 29.50
N SER N 31 49.86 -31.00 29.67
CA SER N 31 49.33 -29.95 30.52
C SER N 31 49.83 -30.08 31.96
N GLN N 32 49.78 -31.29 32.51
CA GLN N 32 50.24 -31.50 33.88
C GLN N 32 51.76 -31.34 33.97
N SER N 33 52.49 -31.80 32.95
CA SER N 33 53.95 -31.67 32.97
C SER N 33 54.38 -30.21 32.91
N ASP N 34 53.73 -29.38 32.09
CA ASP N 34 54.10 -27.93 32.15
C ASP N 34 53.26 -27.28 33.25
N VAL O 7 72.06 -31.93 -24.25
CA VAL O 7 72.51 -31.64 -22.85
C VAL O 7 73.53 -30.49 -22.86
N ALA O 8 74.00 -30.09 -24.04
CA ALA O 8 74.93 -28.95 -24.13
C ALA O 8 74.22 -27.71 -23.62
N GLN O 9 72.94 -27.59 -23.93
CA GLN O 9 72.19 -26.37 -23.54
C GLN O 9 72.27 -26.24 -22.03
N LEU O 10 72.04 -27.35 -21.31
CA LEU O 10 72.19 -27.30 -19.83
C LEU O 10 73.57 -26.72 -19.50
N ILE O 11 74.57 -26.97 -20.34
CA ILE O 11 75.89 -26.46 -19.95
C ILE O 11 75.99 -24.96 -20.27
N SER O 12 75.53 -24.55 -21.45
CA SER O 12 75.56 -23.13 -21.81
C SER O 12 74.67 -22.31 -20.88
N LEU O 13 73.48 -22.84 -20.55
CA LEU O 13 72.59 -22.15 -19.62
C LEU O 13 73.22 -22.03 -18.24
N PHE O 14 73.91 -23.08 -17.78
CA PHE O 14 74.59 -23.03 -16.49
C PHE O 14 75.70 -21.98 -16.50
N LEU O 15 76.49 -21.92 -17.58
CA LEU O 15 77.55 -20.94 -17.65
C LEU O 15 77.00 -19.51 -17.67
N ILE O 16 75.93 -19.29 -18.44
CA ILE O 16 75.34 -17.95 -18.50
C ILE O 16 74.75 -17.57 -17.15
N LEU O 17 74.07 -18.51 -16.48
CA LEU O 17 73.49 -18.24 -15.17
C LEU O 17 74.57 -18.03 -14.12
N THR O 18 75.75 -18.64 -14.31
CA THR O 18 76.85 -18.41 -13.38
C THR O 18 77.50 -17.05 -13.60
N SER O 19 77.57 -16.60 -14.86
CA SER O 19 78.28 -15.37 -15.18
C SER O 19 77.69 -14.15 -14.48
N GLY O 20 76.39 -14.17 -14.19
CA GLY O 20 75.75 -13.05 -13.55
C GLY O 20 76.19 -12.85 -12.11
N PRO O 21 75.83 -13.79 -11.23
CA PRO O 21 76.27 -13.71 -9.83
C PRO O 21 77.78 -13.78 -9.65
N ALA O 22 78.53 -14.28 -10.63
CA ALA O 22 79.99 -14.30 -10.50
C ALA O 22 80.55 -12.90 -10.39
N ILE O 23 80.00 -11.95 -11.15
CA ILE O 23 80.45 -10.56 -11.06
C ILE O 23 80.20 -10.01 -9.66
N ILE O 24 79.02 -10.27 -9.11
CA ILE O 24 78.68 -9.79 -7.76
C ILE O 24 79.60 -10.42 -6.72
N VAL O 25 79.87 -11.72 -6.86
CA VAL O 25 80.76 -12.41 -5.92
C VAL O 25 82.17 -11.84 -6.00
N LEU O 26 82.67 -11.58 -7.20
CA LEU O 26 84.00 -11.01 -7.35
C LEU O 26 84.07 -9.60 -6.77
N ILE O 27 83.01 -8.81 -6.97
CA ILE O 27 82.97 -7.46 -6.39
C ILE O 27 82.98 -7.54 -4.86
N ALA O 28 82.21 -8.48 -4.30
CA ALA O 28 82.20 -8.66 -2.85
C ALA O 28 83.57 -9.09 -2.33
N LEU O 29 84.25 -9.98 -3.06
CA LEU O 29 85.59 -10.40 -2.68
C LEU O 29 86.57 -9.23 -2.72
N ARG O 30 86.48 -8.40 -3.75
CA ARG O 30 87.31 -7.21 -3.84
C ARG O 30 86.73 -6.03 -3.06
N ARG O 31 85.55 -6.19 -2.46
CA ARG O 31 84.94 -5.19 -1.58
C ARG O 31 84.75 -3.85 -2.30
N GLY O 32 84.27 -3.90 -3.54
CA GLY O 32 83.99 -2.72 -4.32
C GLY O 32 82.60 -2.18 -4.06
N ASN O 33 82.21 -1.21 -4.88
CA ASN O 33 80.89 -0.59 -4.79
C ASN O 33 79.85 -1.56 -5.33
N LEU O 34 79.21 -2.31 -4.42
CA LEU O 34 78.21 -3.28 -4.82
C LEU O 34 76.81 -2.72 -4.61
N MET P 1 88.58 -25.26 -42.83
CA MET P 1 87.91 -23.95 -42.89
C MET P 1 86.83 -23.93 -41.81
N VAL P 2 85.89 -24.85 -41.93
CA VAL P 2 84.81 -24.93 -40.92
C VAL P 2 85.54 -25.08 -39.57
N ALA P 3 86.57 -25.91 -39.51
CA ALA P 3 87.32 -25.99 -38.23
C ALA P 3 87.92 -24.63 -37.88
N ILE P 4 88.45 -23.90 -38.86
CA ILE P 4 89.12 -22.61 -38.57
C ILE P 4 88.09 -21.56 -38.15
N LEU P 5 86.98 -21.48 -38.88
CA LEU P 5 85.91 -20.51 -38.53
C LEU P 5 85.31 -20.93 -37.18
N GLN P 6 85.07 -22.23 -37.01
CA GLN P 6 84.52 -22.73 -35.73
C GLN P 6 85.52 -22.40 -34.61
N LEU P 7 86.74 -22.92 -34.67
CA LEU P 7 87.68 -22.66 -33.58
C LEU P 7 87.78 -21.17 -33.30
N LEU P 8 87.80 -20.35 -34.36
CA LEU P 8 87.93 -18.90 -34.19
C LEU P 8 86.72 -18.32 -33.46
N VAL P 9 85.51 -18.72 -33.84
CA VAL P 9 84.33 -18.16 -33.18
C VAL P 9 84.15 -18.77 -31.79
N SER P 10 84.80 -19.91 -31.56
CA SER P 10 84.79 -20.52 -30.21
C SER P 10 85.64 -19.65 -29.27
N MET P 11 86.74 -19.11 -29.79
CA MET P 11 87.63 -18.23 -28.99
C MET P 11 86.96 -16.89 -28.72
N LEU P 12 86.21 -16.37 -29.69
CA LEU P 12 85.48 -15.09 -29.49
C LEU P 12 84.49 -15.28 -28.33
N ILE P 13 83.80 -16.41 -28.30
CA ILE P 13 82.80 -16.68 -27.24
C ILE P 13 83.56 -16.70 -25.92
N LEU P 14 84.72 -17.37 -25.88
CA LEU P 14 85.47 -17.50 -24.60
C LEU P 14 85.96 -16.12 -24.17
N LEU P 15 86.46 -15.31 -25.10
CA LEU P 15 86.97 -13.97 -24.74
C LEU P 15 85.78 -13.11 -24.30
N SER P 16 84.66 -13.19 -25.02
CA SER P 16 83.46 -12.39 -24.66
C SER P 16 83.01 -12.84 -23.27
N PHE P 17 82.93 -14.14 -23.05
CA PHE P 17 82.58 -14.54 -21.68
C PHE P 17 83.58 -13.97 -20.67
N ALA P 18 84.87 -14.07 -20.99
CA ALA P 18 85.89 -13.57 -20.08
C ALA P 18 85.78 -12.06 -19.90
N LEU P 19 85.47 -11.33 -20.97
CA LEU P 19 85.38 -9.85 -20.90
C LEU P 19 84.09 -9.43 -20.16
N VAL P 20 83.03 -10.22 -20.28
CA VAL P 20 81.74 -9.89 -19.61
C VAL P 20 81.96 -9.90 -18.09
N VAL P 21 82.80 -10.79 -17.58
CA VAL P 21 82.98 -10.90 -16.11
C VAL P 21 84.07 -9.92 -15.69
N SER P 22 85.21 -9.93 -16.38
CA SER P 22 86.35 -9.08 -15.96
C SER P 22 86.04 -7.58 -16.09
N VAL P 23 85.66 -7.10 -17.27
CA VAL P 23 85.49 -5.63 -17.40
C VAL P 23 84.68 -5.10 -16.20
N PRO P 24 83.46 -5.60 -15.89
CA PRO P 24 82.69 -5.05 -14.79
C PRO P 24 83.39 -5.12 -13.44
N VAL P 25 84.11 -6.19 -13.17
CA VAL P 25 84.86 -6.33 -11.88
C VAL P 25 86.02 -5.33 -11.84
N ILE P 26 86.84 -5.29 -12.88
CA ILE P 26 88.05 -4.41 -12.86
C ILE P 26 87.61 -2.95 -12.75
N LEU P 27 86.58 -2.54 -13.48
CA LEU P 27 86.17 -1.13 -13.48
C LEU P 27 85.58 -0.73 -12.11
N VAL P 28 84.87 -1.65 -11.45
CA VAL P 28 84.21 -1.28 -10.17
C VAL P 28 85.18 -1.51 -8.99
N SER P 29 85.94 -2.60 -9.02
CA SER P 29 86.83 -2.93 -7.87
C SER P 29 87.82 -1.79 -7.63
N PRO P 30 88.00 -1.32 -6.37
CA PRO P 30 88.83 -0.15 -6.12
C PRO P 30 90.24 -0.30 -6.63
N GLY P 31 90.87 -1.43 -6.33
CA GLY P 31 92.28 -1.60 -6.73
C GLY P 31 92.45 -1.71 -8.24
N GLU P 32 91.62 -2.51 -8.91
CA GLU P 32 91.83 -2.78 -10.35
C GLU P 32 91.56 -1.56 -11.24
N TRP P 33 92.06 -1.57 -12.49
CA TRP P 33 91.93 -0.47 -13.49
C TRP P 33 93.22 0.33 -13.52
N GLU P 34 94.11 0.09 -12.58
CA GLU P 34 95.44 0.75 -12.70
C GLU P 34 96.42 -0.41 -12.81
N LYS P 35 96.04 -1.57 -12.28
CA LYS P 35 96.89 -2.78 -12.36
C LYS P 35 96.40 -3.66 -13.51
N SER P 36 95.36 -3.23 -14.22
CA SER P 36 94.78 -4.07 -15.29
C SER P 36 94.26 -3.23 -16.45
N LYS P 37 94.59 -1.95 -16.51
CA LYS P 37 94.01 -1.10 -17.58
C LYS P 37 94.38 -1.69 -18.94
N GLY P 38 95.67 -2.03 -19.11
CA GLY P 38 96.12 -2.66 -20.35
C GLY P 38 95.50 -4.02 -20.51
N LEU P 39 95.43 -4.79 -19.42
CA LEU P 39 94.92 -6.17 -19.59
C LEU P 39 93.49 -6.08 -20.12
N VAL P 40 92.74 -5.06 -19.68
CA VAL P 40 91.35 -4.86 -20.20
C VAL P 40 91.41 -4.42 -21.66
N TYR P 41 92.16 -3.36 -21.99
CA TYR P 41 92.15 -2.85 -23.40
C TYR P 41 92.52 -3.97 -24.33
N THR P 42 93.71 -4.52 -24.16
CA THR P 42 94.16 -5.66 -24.96
C THR P 42 93.03 -6.64 -25.19
N GLY P 43 92.21 -6.90 -24.16
CA GLY P 43 91.10 -7.81 -24.32
C GLY P 43 90.06 -7.32 -25.31
N ALA P 44 89.72 -6.03 -25.22
CA ALA P 44 88.74 -5.47 -26.15
C ALA P 44 89.28 -5.44 -27.58
N GLY P 45 90.56 -5.09 -27.75
CA GLY P 45 91.16 -5.12 -29.07
C GLY P 45 91.20 -6.52 -29.65
N LEU P 46 91.53 -7.51 -28.82
CA LEU P 46 91.53 -8.89 -29.28
C LEU P 46 90.12 -9.36 -29.62
N TRP P 47 89.12 -8.90 -28.86
CA TRP P 47 87.73 -9.25 -29.16
C TRP P 47 87.30 -8.70 -30.52
N PHE P 48 87.62 -7.43 -30.78
CA PHE P 48 87.27 -6.84 -32.07
C PHE P 48 88.05 -7.50 -33.20
N GLY P 49 89.31 -7.84 -32.96
CA GLY P 49 90.09 -8.55 -33.97
C GLY P 49 89.51 -9.92 -34.28
N LEU P 50 89.07 -10.63 -33.25
CA LEU P 50 88.43 -11.93 -33.46
C LEU P 50 87.12 -11.77 -34.24
N VAL P 51 86.35 -10.72 -33.95
CA VAL P 51 85.13 -10.48 -34.70
C VAL P 51 85.45 -10.24 -36.18
N ILE P 52 86.46 -9.41 -36.45
CA ILE P 52 86.85 -9.13 -37.83
C ILE P 52 87.33 -10.39 -38.53
N MET P 53 88.13 -11.21 -37.84
CA MET P 53 88.64 -12.44 -38.44
C MET P 53 87.52 -13.43 -38.71
N THR P 54 86.54 -13.54 -37.81
CA THR P 54 85.40 -14.41 -38.06
C THR P 54 84.60 -13.93 -39.26
N ALA P 55 84.40 -12.62 -39.37
CA ALA P 55 83.72 -12.07 -40.53
C ALA P 55 84.48 -12.37 -41.82
N ALA P 56 85.81 -12.32 -41.76
CA ALA P 56 86.63 -12.66 -42.92
C ALA P 56 86.49 -14.13 -43.31
N PHE P 57 86.64 -15.03 -42.35
CA PHE P 57 86.59 -16.45 -42.63
C PHE P 57 85.20 -16.95 -42.96
N ASN P 58 84.18 -16.20 -42.53
CA ASN P 58 82.77 -16.58 -42.84
C ASN P 58 82.62 -16.53 -44.35
N SER P 59 83.35 -15.62 -44.99
CA SER P 59 83.27 -15.43 -46.45
C SER P 59 83.74 -16.69 -47.21
N PHE P 60 84.80 -17.37 -46.77
CA PHE P 60 85.32 -18.53 -47.54
C PHE P 60 84.62 -19.81 -47.12
N VAL P 61 83.66 -19.73 -46.21
CA VAL P 61 82.85 -20.89 -45.84
C VAL P 61 81.47 -20.77 -46.47
N SER Q 29 -19.09 -6.70 50.23
CA SER Q 29 -18.43 -6.27 51.49
C SER Q 29 -18.61 -7.35 52.56
N ALA Q 30 -19.76 -7.41 53.16
CA ALA Q 30 -20.00 -8.38 54.26
C ALA Q 30 -20.50 -9.70 53.70
N SER Q 31 -20.76 -9.76 52.39
CA SER Q 31 -21.34 -11.00 51.80
C SER Q 31 -20.79 -11.22 50.39
N LEU Q 32 -20.65 -12.49 49.98
CA LEU Q 32 -20.25 -12.77 48.60
C LEU Q 32 -21.19 -12.13 47.61
N TRP Q 33 -22.51 -12.22 47.87
CA TRP Q 33 -23.47 -11.58 46.99
C TRP Q 33 -23.34 -10.08 47.02
N GLU Q 34 -23.03 -9.51 48.19
CA GLU Q 34 -22.80 -8.06 48.27
C GLU Q 34 -21.58 -7.65 47.45
N ARG Q 35 -20.53 -8.47 47.51
CA ARG Q 35 -19.32 -8.17 46.69
C ARG Q 35 -19.71 -8.23 45.20
N PHE Q 36 -20.45 -9.26 44.81
CA PHE Q 36 -20.85 -9.38 43.40
C PHE Q 36 -21.70 -8.19 42.97
N CYS Q 37 -22.62 -7.75 43.82
CA CYS Q 37 -23.44 -6.58 43.51
C CYS Q 37 -22.59 -5.32 43.40
N SER Q 38 -21.58 -5.23 44.26
CA SER Q 38 -20.73 -4.00 44.28
C SER Q 38 -19.77 -3.98 43.09
N TRP Q 39 -19.68 -5.10 42.35
CA TRP Q 39 -18.81 -5.16 41.14
C TRP Q 39 -19.66 -5.05 39.87
N ILE Q 40 -20.84 -5.66 39.89
CA ILE Q 40 -21.76 -5.53 38.72
C ILE Q 40 -22.17 -4.05 38.63
N THR Q 41 -22.44 -3.42 39.78
CA THR Q 41 -22.90 -2.01 39.80
C THR Q 41 -21.77 -1.08 40.20
N SER Q 42 -20.55 -1.32 39.69
CA SER Q 42 -19.39 -0.44 40.01
C SER Q 42 -19.19 0.61 38.91
N THR Q 43 -18.84 1.84 39.29
CA THR Q 43 -18.64 2.93 38.31
C THR Q 43 -17.18 3.07 37.98
N GLU Q 44 -16.39 2.02 38.23
CA GLU Q 44 -14.92 2.10 38.00
C GLU Q 44 -14.53 1.19 36.84
N ASN Q 45 -15.39 0.23 36.46
CA ASN Q 45 -15.10 -0.60 35.27
C ASN Q 45 -15.12 0.30 34.04
N ARG Q 46 -14.11 0.18 33.16
CA ARG Q 46 -14.00 1.07 31.96
C ARG Q 46 -15.38 1.24 31.33
N LEU Q 47 -16.13 0.13 31.20
CA LEU Q 47 -17.51 0.23 30.65
C LEU Q 47 -18.49 -0.29 31.71
N TYR Q 48 -19.48 0.50 32.07
CA TYR Q 48 -20.41 0.08 33.14
C TYR Q 48 -21.08 -1.20 32.74
N ILE Q 49 -21.21 -2.13 33.67
CA ILE Q 49 -21.99 -3.36 33.38
C ILE Q 49 -23.40 -3.08 33.89
N GLY Q 50 -23.59 -3.09 35.19
CA GLY Q 50 -24.91 -2.86 35.76
C GLY Q 50 -25.77 -4.08 35.63
N TRP Q 51 -26.95 -4.06 36.21
CA TRP Q 51 -27.86 -5.22 36.16
C TRP Q 51 -28.44 -5.38 34.77
N PHE Q 52 -28.79 -4.29 34.13
CA PHE Q 52 -29.30 -4.34 32.74
C PHE Q 52 -28.18 -4.85 31.86
N GLY Q 53 -26.95 -4.51 32.18
CA GLY Q 53 -25.78 -5.01 31.45
C GLY Q 53 -25.60 -6.49 31.68
N VAL Q 54 -26.19 -7.03 32.74
CA VAL Q 54 -26.12 -8.48 32.96
C VAL Q 54 -26.96 -9.22 31.93
N LEU Q 55 -28.08 -8.64 31.51
CA LEU Q 55 -28.86 -9.20 30.41
C LEU Q 55 -28.43 -8.68 29.05
N MET Q 56 -27.95 -7.44 28.99
CA MET Q 56 -27.63 -6.82 27.70
C MET Q 56 -26.40 -7.44 27.06
N ILE Q 57 -25.32 -7.62 27.82
CA ILE Q 57 -24.06 -8.07 27.24
C ILE Q 57 -24.16 -9.46 26.62
N PRO Q 58 -24.70 -10.49 27.30
CA PRO Q 58 -24.80 -11.80 26.63
C PRO Q 58 -25.67 -11.79 25.39
N THR Q 59 -26.84 -11.14 25.45
CA THR Q 59 -27.74 -11.11 24.29
C THR Q 59 -27.11 -10.35 23.13
N LEU Q 60 -26.53 -9.18 23.41
CA LEU Q 60 -25.92 -8.39 22.34
C LEU Q 60 -24.72 -9.11 21.73
N LEU Q 61 -23.89 -9.73 22.57
CA LEU Q 61 -22.73 -10.46 22.04
C LEU Q 61 -23.15 -11.67 21.22
N THR Q 62 -24.16 -12.40 21.68
CA THR Q 62 -24.68 -13.54 20.93
C THR Q 62 -25.23 -13.10 19.58
N ALA Q 63 -26.06 -12.04 19.57
CA ALA Q 63 -26.61 -11.55 18.32
C ALA Q 63 -25.51 -11.04 17.40
N THR Q 64 -24.49 -10.39 17.95
CA THR Q 64 -23.40 -9.86 17.15
C THR Q 64 -22.63 -10.99 16.46
N THR Q 65 -22.22 -12.01 17.22
CA THR Q 65 -21.44 -13.09 16.62
C THR Q 65 -22.27 -13.91 15.64
N VAL Q 66 -23.56 -14.14 15.96
CA VAL Q 66 -24.41 -14.88 15.02
C VAL Q 66 -24.61 -14.07 13.74
N TYR Q 67 -24.76 -12.75 13.86
CA TYR Q 67 -24.90 -11.90 12.69
C TYR Q 67 -23.65 -11.93 11.83
N ILE Q 68 -22.46 -11.87 12.46
CA ILE Q 68 -21.23 -11.89 11.70
C ILE Q 68 -21.07 -13.22 10.97
N ILE Q 69 -21.30 -14.33 11.69
CA ILE Q 69 -21.13 -15.65 11.09
C ILE Q 69 -22.15 -15.86 9.96
N ALA Q 70 -23.39 -15.40 10.15
CA ALA Q 70 -24.40 -15.53 9.10
C ALA Q 70 -24.07 -14.65 7.90
N PHE Q 71 -23.65 -13.41 8.14
CA PHE Q 71 -23.29 -12.51 7.04
C PHE Q 71 -22.12 -13.05 6.25
N ILE Q 72 -21.26 -13.84 6.85
CA ILE Q 72 -20.17 -14.33 5.99
C ILE Q 72 -20.58 -15.66 5.34
N ALA Q 73 -20.94 -16.67 6.13
CA ALA Q 73 -21.18 -18.03 5.58
C ALA Q 73 -22.60 -18.58 5.53
N ALA Q 74 -23.64 -17.88 5.93
CA ALA Q 74 -24.95 -18.57 6.02
C ALA Q 74 -25.41 -19.14 4.69
N PRO Q 75 -26.05 -20.31 4.71
CA PRO Q 75 -26.65 -20.87 3.49
C PRO Q 75 -27.82 -20.01 3.03
N PRO Q 76 -28.22 -20.11 1.76
CA PRO Q 76 -29.39 -19.35 1.30
C PRO Q 76 -30.66 -19.79 1.99
N VAL Q 77 -31.58 -18.84 2.16
CA VAL Q 77 -32.79 -19.02 2.94
C VAL Q 77 -34.00 -18.97 2.02
N ASP Q 78 -34.89 -19.95 2.15
CA ASP Q 78 -36.15 -19.98 1.42
C ASP Q 78 -37.14 -19.06 2.13
N ILE Q 79 -37.00 -17.76 1.86
CA ILE Q 79 -37.78 -16.76 2.58
C ILE Q 79 -39.25 -16.84 2.20
N ASP Q 80 -39.54 -17.08 0.92
CA ASP Q 80 -40.94 -17.11 0.43
C ASP Q 80 -41.62 -18.42 0.86
N GLY Q 81 -40.84 -19.47 1.13
CA GLY Q 81 -41.42 -20.75 1.46
C GLY Q 81 -41.90 -21.57 0.29
N ILE Q 82 -41.48 -21.31 -0.90
CA ILE Q 82 -41.91 -22.07 -2.11
C ILE Q 82 -40.68 -22.77 -2.72
N ARG Q 83 -39.66 -23.05 -1.92
CA ARG Q 83 -38.50 -23.85 -2.33
C ARG Q 83 -37.67 -23.15 -3.39
N GLU Q 84 -37.53 -21.84 -3.28
CA GLU Q 84 -36.56 -21.07 -4.07
C GLU Q 84 -35.78 -20.19 -3.11
N PRO Q 85 -34.62 -20.66 -2.64
CA PRO Q 85 -33.86 -19.92 -1.63
C PRO Q 85 -33.28 -18.62 -2.18
N VAL Q 86 -33.05 -17.68 -1.27
CA VAL Q 86 -32.46 -16.39 -1.59
C VAL Q 86 -31.13 -16.28 -0.84
N ALA Q 87 -30.06 -16.01 -1.58
CA ALA Q 87 -28.73 -15.89 -0.99
C ALA Q 87 -28.49 -14.49 -0.47
N GLY Q 88 -27.88 -14.39 0.71
CA GLY Q 88 -27.56 -13.11 1.30
C GLY Q 88 -26.20 -13.09 1.96
N SER Q 89 -25.43 -14.14 1.75
CA SER Q 89 -24.14 -14.31 2.41
C SER Q 89 -23.00 -13.97 1.46
N LEU Q 90 -21.86 -13.56 2.05
CA LEU Q 90 -20.70 -13.16 1.25
C LEU Q 90 -20.14 -14.35 0.47
N LEU Q 91 -20.18 -15.54 1.07
CA LEU Q 91 -19.60 -16.74 0.45
C LEU Q 91 -20.51 -17.29 -0.67
N TYR Q 92 -21.79 -16.96 -0.63
CA TYR Q 92 -22.70 -17.45 -1.69
C TYR Q 92 -22.88 -16.40 -2.78
N GLY Q 93 -21.94 -15.46 -2.94
CA GLY Q 93 -22.01 -14.51 -4.07
C GLY Q 93 -22.48 -13.09 -3.77
N ASN Q 94 -22.60 -12.71 -2.52
CA ASN Q 94 -23.04 -11.34 -2.15
C ASN Q 94 -21.85 -10.43 -1.84
N ASN Q 95 -22.04 -9.12 -1.89
CA ASN Q 95 -21.01 -8.10 -1.54
C ASN Q 95 -21.46 -7.42 -0.23
N ILE Q 96 -20.81 -6.37 0.25
CA ILE Q 96 -21.28 -5.73 1.49
C ILE Q 96 -22.67 -5.14 1.29
N ILE Q 97 -22.90 -4.47 0.15
CA ILE Q 97 -24.18 -3.82 -0.08
C ILE Q 97 -25.30 -4.83 -0.23
N SER Q 98 -25.06 -5.89 -1.01
CA SER Q 98 -26.10 -6.87 -1.29
C SER Q 98 -26.22 -7.96 -0.23
N GLY Q 99 -25.27 -8.03 0.71
CA GLY Q 99 -25.33 -9.05 1.73
C GLY Q 99 -26.35 -8.71 2.81
N ALA Q 100 -27.02 -9.75 3.31
CA ALA Q 100 -28.03 -9.58 4.33
C ALA Q 100 -28.27 -10.92 5.03
N VAL Q 101 -28.85 -10.83 6.23
CA VAL Q 101 -29.36 -12.01 6.91
C VAL Q 101 -30.84 -12.12 6.54
N ILE Q 102 -31.15 -13.11 5.72
CA ILE Q 102 -32.49 -13.23 5.13
C ILE Q 102 -33.49 -13.51 6.24
N PRO Q 103 -34.67 -12.88 6.23
CA PRO Q 103 -35.70 -13.18 7.23
C PRO Q 103 -36.16 -14.63 7.15
N SER Q 104 -36.85 -15.04 8.20
CA SER Q 104 -37.28 -16.43 8.33
C SER Q 104 -38.26 -16.82 7.24
N SER Q 105 -38.40 -18.12 7.03
CA SER Q 105 -39.26 -18.64 5.99
C SER Q 105 -40.71 -18.29 6.26
N ALA Q 106 -41.46 -18.05 5.18
CA ALA Q 106 -42.89 -17.77 5.31
C ALA Q 106 -43.67 -18.96 5.86
N SER Q 107 -43.15 -20.17 5.66
CA SER Q 107 -43.78 -21.35 6.25
C SER Q 107 -43.67 -21.33 7.77
N ILE Q 108 -42.60 -20.73 8.30
CA ILE Q 108 -42.46 -20.60 9.75
C ILE Q 108 -43.50 -19.63 10.31
N GLY Q 109 -43.77 -18.56 9.58
CA GLY Q 109 -44.68 -17.54 10.10
C GLY Q 109 -44.03 -16.79 11.24
N ILE Q 110 -44.77 -16.66 12.35
CA ILE Q 110 -44.22 -16.06 13.55
C ILE Q 110 -44.11 -17.12 14.64
N HIS Q 111 -43.99 -18.37 14.23
CA HIS Q 111 -43.73 -19.45 15.17
C HIS Q 111 -42.32 -19.29 15.75
N PHE Q 112 -42.20 -19.58 17.05
CA PHE Q 112 -40.90 -19.56 17.70
C PHE Q 112 -40.03 -20.66 17.11
N TYR Q 113 -38.88 -20.28 16.55
CA TYR Q 113 -38.02 -21.19 15.78
C TYR Q 113 -36.59 -21.13 16.29
N PRO Q 114 -36.31 -21.71 17.46
CA PRO Q 114 -34.93 -21.86 17.92
C PRO Q 114 -34.25 -23.03 17.20
N ILE Q 115 -32.98 -23.25 17.56
CA ILE Q 115 -32.23 -24.33 16.94
C ILE Q 115 -32.80 -25.68 17.33
N TRP Q 116 -33.21 -25.84 18.59
CA TRP Q 116 -33.68 -27.14 19.06
C TRP Q 116 -35.08 -27.48 18.55
N GLU Q 117 -35.80 -26.54 17.96
CA GLU Q 117 -37.10 -26.81 17.37
C GLU Q 117 -37.03 -27.17 15.89
N ALA Q 118 -35.82 -27.31 15.35
CA ALA Q 118 -35.63 -27.74 13.98
C ALA Q 118 -35.08 -29.16 13.96
N ALA Q 119 -35.46 -29.90 12.91
CA ALA Q 119 -35.03 -31.29 12.80
C ALA Q 119 -33.51 -31.40 12.66
N SER Q 120 -32.91 -30.52 11.86
CA SER Q 120 -31.47 -30.51 11.67
C SER Q 120 -30.98 -29.08 11.61
N LEU Q 121 -29.67 -28.92 11.79
CA LEU Q 121 -29.05 -27.60 11.68
C LEU Q 121 -29.19 -27.05 10.26
N ASP Q 122 -29.15 -27.96 9.27
CA ASP Q 122 -29.29 -27.54 7.86
C ASP Q 122 -30.68 -26.93 7.64
N GLU Q 123 -31.72 -27.61 8.13
CA GLU Q 123 -33.10 -27.12 7.91
C GLU Q 123 -33.30 -25.82 8.72
N TRP Q 124 -32.68 -25.72 9.90
CA TRP Q 124 -32.77 -24.45 10.68
C TRP Q 124 -32.19 -23.33 9.82
N LEU Q 125 -30.99 -23.55 9.28
CA LEU Q 125 -30.38 -22.53 8.43
C LEU Q 125 -31.22 -22.28 7.17
N TYR Q 126 -31.91 -23.31 6.66
CA TYR Q 126 -32.66 -23.17 5.43
C TYR Q 126 -33.93 -22.34 5.62
N ASN Q 127 -34.47 -22.30 6.83
CA ASN Q 127 -35.72 -21.62 7.10
C ASN Q 127 -35.55 -20.26 7.74
N GLY Q 128 -34.32 -19.75 7.82
CA GLY Q 128 -34.10 -18.42 8.37
C GLY Q 128 -34.15 -18.32 9.88
N GLY Q 129 -33.81 -19.39 10.59
CA GLY Q 129 -33.70 -19.36 12.04
C GLY Q 129 -32.72 -18.38 12.62
N PRO Q 130 -31.51 -18.21 12.05
CA PRO Q 130 -30.59 -17.20 12.56
C PRO Q 130 -31.18 -15.80 12.55
N TYR Q 131 -32.07 -15.48 11.61
CA TYR Q 131 -32.72 -14.18 11.63
C TYR Q 131 -33.53 -14.00 12.91
N GLN Q 132 -34.32 -15.02 13.28
CA GLN Q 132 -35.09 -14.95 14.52
C GLN Q 132 -34.17 -14.85 15.73
N LEU Q 133 -33.09 -15.62 15.74
CA LEU Q 133 -32.14 -15.57 16.86
C LEU Q 133 -31.58 -14.16 17.02
N ILE Q 134 -31.07 -13.58 15.93
CA ILE Q 134 -30.47 -12.26 15.97
C ILE Q 134 -31.51 -11.22 16.39
N VAL Q 135 -32.72 -11.30 15.83
CA VAL Q 135 -33.74 -10.29 16.12
C VAL Q 135 -34.12 -10.34 17.59
N ASP Q 136 -34.37 -11.53 18.14
CA ASP Q 136 -34.79 -11.64 19.52
C ASP Q 136 -33.67 -11.19 20.48
N HIS Q 137 -32.45 -11.67 20.26
CA HIS Q 137 -31.35 -11.27 21.14
C HIS Q 137 -31.03 -9.79 21.01
N PHE Q 138 -31.20 -9.21 19.82
CA PHE Q 138 -30.94 -7.79 19.62
C PHE Q 138 -32.00 -6.93 20.28
N LEU Q 139 -33.28 -7.35 20.24
CA LEU Q 139 -34.32 -6.61 20.93
C LEU Q 139 -34.12 -6.67 22.44
N LEU Q 140 -33.77 -7.85 22.96
CA LEU Q 140 -33.43 -7.94 24.39
C LEU Q 140 -32.24 -7.06 24.73
N GLY Q 141 -31.24 -7.03 23.84
CA GLY Q 141 -30.06 -6.20 24.09
C GLY Q 141 -30.35 -4.71 24.08
N VAL Q 142 -31.22 -4.25 23.18
CA VAL Q 142 -31.52 -2.82 23.15
C VAL Q 142 -32.40 -2.42 24.32
N CYS Q 143 -33.30 -3.31 24.76
CA CYS Q 143 -34.03 -3.05 26.00
C CYS Q 143 -33.07 -2.96 27.18
N GLY Q 144 -32.10 -3.88 27.24
CA GLY Q 144 -31.07 -3.79 28.25
C GLY Q 144 -30.23 -2.54 28.15
N TRP Q 145 -30.01 -2.05 26.93
CA TRP Q 145 -29.26 -0.80 26.76
C TRP Q 145 -30.03 0.39 27.28
N ILE Q 146 -31.35 0.43 27.05
CA ILE Q 146 -32.19 1.47 27.64
C ILE Q 146 -32.09 1.43 29.16
N GLY Q 147 -32.27 0.24 29.73
CA GLY Q 147 -32.20 0.11 31.17
C GLY Q 147 -30.83 0.43 31.73
N ARG Q 148 -29.77 0.12 30.98
CA ARG Q 148 -28.41 0.36 31.43
C ARG Q 148 -28.06 1.84 31.37
N GLU Q 149 -28.58 2.55 30.36
CA GLU Q 149 -28.45 4.00 30.32
C GLU Q 149 -29.11 4.63 31.54
N TRP Q 150 -30.33 4.18 31.86
CA TRP Q 150 -30.97 4.67 33.10
C TRP Q 150 -30.12 4.32 34.32
N GLU Q 151 -29.58 3.10 34.35
CA GLU Q 151 -28.87 2.63 35.54
C GLU Q 151 -27.61 3.45 35.78
N PHE Q 152 -26.85 3.73 34.72
CA PHE Q 152 -25.64 4.51 34.91
C PHE Q 152 -25.97 5.97 35.17
N SER Q 153 -27.08 6.49 34.64
CA SER Q 153 -27.52 7.83 35.01
C SER Q 153 -27.83 7.90 36.50
N TYR Q 154 -28.47 6.86 37.04
CA TYR Q 154 -28.75 6.83 38.47
C TYR Q 154 -27.48 6.66 39.30
N ARG Q 155 -26.53 5.86 38.79
CA ARG Q 155 -25.26 5.67 39.52
C ARG Q 155 -24.45 6.95 39.57
N LEU Q 156 -24.49 7.74 38.50
CA LEU Q 156 -23.75 9.00 38.45
C LEU Q 156 -24.49 10.17 39.09
N GLY Q 157 -25.73 9.98 39.50
CA GLY Q 157 -26.48 11.05 40.14
C GLY Q 157 -27.04 12.07 39.19
N MET Q 158 -27.13 11.76 37.90
CA MET Q 158 -27.67 12.69 36.91
C MET Q 158 -29.13 12.34 36.62
N ARG Q 159 -29.75 13.13 35.73
CA ARG Q 159 -31.15 12.92 35.42
C ARG Q 159 -31.29 11.74 34.45
N PRO Q 160 -32.40 11.01 34.54
CA PRO Q 160 -32.49 9.68 33.92
C PRO Q 160 -33.12 9.60 32.54
N TRP Q 161 -33.41 10.72 31.88
CA TRP Q 161 -34.27 10.70 30.70
C TRP Q 161 -33.50 10.62 29.38
N ILE Q 162 -32.23 10.23 29.41
CA ILE Q 162 -31.54 9.90 28.17
C ILE Q 162 -32.12 8.62 27.57
N SER Q 163 -32.48 7.66 28.43
CA SER Q 163 -33.10 6.42 27.97
C SER Q 163 -34.45 6.68 27.30
N VAL Q 164 -35.19 7.69 27.79
CA VAL Q 164 -36.43 8.07 27.13
C VAL Q 164 -36.16 8.54 25.71
N ALA Q 165 -35.07 9.28 25.51
CA ALA Q 165 -34.67 9.67 24.16
C ALA Q 165 -34.29 8.45 23.33
N PHE Q 166 -33.58 7.50 23.91
CA PHE Q 166 -33.14 6.32 23.18
C PHE Q 166 -34.29 5.36 22.88
N THR Q 167 -35.43 5.51 23.54
CA THR Q 167 -36.57 4.64 23.25
C THR Q 167 -37.03 4.76 21.79
N ALA Q 168 -36.85 5.92 21.17
CA ALA Q 168 -37.37 6.11 19.81
C ALA Q 168 -36.69 5.23 18.77
N PRO Q 169 -35.35 5.18 18.65
CA PRO Q 169 -34.76 4.19 17.72
C PRO Q 169 -35.05 2.76 18.10
N VAL Q 170 -35.15 2.46 19.40
CA VAL Q 170 -35.52 1.11 19.83
C VAL Q 170 -36.95 0.79 19.38
N ALA Q 171 -37.86 1.76 19.51
CA ALA Q 171 -39.22 1.57 19.04
C ALA Q 171 -39.25 1.33 17.54
N ALA Q 172 -38.47 2.09 16.78
CA ALA Q 172 -38.42 1.91 15.33
C ALA Q 172 -37.87 0.54 14.96
N ALA Q 173 -36.81 0.10 15.64
CA ALA Q 173 -36.23 -1.22 15.37
C ALA Q 173 -37.22 -2.33 15.72
N SER Q 174 -37.93 -2.21 16.83
CA SER Q 174 -38.91 -3.22 17.21
C SER Q 174 -40.10 -3.22 16.25
N ALA Q 175 -40.48 -2.05 15.73
CA ALA Q 175 -41.57 -1.99 14.77
C ALA Q 175 -41.18 -2.64 13.44
N VAL Q 176 -39.95 -2.40 12.98
CA VAL Q 176 -39.53 -2.97 11.71
C VAL Q 176 -39.10 -4.43 11.83
N PHE Q 177 -38.78 -4.90 13.04
CA PHE Q 177 -38.31 -6.26 13.23
C PHE Q 177 -39.32 -7.19 13.90
N LEU Q 178 -40.16 -6.68 14.80
CA LEU Q 178 -41.06 -7.53 15.56
C LEU Q 178 -42.52 -7.18 15.34
N VAL Q 179 -42.89 -5.90 15.42
CA VAL Q 179 -44.31 -5.53 15.39
C VAL Q 179 -44.91 -5.78 14.02
N TYR Q 180 -44.20 -5.40 12.96
CA TYR Q 180 -44.69 -5.64 11.60
C TYR Q 180 -44.83 -7.12 11.28
N PRO Q 181 -43.87 -8.00 11.60
CA PRO Q 181 -44.13 -9.44 11.42
C PRO Q 181 -45.32 -9.96 12.23
N ILE Q 182 -45.53 -9.42 13.44
CA ILE Q 182 -46.68 -9.85 14.24
C ILE Q 182 -47.98 -9.46 13.56
N GLY Q 183 -48.08 -8.22 13.10
CA GLY Q 183 -49.28 -7.78 12.42
C GLY Q 183 -49.51 -8.50 11.10
N GLN Q 184 -48.44 -8.73 10.33
CA GLN Q 184 -48.56 -9.43 9.06
C GLN Q 184 -48.65 -10.95 9.22
N GLY Q 185 -48.13 -11.49 10.32
CA GLY Q 185 -48.24 -12.92 10.58
C GLY Q 185 -47.06 -13.75 10.14
N SER Q 186 -45.94 -13.13 9.78
CA SER Q 186 -44.76 -13.88 9.35
C SER Q 186 -43.52 -13.03 9.53
N PHE Q 187 -42.46 -13.64 10.05
CA PHE Q 187 -41.17 -12.95 10.14
C PHE Q 187 -40.54 -12.69 8.79
N SER Q 188 -41.04 -13.32 7.72
CA SER Q 188 -40.56 -13.03 6.37
C SER Q 188 -40.87 -11.61 5.94
N ASP Q 189 -41.86 -10.97 6.55
CA ASP Q 189 -42.20 -9.57 6.27
C ASP Q 189 -41.31 -8.60 7.04
N GLY Q 190 -40.49 -9.07 7.96
CA GLY Q 190 -39.59 -8.19 8.68
C GLY Q 190 -38.48 -7.66 7.79
N MET Q 191 -37.85 -6.59 8.25
CA MET Q 191 -36.78 -5.98 7.48
C MET Q 191 -35.55 -6.87 7.48
N PRO Q 192 -34.99 -7.20 6.32
CA PRO Q 192 -33.76 -8.01 6.29
C PRO Q 192 -32.59 -7.26 6.91
N LEU Q 193 -31.68 -8.02 7.51
CA LEU Q 193 -30.52 -7.44 8.19
C LEU Q 193 -29.40 -7.14 7.17
N GLY Q 194 -29.69 -6.18 6.31
CA GLY Q 194 -28.77 -5.80 5.26
C GLY Q 194 -29.10 -4.44 4.69
N ILE Q 195 -28.40 -4.10 3.62
CA ILE Q 195 -28.55 -2.81 2.96
C ILE Q 195 -29.58 -2.92 1.83
N SER Q 196 -29.30 -3.79 0.86
CA SER Q 196 -30.25 -4.03 -0.22
C SER Q 196 -31.54 -4.64 0.31
N GLY Q 197 -31.44 -5.48 1.35
CA GLY Q 197 -32.65 -5.98 2.00
C GLY Q 197 -33.46 -4.87 2.63
N THR Q 198 -32.79 -3.89 3.24
CA THR Q 198 -33.49 -2.74 3.79
C THR Q 198 -34.19 -1.95 2.69
N PHE Q 199 -33.50 -1.74 1.55
CA PHE Q 199 -34.13 -1.04 0.43
C PHE Q 199 -35.34 -1.79 -0.09
N ASN Q 200 -35.22 -3.12 -0.19
CA ASN Q 200 -36.37 -3.94 -0.61
C ASN Q 200 -37.52 -3.82 0.37
N PHE Q 201 -37.22 -3.80 1.67
CA PHE Q 201 -38.26 -3.63 2.68
C PHE Q 201 -38.97 -2.29 2.50
N MET Q 202 -38.20 -1.22 2.26
CA MET Q 202 -38.78 0.10 2.07
C MET Q 202 -39.68 0.13 0.83
N LEU Q 203 -39.20 -0.44 -0.27
CA LEU Q 203 -39.96 -0.41 -1.52
C LEU Q 203 -41.24 -1.23 -1.40
N VAL Q 204 -41.17 -2.42 -0.80
CA VAL Q 204 -42.35 -3.26 -0.64
C VAL Q 204 -43.34 -2.60 0.32
N PHE Q 205 -42.84 -1.98 1.39
CA PHE Q 205 -43.72 -1.27 2.32
C PHE Q 205 -44.42 -0.12 1.64
N GLN Q 206 -43.70 0.64 0.81
CA GLN Q 206 -44.33 1.75 0.08
C GLN Q 206 -45.37 1.23 -0.91
N ALA Q 207 -45.07 0.12 -1.58
CA ALA Q 207 -46.05 -0.46 -2.50
C ALA Q 207 -47.31 -0.91 -1.77
N GLU Q 208 -47.14 -1.67 -0.69
CA GLU Q 208 -48.29 -2.30 -0.03
C GLU Q 208 -49.12 -1.28 0.76
N HIS Q 209 -48.46 -0.32 1.41
CA HIS Q 209 -49.13 0.54 2.38
C HIS Q 209 -49.16 2.01 2.01
N ASN Q 210 -48.35 2.45 1.04
CA ASN Q 210 -48.21 3.86 0.67
C ASN Q 210 -47.82 4.70 1.88
N ILE Q 211 -46.63 4.38 2.41
CA ILE Q 211 -46.15 5.01 3.63
C ILE Q 211 -45.84 6.49 3.40
N LEU Q 212 -45.52 6.88 2.17
CA LEU Q 212 -45.21 8.28 1.88
C LEU Q 212 -46.41 9.17 2.15
N MET Q 213 -47.62 8.69 1.87
CA MET Q 213 -48.83 9.45 2.16
C MET Q 213 -49.31 9.27 3.59
N HIS Q 214 -48.64 8.45 4.39
CA HIS Q 214 -49.02 8.31 5.79
C HIS Q 214 -48.53 9.52 6.57
N PRO Q 215 -49.41 10.19 7.33
CA PRO Q 215 -48.99 11.38 8.07
C PRO Q 215 -47.92 11.12 9.11
N PHE Q 216 -47.81 9.91 9.64
CA PHE Q 216 -46.80 9.62 10.65
C PHE Q 216 -45.40 9.50 10.05
N HIS Q 217 -45.29 8.92 8.85
CA HIS Q 217 -43.99 8.96 8.17
C HIS Q 217 -43.63 10.37 7.76
N GLN Q 218 -44.63 11.19 7.42
CA GLN Q 218 -44.36 12.61 7.17
C GLN Q 218 -43.85 13.30 8.41
N LEU Q 219 -44.43 12.97 9.58
CA LEU Q 219 -43.94 13.51 10.84
C LEU Q 219 -42.52 13.03 11.13
N GLY Q 220 -42.23 11.78 10.81
CA GLY Q 220 -40.87 11.28 10.99
C GLY Q 220 -39.86 11.97 10.07
N VAL Q 221 -40.25 12.21 8.82
CA VAL Q 221 -39.39 12.94 7.89
C VAL Q 221 -39.17 14.36 8.38
N ALA Q 222 -40.23 15.02 8.86
CA ALA Q 222 -40.08 16.32 9.47
C ALA Q 222 -39.15 16.26 10.68
N GLY Q 223 -39.25 15.19 11.47
CA GLY Q 223 -38.39 15.06 12.63
C GLY Q 223 -36.92 14.92 12.27
N VAL Q 224 -36.61 14.09 11.28
CA VAL Q 224 -35.20 13.88 10.92
C VAL Q 224 -34.65 15.12 10.20
N PHE Q 225 -35.44 15.73 9.32
CA PHE Q 225 -34.99 16.95 8.64
C PHE Q 225 -34.80 18.08 9.64
N GLY Q 226 -35.73 18.25 10.58
CA GLY Q 226 -35.56 19.25 11.61
C GLY Q 226 -34.40 18.95 12.52
N GLY Q 227 -34.16 17.67 12.82
CA GLY Q 227 -33.00 17.32 13.62
C GLY Q 227 -31.70 17.70 12.94
N SER Q 228 -31.59 17.42 11.64
CA SER Q 228 -30.40 17.83 10.89
C SER Q 228 -30.26 19.35 10.86
N LEU Q 229 -31.38 20.06 10.59
CA LEU Q 229 -31.35 21.52 10.53
C LEU Q 229 -30.94 22.11 11.87
N PHE Q 230 -31.51 21.59 12.96
CA PHE Q 230 -31.26 22.14 14.29
C PHE Q 230 -29.87 21.79 14.78
N SER Q 231 -29.37 20.59 14.46
CA SER Q 231 -27.99 20.26 14.79
C SER Q 231 -27.02 21.17 14.06
N ALA Q 232 -27.24 21.39 12.76
CA ALA Q 232 -26.39 22.30 12.00
C ALA Q 232 -26.48 23.72 12.54
N MET Q 233 -27.69 24.16 12.85
CA MET Q 233 -27.90 25.55 13.36
C MET Q 233 -27.18 25.72 14.71
N HIS Q 234 -27.39 24.78 15.65
CA HIS Q 234 -26.79 24.88 16.96
C HIS Q 234 -25.27 24.84 16.87
N GLY Q 235 -24.73 23.94 16.05
CA GLY Q 235 -23.29 23.89 15.85
C GLY Q 235 -22.77 25.18 15.24
N SER Q 236 -23.47 25.74 14.26
CA SER Q 236 -23.04 26.98 13.64
C SER Q 236 -23.06 28.14 14.62
N LEU Q 237 -24.09 28.21 15.46
CA LEU Q 237 -24.20 29.32 16.40
C LEU Q 237 -23.17 29.21 17.52
N VAL Q 238 -22.89 27.99 18.00
CA VAL Q 238 -21.89 27.83 19.03
C VAL Q 238 -20.49 28.07 18.48
N THR Q 239 -20.19 27.51 17.30
CA THR Q 239 -18.87 27.70 16.70
C THR Q 239 -18.65 29.16 16.28
N SER Q 240 -19.71 29.84 15.86
CA SER Q 240 -19.60 31.23 15.42
C SER Q 240 -19.25 32.15 16.57
N SER Q 241 -19.79 31.87 17.76
CA SER Q 241 -19.61 32.74 18.92
C SER Q 241 -18.60 32.17 19.90
N LEU Q 242 -17.61 31.42 19.42
CA LEU Q 242 -16.56 30.90 20.30
C LEU Q 242 -15.72 32.03 20.85
N ILE Q 243 -15.55 32.07 22.17
CA ILE Q 243 -14.75 33.09 22.80
C ILE Q 243 -13.27 32.82 22.53
N ARG Q 244 -12.54 33.87 22.18
CA ARG Q 244 -11.14 33.74 21.78
C ARG Q 244 -10.29 33.33 22.97
N GLU Q 245 -9.90 32.05 23.00
CA GLU Q 245 -9.05 31.50 24.05
C GLU Q 245 -7.86 30.77 23.44
N THR Q 246 -7.46 31.17 22.23
CA THR Q 246 -6.46 30.42 21.48
C THR Q 246 -5.78 31.36 20.50
N SER Q 251 -5.53 24.94 16.76
CA SER Q 251 -6.96 24.74 16.58
C SER Q 251 -7.75 25.49 17.64
N ALA Q 252 -8.92 25.99 17.26
CA ALA Q 252 -9.78 26.70 18.22
C ALA Q 252 -10.35 25.77 19.29
N ASN Q 253 -10.37 24.46 19.03
CA ASN Q 253 -10.90 23.52 20.02
C ASN Q 253 -10.07 23.50 21.28
N TYR Q 254 -8.78 23.83 21.18
CA TYR Q 254 -7.93 23.93 22.37
C TYR Q 254 -8.27 25.14 23.22
N GLY Q 255 -9.09 26.06 22.72
CA GLY Q 255 -9.59 27.15 23.56
C GLY Q 255 -10.52 26.69 24.66
N TYR Q 256 -11.10 25.50 24.52
CA TYR Q 256 -11.89 24.89 25.57
C TYR Q 256 -11.06 23.84 26.29
N LYS Q 257 -11.09 23.89 27.62
CA LYS Q 257 -10.39 22.92 28.46
C LYS Q 257 -11.42 22.02 29.14
N PHE Q 258 -11.17 20.72 29.08
CA PHE Q 258 -12.08 19.76 29.70
C PHE Q 258 -12.16 20.00 31.21
N HIS Q 271 -27.45 34.47 20.29
CA HIS Q 271 -28.86 34.84 20.39
C HIS Q 271 -29.16 36.09 19.56
N GLY Q 272 -28.28 37.09 19.64
CA GLY Q 272 -28.48 38.29 18.84
C GLY Q 272 -28.38 38.02 17.34
N TYR Q 273 -27.41 37.19 16.95
CA TYR Q 273 -27.28 36.84 15.54
C TYR Q 273 -28.53 36.11 15.05
N PHE Q 274 -29.04 35.16 15.85
CA PHE Q 274 -30.23 34.41 15.43
C PHE Q 274 -31.46 35.30 15.39
N GLY Q 275 -31.60 36.20 16.37
CA GLY Q 275 -32.72 37.13 16.39
C GLY Q 275 -32.63 38.25 15.38
N ARG Q 276 -31.46 38.42 14.75
CA ARG Q 276 -31.36 39.33 13.62
C ARG Q 276 -31.48 38.62 12.28
N LEU Q 277 -31.14 37.33 12.22
CA LEU Q 277 -31.32 36.56 11.00
C LEU Q 277 -32.80 36.39 10.67
N ILE Q 278 -33.62 36.17 11.70
CA ILE Q 278 -35.07 36.13 11.57
C ILE Q 278 -35.58 37.26 12.44
N PHE Q 279 -36.90 37.38 12.59
CA PHE Q 279 -37.43 38.42 13.47
C PHE Q 279 -37.01 38.14 14.92
N GLN Q 280 -37.03 39.20 15.72
CA GLN Q 280 -36.42 39.16 17.06
C GLN Q 280 -37.11 38.14 17.96
N TYR Q 281 -38.43 37.97 17.81
CA TYR Q 281 -39.19 37.12 18.71
C TYR Q 281 -38.77 35.66 18.61
N ALA Q 282 -38.45 35.19 17.41
CA ALA Q 282 -38.05 33.81 17.20
C ALA Q 282 -36.59 33.66 17.62
N SER Q 283 -36.37 33.22 18.85
CA SER Q 283 -35.03 33.01 19.38
C SER Q 283 -35.14 32.25 20.69
N PHE Q 284 -34.19 31.34 20.93
CA PHE Q 284 -34.15 30.56 22.18
C PHE Q 284 -33.13 31.21 23.11
N ASN Q 285 -33.59 32.19 23.89
CA ASN Q 285 -32.72 32.86 24.85
C ASN Q 285 -32.26 31.89 25.94
N ASN Q 286 -33.14 31.01 26.39
CA ASN Q 286 -32.79 30.04 27.42
C ASN Q 286 -32.06 28.87 26.79
N SER Q 287 -30.83 28.62 27.24
CA SER Q 287 -30.05 27.51 26.70
C SER Q 287 -30.66 26.16 27.08
N ARG Q 288 -31.17 26.04 28.31
CA ARG Q 288 -31.80 24.78 28.73
C ARG Q 288 -33.04 24.48 27.90
N ALA Q 289 -33.87 25.49 27.64
CA ALA Q 289 -35.04 25.28 26.80
C ALA Q 289 -34.64 24.93 25.38
N LEU Q 290 -33.59 25.57 24.86
CA LEU Q 290 -33.10 25.26 23.52
C LEU Q 290 -32.65 23.81 23.43
N HIS Q 291 -31.90 23.33 24.42
CA HIS Q 291 -31.44 21.95 24.39
C HIS Q 291 -32.58 20.96 24.63
N PHE Q 292 -33.57 21.34 25.43
CA PHE Q 292 -34.76 20.51 25.58
C PHE Q 292 -35.49 20.35 24.25
N PHE Q 293 -35.63 21.45 23.50
CA PHE Q 293 -36.24 21.38 22.18
C PHE Q 293 -35.41 20.53 21.22
N LEU Q 294 -34.09 20.67 21.29
CA LEU Q 294 -33.19 19.86 20.46
C LEU Q 294 -33.38 18.37 20.75
N GLY Q 295 -33.49 18.00 22.02
CA GLY Q 295 -33.76 16.62 22.36
C GLY Q 295 -35.16 16.18 21.94
N LEU Q 296 -36.13 17.08 22.06
CA LEU Q 296 -37.53 16.69 21.91
C LEU Q 296 -37.89 16.44 20.45
N TRP Q 297 -37.47 17.33 19.53
CA TRP Q 297 -38.02 17.31 18.18
C TRP Q 297 -37.73 16.00 17.43
N PRO Q 298 -36.49 15.55 17.25
CA PRO Q 298 -36.29 14.28 16.52
C PRO Q 298 -36.80 13.07 17.25
N VAL Q 299 -36.78 13.07 18.60
CA VAL Q 299 -37.32 11.94 19.35
C VAL Q 299 -38.82 11.80 19.11
N VAL Q 300 -39.54 12.93 19.13
CA VAL Q 300 -40.98 12.91 18.85
C VAL Q 300 -41.23 12.46 17.41
N GLY Q 301 -40.42 12.94 16.47
CA GLY Q 301 -40.58 12.52 15.09
C GLY Q 301 -40.39 11.03 14.89
N ILE Q 302 -39.34 10.46 15.50
CA ILE Q 302 -39.09 9.03 15.36
C ILE Q 302 -40.15 8.23 16.09
N TRP Q 303 -40.65 8.73 17.23
CA TRP Q 303 -41.78 8.09 17.90
C TRP Q 303 -42.99 8.03 16.99
N PHE Q 304 -43.29 9.14 16.30
CA PHE Q 304 -44.45 9.16 15.41
C PHE Q 304 -44.27 8.22 14.23
N THR Q 305 -43.06 8.17 13.65
CA THR Q 305 -42.88 7.27 12.51
C THR Q 305 -42.89 5.81 12.93
N ALA Q 306 -42.39 5.49 14.13
CA ALA Q 306 -42.51 4.12 14.64
C ALA Q 306 -43.96 3.75 14.90
N LEU Q 307 -44.75 4.69 15.44
CA LEU Q 307 -46.17 4.45 15.63
C LEU Q 307 -46.88 4.25 14.30
N GLY Q 308 -46.47 5.00 13.28
CA GLY Q 308 -47.04 4.81 11.95
C GLY Q 308 -46.74 3.43 11.39
N ILE Q 309 -45.50 2.97 11.57
CA ILE Q 309 -45.14 1.61 11.14
C ILE Q 309 -45.97 0.58 11.88
N MET Q 310 -46.15 0.78 13.20
CA MET Q 310 -46.95 -0.16 13.99
C MET Q 310 -48.40 -0.17 13.53
N THR Q 311 -48.96 1.00 13.21
CA THR Q 311 -50.35 1.05 12.75
C THR Q 311 -50.50 0.40 11.37
N MET Q 312 -49.55 0.65 10.46
CA MET Q 312 -49.61 0.02 9.16
C MET Q 312 -49.32 -1.48 9.22
N ALA Q 313 -48.70 -1.95 10.30
CA ALA Q 313 -48.57 -3.39 10.50
C ALA Q 313 -49.93 -4.06 10.64
N PHE Q 314 -50.92 -3.34 11.17
CA PHE Q 314 -52.30 -3.83 11.27
C PHE Q 314 -53.18 -3.19 10.20
N ASN Q 315 -52.57 -2.77 9.09
CA ASN Q 315 -53.28 -2.28 7.90
C ASN Q 315 -54.03 -0.98 8.17
N LEU Q 316 -53.40 -0.06 8.91
CA LEU Q 316 -53.89 1.32 9.00
C LEU Q 316 -52.99 2.16 8.10
N ASN Q 317 -53.27 2.10 6.81
CA ASN Q 317 -52.38 2.61 5.78
C ASN Q 317 -52.44 4.14 5.70
N GLY Q 318 -51.76 4.68 4.70
CA GLY Q 318 -51.69 6.12 4.51
C GLY Q 318 -52.91 6.68 3.80
N PHE Q 319 -52.82 7.97 3.49
CA PHE Q 319 -53.90 8.66 2.79
C PHE Q 319 -54.05 8.14 1.36
N ASN Q 320 -55.28 8.11 0.88
CA ASN Q 320 -55.61 7.65 -0.48
C ASN Q 320 -56.35 8.76 -1.20
N PHE Q 321 -55.63 9.53 -2.02
CA PHE Q 321 -56.22 10.59 -2.84
C PHE Q 321 -56.37 10.17 -4.30
N ASN Q 322 -56.41 8.87 -4.58
CA ASN Q 322 -56.52 8.41 -5.95
C ASN Q 322 -57.90 8.72 -6.53
N GLN Q 323 -57.91 9.12 -7.80
CA GLN Q 323 -59.14 9.47 -8.53
C GLN Q 323 -59.94 10.55 -7.81
N SER Q 324 -59.24 11.54 -7.26
CA SER Q 324 -59.88 12.61 -6.51
C SER Q 324 -60.42 13.73 -7.40
N VAL Q 325 -60.01 13.78 -8.66
CA VAL Q 325 -60.44 14.82 -9.59
C VAL Q 325 -61.07 14.17 -10.81
N VAL Q 326 -62.30 14.57 -11.13
CA VAL Q 326 -63.01 14.11 -12.30
C VAL Q 326 -63.58 15.31 -13.04
N ASP Q 327 -63.83 15.12 -14.33
CA ASP Q 327 -64.41 16.18 -15.16
C ASP Q 327 -65.94 16.08 -15.11
N SER Q 328 -66.62 16.87 -15.95
CA SER Q 328 -68.07 16.84 -15.98
C SER Q 328 -68.57 15.50 -16.50
N GLN Q 329 -67.92 14.94 -17.51
CA GLN Q 329 -68.35 13.69 -18.12
C GLN Q 329 -68.08 12.48 -17.23
N GLY Q 330 -67.29 12.63 -16.17
CA GLY Q 330 -66.98 11.53 -15.28
C GLY Q 330 -65.62 10.90 -15.48
N ARG Q 331 -64.84 11.35 -16.46
CA ARG Q 331 -63.50 10.82 -16.65
C ARG Q 331 -62.58 11.29 -15.54
N VAL Q 332 -61.72 10.40 -15.07
CA VAL Q 332 -60.82 10.72 -13.97
C VAL Q 332 -59.66 11.56 -14.50
N ILE Q 333 -59.43 12.71 -13.87
CA ILE Q 333 -58.29 13.56 -14.17
C ILE Q 333 -57.19 13.22 -13.15
N ASN Q 334 -56.07 12.73 -13.64
CA ASN Q 334 -55.01 12.25 -12.76
C ASN Q 334 -54.32 13.42 -12.04
N THR Q 335 -53.84 13.12 -10.84
CA THR Q 335 -53.01 14.03 -10.05
C THR Q 335 -51.65 13.37 -9.82
N TRP Q 336 -50.82 14.03 -9.01
CA TRP Q 336 -49.55 13.42 -8.64
C TRP Q 336 -49.75 12.19 -7.77
N ALA Q 337 -50.84 12.16 -6.99
CA ALA Q 337 -51.18 10.95 -6.23
C ALA Q 337 -51.47 9.79 -7.16
N ASP Q 338 -52.05 10.05 -8.34
CA ASP Q 338 -52.27 8.97 -9.29
C ASP Q 338 -50.97 8.41 -9.84
N ILE Q 339 -49.98 9.28 -10.08
CA ILE Q 339 -48.67 8.81 -10.53
C ILE Q 339 -48.00 8.00 -9.42
N LEU Q 340 -48.12 8.46 -8.18
CA LEU Q 340 -47.59 7.71 -7.04
C LEU Q 340 -48.24 6.34 -6.95
N ASN Q 341 -49.56 6.28 -7.16
CA ASN Q 341 -50.28 5.01 -7.13
C ASN Q 341 -49.84 4.11 -8.28
N ARG Q 342 -49.56 4.69 -9.45
CA ARG Q 342 -49.04 3.90 -10.56
C ARG Q 342 -47.70 3.28 -10.21
N ALA Q 343 -46.81 4.04 -9.58
CA ALA Q 343 -45.53 3.49 -9.15
C ALA Q 343 -45.72 2.40 -8.10
N ASN Q 344 -46.63 2.61 -7.15
CA ASN Q 344 -46.90 1.60 -6.14
C ASN Q 344 -47.45 0.32 -6.76
N LEU Q 345 -48.34 0.46 -7.75
CA LEU Q 345 -48.86 -0.70 -8.46
C LEU Q 345 -47.77 -1.43 -9.23
N GLY Q 346 -46.85 -0.67 -9.85
CA GLY Q 346 -45.74 -1.29 -10.55
C GLY Q 346 -44.84 -2.08 -9.62
N MET Q 347 -44.63 -1.57 -8.41
CA MET Q 347 -43.87 -2.33 -7.42
C MET Q 347 -44.64 -3.56 -6.93
N GLU Q 348 -45.95 -3.41 -6.72
CA GLU Q 348 -46.74 -4.50 -6.15
C GLU Q 348 -46.88 -5.66 -7.12
N VAL Q 349 -47.09 -5.38 -8.41
CA VAL Q 349 -47.24 -6.46 -9.37
C VAL Q 349 -45.95 -7.28 -9.49
N MET Q 350 -44.88 -6.84 -8.87
CA MET Q 350 -43.79 -7.85 -8.92
C MET Q 350 -43.30 -8.20 -7.51
N HIS Q 351 -44.22 -8.35 -6.56
CA HIS Q 351 -43.86 -8.81 -5.20
C HIS Q 351 -44.53 -10.15 -5.00
N GLU Q 352 -45.78 -10.25 -5.46
CA GLU Q 352 -46.55 -11.51 -5.33
C GLU Q 352 -45.64 -12.68 -5.77
N ARG Q 353 -45.08 -12.59 -6.98
CA ARG Q 353 -44.26 -13.72 -7.53
C ARG Q 353 -45.15 -14.97 -7.55
N ASN Q 354 -46.48 -14.78 -7.55
CA ASN Q 354 -47.44 -15.91 -7.60
C ASN Q 354 -48.81 -15.35 -7.99
N ALA Q 355 -49.84 -16.19 -7.94
CA ALA Q 355 -51.20 -15.76 -8.32
C ALA Q 355 -51.51 -14.40 -7.67
N GLY R 1 0.28 22.89 17.93
CA GLY R 1 0.75 23.02 16.57
C GLY R 1 -0.37 23.11 15.55
N LEU R 2 -0.01 23.14 14.27
CA LEU R 2 -0.99 23.26 13.22
C LEU R 2 -1.77 21.94 13.06
N PRO R 3 -3.08 22.01 12.88
CA PRO R 3 -3.84 20.81 12.51
C PRO R 3 -3.47 20.33 11.12
N TRP R 4 -3.88 19.10 10.82
CA TRP R 4 -3.53 18.49 9.54
C TRP R 4 -4.14 19.26 8.36
N TYR R 5 -5.25 19.95 8.58
CA TYR R 5 -5.95 20.64 7.50
C TYR R 5 -5.50 22.08 7.31
N ARG R 6 -4.49 22.54 8.05
CA ARG R 6 -3.97 23.90 7.89
C ARG R 6 -2.48 23.94 7.55
N VAL R 7 -1.87 22.78 7.27
CA VAL R 7 -0.41 22.69 7.21
C VAL R 7 0.15 23.61 6.14
N HIS R 8 -0.43 23.57 4.94
CA HIS R 8 0.08 24.35 3.82
C HIS R 8 -0.04 25.85 4.06
N THR R 9 -0.81 26.27 5.06
CA THR R 9 -0.85 27.68 5.44
C THR R 9 0.49 28.20 5.94
N VAL R 10 1.51 27.35 6.07
CA VAL R 10 2.85 27.87 6.34
C VAL R 10 3.37 28.71 5.19
N VAL R 11 2.89 28.47 3.96
CA VAL R 11 3.48 29.23 2.80
C VAL R 11 2.64 30.49 2.54
N LEU R 12 1.72 30.81 3.47
CA LEU R 12 0.83 31.99 3.28
C LEU R 12 1.66 33.27 3.20
N ASN R 13 2.50 33.54 4.21
CA ASN R 13 3.32 34.79 4.23
C ASN R 13 4.75 34.49 3.76
N ASP R 14 4.90 33.52 2.86
CA ASP R 14 6.25 33.21 2.30
C ASP R 14 6.14 33.19 0.77
N PRO R 15 6.20 34.33 0.06
CA PRO R 15 6.02 34.32 -1.40
C PRO R 15 6.91 33.33 -2.12
N GLY R 16 8.17 33.17 -1.68
CA GLY R 16 9.08 32.26 -2.36
C GLY R 16 8.61 30.81 -2.30
N ARG R 17 8.23 30.35 -1.11
CA ARG R 17 7.76 28.99 -0.98
C ARG R 17 6.35 28.81 -1.53
N LEU R 18 5.54 29.87 -1.57
CA LEU R 18 4.28 29.80 -2.31
C LEU R 18 4.52 29.57 -3.79
N ILE R 19 5.49 30.28 -4.37
CA ILE R 19 5.87 30.05 -5.76
C ILE R 19 6.41 28.63 -5.92
N ALA R 20 7.15 28.15 -4.93
CA ALA R 20 7.70 26.80 -4.98
C ALA R 20 6.59 25.74 -5.02
N VAL R 21 5.59 25.87 -4.14
CA VAL R 21 4.52 24.88 -4.09
C VAL R 21 3.62 24.99 -5.32
N HIS R 22 3.40 26.19 -5.85
CA HIS R 22 2.66 26.33 -7.10
C HIS R 22 3.43 25.70 -8.26
N LEU R 23 4.77 25.86 -8.27
CA LEU R 23 5.60 25.20 -9.27
C LEU R 23 5.52 23.68 -9.15
N MET R 24 5.47 23.18 -7.92
CA MET R 24 5.32 21.74 -7.70
C MET R 24 3.97 21.23 -8.23
N HIS R 25 2.89 21.99 -7.99
CA HIS R 25 1.59 21.57 -8.49
C HIS R 25 1.56 21.59 -10.02
N THR R 26 2.16 22.61 -10.64
CA THR R 26 2.22 22.65 -12.10
C THR R 26 3.07 21.51 -12.64
N ALA R 27 4.16 21.17 -11.96
CA ALA R 27 4.97 20.02 -12.37
C ALA R 27 4.18 18.73 -12.28
N LEU R 28 3.40 18.56 -11.21
CA LEU R 28 2.58 17.36 -11.07
C LEU R 28 1.53 17.29 -12.17
N VAL R 29 0.90 18.44 -12.50
CA VAL R 29 -0.13 18.45 -13.53
C VAL R 29 0.47 18.14 -14.89
N ALA R 30 1.62 18.73 -15.23
CA ALA R 30 2.27 18.45 -16.51
C ALA R 30 2.73 17.00 -16.59
N GLY R 31 3.27 16.47 -15.49
CA GLY R 31 3.66 15.08 -15.48
C GLY R 31 2.48 14.14 -15.65
N TRP R 32 1.35 14.47 -15.03
CA TRP R 32 0.14 13.68 -15.26
C TRP R 32 -0.30 13.74 -16.70
N ALA R 33 -0.22 14.93 -17.32
CA ALA R 33 -0.60 15.06 -18.72
C ALA R 33 0.28 14.17 -19.61
N GLY R 34 1.60 14.23 -19.40
CA GLY R 34 2.50 13.42 -20.20
C GLY R 34 2.30 11.93 -19.98
N SER R 35 2.16 11.52 -18.71
CA SER R 35 1.96 10.10 -18.41
C SER R 35 0.64 9.58 -18.96
N MET R 36 -0.42 10.38 -18.83
CA MET R 36 -1.72 9.98 -19.36
C MET R 36 -1.68 9.87 -20.87
N ALA R 37 -1.02 10.81 -21.55
CA ALA R 37 -0.87 10.72 -23.00
C ALA R 37 -0.09 9.48 -23.40
N LEU R 38 0.99 9.17 -22.69
CA LEU R 38 1.77 7.97 -23.01
C LEU R 38 0.96 6.69 -22.78
N TYR R 39 0.21 6.63 -21.68
CA TYR R 39 -0.63 5.47 -21.42
C TYR R 39 -1.71 5.31 -22.48
N GLU R 40 -2.35 6.41 -22.86
CA GLU R 40 -3.37 6.34 -23.91
C GLU R 40 -2.77 5.89 -25.24
N LEU R 41 -1.57 6.38 -25.57
CA LEU R 41 -0.89 5.93 -26.77
C LEU R 41 -0.58 4.43 -26.71
N ALA R 42 -0.16 3.95 -25.53
CA ALA R 42 0.07 2.52 -25.36
C ALA R 42 -1.21 1.71 -25.47
N VAL R 43 -2.37 2.32 -25.20
CA VAL R 43 -3.64 1.59 -25.24
C VAL R 43 -4.33 1.79 -26.59
N PHE R 44 -4.16 2.96 -27.20
CA PHE R 44 -4.96 3.34 -28.37
C PHE R 44 -4.70 2.42 -29.56
N ASP R 45 -5.77 2.13 -30.29
CA ASP R 45 -5.71 1.31 -31.50
C ASP R 45 -6.18 2.13 -32.70
N PRO R 46 -5.28 2.55 -33.58
CA PRO R 46 -5.69 3.37 -34.74
C PRO R 46 -6.13 2.55 -35.94
N SER R 47 -6.42 1.27 -35.73
CA SER R 47 -6.72 0.38 -36.84
C SER R 47 -8.02 0.77 -37.55
N ASP R 48 -9.05 1.12 -36.78
CA ASP R 48 -10.39 1.39 -37.32
C ASP R 48 -10.87 2.75 -36.84
N PRO R 49 -10.47 3.83 -37.53
CA PRO R 49 -10.88 5.16 -37.09
C PRO R 49 -12.38 5.44 -37.18
N VAL R 50 -13.11 4.72 -38.01
CA VAL R 50 -14.52 5.04 -38.23
C VAL R 50 -15.43 4.27 -37.28
N LEU R 51 -15.15 2.99 -37.03
CA LEU R 51 -15.99 2.19 -36.15
C LEU R 51 -15.36 1.89 -34.80
N ASN R 52 -14.09 2.23 -34.60
CA ASN R 52 -13.45 2.19 -33.28
C ASN R 52 -12.70 3.50 -33.06
N PRO R 53 -13.42 4.63 -32.92
CA PRO R 53 -12.72 5.91 -32.77
C PRO R 53 -12.09 6.10 -31.39
N MET R 54 -11.52 7.28 -31.17
CA MET R 54 -10.84 7.54 -29.90
C MET R 54 -11.83 7.58 -28.74
N TRP R 55 -13.04 8.11 -28.96
CA TRP R 55 -14.01 8.20 -27.88
C TRP R 55 -14.65 6.86 -27.54
N ARG R 56 -14.48 5.84 -28.38
CA ARG R 56 -14.90 4.49 -28.05
C ARG R 56 -13.84 3.70 -27.31
N GLN R 57 -12.62 4.24 -27.20
CA GLN R 57 -11.52 3.56 -26.54
C GLN R 57 -11.14 4.21 -25.21
N GLY R 58 -11.97 5.12 -24.70
CA GLY R 58 -11.72 5.72 -23.41
C GLY R 58 -10.62 6.76 -23.40
N MET R 59 -10.28 7.33 -24.55
CA MET R 59 -9.23 8.34 -24.61
C MET R 59 -9.74 9.65 -24.05
N PHE R 60 -8.98 10.23 -23.12
CA PHE R 60 -9.38 11.45 -22.44
C PHE R 60 -8.56 12.67 -22.85
N VAL R 61 -7.24 12.59 -22.78
CA VAL R 61 -6.41 13.73 -23.17
C VAL R 61 -6.11 13.74 -24.67
N MET R 62 -6.18 12.59 -25.34
CA MET R 62 -6.00 12.57 -26.79
C MET R 62 -7.04 13.40 -27.55
N PRO R 63 -8.33 13.42 -27.19
CA PRO R 63 -9.24 14.38 -27.85
C PRO R 63 -8.82 15.83 -27.69
N PHE R 64 -8.29 16.21 -26.51
CA PHE R 64 -7.87 17.59 -26.32
C PHE R 64 -6.59 17.89 -27.08
N MET R 65 -5.73 16.88 -27.29
CA MET R 65 -4.57 17.06 -28.17
C MET R 65 -5.02 17.22 -29.62
N ALA R 66 -5.99 16.42 -30.05
CA ALA R 66 -6.46 16.47 -31.44
C ALA R 66 -7.33 17.69 -31.73
N ARG R 67 -7.91 18.32 -30.72
CA ARG R 67 -8.86 19.43 -30.97
C ARG R 67 -8.09 20.65 -31.47
N ILE R 68 -6.84 20.77 -31.06
CA ILE R 68 -6.07 21.99 -31.42
C ILE R 68 -4.83 21.65 -32.26
N GLY R 69 -4.88 20.64 -33.12
CA GLY R 69 -3.78 20.40 -34.07
C GLY R 69 -2.93 19.16 -33.98
N VAL R 70 -2.85 18.44 -32.87
CA VAL R 70 -1.95 17.25 -32.88
C VAL R 70 -2.74 16.07 -33.41
N THR R 71 -2.38 15.53 -34.58
CA THR R 71 -3.20 14.48 -35.19
C THR R 71 -2.38 13.29 -35.61
N ASP R 72 -1.06 13.35 -35.48
CA ASP R 72 -0.22 12.25 -36.02
C ASP R 72 0.59 11.59 -34.92
N SER R 73 0.97 10.33 -35.11
CA SER R 73 1.84 9.61 -34.15
C SER R 73 3.19 9.34 -34.81
N TRP R 74 4.22 9.09 -34.00
CA TRP R 74 5.53 8.74 -34.57
C TRP R 74 5.42 7.31 -35.11
N GLY R 75 4.26 6.69 -35.01
CA GLY R 75 4.03 5.36 -35.53
C GLY R 75 3.53 5.30 -36.96
N GLY R 76 3.50 6.44 -37.66
CA GLY R 76 3.07 6.46 -39.04
C GLY R 76 1.57 6.42 -39.26
N TRP R 77 0.79 6.82 -38.26
CA TRP R 77 -0.66 6.85 -38.39
C TRP R 77 -1.21 8.18 -37.88
N SER R 78 -2.45 8.47 -38.25
CA SER R 78 -3.14 9.68 -37.84
C SER R 78 -4.54 9.34 -37.35
N ILE R 79 -5.12 10.27 -36.59
CA ILE R 79 -6.47 10.07 -36.06
C ILE R 79 -7.49 9.97 -37.19
N THR R 80 -7.33 10.78 -38.23
CA THR R 80 -8.22 10.75 -39.38
C THR R 80 -8.09 9.47 -40.20
N GLY R 81 -7.05 8.66 -39.96
CA GLY R 81 -6.82 7.45 -40.70
C GLY R 81 -5.90 7.59 -41.89
N GLU R 82 -5.49 8.81 -42.21
CA GLU R 82 -4.59 9.04 -43.34
C GLU R 82 -3.14 8.84 -42.89
N SER R 83 -2.44 7.90 -43.53
CA SER R 83 -1.06 7.62 -43.17
C SER R 83 -0.17 8.82 -43.48
N VAL R 84 0.76 9.09 -42.57
CA VAL R 84 1.66 10.28 -42.72
C VAL R 84 3.09 9.79 -42.95
N ALA R 85 3.77 10.33 -43.97
CA ALA R 85 5.14 9.90 -44.29
C ALA R 85 6.08 10.30 -43.15
N ASN R 86 6.24 11.60 -42.91
CA ASN R 86 7.10 12.07 -41.79
C ASN R 86 6.20 12.73 -40.74
N PRO R 87 5.87 12.03 -39.63
CA PRO R 87 4.96 12.58 -38.63
C PRO R 87 5.28 14.01 -38.19
N GLY R 88 6.53 14.25 -37.80
CA GLY R 88 6.89 15.58 -37.25
C GLY R 88 7.06 15.47 -35.75
N PHE R 89 7.85 16.35 -35.13
CA PHE R 89 8.11 16.17 -33.71
C PHE R 89 6.83 16.29 -32.89
N TRP R 90 5.95 17.23 -33.24
CA TRP R 90 4.76 17.51 -32.43
C TRP R 90 3.64 16.51 -32.72
N SER R 91 3.97 15.23 -32.51
CA SER R 91 2.98 14.17 -32.50
C SER R 91 2.48 14.01 -31.06
N PHE R 92 1.65 12.98 -30.83
CA PHE R 92 1.21 12.71 -29.46
C PHE R 92 2.38 12.33 -28.57
N GLU R 93 3.29 11.48 -29.08
CA GLU R 93 4.46 11.10 -28.31
C GLU R 93 5.34 12.31 -28.01
N GLY R 94 5.54 13.18 -29.00
CA GLY R 94 6.32 14.37 -28.78
C GLY R 94 5.72 15.31 -27.75
N VAL R 95 4.40 15.48 -27.80
CA VAL R 95 3.70 16.32 -26.83
C VAL R 95 3.83 15.73 -25.43
N ALA R 96 3.68 14.41 -25.31
CA ALA R 96 3.80 13.76 -24.01
C ALA R 96 5.21 13.91 -23.44
N LEU R 97 6.24 13.70 -24.29
CA LEU R 97 7.61 13.85 -23.82
C LEU R 97 7.92 15.30 -23.46
N ALA R 98 7.37 16.26 -24.21
CA ALA R 98 7.56 17.66 -23.88
C ALA R 98 6.92 18.00 -22.54
N HIS R 99 5.72 17.48 -22.28
CA HIS R 99 5.08 17.73 -20.99
C HIS R 99 5.83 17.08 -19.85
N ILE R 100 6.40 15.89 -20.06
CA ILE R 100 7.18 15.24 -19.01
C ILE R 100 8.46 16.01 -18.72
N GLY R 101 9.16 16.47 -19.77
CA GLY R 101 10.34 17.28 -19.56
C GLY R 101 10.03 18.59 -18.88
N LEU R 102 8.89 19.21 -19.24
CA LEU R 102 8.45 20.41 -18.57
C LEU R 102 8.15 20.14 -17.10
N SER R 103 7.55 18.99 -16.80
CA SER R 103 7.32 18.60 -15.41
C SER R 103 8.62 18.50 -14.63
N GLY R 104 9.64 17.88 -15.23
CA GLY R 104 10.93 17.79 -14.57
C GLY R 104 11.58 19.14 -14.34
N LEU R 105 11.53 20.01 -15.35
CA LEU R 105 12.11 21.35 -15.20
C LEU R 105 11.37 22.15 -14.13
N LEU R 106 10.04 22.04 -14.09
CA LEU R 106 9.27 22.73 -13.06
C LEU R 106 9.56 22.16 -11.68
N PHE R 107 9.81 20.85 -11.58
CA PHE R 107 10.19 20.27 -10.30
C PHE R 107 11.54 20.83 -9.83
N LEU R 108 12.51 20.94 -10.74
CA LEU R 108 13.80 21.52 -10.37
C LEU R 108 13.65 22.98 -9.95
N ALA R 109 12.82 23.74 -10.67
CA ALA R 109 12.59 25.14 -10.31
C ALA R 109 11.90 25.24 -8.95
N ALA R 110 10.96 24.34 -8.66
CA ALA R 110 10.30 24.33 -7.36
C ALA R 110 11.28 24.03 -6.25
N VAL R 111 12.20 23.08 -6.49
CA VAL R 111 13.24 22.78 -5.50
C VAL R 111 14.09 24.01 -5.23
N TRP R 112 14.52 24.69 -6.30
CA TRP R 112 15.35 25.88 -6.13
C TRP R 112 14.60 26.97 -5.36
N HIS R 113 13.34 27.21 -5.71
CA HIS R 113 12.60 28.28 -5.05
C HIS R 113 12.28 27.94 -3.60
N TRP R 114 12.05 26.66 -3.29
CA TRP R 114 11.87 26.26 -1.90
C TRP R 114 13.15 26.46 -1.10
N VAL R 115 14.29 26.08 -1.66
CA VAL R 115 15.55 26.26 -0.94
C VAL R 115 15.92 27.73 -0.85
N TYR R 116 15.83 28.46 -1.96
CA TYR R 116 16.13 29.89 -1.99
C TYR R 116 14.82 30.66 -1.91
N TRP R 117 14.30 30.79 -0.69
CA TRP R 117 13.03 31.46 -0.44
C TRP R 117 13.18 32.92 -0.09
N ASP R 118 14.31 33.31 0.51
CA ASP R 118 14.49 34.67 1.02
C ASP R 118 15.15 35.52 -0.06
N LEU R 119 14.33 36.24 -0.82
CA LEU R 119 14.81 37.12 -1.88
C LEU R 119 14.33 38.55 -1.60
N GLU R 120 15.15 39.53 -2.00
CA GLU R 120 14.79 40.93 -1.83
C GLU R 120 13.57 41.31 -2.67
N LEU R 121 13.28 40.57 -3.73
CA LEU R 121 12.12 40.86 -4.56
C LEU R 121 10.82 40.68 -3.78
N PHE R 122 10.78 39.70 -2.87
CA PHE R 122 9.56 39.38 -2.15
C PHE R 122 9.35 40.25 -0.91
N ARG R 123 10.26 41.16 -0.61
CA ARG R 123 10.15 42.02 0.56
C ARG R 123 9.82 43.45 0.13
N ASP R 124 8.91 44.07 0.87
CA ASP R 124 8.48 45.42 0.56
C ASP R 124 9.60 46.41 0.82
N PRO R 125 9.88 47.33 -0.11
CA PRO R 125 10.91 48.35 0.16
C PRO R 125 10.59 49.24 1.35
N ARG R 126 9.32 49.55 1.58
CA ARG R 126 8.96 50.47 2.69
C ARG R 126 9.18 49.74 4.03
N THR R 127 8.68 48.52 4.15
CA THR R 127 8.92 47.77 5.40
C THR R 127 9.49 46.40 5.07
N GLY R 128 10.65 46.06 5.63
CA GLY R 128 11.37 44.82 5.29
C GLY R 128 10.48 43.58 5.24
N ASN R 129 9.46 43.51 6.08
CA ASN R 129 8.59 42.30 6.13
C ASN R 129 8.14 41.90 4.72
N PRO R 130 8.10 40.60 4.36
CA PRO R 130 7.71 40.21 3.00
C PRO R 130 6.27 40.56 2.68
N ALA R 131 6.04 40.90 1.41
CA ALA R 131 4.70 41.29 0.96
C ALA R 131 4.63 41.10 -0.55
N LEU R 132 3.40 41.09 -1.05
CA LEU R 132 3.12 40.99 -2.48
C LEU R 132 2.15 42.09 -2.87
N ASP R 133 2.52 42.87 -3.89
CA ASP R 133 1.66 43.93 -4.41
C ASP R 133 0.66 43.29 -5.36
N LEU R 134 -0.39 42.71 -4.77
CA LEU R 134 -1.35 41.92 -5.53
C LEU R 134 -2.00 42.65 -6.70
N PRO R 135 -2.40 43.92 -6.61
CA PRO R 135 -2.95 44.59 -7.81
C PRO R 135 -1.97 44.67 -8.98
N LYS R 136 -0.70 45.01 -8.72
CA LYS R 136 0.28 45.08 -9.79
C LYS R 136 0.57 43.70 -10.37
N ILE R 137 0.66 42.68 -9.50
CA ILE R 137 0.86 41.31 -9.97
C ILE R 137 -0.32 40.88 -10.84
N PHE R 138 -1.53 41.23 -10.44
CA PHE R 138 -2.71 40.91 -11.25
C PHE R 138 -2.65 41.60 -12.59
N GLY R 139 -2.25 42.88 -12.61
CA GLY R 139 -2.13 43.58 -13.89
C GLY R 139 -1.11 42.93 -14.81
N ILE R 140 0.05 42.56 -14.26
CA ILE R 140 1.10 41.94 -15.07
C ILE R 140 0.63 40.60 -15.62
N HIS R 141 0.04 39.76 -14.76
CA HIS R 141 -0.40 38.45 -15.22
C HIS R 141 -1.60 38.55 -16.15
N LEU R 142 -2.44 39.56 -15.98
CA LEU R 142 -3.55 39.78 -16.91
C LEU R 142 -3.03 40.21 -18.27
N LEU R 143 -2.00 41.06 -18.31
CA LEU R 143 -1.39 41.42 -19.57
C LEU R 143 -0.76 40.21 -20.24
N LEU R 144 -0.11 39.37 -19.44
CA LEU R 144 0.49 38.11 -19.98
C LEU R 144 -0.61 37.24 -20.58
N SER R 145 -1.72 37.06 -19.85
CA SER R 145 -2.81 36.21 -20.33
C SER R 145 -3.46 36.79 -21.57
N GLY R 146 -3.59 38.13 -21.64
CA GLY R 146 -4.12 38.74 -22.84
C GLY R 146 -3.22 38.55 -24.04
N VAL R 147 -1.91 38.67 -23.85
CA VAL R 147 -0.96 38.42 -24.93
C VAL R 147 -1.07 36.97 -25.40
N LEU R 148 -1.13 36.03 -24.46
CA LEU R 148 -1.25 34.62 -24.83
C LEU R 148 -2.56 34.35 -25.58
N CYS R 149 -3.66 34.95 -25.12
CA CYS R 149 -4.95 34.76 -25.76
C CYS R 149 -4.95 35.31 -27.17
N PHE R 150 -4.40 36.52 -27.35
CA PHE R 150 -4.34 37.12 -28.68
C PHE R 150 -3.44 36.30 -29.59
N GLY R 151 -2.31 35.81 -29.08
CA GLY R 151 -1.43 34.98 -29.89
C GLY R 151 -2.09 33.68 -30.32
N PHE R 152 -2.81 33.04 -29.39
CA PHE R 152 -3.49 31.80 -29.72
C PHE R 152 -4.58 32.03 -30.76
N GLY R 153 -5.39 33.09 -30.58
CA GLY R 153 -6.45 33.36 -31.52
C GLY R 153 -5.96 33.78 -32.88
N ALA R 154 -4.94 34.64 -32.93
CA ALA R 154 -4.53 35.27 -34.18
C ALA R 154 -3.58 34.39 -34.99
N PHE R 155 -2.74 33.60 -34.32
CA PHE R 155 -1.71 32.81 -35.01
C PHE R 155 -2.06 31.33 -35.06
N HIS R 156 -2.31 30.71 -33.91
CA HIS R 156 -2.55 29.27 -33.89
C HIS R 156 -3.88 28.92 -34.55
N VAL R 157 -4.96 29.57 -34.12
CA VAL R 157 -6.29 29.18 -34.58
C VAL R 157 -6.50 29.56 -36.04
N THR R 158 -6.11 30.77 -36.42
CA THR R 158 -6.31 31.22 -37.80
C THR R 158 -5.33 30.59 -38.78
N GLY R 159 -4.32 29.88 -38.30
CA GLY R 159 -3.39 29.20 -39.18
C GLY R 159 -2.34 30.09 -39.81
N ALA R 160 -2.30 31.37 -39.46
CA ALA R 160 -1.24 32.24 -39.99
C ALA R 160 0.13 31.78 -39.52
N TRP R 161 0.25 31.44 -38.25
CA TRP R 161 1.45 30.81 -37.71
C TRP R 161 1.04 29.67 -36.77
N GLY R 162 0.13 28.82 -37.24
CA GLY R 162 -0.33 27.71 -36.45
C GLY R 162 -1.01 26.64 -37.30
N PRO R 163 -1.37 25.53 -36.65
CA PRO R 163 -2.03 24.44 -37.39
C PRO R 163 -3.53 24.61 -37.58
N GLY R 164 -4.16 25.50 -36.81
CA GLY R 164 -5.61 25.61 -36.83
C GLY R 164 -6.27 24.81 -35.72
N ILE R 165 -7.57 24.61 -35.87
CA ILE R 165 -8.36 23.87 -34.90
C ILE R 165 -9.15 22.79 -35.63
N TRP R 166 -9.70 21.87 -34.86
CA TRP R 166 -10.47 20.76 -35.43
C TRP R 166 -11.84 21.27 -35.85
N VAL R 167 -12.17 21.07 -37.13
CA VAL R 167 -13.47 21.43 -37.68
C VAL R 167 -14.05 20.18 -38.34
N SER R 168 -15.31 19.89 -38.03
CA SER R 168 -16.04 18.78 -38.62
C SER R 168 -17.29 19.30 -39.32
N ASP R 169 -17.95 18.40 -40.03
CA ASP R 169 -19.21 18.73 -40.69
C ASP R 169 -20.34 18.68 -39.67
N ALA R 170 -21.58 18.84 -40.14
CA ALA R 170 -22.73 18.83 -39.25
C ALA R 170 -22.98 17.48 -38.60
N TYR R 171 -22.48 16.40 -39.20
CA TYR R 171 -22.75 15.05 -38.70
C TYR R 171 -21.47 14.27 -38.42
N GLY R 172 -20.33 14.95 -38.34
CA GLY R 172 -19.09 14.31 -37.93
C GLY R 172 -18.60 13.21 -38.84
N ILE R 173 -18.64 13.42 -40.14
CA ILE R 173 -18.16 12.44 -41.12
C ILE R 173 -16.77 12.79 -41.62
N THR R 174 -16.60 14.07 -41.98
CA THR R 174 -15.30 14.55 -42.51
C THR R 174 -14.82 15.71 -41.66
N GLY R 175 -13.99 15.44 -40.67
CA GLY R 175 -13.44 16.48 -39.82
C GLY R 175 -11.93 16.36 -39.70
N LYS R 176 -11.27 17.51 -39.62
CA LYS R 176 -9.81 17.55 -39.56
C LYS R 176 -9.38 18.89 -38.99
N VAL R 177 -8.09 19.00 -38.73
CA VAL R 177 -7.53 20.24 -38.21
C VAL R 177 -7.26 21.19 -39.37
N GLN R 178 -7.94 22.33 -39.37
CA GLN R 178 -7.82 23.33 -40.42
C GLN R 178 -7.85 24.71 -39.78
N PRO R 179 -7.25 25.70 -40.44
CA PRO R 179 -7.40 27.09 -39.98
C PRO R 179 -8.82 27.60 -40.17
N VAL R 180 -9.22 28.52 -39.31
CA VAL R 180 -10.51 29.20 -39.42
C VAL R 180 -10.29 30.70 -39.41
N ALA R 181 -11.03 31.41 -40.25
CA ALA R 181 -10.96 32.86 -40.23
C ALA R 181 -11.93 33.42 -39.19
N PRO R 182 -11.57 34.51 -38.50
CA PRO R 182 -12.46 35.05 -37.47
C PRO R 182 -13.79 35.55 -38.05
N ALA R 183 -14.84 35.41 -37.24
CA ALA R 183 -16.17 35.91 -37.58
C ALA R 183 -16.53 37.01 -36.61
N TRP R 184 -16.51 38.25 -37.09
CA TRP R 184 -16.71 39.42 -36.23
C TRP R 184 -18.17 39.86 -36.15
N GLY R 185 -19.08 39.21 -36.88
CA GLY R 185 -20.48 39.53 -36.81
C GLY R 185 -21.17 38.81 -35.68
N PRO R 186 -22.50 38.91 -35.63
CA PRO R 186 -23.26 38.16 -34.61
C PRO R 186 -23.16 36.65 -34.79
N GLU R 187 -22.79 36.18 -35.98
CA GLU R 187 -22.65 34.74 -36.23
C GLU R 187 -21.46 34.13 -35.50
N GLY R 188 -20.60 34.94 -34.90
CA GLY R 188 -19.50 34.42 -34.10
C GLY R 188 -19.85 34.09 -32.66
N PHE R 189 -21.12 34.24 -32.27
CA PHE R 189 -21.51 34.03 -30.88
C PHE R 189 -22.32 32.75 -30.65
N ASN R 190 -22.77 32.08 -31.70
CA ASN R 190 -23.35 30.77 -31.42
C ASN R 190 -22.23 29.77 -31.14
N PRO R 191 -22.44 28.84 -30.21
CA PRO R 191 -21.35 27.93 -29.82
C PRO R 191 -20.91 26.98 -30.92
N PHE R 192 -21.72 26.79 -31.96
CA PHE R 192 -21.43 25.83 -33.02
C PHE R 192 -20.74 26.44 -34.22
N ASN R 193 -20.02 27.55 -34.02
CA ASN R 193 -19.25 28.19 -35.09
C ASN R 193 -17.79 28.28 -34.70
N PRO R 194 -16.91 27.49 -35.34
CA PRO R 194 -15.48 27.54 -34.98
C PRO R 194 -14.82 28.89 -35.20
N SER R 195 -15.32 29.68 -36.16
CA SER R 195 -14.79 31.02 -36.40
C SER R 195 -14.98 31.91 -35.17
N GLY R 196 -16.05 31.68 -34.41
CA GLY R 196 -16.28 32.44 -33.20
C GLY R 196 -15.16 32.26 -32.18
N VAL R 197 -14.52 31.10 -32.17
CA VAL R 197 -13.40 30.87 -31.24
C VAL R 197 -12.24 31.80 -31.58
N ALA R 198 -11.87 31.88 -32.87
CA ALA R 198 -10.77 32.74 -33.28
C ALA R 198 -11.09 34.20 -33.01
N SER R 199 -12.30 34.65 -33.40
CA SER R 199 -12.66 36.04 -33.17
C SER R 199 -12.71 36.36 -31.68
N HIS R 200 -13.22 35.43 -30.87
CA HIS R 200 -13.28 35.61 -29.43
C HIS R 200 -11.89 35.76 -28.84
N HIS R 201 -10.99 34.83 -29.16
CA HIS R 201 -9.67 34.88 -28.55
C HIS R 201 -8.92 36.13 -28.97
N ILE R 202 -9.06 36.56 -30.22
CA ILE R 202 -8.38 37.79 -30.65
C ILE R 202 -8.93 39.01 -29.90
N ALA R 203 -10.25 39.17 -29.89
CA ALA R 203 -10.84 40.36 -29.27
C ALA R 203 -10.63 40.37 -27.76
N ALA R 204 -10.87 39.22 -27.11
CA ALA R 204 -10.67 39.12 -25.67
C ALA R 204 -9.20 39.31 -25.30
N GLY R 205 -8.28 38.84 -26.15
CA GLY R 205 -6.86 39.08 -25.88
C GLY R 205 -6.51 40.55 -25.95
N ILE R 206 -7.05 41.27 -26.94
CA ILE R 206 -6.81 42.71 -27.02
C ILE R 206 -7.38 43.42 -25.81
N LEU R 207 -8.62 43.08 -25.43
CA LEU R 207 -9.25 43.70 -24.27
C LEU R 207 -8.48 43.37 -22.98
N GLY R 208 -8.00 42.13 -22.86
CA GLY R 208 -7.23 41.77 -21.69
C GLY R 208 -5.88 42.48 -21.63
N PHE R 209 -5.27 42.70 -22.80
CA PHE R 209 -4.05 43.50 -22.85
C PHE R 209 -4.30 44.91 -22.34
N ALA R 210 -5.39 45.53 -22.80
CA ALA R 210 -5.73 46.87 -22.32
C ALA R 210 -6.04 46.87 -20.83
N ALA R 211 -6.78 45.85 -20.36
CA ALA R 211 -7.12 45.76 -18.94
C ALA R 211 -5.88 45.54 -18.09
N GLY R 212 -4.93 44.74 -18.57
CA GLY R 212 -3.68 44.57 -17.85
C GLY R 212 -2.88 45.85 -17.78
N ILE R 213 -2.87 46.62 -18.87
CA ILE R 213 -2.22 47.93 -18.84
C ILE R 213 -2.86 48.82 -17.78
N PHE R 214 -4.20 48.82 -17.73
CA PHE R 214 -4.90 49.65 -16.74
C PHE R 214 -4.57 49.19 -15.32
N HIS R 215 -4.75 47.90 -15.04
CA HIS R 215 -4.54 47.39 -13.69
C HIS R 215 -3.08 47.45 -13.26
N ILE R 216 -2.15 47.60 -14.20
CA ILE R 216 -0.78 47.91 -13.85
C ILE R 216 -0.63 49.39 -13.50
N ALA R 217 -1.18 50.26 -14.34
CA ALA R 217 -0.93 51.69 -14.20
C ALA R 217 -1.68 52.30 -13.02
N VAL R 218 -2.92 51.88 -12.79
CA VAL R 218 -3.82 52.55 -11.85
C VAL R 218 -3.91 51.75 -10.56
N ARG R 219 -3.70 52.41 -9.43
CA ARG R 219 -3.83 51.82 -8.10
C ARG R 219 -5.30 51.68 -7.72
N PRO R 220 -5.64 50.69 -6.89
CA PRO R 220 -7.04 50.50 -6.51
C PRO R 220 -7.53 51.63 -5.64
N PRO R 221 -8.84 51.90 -5.65
CA PRO R 221 -9.40 52.84 -4.67
C PRO R 221 -9.24 52.32 -3.25
N GLN R 222 -9.14 53.25 -2.31
CA GLN R 222 -9.06 52.88 -0.90
C GLN R 222 -10.31 52.15 -0.44
N ARG R 223 -11.47 52.55 -0.96
CA ARG R 223 -12.73 51.89 -0.62
C ARG R 223 -12.71 50.42 -1.02
N LEU R 224 -12.29 50.14 -2.25
CA LEU R 224 -12.20 48.75 -2.71
C LEU R 224 -11.08 48.00 -2.01
N TYR R 225 -9.97 48.67 -1.70
CA TYR R 225 -8.87 48.02 -1.02
C TYR R 225 -9.29 47.57 0.38
N ARG R 226 -10.07 48.38 1.09
CA ARG R 226 -10.55 47.97 2.39
C ARG R 226 -11.72 47.00 2.30
N ALA R 227 -12.58 47.14 1.29
CA ALA R 227 -13.76 46.29 1.19
C ALA R 227 -13.37 44.86 0.78
N LEU R 228 -12.51 44.74 -0.22
CA LEU R 228 -12.13 43.44 -0.76
C LEU R 228 -10.89 42.85 -0.10
N ARG R 229 -10.30 43.54 0.87
CA ARG R 229 -9.14 42.89 1.51
C ARG R 229 -8.03 42.69 0.49
N MET R 230 -7.71 43.70 -0.30
CA MET R 230 -6.76 43.47 -1.39
C MET R 230 -5.34 43.28 -0.93
N GLY R 231 -5.01 43.61 0.32
CA GLY R 231 -3.71 43.30 0.86
C GLY R 231 -3.55 41.88 1.35
N ASN R 232 -4.61 41.07 1.25
CA ASN R 232 -4.61 39.69 1.72
C ASN R 232 -4.66 38.75 0.53
N ILE R 233 -3.80 37.74 0.54
CA ILE R 233 -3.75 36.75 -0.53
C ILE R 233 -5.00 35.88 -0.56
N GLU R 234 -5.69 35.73 0.57
CA GLU R 234 -6.82 34.82 0.64
C GLU R 234 -8.02 35.34 -0.16
N THR R 235 -8.17 36.67 -0.26
CA THR R 235 -9.25 37.18 -1.12
C THR R 235 -8.95 36.89 -2.58
N VAL R 236 -7.67 36.92 -2.97
CA VAL R 236 -7.29 36.51 -4.32
C VAL R 236 -7.62 35.04 -4.53
N LEU R 237 -7.33 34.22 -3.53
CA LEU R 237 -7.66 32.80 -3.63
C LEU R 237 -9.16 32.59 -3.79
N SER R 238 -9.97 33.30 -3.00
CA SER R 238 -11.41 33.13 -3.06
C SER R 238 -11.96 33.59 -4.41
N SER R 239 -11.50 34.74 -4.90
CA SER R 239 -11.98 35.23 -6.20
C SER R 239 -11.54 34.32 -7.34
N SER R 240 -10.31 33.80 -7.26
CA SER R 240 -9.84 32.88 -8.29
C SER R 240 -10.63 31.58 -8.27
N ILE R 241 -10.97 31.08 -7.07
CA ILE R 241 -11.79 29.88 -6.96
C ILE R 241 -13.19 30.14 -7.53
N ALA R 242 -13.72 31.33 -7.29
CA ALA R 242 -15.03 31.68 -7.83
C ALA R 242 -15.02 31.69 -9.35
N ALA R 243 -14.04 32.38 -9.95
CA ALA R 243 -13.93 32.40 -11.40
C ALA R 243 -13.65 31.00 -11.95
N VAL R 244 -12.90 30.19 -11.20
CA VAL R 244 -12.54 28.86 -11.65
C VAL R 244 -13.75 27.95 -11.70
N PHE R 245 -14.62 28.01 -10.67
CA PHE R 245 -15.81 27.16 -10.73
C PHE R 245 -16.84 27.72 -11.71
N TRP R 246 -16.85 29.04 -11.94
CA TRP R 246 -17.65 29.61 -13.01
C TRP R 246 -17.25 29.03 -14.35
N SER R 247 -15.95 29.04 -14.64
CA SER R 247 -15.45 28.48 -15.90
C SER R 247 -15.67 26.98 -15.96
N ALA R 248 -15.57 26.28 -14.83
CA ALA R 248 -15.83 24.84 -14.82
C ALA R 248 -17.28 24.54 -15.17
N PHE R 249 -18.22 25.31 -14.62
CA PHE R 249 -19.62 25.13 -14.97
C PHE R 249 -19.85 25.42 -16.45
N ILE R 250 -19.22 26.47 -16.98
CA ILE R 250 -19.39 26.81 -18.39
C ILE R 250 -18.85 25.69 -19.29
N THR R 251 -17.66 25.17 -18.97
CA THR R 251 -17.08 24.11 -19.78
C THR R 251 -17.89 22.82 -19.66
N THR R 252 -18.42 22.53 -18.47
CA THR R 252 -19.30 21.39 -18.29
C THR R 252 -20.54 21.51 -19.17
N GLY R 253 -21.16 22.69 -19.19
CA GLY R 253 -22.32 22.90 -20.04
C GLY R 253 -22.00 22.77 -21.52
N THR R 254 -20.86 23.34 -21.96
CA THR R 254 -20.49 23.25 -23.37
C THR R 254 -20.17 21.81 -23.76
N MET R 255 -19.53 21.05 -22.87
CA MET R 255 -19.24 19.66 -23.17
C MET R 255 -20.51 18.82 -23.25
N TRP R 256 -21.43 19.02 -22.29
CA TRP R 256 -22.62 18.18 -22.24
C TRP R 256 -23.59 18.52 -23.37
N TYR R 257 -23.83 19.81 -23.61
CA TYR R 257 -24.77 20.22 -24.65
C TYR R 257 -24.16 20.19 -26.05
N GLY R 258 -22.84 20.28 -26.15
CA GLY R 258 -22.19 20.28 -27.44
C GLY R 258 -21.79 21.67 -27.88
N SER R 259 -20.72 21.75 -28.66
CA SER R 259 -20.18 23.02 -29.13
C SER R 259 -19.20 22.73 -30.26
N ALA R 260 -18.74 23.80 -30.92
CA ALA R 260 -17.66 23.66 -31.89
C ALA R 260 -16.35 23.25 -31.25
N THR R 261 -16.18 23.53 -29.96
CA THR R 261 -15.00 23.11 -29.21
C THR R 261 -15.13 21.71 -28.63
N THR R 262 -16.25 21.03 -28.87
CA THR R 262 -16.44 19.64 -28.48
C THR R 262 -16.91 18.84 -29.69
N PRO R 263 -16.01 18.54 -30.63
CA PRO R 263 -16.41 17.84 -31.85
C PRO R 263 -16.91 16.43 -31.56
N ILE R 264 -17.84 15.94 -32.38
CA ILE R 264 -18.39 14.58 -32.08
C ILE R 264 -17.39 13.52 -32.54
N GLU R 265 -16.49 13.84 -33.49
CA GLU R 265 -15.49 12.84 -33.84
C GLU R 265 -14.42 12.68 -32.78
N LEU R 266 -14.31 13.63 -31.83
CA LEU R 266 -13.31 13.55 -30.78
C LEU R 266 -13.88 13.13 -29.43
N PHE R 267 -15.12 13.54 -29.11
CA PHE R 267 -15.72 13.25 -27.82
C PHE R 267 -16.95 12.34 -27.91
N GLY R 268 -17.44 12.02 -29.10
CA GLY R 268 -18.61 11.20 -29.25
C GLY R 268 -19.88 12.02 -29.33
N PRO R 269 -20.98 11.37 -29.67
CA PRO R 269 -22.26 12.08 -29.74
C PRO R 269 -22.74 12.53 -28.37
N THR R 270 -23.58 13.56 -28.38
CA THR R 270 -24.26 14.01 -27.18
C THR R 270 -25.56 13.22 -27.00
N ARG R 271 -26.12 13.31 -25.79
CA ARG R 271 -27.38 12.63 -25.52
C ARG R 271 -28.55 13.29 -26.24
N TYR R 272 -28.47 14.60 -26.46
CA TYR R 272 -29.56 15.33 -27.11
C TYR R 272 -29.61 15.06 -28.61
N GLN R 273 -28.52 14.56 -29.20
CA GLN R 273 -28.57 14.10 -30.58
C GLN R 273 -29.37 12.81 -30.70
N TRP R 274 -29.29 11.94 -29.70
CA TRP R 274 -30.12 10.74 -29.68
C TRP R 274 -31.56 11.06 -29.29
N ASP R 275 -31.74 12.03 -28.38
CA ASP R 275 -33.09 12.39 -27.95
C ASP R 275 -33.92 12.93 -29.10
N SER R 276 -33.33 13.77 -29.95
CA SER R 276 -34.04 14.37 -31.06
C SER R 276 -33.90 13.57 -32.35
N GLY R 277 -33.18 12.45 -32.33
CA GLY R 277 -32.95 11.68 -33.54
C GLY R 277 -32.16 12.46 -34.57
N TYR R 278 -31.07 13.10 -34.12
CA TYR R 278 -30.32 13.99 -34.99
C TYR R 278 -29.70 13.25 -36.16
N PHE R 279 -29.15 12.06 -35.92
CA PHE R 279 -28.55 11.28 -37.00
C PHE R 279 -29.59 10.44 -37.74
N GLN R 280 -30.63 9.99 -37.04
CA GLN R 280 -31.66 9.18 -37.68
C GLN R 280 -32.39 9.96 -38.76
N GLN R 281 -32.71 11.23 -38.48
CA GLN R 281 -33.40 12.05 -39.47
C GLN R 281 -32.52 12.26 -40.69
N GLU R 282 -31.22 12.49 -40.50
CA GLU R 282 -30.31 12.67 -41.63
C GLU R 282 -30.20 11.38 -42.44
N ILE R 283 -30.13 10.23 -41.78
CA ILE R 283 -30.04 8.96 -42.49
C ILE R 283 -31.29 8.72 -43.32
N GLU R 284 -32.47 8.97 -42.73
CA GLU R 284 -33.72 8.81 -43.46
C GLU R 284 -33.83 9.80 -44.62
N ARG R 285 -33.33 11.01 -44.39
CA ARG R 285 -33.34 12.04 -45.46
C ARG R 285 -32.48 11.53 -46.63
N ARG R 286 -31.26 11.10 -46.33
CA ARG R 286 -30.38 10.61 -47.38
C ARG R 286 -30.99 9.43 -48.13
N VAL R 287 -31.62 8.52 -47.39
CA VAL R 287 -32.26 7.36 -48.03
C VAL R 287 -33.40 7.82 -48.94
N GLU R 288 -34.21 8.77 -48.47
CA GLU R 288 -35.31 9.28 -49.29
C GLU R 288 -34.80 10.00 -50.53
N ASN R 289 -33.73 10.79 -50.39
CA ASN R 289 -33.15 11.46 -51.55
C ASN R 289 -32.61 10.46 -52.56
N SER R 290 -31.96 9.39 -52.08
CA SER R 290 -31.46 8.36 -52.99
C SER R 290 -32.62 7.63 -53.68
N LEU R 291 -33.70 7.38 -52.94
CA LEU R 291 -34.87 6.74 -53.54
C LEU R 291 -35.52 7.63 -54.60
N ASN R 292 -35.57 8.93 -54.31
CA ASN R 292 -36.22 9.88 -55.26
C ASN R 292 -35.38 9.94 -56.54
N GLU R 293 -34.07 9.74 -56.41
CA GLU R 293 -33.18 9.74 -57.60
C GLU R 293 -33.54 8.51 -58.45
N GLY R 294 -34.13 7.49 -57.84
CA GLY R 294 -34.54 6.27 -58.58
C GLY R 294 -33.83 5.05 -58.04
N LEU R 295 -32.83 5.25 -57.18
CA LEU R 295 -32.07 4.12 -56.61
C LEU R 295 -33.02 3.21 -55.84
N SER R 296 -32.78 1.90 -55.86
CA SER R 296 -33.62 1.00 -55.08
C SER R 296 -33.29 1.13 -53.59
N LEU R 297 -34.07 0.43 -52.77
CA LEU R 297 -33.91 0.52 -51.32
C LEU R 297 -32.56 -0.02 -50.87
N SER R 298 -32.13 -1.14 -51.46
CA SER R 298 -30.82 -1.70 -51.12
C SER R 298 -29.69 -0.75 -51.51
N GLU R 299 -29.78 -0.15 -52.69
CA GLU R 299 -28.78 0.83 -53.10
C GLU R 299 -28.84 2.07 -52.23
N ALA R 300 -30.05 2.52 -51.87
CA ALA R 300 -30.18 3.71 -51.03
C ALA R 300 -29.56 3.50 -49.66
N TRP R 301 -29.79 2.33 -49.05
CA TRP R 301 -29.20 2.03 -47.76
C TRP R 301 -27.73 1.66 -47.85
N SER R 302 -27.29 1.24 -49.04
CA SER R 302 -25.85 0.92 -49.23
C SER R 302 -25.08 2.25 -49.38
N ARG R 303 -25.81 3.36 -49.52
CA ARG R 303 -25.18 4.69 -49.68
C ARG R 303 -24.85 5.27 -48.29
N ILE R 304 -25.57 4.83 -47.26
CA ILE R 304 -25.35 5.39 -45.88
C ILE R 304 -23.95 4.99 -45.39
N PRO R 305 -23.06 5.94 -45.05
CA PRO R 305 -21.74 5.62 -44.48
C PRO R 305 -21.88 4.86 -43.17
N ASP R 306 -20.88 4.03 -42.88
CA ASP R 306 -20.88 3.26 -41.63
C ASP R 306 -20.75 4.18 -40.42
N LYS R 307 -19.99 5.26 -40.54
CA LYS R 307 -19.80 6.18 -39.43
C LYS R 307 -21.11 6.86 -39.03
N LEU R 308 -21.87 7.32 -40.03
CA LEU R 308 -23.14 7.98 -39.76
C LEU R 308 -24.13 7.03 -39.10
N ALA R 309 -24.18 5.77 -39.56
CA ALA R 309 -25.04 4.78 -38.92
C ALA R 309 -24.57 4.47 -37.51
N PHE R 310 -23.25 4.44 -37.29
CA PHE R 310 -22.71 4.19 -35.96
C PHE R 310 -23.04 5.32 -35.00
N TYR R 311 -23.19 6.54 -35.51
CA TYR R 311 -23.60 7.65 -34.67
C TYR R 311 -25.04 7.47 -34.18
N ASP R 312 -25.88 6.81 -34.95
CA ASP R 312 -27.27 6.56 -34.56
C ASP R 312 -27.40 5.24 -33.81
N TYR R 313 -26.63 5.10 -32.73
CA TYR R 313 -26.61 3.91 -31.90
C TYR R 313 -26.65 4.33 -30.43
N VAL R 314 -27.57 3.75 -29.66
CA VAL R 314 -27.77 4.19 -28.28
C VAL R 314 -26.59 3.79 -27.39
N GLY R 315 -25.75 2.86 -27.83
CA GLY R 315 -24.57 2.54 -27.06
C GLY R 315 -23.53 3.64 -27.07
N ASN R 316 -23.59 4.54 -28.04
CA ASN R 316 -22.72 5.71 -28.10
C ASN R 316 -23.31 6.91 -27.35
N ASN R 317 -24.51 6.75 -26.79
CA ASN R 317 -25.10 7.82 -26.00
C ASN R 317 -24.32 7.98 -24.69
N PRO R 318 -23.85 9.17 -24.35
CA PRO R 318 -23.13 9.36 -23.09
C PRO R 318 -24.00 9.14 -21.86
N ALA R 319 -25.33 9.16 -21.99
CA ALA R 319 -26.24 8.98 -20.87
C ALA R 319 -26.72 7.53 -20.74
N LYS R 320 -25.90 6.58 -21.15
CA LYS R 320 -26.23 5.17 -21.02
C LYS R 320 -25.25 4.39 -20.17
N GLY R 321 -24.22 5.04 -19.62
CA GLY R 321 -23.22 4.37 -18.84
C GLY R 321 -23.58 4.25 -17.37
N GLY R 322 -22.57 3.97 -16.55
CA GLY R 322 -22.77 3.83 -15.13
C GLY R 322 -21.63 4.49 -14.37
N LEU R 323 -21.93 4.81 -13.11
CA LEU R 323 -20.94 5.47 -12.27
C LEU R 323 -19.73 4.57 -12.02
N PHE R 324 -19.96 3.28 -11.78
CA PHE R 324 -18.89 2.34 -11.50
C PHE R 324 -18.70 1.34 -12.63
N ARG R 325 -19.26 1.61 -13.80
CA ARG R 325 -18.95 0.85 -15.02
C ARG R 325 -17.70 1.48 -15.62
N ALA R 326 -16.55 0.92 -15.27
CA ALA R 326 -15.27 1.52 -15.62
C ALA R 326 -14.79 1.03 -16.97
N GLY R 327 -13.88 1.81 -17.57
CA GLY R 327 -13.24 1.44 -18.81
C GLY R 327 -13.88 2.06 -20.03
N PRO R 328 -13.37 1.70 -21.21
CA PRO R 328 -13.91 2.24 -22.45
C PRO R 328 -15.25 1.63 -22.81
N MET R 329 -15.93 2.26 -23.77
CA MET R 329 -17.20 1.76 -24.24
C MET R 329 -17.05 0.41 -24.94
N ASN R 330 -15.86 0.15 -25.51
CA ASN R 330 -15.58 -1.16 -26.08
C ASN R 330 -15.60 -2.25 -25.01
N LYS R 331 -15.10 -1.93 -23.81
CA LYS R 331 -15.26 -2.83 -22.68
C LYS R 331 -16.72 -3.04 -22.32
N GLY R 332 -17.57 -2.08 -22.65
CA GLY R 332 -18.99 -2.20 -22.35
C GLY R 332 -19.77 -3.07 -23.31
N ASP R 333 -19.80 -2.69 -24.60
CA ASP R 333 -20.62 -3.39 -25.57
C ASP R 333 -19.80 -4.05 -26.68
N GLY R 334 -18.52 -4.33 -26.43
CA GLY R 334 -17.67 -4.92 -27.44
C GLY R 334 -17.14 -3.87 -28.40
N ILE R 335 -16.23 -4.32 -29.26
CA ILE R 335 -15.68 -3.46 -30.32
C ILE R 335 -16.52 -3.65 -31.56
N ALA R 336 -16.94 -2.53 -32.16
CA ALA R 336 -17.76 -2.60 -33.37
C ALA R 336 -16.92 -3.02 -34.55
N GLU R 337 -17.40 -4.02 -35.30
CA GLU R 337 -16.69 -4.56 -36.46
C GLU R 337 -17.25 -4.01 -37.77
N ALA R 338 -18.55 -4.16 -37.98
CA ALA R 338 -19.17 -3.70 -39.21
C ALA R 338 -20.65 -3.42 -38.99
N TRP R 339 -21.22 -2.61 -39.87
CA TRP R 339 -22.65 -2.31 -39.84
C TRP R 339 -23.42 -3.44 -40.49
N LEU R 340 -24.44 -3.96 -39.79
CA LEU R 340 -25.23 -5.05 -40.31
C LEU R 340 -26.32 -4.58 -41.27
N GLY R 341 -26.61 -3.30 -41.33
CA GLY R 341 -27.62 -2.79 -42.22
C GLY R 341 -28.92 -2.46 -41.49
N HIS R 342 -29.76 -1.66 -42.16
CA HIS R 342 -31.03 -1.25 -41.57
C HIS R 342 -32.04 -2.39 -41.69
N PRO R 343 -32.67 -2.79 -40.59
CA PRO R 343 -33.71 -3.82 -40.66
C PRO R 343 -35.10 -3.22 -40.86
N ILE R 344 -35.91 -3.97 -41.62
CA ILE R 344 -37.30 -3.62 -41.88
C ILE R 344 -38.16 -4.82 -41.54
N PHE R 345 -39.17 -4.60 -40.70
CA PHE R 345 -40.03 -5.66 -40.21
C PHE R 345 -41.39 -5.59 -40.88
N GLN R 346 -41.87 -6.72 -41.39
CA GLN R 346 -43.19 -6.80 -41.99
C GLN R 346 -43.96 -7.98 -41.40
N ASP R 347 -45.23 -7.73 -41.06
CA ASP R 347 -46.08 -8.80 -40.48
C ASP R 347 -46.62 -9.66 -41.62
N LYS R 348 -47.46 -10.65 -41.30
CA LYS R 348 -48.10 -11.48 -42.35
C LYS R 348 -48.94 -10.57 -43.25
N GLU R 349 -49.45 -9.47 -42.70
CA GLU R 349 -50.28 -8.51 -43.48
C GLU R 349 -49.38 -7.66 -44.38
N GLY R 350 -48.10 -7.53 -44.05
CA GLY R 350 -47.15 -6.79 -44.90
C GLY R 350 -46.94 -5.37 -44.41
N ARG R 351 -47.64 -4.96 -43.35
CA ARG R 351 -47.53 -3.57 -42.84
C ARG R 351 -46.09 -3.29 -42.41
N GLU R 352 -45.50 -2.16 -42.79
CA GLU R 352 -44.12 -1.89 -42.28
C GLU R 352 -44.16 -1.73 -40.75
N LEU R 353 -43.41 -2.55 -40.02
CA LEU R 353 -43.38 -2.47 -38.53
C LEU R 353 -42.06 -1.82 -38.08
N THR R 354 -42.13 -0.92 -37.10
CA THR R 354 -40.91 -0.20 -36.64
C THR R 354 -40.71 -0.45 -35.17
N VAL R 355 -39.49 -0.84 -34.77
CA VAL R 355 -39.19 -1.04 -33.32
C VAL R 355 -38.91 0.33 -32.68
N ARG R 356 -39.66 0.69 -31.64
CA ARG R 356 -39.48 1.96 -30.95
C ARG R 356 -38.11 2.02 -30.30
N ARG R 357 -37.41 3.13 -30.51
CA ARG R 357 -36.08 3.33 -29.96
C ARG R 357 -36.13 3.37 -28.43
N MET R 358 -35.09 2.82 -27.80
CA MET R 358 -35.02 2.82 -26.31
C MET R 358 -34.64 4.22 -25.83
N PRO R 359 -35.45 4.88 -24.97
CA PRO R 359 -35.09 6.17 -24.40
C PRO R 359 -33.95 5.98 -23.41
N ALA R 360 -33.02 6.95 -23.36
CA ALA R 360 -31.84 6.84 -22.45
C ALA R 360 -32.29 6.67 -21.00
N PHE R 361 -33.49 7.14 -20.66
CA PHE R 361 -34.00 7.05 -19.26
C PHE R 361 -34.24 5.60 -18.86
N PHE R 362 -34.48 4.72 -19.83
CA PHE R 362 -34.88 3.34 -19.46
C PHE R 362 -33.70 2.37 -19.46
N GLU R 363 -33.37 1.84 -18.28
CA GLU R 363 -32.36 0.78 -18.24
C GLU R 363 -32.79 -0.43 -19.06
N THR R 364 -34.06 -0.82 -18.92
CA THR R 364 -34.66 -1.89 -19.72
C THR R 364 -35.93 -1.36 -20.34
N PHE R 365 -36.04 -1.49 -21.67
CA PHE R 365 -37.20 -0.98 -22.38
C PHE R 365 -37.90 -2.10 -23.13
N PRO R 366 -39.24 -2.13 -23.09
CA PRO R 366 -39.96 -3.18 -23.82
C PRO R 366 -39.76 -3.10 -25.32
N VAL R 367 -39.79 -4.26 -25.97
CA VAL R 367 -39.62 -4.34 -27.42
C VAL R 367 -41.00 -4.23 -28.05
N ILE R 368 -41.24 -3.13 -28.75
CA ILE R 368 -42.54 -2.82 -29.34
C ILE R 368 -42.35 -2.51 -30.81
N LEU R 369 -43.17 -3.13 -31.66
CA LEU R 369 -43.18 -2.86 -33.10
C LEU R 369 -44.48 -2.18 -33.46
N VAL R 370 -44.38 -1.03 -34.12
CA VAL R 370 -45.55 -0.24 -34.50
C VAL R 370 -45.52 0.02 -36.00
N ASP R 371 -46.72 0.19 -36.56
CA ASP R 371 -46.83 0.44 -38.02
C ASP R 371 -46.84 1.95 -38.28
N LYS R 372 -47.13 2.36 -39.51
CA LYS R 372 -47.16 3.80 -39.86
C LYS R 372 -48.30 4.49 -39.09
N ASP R 373 -49.21 3.71 -38.51
CA ASP R 373 -50.37 4.30 -37.79
C ASP R 373 -50.08 4.29 -36.28
N GLY R 374 -48.90 3.79 -35.89
CA GLY R 374 -48.51 3.78 -34.47
C GLY R 374 -49.24 2.71 -33.69
N ILE R 375 -50.04 1.89 -34.38
CA ILE R 375 -50.77 0.78 -33.70
C ILE R 375 -49.78 -0.32 -33.32
N ILE R 376 -49.84 -0.80 -32.07
CA ILE R 376 -48.95 -1.90 -31.63
C ILE R 376 -49.33 -3.19 -32.36
N ARG R 377 -48.43 -3.73 -33.18
CA ARG R 377 -48.77 -4.92 -33.99
C ARG R 377 -48.08 -6.15 -33.39
N ALA R 378 -46.80 -6.02 -33.02
CA ALA R 378 -46.04 -7.16 -32.45
C ALA R 378 -45.24 -6.68 -31.23
N ASP R 379 -44.91 -7.61 -30.33
CA ASP R 379 -44.12 -7.27 -29.12
C ASP R 379 -43.43 -8.52 -28.59
N ILE R 380 -42.54 -8.35 -27.61
CA ILE R 380 -41.89 -9.53 -26.96
C ILE R 380 -42.42 -9.58 -25.52
N PRO R 381 -43.11 -10.66 -25.05
CA PRO R 381 -43.69 -10.65 -23.72
C PRO R 381 -42.63 -10.41 -22.65
N PHE R 382 -43.03 -9.85 -21.51
CA PHE R 382 -42.05 -9.77 -20.40
C PHE R 382 -41.81 -11.19 -19.94
N ARG R 383 -40.55 -11.61 -19.89
CA ARG R 383 -40.21 -12.98 -19.39
C ARG R 383 -41.15 -14.01 -20.05
N ARG R 384 -41.90 -14.75 -19.23
CA ARG R 384 -42.80 -15.80 -19.78
C ARG R 384 -44.25 -15.42 -19.51
N ALA R 385 -44.78 -14.45 -20.27
CA ALA R 385 -46.19 -14.03 -20.10
C ALA R 385 -47.03 -14.50 -21.29
N GLU R 386 -48.29 -14.87 -21.05
CA GLU R 386 -49.19 -15.26 -22.16
C GLU R 386 -49.22 -14.10 -23.16
N SER R 387 -49.21 -14.38 -24.46
CA SER R 387 -49.09 -13.26 -25.43
C SER R 387 -50.09 -13.35 -26.58
N LYS R 388 -50.64 -12.26 -27.11
CA LYS R 388 -51.54 -12.33 -28.28
C LYS R 388 -50.83 -11.62 -29.44
N TYR R 389 -49.77 -10.87 -29.16
CA TYR R 389 -49.02 -10.13 -30.21
C TYR R 389 -47.57 -10.57 -30.21
N SER R 390 -47.33 -11.85 -29.92
CA SER R 390 -45.96 -12.36 -29.95
C SER R 390 -45.45 -12.42 -31.38
N ILE R 391 -44.13 -12.27 -31.53
CA ILE R 391 -43.51 -12.27 -32.85
C ILE R 391 -43.72 -13.62 -33.54
N GLU R 392 -43.72 -14.69 -32.76
CA GLU R 392 -43.95 -16.05 -33.34
C GLU R 392 -45.41 -16.14 -33.82
N GLN R 393 -46.31 -15.34 -33.25
CA GLN R 393 -47.72 -15.42 -33.61
C GLN R 393 -48.10 -14.48 -34.74
N VAL R 394 -47.60 -13.24 -34.71
CA VAL R 394 -47.87 -12.30 -35.80
C VAL R 394 -47.12 -12.69 -37.06
N GLY R 395 -46.09 -13.54 -36.95
CA GLY R 395 -45.30 -13.92 -38.10
C GLY R 395 -44.48 -12.80 -38.69
N VAL R 396 -43.81 -12.01 -37.84
CA VAL R 396 -43.01 -10.89 -38.33
C VAL R 396 -41.74 -11.42 -38.98
N THR R 397 -41.42 -10.88 -40.16
CA THR R 397 -40.21 -11.22 -40.89
C THR R 397 -39.40 -9.95 -41.10
N THR R 398 -38.08 -10.06 -40.92
CA THR R 398 -37.18 -8.92 -41.03
C THR R 398 -36.30 -9.08 -42.26
N SER R 399 -36.02 -7.95 -42.92
CA SER R 399 -35.14 -7.91 -44.08
C SER R 399 -34.16 -6.76 -43.89
N PHE R 400 -32.89 -7.01 -44.18
CA PHE R 400 -31.84 -6.04 -43.97
C PHE R 400 -31.45 -5.39 -45.30
N TYR R 401 -31.33 -4.06 -45.28
CA TYR R 401 -30.87 -3.30 -46.44
C TYR R 401 -29.58 -2.58 -46.06
N GLY R 402 -28.55 -2.77 -46.88
CA GLY R 402 -27.24 -2.24 -46.59
C GLY R 402 -26.44 -3.14 -45.66
N GLY R 403 -25.16 -2.80 -45.50
CA GLY R 403 -24.31 -3.50 -44.57
C GLY R 403 -23.97 -4.92 -45.03
N LYS R 404 -23.51 -5.71 -44.06
CA LYS R 404 -23.16 -7.10 -44.33
C LYS R 404 -24.38 -7.92 -44.75
N LEU R 405 -25.50 -7.72 -44.05
CA LEU R 405 -26.70 -8.52 -44.25
C LEU R 405 -27.60 -7.99 -45.36
N ASN R 406 -27.05 -7.19 -46.28
CA ASN R 406 -27.83 -6.63 -47.37
C ASN R 406 -28.46 -7.72 -48.21
N GLY R 407 -29.76 -7.60 -48.46
CA GLY R 407 -30.49 -8.57 -49.24
C GLY R 407 -30.90 -9.82 -48.51
N GLN R 408 -30.62 -9.93 -47.22
CA GLN R 408 -30.95 -11.12 -46.44
C GLN R 408 -32.26 -10.92 -45.70
N VAL R 409 -33.13 -11.94 -45.76
CA VAL R 409 -34.45 -11.86 -45.07
C VAL R 409 -34.50 -12.97 -44.00
N PHE R 410 -35.07 -12.67 -42.83
CA PHE R 410 -35.12 -13.65 -41.72
C PHE R 410 -36.59 -13.87 -41.34
N THR R 411 -36.95 -15.11 -41.05
CA THR R 411 -38.36 -15.43 -40.72
C THR R 411 -38.40 -16.09 -39.36
N ASP R 412 -37.42 -16.94 -39.07
CA ASP R 412 -37.38 -17.67 -37.77
C ASP R 412 -37.71 -16.70 -36.63
N ALA R 413 -38.78 -16.99 -35.88
CA ALA R 413 -39.12 -16.14 -34.71
C ALA R 413 -37.87 -15.77 -33.92
N PRO R 414 -37.01 -16.70 -33.45
CA PRO R 414 -35.87 -16.33 -32.59
C PRO R 414 -34.95 -15.28 -33.20
N THR R 415 -34.53 -15.45 -34.45
CA THR R 415 -33.64 -14.45 -35.05
C THR R 415 -34.35 -13.12 -35.28
N VAL R 416 -35.65 -13.16 -35.60
CA VAL R 416 -36.39 -11.92 -35.78
C VAL R 416 -36.51 -11.15 -34.48
N LYS R 417 -36.79 -11.84 -33.37
CA LYS R 417 -36.89 -11.14 -32.10
C LYS R 417 -35.52 -10.68 -31.60
N LYS R 418 -34.45 -11.44 -31.89
CA LYS R 418 -33.12 -10.98 -31.57
C LYS R 418 -32.77 -9.70 -32.33
N TYR R 419 -33.10 -9.66 -33.63
CA TYR R 419 -32.83 -8.47 -34.42
C TYR R 419 -33.71 -7.30 -34.00
N ALA R 420 -34.93 -7.58 -33.55
CA ALA R 420 -35.77 -6.50 -33.00
C ALA R 420 -35.18 -5.94 -31.72
N ARG R 421 -34.67 -6.80 -30.84
CA ARG R 421 -34.03 -6.33 -29.62
C ARG R 421 -32.77 -5.52 -29.93
N LYS R 422 -32.01 -5.94 -30.94
CA LYS R 422 -30.83 -5.16 -31.32
C LYS R 422 -31.21 -3.85 -32.02
N ALA R 423 -32.32 -3.83 -32.76
CA ALA R 423 -32.76 -2.64 -33.46
C ALA R 423 -33.43 -1.63 -32.55
N GLN R 424 -33.88 -1.98 -31.35
CA GLN R 424 -34.43 -0.96 -30.42
C GLN R 424 -33.29 -0.08 -29.91
N LEU R 425 -32.06 -0.46 -30.22
CA LEU R 425 -30.85 0.27 -29.77
C LEU R 425 -30.42 1.21 -30.89
N GLY R 426 -31.24 1.34 -31.93
CA GLY R 426 -30.81 2.13 -33.08
C GLY R 426 -30.21 1.25 -34.12
N GLU R 427 -29.34 1.79 -34.94
CA GLU R 427 -28.83 1.02 -36.09
C GLU R 427 -28.14 -0.24 -35.62
N VAL R 428 -28.42 -1.35 -36.29
CA VAL R 428 -27.86 -2.66 -35.87
C VAL R 428 -26.37 -2.71 -36.18
N MET R 429 -25.60 -3.20 -35.24
CA MET R 429 -24.14 -3.25 -35.40
C MET R 429 -23.66 -4.59 -34.86
N GLU R 430 -22.58 -5.08 -35.41
CA GLU R 430 -21.97 -6.35 -34.97
C GLU R 430 -20.76 -5.98 -34.09
N PHE R 431 -20.64 -6.64 -32.95
CA PHE R 431 -19.56 -6.40 -32.00
C PHE R 431 -18.83 -7.69 -31.69
N ASP R 432 -17.53 -7.57 -31.45
CA ASP R 432 -16.74 -8.67 -30.89
C ASP R 432 -16.41 -8.34 -29.43
N ARG R 433 -16.66 -9.30 -28.55
CA ARG R 433 -16.49 -9.11 -27.12
C ARG R 433 -15.40 -9.99 -26.52
N THR R 434 -14.59 -10.63 -27.35
CA THR R 434 -13.56 -11.55 -26.86
C THR R 434 -12.21 -10.88 -26.65
N THR R 435 -11.92 -9.80 -27.39
CA THR R 435 -10.61 -9.15 -27.27
C THR R 435 -10.47 -8.40 -25.96
N LEU R 436 -11.58 -7.88 -25.42
CA LEU R 436 -11.54 -7.15 -24.15
C LEU R 436 -12.40 -7.79 -23.06
N GLU R 437 -12.98 -8.96 -23.36
CA GLU R 437 -13.87 -9.65 -22.39
C GLU R 437 -15.00 -8.68 -21.99
N SER R 438 -15.72 -8.16 -22.98
CA SER R 438 -16.78 -7.16 -22.71
C SER R 438 -17.94 -7.78 -21.94
N ASP R 439 -18.66 -6.96 -21.17
CA ASP R 439 -19.72 -7.49 -20.27
C ASP R 439 -21.12 -7.16 -20.79
N GLY R 440 -21.23 -6.38 -21.85
CA GLY R 440 -22.56 -6.13 -22.44
C GLY R 440 -23.32 -5.07 -21.71
N VAL R 441 -22.70 -4.38 -20.78
CA VAL R 441 -23.37 -3.26 -20.05
C VAL R 441 -22.76 -1.96 -20.58
N PHE R 442 -23.59 -1.02 -21.00
CA PHE R 442 -23.09 0.21 -21.67
C PHE R 442 -22.20 1.05 -20.79
N ARG R 443 -21.13 1.58 -21.36
CA ARG R 443 -20.25 2.50 -20.68
C ARG R 443 -20.58 3.93 -21.09
N SER R 444 -19.79 4.87 -20.58
CA SER R 444 -19.96 6.28 -20.88
C SER R 444 -18.81 6.80 -21.75
N SER R 445 -19.14 7.74 -22.63
CA SER R 445 -18.14 8.36 -23.47
C SER R 445 -17.29 9.32 -22.64
N PRO R 446 -16.12 9.71 -23.14
CA PRO R 446 -15.31 10.70 -22.40
C PRO R 446 -16.04 12.02 -22.18
N ARG R 447 -16.99 12.37 -23.04
CA ARG R 447 -17.80 13.56 -22.83
C ARG R 447 -18.55 13.49 -21.50
N GLY R 448 -19.21 12.36 -21.24
CA GLY R 448 -19.95 12.21 -20.00
C GLY R 448 -19.06 12.19 -18.77
N TRP R 449 -17.90 11.53 -18.87
CA TRP R 449 -16.98 11.49 -17.74
C TRP R 449 -16.43 12.87 -17.42
N TYR R 450 -16.08 13.64 -18.47
CA TYR R 450 -15.64 15.01 -18.26
C TYR R 450 -16.74 15.84 -17.60
N THR R 451 -17.97 15.69 -18.10
CA THR R 451 -19.09 16.45 -17.55
C THR R 451 -19.30 16.13 -16.07
N PHE R 452 -19.29 14.84 -15.72
CA PHE R 452 -19.47 14.42 -14.33
C PHE R 452 -18.36 14.97 -13.44
N GLY R 453 -17.11 14.74 -13.84
CA GLY R 453 -15.99 15.17 -13.02
C GLY R 453 -15.97 16.66 -12.80
N HIS R 454 -16.13 17.43 -13.88
CA HIS R 454 -16.02 18.88 -13.75
C HIS R 454 -17.27 19.51 -13.12
N ALA R 455 -18.43 18.87 -13.23
CA ALA R 455 -19.60 19.37 -12.50
C ALA R 455 -19.42 19.19 -10.99
N ASN R 456 -18.95 18.00 -10.57
CA ASN R 456 -18.67 17.80 -9.15
C ASN R 456 -17.57 18.72 -8.66
N PHE R 457 -16.54 18.93 -9.50
CA PHE R 457 -15.47 19.86 -9.15
C PHE R 457 -15.99 21.28 -9.01
N ALA R 458 -16.90 21.69 -9.89
CA ALA R 458 -17.48 23.03 -9.81
C ALA R 458 -18.29 23.21 -8.54
N LEU R 459 -19.06 22.20 -8.14
CA LEU R 459 -19.82 22.30 -6.90
C LEU R 459 -18.91 22.39 -5.68
N LEU R 460 -17.89 21.50 -5.63
CA LEU R 460 -16.95 21.54 -4.52
C LEU R 460 -16.17 22.84 -4.49
N PHE R 461 -15.88 23.43 -5.65
CA PHE R 461 -15.20 24.71 -5.68
C PHE R 461 -16.13 25.87 -5.35
N PHE R 462 -17.43 25.74 -5.57
CA PHE R 462 -18.35 26.73 -4.99
C PHE R 462 -18.30 26.68 -3.47
N LEU R 463 -18.25 25.47 -2.90
CA LEU R 463 -18.05 25.35 -1.45
C LEU R 463 -16.73 25.98 -1.02
N GLY R 464 -15.67 25.76 -1.80
CA GLY R 464 -14.39 26.36 -1.49
C GLY R 464 -14.39 27.87 -1.58
N HIS R 465 -15.10 28.41 -2.58
CA HIS R 465 -15.27 29.86 -2.69
C HIS R 465 -15.95 30.42 -1.45
N LEU R 466 -17.02 29.76 -1.00
CA LEU R 466 -17.69 30.20 0.21
C LEU R 466 -16.76 30.18 1.41
N TRP R 467 -16.03 29.07 1.60
CA TRP R 467 -15.17 28.94 2.77
C TRP R 467 -14.04 29.96 2.76
N HIS R 468 -13.34 30.09 1.63
CA HIS R 468 -12.18 30.98 1.60
C HIS R 468 -12.59 32.45 1.60
N GLY R 469 -13.74 32.79 0.99
CA GLY R 469 -14.24 34.14 1.10
C GLY R 469 -14.64 34.50 2.51
N SER R 470 -15.28 33.56 3.22
CA SER R 470 -15.57 33.77 4.63
C SER R 470 -14.28 33.93 5.43
N ARG R 471 -13.26 33.17 5.06
CA ARG R 471 -11.98 33.22 5.80
C ARG R 471 -11.35 34.62 5.62
N THR R 472 -11.28 35.09 4.38
CA THR R 472 -10.59 36.37 4.15
C THR R 472 -11.41 37.56 4.62
N LEU R 473 -12.74 37.46 4.63
CA LEU R 473 -13.56 38.66 4.98
C LEU R 473 -13.74 38.73 6.50
N PHE R 474 -13.64 37.60 7.20
CA PHE R 474 -13.91 37.58 8.66
C PHE R 474 -12.62 37.20 9.39
N ARG R 475 -11.47 37.43 8.76
CA ARG R 475 -10.15 37.05 9.32
C ARG R 475 -9.99 37.52 10.78
N ASP R 476 -10.19 38.81 11.03
CA ASP R 476 -9.99 39.38 12.39
C ASP R 476 -10.59 38.47 13.47
N VAL R 477 -11.82 37.97 13.27
CA VAL R 477 -12.53 37.20 14.33
C VAL R 477 -12.30 35.68 14.15
N PHE R 478 -11.25 35.27 13.44
CA PHE R 478 -11.12 33.80 13.19
C PHE R 478 -10.74 33.07 14.49
N SER R 479 -9.67 33.45 15.20
CA SER R 479 -9.41 32.74 16.45
C SER R 479 -10.63 32.72 17.36
N GLY R 480 -11.55 33.65 17.20
CA GLY R 480 -12.74 33.71 18.02
C GLY R 480 -13.16 35.14 18.26
N ILE R 481 -14.30 35.27 18.94
CA ILE R 481 -14.86 36.58 19.25
C ILE R 481 -14.29 37.05 20.58
N ALA S 38 -50.04 29.45 48.79
CA ALA S 38 -51.17 29.24 47.87
C ALA S 38 -51.19 27.80 47.37
N GLY S 39 -50.03 27.32 46.91
CA GLY S 39 -49.92 25.98 46.41
C GLY S 39 -50.44 25.76 45.00
N ARG S 40 -50.77 26.84 44.28
CA ARG S 40 -51.30 26.76 42.92
C ARG S 40 -50.51 27.65 41.99
N ASP S 41 -49.19 27.72 42.20
CA ASP S 41 -48.31 28.51 41.33
C ASP S 41 -46.90 27.96 41.46
N ILE S 42 -46.07 28.33 40.48
CA ILE S 42 -44.69 27.85 40.45
C ILE S 42 -43.88 28.44 41.61
N GLU S 43 -44.27 29.61 42.10
CA GLU S 43 -43.52 30.25 43.19
C GLU S 43 -43.59 29.44 44.47
N SER S 44 -44.75 28.86 44.78
CA SER S 44 -44.95 28.11 46.02
C SER S 44 -44.81 26.60 45.83
N THR S 45 -44.80 26.10 44.61
CA THR S 45 -44.70 24.67 44.35
C THR S 45 -43.47 24.24 43.58
N GLY S 46 -42.90 25.13 42.76
CA GLY S 46 -41.79 24.76 41.90
C GLY S 46 -42.19 24.07 40.61
N PHE S 47 -43.47 23.88 40.37
CA PHE S 47 -43.98 23.25 39.15
C PHE S 47 -44.67 24.30 38.29
N ALA S 48 -44.36 24.29 36.99
CA ALA S 48 -45.00 25.21 36.06
C ALA S 48 -46.42 24.76 35.77
N TRP S 49 -47.13 25.56 34.96
CA TRP S 49 -48.52 25.26 34.66
C TRP S 49 -48.64 23.97 33.84
N TRP S 50 -47.74 23.75 32.89
CA TRP S 50 -47.80 22.56 32.06
C TRP S 50 -47.42 21.29 32.81
N SER S 51 -46.88 21.42 34.03
CA SER S 51 -46.71 20.30 34.94
C SER S 51 -47.57 20.48 36.19
N GLY S 52 -48.67 21.21 36.06
CA GLY S 52 -49.41 21.69 37.21
C GLY S 52 -50.06 20.61 38.05
N ASN S 53 -50.51 19.52 37.42
CA ASN S 53 -51.09 18.43 38.18
C ASN S 53 -50.05 17.75 39.08
N SER S 54 -48.75 17.98 38.83
CA SER S 54 -47.71 17.54 39.75
C SER S 54 -47.85 18.20 41.12
N ARG S 55 -48.55 19.33 41.21
CA ARG S 55 -48.85 19.96 42.48
C ARG S 55 -49.86 19.16 43.31
N LEU S 56 -50.48 18.14 42.72
CA LEU S 56 -51.48 17.32 43.40
C LEU S 56 -50.90 16.10 44.09
N ILE S 57 -49.58 15.92 44.06
CA ILE S 57 -48.97 14.73 44.63
C ILE S 57 -49.13 14.71 46.15
N ASN S 58 -48.89 15.84 46.81
CA ASN S 58 -48.84 15.89 48.27
C ASN S 58 -50.14 16.42 48.89
N VAL S 59 -51.17 16.64 48.10
CA VAL S 59 -52.50 16.98 48.61
C VAL S 59 -53.45 15.84 48.23
N SER S 60 -54.10 15.24 49.24
CA SER S 60 -54.92 14.03 48.97
C SER S 60 -56.33 14.37 48.47
N GLY S 61 -57.01 15.33 49.09
CA GLY S 61 -58.40 15.56 48.70
C GLY S 61 -58.53 15.99 47.24
N LYS S 62 -57.66 16.90 46.80
CA LYS S 62 -57.69 17.35 45.41
C LYS S 62 -57.28 16.22 44.46
N LEU S 63 -56.34 15.38 44.88
CA LEU S 63 -55.96 14.23 44.05
C LEU S 63 -57.13 13.27 43.91
N LEU S 64 -57.84 13.00 45.01
CA LEU S 64 -59.02 12.15 44.94
C LEU S 64 -60.09 12.77 44.03
N GLY S 65 -60.27 14.08 44.13
CA GLY S 65 -61.23 14.75 43.25
C GLY S 65 -60.84 14.66 41.79
N ALA S 66 -59.55 14.81 41.49
CA ALA S 66 -59.09 14.68 40.11
C ALA S 66 -59.34 13.28 39.58
N HIS S 67 -59.07 12.25 40.39
CA HIS S 67 -59.30 10.88 39.94
C HIS S 67 -60.79 10.60 39.75
N VAL S 68 -61.64 11.09 40.65
CA VAL S 68 -63.07 10.87 40.50
C VAL S 68 -63.61 11.61 39.28
N ALA S 69 -63.08 12.81 39.02
CA ALA S 69 -63.49 13.56 37.83
C ALA S 69 -63.07 12.85 36.55
N HIS S 70 -61.87 12.28 36.52
CA HIS S 70 -61.45 11.53 35.35
C HIS S 70 -62.28 10.27 35.17
N ALA S 71 -62.64 9.61 36.27
CA ALA S 71 -63.55 8.47 36.19
C ALA S 71 -64.90 8.88 35.62
N GLY S 72 -65.41 10.04 36.05
CA GLY S 72 -66.64 10.56 35.48
C GLY S 72 -66.51 10.84 33.99
N LEU S 73 -65.36 11.36 33.58
CA LEU S 73 -65.11 11.56 32.15
C LEU S 73 -65.15 10.25 31.38
N MET S 74 -64.53 9.20 31.93
CA MET S 74 -64.53 7.90 31.26
C MET S 74 -65.94 7.34 31.14
N VAL S 75 -66.72 7.43 32.22
CA VAL S 75 -68.09 6.92 32.19
C VAL S 75 -68.95 7.74 31.23
N PHE S 76 -68.73 9.05 31.20
CA PHE S 76 -69.46 9.91 30.27
C PHE S 76 -69.14 9.55 28.83
N TRP S 77 -67.86 9.31 28.52
CA TRP S 77 -67.51 8.90 27.17
C TRP S 77 -68.15 7.57 26.82
N CYS S 78 -68.14 6.62 27.76
CA CYS S 78 -68.78 5.32 27.51
C CYS S 78 -70.25 5.49 27.16
N GLY S 79 -70.99 6.22 28.00
CA GLY S 79 -72.41 6.40 27.75
C GLY S 79 -72.69 7.17 26.47
N ALA S 80 -71.96 8.26 26.26
CA ALA S 80 -72.16 9.10 25.08
C ALA S 80 -71.83 8.35 23.80
N MET S 81 -70.75 7.57 23.79
CA MET S 81 -70.39 6.80 22.60
C MET S 81 -71.36 5.66 22.37
N THR S 82 -71.89 5.04 23.43
CA THR S 82 -72.91 4.02 23.25
C THR S 82 -74.17 4.62 22.62
N LEU S 83 -74.59 5.79 23.10
CA LEU S 83 -75.74 6.46 22.52
C LEU S 83 -75.47 6.88 21.08
N PHE S 84 -74.25 7.33 20.79
CA PHE S 84 -73.87 7.69 19.43
C PHE S 84 -73.93 6.48 18.50
N GLU S 85 -73.45 5.33 18.97
CA GLU S 85 -73.43 4.14 18.13
C GLU S 85 -74.84 3.58 17.92
N VAL S 86 -75.66 3.59 18.97
CA VAL S 86 -77.07 3.14 18.82
C VAL S 86 -77.77 4.09 17.83
N ALA S 87 -77.49 5.38 17.93
CA ALA S 87 -78.16 6.36 17.09
C ALA S 87 -77.78 6.24 15.63
N HIS S 88 -76.62 5.64 15.33
CA HIS S 88 -76.14 5.47 13.96
C HIS S 88 -76.23 4.03 13.49
N TYR S 89 -76.88 3.15 14.26
CA TYR S 89 -76.94 1.74 13.92
C TYR S 89 -77.98 1.51 12.83
N ILE S 90 -77.54 0.94 11.70
CA ILE S 90 -78.41 0.57 10.61
C ILE S 90 -78.70 -0.92 10.73
N PRO S 91 -79.98 -1.32 10.85
CA PRO S 91 -80.28 -2.74 11.15
C PRO S 91 -79.77 -3.74 10.11
N GLU S 92 -79.80 -3.39 8.83
CA GLU S 92 -79.41 -4.35 7.80
C GLU S 92 -77.91 -4.63 7.82
N LYS S 93 -77.10 -3.60 8.06
CA LYS S 93 -75.66 -3.79 8.07
C LYS S 93 -75.22 -4.51 9.35
N PRO S 94 -74.16 -5.31 9.27
CA PRO S 94 -73.59 -5.90 10.49
C PRO S 94 -72.91 -4.83 11.34
N LEU S 95 -72.58 -5.22 12.57
CA LEU S 95 -71.96 -4.29 13.51
C LEU S 95 -70.59 -3.82 13.02
N TYR S 96 -69.80 -4.74 12.46
CA TYR S 96 -68.43 -4.40 12.07
C TYR S 96 -68.35 -3.57 10.80
N GLU S 97 -69.45 -3.44 10.05
CA GLU S 97 -69.46 -2.62 8.85
C GLU S 97 -69.89 -1.19 9.11
N GLN S 98 -70.17 -0.83 10.36
CA GLN S 98 -70.66 0.51 10.69
C GLN S 98 -69.71 1.27 11.59
N GLY S 99 -68.49 0.79 11.79
CA GLY S 99 -67.52 1.47 12.63
C GLY S 99 -67.92 1.55 14.09
N LEU S 100 -68.45 0.46 14.64
CA LEU S 100 -68.91 0.41 16.02
C LEU S 100 -67.99 -0.48 16.84
N ILE S 101 -67.63 -0.03 18.04
CA ILE S 101 -66.71 -0.75 18.89
C ILE S 101 -67.29 -1.09 20.26
N LEU S 102 -68.29 -0.36 20.75
CA LEU S 102 -68.88 -0.67 22.04
C LEU S 102 -70.08 -1.60 21.92
N LEU S 103 -70.86 -1.44 20.85
CA LEU S 103 -71.94 -2.38 20.57
C LEU S 103 -71.45 -3.83 20.40
N PRO S 104 -70.33 -4.11 19.72
CA PRO S 104 -69.81 -5.49 19.77
C PRO S 104 -69.47 -5.95 21.19
N HIS S 105 -68.95 -5.06 22.03
CA HIS S 105 -68.68 -5.43 23.42
C HIS S 105 -69.96 -5.81 24.15
N LEU S 106 -71.02 -5.05 23.94
CA LEU S 106 -72.30 -5.37 24.56
C LEU S 106 -72.93 -6.63 23.98
N ALA S 107 -72.69 -6.89 22.69
CA ALA S 107 -73.26 -8.08 22.05
C ALA S 107 -72.54 -9.35 22.51
N SER S 108 -71.24 -9.23 22.78
CA SER S 108 -70.48 -10.40 23.28
C SER S 108 -71.04 -10.84 24.64
N LEU S 109 -71.53 -9.90 25.44
CA LEU S 109 -72.12 -10.21 26.73
C LEU S 109 -73.49 -10.86 26.63
N GLY S 110 -74.07 -10.91 25.43
CA GLY S 110 -75.34 -11.59 25.20
C GLY S 110 -76.55 -10.68 25.09
N TRP S 111 -76.40 -9.39 25.36
CA TRP S 111 -77.54 -8.48 25.30
C TRP S 111 -77.90 -8.17 23.86
N GLY S 112 -79.18 -8.27 23.54
CA GLY S 112 -79.70 -7.82 22.26
C GLY S 112 -79.20 -8.58 21.05
N VAL S 113 -78.80 -9.85 21.21
CA VAL S 113 -78.28 -10.66 20.12
C VAL S 113 -78.95 -12.02 20.14
N GLY S 114 -79.33 -12.51 18.97
CA GLY S 114 -79.93 -13.81 18.83
C GLY S 114 -78.97 -14.82 18.22
N PRO S 115 -79.50 -15.94 17.73
CA PRO S 115 -78.64 -16.95 17.09
C PRO S 115 -77.99 -16.41 15.83
N GLY S 116 -76.76 -16.84 15.58
CA GLY S 116 -76.03 -16.43 14.40
C GLY S 116 -75.42 -15.05 14.48
N GLY S 117 -75.47 -14.40 15.63
CA GLY S 117 -74.91 -13.08 15.79
C GLY S 117 -75.79 -11.94 15.33
N GLU S 118 -77.00 -12.21 14.88
CA GLU S 118 -77.91 -11.15 14.45
C GLU S 118 -78.40 -10.35 15.67
N ILE S 119 -78.57 -9.06 15.47
CA ILE S 119 -78.97 -8.16 16.55
C ILE S 119 -80.49 -8.01 16.50
N VAL S 120 -81.13 -8.33 17.62
CA VAL S 120 -82.60 -8.27 17.68
C VAL S 120 -83.07 -6.85 17.97
N ASP S 121 -82.68 -6.30 19.12
CA ASP S 121 -83.07 -4.96 19.51
C ASP S 121 -81.87 -4.25 20.12
N ILE S 122 -81.87 -2.92 19.99
CA ILE S 122 -80.79 -2.08 20.51
C ILE S 122 -81.17 -1.41 21.83
N TYR S 123 -82.33 -1.76 22.39
CA TYR S 123 -82.77 -1.13 23.63
C TYR S 123 -81.86 -1.40 24.82
N PRO S 124 -81.37 -2.63 25.08
CA PRO S 124 -80.41 -2.80 26.18
C PRO S 124 -79.14 -1.99 26.02
N TYR S 125 -78.66 -1.81 24.78
CA TYR S 125 -77.51 -0.95 24.55
C TYR S 125 -77.83 0.50 24.92
N PHE S 126 -79.04 0.95 24.58
CA PHE S 126 -79.49 2.28 24.97
C PHE S 126 -79.55 2.42 26.48
N VAL S 127 -80.03 1.38 27.17
CA VAL S 127 -80.09 1.41 28.63
C VAL S 127 -78.69 1.49 29.22
N VAL S 128 -77.74 0.73 28.67
CA VAL S 128 -76.36 0.78 29.15
C VAL S 128 -75.78 2.17 28.97
N GLY S 129 -75.99 2.76 27.79
CA GLY S 129 -75.49 4.10 27.53
C GLY S 129 -76.11 5.13 28.45
N ILE S 130 -77.42 5.03 28.68
CA ILE S 130 -78.11 5.97 29.57
C ILE S 130 -77.59 5.83 31.00
N LEU S 131 -77.43 4.60 31.49
CA LEU S 131 -76.96 4.40 32.85
C LEU S 131 -75.54 4.94 33.04
N HIS S 132 -74.65 4.67 32.09
CA HIS S 132 -73.29 5.21 32.19
C HIS S 132 -73.31 6.74 32.12
N ILE S 133 -74.06 7.30 31.17
CA ILE S 133 -74.05 8.76 31.01
C ILE S 133 -74.74 9.47 32.18
N ILE S 134 -75.59 8.77 32.92
CA ILE S 134 -76.23 9.43 34.11
C ILE S 134 -75.28 9.28 35.31
N SER S 135 -74.73 8.10 35.54
CA SER S 135 -73.76 7.95 36.63
C SER S 135 -72.56 8.87 36.43
N SER S 136 -72.27 9.25 35.19
CA SER S 136 -71.20 10.19 34.92
C SER S 136 -71.45 11.53 35.59
N ALA S 137 -72.71 11.97 35.65
CA ALA S 137 -73.03 13.22 36.32
C ALA S 137 -72.70 13.16 37.80
N VAL S 138 -73.04 12.05 38.46
CA VAL S 138 -72.74 11.89 39.88
C VAL S 138 -71.23 11.85 40.11
N LEU S 139 -70.50 11.10 39.26
CA LEU S 139 -69.06 11.03 39.40
C LEU S 139 -68.40 12.38 39.15
N GLY S 140 -68.90 13.13 38.17
CA GLY S 140 -68.36 14.46 37.90
C GLY S 140 -68.62 15.43 39.04
N PHE S 141 -69.82 15.37 39.63
CA PHE S 141 -70.09 16.20 40.80
C PHE S 141 -69.16 15.84 41.95
N GLY S 142 -68.93 14.54 42.17
CA GLY S 142 -68.01 14.14 43.22
C GLY S 142 -66.60 14.62 42.98
N GLY S 143 -66.13 14.52 41.73
CA GLY S 143 -64.80 15.01 41.41
C GLY S 143 -64.68 16.52 41.59
N VAL S 144 -65.68 17.27 41.13
CA VAL S 144 -65.66 18.72 41.28
C VAL S 144 -65.68 19.10 42.76
N TYR S 145 -66.50 18.42 43.56
CA TYR S 145 -66.58 18.72 44.98
C TYR S 145 -65.25 18.44 45.67
N HIS S 146 -64.71 17.24 45.48
CA HIS S 146 -63.45 16.89 46.16
C HIS S 146 -62.25 17.66 45.59
N SER S 147 -62.39 18.28 44.41
CA SER S 147 -61.29 19.06 43.84
C SER S 147 -61.32 20.51 44.27
N LEU S 148 -62.49 21.16 44.19
CA LEU S 148 -62.56 22.62 44.31
C LEU S 148 -62.83 23.06 45.76
N ILE S 149 -63.97 22.62 46.32
CA ILE S 149 -64.39 23.10 47.66
C ILE S 149 -63.97 22.13 48.77
N GLY S 150 -63.71 20.85 48.43
CA GLY S 150 -63.34 19.89 49.43
C GLY S 150 -62.00 20.23 50.05
N PRO S 151 -61.69 19.62 51.19
CA PRO S 151 -60.40 19.88 51.83
C PRO S 151 -59.23 19.43 50.95
N ASP S 152 -58.17 20.23 50.96
CA ASP S 152 -56.98 19.89 50.18
C ASP S 152 -56.34 18.60 50.68
N THR S 153 -56.27 18.44 52.00
CA THR S 153 -55.69 17.25 52.61
C THR S 153 -56.79 16.51 53.38
N LEU S 154 -56.65 15.18 53.45
CA LEU S 154 -57.68 14.35 54.05
C LEU S 154 -57.35 13.86 55.45
N GLU S 155 -56.05 13.70 55.78
CA GLU S 155 -55.69 13.04 57.03
C GLU S 155 -56.04 13.88 58.25
N GLU S 156 -56.05 15.21 58.13
CA GLU S 156 -56.35 16.05 59.28
C GLU S 156 -57.83 16.04 59.63
N SER S 157 -58.71 15.76 58.66
CA SER S 157 -60.14 15.72 58.89
C SER S 157 -60.74 14.34 58.78
N PHE S 158 -60.23 13.49 57.89
CA PHE S 158 -60.70 12.12 57.71
C PHE S 158 -59.49 11.20 57.78
N PRO S 159 -59.07 10.83 58.99
CA PRO S 159 -57.86 9.98 59.12
C PRO S 159 -58.00 8.61 58.47
N ALA S 160 -59.23 8.10 58.30
CA ALA S 160 -59.41 6.80 57.68
C ALA S 160 -59.10 6.82 56.18
N PHE S 161 -59.08 7.99 55.56
CA PHE S 161 -58.82 8.11 54.13
C PHE S 161 -57.47 8.75 53.79
N GLY S 162 -56.84 9.41 54.75
CA GLY S 162 -55.58 10.07 54.48
C GLY S 162 -54.42 9.11 54.33
N TYR S 163 -53.35 9.60 53.71
CA TYR S 163 -52.16 8.80 53.50
C TYR S 163 -50.97 9.74 53.29
N ASP S 164 -49.78 9.14 53.24
CA ASP S 164 -48.54 9.90 53.14
C ASP S 164 -47.67 9.49 51.96
N TRP S 165 -48.07 8.46 51.21
CA TRP S 165 -47.33 7.82 50.12
C TRP S 165 -46.13 7.04 50.64
N ARG S 166 -45.88 7.10 51.95
CA ARG S 166 -44.79 6.37 52.56
C ARG S 166 -45.26 5.42 53.67
N ASP S 167 -46.51 5.54 54.12
CA ASP S 167 -47.09 4.58 55.05
C ASP S 167 -47.47 3.34 54.25
N LYS S 168 -46.60 2.33 54.27
CA LYS S 168 -46.79 1.15 53.42
C LYS S 168 -48.06 0.40 53.80
N ASN S 169 -48.40 0.35 55.09
CA ASN S 169 -49.58 -0.39 55.52
C ASN S 169 -50.85 0.22 54.95
N LYS S 170 -50.97 1.56 55.00
CA LYS S 170 -52.17 2.21 54.49
C LYS S 170 -52.29 2.07 52.98
N ILE S 171 -51.18 2.20 52.25
CA ILE S 171 -51.21 2.06 50.80
C ILE S 171 -51.58 0.62 50.42
N THR S 172 -51.03 -0.37 51.14
CA THR S 172 -51.43 -1.75 50.89
C THR S 172 -52.89 -1.98 51.24
N THR S 173 -53.41 -1.30 52.26
CA THR S 173 -54.84 -1.43 52.59
C THR S 173 -55.71 -0.90 51.46
N ILE S 174 -55.36 0.27 50.91
CA ILE S 174 -56.11 0.82 49.79
C ILE S 174 -56.01 -0.09 48.56
N LEU S 175 -54.81 -0.61 48.31
CA LEU S 175 -54.61 -1.56 47.23
C LEU S 175 -55.47 -2.80 47.42
N GLY S 176 -55.56 -3.30 48.64
CA GLY S 176 -56.37 -4.48 48.90
C GLY S 176 -57.86 -4.22 48.73
N ILE S 177 -58.33 -3.05 49.15
CA ILE S 177 -59.73 -2.70 48.97
C ILE S 177 -60.08 -2.65 47.48
N HIS S 178 -59.25 -1.97 46.69
CA HIS S 178 -59.53 -1.89 45.26
C HIS S 178 -59.32 -3.23 44.57
N LEU S 179 -58.45 -4.08 45.11
CA LEU S 179 -58.33 -5.45 44.62
C LEU S 179 -59.61 -6.24 44.86
N VAL S 180 -60.22 -6.08 46.03
CA VAL S 180 -61.50 -6.73 46.31
C VAL S 180 -62.56 -6.22 45.36
N ILE S 181 -62.54 -4.92 45.06
CA ILE S 181 -63.50 -4.35 44.10
C ILE S 181 -63.32 -4.99 42.72
N LEU S 182 -62.07 -5.12 42.27
CA LEU S 182 -61.81 -5.72 40.96
C LEU S 182 -62.22 -7.19 40.93
N GLY S 183 -61.95 -7.93 42.02
CA GLY S 183 -62.37 -9.31 42.10
C GLY S 183 -63.88 -9.46 42.05
N PHE S 184 -64.59 -8.56 42.74
CA PHE S 184 -66.04 -8.57 42.67
C PHE S 184 -66.55 -8.22 41.28
N GLY S 185 -65.86 -7.35 40.56
CA GLY S 185 -66.23 -7.09 39.18
C GLY S 185 -66.05 -8.33 38.29
N ALA S 186 -64.94 -9.04 38.48
CA ALA S 186 -64.74 -10.28 37.73
C ALA S 186 -65.81 -11.32 38.07
N LEU S 187 -66.16 -11.44 39.35
CA LEU S 187 -67.22 -12.35 39.73
C LEU S 187 -68.58 -11.89 39.21
N LEU S 188 -68.78 -10.58 39.04
CA LEU S 188 -69.99 -10.08 38.42
C LEU S 188 -70.08 -10.50 36.95
N LEU S 189 -68.95 -10.44 36.24
CA LEU S 189 -68.91 -10.98 34.89
C LEU S 189 -69.22 -12.47 34.89
N VAL S 190 -68.69 -13.20 35.87
CA VAL S 190 -68.95 -14.64 35.99
C VAL S 190 -70.44 -14.89 36.20
N VAL S 191 -71.08 -14.10 37.07
CA VAL S 191 -72.50 -14.26 37.35
C VAL S 191 -73.32 -13.97 36.10
N LYS S 192 -72.94 -12.93 35.35
CA LYS S 192 -73.58 -12.67 34.05
C LYS S 192 -73.42 -13.86 33.12
N ALA S 193 -72.24 -14.50 33.14
CA ALA S 193 -71.97 -15.62 32.25
C ALA S 193 -72.81 -16.84 32.61
N MET S 194 -72.97 -17.14 33.90
CA MET S 194 -73.56 -18.38 34.33
C MET S 194 -75.02 -18.27 34.75
N TYR S 195 -75.47 -17.09 35.21
CA TYR S 195 -76.79 -16.97 35.78
C TYR S 195 -77.70 -16.01 35.01
N LEU S 196 -77.21 -14.81 34.75
CA LEU S 196 -78.05 -13.76 34.14
C LEU S 196 -77.99 -13.76 32.60
N GLY S 197 -78.36 -14.84 31.93
CA GLY S 197 -78.48 -14.80 30.46
C GLY S 197 -77.27 -15.31 29.71
N GLY S 198 -76.18 -15.57 30.41
CA GLY S 198 -75.03 -16.19 29.74
C GLY S 198 -74.32 -15.25 28.83
N LEU S 199 -73.46 -15.80 27.99
CA LEU S 199 -72.67 -14.95 27.07
C LEU S 199 -72.74 -15.59 25.70
N TYR S 200 -72.56 -14.81 24.67
CA TYR S 200 -72.55 -15.27 23.30
C TYR S 200 -71.36 -16.20 23.06
N ASP S 201 -71.62 -17.31 22.38
CA ASP S 201 -70.60 -18.31 22.06
C ASP S 201 -70.59 -18.53 20.56
N THR S 202 -69.44 -18.27 19.93
CA THR S 202 -69.30 -18.56 18.51
C THR S 202 -69.14 -20.05 18.24
N TRP S 203 -68.72 -20.82 19.24
CA TRP S 203 -68.44 -22.24 19.06
C TRP S 203 -69.67 -23.11 19.28
N ALA S 204 -70.84 -22.51 19.47
CA ALA S 204 -72.08 -23.27 19.51
C ALA S 204 -72.33 -23.89 18.13
N PRO S 205 -72.95 -25.07 18.08
CA PRO S 205 -73.20 -25.71 16.78
C PRO S 205 -74.11 -24.87 15.89
N GLY S 206 -73.82 -24.89 14.59
CA GLY S 206 -74.60 -24.13 13.62
C GLY S 206 -74.54 -22.64 13.83
N GLY S 207 -73.37 -22.10 14.14
CA GLY S 207 -73.24 -20.69 14.42
C GLY S 207 -73.36 -20.37 15.89
N GLY S 208 -72.93 -19.17 16.26
CA GLY S 208 -72.94 -18.76 17.65
C GLY S 208 -74.34 -18.50 18.17
N ASP S 209 -74.46 -18.52 19.50
CA ASP S 209 -75.74 -18.32 20.16
C ASP S 209 -75.46 -17.90 21.60
N VAL S 210 -76.47 -17.28 22.21
CA VAL S 210 -76.37 -16.89 23.62
C VAL S 210 -76.59 -18.15 24.46
N ARG S 211 -75.56 -18.54 25.20
CA ARG S 211 -75.56 -19.78 25.96
C ARG S 211 -75.20 -19.50 27.41
N ILE S 212 -75.83 -20.24 28.31
CA ILE S 212 -75.47 -20.23 29.72
C ILE S 212 -74.26 -21.13 29.93
N ILE S 213 -73.20 -20.60 30.54
CA ILE S 213 -71.99 -21.38 30.78
C ILE S 213 -72.21 -22.23 32.02
N ASP S 214 -72.67 -23.47 31.82
CA ASP S 214 -73.05 -24.32 32.95
C ASP S 214 -71.83 -24.76 33.74
N ASN S 215 -70.79 -25.25 33.06
CA ASN S 215 -69.61 -25.83 33.71
C ASN S 215 -68.35 -25.14 33.21
N PRO S 216 -67.94 -24.04 33.86
CA PRO S 216 -66.65 -23.43 33.52
C PRO S 216 -65.49 -24.31 33.96
N THR S 217 -64.33 -24.05 33.35
CA THR S 217 -63.13 -24.83 33.62
C THR S 217 -62.45 -24.28 34.87
N LEU S 218 -62.67 -24.94 36.00
CA LEU S 218 -62.05 -24.56 37.27
C LEU S 218 -60.75 -25.32 37.52
N ASN S 219 -60.34 -26.18 36.61
CA ASN S 219 -59.12 -26.96 36.79
C ASN S 219 -57.91 -26.04 36.70
N PRO S 220 -57.07 -25.98 37.75
CA PRO S 220 -55.93 -25.05 37.72
C PRO S 220 -54.91 -25.34 36.64
N ALA S 221 -54.82 -26.59 36.17
CA ALA S 221 -53.82 -26.94 35.15
C ALA S 221 -54.07 -26.17 33.87
N VAL S 222 -55.34 -26.09 33.44
CA VAL S 222 -55.67 -25.40 32.18
C VAL S 222 -55.35 -23.92 32.29
N ILE S 223 -55.73 -23.30 33.41
CA ILE S 223 -55.48 -21.86 33.59
C ILE S 223 -53.98 -21.57 33.65
N ILE S 224 -53.23 -22.39 34.39
CA ILE S 224 -51.80 -22.19 34.49
C ILE S 224 -51.12 -22.41 33.15
N GLY S 225 -51.56 -23.41 32.39
CA GLY S 225 -51.01 -23.62 31.05
C GLY S 225 -51.31 -22.46 30.12
N TYR S 226 -52.49 -21.86 30.25
CA TYR S 226 -52.79 -20.65 29.49
C TYR S 226 -51.88 -19.50 29.88
N VAL S 227 -51.66 -19.32 31.19
CA VAL S 227 -50.79 -18.24 31.66
C VAL S 227 -49.34 -18.50 31.27
N LEU S 228 -48.92 -19.76 31.29
CA LEU S 228 -47.55 -20.13 30.99
C LEU S 228 -47.35 -20.57 29.55
N LYS S 229 -48.33 -20.40 28.68
CA LYS S 229 -48.17 -20.80 27.29
C LYS S 229 -47.22 -19.86 26.56
N SER S 230 -46.65 -20.36 25.47
CA SER S 230 -45.78 -19.53 24.64
C SER S 230 -46.60 -18.46 23.93
N PRO S 231 -46.05 -17.25 23.75
CA PRO S 231 -46.78 -16.19 23.05
C PRO S 231 -46.56 -16.15 21.55
N TRP S 232 -45.80 -17.08 20.98
CA TRP S 232 -45.43 -17.03 19.58
C TRP S 232 -46.50 -17.72 18.72
N GLY S 233 -46.22 -17.86 17.42
CA GLY S 233 -47.21 -18.42 16.52
C GLY S 233 -47.52 -19.87 16.84
N GLY S 234 -48.80 -20.21 16.80
CA GLY S 234 -49.26 -21.54 17.08
C GLY S 234 -49.66 -21.80 18.52
N ASP S 235 -49.18 -20.98 19.45
CA ASP S 235 -49.54 -21.11 20.87
C ASP S 235 -50.34 -19.90 21.36
N GLY S 236 -49.81 -18.70 21.22
CA GLY S 236 -50.57 -17.48 21.43
C GLY S 236 -50.75 -17.05 22.87
N TRP S 237 -50.24 -17.81 23.84
CA TRP S 237 -50.31 -17.48 25.27
C TRP S 237 -51.79 -17.37 25.67
N ILE S 238 -52.21 -16.31 26.35
CA ILE S 238 -53.60 -16.20 26.82
C ILE S 238 -54.55 -15.71 25.75
N CYS S 239 -54.03 -15.22 24.63
CA CYS S 239 -54.89 -14.74 23.54
C CYS S 239 -55.60 -15.90 22.84
N SER S 240 -55.08 -17.12 22.97
CA SER S 240 -55.57 -18.26 22.24
C SER S 240 -56.69 -19.02 22.94
N VAL S 241 -57.25 -18.46 24.02
CA VAL S 241 -58.38 -19.12 24.66
C VAL S 241 -59.55 -19.16 23.69
N ASN S 242 -60.02 -20.37 23.38
CA ASN S 242 -60.91 -20.59 22.25
C ASN S 242 -62.27 -21.14 22.67
N ASN S 243 -62.63 -21.06 23.94
CA ASN S 243 -63.95 -21.48 24.37
C ASN S 243 -64.38 -20.62 25.55
N MET S 244 -65.71 -20.51 25.71
CA MET S 244 -66.24 -19.64 26.76
C MET S 244 -66.09 -20.25 28.14
N GLU S 245 -66.06 -21.59 28.24
CA GLU S 245 -65.89 -22.24 29.53
C GLU S 245 -64.55 -21.89 30.15
N ASP S 246 -63.48 -21.88 29.35
CA ASP S 246 -62.17 -21.48 29.86
C ASP S 246 -62.17 -20.02 30.30
N ILE S 247 -62.87 -19.16 29.55
CA ILE S 247 -62.94 -17.74 29.93
C ILE S 247 -63.63 -17.58 31.27
N VAL S 248 -64.77 -18.26 31.46
CA VAL S 248 -65.52 -18.12 32.69
C VAL S 248 -64.75 -18.71 33.86
N GLY S 249 -64.10 -19.86 33.67
CA GLY S 249 -63.29 -20.44 34.74
C GLY S 249 -62.11 -19.57 35.11
N GLY S 250 -61.42 -19.01 34.11
CA GLY S 250 -60.32 -18.11 34.39
C GLY S 250 -60.77 -16.85 35.10
N HIS S 251 -61.95 -16.35 34.76
CA HIS S 251 -62.46 -15.17 35.47
C HIS S 251 -62.91 -15.52 36.88
N ILE S 252 -63.41 -16.75 37.11
CA ILE S 252 -63.67 -17.21 38.47
C ILE S 252 -62.38 -17.19 39.29
N TRP S 253 -61.32 -17.78 38.71
CA TRP S 253 -60.04 -17.82 39.40
C TRP S 253 -59.49 -16.42 39.65
N ILE S 254 -59.62 -15.53 38.65
CA ILE S 254 -59.13 -14.16 38.80
C ILE S 254 -59.90 -13.43 39.90
N GLY S 255 -61.23 -13.56 39.92
CA GLY S 255 -62.01 -12.88 40.93
C GLY S 255 -61.69 -13.37 42.34
N PHE S 256 -61.65 -14.69 42.52
CA PHE S 256 -61.36 -15.21 43.86
C PHE S 256 -59.92 -14.92 44.27
N THR S 257 -58.97 -14.99 43.33
CA THR S 257 -57.59 -14.65 43.63
C THR S 257 -57.45 -13.17 44.00
N CYS S 258 -58.18 -12.30 43.30
CA CYS S 258 -58.13 -10.88 43.62
C CYS S 258 -58.74 -10.59 44.98
N ILE S 259 -59.83 -11.28 45.33
CA ILE S 259 -60.43 -11.12 46.66
C ILE S 259 -59.46 -11.57 47.74
N ALA S 260 -58.84 -12.74 47.53
CA ALA S 260 -57.88 -13.26 48.51
C ALA S 260 -56.67 -12.35 48.65
N GLY S 261 -56.13 -11.86 47.53
CA GLY S 261 -55.01 -10.95 47.59
C GLY S 261 -55.37 -9.61 48.19
N GLY S 262 -56.59 -9.14 47.96
CA GLY S 262 -57.02 -7.90 48.59
C GLY S 262 -57.11 -8.03 50.10
N PHE S 263 -57.71 -9.13 50.57
CA PHE S 263 -57.75 -9.37 52.01
C PHE S 263 -56.34 -9.53 52.58
N TRP S 264 -55.46 -10.20 51.83
CA TRP S 264 -54.08 -10.34 52.25
C TRP S 264 -53.39 -9.00 52.41
N HIS S 265 -53.45 -8.15 51.38
CA HIS S 265 -52.79 -6.85 51.43
C HIS S 265 -53.43 -5.92 52.45
N ILE S 266 -54.72 -6.12 52.76
CA ILE S 266 -55.35 -5.37 53.84
C ILE S 266 -54.79 -5.82 55.18
N LEU S 267 -54.61 -7.11 55.38
CA LEU S 267 -54.22 -7.66 56.66
C LEU S 267 -52.71 -7.82 56.84
N THR S 268 -51.90 -7.47 55.84
CA THR S 268 -50.46 -7.65 55.93
C THR S 268 -49.73 -6.36 55.62
N LYS S 269 -48.41 -6.39 55.81
CA LYS S 269 -47.47 -5.33 55.50
C LYS S 269 -46.42 -5.90 54.55
N PRO S 270 -45.86 -5.07 53.66
CA PRO S 270 -44.83 -5.57 52.75
C PRO S 270 -43.63 -6.13 53.49
N PHE S 271 -43.09 -7.23 52.97
CA PHE S 271 -41.99 -7.94 53.59
C PHE S 271 -40.67 -7.18 53.39
N ALA S 272 -39.62 -7.70 54.04
CA ALA S 272 -38.33 -7.03 54.01
C ALA S 272 -37.75 -6.98 52.60
N TRP S 273 -37.92 -8.05 51.83
CA TRP S 273 -37.43 -8.04 50.46
C TRP S 273 -38.19 -7.05 49.59
N ALA S 274 -39.49 -6.87 49.85
CA ALA S 274 -40.28 -5.92 49.08
C ALA S 274 -40.00 -4.48 49.50
N ARG S 275 -39.77 -4.24 50.80
CA ARG S 275 -39.54 -2.88 51.29
C ARG S 275 -38.23 -2.31 50.73
N ARG S 276 -37.18 -3.13 50.67
CA ARG S 276 -35.88 -2.65 50.21
C ARG S 276 -35.77 -2.59 48.68
N ALA S 277 -36.73 -3.13 47.95
CA ALA S 277 -36.64 -3.21 46.49
C ALA S 277 -37.40 -2.11 45.78
N TYR S 278 -38.46 -1.57 46.38
CA TYR S 278 -39.32 -0.60 45.71
C TYR S 278 -39.13 0.79 46.29
N VAL S 279 -39.36 1.79 45.44
CA VAL S 279 -39.47 3.17 45.89
C VAL S 279 -40.90 3.41 46.38
N TRP S 280 -41.03 4.04 47.53
CA TRP S 280 -42.33 4.23 48.17
C TRP S 280 -42.70 5.71 48.06
N SER S 281 -43.33 6.05 46.93
CA SER S 281 -43.81 7.40 46.68
C SER S 281 -44.92 7.31 45.64
N GLY S 282 -45.68 8.40 45.51
CA GLY S 282 -46.79 8.42 44.58
C GLY S 282 -46.36 8.21 43.14
N GLU S 283 -45.26 8.85 42.74
CA GLU S 283 -44.79 8.73 41.36
C GLU S 283 -44.33 7.31 41.05
N ALA S 284 -43.72 6.63 42.02
CA ALA S 284 -43.29 5.25 41.81
C ALA S 284 -44.49 4.33 41.59
N TYR S 285 -45.52 4.48 42.43
CA TYR S 285 -46.74 3.69 42.25
C TYR S 285 -47.40 4.00 40.91
N LEU S 286 -47.38 5.28 40.52
CA LEU S 286 -47.89 5.67 39.21
C LEU S 286 -47.13 4.97 38.09
N SER S 287 -45.81 4.91 38.19
CA SER S 287 -45.00 4.24 37.17
C SER S 287 -45.31 2.74 37.10
N TYR S 288 -45.50 2.12 38.27
CA TYR S 288 -45.87 0.71 38.29
C TYR S 288 -47.20 0.48 37.58
N SER S 289 -48.18 1.33 37.89
CA SER S 289 -49.47 1.24 37.21
C SER S 289 -49.32 1.49 35.71
N LEU S 290 -48.42 2.40 35.34
CA LEU S 290 -48.22 2.72 33.93
C LEU S 290 -47.67 1.54 33.15
N VAL S 291 -46.67 0.86 33.70
CA VAL S 291 -46.12 -0.30 32.98
C VAL S 291 -47.14 -1.44 32.96
N ALA S 292 -47.92 -1.59 34.04
CA ALA S 292 -48.95 -2.62 34.05
C ALA S 292 -49.99 -2.37 32.96
N VAL S 293 -50.47 -1.13 32.84
CA VAL S 293 -51.50 -0.84 31.85
C VAL S 293 -50.91 -0.84 30.44
N SER S 294 -49.61 -0.54 30.30
CA SER S 294 -48.97 -0.68 28.99
C SER S 294 -48.97 -2.12 28.52
N LEU S 295 -48.57 -3.04 29.41
CA LEU S 295 -48.62 -4.46 29.08
C LEU S 295 -50.05 -4.90 28.79
N MET S 296 -51.01 -4.41 29.58
CA MET S 296 -52.42 -4.75 29.35
C MET S 296 -52.89 -4.22 28.00
N GLY S 297 -52.45 -3.04 27.60
CA GLY S 297 -52.84 -2.51 26.30
C GLY S 297 -52.28 -3.32 25.15
N PHE S 298 -51.02 -3.76 25.26
CA PHE S 298 -50.47 -4.65 24.24
C PHE S 298 -51.26 -5.95 24.17
N ILE S 299 -51.59 -6.52 25.34
CA ILE S 299 -52.35 -7.77 25.38
C ILE S 299 -53.72 -7.59 24.75
N ALA S 300 -54.39 -6.47 25.04
CA ALA S 300 -55.71 -6.21 24.48
C ALA S 300 -55.66 -6.00 22.97
N SER S 301 -54.62 -5.32 22.49
CA SER S 301 -54.47 -5.16 21.05
C SER S 301 -54.30 -6.51 20.37
N GLN S 302 -53.50 -7.40 20.96
CA GLN S 302 -53.34 -8.73 20.38
C GLN S 302 -54.63 -9.53 20.50
N TYR S 303 -55.39 -9.35 21.58
CA TYR S 303 -56.68 -10.01 21.73
C TYR S 303 -57.65 -9.59 20.62
N SER S 304 -57.73 -8.28 20.37
CA SER S 304 -58.60 -7.78 19.31
C SER S 304 -58.14 -8.23 17.93
N TRP S 305 -56.83 -8.34 17.73
CA TRP S 305 -56.32 -8.72 16.41
C TRP S 305 -56.51 -10.21 16.13
N TYR S 306 -56.27 -11.07 17.12
CA TYR S 306 -56.22 -12.52 16.89
C TYR S 306 -57.42 -13.28 17.44
N ASN S 307 -57.87 -12.97 18.65
CA ASN S 307 -58.90 -13.80 19.29
C ASN S 307 -60.25 -13.57 18.64
N ASN S 308 -60.94 -14.67 18.31
CA ASN S 308 -62.29 -14.60 17.75
C ASN S 308 -63.31 -15.28 18.66
N THR S 309 -62.95 -15.56 19.91
CA THR S 309 -63.85 -16.15 20.90
C THR S 309 -64.40 -15.11 21.85
N ALA S 310 -63.52 -14.34 22.52
CA ALA S 310 -63.96 -13.18 23.28
C ALA S 310 -64.27 -11.99 22.39
N TYR S 311 -63.89 -12.04 21.12
CA TYR S 311 -64.19 -11.01 20.13
C TYR S 311 -64.82 -11.68 18.92
N PRO S 312 -66.13 -11.96 18.99
CA PRO S 312 -66.78 -12.73 17.91
C PRO S 312 -66.69 -12.02 16.57
N SER S 313 -66.52 -12.82 15.51
CA SER S 313 -66.38 -12.28 14.16
C SER S 313 -67.72 -11.80 13.60
N GLU S 314 -68.84 -12.17 14.21
CA GLU S 314 -70.12 -11.62 13.79
C GLU S 314 -70.32 -10.19 14.28
N PHE S 315 -69.51 -9.73 15.23
CA PHE S 315 -69.60 -8.39 15.78
C PHE S 315 -68.40 -7.52 15.43
N TYR S 316 -67.19 -8.06 15.57
CA TYR S 316 -65.96 -7.33 15.28
C TYR S 316 -65.46 -7.57 13.87
N GLY S 317 -66.09 -8.46 13.11
CA GLY S 317 -65.59 -8.85 11.81
C GLY S 317 -64.55 -9.94 11.93
N PRO S 318 -64.20 -10.57 10.81
CA PRO S 318 -63.16 -11.60 10.84
C PRO S 318 -61.80 -11.01 11.11
N THR S 319 -60.91 -11.82 11.64
CA THR S 319 -59.52 -11.41 11.74
C THR S 319 -58.84 -11.54 10.38
N GLY S 320 -57.64 -10.97 10.27
CA GLY S 320 -56.86 -11.04 9.06
C GLY S 320 -56.58 -12.47 8.60
N PRO S 321 -56.02 -13.30 9.49
CA PRO S 321 -55.93 -14.73 9.17
C PRO S 321 -57.28 -15.35 8.86
N GLU S 322 -58.33 -14.96 9.59
CA GLU S 322 -59.66 -15.49 9.30
C GLU S 322 -60.14 -15.10 7.92
N ALA S 323 -59.91 -13.84 7.53
CA ALA S 323 -60.32 -13.39 6.20
C ALA S 323 -59.55 -14.11 5.10
N SER S 324 -58.24 -14.27 5.28
CA SER S 324 -57.43 -14.96 4.27
C SER S 324 -57.84 -16.41 4.13
N GLN S 325 -58.02 -17.11 5.26
CA GLN S 325 -58.43 -18.50 5.22
C GLN S 325 -59.85 -18.64 4.68
N SER S 326 -60.72 -17.65 4.93
CA SER S 326 -62.07 -17.71 4.38
C SER S 326 -62.06 -17.53 2.87
N GLN S 327 -61.21 -16.64 2.36
CA GLN S 327 -61.07 -16.50 0.91
C GLN S 327 -60.55 -17.79 0.28
N ALA S 328 -59.53 -18.39 0.90
CA ALA S 328 -59.01 -19.66 0.40
C ALA S 328 -60.06 -20.76 0.43
N PHE S 329 -60.84 -20.82 1.52
CA PHE S 329 -61.88 -21.83 1.65
C PHE S 329 -63.00 -21.62 0.64
N THR S 330 -63.36 -20.36 0.36
CA THR S 330 -64.37 -20.08 -0.65
C THR S 330 -63.88 -20.51 -2.03
N PHE S 331 -62.61 -20.24 -2.34
CA PHE S 331 -62.06 -20.70 -3.61
C PHE S 331 -62.04 -22.22 -3.67
N LEU S 332 -61.71 -22.88 -2.56
CA LEU S 332 -61.73 -24.35 -2.52
C LEU S 332 -63.14 -24.89 -2.76
N VAL S 333 -64.15 -24.25 -2.15
CA VAL S 333 -65.53 -24.70 -2.33
C VAL S 333 -65.97 -24.51 -3.77
N ARG S 334 -65.64 -23.35 -4.36
CA ARG S 334 -65.99 -23.12 -5.76
C ARG S 334 -65.18 -23.98 -6.71
N ASP S 335 -64.08 -24.58 -6.25
CA ASP S 335 -63.39 -25.58 -7.06
C ASP S 335 -64.04 -26.95 -6.92
N GLN S 336 -64.44 -27.32 -5.71
CA GLN S 336 -65.10 -28.61 -5.52
C GLN S 336 -66.42 -28.68 -6.27
N ARG S 337 -67.28 -27.69 -6.08
CA ARG S 337 -68.45 -27.53 -6.94
C ARG S 337 -67.99 -27.11 -8.33
N LEU S 338 -68.78 -27.49 -9.34
CA LEU S 338 -68.47 -27.22 -10.74
C LEU S 338 -67.12 -27.84 -11.10
N GLY S 352 -55.68 -31.86 -4.01
CA GLY S 352 -56.44 -31.02 -4.96
C GLY S 352 -55.84 -29.64 -5.00
N LYS S 353 -56.20 -28.81 -5.98
CA LYS S 353 -55.73 -27.41 -5.98
C LYS S 353 -56.34 -26.74 -4.73
N TYR S 354 -55.60 -25.84 -4.09
CA TYR S 354 -56.09 -25.21 -2.83
C TYR S 354 -55.70 -25.97 -1.56
N LEU S 355 -54.94 -27.06 -1.64
CA LEU S 355 -54.51 -27.72 -0.39
C LEU S 355 -53.01 -28.03 -0.41
N MET S 356 -52.33 -28.09 0.74
CA MET S 356 -50.91 -28.42 0.85
C MET S 356 -50.75 -29.03 2.23
N ARG S 357 -49.51 -29.32 2.61
CA ARG S 357 -49.21 -29.94 3.89
C ARG S 357 -48.49 -28.92 4.76
N SER S 358 -48.81 -28.91 6.05
CA SER S 358 -48.18 -28.02 7.00
C SER S 358 -46.73 -28.42 7.29
N PRO S 359 -45.95 -27.54 7.92
CA PRO S 359 -44.58 -27.93 8.32
C PRO S 359 -44.53 -29.14 9.22
N SER S 360 -45.59 -29.40 10.00
CA SER S 360 -45.68 -30.61 10.81
C SER S 360 -46.38 -31.75 10.10
N GLY S 361 -46.79 -31.56 8.84
CA GLY S 361 -47.35 -32.63 8.03
C GLY S 361 -48.86 -32.61 7.87
N GLU S 362 -49.56 -31.75 8.60
CA GLU S 362 -51.01 -31.72 8.52
C GLU S 362 -51.47 -31.05 7.22
N ILE S 363 -52.70 -31.36 6.81
CA ILE S 363 -53.27 -30.80 5.59
C ILE S 363 -53.84 -29.42 5.88
N ILE S 364 -53.39 -28.42 5.14
CA ILE S 364 -53.81 -27.04 5.33
C ILE S 364 -54.16 -26.44 3.96
N LEU S 365 -54.76 -25.25 4.01
CA LEU S 365 -55.08 -24.52 2.78
C LEU S 365 -53.81 -23.98 2.14
N GLY S 366 -53.70 -24.14 0.81
CA GLY S 366 -52.52 -23.71 0.09
C GLY S 366 -52.56 -22.25 -0.31
N GLY S 367 -51.41 -21.76 -0.75
CA GLY S 367 -51.24 -20.38 -1.16
C GLY S 367 -50.56 -19.35 -0.26
N GLU S 368 -50.95 -18.09 -0.45
CA GLU S 368 -50.40 -17.02 0.43
C GLU S 368 -51.00 -17.16 1.84
N THR S 369 -52.04 -17.99 1.99
CA THR S 369 -52.73 -18.16 3.29
C THR S 369 -51.90 -19.11 4.16
N GLN S 370 -51.05 -19.93 3.55
CA GLN S 370 -50.30 -21.00 4.28
C GLN S 370 -49.80 -20.44 5.61
N ARG S 371 -49.42 -19.15 5.63
CA ARG S 371 -48.90 -18.53 6.83
C ARG S 371 -49.93 -18.42 7.94
N PHE S 372 -51.22 -18.61 7.63
CA PHE S 372 -52.31 -18.50 8.59
C PHE S 372 -52.97 -19.85 8.88
N TRP S 373 -52.19 -20.94 8.84
CA TRP S 373 -52.75 -22.26 9.09
C TRP S 373 -53.10 -22.50 10.56
N ASP S 374 -52.65 -21.63 11.46
CA ASP S 374 -52.98 -21.76 12.88
C ASP S 374 -54.36 -21.24 13.23
N LEU S 375 -55.08 -20.67 12.26
CA LEU S 375 -56.40 -20.13 12.54
C LEU S 375 -57.39 -21.24 12.89
N ARG S 376 -58.18 -21.00 13.93
CA ARG S 376 -59.30 -21.86 14.29
C ARG S 376 -60.56 -21.01 14.33
N ALA S 377 -61.50 -21.30 13.44
CA ALA S 377 -62.73 -20.55 13.31
C ALA S 377 -63.93 -21.48 13.35
N PRO S 378 -65.07 -21.02 13.90
CA PRO S 378 -66.23 -21.92 14.05
C PRO S 378 -66.75 -22.48 12.74
N TRP S 379 -66.67 -21.71 11.65
CA TRP S 379 -67.18 -22.17 10.36
C TRP S 379 -66.25 -23.17 9.67
N ILE S 380 -65.05 -23.39 10.19
CA ILE S 380 -64.11 -24.33 9.58
C ILE S 380 -63.76 -25.50 10.48
N GLU S 381 -64.11 -25.44 11.78
CA GLU S 381 -63.82 -26.56 12.67
C GLU S 381 -64.53 -27.87 12.30
N PRO S 382 -65.82 -27.90 11.92
CA PRO S 382 -66.42 -29.19 11.53
C PRO S 382 -65.77 -29.84 10.33
N LEU S 383 -65.06 -29.07 9.50
CA LEU S 383 -64.39 -29.60 8.32
C LEU S 383 -62.95 -30.05 8.59
N ARG S 384 -62.48 -29.94 9.84
CA ARG S 384 -61.12 -30.28 10.20
C ARG S 384 -61.12 -31.56 11.02
N GLY S 385 -60.23 -32.48 10.69
CA GLY S 385 -60.11 -33.74 11.39
C GLY S 385 -58.81 -33.86 12.14
N PRO S 386 -58.38 -35.07 12.58
CA PRO S 386 -57.15 -35.14 13.36
C PRO S 386 -55.95 -34.81 12.48
N ASN S 387 -55.92 -35.34 11.27
CA ASN S 387 -54.82 -35.05 10.31
C ASN S 387 -54.80 -33.58 9.93
N GLY S 388 -55.95 -32.97 9.72
CA GLY S 388 -55.99 -31.59 9.22
C GLY S 388 -57.34 -31.41 8.56
N LEU S 389 -57.46 -30.43 7.67
CA LEU S 389 -58.73 -30.34 6.93
C LEU S 389 -58.88 -31.62 6.11
N ASP S 390 -60.09 -32.18 6.05
CA ASP S 390 -60.36 -33.44 5.31
C ASP S 390 -61.11 -33.12 4.03
N LEU S 391 -60.64 -33.62 2.89
CA LEU S 391 -61.25 -33.22 1.62
C LEU S 391 -62.66 -33.77 1.46
N ASN S 392 -62.86 -35.05 1.80
CA ASN S 392 -64.18 -35.65 1.68
C ASN S 392 -65.17 -35.01 2.65
N LYS S 393 -64.71 -34.63 3.84
CA LYS S 393 -65.58 -33.98 4.80
C LYS S 393 -66.01 -32.60 4.31
N ILE S 394 -65.11 -31.89 3.63
CA ILE S 394 -65.49 -30.63 3.00
C ILE S 394 -66.46 -30.88 1.85
N LYS S 395 -66.25 -31.98 1.11
CA LYS S 395 -67.13 -32.30 -0.01
C LYS S 395 -68.55 -32.60 0.47
N ASN S 396 -68.70 -33.33 1.57
CA ASN S 396 -69.99 -33.84 2.00
C ASN S 396 -70.55 -33.14 3.23
N ASP S 397 -69.76 -32.99 4.29
CA ASP S 397 -70.25 -32.51 5.57
C ASP S 397 -70.20 -30.98 5.69
N ILE S 398 -70.25 -30.27 4.57
CA ILE S 398 -70.24 -28.81 4.58
C ILE S 398 -71.67 -28.32 4.72
N GLN S 399 -71.83 -27.15 5.35
CA GLN S 399 -73.13 -26.57 5.59
C GLN S 399 -73.25 -25.21 4.88
N PRO S 400 -74.46 -24.83 4.47
CA PRO S 400 -74.63 -23.53 3.79
C PRO S 400 -74.22 -22.33 4.64
N TRP S 401 -74.45 -22.39 5.96
CA TRP S 401 -74.10 -21.25 6.81
C TRP S 401 -72.59 -21.06 6.87
N GLN S 402 -71.83 -22.16 6.82
CA GLN S 402 -70.37 -22.04 6.76
C GLN S 402 -69.93 -21.34 5.48
N GLU S 403 -70.55 -21.67 4.35
CA GLU S 403 -70.23 -20.99 3.10
C GLU S 403 -70.59 -19.52 3.15
N ARG S 404 -71.75 -19.19 3.73
CA ARG S 404 -72.15 -17.79 3.84
C ARG S 404 -71.18 -17.01 4.74
N ARG S 405 -70.78 -17.61 5.87
CA ARG S 405 -69.80 -16.97 6.74
C ARG S 405 -68.47 -16.76 6.03
N ALA S 406 -68.02 -17.78 5.29
CA ALA S 406 -66.76 -17.67 4.57
C ALA S 406 -66.81 -16.57 3.52
N ALA S 407 -67.91 -16.49 2.77
CA ALA S 407 -68.03 -15.46 1.74
C ALA S 407 -68.09 -14.06 2.36
N GLU S 408 -68.88 -13.89 3.41
CA GLU S 408 -69.02 -12.56 4.01
C GLU S 408 -67.74 -12.13 4.71
N TYR S 409 -66.94 -13.09 5.21
CA TYR S 409 -65.64 -12.74 5.78
C TYR S 409 -64.60 -12.48 4.70
N MET S 410 -64.74 -13.14 3.55
CA MET S 410 -63.87 -12.86 2.41
C MET S 410 -64.10 -11.46 1.87
N THR S 411 -65.36 -11.01 1.86
CA THR S 411 -65.66 -9.68 1.35
C THR S 411 -64.97 -8.59 2.16
N HIS S 412 -64.98 -8.72 3.48
CA HIS S 412 -64.43 -7.71 4.39
C HIS S 412 -63.18 -8.28 5.05
N ALA S 413 -62.01 -7.88 4.56
CA ALA S 413 -60.73 -8.39 5.03
C ALA S 413 -59.92 -7.30 5.71
N PRO S 414 -59.46 -7.46 6.98
CA PRO S 414 -58.59 -6.46 7.61
C PRO S 414 -57.26 -6.39 6.89
N LEU S 415 -56.58 -7.53 6.77
CA LEU S 415 -55.23 -7.56 6.13
C LEU S 415 -55.36 -7.28 4.62
N GLY S 416 -56.58 -7.36 4.07
CA GLY S 416 -56.78 -7.14 2.63
C GLY S 416 -56.99 -8.45 1.90
N SER S 417 -58.01 -8.51 1.05
CA SER S 417 -58.32 -9.76 0.30
C SER S 417 -57.69 -9.72 -1.09
N PHE S 433 -62.02 -0.58 3.60
CA PHE S 433 -62.91 -0.91 4.75
C PHE S 433 -61.87 -1.05 5.87
N VAL S 434 -61.95 -0.21 6.89
CA VAL S 434 -61.03 -0.38 8.06
C VAL S 434 -61.78 -1.21 9.11
N SER S 435 -61.28 -2.42 9.40
CA SER S 435 -61.91 -3.31 10.36
C SER S 435 -61.91 -2.69 11.75
N PRO S 436 -62.97 -2.85 12.53
CA PRO S 436 -62.94 -2.42 13.93
C PRO S 436 -61.85 -3.09 14.73
N ARG S 437 -61.48 -4.33 14.37
CA ARG S 437 -60.32 -4.96 14.97
C ARG S 437 -59.05 -4.17 14.68
N SER S 438 -58.92 -3.65 13.46
CA SER S 438 -57.76 -2.83 13.12
C SER S 438 -57.71 -1.56 13.97
N TRP S 439 -58.85 -0.88 14.14
CA TRP S 439 -58.88 0.33 14.94
C TRP S 439 -58.52 0.02 16.40
N LEU S 440 -59.14 -1.01 16.97
CA LEU S 440 -58.86 -1.37 18.36
C LEU S 440 -57.40 -1.74 18.55
N THR S 441 -56.86 -2.58 17.66
CA THR S 441 -55.49 -3.04 17.78
C THR S 441 -54.50 -1.88 17.67
N CYS S 442 -54.66 -1.05 16.63
CA CYS S 442 -53.75 0.08 16.45
C CYS S 442 -53.82 1.04 17.63
N ALA S 443 -55.04 1.38 18.06
CA ALA S 443 -55.22 2.34 19.14
C ALA S 443 -54.58 1.84 20.43
N HIS S 444 -54.89 0.60 20.81
CA HIS S 444 -54.37 0.11 22.08
C HIS S 444 -52.89 -0.28 22.02
N PHE S 445 -52.36 -0.62 20.83
CA PHE S 445 -50.92 -0.80 20.71
C PHE S 445 -50.19 0.54 20.87
N LEU S 446 -50.71 1.59 20.25
CA LEU S 446 -50.14 2.92 20.43
C LEU S 446 -50.23 3.36 21.89
N LEU S 447 -51.36 3.09 22.54
CA LEU S 447 -51.52 3.45 23.95
C LEU S 447 -50.55 2.66 24.83
N GLY S 448 -50.36 1.38 24.54
CA GLY S 448 -49.39 0.59 25.30
C GLY S 448 -47.97 1.12 25.15
N PHE S 449 -47.60 1.51 23.92
CA PHE S 449 -46.26 2.05 23.72
C PHE S 449 -46.07 3.39 24.44
N VAL S 450 -47.04 4.30 24.30
CA VAL S 450 -46.88 5.61 24.95
C VAL S 450 -46.94 5.48 26.46
N PHE S 451 -47.67 4.49 26.98
CA PHE S 451 -47.69 4.30 28.42
C PHE S 451 -46.46 3.57 28.93
N TYR S 452 -45.80 2.75 28.09
CA TYR S 452 -44.45 2.31 28.44
C TYR S 452 -43.49 3.47 28.53
N ILE S 453 -43.60 4.43 27.60
CA ILE S 453 -42.80 5.64 27.67
C ILE S 453 -43.07 6.39 28.96
N GLY S 454 -44.34 6.54 29.31
CA GLY S 454 -44.70 7.22 30.54
C GLY S 454 -44.19 6.51 31.77
N HIS S 455 -44.25 5.18 31.77
CA HIS S 455 -43.70 4.41 32.88
C HIS S 455 -42.21 4.65 33.02
N LEU S 456 -41.47 4.63 31.90
CA LEU S 456 -40.04 4.87 31.96
C LEU S 456 -39.74 6.26 32.53
N TRP S 457 -40.46 7.27 32.02
CA TRP S 457 -40.25 8.63 32.49
C TRP S 457 -40.54 8.76 33.98
N HIS S 458 -41.71 8.29 34.42
CA HIS S 458 -42.12 8.48 35.81
C HIS S 458 -41.29 7.61 36.75
N ALA S 459 -40.86 6.43 36.33
CA ALA S 459 -40.01 5.60 37.18
C ALA S 459 -38.62 6.21 37.32
N GLY S 460 -38.03 6.70 36.23
CA GLY S 460 -36.76 7.38 36.33
C GLY S 460 -36.84 8.61 37.22
N ARG S 461 -37.90 9.40 37.07
CA ARG S 461 -38.03 10.59 37.91
C ARG S 461 -38.31 10.23 39.37
N ALA S 462 -39.06 9.16 39.62
CA ALA S 462 -39.28 8.71 40.99
C ALA S 462 -37.97 8.29 41.64
N ARG S 463 -37.13 7.55 40.91
CA ARG S 463 -35.83 7.17 41.44
C ARG S 463 -34.96 8.39 41.70
N ALA S 464 -34.95 9.36 40.77
CA ALA S 464 -34.14 10.55 40.94
C ALA S 464 -34.63 11.40 42.12
N ALA S 465 -35.96 11.50 42.28
CA ALA S 465 -36.51 12.31 43.36
C ALA S 465 -36.30 11.65 44.72
N ALA S 466 -36.34 10.34 44.78
CA ALA S 466 -36.05 9.66 46.06
C ALA S 466 -34.62 9.99 46.46
N ALA S 467 -33.66 9.86 45.57
CA ALA S 467 -32.23 10.11 45.84
C ALA S 467 -31.93 11.59 46.04
N GLY S 468 -32.75 12.47 45.49
CA GLY S 468 -32.55 13.91 45.68
C GLY S 468 -31.82 14.59 44.54
N PHE S 469 -31.66 13.94 43.39
CA PHE S 469 -31.02 14.65 42.25
C PHE S 469 -31.91 14.79 41.02
N GLU S 470 -33.22 14.98 41.16
CA GLU S 470 -34.08 15.17 40.01
C GLU S 470 -34.11 16.62 39.53
N LYS S 471 -33.59 17.55 40.32
CA LYS S 471 -33.53 18.96 39.93
C LYS S 471 -32.19 19.35 39.32
N GLY S 472 -31.23 18.43 39.28
CA GLY S 472 -29.93 18.70 38.67
C GLY S 472 -28.80 18.23 39.56
N ILE S 473 -27.57 18.45 39.11
CA ILE S 473 -26.39 17.98 39.86
C ILE S 473 -26.01 19.04 40.91
N ASN S 474 -25.52 18.62 42.07
CA ASN S 474 -25.07 19.59 43.11
C ASN S 474 -23.67 20.06 42.73
N ARG S 475 -23.52 21.36 42.50
CA ARG S 475 -22.20 21.92 42.11
C ARG S 475 -21.25 21.70 43.28
N GLU S 476 -21.73 21.83 44.51
CA GLU S 476 -20.84 21.73 45.68
C GLU S 476 -20.20 20.34 45.72
N ASN S 477 -20.98 19.30 45.47
CA ASN S 477 -20.44 17.92 45.59
C ASN S 477 -20.78 17.07 44.38
N GLU S 478 -20.19 17.32 43.22
CA GLU S 478 -20.61 16.50 42.06
C GLU S 478 -20.03 15.10 42.22
N PRO S 479 -20.82 14.05 42.03
CA PRO S 479 -20.33 12.71 42.24
C PRO S 479 -19.17 12.33 41.35
N VAL S 480 -19.19 12.73 40.09
CA VAL S 480 -18.13 12.29 39.13
C VAL S 480 -16.80 12.81 39.64
N LEU S 481 -16.81 13.98 40.23
CA LEU S 481 -15.54 14.56 40.66
C LEU S 481 -14.87 13.78 41.78
N SER S 482 -15.64 12.98 42.53
CA SER S 482 -15.06 12.14 43.56
C SER S 482 -14.55 10.82 42.99
N LEU S 483 -15.17 10.34 41.91
CA LEU S 483 -14.71 9.12 41.27
C LEU S 483 -13.37 9.36 40.57
N ARG S 484 -12.48 8.39 40.67
CA ARG S 484 -11.21 8.48 39.97
C ARG S 484 -11.45 8.34 38.46
N PRO S 485 -10.65 9.01 37.63
CA PRO S 485 -10.83 8.91 36.19
C PRO S 485 -10.52 7.49 35.69
N ILE S 486 -11.21 7.09 34.62
CA ILE S 486 -11.03 5.71 34.08
C ILE S 486 -9.84 5.71 33.10
N ARG T 11 -23.24 62.08 5.00
CA ARG T 11 -22.04 61.60 4.26
C ARG T 11 -22.45 61.25 2.82
N GLY T 12 -21.67 60.40 2.15
CA GLY T 12 -21.98 60.00 0.77
C GLY T 12 -23.28 59.21 0.70
N TRP T 13 -23.94 59.25 -0.46
CA TRP T 13 -25.21 58.49 -0.62
C TRP T 13 -25.02 57.06 -0.14
N PHE T 14 -23.93 56.41 -0.55
CA PHE T 14 -23.69 55.00 -0.18
C PHE T 14 -23.69 54.92 1.32
N ASP T 15 -22.85 55.76 1.95
CA ASP T 15 -22.77 55.76 3.43
C ASP T 15 -24.17 55.93 4.01
N LEU T 16 -24.96 56.90 3.53
CA LEU T 16 -26.28 57.07 4.14
C LEU T 16 -27.17 55.87 3.87
N ALA T 17 -27.12 55.31 2.65
CA ALA T 17 -27.90 54.12 2.36
C ALA T 17 -27.42 52.93 3.19
N ASP T 18 -26.11 52.81 3.37
CA ASP T 18 -25.57 51.74 4.20
C ASP T 18 -26.01 51.91 5.66
N ASP T 19 -26.04 53.15 6.15
CA ASP T 19 -26.51 53.41 7.50
C ASP T 19 -27.98 53.04 7.65
N TRP T 20 -28.80 53.39 6.66
CA TRP T 20 -30.23 53.10 6.74
C TRP T 20 -30.50 51.60 6.66
N LEU T 21 -29.82 50.90 5.77
CA LEU T 21 -30.02 49.46 5.62
C LEU T 21 -29.54 48.68 6.84
N LYS T 22 -28.61 49.24 7.61
CA LYS T 22 -28.06 48.58 8.79
C LYS T 22 -28.77 48.95 10.08
N ARG T 23 -29.86 49.69 9.97
CA ARG T 23 -30.59 50.15 11.18
C ARG T 23 -31.15 48.95 11.95
N ASP T 24 -31.13 49.04 13.28
CA ASP T 24 -31.69 47.99 14.13
C ASP T 24 -33.20 48.12 14.14
N ARG T 25 -33.84 47.47 13.18
CA ARG T 25 -35.29 47.41 13.11
C ARG T 25 -35.76 46.03 13.55
N PHE T 26 -37.07 45.79 13.48
CA PHE T 26 -37.62 44.46 13.85
C PHE T 26 -37.06 43.42 12.89
N VAL T 27 -36.99 43.77 11.60
CA VAL T 27 -36.45 42.83 10.58
C VAL T 27 -35.20 43.47 9.95
N PHE T 28 -34.02 42.87 10.16
CA PHE T 28 -32.79 43.39 9.51
C PHE T 28 -32.99 43.35 8.01
N VAL T 29 -32.71 44.46 7.33
CA VAL T 29 -32.81 44.47 5.85
C VAL T 29 -31.40 44.25 5.28
N GLY T 30 -30.52 45.23 5.43
CA GLY T 30 -29.18 45.12 4.89
C GLY T 30 -29.10 45.26 3.38
N TRP T 31 -27.86 45.27 2.86
CA TRP T 31 -27.68 45.29 1.41
C TRP T 31 -28.17 43.99 0.77
N SER T 32 -27.94 42.86 1.44
CA SER T 32 -28.41 41.57 0.93
C SER T 32 -29.92 41.49 0.87
N GLY T 33 -30.62 42.31 1.66
CA GLY T 33 -32.07 42.32 1.60
C GLY T 33 -32.61 42.74 0.25
N LEU T 34 -31.92 43.65 -0.43
CA LEU T 34 -32.34 44.13 -1.74
C LEU T 34 -32.42 43.00 -2.76
N LEU T 35 -31.65 41.93 -2.56
CA LEU T 35 -31.76 40.74 -3.39
C LEU T 35 -32.67 39.68 -2.76
N LEU T 36 -32.63 39.56 -1.43
CA LEU T 36 -33.36 38.46 -0.77
C LEU T 36 -34.86 38.70 -0.77
N PHE T 37 -35.30 39.85 -0.26
CA PHE T 37 -36.73 40.06 -0.04
C PHE T 37 -37.56 39.99 -1.32
N PRO T 38 -37.24 40.70 -2.40
CA PRO T 38 -38.08 40.56 -3.61
C PRO T 38 -38.04 39.17 -4.22
N THR T 39 -36.85 38.56 -4.33
CA THR T 39 -36.76 37.23 -4.96
C THR T 39 -37.49 36.18 -4.15
N SER T 40 -37.27 36.16 -2.83
CA SER T 40 -37.94 35.17 -1.98
C SER T 40 -39.45 35.41 -1.95
N TYR T 41 -39.86 36.67 -1.86
CA TYR T 41 -41.29 36.99 -1.85
C TYR T 41 -41.95 36.54 -3.15
N LEU T 42 -41.31 36.81 -4.29
CA LEU T 42 -41.89 36.41 -5.57
C LEU T 42 -41.91 34.91 -5.73
N SER T 43 -40.87 34.21 -5.26
CA SER T 43 -40.86 32.75 -5.35
C SER T 43 -41.98 32.14 -4.53
N ILE T 44 -42.16 32.60 -3.29
CA ILE T 44 -43.20 32.06 -2.43
C ILE T 44 -44.58 32.39 -2.99
N GLY T 45 -44.78 33.63 -3.45
CA GLY T 45 -46.06 34.01 -4.02
C GLY T 45 -46.37 33.26 -5.30
N GLY T 46 -45.36 33.01 -6.13
CA GLY T 46 -45.57 32.23 -7.34
C GLY T 46 -45.91 30.79 -7.03
N TRP T 47 -45.28 30.21 -6.00
CA TRP T 47 -45.64 28.86 -5.60
C TRP T 47 -47.09 28.80 -5.12
N PHE T 48 -47.50 29.78 -4.31
CA PHE T 48 -48.89 29.81 -3.85
C PHE T 48 -49.85 29.99 -5.02
N THR T 49 -49.51 30.87 -5.97
CA THR T 49 -50.37 31.08 -7.13
C THR T 49 -50.48 29.81 -7.99
N GLY T 50 -49.36 29.11 -8.18
CA GLY T 50 -49.40 27.89 -8.96
C GLY T 50 -50.19 26.79 -8.28
N THR T 51 -50.01 26.62 -6.97
CA THR T 51 -50.74 25.59 -6.24
C THR T 51 -52.21 25.96 -6.04
N THR T 52 -52.57 27.23 -6.21
CA THR T 52 -53.94 27.67 -6.05
C THR T 52 -54.71 27.75 -7.35
N PHE T 53 -54.10 28.26 -8.43
CA PHE T 53 -54.82 28.52 -9.66
C PHE T 53 -54.27 27.79 -10.88
N VAL T 54 -52.95 27.68 -11.00
CA VAL T 54 -52.33 27.22 -12.24
C VAL T 54 -52.43 25.71 -12.35
N THR T 55 -52.83 25.25 -13.53
CA THR T 55 -52.99 23.83 -13.82
C THR T 55 -51.72 23.25 -14.43
N SER T 56 -51.68 21.91 -14.52
CA SER T 56 -50.61 21.18 -15.17
C SER T 56 -51.14 20.33 -16.32
N TRP T 57 -52.32 20.68 -16.83
CA TRP T 57 -53.01 19.83 -17.80
C TRP T 57 -52.28 19.78 -19.14
N TYR T 58 -51.65 20.89 -19.55
CA TYR T 58 -51.00 20.97 -20.84
C TYR T 58 -49.51 20.62 -20.79
N THR T 59 -48.97 20.33 -19.62
CA THR T 59 -47.56 19.94 -19.47
C THR T 59 -47.41 18.50 -19.02
N HIS T 60 -48.16 18.07 -18.01
CA HIS T 60 -48.08 16.72 -17.49
C HIS T 60 -49.35 15.92 -17.68
N GLY T 61 -50.42 16.52 -18.18
CA GLY T 61 -51.70 15.83 -18.21
C GLY T 61 -52.26 15.57 -16.83
N LEU T 62 -52.18 16.55 -15.94
CA LEU T 62 -52.60 16.35 -14.54
C LEU T 62 -53.34 17.56 -14.04
N ALA T 63 -54.07 17.42 -12.94
CA ALA T 63 -54.70 18.58 -12.30
C ALA T 63 -53.85 18.87 -11.06
N SER T 64 -53.30 20.06 -10.98
CA SER T 64 -52.52 20.40 -9.77
C SER T 64 -52.89 21.78 -9.24
N SER T 65 -54.16 22.03 -8.94
CA SER T 65 -54.51 23.34 -8.36
C SER T 65 -55.66 23.15 -7.39
N TYR T 66 -55.79 24.04 -6.43
CA TYR T 66 -56.96 23.99 -5.52
C TYR T 66 -58.19 24.24 -6.39
N LEU T 67 -58.06 25.05 -7.43
CA LEU T 67 -59.18 25.34 -8.31
C LEU T 67 -59.69 24.09 -9.02
N GLU T 68 -58.80 23.15 -9.30
CA GLU T 68 -59.17 21.90 -9.95
C GLU T 68 -59.66 20.83 -8.98
N GLY T 69 -59.53 21.06 -7.67
CA GLY T 69 -60.00 20.11 -6.68
C GLY T 69 -58.92 19.45 -5.86
N CYS T 70 -57.66 19.83 -6.03
CA CYS T 70 -56.58 19.21 -5.27
C CYS T 70 -56.52 19.76 -3.85
N ASN T 71 -55.95 18.96 -2.96
CA ASN T 71 -55.72 19.35 -1.59
C ASN T 71 -54.25 19.77 -1.42
N PHE T 72 -53.83 19.98 -0.17
CA PHE T 72 -52.47 20.42 0.09
C PHE T 72 -51.43 19.41 -0.39
N PHE T 73 -51.74 18.11 -0.27
CA PHE T 73 -50.77 17.09 -0.65
C PHE T 73 -50.64 16.97 -2.17
N THR T 74 -51.76 17.04 -2.88
CA THR T 74 -51.77 16.77 -4.32
C THR T 74 -51.60 18.02 -5.18
N ALA T 75 -51.62 19.21 -4.59
CA ALA T 75 -51.40 20.44 -5.35
C ALA T 75 -49.91 20.69 -5.49
N ALA T 76 -49.50 21.12 -6.69
CA ALA T 76 -48.09 21.35 -6.96
C ALA T 76 -47.93 22.36 -8.08
N VAL T 77 -46.77 23.01 -8.10
CA VAL T 77 -46.34 23.81 -9.24
C VAL T 77 -45.51 22.88 -10.12
N SER T 78 -46.14 22.35 -11.16
CA SER T 78 -45.50 21.32 -11.96
C SER T 78 -44.45 21.91 -12.88
N THR T 79 -43.48 21.06 -13.25
CA THR T 79 -42.38 21.47 -14.11
C THR T 79 -42.90 21.74 -15.52
N PRO T 80 -42.15 22.53 -16.31
CA PRO T 80 -42.58 22.83 -17.67
C PRO T 80 -42.70 21.58 -18.54
N ALA T 81 -43.34 21.77 -19.69
CA ALA T 81 -43.52 20.69 -20.64
C ALA T 81 -42.19 20.24 -21.23
N ASN T 82 -42.11 18.96 -21.55
CA ASN T 82 -40.90 18.40 -22.16
C ASN T 82 -40.63 18.98 -23.54
N SER T 83 -41.57 19.73 -24.10
CA SER T 83 -41.30 20.40 -25.40
C SER T 83 -40.44 21.67 -25.19
N MET T 84 -40.31 22.15 -23.96
CA MET T 84 -39.61 23.44 -23.72
C MET T 84 -38.08 23.28 -23.66
N GLY T 85 -37.58 22.11 -23.27
CA GLY T 85 -36.11 21.94 -23.12
C GLY T 85 -35.62 22.63 -21.86
N HIS T 86 -34.39 23.15 -21.88
CA HIS T 86 -33.81 23.86 -20.70
C HIS T 86 -33.98 25.36 -20.90
N SER T 87 -35.13 25.78 -21.43
CA SER T 87 -35.41 27.18 -21.67
C SER T 87 -35.60 27.93 -20.35
N LEU T 88 -35.16 29.19 -20.34
CA LEU T 88 -35.41 30.05 -19.18
C LEU T 88 -36.88 30.34 -19.00
N LEU T 89 -37.69 30.20 -20.06
CA LEU T 89 -39.14 30.42 -20.03
C LEU T 89 -39.49 31.80 -19.48
N LEU T 90 -38.77 32.80 -19.99
CA LEU T 90 -39.09 34.18 -19.65
C LEU T 90 -40.49 34.51 -20.13
N LEU T 91 -41.20 35.34 -19.35
CA LEU T 91 -42.55 35.75 -19.73
C LEU T 91 -42.57 36.43 -21.09
N TRP T 92 -41.53 37.21 -21.39
CA TRP T 92 -41.35 37.84 -22.68
C TRP T 92 -40.62 36.96 -23.69
N GLY T 93 -40.28 35.73 -23.31
CA GLY T 93 -39.52 34.84 -24.17
C GLY T 93 -40.32 34.34 -25.34
N PRO T 94 -39.64 33.72 -26.31
CA PRO T 94 -40.33 33.27 -27.53
C PRO T 94 -41.40 32.21 -27.29
N GLU T 95 -41.32 31.47 -26.18
CA GLU T 95 -42.34 30.45 -25.91
C GLU T 95 -43.67 31.09 -25.53
N ALA T 96 -43.63 32.09 -24.65
CA ALA T 96 -44.84 32.76 -24.17
C ALA T 96 -45.16 34.04 -24.92
N GLN T 97 -44.13 34.81 -25.30
CA GLN T 97 -44.28 36.05 -26.07
C GLN T 97 -45.17 37.06 -25.34
N GLY T 98 -45.03 37.14 -24.02
CA GLY T 98 -45.73 38.11 -23.22
C GLY T 98 -47.12 37.70 -22.76
N ASP T 99 -47.62 36.56 -23.22
CA ASP T 99 -48.95 36.11 -22.83
C ASP T 99 -48.86 35.39 -21.49
N PHE T 100 -49.49 35.97 -20.46
CA PHE T 100 -49.44 35.40 -19.12
C PHE T 100 -50.13 34.04 -19.06
N THR T 101 -51.27 33.91 -19.74
CA THR T 101 -52.02 32.66 -19.70
C THR T 101 -51.23 31.51 -20.31
N ARG T 102 -50.66 31.73 -21.50
CA ARG T 102 -49.86 30.69 -22.13
C ARG T 102 -48.58 30.41 -21.34
N TRP T 103 -48.01 31.43 -20.71
CA TRP T 103 -46.83 31.24 -19.86
C TRP T 103 -47.15 30.35 -18.67
N CYS T 104 -48.31 30.54 -18.05
CA CYS T 104 -48.72 29.67 -16.95
C CYS T 104 -49.05 28.27 -17.45
N GLN T 105 -49.66 28.16 -18.64
CA GLN T 105 -50.05 26.85 -19.14
C GLN T 105 -48.85 26.00 -19.53
N ILE T 106 -47.77 26.62 -20.01
CA ILE T 106 -46.58 25.85 -20.42
C ILE T 106 -45.65 25.54 -19.26
N GLY T 107 -46.01 25.90 -18.04
CA GLY T 107 -45.17 25.64 -16.90
C GLY T 107 -44.13 26.70 -16.61
N GLY T 108 -44.27 27.90 -17.18
CA GLY T 108 -43.32 28.97 -16.93
C GLY T 108 -43.30 29.44 -15.49
N LEU T 109 -44.38 29.23 -14.75
CA LEU T 109 -44.39 29.59 -13.34
C LEU T 109 -43.43 28.75 -12.52
N TRP T 110 -43.21 27.49 -12.93
CA TRP T 110 -42.20 26.68 -12.27
C TRP T 110 -40.80 27.29 -12.45
N ALA T 111 -40.48 27.72 -13.67
CA ALA T 111 -39.19 28.36 -13.90
C ALA T 111 -39.07 29.67 -13.13
N PHE T 112 -40.17 30.44 -13.08
CA PHE T 112 -40.19 31.66 -12.27
C PHE T 112 -39.84 31.36 -10.82
N CYS T 113 -40.55 30.39 -10.23
CA CYS T 113 -40.32 30.04 -8.83
C CYS T 113 -38.90 29.52 -8.62
N ALA T 114 -38.41 28.66 -9.51
CA ALA T 114 -37.09 28.07 -9.33
C ALA T 114 -35.99 29.12 -9.41
N LEU T 115 -36.07 30.01 -10.41
CA LEU T 115 -35.02 31.00 -10.58
C LEU T 115 -35.05 32.04 -9.46
N HIS T 116 -36.24 32.59 -9.16
CA HIS T 116 -36.31 33.58 -8.09
C HIS T 116 -36.01 32.96 -6.73
N GLY T 117 -36.27 31.65 -6.56
CA GLY T 117 -35.92 30.98 -5.32
C GLY T 117 -34.45 30.68 -5.19
N SER T 118 -33.78 30.36 -6.30
CA SER T 118 -32.32 30.22 -6.25
C SER T 118 -31.66 31.55 -5.90
N PHE T 119 -32.15 32.63 -6.50
CA PHE T 119 -31.62 33.95 -6.14
C PHE T 119 -31.99 34.34 -4.72
N GLY T 120 -33.15 33.88 -4.22
CA GLY T 120 -33.49 34.11 -2.83
C GLY T 120 -32.60 33.35 -1.87
N LEU T 121 -32.22 32.12 -2.23
CA LEU T 121 -31.26 31.37 -1.42
C LEU T 121 -29.90 32.06 -1.40
N ILE T 122 -29.47 32.58 -2.55
CA ILE T 122 -28.23 33.35 -2.61
C ILE T 122 -28.34 34.59 -1.72
N GLY T 123 -29.48 35.27 -1.78
CA GLY T 123 -29.68 36.45 -0.96
C GLY T 123 -29.70 36.14 0.53
N PHE T 124 -30.28 34.99 0.90
CA PHE T 124 -30.30 34.61 2.31
C PHE T 124 -28.91 34.22 2.81
N CYS T 125 -28.12 33.56 1.95
CA CYS T 125 -26.74 33.27 2.31
C CYS T 125 -25.93 34.56 2.50
N LEU T 126 -26.12 35.51 1.59
CA LEU T 126 -25.48 36.82 1.75
C LEU T 126 -25.98 37.54 3.00
N ARG T 127 -27.26 37.35 3.35
CA ARG T 127 -27.80 37.93 4.58
C ARG T 127 -27.13 37.36 5.81
N GLN T 128 -26.92 36.04 5.82
CA GLN T 128 -26.20 35.41 6.92
C GLN T 128 -24.78 35.96 7.01
N PHE T 129 -24.10 36.09 5.87
CA PHE T 129 -22.74 36.67 5.86
C PHE T 129 -22.75 38.08 6.42
N GLU T 130 -23.69 38.90 5.95
CA GLU T 130 -23.75 40.32 6.37
C GLU T 130 -24.00 40.41 7.88
N ILE T 131 -25.01 39.70 8.37
CA ILE T 131 -25.36 39.78 9.79
C ILE T 131 -24.22 39.26 10.65
N ALA T 132 -23.53 38.21 10.19
CA ALA T 132 -22.35 37.72 10.91
C ALA T 132 -21.25 38.79 10.95
N ARG T 133 -21.13 39.61 9.93
CA ARG T 133 -20.04 40.62 9.91
C ARG T 133 -20.41 41.78 10.83
N LEU T 134 -21.67 41.94 11.15
CA LEU T 134 -22.10 43.09 11.98
C LEU T 134 -22.06 42.70 13.47
N VAL T 135 -22.49 41.50 13.80
CA VAL T 135 -22.47 40.98 15.20
C VAL T 135 -21.02 40.68 15.59
N GLY T 136 -20.13 40.53 14.62
CA GLY T 136 -18.72 40.24 14.89
C GLY T 136 -18.39 38.80 15.16
N ILE T 137 -19.14 37.86 14.60
CA ILE T 137 -18.92 36.41 14.86
C ILE T 137 -18.37 35.73 13.60
N ARG T 138 -17.80 34.55 13.76
CA ARG T 138 -17.32 33.80 12.59
C ARG T 138 -18.55 33.37 11.79
N PRO T 139 -18.47 33.39 10.47
CA PRO T 139 -19.59 33.06 9.57
C PRO T 139 -19.74 31.57 9.32
N TYR T 140 -19.97 30.82 10.39
CA TYR T 140 -20.23 29.39 10.21
C TYR T 140 -21.68 29.12 9.80
N ASN T 141 -22.57 30.09 9.94
CA ASN T 141 -23.76 30.12 9.11
C ASN T 141 -23.37 30.67 7.73
N ALA T 142 -24.21 30.36 6.74
CA ALA T 142 -23.99 30.61 5.31
C ALA T 142 -22.92 29.67 4.77
N ILE T 143 -22.29 28.90 5.65
CA ILE T 143 -21.52 27.73 5.28
C ILE T 143 -22.28 26.45 5.61
N ALA T 144 -23.01 26.45 6.72
CA ALA T 144 -23.99 25.41 6.96
C ALA T 144 -25.11 25.47 5.93
N PHE T 145 -25.57 26.68 5.59
CA PHE T 145 -26.60 26.85 4.59
C PHE T 145 -26.14 26.47 3.19
N SER T 146 -24.82 26.35 2.99
CA SER T 146 -24.30 25.85 1.72
C SER T 146 -24.78 24.43 1.46
N GLY T 147 -25.10 23.68 2.51
CA GLY T 147 -25.70 22.37 2.35
C GLY T 147 -27.04 22.40 1.64
N PRO T 148 -28.02 23.12 2.21
CA PRO T 148 -29.29 23.30 1.49
C PRO T 148 -29.14 23.96 0.13
N ILE T 149 -28.20 24.90 -0.01
CA ILE T 149 -27.98 25.53 -1.31
C ILE T 149 -27.52 24.49 -2.33
N ALA T 150 -26.58 23.62 -1.94
CA ALA T 150 -26.12 22.56 -2.83
C ALA T 150 -27.22 21.57 -3.14
N ILE T 151 -28.06 21.26 -2.15
CA ILE T 151 -29.19 20.36 -2.39
C ILE T 151 -30.11 20.95 -3.46
N PHE T 152 -30.48 22.21 -3.30
CA PHE T 152 -31.37 22.86 -4.26
C PHE T 152 -30.74 22.95 -5.63
N VAL T 153 -29.46 23.33 -5.69
CA VAL T 153 -28.79 23.48 -6.99
C VAL T 153 -28.68 22.15 -7.71
N SER T 154 -28.30 21.09 -6.98
CA SER T 154 -28.13 19.79 -7.61
C SER T 154 -29.46 19.19 -8.05
N VAL T 155 -30.49 19.31 -7.21
CA VAL T 155 -31.74 18.61 -7.46
C VAL T 155 -32.64 19.38 -8.41
N PHE T 156 -32.84 20.67 -8.18
CA PHE T 156 -33.79 21.45 -8.96
C PHE T 156 -33.17 22.12 -10.17
N LEU T 157 -31.84 22.27 -10.22
CA LEU T 157 -31.19 22.93 -11.34
C LEU T 157 -30.27 21.99 -12.11
N MET T 158 -29.30 21.36 -11.46
CA MET T 158 -28.31 20.58 -12.19
C MET T 158 -28.90 19.30 -12.77
N TYR T 159 -29.77 18.63 -12.01
CA TYR T 159 -30.37 17.39 -12.52
C TYR T 159 -31.22 17.60 -13.78
N PRO T 160 -32.17 18.54 -13.82
CA PRO T 160 -32.89 18.76 -15.10
C PRO T 160 -31.99 19.25 -16.22
N LEU T 161 -30.97 20.05 -15.90
CA LEU T 161 -30.05 20.52 -16.93
C LEU T 161 -29.28 19.35 -17.55
N GLY T 162 -28.92 18.36 -16.74
CA GLY T 162 -28.29 17.16 -17.28
C GLY T 162 -29.25 16.25 -18.01
N GLN T 163 -30.55 16.35 -17.72
CA GLN T 163 -31.57 15.52 -18.35
C GLN T 163 -32.07 16.20 -19.62
N ALA T 164 -33.19 15.71 -20.15
CA ALA T 164 -33.70 16.22 -21.42
C ALA T 164 -34.20 17.65 -21.29
N SER T 165 -34.87 17.98 -20.19
CA SER T 165 -35.51 19.30 -20.05
C SER T 165 -35.81 19.54 -18.57
N TRP T 166 -36.50 20.67 -18.31
CA TRP T 166 -36.96 20.96 -16.96
C TRP T 166 -38.06 20.01 -16.50
N PHE T 167 -38.64 19.24 -17.44
CA PHE T 167 -39.76 18.36 -17.11
C PHE T 167 -39.40 17.36 -16.02
N PHE T 168 -38.16 16.86 -16.04
CA PHE T 168 -37.74 15.82 -15.11
C PHE T 168 -37.21 16.37 -13.80
N ALA T 169 -37.27 17.68 -13.60
CA ALA T 169 -37.00 18.26 -12.30
C ALA T 169 -38.14 17.95 -11.34
N PRO T 170 -37.91 18.05 -10.03
CA PRO T 170 -39.02 17.88 -9.09
C PRO T 170 -40.02 19.03 -9.21
N SER T 171 -41.30 18.67 -9.22
CA SER T 171 -42.34 19.67 -9.16
C SER T 171 -42.57 20.09 -7.71
N LEU T 172 -42.94 21.35 -7.53
CA LEU T 172 -43.01 21.96 -6.19
C LEU T 172 -44.31 21.57 -5.52
N GLY T 173 -44.34 20.33 -5.00
CA GLY T 173 -45.50 19.83 -4.29
C GLY T 173 -45.17 18.60 -3.50
N VAL T 174 -46.07 18.27 -2.57
CA VAL T 174 -45.84 17.13 -1.67
C VAL T 174 -45.90 15.82 -2.45
N ALA T 175 -47.05 15.53 -3.06
CA ALA T 175 -47.18 14.32 -3.86
C ALA T 175 -46.25 14.36 -5.07
N ALA T 176 -45.96 15.55 -5.59
CA ALA T 176 -44.98 15.69 -6.65
C ALA T 176 -43.59 15.27 -6.19
N ILE T 177 -43.22 15.66 -4.97
CA ILE T 177 -41.92 15.25 -4.42
C ILE T 177 -41.89 13.74 -4.19
N PHE T 178 -42.98 13.16 -3.71
CA PHE T 178 -43.04 11.70 -3.53
C PHE T 178 -42.89 10.99 -4.87
N ARG T 179 -43.58 11.53 -5.89
CA ARG T 179 -43.44 10.96 -7.26
C ARG T 179 -41.96 11.03 -7.64
N PHE T 180 -41.33 12.20 -7.45
CA PHE T 180 -39.93 12.36 -7.85
C PHE T 180 -39.05 11.32 -7.15
N LEU T 181 -39.30 11.08 -5.87
CA LEU T 181 -38.57 10.05 -5.13
C LEU T 181 -38.71 8.69 -5.81
N LEU T 182 -39.95 8.28 -6.07
CA LEU T 182 -40.18 6.93 -6.65
C LEU T 182 -39.64 6.88 -8.09
N PHE T 183 -39.79 7.96 -8.84
CA PHE T 183 -39.28 7.99 -10.21
C PHE T 183 -37.76 7.84 -10.24
N ILE T 184 -37.06 8.55 -9.37
CA ILE T 184 -35.61 8.44 -9.31
C ILE T 184 -35.20 7.04 -8.86
N GLN T 185 -35.93 6.48 -7.89
CA GLN T 185 -35.62 5.11 -7.47
C GLN T 185 -35.81 4.12 -8.61
N GLY T 186 -36.89 4.27 -9.37
CA GLY T 186 -37.15 3.35 -10.46
C GLY T 186 -36.14 3.47 -11.60
N PHE T 187 -35.80 4.70 -11.98
CA PHE T 187 -34.98 4.91 -13.17
C PHE T 187 -33.48 5.00 -12.89
N HIS T 188 -33.08 5.14 -11.63
CA HIS T 188 -31.67 5.29 -11.28
C HIS T 188 -31.20 4.32 -10.20
N ASN T 189 -32.09 3.70 -9.44
CA ASN T 189 -31.74 2.90 -8.26
C ASN T 189 -30.90 3.72 -7.30
N PHE T 190 -31.42 4.89 -6.92
CA PHE T 190 -30.66 5.86 -6.14
C PHE T 190 -30.37 5.38 -4.72
N THR T 191 -31.14 4.43 -4.19
CA THR T 191 -30.81 3.85 -2.89
C THR T 191 -29.48 3.12 -2.95
N LEU T 192 -29.17 2.48 -4.08
CA LEU T 192 -27.91 1.79 -4.25
C LEU T 192 -26.73 2.73 -4.44
N ASN T 193 -26.98 4.02 -4.65
CA ASN T 193 -25.89 4.96 -4.86
C ASN T 193 -25.13 5.21 -3.56
N PRO T 194 -23.81 5.01 -3.52
CA PRO T 194 -23.07 5.22 -2.27
C PRO T 194 -23.10 6.64 -1.75
N PHE T 195 -23.16 7.64 -2.65
CA PHE T 195 -23.23 9.03 -2.20
C PHE T 195 -24.56 9.29 -1.51
N HIS T 196 -25.65 8.73 -2.02
CA HIS T 196 -26.93 8.83 -1.32
C HIS T 196 -26.88 8.12 0.02
N MET T 197 -26.13 7.00 0.10
CA MET T 197 -25.96 6.31 1.37
C MET T 197 -25.24 7.20 2.38
N MET T 198 -24.19 7.91 1.93
CA MET T 198 -23.50 8.84 2.81
C MET T 198 -24.42 9.98 3.22
N GLY T 199 -25.27 10.45 2.31
CA GLY T 199 -26.24 11.48 2.68
C GLY T 199 -27.24 11.01 3.73
N VAL T 200 -27.75 9.78 3.57
CA VAL T 200 -28.66 9.22 4.55
C VAL T 200 -27.97 9.07 5.90
N ALA T 201 -26.72 8.61 5.89
CA ALA T 201 -25.94 8.50 7.11
C ALA T 201 -25.76 9.85 7.76
N GLY T 202 -25.48 10.88 6.97
CA GLY T 202 -25.31 12.22 7.52
C GLY T 202 -26.58 12.76 8.15
N ILE T 203 -27.72 12.59 7.47
CA ILE T 203 -28.98 13.12 7.99
C ILE T 203 -29.39 12.37 9.26
N LEU T 204 -29.32 11.05 9.24
CA LEU T 204 -29.69 10.27 10.41
C LEU T 204 -28.75 10.51 11.58
N GLY T 205 -27.45 10.63 11.30
CA GLY T 205 -26.50 10.97 12.35
C GLY T 205 -26.70 12.36 12.90
N ALA T 206 -27.10 13.31 12.07
CA ALA T 206 -27.40 14.65 12.57
C ALA T 206 -28.62 14.65 13.48
N ALA T 207 -29.67 13.90 13.09
CA ALA T 207 -30.83 13.76 13.98
C ALA T 207 -30.45 13.08 15.28
N LEU T 208 -29.61 12.04 15.19
CA LEU T 208 -29.11 11.36 16.39
C LEU T 208 -28.34 12.32 17.28
N LEU T 209 -27.46 13.12 16.68
CA LEU T 209 -26.68 14.07 17.45
C LEU T 209 -27.56 15.12 18.12
N CYS T 210 -28.55 15.63 17.39
CA CYS T 210 -29.47 16.60 17.97
C CYS T 210 -30.19 16.03 19.19
N ALA T 211 -30.79 14.85 19.01
CA ALA T 211 -31.54 14.22 20.11
C ALA T 211 -30.64 13.90 21.29
N ILE T 212 -29.47 13.30 21.02
CA ILE T 212 -28.60 12.84 22.09
C ILE T 212 -27.98 14.03 22.82
N HIS T 213 -27.64 15.09 22.10
CA HIS T 213 -27.07 16.27 22.72
C HIS T 213 -28.11 17.00 23.56
N GLY T 214 -29.34 17.11 23.06
CA GLY T 214 -30.40 17.72 23.86
C GLY T 214 -30.67 16.95 25.13
N ALA T 215 -30.79 15.62 25.02
CA ALA T 215 -31.04 14.80 26.20
C ALA T 215 -29.86 14.85 27.17
N THR T 216 -28.64 14.82 26.66
CA THR T 216 -27.46 14.86 27.50
C THR T 216 -27.35 16.18 28.27
N VAL T 217 -27.62 17.29 27.59
CA VAL T 217 -27.57 18.59 28.27
C VAL T 217 -28.70 18.69 29.29
N GLN T 218 -29.91 18.26 28.92
CA GLN T 218 -31.04 18.36 29.84
C GLN T 218 -30.85 17.46 31.06
N ASN T 219 -30.14 16.35 30.92
CA ASN T 219 -29.97 15.40 32.00
C ASN T 219 -28.67 15.58 32.77
N THR T 220 -27.86 16.57 32.44
CA THR T 220 -26.62 16.86 33.15
C THR T 220 -26.57 18.29 33.68
N ILE T 221 -27.73 18.94 33.80
CA ILE T 221 -27.77 20.32 34.27
C ILE T 221 -27.36 20.38 35.74
N PHE T 222 -26.77 21.51 36.12
CA PHE T 222 -26.50 21.78 37.52
C PHE T 222 -27.78 22.22 38.22
N GLU T 223 -27.89 21.85 39.50
CA GLU T 223 -29.04 22.24 40.32
C GLU T 223 -28.83 23.70 40.72
N ASP T 224 -29.22 24.60 39.83
CA ASP T 224 -29.09 26.04 40.03
C ASP T 224 -30.39 26.70 40.46
N GLY T 225 -31.39 25.91 40.84
CA GLY T 225 -32.65 26.46 41.29
C GLY T 225 -33.36 25.52 42.23
N ASP T 226 -34.24 26.09 43.04
CA ASP T 226 -35.02 25.32 44.01
C ASP T 226 -36.33 24.78 43.43
N ALA T 227 -36.69 25.17 42.22
CA ALA T 227 -37.92 24.73 41.59
C ALA T 227 -37.71 23.40 40.88
N ALA T 228 -38.76 22.56 40.89
CA ALA T 228 -38.69 21.29 40.19
C ALA T 228 -38.53 21.48 38.69
N ASN T 229 -39.25 22.46 38.12
CA ASN T 229 -39.04 22.84 36.73
C ASN T 229 -37.76 23.68 36.64
N THR T 230 -36.80 23.21 35.84
CA THR T 230 -35.45 23.73 35.85
C THR T 230 -35.17 24.72 34.72
N PHE T 231 -36.20 25.12 33.97
CA PHE T 231 -35.97 26.09 32.90
C PHE T 231 -35.71 27.49 33.44
N ARG T 232 -36.22 27.79 34.65
CA ARG T 232 -36.02 29.10 35.24
C ARG T 232 -34.61 29.27 35.81
N ALA T 233 -33.93 28.17 36.09
CA ALA T 233 -32.60 28.23 36.76
C ALA T 233 -31.52 28.67 35.77
N PHE T 234 -31.88 28.92 34.51
CA PHE T 234 -30.87 29.44 33.56
C PHE T 234 -31.13 30.92 33.31
N THR T 235 -30.12 31.76 33.58
CA THR T 235 -30.24 33.21 33.34
C THR T 235 -29.62 33.54 31.99
N PRO T 236 -30.07 34.59 31.27
CA PRO T 236 -29.57 34.85 29.92
C PRO T 236 -28.08 35.13 29.81
N THR T 237 -27.53 35.92 30.74
CA THR T 237 -26.08 36.23 30.73
C THR T 237 -25.41 35.33 31.75
N GLN T 238 -25.15 34.07 31.39
CA GLN T 238 -24.58 33.12 32.37
C GLN T 238 -23.14 32.78 31.97
N ALA T 239 -22.16 33.30 32.70
CA ALA T 239 -20.74 33.01 32.40
C ALA T 239 -20.42 31.56 32.74
N GLU T 240 -21.03 31.03 33.79
CA GLU T 240 -20.80 29.62 34.20
C GLU T 240 -21.56 28.69 33.27
N GLU T 241 -21.11 27.43 33.16
CA GLU T 241 -21.84 26.48 32.33
C GLU T 241 -23.07 25.97 33.07
N THR T 242 -24.16 25.79 32.33
CA THR T 242 -25.42 25.38 32.91
C THR T 242 -25.54 23.87 33.07
N TYR T 243 -24.64 23.09 32.47
CA TYR T 243 -24.68 21.64 32.61
C TYR T 243 -23.25 21.12 32.81
N SER T 244 -23.16 19.94 33.42
CA SER T 244 -21.88 19.34 33.77
C SER T 244 -21.33 18.57 32.56
N MET T 245 -20.25 19.09 31.97
CA MET T 245 -19.59 18.39 30.88
C MET T 245 -18.86 17.15 31.38
N VAL T 246 -18.31 17.20 32.61
CA VAL T 246 -17.58 16.07 33.16
C VAL T 246 -18.51 14.89 33.39
N THR T 247 -19.68 15.15 33.98
CA THR T 247 -20.65 14.08 34.22
C THR T 247 -21.12 13.45 32.93
N ALA T 248 -21.40 14.29 31.92
CA ALA T 248 -21.82 13.78 30.61
C ALA T 248 -20.73 12.95 29.97
N ASN T 249 -19.48 13.42 30.08
CA ASN T 249 -18.33 12.66 29.51
C ASN T 249 -18.25 11.30 30.20
N ARG T 250 -18.16 11.28 31.53
CA ARG T 250 -18.10 10.00 32.28
C ARG T 250 -19.25 9.09 31.84
N PHE T 251 -20.47 9.64 31.76
CA PHE T 251 -21.65 8.82 31.40
C PHE T 251 -21.39 8.11 30.09
N TRP T 252 -21.14 8.86 29.03
CA TRP T 252 -20.98 8.24 27.69
C TRP T 252 -19.69 7.44 27.58
N SER T 253 -18.64 7.86 28.29
CA SER T 253 -17.38 7.08 28.30
C SER T 253 -17.65 5.68 28.83
N GLN T 254 -18.52 5.56 29.83
CA GLN T 254 -18.76 4.25 30.43
C GLN T 254 -20.03 3.57 29.92
N ILE T 255 -20.85 4.26 29.13
CA ILE T 255 -22.02 3.66 28.52
C ILE T 255 -21.76 3.25 27.07
N PHE T 256 -21.20 4.16 26.28
CA PHE T 256 -20.95 3.91 24.86
C PHE T 256 -19.50 3.52 24.56
N GLY T 257 -18.58 3.77 25.49
CA GLY T 257 -17.18 3.51 25.29
C GLY T 257 -16.37 4.70 24.85
N VAL T 258 -17.02 5.73 24.31
CA VAL T 258 -16.35 6.95 23.89
C VAL T 258 -17.28 8.12 24.14
N ALA T 259 -16.70 9.29 24.40
CA ALA T 259 -17.49 10.46 24.73
C ALA T 259 -16.75 11.72 24.32
N PHE T 260 -17.52 12.77 24.08
CA PHE T 260 -16.94 14.08 23.82
C PHE T 260 -16.34 14.66 25.09
N SER T 261 -15.16 15.27 24.96
CA SER T 261 -14.55 16.02 26.04
C SER T 261 -14.39 17.50 25.72
N ASN T 262 -14.51 17.89 24.46
CA ASN T 262 -14.41 19.29 24.03
C ASN T 262 -15.77 19.72 23.51
N LYS T 263 -16.34 20.76 24.14
CA LYS T 263 -17.67 21.27 23.72
C LYS T 263 -17.55 21.85 22.32
N ARG T 264 -16.48 22.58 22.07
CA ARG T 264 -16.23 23.15 20.72
C ARG T 264 -16.32 22.05 19.67
N TRP T 265 -15.44 21.06 19.77
CA TRP T 265 -15.42 19.93 18.81
C TRP T 265 -16.83 19.34 18.67
N LEU T 266 -17.50 19.09 19.79
CA LEU T 266 -18.84 18.50 19.73
C LEU T 266 -19.77 19.33 18.85
N HIS T 267 -19.76 20.65 19.03
CA HIS T 267 -20.66 21.48 18.23
C HIS T 267 -20.21 21.58 16.78
N PHE T 268 -18.90 21.57 16.53
CA PHE T 268 -18.42 21.52 15.16
C PHE T 268 -18.81 20.20 14.49
N PHE T 269 -18.78 19.11 15.23
CA PHE T 269 -19.20 17.82 14.69
C PHE T 269 -20.69 17.80 14.37
N MET T 270 -21.50 18.34 15.29
CA MET T 270 -22.94 18.47 15.03
C MET T 270 -23.22 19.36 13.83
N LEU T 271 -22.34 20.32 13.56
CA LEU T 271 -22.44 21.10 12.33
C LEU T 271 -22.00 20.27 11.12
N PHE T 272 -20.92 19.52 11.26
CA PHE T 272 -20.25 18.92 10.11
C PHE T 272 -21.04 17.76 9.53
N VAL T 273 -21.67 16.95 10.38
CA VAL T 273 -22.32 15.73 9.91
C VAL T 273 -23.43 16.01 8.90
N PRO T 274 -24.43 16.86 9.18
CA PRO T 274 -25.46 17.10 8.16
C PRO T 274 -24.93 17.80 6.91
N LEU T 275 -23.96 18.69 7.07
CA LEU T 275 -23.38 19.38 5.92
C LEU T 275 -22.67 18.41 4.98
N ALA T 276 -21.85 17.52 5.57
CA ALA T 276 -21.16 16.52 4.78
C ALA T 276 -22.13 15.57 4.11
N GLY T 277 -23.19 15.16 4.84
CA GLY T 277 -24.19 14.29 4.24
C GLY T 277 -24.88 14.95 3.06
N LEU T 278 -25.27 16.22 3.22
CA LEU T 278 -25.94 16.93 2.12
C LEU T 278 -25.02 17.10 0.92
N TRP T 279 -23.75 17.40 1.15
CA TRP T 279 -22.82 17.57 0.03
C TRP T 279 -22.56 16.25 -0.70
N THR T 280 -22.46 15.15 0.06
CA THR T 280 -22.30 13.85 -0.60
C THR T 280 -23.54 13.48 -1.41
N SER T 281 -24.73 13.74 -0.86
CA SER T 281 -25.96 13.48 -1.62
C SER T 281 -26.03 14.37 -2.86
N ALA T 282 -25.54 15.60 -2.76
CA ALA T 282 -25.50 16.49 -3.91
C ALA T 282 -24.57 15.94 -4.99
N ILE T 283 -23.43 15.38 -4.58
CA ILE T 283 -22.53 14.73 -5.54
C ILE T 283 -23.24 13.57 -6.23
N GLY T 284 -23.98 12.77 -5.45
CA GLY T 284 -24.72 11.66 -6.03
C GLY T 284 -25.77 12.11 -7.03
N ILE T 285 -26.49 13.19 -6.71
CA ILE T 285 -27.53 13.69 -7.62
C ILE T 285 -26.90 14.29 -8.88
N VAL T 286 -25.75 14.96 -8.73
CA VAL T 286 -25.02 15.44 -9.90
C VAL T 286 -24.61 14.28 -10.79
N GLY T 287 -24.18 13.17 -10.17
CA GLY T 287 -23.91 11.97 -10.95
C GLY T 287 -25.15 11.43 -11.65
N LEU T 288 -26.30 11.47 -10.97
CA LEU T 288 -27.54 11.04 -11.58
C LEU T 288 -27.95 11.93 -12.75
N ALA T 289 -27.54 13.20 -12.72
CA ALA T 289 -27.96 14.15 -13.75
C ALA T 289 -27.57 13.70 -15.15
N LEU T 290 -26.49 12.94 -15.28
CA LEU T 290 -26.02 12.46 -16.57
C LEU T 290 -26.28 10.96 -16.75
N ASN T 291 -27.20 10.39 -15.96
CA ASN T 291 -27.48 8.96 -15.93
C ASN T 291 -26.24 8.13 -15.59
N LEU T 292 -25.27 8.75 -14.91
CA LEU T 292 -24.08 8.05 -14.45
C LEU T 292 -24.37 7.52 -13.05
N ARG T 293 -25.10 6.42 -13.01
CA ARG T 293 -25.69 5.89 -11.79
C ARG T 293 -25.08 4.56 -11.40
N ALA T 294 -25.01 4.33 -10.09
CA ALA T 294 -24.64 3.02 -9.56
C ALA T 294 -25.88 2.11 -9.54
N TYR T 295 -26.41 1.86 -10.73
CA TYR T 295 -27.67 1.14 -10.85
C TYR T 295 -27.52 -0.33 -10.53
N ASP T 296 -26.48 -0.98 -11.04
CA ASP T 296 -26.38 -2.43 -10.99
C ASP T 296 -24.95 -2.85 -10.69
N PHE T 297 -24.83 -4.05 -10.15
CA PHE T 297 -23.54 -4.73 -9.99
C PHE T 297 -23.40 -5.72 -11.13
N VAL T 298 -22.34 -5.58 -11.93
CA VAL T 298 -22.17 -6.40 -13.12
C VAL T 298 -21.99 -7.87 -12.75
N SER T 299 -21.21 -8.15 -11.70
CA SER T 299 -20.99 -9.53 -11.28
C SER T 299 -22.29 -10.20 -10.87
N GLN T 300 -23.13 -9.50 -10.11
CA GLN T 300 -24.40 -10.06 -9.69
C GLN T 300 -25.33 -10.31 -10.87
N GLU T 301 -25.36 -9.39 -11.83
CA GLU T 301 -26.19 -9.59 -13.03
C GLU T 301 -25.71 -10.80 -13.83
N LEU T 302 -24.39 -10.93 -13.98
CA LEU T 302 -23.83 -12.08 -14.71
C LEU T 302 -24.14 -13.39 -13.98
N ARG T 303 -24.05 -13.38 -12.65
CA ARG T 303 -24.36 -14.56 -11.86
C ARG T 303 -25.84 -14.94 -12.00
N ALA T 304 -26.73 -13.94 -11.99
CA ALA T 304 -28.15 -14.23 -12.13
C ALA T 304 -28.51 -14.66 -13.54
N ALA T 305 -27.77 -14.20 -14.55
CA ALA T 305 -28.07 -14.57 -15.92
C ALA T 305 -27.74 -16.03 -16.19
N GLU T 306 -26.63 -16.53 -15.64
CA GLU T 306 -26.19 -17.89 -15.85
C GLU T 306 -26.66 -18.84 -14.76
N ASP T 307 -27.47 -18.36 -13.82
CA ASP T 307 -27.97 -19.20 -12.73
C ASP T 307 -29.36 -18.72 -12.36
N PRO T 308 -30.41 -19.36 -12.89
CA PRO T 308 -31.78 -18.93 -12.56
C PRO T 308 -32.14 -19.15 -11.10
N GLU T 309 -31.44 -20.01 -10.38
CA GLU T 309 -31.70 -20.25 -8.97
C GLU T 309 -30.97 -19.29 -8.05
N PHE T 310 -30.17 -18.36 -8.61
CA PHE T 310 -29.47 -17.37 -7.83
C PHE T 310 -30.35 -16.13 -7.69
N GLU T 311 -30.71 -15.79 -6.46
CA GLU T 311 -31.51 -14.61 -6.20
C GLU T 311 -31.05 -13.95 -4.92
N THR T 312 -30.87 -12.63 -4.96
CA THR T 312 -30.57 -11.82 -3.79
C THR T 312 -31.58 -10.67 -3.74
N PHE T 313 -31.58 -9.94 -2.63
CA PHE T 313 -32.46 -8.80 -2.51
C PHE T 313 -32.13 -7.70 -3.51
N TYR T 314 -30.88 -7.64 -3.98
CA TYR T 314 -30.51 -6.69 -5.02
C TYR T 314 -31.24 -6.99 -6.33
N THR T 315 -31.33 -8.27 -6.71
CA THR T 315 -32.05 -8.63 -7.91
C THR T 315 -33.54 -8.34 -7.78
N LYS T 316 -34.10 -8.55 -6.59
CA LYS T 316 -35.49 -8.19 -6.33
C LYS T 316 -35.69 -6.68 -6.46
N ASN T 317 -34.71 -5.90 -5.98
CA ASN T 317 -34.78 -4.45 -6.15
C ASN T 317 -34.71 -4.05 -7.62
N ILE T 318 -33.89 -4.75 -8.41
CA ILE T 318 -33.82 -4.50 -9.85
C ILE T 318 -35.17 -4.78 -10.50
N LEU T 319 -35.80 -5.89 -10.13
CA LEU T 319 -37.13 -6.21 -10.67
C LEU T 319 -38.16 -5.16 -10.25
N LEU T 320 -38.09 -4.70 -9.00
CA LEU T 320 -39.01 -3.67 -8.53
C LEU T 320 -38.82 -2.37 -9.30
N ASN T 321 -37.57 -1.98 -9.56
CA ASN T 321 -37.31 -0.78 -10.33
C ASN T 321 -37.82 -0.91 -11.77
N GLU T 322 -37.64 -2.09 -12.37
CA GLU T 322 -38.16 -2.32 -13.70
C GLU T 322 -39.69 -2.21 -13.74
N GLY T 323 -40.35 -2.79 -12.72
CA GLY T 323 -41.79 -2.64 -12.63
C GLY T 323 -42.23 -1.20 -12.46
N ILE T 324 -41.52 -0.44 -11.61
CA ILE T 324 -41.82 0.98 -11.41
C ILE T 324 -41.74 1.72 -12.75
N ARG T 325 -40.62 1.52 -13.47
CA ARG T 325 -40.44 2.21 -14.74
C ARG T 325 -41.53 1.85 -15.73
N SER T 326 -41.80 0.56 -15.90
CA SER T 326 -42.76 0.12 -16.91
C SER T 326 -44.18 0.57 -16.58
N TRP T 327 -44.57 0.52 -15.32
CA TRP T 327 -45.95 0.86 -14.96
C TRP T 327 -46.15 2.35 -14.69
N MET T 328 -45.09 3.15 -14.63
CA MET T 328 -45.26 4.58 -14.48
C MET T 328 -44.85 5.39 -15.70
N ALA T 329 -44.23 4.76 -16.71
CA ALA T 329 -43.77 5.51 -17.88
C ALA T 329 -44.93 6.14 -18.66
N ALA T 330 -46.04 5.41 -18.80
CA ALA T 330 -47.13 5.87 -19.66
C ALA T 330 -47.75 7.17 -19.15
N GLN T 331 -47.99 7.26 -17.85
CA GLN T 331 -48.63 8.45 -17.29
C GLN T 331 -47.65 9.48 -16.75
N ASP T 332 -46.43 9.08 -16.40
CA ASP T 332 -45.45 10.03 -15.88
C ASP T 332 -44.76 10.80 -17.00
N GLN T 333 -44.70 10.23 -18.20
CA GLN T 333 -44.10 10.88 -19.37
C GLN T 333 -45.12 10.83 -20.51
N PRO T 334 -46.20 11.62 -20.42
CA PRO T 334 -47.22 11.58 -21.48
C PRO T 334 -46.73 12.11 -22.81
N HIS T 335 -45.68 12.93 -22.83
CA HIS T 335 -45.16 13.46 -24.09
C HIS T 335 -44.56 12.37 -24.96
N GLU T 336 -44.00 11.32 -24.35
CA GLU T 336 -43.41 10.23 -25.11
C GLU T 336 -44.46 9.37 -25.80
N ASN T 337 -45.73 9.48 -25.40
CA ASN T 337 -46.83 8.67 -25.95
C ASN T 337 -46.55 7.17 -25.81
N PHE T 338 -46.07 6.77 -24.64
CA PHE T 338 -45.79 5.37 -24.37
C PHE T 338 -47.09 4.56 -24.35
N ILE T 339 -47.13 3.48 -25.12
CA ILE T 339 -48.25 2.55 -25.12
C ILE T 339 -47.68 1.15 -24.90
N PHE T 340 -47.90 0.60 -23.72
CA PHE T 340 -47.36 -0.71 -23.36
C PHE T 340 -48.50 -1.71 -23.22
N PRO T 341 -48.52 -2.77 -24.04
CA PRO T 341 -49.53 -3.81 -23.86
C PRO T 341 -49.35 -4.54 -22.54
N GLU T 342 -50.45 -5.15 -22.07
CA GLU T 342 -50.43 -5.87 -20.80
C GLU T 342 -49.46 -7.04 -20.83
N GLU T 343 -49.28 -7.67 -22.00
CA GLU T 343 -48.30 -8.75 -22.14
C GLU T 343 -46.85 -8.39 -21.86
N VAL T 344 -46.43 -7.18 -22.22
CA VAL T 344 -45.05 -6.78 -22.00
C VAL T 344 -44.82 -6.09 -20.64
N LEU T 345 -45.90 -5.83 -19.91
CA LEU T 345 -45.79 -5.19 -18.61
C LEU T 345 -45.24 -6.29 -17.70
N PRO T 346 -44.15 -6.03 -16.98
CA PRO T 346 -43.62 -7.04 -16.06
C PRO T 346 -44.59 -7.32 -14.91
N ARG T 347 -44.57 -8.57 -14.45
CA ARG T 347 -45.37 -9.00 -13.32
C ARG T 347 -44.64 -10.12 -12.60
N GLY T 348 -45.04 -10.35 -11.35
CA GLY T 348 -44.47 -11.45 -10.59
C GLY T 348 -44.85 -12.81 -11.16
N ASN T 349 -46.12 -12.97 -11.55
CA ASN T 349 -46.54 -14.21 -12.21
C ASN T 349 -45.88 -14.35 -13.58
N ALA T 350 -45.66 -13.24 -14.27
CA ALA T 350 -45.07 -13.28 -15.60
C ALA T 350 -43.63 -13.79 -15.57
N LEU T 351 -42.92 -13.52 -14.49
CA LEU T 351 -41.52 -13.94 -14.31
C LEU T 351 -41.32 -15.45 -14.51
N TYR U 20 -56.67 51.84 10.21
CA TYR U 20 -56.88 51.37 11.61
C TYR U 20 -57.91 50.24 11.62
N TRP U 21 -58.37 49.85 12.81
CA TRP U 21 -59.38 48.78 12.93
C TRP U 21 -60.59 49.12 12.07
N ILE U 22 -61.14 50.33 12.23
CA ILE U 22 -62.28 50.77 11.39
C ILE U 22 -61.96 50.48 9.91
N ILE U 23 -60.83 51.00 9.43
CA ILE U 23 -60.40 50.76 8.02
C ILE U 23 -60.45 49.24 7.75
N HIS U 24 -59.76 48.45 8.57
CA HIS U 24 -59.72 46.98 8.36
C HIS U 24 -61.15 46.44 8.28
N SER U 25 -62.03 46.90 9.17
CA SER U 25 -63.42 46.38 9.22
C SER U 25 -64.12 46.56 7.86
N ILE U 26 -63.60 47.42 6.98
CA ILE U 26 -64.20 47.57 5.61
C ILE U 26 -63.26 46.89 4.59
N THR U 27 -61.96 47.20 4.66
CA THR U 27 -61.02 46.67 3.64
C THR U 27 -60.99 45.16 3.68
N ILE U 28 -60.77 44.57 4.86
CA ILE U 28 -60.62 43.11 4.87
C ILE U 28 -61.84 42.37 4.33
N PRO U 29 -63.09 42.67 4.76
CA PRO U 29 -64.22 41.95 4.15
C PRO U 29 -64.37 42.20 2.66
N ALA U 30 -64.12 43.43 2.20
CA ALA U 30 -64.20 43.72 0.77
C ALA U 30 -63.17 42.90 0.00
N LEU U 31 -61.95 42.80 0.54
CA LEU U 31 -60.92 42.02 -0.12
C LEU U 31 -61.28 40.53 -0.13
N PHE U 32 -61.85 40.03 0.96
CA PHE U 32 -62.30 38.64 0.99
C PHE U 32 -63.39 38.38 -0.05
N VAL U 33 -64.33 39.32 -0.18
CA VAL U 33 -65.39 39.19 -1.18
C VAL U 33 -64.82 39.26 -2.59
N ALA U 34 -63.82 40.11 -2.80
CA ALA U 34 -63.15 40.17 -4.11
C ALA U 34 -62.46 38.86 -4.43
N GLY U 35 -61.78 38.27 -3.45
CA GLY U 35 -61.18 36.96 -3.65
C GLY U 35 -62.21 35.89 -3.96
N TRP U 36 -63.35 35.95 -3.27
CA TRP U 36 -64.44 35.02 -3.56
C TRP U 36 -64.95 35.18 -4.99
N LEU U 37 -65.16 36.42 -5.42
CA LEU U 37 -65.69 36.68 -6.75
C LEU U 37 -64.68 36.40 -7.85
N PHE U 38 -63.38 36.42 -7.53
CA PHE U 38 -62.38 36.04 -8.52
C PHE U 38 -62.55 34.60 -8.98
N VAL U 39 -63.09 33.74 -8.12
CA VAL U 39 -63.35 32.35 -8.46
C VAL U 39 -64.79 32.13 -8.90
N SER U 40 -65.74 32.73 -8.18
CA SER U 40 -67.16 32.47 -8.47
C SER U 40 -67.58 33.03 -9.82
N THR U 41 -66.99 34.13 -10.26
CA THR U 41 -67.33 34.70 -11.55
C THR U 41 -66.56 34.06 -12.71
N GLY U 42 -65.66 33.14 -12.43
CA GLY U 42 -64.92 32.46 -13.48
C GLY U 42 -63.75 33.22 -14.03
N LEU U 43 -63.31 34.29 -13.37
CA LEU U 43 -62.19 35.08 -13.89
C LEU U 43 -60.87 34.35 -13.70
N ALA U 44 -60.76 33.49 -12.68
CA ALA U 44 -59.52 32.75 -12.46
C ALA U 44 -59.21 31.81 -13.62
N TYR U 45 -60.23 31.12 -14.13
CA TYR U 45 -60.04 30.23 -15.27
C TYR U 45 -59.54 30.98 -16.49
N ASP U 46 -60.12 32.16 -16.76
CA ASP U 46 -59.72 32.94 -17.92
C ASP U 46 -58.30 33.49 -17.76
N ILE U 47 -57.97 33.97 -16.56
CA ILE U 47 -56.68 34.61 -16.35
C ILE U 47 -55.55 33.57 -16.38
N PHE U 48 -55.74 32.46 -15.68
CA PHE U 48 -54.68 31.46 -15.53
C PHE U 48 -54.77 30.31 -16.51
N GLY U 49 -55.80 30.27 -17.35
CA GLY U 49 -55.91 29.21 -18.33
C GLY U 49 -56.30 27.86 -17.77
N THR U 50 -56.72 27.80 -16.52
CA THR U 50 -57.11 26.53 -15.93
C THR U 50 -58.42 26.06 -16.56
N PRO U 51 -58.47 24.84 -17.09
CA PRO U 51 -59.70 24.37 -17.74
C PRO U 51 -60.83 24.16 -16.73
N ARG U 52 -62.03 24.54 -17.14
CA ARG U 52 -63.22 24.26 -16.36
C ARG U 52 -63.52 22.76 -16.39
N PRO U 53 -64.31 22.26 -15.43
CA PRO U 53 -64.59 20.82 -15.40
C PRO U 53 -65.27 20.27 -16.64
N ASN U 54 -65.92 21.12 -17.44
CA ASN U 54 -66.61 20.67 -18.64
C ASN U 54 -65.77 20.82 -19.90
N GLU U 55 -64.52 21.27 -19.80
CA GLU U 55 -63.69 21.51 -20.99
C GLU U 55 -62.29 20.93 -20.78
N TYR U 56 -62.22 19.71 -20.25
CA TYR U 56 -60.97 18.98 -20.21
C TYR U 56 -60.69 18.26 -21.52
N PHE U 57 -61.71 17.69 -22.13
CA PHE U 57 -61.58 17.00 -23.41
C PHE U 57 -62.61 17.58 -24.39
N THR U 58 -62.14 17.99 -25.56
CA THR U 58 -63.05 18.45 -26.60
C THR U 58 -63.60 17.26 -27.38
N GLN U 59 -64.57 17.55 -28.24
CA GLN U 59 -65.16 16.50 -29.07
C GLN U 59 -64.14 15.94 -30.06
N GLU U 60 -63.35 16.83 -30.68
CA GLU U 60 -62.36 16.36 -31.64
C GLU U 60 -61.15 15.74 -30.93
N ARG U 61 -60.73 16.32 -29.82
CA ARG U 61 -59.56 15.85 -29.07
C ARG U 61 -60.05 15.23 -27.76
N GLN U 62 -60.11 13.89 -27.74
CA GLN U 62 -60.46 13.15 -26.53
C GLN U 62 -59.22 12.70 -25.75
N GLN U 63 -58.03 13.07 -26.22
CA GLN U 63 -56.78 12.69 -25.57
C GLN U 63 -56.29 13.82 -24.67
N VAL U 64 -55.17 13.57 -24.00
CA VAL U 64 -54.54 14.59 -23.17
C VAL U 64 -53.83 15.60 -24.06
N PRO U 65 -54.13 16.90 -23.94
CA PRO U 65 -53.46 17.89 -24.78
C PRO U 65 -52.08 18.22 -24.24
N LEU U 66 -51.07 18.09 -25.10
CA LEU U 66 -49.68 18.32 -24.72
C LEU U 66 -48.99 19.19 -25.77
N VAL U 67 -48.20 20.15 -25.29
CA VAL U 67 -47.41 20.99 -26.19
C VAL U 67 -46.29 20.15 -26.79
N ASN U 68 -46.07 20.32 -28.09
CA ASN U 68 -45.07 19.54 -28.82
C ASN U 68 -43.85 20.34 -29.24
N ASP U 69 -44.00 21.63 -29.54
CA ASP U 69 -42.88 22.47 -29.95
C ASP U 69 -42.80 23.69 -29.06
N ARG U 70 -41.58 24.07 -28.70
CA ARG U 70 -41.39 25.21 -27.80
C ARG U 70 -41.59 26.55 -28.49
N PHE U 71 -41.18 26.66 -29.76
CA PHE U 71 -41.26 27.94 -30.46
C PHE U 71 -42.63 28.20 -31.08
N SER U 72 -43.50 27.20 -31.15
CA SER U 72 -44.88 27.37 -31.59
C SER U 72 -45.85 27.03 -30.47
N ALA U 73 -45.41 27.17 -29.22
CA ALA U 73 -46.22 26.80 -28.08
C ALA U 73 -47.46 27.68 -27.95
N LYS U 74 -47.32 28.98 -28.22
CA LYS U 74 -48.46 29.88 -28.11
C LYS U 74 -49.54 29.53 -29.12
N GLN U 75 -49.15 29.32 -30.38
CA GLN U 75 -50.11 28.96 -31.42
C GLN U 75 -50.72 27.59 -31.15
N GLU U 76 -49.91 26.64 -30.67
CA GLU U 76 -50.41 25.31 -30.36
C GLU U 76 -51.44 25.35 -29.23
N LEU U 77 -51.17 26.16 -28.20
CA LEU U 77 -52.13 26.30 -27.10
C LEU U 77 -53.38 27.03 -27.56
N GLU U 78 -53.24 28.00 -28.47
CA GLU U 78 -54.41 28.67 -29.03
C GLU U 78 -55.28 27.69 -29.81
N ASP U 79 -54.65 26.80 -30.57
CA ASP U 79 -55.40 25.77 -31.28
C ASP U 79 -56.06 24.79 -30.33
N LEU U 80 -55.34 24.37 -29.28
CA LEU U 80 -55.90 23.40 -28.34
C LEU U 80 -57.04 23.99 -27.52
N THR U 81 -56.90 25.25 -27.10
CA THR U 81 -57.88 25.89 -26.23
C THR U 81 -58.93 26.68 -27.01
N LYS U 82 -58.91 26.62 -28.35
CA LYS U 82 -59.91 27.34 -29.13
C LYS U 82 -61.31 26.79 -28.91
N GLY U 83 -61.43 25.47 -28.82
CA GLY U 83 -62.72 24.84 -28.57
C GLY U 83 -63.04 24.69 -27.10
N PHE V 13 -46.73 54.01 6.67
CA PHE V 13 -46.01 53.44 5.50
C PHE V 13 -44.58 53.08 5.91
N THR V 14 -44.44 52.09 6.80
CA THR V 14 -43.11 51.70 7.30
C THR V 14 -42.70 50.39 6.65
N PHE V 15 -41.43 50.01 6.81
CA PHE V 15 -40.99 48.71 6.29
C PHE V 15 -41.80 47.57 6.89
N ARG V 16 -42.08 47.67 8.18
CA ARG V 16 -42.93 46.63 8.83
C ARG V 16 -44.34 46.73 8.23
N TRP V 17 -44.87 47.94 8.07
CA TRP V 17 -46.21 48.12 7.53
C TRP V 17 -46.31 47.59 6.11
N LEU V 18 -45.35 47.95 5.25
CA LEU V 18 -45.36 47.51 3.87
C LEU V 18 -45.17 46.00 3.76
N ALA V 19 -44.27 45.43 4.56
CA ALA V 19 -44.06 43.99 4.55
C ALA V 19 -45.29 43.24 5.03
N ILE V 20 -45.94 43.75 6.08
CA ILE V 20 -47.14 43.12 6.60
C ILE V 20 -48.26 43.13 5.56
N HIS V 21 -48.50 44.28 4.94
CA HIS V 21 -49.59 44.35 3.97
C HIS V 21 -49.25 43.63 2.68
N GLY V 22 -47.95 43.50 2.36
CA GLY V 22 -47.55 42.62 1.28
C GLY V 22 -47.86 41.17 1.58
N LEU V 23 -47.78 40.77 2.86
CA LEU V 23 -48.06 39.42 3.28
C LEU V 23 -49.48 39.23 3.81
N ALA V 24 -50.33 40.26 3.65
CA ALA V 24 -51.72 40.20 4.17
C ALA V 24 -52.72 40.38 3.04
N VAL V 25 -52.53 41.39 2.18
CA VAL V 25 -53.53 41.65 1.10
C VAL V 25 -53.62 40.45 0.14
N PRO V 26 -52.52 39.79 -0.31
CA PRO V 26 -52.64 38.56 -1.11
C PRO V 26 -53.20 37.41 -0.24
N THR V 27 -52.82 37.36 1.03
CA THR V 27 -53.26 36.27 1.90
C THR V 27 -54.78 36.25 2.02
N VAL V 28 -55.39 37.41 2.25
CA VAL V 28 -56.85 37.48 2.35
C VAL V 28 -57.50 37.22 1.00
N PHE V 29 -56.89 37.72 -0.07
CA PHE V 29 -57.42 37.45 -1.41
C PHE V 29 -57.42 35.96 -1.72
N PHE V 30 -56.32 35.27 -1.41
CA PHE V 30 -56.24 33.84 -1.66
C PHE V 30 -57.16 33.05 -0.74
N LEU V 31 -57.33 33.50 0.51
CA LEU V 31 -58.28 32.85 1.41
C LEU V 31 -59.70 32.94 0.86
N GLY V 32 -60.08 34.12 0.38
CA GLY V 32 -61.38 34.26 -0.26
C GLY V 32 -61.53 33.38 -1.50
N ALA V 33 -60.48 33.32 -2.32
CA ALA V 33 -60.51 32.48 -3.50
C ALA V 33 -60.68 31.00 -3.15
N ILE V 34 -59.94 30.53 -2.14
CA ILE V 34 -60.03 29.13 -1.73
C ILE V 34 -61.39 28.83 -1.12
N THR V 35 -61.92 29.77 -0.32
CA THR V 35 -63.27 29.58 0.27
C THR V 35 -64.29 29.45 -0.87
N SER V 36 -64.17 30.28 -1.92
CA SER V 36 -65.07 30.15 -3.10
C SER V 36 -64.85 28.78 -3.77
N MET V 37 -63.60 28.34 -3.88
CA MET V 37 -63.28 27.02 -4.49
C MET V 37 -63.98 25.91 -3.69
N GLN V 38 -64.16 26.11 -2.38
CA GLN V 38 -64.76 25.05 -1.56
C GLN V 38 -66.23 24.83 -1.92
N PHE V 39 -66.89 25.83 -2.50
CA PHE V 39 -68.34 25.72 -2.82
C PHE V 39 -68.58 25.51 -4.31
N ILE V 40 -67.53 25.16 -5.06
CA ILE V 40 -67.72 24.82 -6.50
C ILE V 40 -68.47 23.50 -6.52
N GLN V 41 -69.22 23.20 -7.58
CA GLN V 41 -70.11 22.01 -7.54
C GLN V 41 -69.35 20.70 -7.31
N ARG V 42 -68.35 20.35 -8.11
CA ARG V 42 -67.70 19.03 -7.95
C ARG V 42 -68.62 18.20 -7.02
N ALA W 2 18.25 38.36 2.90
CA ALA W 2 17.56 38.32 1.60
C ALA W 2 18.56 38.40 0.46
N LEU W 3 18.51 37.41 -0.42
CA LEU W 3 19.46 37.32 -1.52
C LEU W 3 19.14 38.34 -2.61
N ARG W 4 20.18 39.00 -3.11
CA ARG W 4 20.06 39.92 -4.24
C ARG W 4 20.46 39.22 -5.52
N THR W 5 19.62 39.32 -6.55
CA THR W 5 19.86 38.68 -7.83
C THR W 5 19.59 39.68 -8.95
N ARG W 6 20.14 39.37 -10.12
CA ARG W 6 19.91 40.20 -11.30
C ARG W 6 18.42 40.24 -11.68
N LEU W 7 17.78 39.07 -11.69
CA LEU W 7 16.35 39.02 -11.97
C LEU W 7 15.54 39.67 -10.85
N GLY W 8 16.01 39.56 -9.61
CA GLY W 8 15.31 40.21 -8.51
C GLY W 8 15.33 41.73 -8.60
N GLU W 9 16.48 42.26 -8.99
CA GLU W 9 16.64 43.73 -9.13
C GLU W 9 15.91 44.21 -10.39
N LEU W 10 15.87 43.34 -11.40
CA LEU W 10 15.14 43.69 -12.62
C LEU W 10 13.64 43.83 -12.36
N LEU W 11 13.08 42.95 -11.54
CA LEU W 11 11.64 42.92 -11.27
C LEU W 11 11.26 43.63 -9.98
N ARG W 12 12.22 44.24 -9.28
CA ARG W 12 11.94 44.87 -8.00
C ARG W 12 10.90 46.00 -8.07
N PRO W 13 10.98 46.96 -9.02
CA PRO W 13 9.95 48.02 -9.03
C PRO W 13 8.54 47.50 -9.24
N LEU W 14 8.37 46.35 -9.88
CA LEU W 14 7.04 45.77 -10.04
C LEU W 14 6.45 45.33 -8.71
N ASN W 15 7.28 45.04 -7.71
CA ASN W 15 6.83 44.62 -6.39
C ASN W 15 7.29 45.61 -5.33
N SER W 16 7.14 46.90 -5.62
CA SER W 16 7.62 47.95 -4.73
C SER W 16 6.51 48.74 -4.04
N GLU W 17 5.39 48.99 -4.71
CA GLU W 17 4.33 49.83 -4.15
C GLU W 17 3.23 48.97 -3.53
N TYR W 18 3.60 48.27 -2.46
CA TYR W 18 2.64 47.49 -1.69
C TYR W 18 1.80 48.42 -0.82
N GLY W 19 0.49 48.23 -0.88
CA GLY W 19 -0.43 49.01 -0.07
C GLY W 19 -0.73 50.39 -0.59
N LYS W 20 -0.16 50.78 -1.74
CA LYS W 20 -0.41 52.10 -2.30
C LYS W 20 -1.80 52.11 -2.93
N VAL W 21 -2.63 53.06 -2.51
CA VAL W 21 -4.03 53.10 -2.93
C VAL W 21 -4.36 54.48 -3.48
N ALA W 22 -5.37 54.52 -4.34
CA ALA W 22 -5.86 55.81 -4.88
C ALA W 22 -6.91 56.34 -3.90
N PRO W 23 -7.08 57.67 -3.77
CA PRO W 23 -8.00 58.20 -2.76
C PRO W 23 -9.48 57.94 -2.98
N GLY W 24 -10.19 57.59 -1.90
CA GLY W 24 -11.67 57.44 -1.98
C GLY W 24 -12.14 56.34 -2.90
N TRP W 25 -13.15 56.63 -3.72
CA TRP W 25 -13.77 55.60 -4.60
C TRP W 25 -13.00 55.45 -5.91
N GLY W 26 -11.86 56.12 -6.04
CA GLY W 26 -11.02 55.95 -7.22
C GLY W 26 -11.72 55.97 -8.56
N THR W 27 -11.66 54.84 -9.27
CA THR W 27 -12.36 54.64 -10.54
C THR W 27 -13.47 53.60 -10.39
N THR W 28 -14.16 53.61 -9.26
CA THR W 28 -15.26 52.66 -9.05
C THR W 28 -16.43 52.80 -10.03
N PRO W 29 -16.94 54.01 -10.37
CA PRO W 29 -18.05 54.06 -11.34
C PRO W 29 -17.71 53.45 -12.70
N ILE W 30 -16.46 53.62 -13.16
CA ILE W 30 -16.04 53.01 -14.42
C ILE W 30 -16.08 51.48 -14.29
N MET W 31 -15.60 50.95 -13.17
CA MET W 31 -15.63 49.51 -12.95
C MET W 31 -17.05 49.00 -12.92
N GLY W 32 -17.96 49.73 -12.26
CA GLY W 32 -19.35 49.31 -12.23
C GLY W 32 -20.00 49.34 -13.60
N PHE W 33 -19.70 50.36 -14.39
CA PHE W 33 -20.24 50.44 -15.75
C PHE W 33 -19.73 49.29 -16.61
N VAL W 34 -18.44 48.98 -16.52
CA VAL W 34 -17.89 47.88 -17.31
C VAL W 34 -18.48 46.55 -16.84
N MET W 35 -18.68 46.39 -15.54
CA MET W 35 -19.33 45.18 -15.02
C MET W 35 -20.77 45.06 -15.52
N LEU W 36 -21.48 46.19 -15.60
CA LEU W 36 -22.83 46.16 -16.14
C LEU W 36 -22.84 45.75 -17.60
N LEU W 37 -21.90 46.29 -18.39
CA LEU W 37 -21.77 45.89 -19.79
C LEU W 37 -21.45 44.40 -19.91
N PHE W 38 -20.55 43.91 -19.04
CA PHE W 38 -20.20 42.49 -19.07
C PHE W 38 -21.40 41.62 -18.71
N ALA W 39 -22.21 42.06 -17.73
CA ALA W 39 -23.41 41.33 -17.37
C ALA W 39 -24.41 41.28 -18.53
N VAL W 40 -24.58 42.41 -19.23
CA VAL W 40 -25.46 42.44 -20.40
C VAL W 40 -24.95 41.49 -21.48
N PHE W 41 -23.64 41.50 -21.72
CA PHE W 41 -23.05 40.61 -22.71
C PHE W 41 -23.24 39.14 -22.34
N LEU W 42 -23.06 38.81 -21.07
CA LEU W 42 -23.27 37.45 -20.61
C LEU W 42 -24.72 37.02 -20.76
N LEU W 43 -25.66 37.93 -20.45
CA LEU W 43 -27.07 37.64 -20.65
C LEU W 43 -27.37 37.39 -22.14
N ILE W 44 -26.78 38.21 -23.01
CA ILE W 44 -27.01 38.05 -24.45
C ILE W 44 -26.53 36.68 -24.92
N ILE W 45 -25.28 36.33 -24.57
CA ILE W 45 -24.74 35.06 -25.05
C ILE W 45 -25.47 33.87 -24.41
N LEU W 46 -25.88 34.00 -23.15
CA LEU W 46 -26.63 32.92 -22.50
C LEU W 46 -27.97 32.70 -23.19
N GLN W 47 -28.70 33.78 -23.47
CA GLN W 47 -30.00 33.63 -24.13
C GLN W 47 -29.84 33.18 -25.57
N ILE W 48 -28.71 33.40 -26.21
CA ILE W 48 -28.52 32.86 -27.58
C ILE W 48 -28.39 31.33 -27.53
N TYR W 49 -27.57 30.81 -26.63
CA TYR W 49 -27.36 29.35 -26.48
C TYR W 49 -28.62 28.71 -25.98
N ASN W 50 -29.34 29.39 -25.09
CA ASN W 50 -30.60 28.88 -24.54
C ASN W 50 -31.69 28.93 -25.60
N SER W 51 -31.42 29.57 -26.74
CA SER W 51 -32.43 29.70 -27.82
C SER W 51 -33.53 30.68 -27.41
N SER W 52 -33.44 31.29 -26.22
CA SER W 52 -34.41 32.31 -25.87
C SER W 52 -34.18 33.62 -26.62
N LEU W 53 -33.11 33.70 -27.41
CA LEU W 53 -32.76 34.91 -28.16
C LEU W 53 -32.25 34.50 -29.53
N ILE W 54 -32.95 34.93 -30.58
CA ILE W 54 -32.58 34.48 -31.96
C ILE W 54 -31.95 35.64 -32.75
N ILE W 55 -30.62 35.74 -32.73
CA ILE W 55 -29.96 36.80 -33.57
C ILE W 55 -30.15 36.40 -35.05
N GLU W 56 -30.38 37.38 -35.93
CA GLU W 56 -30.62 37.09 -37.36
C GLU W 56 -29.29 36.56 -37.94
N ASN W 57 -29.34 35.58 -38.85
CA ASN W 57 -28.10 34.98 -39.46
C ASN W 57 -27.48 33.96 -38.50
N VAL W 58 -28.17 33.62 -37.41
CA VAL W 58 -27.56 32.70 -36.39
C VAL W 58 -28.43 31.44 -36.23
N ASP W 59 -27.79 30.27 -36.07
CA ASP W 59 -28.51 29.02 -35.88
C ASP W 59 -27.73 28.19 -34.86
N VAL W 60 -28.18 28.22 -33.60
CA VAL W 60 -27.55 27.42 -32.55
C VAL W 60 -28.02 25.99 -32.76
N ASP W 61 -27.21 25.20 -33.46
CA ASP W 61 -27.57 23.85 -33.89
C ASP W 61 -26.34 23.20 -34.49
N TRP W 62 -26.27 21.87 -34.37
CA TRP W 62 -25.21 21.13 -35.03
C TRP W 62 -25.29 21.26 -36.55
N ALA W 63 -26.52 21.34 -37.08
CA ALA W 63 -26.71 21.43 -38.52
C ALA W 63 -26.10 22.69 -39.12
N SER W 64 -25.83 23.71 -38.29
CA SER W 64 -25.16 24.91 -38.77
C SER W 64 -23.70 24.68 -39.13
N LEU W 65 -23.12 23.53 -38.73
CA LEU W 65 -21.73 23.25 -39.09
C LEU W 65 -21.58 23.02 -40.58
N GLY W 66 -22.56 22.39 -41.22
CA GLY W 66 -22.52 22.14 -42.64
C GLY W 66 -23.22 20.86 -43.06
N MET X 1 -30.01 -31.56 20.12
CA MET X 1 -31.12 -30.59 20.22
C MET X 1 -31.56 -30.45 21.68
N PHE X 2 -31.69 -31.56 22.41
CA PHE X 2 -32.03 -31.44 23.85
C PHE X 2 -30.84 -30.85 24.59
N THR X 3 -29.62 -31.25 24.25
CA THR X 3 -28.50 -30.73 25.04
C THR X 3 -28.31 -29.25 24.81
N LEU X 4 -28.47 -28.79 23.57
CA LEU X 4 -28.41 -27.36 23.30
C LEU X 4 -29.53 -26.62 24.02
N LYS X 5 -30.73 -27.21 24.04
CA LYS X 5 -31.86 -26.59 24.73
C LYS X 5 -31.59 -26.48 26.23
N ILE X 6 -31.05 -27.54 26.84
CA ILE X 6 -30.82 -27.50 28.28
C ILE X 6 -29.69 -26.51 28.61
N VAL X 7 -28.68 -26.42 27.74
CA VAL X 7 -27.62 -25.43 27.96
C VAL X 7 -28.16 -24.02 27.86
N VAL X 8 -29.00 -23.76 26.84
CA VAL X 8 -29.59 -22.43 26.68
C VAL X 8 -30.49 -22.09 27.85
N TYR X 9 -31.29 -23.05 28.30
CA TYR X 9 -32.17 -22.83 29.45
C TYR X 9 -31.36 -22.53 30.71
N THR X 10 -30.27 -23.28 30.93
CA THR X 10 -29.40 -23.03 32.08
C THR X 10 -28.82 -21.62 32.03
N THR X 11 -28.30 -21.22 30.86
CA THR X 11 -27.68 -19.90 30.74
C THR X 11 -28.69 -18.78 30.94
N VAL X 12 -29.86 -18.90 30.30
CA VAL X 12 -30.89 -17.86 30.39
C VAL X 12 -31.41 -17.77 31.82
N THR X 13 -31.66 -18.92 32.46
CA THR X 13 -32.13 -18.90 33.83
C THR X 13 -31.10 -18.27 34.77
N LEU X 14 -29.82 -18.59 34.57
CA LEU X 14 -28.77 -18.00 35.39
C LEU X 14 -28.73 -16.49 35.25
N PHE X 15 -28.74 -16.00 34.00
CA PHE X 15 -28.63 -14.55 33.80
C PHE X 15 -29.89 -13.82 34.29
N VAL X 16 -31.07 -14.40 34.06
CA VAL X 16 -32.30 -13.77 34.52
C VAL X 16 -32.36 -13.75 36.04
N SER X 17 -31.92 -14.84 36.69
CA SER X 17 -31.89 -14.87 38.15
C SER X 17 -30.90 -13.84 38.70
N LEU X 18 -29.74 -13.71 38.05
CA LEU X 18 -28.78 -12.70 38.48
C LEU X 18 -29.36 -11.30 38.37
N PHE X 19 -30.03 -11.02 37.24
CA PHE X 19 -30.69 -9.72 37.06
C PHE X 19 -31.73 -9.47 38.15
N THR X 20 -32.61 -10.47 38.37
CA THR X 20 -33.73 -10.30 39.30
C THR X 20 -33.24 -10.09 40.72
N PHE X 21 -32.31 -10.93 41.18
CA PHE X 21 -31.82 -10.80 42.55
C PHE X 21 -30.85 -9.64 42.71
N GLY X 22 -30.25 -9.15 41.63
CA GLY X 22 -29.43 -7.96 41.72
C GLY X 22 -30.28 -6.71 41.88
N PHE X 23 -31.39 -6.63 41.17
CA PHE X 23 -32.29 -5.49 41.37
C PHE X 23 -33.12 -5.61 42.65
N LEU X 24 -33.11 -6.77 43.30
CA LEU X 24 -33.71 -6.93 44.61
C LEU X 24 -32.77 -6.57 45.75
N SER X 25 -31.49 -6.35 45.47
CA SER X 25 -30.49 -6.12 46.50
C SER X 25 -30.35 -4.63 46.85
N ASN X 26 -31.48 -3.99 47.12
CA ASN X 26 -31.54 -2.57 47.48
C ASN X 26 -30.78 -1.69 46.48
N ASP X 27 -31.26 -1.74 45.24
CA ASP X 27 -30.59 -1.02 44.16
C ASP X 27 -30.70 0.49 44.31
N ALA X 28 -31.78 0.97 44.93
CA ALA X 28 -31.95 2.41 45.10
C ALA X 28 -30.90 3.01 46.01
N SER X 29 -30.36 2.22 46.95
CA SER X 29 -29.31 2.72 47.83
C SER X 29 -27.98 2.92 47.11
N ARG X 30 -27.83 2.35 45.91
CA ARG X 30 -26.58 2.46 45.17
C ARG X 30 -26.56 3.73 44.32
N ASN X 31 -26.63 4.86 45.02
CA ASN X 31 -26.58 6.18 44.41
C ASN X 31 -25.58 7.04 45.18
N PRO X 32 -24.96 8.02 44.52
CA PRO X 32 -23.91 8.81 45.20
C PRO X 32 -24.42 9.68 46.33
N ASN X 33 -25.72 9.89 46.45
CA ASN X 33 -26.26 10.78 47.51
C ASN X 33 -26.63 9.96 48.74
N ARG X 34 -26.45 8.63 48.68
CA ARG X 34 -26.80 7.78 49.81
C ARG X 34 -25.79 7.97 50.94
N LYS X 35 -26.27 8.03 52.18
CA LYS X 35 -25.34 8.12 53.33
C LYS X 35 -25.21 6.76 54.02
N LYS Y 9 -80.96 2.54 15.00
CA LYS Y 9 -81.31 3.96 15.24
C LYS Y 9 -81.81 4.09 16.68
N LEU Y 10 -81.96 5.32 17.16
CA LEU Y 10 -82.37 5.54 18.57
C LEU Y 10 -83.80 5.06 18.73
N PRO Y 11 -84.32 4.78 19.96
CA PRO Y 11 -85.72 4.48 20.13
C PRO Y 11 -86.44 5.69 19.58
N GLU Y 12 -87.64 5.53 19.00
CA GLU Y 12 -88.32 6.65 18.29
C GLU Y 12 -88.63 7.87 19.17
N ALA Y 13 -89.11 7.70 20.40
CA ALA Y 13 -89.31 8.87 21.28
C ALA Y 13 -88.04 9.70 21.36
N TYR Y 14 -86.90 9.07 21.63
CA TYR Y 14 -85.65 9.83 21.85
C TYR Y 14 -84.99 10.24 20.55
N ALA Y 15 -85.60 9.93 19.42
CA ALA Y 15 -84.94 10.23 18.14
C ALA Y 15 -84.81 11.74 17.92
N VAL Y 16 -85.59 12.55 18.65
CA VAL Y 16 -85.57 14.03 18.43
C VAL Y 16 -84.27 14.59 19.01
N PHE Y 17 -83.75 13.98 20.07
CA PHE Y 17 -82.55 14.48 20.77
C PHE Y 17 -81.29 14.00 20.06
N LYS Y 18 -81.43 13.45 18.86
CA LYS Y 18 -80.24 12.91 18.18
C LYS Y 18 -79.18 14.00 18.09
N PRO Y 19 -79.46 15.25 17.67
CA PRO Y 19 -78.38 16.22 17.54
C PRO Y 19 -77.55 16.43 18.82
N ILE Y 20 -78.08 16.12 20.00
CA ILE Y 20 -77.22 16.20 21.23
C ILE Y 20 -76.35 14.95 21.22
N ILE Y 21 -76.97 13.80 20.99
CA ILE Y 21 -76.23 12.50 20.99
C ILE Y 21 -75.13 12.55 19.92
N ASP Y 22 -75.21 13.46 18.95
CA ASP Y 22 -74.24 13.42 17.84
C ASP Y 22 -73.05 14.33 18.18
N VAL Y 23 -73.11 15.00 19.31
CA VAL Y 23 -72.02 15.93 19.71
C VAL Y 23 -71.44 15.47 21.06
N ALA Y 24 -72.19 14.66 21.78
CA ALA Y 24 -71.79 14.28 23.16
C ALA Y 24 -70.49 13.48 23.19
N PRO Y 25 -70.21 12.53 22.28
CA PRO Y 25 -68.98 11.77 22.40
C PRO Y 25 -67.72 12.64 22.45
N VAL Y 26 -67.68 13.79 21.78
CA VAL Y 26 -66.46 14.66 21.72
C VAL Y 26 -66.32 15.61 22.91
N ILE Y 27 -67.26 15.63 23.85
CA ILE Y 27 -67.22 16.53 25.02
C ILE Y 27 -65.94 16.43 25.82
N PRO Y 28 -65.37 15.25 26.12
CA PRO Y 28 -64.13 15.23 26.93
C PRO Y 28 -62.99 16.03 26.33
N VAL Y 29 -62.85 16.06 25.00
CA VAL Y 29 -61.81 16.87 24.38
C VAL Y 29 -61.96 18.33 24.79
N PHE Y 30 -63.19 18.84 24.74
CA PHE Y 30 -63.46 20.21 25.18
C PHE Y 30 -63.03 20.40 26.63
N PHE Y 31 -63.25 19.38 27.47
CA PHE Y 31 -62.80 19.44 28.85
C PHE Y 31 -61.31 19.74 28.92
N LEU Y 32 -60.52 19.02 28.14
CA LEU Y 32 -59.09 19.31 28.05
C LEU Y 32 -58.87 20.75 27.66
N LEU Y 33 -59.54 21.19 26.58
CA LEU Y 33 -59.43 22.58 26.16
C LEU Y 33 -59.89 23.51 27.28
N LEU Y 34 -60.97 23.14 27.98
CA LEU Y 34 -61.46 23.96 29.07
C LEU Y 34 -60.38 24.16 30.12
N ALA Y 35 -59.63 23.09 30.43
CA ALA Y 35 -58.54 23.21 31.39
C ALA Y 35 -57.55 24.28 30.94
N PHE Y 36 -57.16 24.23 29.66
CA PHE Y 36 -56.25 25.23 29.13
C PHE Y 36 -56.84 26.63 29.27
N VAL Y 37 -58.14 26.76 29.00
CA VAL Y 37 -58.80 28.05 29.14
C VAL Y 37 -58.65 28.56 30.57
N TRP Y 38 -58.83 27.68 31.55
CA TRP Y 38 -58.65 28.08 32.93
C TRP Y 38 -57.21 28.53 33.18
N GLN Y 39 -56.24 27.80 32.64
CA GLN Y 39 -54.86 28.23 32.77
C GLN Y 39 -54.62 29.53 32.00
N ALA Y 40 -55.38 29.77 30.95
CA ALA Y 40 -55.24 31.07 30.23
C ALA Y 40 -55.80 32.19 31.11
N ALA Y 41 -57.02 32.02 31.61
CA ALA Y 41 -57.66 33.06 32.45
C ALA Y 41 -56.80 33.33 33.69
N VAL Y 42 -56.27 32.28 34.31
CA VAL Y 42 -55.45 32.43 35.55
C VAL Y 42 -54.09 33.06 35.20
N GLY Y 43 -53.77 33.17 33.91
CA GLY Y 43 -52.49 33.76 33.48
C GLY Y 43 -51.37 32.73 33.54
N PHE Y 44 -51.70 31.45 33.33
CA PHE Y 44 -50.69 30.36 33.37
C PHE Y 44 -49.82 30.55 34.61
N ARG Y 45 -50.45 30.80 35.76
CA ARG Y 45 -49.69 30.99 37.01
C ARG Y 45 -49.32 29.62 37.60
N SER Z 2 18.20 31.52 1.29
CA SER Z 2 18.38 30.31 2.14
C SER Z 2 18.41 30.69 3.62
N GLY Z 3 18.70 29.73 4.45
CA GLY Z 3 18.75 30.03 5.90
C GLY Z 3 17.60 29.37 6.60
N PRO Z 4 17.51 29.50 7.93
CA PRO Z 4 16.37 28.95 8.63
C PRO Z 4 15.13 29.77 8.30
N ASN Z 5 14.06 29.12 7.83
CA ASN Z 5 12.78 29.80 7.48
C ASN Z 5 11.99 30.02 8.77
N PRO Z 6 11.39 31.21 8.98
CA PRO Z 6 10.64 31.48 10.18
C PRO Z 6 9.19 31.03 10.13
N ASN Z 7 8.74 30.49 9.01
CA ASN Z 7 7.38 30.04 8.84
C ASN Z 7 7.18 28.57 9.17
N LYS Z 8 8.24 27.87 9.51
CA LYS Z 8 8.09 26.41 9.73
C LYS Z 8 7.32 26.20 11.04
N GLN Z 9 6.28 25.38 11.00
CA GLN Z 9 5.48 25.10 12.20
C GLN Z 9 5.34 23.60 12.36
N PRO Z 10 5.28 23.08 13.60
CA PRO Z 10 5.04 21.65 13.78
C PRO Z 10 3.61 21.20 13.52
N VAL Z 11 3.43 19.98 13.01
CA VAL Z 11 2.06 19.42 12.81
C VAL Z 11 1.73 18.40 13.92
N GLU Z 12 0.49 18.50 14.38
CA GLU Z 12 0.01 17.61 15.45
C GLU Z 12 -1.23 16.85 15.00
N LEU Z 13 -1.29 15.56 15.27
CA LEU Z 13 -2.53 14.78 15.08
C LEU Z 13 -2.70 14.09 16.42
N ASN Z 14 -3.75 14.39 17.16
CA ASN Z 14 -4.00 13.74 18.46
C ASN Z 14 -4.51 12.33 18.16
N ARG Z 15 -4.73 11.53 19.19
CA ARG Z 15 -5.27 10.15 19.00
C ARG Z 15 -6.73 10.20 18.55
N THR Z 16 -7.57 11.05 19.13
CA THR Z 16 -8.96 11.15 18.66
C THR Z 16 -9.01 11.40 17.16
N SER Z 17 -8.15 12.30 16.67
CA SER Z 17 -8.10 12.57 15.23
C SER Z 17 -7.64 11.34 14.45
N LEU Z 18 -6.68 10.60 15.00
CA LEU Z 18 -6.17 9.38 14.33
C LEU Z 18 -7.30 8.35 14.22
N PHE Z 19 -8.00 8.14 15.31
CA PHE Z 19 -9.12 7.15 15.31
C PHE Z 19 -10.23 7.62 14.37
N TRP Z 20 -10.55 8.92 14.37
CA TRP Z 20 -11.56 9.47 13.42
C TRP Z 20 -11.13 9.18 11.99
N GLY Z 21 -9.85 9.41 11.68
CA GLY Z 21 -9.35 9.18 10.33
C GLY Z 21 -9.36 7.72 9.94
N LEU Z 22 -8.92 6.85 10.84
CA LEU Z 22 -8.93 5.42 10.56
C LEU Z 22 -10.35 4.91 10.35
N LEU Z 23 -11.27 5.35 11.20
CA LEU Z 23 -12.67 4.94 11.05
C LEU Z 23 -13.25 5.44 9.73
N LEU Z 24 -12.96 6.69 9.36
CA LEU Z 24 -13.47 7.23 8.10
C LEU Z 24 -12.92 6.45 6.91
N ILE Z 25 -11.62 6.16 6.91
CA ILE Z 25 -11.02 5.46 5.79
C ILE Z 25 -11.56 4.03 5.68
N PHE Z 26 -11.67 3.33 6.82
CA PHE Z 26 -12.18 1.96 6.77
C PHE Z 26 -13.65 1.93 6.36
N VAL Z 27 -14.46 2.88 6.83
CA VAL Z 27 -15.87 2.91 6.48
C VAL Z 27 -16.05 3.24 5.01
N LEU Z 28 -15.27 4.19 4.48
CA LEU Z 28 -15.33 4.49 3.05
C LEU Z 28 -14.90 3.29 2.22
N ALA Z 29 -13.87 2.56 2.68
CA ALA Z 29 -13.45 1.36 1.99
C ALA Z 29 -14.55 0.31 1.97
N VAL Z 30 -15.21 0.10 3.11
CA VAL Z 30 -16.31 -0.86 3.18
C VAL Z 30 -17.43 -0.44 2.24
N LEU Z 31 -17.74 0.85 2.20
CA LEU Z 31 -18.84 1.32 1.36
C LEU Z 31 -18.52 1.17 -0.13
N PHE Z 32 -17.32 1.56 -0.54
CA PHE Z 32 -17.00 1.61 -1.97
C PHE Z 32 -16.36 0.34 -2.50
N SER Z 33 -16.07 -0.65 -1.65
CA SER Z 33 -15.47 -1.89 -2.13
C SER Z 33 -16.43 -2.66 -3.02
N SER Z 34 -17.71 -2.70 -2.66
CA SER Z 34 -18.69 -3.42 -3.47
C SER Z 34 -18.84 -2.78 -4.85
N TYR Z 35 -18.75 -1.46 -4.90
CA TYR Z 35 -18.89 -0.76 -6.18
C TYR Z 35 -17.62 -0.86 -7.02
N PHE Z 36 -16.45 -0.83 -6.38
CA PHE Z 36 -15.20 -1.03 -7.13
C PHE Z 36 -15.12 -2.44 -7.69
N PHE Z 37 -15.50 -3.44 -6.88
CA PHE Z 37 -15.57 -4.81 -7.37
C PHE Z 37 -16.71 -5.02 -8.36
N ASN Z 38 -17.75 -4.19 -8.27
CA ASN Z 38 -18.87 -4.18 -9.21
C ASN Z 38 -19.55 -5.54 -9.32
N ASN AA 80 -17.63 -12.77 -11.07
CA ASN AA 80 -16.77 -12.20 -12.14
C ASN AA 80 -16.44 -10.75 -11.78
N VAL AA 81 -15.57 -10.55 -10.79
CA VAL AA 81 -15.17 -9.19 -10.33
C VAL AA 81 -14.00 -8.66 -11.18
N SER AA 82 -13.65 -7.37 -11.03
CA SER AA 82 -12.54 -6.75 -11.80
C SER AA 82 -11.16 -7.15 -11.22
N VAL AA 83 -10.09 -6.47 -11.64
CA VAL AA 83 -8.73 -6.84 -11.18
C VAL AA 83 -8.02 -5.65 -10.53
N ALA AA 84 -7.92 -4.51 -11.22
CA ALA AA 84 -7.33 -3.28 -10.63
C ALA AA 84 -8.20 -2.93 -9.45
N ALA AA 85 -9.43 -3.42 -9.51
CA ALA AA 85 -10.38 -3.23 -8.41
C ALA AA 85 -9.74 -3.54 -7.06
N TYR AA 86 -9.06 -4.69 -6.96
CA TYR AA 86 -8.35 -5.03 -5.72
C TYR AA 86 -7.24 -4.02 -5.44
N LEU AA 87 -6.49 -3.62 -6.48
CA LEU AA 87 -5.43 -2.64 -6.28
C LEU AA 87 -5.97 -1.33 -5.73
N ALA AA 88 -7.06 -0.85 -6.32
CA ALA AA 88 -7.67 0.40 -5.86
C ALA AA 88 -8.13 0.29 -4.42
N VAL AA 89 -8.84 -0.79 -4.08
CA VAL AA 89 -9.35 -0.93 -2.71
C VAL AA 89 -8.21 -0.96 -1.71
N LEU AA 90 -7.22 -1.82 -1.95
CA LEU AA 90 -6.13 -1.98 -1.00
C LEU AA 90 -5.30 -0.71 -0.86
N LEU AA 91 -4.96 -0.08 -1.97
CA LEU AA 91 -4.11 1.12 -1.86
C LEU AA 91 -4.92 2.28 -1.26
N GLY AA 92 -6.13 2.55 -1.74
CA GLY AA 92 -6.92 3.61 -1.15
C GLY AA 92 -7.27 3.39 0.30
N THR AA 93 -7.16 2.15 0.78
CA THR AA 93 -7.25 1.92 2.21
C THR AA 93 -5.93 2.23 2.90
N PHE AA 94 -4.82 1.70 2.35
CA PHE AA 94 -3.49 1.82 3.00
C PHE AA 94 -2.90 3.22 2.89
N VAL AA 95 -2.94 3.85 1.73
CA VAL AA 95 -2.25 5.16 1.58
C VAL AA 95 -2.77 6.16 2.62
N PRO AA 96 -4.09 6.32 2.87
CA PRO AA 96 -4.51 7.28 3.87
C PRO AA 96 -4.27 6.81 5.31
N VAL AA 97 -4.26 5.51 5.55
CA VAL AA 97 -4.04 4.93 6.87
C VAL AA 97 -2.60 5.14 7.32
N VAL AA 98 -1.64 4.85 6.43
CA VAL AA 98 -0.24 5.03 6.80
C VAL AA 98 0.10 6.50 6.94
N PHE AA 99 -0.55 7.37 6.16
CA PHE AA 99 -0.36 8.81 6.32
C PHE AA 99 -0.79 9.27 7.71
N LEU AA 100 -1.99 8.84 8.13
CA LEU AA 100 -2.49 9.22 9.45
C LEU AA 100 -1.63 8.64 10.56
N ILE AA 101 -1.19 7.39 10.41
CA ILE AA 101 -0.35 6.76 11.43
C ILE AA 101 0.99 7.48 11.53
N THR AA 102 1.59 7.84 10.39
CA THR AA 102 2.84 8.60 10.40
C THR AA 102 2.67 9.95 11.08
N LEU AA 103 1.58 10.65 10.77
CA LEU AA 103 1.35 11.95 11.38
C LEU AA 103 1.17 11.84 12.89
N PHE AA 104 0.40 10.84 13.34
CA PHE AA 104 0.19 10.63 14.77
C PHE AA 104 1.48 10.25 15.48
N ILE AA 105 2.30 9.39 14.86
CA ILE AA 105 3.57 9.00 15.47
C ILE AA 105 4.51 10.19 15.55
N GLN AA 106 4.52 11.04 14.53
CA GLN AA 106 5.33 12.25 14.57
C GLN AA 106 4.89 13.19 15.70
N SER AA 107 3.57 13.36 15.87
CA SER AA 107 3.07 14.23 16.93
C SER AA 107 3.42 13.67 18.31
N GLU AA 108 3.26 12.36 18.50
CA GLU AA 108 3.60 11.74 19.77
C GLU AA 108 5.10 11.82 20.03
N ALA AA 109 5.92 11.71 18.99
CA ALA AA 109 7.36 11.86 19.13
C ALA AA 109 7.71 13.27 19.59
N ARG AA 110 7.07 14.28 19.01
CA ARG AA 110 7.30 15.66 19.46
C ARG AA 110 6.89 15.83 20.92
N LYS AA 111 5.73 15.28 21.29
CA LYS AA 111 5.26 15.39 22.67
C LYS AA 111 6.21 14.72 23.65
N ALA AA 112 6.72 13.53 23.30
CA ALA AA 112 7.63 12.82 24.18
C ALA AA 112 8.98 13.52 24.27
N ALA AA 113 9.46 14.06 23.15
CA ALA AA 113 10.74 14.77 23.17
C ALA AA 113 10.66 16.04 24.00
N GLU AA 114 9.59 16.81 23.86
CA GLU AA 114 9.45 18.05 24.61
C GLU AA 114 9.24 17.78 26.10
N SER AA 115 8.47 16.76 26.43
CA SER AA 115 8.25 16.40 27.82
C SER AA 115 9.44 15.63 28.38
N MET BA 1 -12.73 -14.37 -4.11
CA MET BA 1 -11.59 -13.77 -3.36
C MET BA 1 -12.00 -12.42 -2.78
N GLU BA 2 -12.95 -11.73 -3.41
CA GLU BA 2 -13.44 -10.47 -2.88
C GLU BA 2 -14.07 -10.62 -1.50
N THR BA 3 -14.55 -11.82 -1.17
CA THR BA 3 -15.06 -12.07 0.18
C THR BA 3 -13.98 -11.91 1.22
N LEU BA 4 -12.75 -12.32 0.89
CA LEU BA 4 -11.62 -12.10 1.79
C LEU BA 4 -11.39 -10.62 2.03
N VAL BA 5 -11.48 -9.80 0.97
CA VAL BA 5 -11.29 -8.37 1.12
C VAL BA 5 -12.41 -7.77 1.98
N TYR BA 6 -13.65 -8.20 1.75
CA TYR BA 6 -14.77 -7.69 2.54
C TYR BA 6 -14.60 -8.03 4.02
N THR BA 7 -14.25 -9.29 4.31
CA THR BA 7 -14.06 -9.71 5.70
C THR BA 7 -12.89 -8.97 6.33
N PHE BA 8 -11.80 -8.77 5.58
CA PHE BA 8 -10.65 -8.03 6.09
C PHE BA 8 -11.04 -6.60 6.44
N LEU BA 9 -11.81 -5.94 5.57
CA LEU BA 9 -12.23 -4.57 5.84
C LEU BA 9 -13.13 -4.50 7.07
N LEU BA 10 -14.08 -5.43 7.19
CA LEU BA 10 -14.97 -5.43 8.35
C LEU BA 10 -14.21 -5.67 9.65
N ILE BA 11 -13.30 -6.62 9.65
CA ILE BA 11 -12.60 -6.86 10.92
C ILE BA 11 -11.66 -5.68 11.19
N GLY BA 12 -11.02 -5.10 10.16
CA GLY BA 12 -10.22 -3.92 10.42
C GLY BA 12 -11.01 -2.79 11.04
N THR BA 13 -12.24 -2.57 10.55
CA THR BA 13 -13.09 -1.55 11.15
C THR BA 13 -13.44 -1.88 12.60
N LEU BA 14 -13.75 -3.15 12.86
CA LEU BA 14 -14.04 -3.57 14.24
C LEU BA 14 -12.82 -3.40 15.15
N GLY BA 15 -11.63 -3.71 14.64
CA GLY BA 15 -10.42 -3.50 15.42
C GLY BA 15 -10.14 -2.04 15.66
N VAL BA 16 -10.42 -1.19 14.68
CA VAL BA 16 -10.27 0.26 14.88
C VAL BA 16 -11.20 0.74 15.97
N LEU BA 17 -12.44 0.25 15.97
CA LEU BA 17 -13.38 0.58 17.04
C LEU BA 17 -12.86 0.12 18.39
N PHE BA 18 -12.32 -1.11 18.45
CA PHE BA 18 -11.79 -1.65 19.70
C PHE BA 18 -10.65 -0.79 20.23
N PHE BA 19 -9.72 -0.40 19.35
CA PHE BA 19 -8.58 0.40 19.78
C PHE BA 19 -9.01 1.82 20.13
N ALA BA 20 -10.03 2.36 19.46
CA ALA BA 20 -10.54 3.68 19.82
C ALA BA 20 -11.20 3.65 21.19
N VAL BA 21 -11.87 2.55 21.54
CA VAL BA 21 -12.53 2.46 22.83
C VAL BA 21 -11.50 2.26 23.95
N PHE BA 22 -10.67 1.22 23.81
CA PHE BA 22 -9.81 0.80 24.92
C PHE BA 22 -8.42 1.39 24.90
N PHE BA 23 -8.08 2.21 23.90
CA PHE BA 23 -6.78 2.86 23.85
C PHE BA 23 -6.92 4.33 23.49
N ARG BA 24 -8.01 4.97 23.92
CA ARG BA 24 -8.22 6.38 23.67
C ARG BA 24 -7.28 7.23 24.52
N ASP BA 25 -7.20 8.50 24.18
CA ASP BA 25 -6.48 9.45 25.02
C ASP BA 25 -7.27 9.68 26.29
N PRO BA 26 -6.71 9.39 27.47
CA PRO BA 26 -7.50 9.49 28.70
C PRO BA 26 -7.80 10.94 29.06
N PRO BA 27 -9.08 11.29 29.18
CA PRO BA 27 -9.43 12.68 29.53
C PRO BA 27 -8.94 13.03 30.93
N ARG BA 28 -8.48 14.28 31.07
CA ARG BA 28 -8.02 14.81 32.34
C ARG BA 28 -8.42 16.27 32.45
N ILE BA 29 -8.54 16.74 33.69
CA ILE BA 29 -8.86 18.15 33.94
C ILE BA 29 -7.59 18.98 33.83
N ALA BA 30 -7.65 20.04 33.03
CA ALA BA 30 -6.50 20.92 32.85
C ALA BA 30 -6.72 22.24 33.56
N GLU CA 76 -45.71 -27.86 27.30
CA GLU CA 76 -45.90 -26.52 26.69
C GLU CA 76 -45.57 -25.44 27.73
N ALA CA 77 -45.85 -25.66 29.00
CA ALA CA 77 -45.61 -24.56 29.97
C ALA CA 77 -44.12 -24.24 30.05
N LEU CA 78 -43.73 -23.01 29.72
CA LEU CA 78 -42.30 -22.56 29.73
C LEU CA 78 -41.50 -23.33 28.67
N GLY CA 79 -42.18 -23.92 27.70
CA GLY CA 79 -41.51 -24.69 26.65
C GLY CA 79 -40.84 -25.93 27.20
N VAL CA 80 -41.31 -26.42 28.34
CA VAL CA 80 -40.66 -27.60 28.98
C VAL CA 80 -41.35 -28.84 28.42
N ASP CA 81 -40.69 -29.53 27.49
CA ASP CA 81 -41.24 -30.77 26.90
C ASP CA 81 -40.53 -31.97 27.55
N ASP CA 82 -39.41 -31.69 28.20
CA ASP CA 82 -38.62 -32.75 28.87
C ASP CA 82 -38.40 -32.32 30.31
N GLY CA 83 -38.82 -33.13 31.26
CA GLY CA 83 -38.74 -32.85 32.69
C GLY CA 83 -37.38 -32.35 33.14
N ARG CA 84 -36.34 -32.84 32.48
CA ARG CA 84 -34.95 -32.49 32.84
C ARG CA 84 -34.75 -30.97 32.73
N LEU CA 85 -35.53 -30.31 31.89
CA LEU CA 85 -35.41 -28.84 31.70
C LEU CA 85 -35.78 -28.12 32.99
N LEU CA 86 -36.67 -28.70 33.80
CA LEU CA 86 -37.10 -28.06 35.07
C LEU CA 86 -35.94 -28.01 36.09
N VAL CA 87 -34.95 -28.89 35.97
CA VAL CA 87 -33.84 -28.92 36.96
C VAL CA 87 -33.06 -27.59 36.91
N PRO CA 88 -32.57 -27.13 35.73
CA PRO CA 88 -31.93 -25.82 35.62
C PRO CA 88 -32.86 -24.70 35.99
N LEU CA 89 -34.12 -24.80 35.61
CA LEU CA 89 -35.10 -23.73 35.86
C LEU CA 89 -35.33 -23.53 37.34
N VAL CA 90 -35.13 -24.54 38.18
CA VAL CA 90 -35.48 -24.38 39.63
C VAL CA 90 -34.20 -24.27 40.48
N LEU CA 91 -33.20 -25.09 40.23
CA LEU CA 91 -31.98 -25.16 41.02
C LEU CA 91 -31.16 -23.88 40.91
N ILE CA 92 -31.03 -23.33 39.71
CA ILE CA 92 -30.28 -22.08 39.54
C ILE CA 92 -30.95 -20.91 40.25
N PRO CA 93 -32.27 -20.65 40.09
CA PRO CA 93 -32.87 -19.56 40.87
C PRO CA 93 -32.78 -19.76 42.38
N VAL CA 94 -32.87 -21.01 42.85
CA VAL CA 94 -32.74 -21.27 44.29
C VAL CA 94 -31.32 -20.98 44.75
N PHE CA 95 -30.32 -21.50 44.05
CA PHE CA 95 -28.92 -21.35 44.46
C PHE CA 95 -28.55 -19.88 44.57
N VAL CA 96 -28.89 -19.09 43.55
CA VAL CA 96 -28.64 -17.61 43.55
C VAL CA 96 -29.43 -16.94 44.67
N ALA CA 97 -30.65 -17.40 44.94
CA ALA CA 97 -31.42 -16.87 46.08
C ALA CA 97 -30.65 -17.15 47.36
N LEU CA 98 -30.00 -18.31 47.42
CA LEU CA 98 -29.21 -18.68 48.61
C LEU CA 98 -28.09 -17.65 48.79
N LEU CA 99 -27.44 -17.23 47.71
CA LEU CA 99 -26.41 -16.17 47.80
C LEU CA 99 -27.07 -14.88 48.28
N TYR CA 100 -28.23 -14.55 47.73
CA TYR CA 100 -28.99 -13.35 48.16
C TYR CA 100 -29.44 -13.55 49.60
N GLY CA 101 -29.75 -14.75 50.05
CA GLY CA 101 -30.23 -14.87 51.43
C GLY CA 101 -29.21 -14.30 52.39
N ASN CA 102 -27.93 -14.54 52.15
CA ASN CA 102 -26.84 -14.02 53.02
C ASN CA 102 -26.80 -12.49 52.96
N PHE CA 103 -26.98 -11.87 51.79
CA PHE CA 103 -27.03 -10.38 51.73
C PHE CA 103 -28.21 -9.92 52.54
N ALA CA 104 -29.35 -10.55 52.37
CA ALA CA 104 -30.60 -10.12 53.04
C ALA CA 104 -30.49 -10.27 54.56
N SER CA 105 -29.80 -11.30 55.04
CA SER CA 105 -29.68 -11.55 56.50
C SER CA 105 -28.66 -10.60 57.14
N THR CA 106 -27.77 -10.03 56.36
CA THR CA 106 -26.74 -9.14 56.90
C THR CA 106 -27.27 -7.73 56.89
N GLN CA 107 -28.58 -7.56 56.74
CA GLN CA 107 -29.14 -6.19 56.59
C GLN CA 107 -30.01 -5.82 57.78
N ASP CA 108 -30.38 -4.54 57.87
CA ASP CA 108 -31.34 -4.10 58.90
C ASP CA 108 -32.73 -4.14 58.28
N ASN CA 109 -33.49 -5.17 58.63
CA ASN CA 109 -34.80 -5.39 58.00
C ASN CA 109 -35.88 -4.76 58.85
N GLU CA 110 -35.55 -3.74 59.65
CA GLU CA 110 -36.58 -2.98 60.41
C GLU CA 110 -37.19 -1.96 59.44
N ASP CA 111 -38.40 -1.48 59.70
CA ASP CA 111 -39.09 -0.57 58.73
C ASP CA 111 -38.42 0.80 58.74
N PHE CA 112 -38.57 1.59 57.66
CA PHE CA 112 -37.80 2.86 57.57
C PHE CA 112 -38.63 4.14 57.46
N PHE CA 113 -39.88 4.12 57.02
CA PHE CA 113 -40.62 5.41 56.80
C PHE CA 113 -39.83 6.38 55.91
N ASP CA 114 -39.52 5.99 54.69
CA ASP CA 114 -38.87 6.92 53.71
C ASP CA 114 -39.15 6.36 52.32
N THR CA 115 -38.75 7.06 51.28
CA THR CA 115 -38.94 6.69 49.89
C THR CA 115 -38.13 5.44 49.52
N TYR CA 116 -36.90 5.35 50.01
CA TYR CA 116 -36.08 4.18 49.81
C TYR CA 116 -35.18 3.98 51.02
N ASP CA 117 -34.66 2.77 51.17
CA ASP CA 117 -33.82 2.41 52.31
C ASP CA 117 -32.37 2.68 51.98
N GLN CA 118 -31.76 3.62 52.72
CA GLN CA 118 -30.35 3.93 52.54
C GLN CA 118 -29.43 3.00 53.34
N ARG CA 119 -30.00 2.13 54.18
CA ARG CA 119 -29.19 1.20 54.97
C ARG CA 119 -28.79 0.02 54.10
N ARG CA 120 -27.49 -0.15 53.91
CA ARG CA 120 -26.97 -1.23 53.07
C ARG CA 120 -25.49 -1.48 53.38
N MET DA 1 -33.75 42.82 -36.64
CA MET DA 1 -34.04 42.72 -35.19
C MET DA 1 -35.26 41.81 -35.03
N THR DA 2 -35.04 40.59 -34.55
CA THR DA 2 -36.13 39.62 -34.39
C THR DA 2 -37.01 40.03 -33.24
N PRO DA 3 -38.29 39.60 -33.20
CA PRO DA 3 -39.15 39.88 -32.06
C PRO DA 3 -38.49 39.45 -30.76
N SER DA 4 -37.63 38.43 -30.82
CA SER DA 4 -36.89 37.96 -29.63
C SER DA 4 -35.93 39.05 -29.13
N PHE DA 5 -35.21 39.71 -30.04
CA PHE DA 5 -34.25 40.78 -29.64
C PHE DA 5 -35.01 41.94 -29.02
N SER DA 6 -36.16 42.29 -29.61
CA SER DA 6 -36.97 43.38 -29.03
C SER DA 6 -37.43 43.01 -27.63
N ALA DA 7 -37.98 41.80 -27.45
CA ALA DA 7 -38.39 41.37 -26.12
C ALA DA 7 -37.24 41.46 -25.12
N PHE DA 8 -36.02 41.12 -25.55
CA PHE DA 8 -34.86 41.23 -24.67
C PHE DA 8 -34.59 42.68 -24.26
N ILE DA 9 -34.62 43.61 -25.21
CA ILE DA 9 -34.24 44.99 -24.82
C ILE DA 9 -35.35 45.56 -23.93
N ASN DA 10 -36.60 45.29 -24.26
CA ASN DA 10 -37.73 45.75 -23.40
C ASN DA 10 -37.60 45.10 -22.03
N SER DA 11 -37.22 43.83 -21.96
CA SER DA 11 -36.97 43.16 -20.66
C SER DA 11 -35.91 43.95 -19.88
N LEU DA 12 -34.84 44.37 -20.54
CA LEU DA 12 -33.77 45.16 -19.88
C LEU DA 12 -34.38 46.43 -19.28
N LEU DA 13 -35.20 47.16 -20.02
CA LEU DA 13 -35.78 48.43 -19.54
C LEU DA 13 -36.73 48.19 -18.39
N ALA DA 14 -37.58 47.17 -18.51
CA ALA DA 14 -38.58 46.97 -17.45
C ALA DA 14 -37.84 46.69 -16.15
N GLY DA 15 -36.76 45.94 -16.25
CA GLY DA 15 -35.96 45.68 -15.05
C GLY DA 15 -35.40 46.96 -14.48
N LEU DA 16 -34.93 47.86 -15.35
CA LEU DA 16 -34.42 49.18 -14.91
C LEU DA 16 -35.53 50.06 -14.33
N PHE DA 17 -36.68 50.14 -14.99
CA PHE DA 17 -37.72 51.12 -14.55
C PHE DA 17 -38.74 50.48 -13.66
N ILE DA 18 -38.74 49.17 -13.49
CA ILE DA 18 -39.72 48.62 -12.56
C ILE DA 18 -39.07 48.02 -11.32
N VAL DA 19 -37.84 47.53 -11.42
CA VAL DA 19 -37.16 46.89 -10.30
C VAL DA 19 -36.00 47.76 -9.80
N ILE DA 20 -35.06 48.10 -10.67
CA ILE DA 20 -33.84 48.78 -10.24
C ILE DA 20 -34.13 50.22 -9.86
N ILE DA 21 -34.74 50.98 -10.77
CA ILE DA 21 -34.99 52.41 -10.50
C ILE DA 21 -35.92 52.64 -9.33
N PRO DA 22 -37.09 51.98 -9.22
CA PRO DA 22 -37.96 52.27 -8.05
C PRO DA 22 -37.34 51.91 -6.72
N ILE DA 23 -36.81 50.69 -6.61
CA ILE DA 23 -36.30 50.18 -5.30
C ILE DA 23 -35.16 51.06 -4.80
N GLY DA 24 -34.22 51.40 -5.68
CA GLY DA 24 -33.18 52.34 -5.21
C GLY DA 24 -33.79 53.66 -4.81
N THR DA 25 -34.84 54.13 -5.49
CA THR DA 25 -35.36 55.49 -5.23
C THR DA 25 -35.71 55.51 -3.79
N ALA DA 26 -36.37 54.46 -3.36
CA ALA DA 26 -36.74 54.36 -1.94
C ALA DA 26 -35.48 54.40 -1.09
N LEU DA 27 -34.43 53.68 -1.49
CA LEU DA 27 -33.25 53.62 -0.59
C LEU DA 27 -32.60 55.00 -0.49
N LEU DA 28 -32.37 55.67 -1.60
CA LEU DA 28 -31.80 57.05 -1.57
C LEU DA 28 -32.77 58.02 -0.87
N ILE DA 29 -34.06 57.92 -1.17
CA ILE DA 29 -35.06 58.85 -0.57
C ILE DA 29 -35.08 58.67 0.95
N VAL DA 30 -35.28 57.44 1.39
CA VAL DA 30 -35.53 57.17 2.84
C VAL DA 30 -34.21 57.23 3.61
N SER DA 31 -33.10 56.92 2.96
CA SER DA 31 -31.80 57.00 3.64
C SER DA 31 -31.47 58.47 3.83
N GLN DA 32 -31.62 59.26 2.77
CA GLN DA 32 -31.34 60.69 2.93
C GLN DA 32 -32.28 61.33 3.95
N SER DA 33 -33.55 60.92 3.96
CA SER DA 33 -34.51 61.49 4.89
C SER DA 33 -34.19 61.12 6.33
N ASP DA 34 -33.80 59.88 6.60
CA ASP DA 34 -33.38 59.57 8.00
C ASP DA 34 -31.89 59.91 8.13
N VAL EA 7 -78.42 22.21 11.66
CA VAL EA 7 -78.59 23.41 12.46
C VAL EA 7 -78.74 23.06 13.94
N ALA EA 8 -79.50 22.00 14.23
CA ALA EA 8 -79.65 21.55 15.62
C ALA EA 8 -78.32 21.10 16.21
N GLN EA 9 -77.52 20.37 15.42
CA GLN EA 9 -76.19 19.95 15.87
C GLN EA 9 -75.31 21.15 16.16
N LEU EA 10 -75.32 22.15 15.28
CA LEU EA 10 -74.50 23.34 15.49
C LEU EA 10 -74.95 24.11 16.71
N ILE EA 11 -76.27 24.24 16.92
CA ILE EA 11 -76.77 24.98 18.08
C ILE EA 11 -76.42 24.26 19.38
N SER EA 12 -76.60 22.93 19.42
CA SER EA 12 -76.23 22.18 20.61
C SER EA 12 -74.74 22.25 20.88
N LEU EA 13 -73.93 22.17 19.82
CA LEU EA 13 -72.47 22.29 19.98
C LEU EA 13 -72.10 23.67 20.50
N PHE EA 14 -72.76 24.72 20.00
CA PHE EA 14 -72.48 26.07 20.48
C PHE EA 14 -72.85 26.22 21.95
N LEU EA 15 -74.00 25.69 22.36
CA LEU EA 15 -74.41 25.79 23.76
C LEU EA 15 -73.44 25.03 24.68
N ILE EA 16 -73.04 23.82 24.26
CA ILE EA 16 -72.10 23.05 25.06
C ILE EA 16 -70.74 23.75 25.14
N LEU EA 17 -70.28 24.32 24.03
CA LEU EA 17 -69.02 25.05 24.03
C LEU EA 17 -69.10 26.33 24.84
N THR EA 18 -70.29 26.93 24.94
CA THR EA 18 -70.45 28.12 25.77
C THR EA 18 -70.48 27.77 27.25
N SER EA 19 -71.05 26.60 27.59
CA SER EA 19 -71.24 26.24 28.99
C SER EA 19 -69.91 26.16 29.76
N GLY EA 20 -68.82 25.80 29.08
CA GLY EA 20 -67.54 25.66 29.73
C GLY EA 20 -66.96 26.98 30.18
N PRO EA 21 -66.59 27.85 29.24
CA PRO EA 21 -66.08 29.18 29.61
C PRO EA 21 -67.08 30.04 30.36
N ALA EA 22 -68.38 29.75 30.29
CA ALA EA 22 -69.35 30.53 31.05
C ALA EA 22 -69.11 30.40 32.55
N ILE EA 23 -68.74 29.19 33.00
CA ILE EA 23 -68.43 28.99 34.42
C ILE EA 23 -67.25 29.85 34.83
N ILE EA 24 -66.20 29.87 34.01
CA ILE EA 24 -65.01 30.65 34.32
C ILE EA 24 -65.34 32.14 34.33
N VAL EA 25 -66.14 32.59 33.36
CA VAL EA 25 -66.53 34.00 33.30
C VAL EA 25 -67.34 34.39 34.53
N LEU EA 26 -68.28 33.54 34.95
CA LEU EA 26 -69.08 33.83 36.13
C LEU EA 26 -68.22 33.86 37.38
N ILE EA 27 -67.25 32.95 37.48
CA ILE EA 27 -66.33 32.95 38.62
C ILE EA 27 -65.51 34.24 38.64
N ALA EA 28 -65.02 34.67 37.47
CA ALA EA 28 -64.27 35.92 37.40
C ALA EA 28 -65.13 37.12 37.78
N LEU EA 29 -66.40 37.13 37.36
CA LEU EA 29 -67.31 38.20 37.73
C LEU EA 29 -67.55 38.22 39.24
N ARG EA 30 -67.73 37.04 39.84
CA ARG EA 30 -67.87 36.95 41.29
C ARG EA 30 -66.55 36.92 42.03
N ARG EA 31 -65.43 36.91 41.29
CA ARG EA 31 -64.07 37.01 41.86
C ARG EA 31 -63.81 35.88 42.86
N GLY EA 32 -64.18 34.66 42.47
CA GLY EA 32 -63.94 33.49 43.28
C GLY EA 32 -62.57 32.88 43.02
N ASN EA 33 -62.38 31.70 43.58
CA ASN EA 33 -61.11 30.97 43.44
C ASN EA 33 -61.05 30.38 42.03
N LEU EA 34 -60.42 31.10 41.11
CA LEU EA 34 -60.32 30.64 39.73
C LEU EA 34 -58.96 30.00 39.45
N MET FA 1 -98.51 10.00 24.70
CA MET FA 1 -97.64 9.32 25.64
C MET FA 1 -96.18 9.56 25.29
N VAL FA 2 -95.93 9.87 24.03
CA VAL FA 2 -94.56 10.12 23.55
C VAL FA 2 -94.19 11.59 23.69
N ALA FA 3 -95.14 12.49 23.42
CA ALA FA 3 -94.87 13.92 23.55
C ALA FA 3 -94.58 14.31 24.99
N ILE FA 4 -95.28 13.68 25.94
CA ILE FA 4 -95.02 13.93 27.36
C ILE FA 4 -93.60 13.52 27.72
N LEU FA 5 -93.17 12.35 27.24
CA LEU FA 5 -91.81 11.89 27.51
C LEU FA 5 -90.77 12.81 26.87
N GLN FA 6 -91.03 13.27 25.64
CA GLN FA 6 -90.10 14.17 24.97
C GLN FA 6 -89.98 15.50 25.72
N LEU FA 7 -91.11 16.05 26.16
CA LEU FA 7 -91.08 17.28 26.95
C LEU FA 7 -90.35 17.07 28.27
N LEU FA 8 -90.58 15.91 28.90
CA LEU FA 8 -89.94 15.62 30.18
C LEU FA 8 -88.42 15.52 30.04
N VAL FA 9 -87.94 14.83 29.00
CA VAL FA 9 -86.49 14.69 28.85
C VAL FA 9 -85.87 15.99 28.33
N SER FA 10 -86.63 16.81 27.59
CA SER FA 10 -86.15 18.13 27.24
C SER FA 10 -85.98 19.00 28.49
N MET FA 11 -86.93 18.92 29.41
CA MET FA 11 -86.80 19.61 30.70
C MET FA 11 -85.60 19.08 31.47
N LEU FA 12 -85.38 17.76 31.40
CA LEU FA 12 -84.21 17.17 32.05
C LEU FA 12 -82.90 17.71 31.46
N ILE FA 13 -82.85 17.85 30.13
CA ILE FA 13 -81.66 18.40 29.49
C ILE FA 13 -81.44 19.84 29.92
N LEU FA 14 -82.51 20.64 29.95
CA LEU FA 14 -82.39 22.04 30.37
C LEU FA 14 -81.92 22.13 31.82
N LEU FA 15 -82.46 21.30 32.70
CA LEU FA 15 -82.06 21.33 34.10
C LEU FA 15 -80.63 20.84 34.28
N SER FA 16 -80.21 19.85 33.49
CA SER FA 16 -78.82 19.40 33.54
C SER FA 16 -77.87 20.51 33.09
N PHE FA 17 -78.23 21.22 32.04
CA PHE FA 17 -77.42 22.36 31.59
C PHE FA 17 -77.34 23.43 32.66
N ALA FA 18 -78.49 23.76 33.27
CA ALA FA 18 -78.50 24.78 34.31
C ALA FA 18 -77.67 24.37 35.52
N LEU FA 19 -77.78 23.11 35.94
CA LEU FA 19 -77.00 22.64 37.08
C LEU FA 19 -75.50 22.62 36.76
N VAL FA 20 -75.14 22.20 35.54
CA VAL FA 20 -73.74 22.20 35.13
C VAL FA 20 -73.18 23.61 35.16
N VAL FA 21 -73.96 24.59 34.69
CA VAL FA 21 -73.49 25.97 34.71
C VAL FA 21 -73.41 26.51 36.14
N SER FA 22 -74.38 26.18 36.98
CA SER FA 22 -74.56 26.86 38.26
C SER FA 22 -73.75 26.25 39.41
N VAL FA 23 -73.78 24.92 39.55
CA VAL FA 23 -73.25 24.28 40.76
C VAL FA 23 -71.77 24.59 41.01
N PRO FA 24 -70.87 24.43 40.04
CA PRO FA 24 -69.48 24.88 40.30
C PRO FA 24 -69.38 26.36 40.59
N VAL FA 25 -70.20 27.18 39.92
CA VAL FA 25 -70.19 28.62 40.17
C VAL FA 25 -70.68 28.92 41.58
N ILE FA 26 -71.77 28.27 42.01
CA ILE FA 26 -72.31 28.50 43.35
C ILE FA 26 -71.32 28.04 44.41
N LEU FA 27 -70.71 26.87 44.22
CA LEU FA 27 -69.82 26.33 45.24
C LEU FA 27 -68.50 27.10 45.33
N VAL FA 28 -67.90 27.44 44.19
CA VAL FA 28 -66.61 28.11 44.21
C VAL FA 28 -66.74 29.55 44.71
N SER FA 29 -67.80 30.24 44.30
CA SER FA 29 -67.95 31.65 44.65
C SER FA 29 -68.11 31.81 46.16
N PRO FA 30 -67.30 32.65 46.81
CA PRO FA 30 -67.47 32.88 48.24
C PRO FA 30 -68.82 33.49 48.61
N GLY FA 31 -69.40 34.30 47.73
CA GLY FA 31 -70.68 34.91 48.03
C GLY FA 31 -71.82 33.90 48.09
N GLU FA 32 -71.83 32.94 47.17
CA GLU FA 32 -72.92 31.98 47.09
C GLU FA 32 -72.71 30.84 48.09
N TRP FA 33 -73.64 29.89 48.08
CA TRP FA 33 -73.67 28.69 48.91
C TRP FA 33 -74.02 29.01 50.37
N GLU FA 34 -74.14 30.29 50.70
CA GLU FA 34 -74.65 30.68 52.02
C GLU FA 34 -76.10 31.17 51.94
N LYS FA 35 -76.39 32.08 51.03
CA LYS FA 35 -77.77 32.51 50.79
C LYS FA 35 -78.49 31.64 49.77
N SER FA 36 -77.79 30.74 49.09
CA SER FA 36 -78.38 29.90 48.05
C SER FA 36 -77.88 28.48 48.15
N LYS FA 37 -77.74 27.95 49.36
CA LYS FA 37 -77.35 26.56 49.52
C LYS FA 37 -78.50 25.61 49.18
N GLY FA 38 -79.72 25.95 49.61
CA GLY FA 38 -80.87 25.11 49.34
C GLY FA 38 -81.27 25.05 47.89
N LEU FA 39 -80.89 26.05 47.10
CA LEU FA 39 -81.18 26.02 45.66
C LEU FA 39 -80.48 24.85 44.99
N VAL FA 40 -79.23 24.57 45.38
CA VAL FA 40 -78.50 23.43 44.81
C VAL FA 40 -79.19 22.12 45.17
N TYR FA 41 -79.62 21.99 46.43
CA TYR FA 41 -80.32 20.78 46.85
C TYR FA 41 -81.62 20.60 46.06
N THR FA 42 -82.40 21.68 45.91
CA THR FA 42 -83.65 21.58 45.16
C THR FA 42 -83.40 21.24 43.71
N GLY FA 43 -82.37 21.84 43.10
CA GLY FA 43 -82.06 21.54 41.71
C GLY FA 43 -81.62 20.11 41.50
N ALA FA 44 -80.76 19.60 42.39
CA ALA FA 44 -80.31 18.21 42.26
C ALA FA 44 -81.45 17.23 42.51
N GLY FA 45 -82.30 17.51 43.51
CA GLY FA 45 -83.45 16.67 43.74
C GLY FA 45 -84.42 16.65 42.57
N LEU FA 46 -84.65 17.84 41.97
CA LEU FA 46 -85.50 17.91 40.79
C LEU FA 46 -84.87 17.17 39.61
N TRP FA 47 -83.54 17.23 39.48
CA TRP FA 47 -82.86 16.50 38.41
C TRP FA 47 -83.05 15.00 38.57
N PHE FA 48 -82.86 14.49 39.79
CA PHE FA 48 -83.06 13.06 40.02
C PHE FA 48 -84.52 12.66 39.84
N GLY FA 49 -85.45 13.52 40.27
CA GLY FA 49 -86.85 13.24 40.04
C GLY FA 49 -87.22 13.20 38.57
N LEU FA 50 -86.64 14.12 37.78
CA LEU FA 50 -86.86 14.10 36.34
C LEU FA 50 -86.27 12.84 35.71
N VAL FA 51 -85.11 12.38 36.19
CA VAL FA 51 -84.52 11.15 35.68
C VAL FA 51 -85.44 9.97 35.98
N ILE FA 52 -85.98 9.90 37.20
CA ILE FA 52 -86.88 8.81 37.58
C ILE FA 52 -88.16 8.86 36.74
N MET FA 53 -88.70 10.06 36.52
CA MET FA 53 -89.92 10.20 35.74
C MET FA 53 -89.69 9.84 34.27
N THR FA 54 -88.55 10.21 33.72
CA THR FA 54 -88.23 9.80 32.35
C THR FA 54 -88.09 8.29 32.25
N ALA FA 55 -87.44 7.67 33.24
CA ALA FA 55 -87.35 6.21 33.25
C ALA FA 55 -88.73 5.57 33.31
N ALA FA 56 -89.64 6.17 34.08
CA ALA FA 56 -91.00 5.65 34.17
C ALA FA 56 -91.75 5.78 32.85
N PHE FA 57 -91.72 6.96 32.24
CA PHE FA 57 -92.47 7.22 31.03
C PHE FA 57 -91.86 6.56 29.79
N ASN FA 58 -90.61 6.12 29.88
CA ASN FA 58 -90.00 5.36 28.80
C ASN FA 58 -90.70 4.02 28.65
N SER FA 59 -91.14 3.44 29.78
CA SER FA 59 -91.78 2.10 29.75
C SER FA 59 -93.07 2.14 28.91
N PHE FA 60 -93.89 3.17 29.11
CA PHE FA 60 -95.13 3.32 28.36
C PHE FA 60 -94.96 3.69 26.90
N VAL FA 61 -93.76 4.07 26.48
CA VAL FA 61 -93.49 4.37 25.08
C VAL FA 61 -92.83 3.17 24.41
N TYR GA 41 -37.83 86.26 -8.72
CA TYR GA 41 -37.03 87.37 -8.24
C TYR GA 41 -37.49 88.66 -8.90
N ARG GA 42 -38.24 88.52 -10.00
CA ARG GA 42 -38.79 89.70 -10.66
C ARG GA 42 -39.77 90.42 -9.76
N GLU GA 43 -40.79 89.71 -9.27
CA GLU GA 43 -41.68 90.20 -8.23
C GLU GA 43 -41.85 89.12 -7.19
N GLY GA 44 -41.96 89.53 -5.92
CA GLY GA 44 -42.29 88.57 -4.87
C GLY GA 44 -43.72 88.05 -5.01
N VAL GA 45 -44.59 88.84 -5.63
CA VAL GA 45 -45.99 88.43 -5.78
C VAL GA 45 -46.11 87.28 -6.78
N LEU GA 46 -45.13 87.15 -7.67
CA LEU GA 46 -45.17 86.08 -8.66
C LEU GA 46 -44.47 84.82 -8.17
N GLN GA 47 -43.40 84.97 -7.40
CA GLN GA 47 -42.63 83.84 -6.91
C GLN GA 47 -41.81 84.27 -5.69
N GLY GA 48 -41.34 83.29 -4.94
CA GLY GA 48 -40.52 83.55 -3.78
C GLY GA 48 -41.25 83.36 -2.47
N LEU GA 49 -40.63 83.90 -1.41
CA LEU GA 49 -41.20 83.78 -0.08
C LEU GA 49 -42.50 84.57 0.03
N GLY GA 50 -43.48 83.99 0.73
CA GLY GA 50 -44.78 84.59 0.89
C GLY GA 50 -45.67 84.50 -0.32
N THR GA 51 -45.20 83.92 -1.42
CA THR GA 51 -45.96 83.81 -2.65
C THR GA 51 -46.80 82.53 -2.71
N ASP GA 52 -46.59 81.61 -1.78
CA ASP GA 52 -47.29 80.34 -1.79
C ASP GA 52 -48.79 80.60 -1.62
N ALA GA 53 -49.58 80.22 -2.61
CA ALA GA 53 -51.03 80.36 -2.58
C ALA GA 53 -51.71 79.03 -2.32
N ILE GA 54 -50.95 77.94 -2.27
CA ILE GA 54 -51.41 76.67 -1.73
C ILE GA 54 -51.78 76.95 -0.28
N PRO GA 55 -52.82 76.33 0.27
CA PRO GA 55 -53.04 76.41 1.72
C PRO GA 55 -51.73 76.28 2.49
N GLY GA 56 -51.46 77.27 3.33
CA GLY GA 56 -50.09 77.54 3.74
C GLY GA 56 -49.35 76.31 4.24
N THR GA 57 -49.73 75.80 5.40
CA THR GA 57 -49.02 74.71 6.07
C THR GA 57 -47.52 75.01 6.13
N ASP GA 58 -47.22 76.27 6.47
CA ASP GA 58 -45.86 76.82 6.44
C ASP GA 58 -45.34 76.70 5.01
N ARG GA 59 -44.21 76.02 4.77
CA ARG GA 59 -43.63 75.93 3.44
C ARG GA 59 -42.56 74.86 3.48
N PRO GA 60 -42.35 74.10 2.41
CA PRO GA 60 -41.30 73.08 2.43
C PRO GA 60 -39.95 73.66 2.81
N LYS GA 61 -39.24 72.96 3.71
CA LYS GA 61 -38.06 73.51 4.34
C LYS GA 61 -36.94 73.77 3.34
N ASN GA 62 -36.72 72.82 2.42
CA ASN GA 62 -35.59 72.95 1.50
C ASN GA 62 -35.85 74.00 0.44
N LEU GA 63 -37.11 74.27 0.13
CA LEU GA 63 -37.42 75.31 -0.84
C LEU GA 63 -37.34 76.67 -0.17
N ASP GA 64 -36.78 77.64 -0.90
CA ASP GA 64 -36.67 79.01 -0.42
C ASP GA 64 -36.73 79.95 -1.62
N GLY GA 65 -36.57 81.24 -1.35
CA GLY GA 65 -36.64 82.22 -2.42
C GLY GA 65 -35.45 82.23 -3.34
N ALA GA 66 -34.39 81.51 -2.99
CA ALA GA 66 -33.18 81.52 -3.81
C ALA GA 66 -33.45 80.92 -5.19
N LEU GA 67 -34.11 79.77 -5.23
CA LEU GA 67 -34.39 79.13 -6.51
C LEU GA 67 -35.49 79.87 -7.26
N VAL GA 68 -35.34 79.96 -8.58
CA VAL GA 68 -36.28 80.71 -9.39
C VAL GA 68 -37.51 79.85 -9.68
N GLY GA 69 -38.63 80.52 -9.95
CA GLY GA 69 -39.86 79.85 -10.29
C GLY GA 69 -40.39 78.93 -9.21
N ASP GA 70 -40.28 79.35 -7.95
CA ASP GA 70 -40.70 78.52 -6.82
C ASP GA 70 -41.99 79.07 -6.23
N VAL GA 71 -43.00 78.21 -6.13
CA VAL GA 71 -44.23 78.54 -5.42
C VAL GA 71 -44.33 77.81 -4.08
N GLY GA 72 -43.57 76.75 -3.89
CA GLY GA 72 -43.66 75.97 -2.68
C GLY GA 72 -44.48 74.72 -2.80
N PHE GA 73 -44.77 74.28 -4.02
CA PHE GA 73 -45.59 73.09 -4.25
C PHE GA 73 -44.66 71.88 -4.29
N ASP GA 74 -44.44 71.28 -3.11
CA ASP GA 74 -43.68 70.05 -2.98
C ASP GA 74 -44.44 69.14 -2.02
N PRO GA 75 -45.62 68.66 -2.42
CA PRO GA 75 -46.43 67.87 -1.48
C PRO GA 75 -45.81 66.55 -1.09
N LEU GA 76 -45.06 65.92 -1.99
CA LEU GA 76 -44.48 64.60 -1.71
C LEU GA 76 -43.07 64.70 -1.15
N GLY GA 77 -42.57 65.91 -0.91
CA GLY GA 77 -41.28 66.07 -0.27
C GLY GA 77 -40.09 65.60 -1.08
N PHE GA 78 -40.12 65.78 -2.40
CA PHE GA 78 -38.95 65.43 -3.21
C PHE GA 78 -37.75 66.27 -2.84
N SER GA 79 -37.94 67.58 -2.65
CA SER GA 79 -36.84 68.46 -2.32
C SER GA 79 -36.23 68.17 -0.97
N ASN GA 80 -36.90 67.37 -0.14
CA ASN GA 80 -36.37 67.03 1.17
C ASN GA 80 -35.06 66.27 1.04
N TRP GA 81 -34.99 65.33 0.10
CA TRP GA 81 -33.80 64.49 -0.07
C TRP GA 81 -33.11 64.68 -1.40
N LEU GA 82 -33.82 65.13 -2.44
CA LEU GA 82 -33.25 65.32 -3.75
C LEU GA 82 -32.29 66.52 -3.76
N ASP GA 83 -31.24 66.39 -4.56
CA ASP GA 83 -30.33 67.50 -4.83
C ASP GA 83 -31.09 68.50 -5.71
N LEU GA 84 -31.43 69.64 -5.13
CA LEU GA 84 -32.24 70.62 -5.86
C LEU GA 84 -31.55 71.13 -7.11
N ARG GA 85 -30.21 71.16 -7.13
CA ARG GA 85 -29.51 71.50 -8.36
C ARG GA 85 -29.78 70.48 -9.45
N TRP GA 86 -29.70 69.19 -9.12
CA TRP GA 86 -30.08 68.12 -10.02
C TRP GA 86 -31.51 68.26 -10.51
N ALA GA 87 -32.44 68.52 -9.58
CA ALA GA 87 -33.85 68.63 -9.93
C ALA GA 87 -34.09 69.81 -10.86
N ARG GA 88 -33.46 70.95 -10.59
CA ARG GA 88 -33.69 72.13 -11.42
C ARG GA 88 -33.09 71.96 -12.81
N GLU GA 89 -31.89 71.37 -12.89
CA GLU GA 89 -31.31 71.12 -14.21
C GLU GA 89 -32.16 70.14 -15.00
N ALA GA 90 -32.66 69.09 -14.34
CA ALA GA 90 -33.52 68.12 -15.01
C ALA GA 90 -34.83 68.78 -15.45
N GLU GA 91 -35.40 69.64 -14.60
CA GLU GA 91 -36.62 70.33 -14.97
C GLU GA 91 -36.41 71.21 -16.20
N ILE GA 92 -35.30 71.96 -16.24
CA ILE GA 92 -35.03 72.82 -17.38
C ILE GA 92 -34.86 71.99 -18.65
N LYS GA 93 -34.10 70.89 -18.58
CA LYS GA 93 -33.86 70.13 -19.80
C LYS GA 93 -35.11 69.40 -20.26
N HIS GA 94 -35.84 68.77 -19.34
CA HIS GA 94 -37.13 68.18 -19.66
C HIS GA 94 -38.06 69.21 -20.28
N GLY GA 95 -38.09 70.42 -19.73
CA GLY GA 95 -38.97 71.44 -20.25
C GLY GA 95 -38.58 71.91 -21.64
N ARG GA 96 -37.29 72.10 -21.89
CA ARG GA 96 -36.84 72.51 -23.21
C ARG GA 96 -37.17 71.45 -24.25
N VAL GA 97 -36.94 70.18 -23.90
CA VAL GA 97 -37.35 69.09 -24.78
C VAL GA 97 -38.85 69.13 -25.00
N ALA GA 98 -39.61 69.49 -23.96
CA ALA GA 98 -41.06 69.57 -24.09
C ALA GA 98 -41.49 70.65 -25.06
N MET GA 99 -40.91 71.86 -24.93
CA MET GA 99 -41.29 72.91 -25.88
C MET GA 99 -40.93 72.50 -27.30
N LEU GA 100 -39.74 71.93 -27.49
CA LEU GA 100 -39.35 71.52 -28.83
C LEU GA 100 -40.30 70.46 -29.38
N ALA GA 101 -40.69 69.49 -28.56
CA ALA GA 101 -41.59 68.44 -29.02
C ALA GA 101 -42.97 69.00 -29.36
N ALA GA 102 -43.50 69.90 -28.52
CA ALA GA 102 -44.81 70.46 -28.78
C ALA GA 102 -44.82 71.28 -30.06
N THR GA 103 -43.85 72.18 -30.20
CA THR GA 103 -43.73 72.94 -31.44
C THR GA 103 -43.58 72.00 -32.63
N GLY GA 104 -42.80 70.92 -32.48
CA GLY GA 104 -42.62 69.99 -33.56
C GLY GA 104 -43.90 69.33 -34.00
N MET GA 105 -44.69 68.85 -33.04
CA MET GA 105 -45.94 68.20 -33.41
C MET GA 105 -46.91 69.16 -34.07
N ILE GA 106 -47.06 70.36 -33.50
CA ILE GA 106 -48.09 71.28 -34.03
C ILE GA 106 -47.63 71.93 -35.33
N VAL GA 107 -46.33 71.86 -35.64
CA VAL GA 107 -45.86 72.36 -36.92
C VAL GA 107 -45.83 71.23 -37.95
N GLN GA 108 -45.67 70.00 -37.47
CA GLN GA 108 -45.61 68.83 -38.33
C GLN GA 108 -46.96 68.42 -38.87
N ASP GA 109 -48.02 68.60 -38.09
CA ASP GA 109 -49.35 68.28 -38.62
C ASP GA 109 -49.79 69.29 -39.68
N VAL GA 110 -49.26 70.51 -39.64
CA VAL GA 110 -49.73 71.52 -40.60
C VAL GA 110 -48.80 71.63 -41.80
N TYR GA 111 -47.48 71.61 -41.59
CA TYR GA 111 -46.54 71.88 -42.66
C TYR GA 111 -45.43 70.82 -42.64
N LYS GA 112 -44.85 70.58 -43.81
CA LYS GA 112 -43.72 69.68 -43.97
C LYS GA 112 -42.73 70.33 -44.94
N PHE GA 113 -41.45 69.99 -44.79
CA PHE GA 113 -40.41 70.55 -45.65
C PHE GA 113 -40.53 70.02 -47.06
N PRO GA 114 -39.87 70.66 -48.04
CA PRO GA 114 -39.85 70.13 -49.40
C PRO GA 114 -39.35 68.70 -49.43
N GLY GA 115 -39.97 67.90 -50.30
CA GLY GA 115 -39.82 66.47 -50.22
C GLY GA 115 -40.71 65.97 -49.10
N VAL GA 116 -40.24 65.01 -48.30
CA VAL GA 116 -40.94 64.57 -47.10
C VAL GA 116 -42.27 63.90 -47.45
N GLN GA 117 -43.00 64.49 -48.40
CA GLN GA 117 -44.28 63.92 -48.82
C GLN GA 117 -44.13 62.51 -49.36
N LYS GA 118 -43.25 62.32 -50.35
CA LYS GA 118 -43.14 61.01 -50.98
C LYS GA 118 -42.40 60.02 -50.09
N THR GA 119 -41.38 60.48 -49.37
CA THR GA 119 -40.79 59.68 -48.32
C THR GA 119 -41.76 59.60 -47.15
N PHE GA 120 -41.56 58.59 -46.30
CA PHE GA 120 -42.36 58.36 -45.10
C PHE GA 120 -43.83 58.11 -45.42
N GLY GA 121 -44.22 58.10 -46.70
CA GLY GA 121 -45.63 58.20 -47.03
C GLY GA 121 -46.21 59.45 -46.40
N ASP GA 122 -47.45 59.34 -45.93
CA ASP GA 122 -48.04 60.35 -45.04
C ASP GA 122 -48.24 59.68 -43.70
N ALA GA 123 -47.20 59.70 -42.88
CA ALA GA 123 -47.12 58.87 -41.68
C ALA GA 123 -47.50 59.68 -40.45
N SER GA 124 -47.96 58.97 -39.43
CA SER GA 124 -48.36 59.60 -38.18
C SER GA 124 -47.14 59.95 -37.36
N MET GA 125 -47.36 60.78 -36.34
CA MET GA 125 -46.27 61.21 -35.47
C MET GA 125 -45.62 60.03 -34.76
N MET GA 126 -46.42 59.02 -34.42
CA MET GA 126 -45.83 57.77 -33.94
C MET GA 126 -45.10 57.07 -35.07
N LYS GA 127 -45.73 57.01 -36.24
CA LYS GA 127 -45.11 56.35 -37.39
C LYS GA 127 -43.83 57.06 -37.81
N LEU GA 128 -43.66 58.34 -37.46
CA LEU GA 128 -42.39 58.99 -37.73
C LEU GA 128 -41.27 58.33 -36.93
N HIS GA 129 -41.45 58.13 -35.62
CA HIS GA 129 -40.35 57.52 -34.89
C HIS GA 129 -40.32 56.01 -35.11
N ASN GA 130 -41.37 55.45 -35.74
CA ASN GA 130 -41.35 54.05 -36.17
C ASN GA 130 -40.70 53.83 -37.53
N VAL GA 131 -40.60 54.87 -38.37
CA VAL GA 131 -40.11 54.67 -39.74
C VAL GA 131 -38.78 55.39 -39.97
N ALA GA 132 -38.65 56.60 -39.44
CA ALA GA 132 -37.40 57.34 -39.62
C ALA GA 132 -36.24 56.64 -38.92
N VAL GA 133 -36.54 55.73 -37.98
CA VAL GA 133 -35.54 54.82 -37.49
C VAL GA 133 -35.02 53.91 -38.59
N ASP GA 134 -35.83 53.66 -39.62
CA ASP GA 134 -35.43 52.86 -40.76
C ASP GA 134 -34.85 53.67 -41.90
N GLN GA 135 -35.35 54.90 -42.10
CA GLN GA 135 -34.74 55.76 -43.11
C GLN GA 135 -33.38 56.29 -42.66
N GLY GA 136 -33.19 56.50 -41.36
CA GLY GA 136 -31.93 57.00 -40.84
C GLY GA 136 -32.04 58.28 -40.05
N ALA GA 137 -33.18 58.97 -40.12
CA ALA GA 137 -33.34 60.23 -39.41
C ALA GA 137 -33.10 60.05 -37.92
N MET GA 138 -33.95 59.25 -37.27
CA MET GA 138 -33.88 59.11 -35.82
C MET GA 138 -32.48 58.67 -35.40
N GLN GA 139 -31.86 57.78 -36.17
CA GLN GA 139 -30.48 57.38 -35.85
C GLN GA 139 -29.51 58.55 -35.90
N GLN GA 140 -29.56 59.40 -36.93
CA GLN GA 140 -28.56 60.44 -37.05
C GLN GA 140 -28.89 61.69 -36.24
N LEU GA 141 -30.12 61.80 -35.73
CA LEU GA 141 -30.38 62.76 -34.66
C LEU GA 141 -30.00 62.22 -33.29
N PHE GA 142 -30.13 60.92 -33.05
CA PHE GA 142 -29.61 60.31 -31.84
C PHE GA 142 -28.10 60.40 -31.75
N LEU GA 143 -27.38 60.19 -32.86
CA LEU GA 143 -25.93 60.28 -32.85
C LEU GA 143 -25.46 61.68 -32.46
N TRP GA 144 -26.02 62.71 -33.11
CA TRP GA 144 -25.57 64.07 -32.83
C TRP GA 144 -25.98 64.52 -31.44
N ILE GA 145 -27.15 64.11 -30.97
CA ILE GA 145 -27.56 64.47 -29.62
C ILE GA 145 -26.69 63.75 -28.59
N THR GA 146 -26.31 62.50 -28.88
CA THR GA 146 -25.35 61.81 -28.02
C THR GA 146 -24.03 62.57 -27.96
N VAL GA 147 -23.54 63.03 -29.10
CA VAL GA 147 -22.30 63.81 -29.12
C VAL GA 147 -22.46 65.08 -28.29
N LEU GA 148 -23.58 65.78 -28.46
CA LEU GA 148 -23.80 67.03 -27.75
C LEU GA 148 -23.88 66.81 -26.25
N GLU GA 149 -24.57 65.75 -25.82
CA GLU GA 149 -24.77 65.51 -24.40
C GLU GA 149 -23.50 64.98 -23.74
N THR GA 150 -22.72 64.18 -24.47
CA THR GA 150 -21.49 63.65 -23.91
C THR GA 150 -20.42 64.75 -23.82
N LEU GA 151 -20.32 65.58 -24.86
CA LEU GA 151 -19.27 66.58 -24.89
C LEU GA 151 -19.49 67.67 -23.85
N THR GA 152 -20.71 68.20 -23.75
CA THR GA 152 -20.99 69.27 -22.82
C THR GA 152 -22.18 69.02 -21.90
N GLY GA 153 -23.08 68.11 -22.24
CA GLY GA 153 -24.24 67.88 -21.39
C GLY GA 153 -23.88 67.30 -20.04
N ILE GA 154 -23.10 66.21 -20.04
CA ILE GA 154 -22.74 65.54 -18.79
C ILE GA 154 -21.61 66.26 -18.04
N PRO GA 155 -20.58 66.84 -18.68
CA PRO GA 155 -19.58 67.55 -17.88
C PRO GA 155 -20.16 68.76 -17.15
N ALA GA 156 -21.14 69.43 -17.74
CA ALA GA 156 -21.67 70.65 -17.12
C ALA GA 156 -22.41 70.32 -15.82
N ILE GA 157 -23.27 69.30 -15.85
CA ILE GA 157 -24.05 68.98 -14.66
C ILE GA 157 -23.14 68.45 -13.55
N ILE GA 158 -22.12 67.69 -13.93
CA ILE GA 158 -21.18 67.17 -12.95
C ILE GA 158 -20.48 68.31 -12.23
N GLN GA 159 -20.06 69.34 -12.98
CA GLN GA 159 -19.48 70.52 -12.36
C GLN GA 159 -20.50 71.22 -11.45
N THR GA 160 -21.77 71.23 -11.87
CA THR GA 160 -22.82 71.82 -11.03
C THR GA 160 -22.95 71.06 -9.72
N LEU GA 161 -22.94 69.73 -9.77
CA LEU GA 161 -22.93 68.94 -8.54
C LEU GA 161 -21.65 69.18 -7.75
N ASN GA 162 -20.52 69.29 -8.44
CA ASN GA 162 -19.25 69.53 -7.77
C ASN GA 162 -19.17 70.90 -7.12
N GLY GA 163 -20.05 71.83 -7.49
CA GLY GA 163 -20.07 73.14 -6.88
C GLY GA 163 -19.52 74.27 -7.73
N SER GA 164 -19.62 74.18 -9.05
CA SER GA 164 -19.13 75.24 -9.91
C SER GA 164 -20.07 76.44 -9.85
N GLU GA 165 -19.61 77.56 -10.42
CA GLU GA 165 -20.42 78.78 -10.43
C GLU GA 165 -21.63 78.63 -11.36
N ARG GA 166 -21.59 77.64 -12.26
CA ARG GA 166 -22.67 77.47 -13.22
C ARG GA 166 -23.96 77.07 -12.54
N GLN GA 167 -25.00 77.87 -12.71
CA GLN GA 167 -26.31 77.54 -12.18
C GLN GA 167 -26.92 76.42 -13.01
N PRO GA 168 -27.81 75.62 -12.40
CA PRO GA 168 -28.46 74.54 -13.17
C PRO GA 168 -29.26 75.07 -14.36
N GLY GA 169 -29.20 74.36 -15.48
CA GLY GA 169 -29.91 74.75 -16.67
C GLY GA 169 -29.25 75.83 -17.48
N ASP GA 170 -28.09 76.34 -17.05
CA ASP GA 170 -27.41 77.43 -17.74
C ASP GA 170 -26.28 76.84 -18.57
N PHE GA 171 -26.35 77.05 -19.89
CA PHE GA 171 -25.29 76.64 -20.79
C PHE GA 171 -24.54 77.83 -21.39
N GLY GA 172 -24.90 79.04 -21.00
CA GLY GA 172 -24.21 80.22 -21.50
C GLY GA 172 -24.37 80.43 -23.00
N PHE GA 173 -25.52 80.08 -23.55
CA PHE GA 173 -25.80 80.26 -24.97
C PHE GA 173 -26.77 81.42 -25.12
N ASP GA 174 -26.22 82.61 -25.39
CA ASP GA 174 -27.02 83.82 -25.58
C ASP GA 174 -26.50 84.57 -26.80
N PRO GA 175 -26.67 84.00 -28.00
CA PRO GA 175 -26.17 84.70 -29.21
C PRO GA 175 -26.79 86.06 -29.42
N LEU GA 176 -28.08 86.23 -29.09
CA LEU GA 176 -28.75 87.52 -29.20
C LEU GA 176 -29.00 88.05 -27.80
N GLY GA 177 -28.40 89.20 -27.50
CA GLY GA 177 -28.38 89.70 -26.14
C GLY GA 177 -29.71 90.21 -25.62
N CYS GA 178 -30.74 89.37 -25.67
CA CYS GA 178 -32.00 89.73 -25.02
C CYS GA 178 -31.90 89.53 -23.51
N GLY GA 179 -31.17 88.50 -23.08
CA GLY GA 179 -30.96 88.30 -21.66
C GLY GA 179 -29.87 89.20 -21.09
N ARG GA 180 -29.25 90.01 -21.96
CA ARG GA 180 -28.19 90.91 -21.54
C ARG GA 180 -28.65 91.85 -20.44
N ASN GA 181 -29.89 92.31 -20.50
CA ASN GA 181 -30.42 93.19 -19.49
C ASN GA 181 -30.83 92.34 -18.28
N PRO GA 182 -30.24 92.56 -17.10
CA PRO GA 182 -30.57 91.72 -15.94
C PRO GA 182 -32.03 91.79 -15.53
N GLU GA 183 -32.67 92.94 -15.71
CA GLU GA 183 -34.05 93.09 -15.25
C GLU GA 183 -34.97 92.12 -15.99
N THR GA 184 -34.81 92.00 -17.30
CA THR GA 184 -35.61 91.03 -18.05
C THR GA 184 -35.01 89.64 -17.98
N LEU GA 185 -33.75 89.52 -17.55
CA LEU GA 185 -33.14 88.19 -17.43
C LEU GA 185 -33.91 87.29 -16.47
N ALA GA 186 -34.15 87.77 -15.25
CA ALA GA 186 -34.89 86.98 -14.27
C ALA GA 186 -36.32 86.73 -14.73
N ARG GA 187 -36.95 87.76 -15.30
CA ARG GA 187 -38.29 87.58 -15.86
C ARG GA 187 -38.31 86.42 -16.85
N ARG GA 188 -37.36 86.43 -17.80
CA ARG GA 188 -37.43 85.46 -18.87
C ARG GA 188 -37.00 84.08 -18.38
N GLN GA 189 -36.21 84.03 -17.30
CA GLN GA 189 -36.04 82.76 -16.60
C GLN GA 189 -37.38 82.22 -16.11
N LEU GA 190 -38.17 83.07 -15.48
CA LEU GA 190 -39.48 82.64 -15.01
C LEU GA 190 -40.37 82.20 -16.17
N VAL GA 191 -40.33 82.95 -17.28
CA VAL GA 191 -41.15 82.59 -18.44
C VAL GA 191 -40.71 81.25 -19.01
N GLU GA 192 -39.40 81.03 -19.10
CA GLU GA 192 -38.89 79.75 -19.57
C GLU GA 192 -39.39 78.62 -18.70
N LEU GA 193 -39.25 78.78 -17.38
CA LEU GA 193 -39.65 77.71 -16.47
C LEU GA 193 -41.13 77.39 -16.61
N LYS GA 194 -41.99 78.42 -16.58
CA LYS GA 194 -43.42 78.16 -16.61
C LYS GA 194 -43.89 77.69 -17.98
N ASN GA 195 -43.31 78.23 -19.06
CA ASN GA 195 -43.67 77.80 -20.39
C ASN GA 195 -43.29 76.35 -20.64
N GLY GA 196 -42.07 75.97 -20.28
CA GLY GA 196 -41.70 74.56 -20.38
C GLY GA 196 -42.51 73.68 -19.46
N ARG GA 197 -42.90 74.22 -18.31
CA ARG GA 197 -43.73 73.49 -17.37
C ARG GA 197 -45.08 73.16 -18.00
N LEU GA 198 -45.67 74.14 -18.68
CA LEU GA 198 -46.89 73.88 -19.44
C LEU GA 198 -46.63 72.90 -20.58
N ALA GA 199 -45.47 73.02 -21.22
CA ALA GA 199 -45.17 72.20 -22.39
C ALA GA 199 -45.06 70.72 -22.03
N MET GA 200 -44.55 70.42 -20.83
CA MET GA 200 -44.56 69.03 -20.36
C MET GA 200 -45.94 68.43 -20.50
N ILE GA 201 -46.93 69.04 -19.83
CA ILE GA 201 -48.27 68.49 -19.81
C ILE GA 201 -48.89 68.54 -21.20
N ALA GA 202 -48.58 69.58 -21.98
CA ALA GA 202 -49.13 69.66 -23.33
C ALA GA 202 -48.65 68.49 -24.19
N VAL GA 203 -47.34 68.23 -24.18
CA VAL GA 203 -46.78 67.16 -24.99
C VAL GA 203 -47.32 65.81 -24.54
N GLY GA 204 -47.35 65.57 -23.22
CA GLY GA 204 -47.90 64.33 -22.74
C GLY GA 204 -49.36 64.18 -23.12
N GLY GA 205 -50.11 65.29 -23.09
CA GLY GA 205 -51.50 65.24 -23.49
C GLY GA 205 -51.66 64.82 -24.94
N MET GA 206 -50.91 65.45 -25.84
CA MET GA 206 -51.07 65.09 -27.25
C MET GA 206 -50.63 63.66 -27.50
N VAL GA 207 -49.61 63.20 -26.78
CA VAL GA 207 -49.17 61.82 -26.97
C VAL GA 207 -50.26 60.84 -26.55
N HIS GA 208 -50.81 61.01 -25.34
CA HIS GA 208 -51.87 60.10 -24.89
C HIS GA 208 -53.09 60.22 -25.80
N HIS GA 209 -53.43 61.45 -26.21
CA HIS GA 209 -54.54 61.67 -27.14
C HIS GA 209 -54.36 60.85 -28.40
N TYR GA 210 -53.19 60.96 -29.04
CA TYR GA 210 -52.94 60.18 -30.25
C TYR GA 210 -53.04 58.69 -29.99
N LEU GA 211 -52.39 58.20 -28.95
CA LEU GA 211 -52.25 56.76 -28.83
C LEU GA 211 -53.59 56.11 -28.47
N LEU GA 212 -54.56 56.88 -28.00
CA LEU GA 212 -55.92 56.33 -27.99
C LEU GA 212 -56.71 56.67 -29.25
N VAL GA 213 -57.02 57.95 -29.47
CA VAL GA 213 -58.01 58.32 -30.48
C VAL GA 213 -57.66 59.71 -31.03
N GLY GA 214 -57.80 59.88 -32.34
CA GLY GA 214 -57.63 61.18 -32.94
C GLY GA 214 -56.33 61.33 -33.71
N ARG GA 215 -56.25 62.40 -34.49
CA ARG GA 215 -55.13 62.67 -35.38
C ARG GA 215 -54.41 63.94 -34.95
N GLY GA 216 -53.48 63.81 -34.01
CA GLY GA 216 -52.61 64.90 -33.64
C GLY GA 216 -53.32 66.13 -33.13
N PRO GA 217 -52.57 67.21 -32.87
CA PRO GA 217 -53.17 68.41 -32.26
C PRO GA 217 -54.24 69.09 -33.09
N ILE GA 218 -53.91 69.52 -34.31
CA ILE GA 218 -54.85 70.36 -35.07
C ILE GA 218 -56.08 69.55 -35.48
N GLU GA 219 -55.87 68.35 -36.01
CA GLU GA 219 -57.01 67.55 -36.44
C GLU GA 219 -57.80 67.03 -35.24
N PHE GA 220 -57.12 66.80 -34.11
CA PHE GA 220 -57.82 66.45 -32.88
C PHE GA 220 -58.73 67.57 -32.42
N VAL GA 221 -58.24 68.82 -32.49
CA VAL GA 221 -59.10 69.96 -32.21
C VAL GA 221 -60.25 70.00 -33.22
N LYS GA 222 -59.96 69.64 -34.47
CA LYS GA 222 -60.99 69.68 -35.51
C LYS GA 222 -62.14 68.71 -35.19
N ASN GA 223 -61.83 67.46 -34.87
CA ASN GA 223 -62.85 66.44 -34.64
C ASN GA 223 -63.08 66.26 -33.15
N ILE GA 224 -63.99 67.07 -32.59
CA ILE GA 224 -64.30 66.95 -31.17
C ILE GA 224 -65.01 65.65 -30.81
N PRO GA 225 -65.82 65.03 -31.68
CA PRO GA 225 -66.46 63.77 -31.28
C PRO GA 225 -65.52 62.59 -31.42
N ASN GA 226 -65.97 61.45 -30.90
CA ASN GA 226 -65.27 60.17 -31.01
C ASN GA 226 -65.80 59.32 -32.15
N PHE GA 227 -66.42 59.94 -33.16
CA PHE GA 227 -67.13 59.17 -34.18
C PHE GA 227 -66.16 58.50 -35.15
N LYS GA 228 -64.92 58.98 -35.22
CA LYS GA 228 -63.86 58.25 -35.91
C LYS GA 228 -62.72 57.96 -34.93
N ASN GA 229 -62.18 56.74 -35.00
CA ASN GA 229 -61.05 56.37 -34.11
C ASN GA 229 -59.93 55.72 -34.92
N PRO GA 230 -59.22 56.47 -35.80
CA PRO GA 230 -58.07 55.92 -36.59
C PRO GA 230 -56.95 55.52 -35.64
N LEU GA 231 -56.27 54.42 -35.96
CA LEU GA 231 -55.19 53.90 -35.08
C LEU GA 231 -54.05 54.93 -35.05
N PRO GA 232 -53.39 55.16 -33.89
CA PRO GA 232 -52.23 56.08 -33.79
C PRO GA 232 -51.25 55.82 -34.94
N TYR HA 41 60.23 -51.88 50.89
CA TYR HA 41 60.39 -51.89 52.36
C TYR HA 41 60.38 -53.34 52.78
N ARG HA 42 60.36 -54.29 51.85
CA ARG HA 42 60.55 -55.67 52.32
C ARG HA 42 62.03 -55.56 52.63
N GLU HA 43 62.79 -55.06 51.64
CA GLU HA 43 64.19 -54.67 51.89
C GLU HA 43 64.44 -53.47 50.97
N GLY HA 44 65.15 -52.44 51.43
CA GLY HA 44 65.49 -51.32 50.55
C GLY HA 44 66.31 -51.88 49.41
N VAL HA 45 67.17 -52.86 49.67
CA VAL HA 45 67.90 -53.54 48.57
C VAL HA 45 66.92 -54.07 47.49
N LEU HA 46 65.71 -54.56 47.85
CA LEU HA 46 64.87 -55.04 46.70
C LEU HA 46 64.14 -53.88 46.03
N GLN HA 47 63.65 -52.92 46.81
CA GLN HA 47 62.84 -51.84 46.23
C GLN HA 47 63.18 -50.51 46.91
N GLY HA 48 62.84 -49.36 46.32
CA GLY HA 48 63.04 -48.08 47.03
C GLY HA 48 64.38 -47.44 46.75
N LEU HA 49 64.71 -46.41 47.54
CA LEU HA 49 65.94 -45.61 47.32
C LEU HA 49 67.22 -46.45 47.28
N GLY HA 50 68.13 -46.10 46.38
CA GLY HA 50 69.45 -46.76 46.32
C GLY HA 50 69.29 -48.06 45.58
N THR HA 51 68.04 -48.38 45.27
CA THR HA 51 67.74 -49.64 44.55
C THR HA 51 67.33 -49.29 43.15
N ASP HA 52 67.55 -48.04 42.77
CA ASP HA 52 67.29 -47.72 41.36
C ASP HA 52 68.56 -48.20 40.66
N ALA HA 53 68.45 -49.30 39.95
CA ALA HA 53 69.66 -49.88 39.32
C ALA HA 53 69.61 -49.69 37.82
N ILE HA 54 68.65 -48.90 37.35
CA ILE HA 54 68.73 -48.50 35.93
C ILE HA 54 69.95 -47.61 36.11
N PRO HA 55 70.79 -47.27 35.12
CA PRO HA 55 71.90 -46.41 35.45
C PRO HA 55 70.97 -45.44 36.12
N GLY HA 56 71.28 -45.02 37.35
CA GLY HA 56 70.28 -44.27 38.14
C GLY HA 56 69.81 -42.96 37.54
N THR HA 57 70.71 -42.10 37.05
CA THR HA 57 70.23 -40.78 36.57
C THR HA 57 69.38 -40.20 37.69
N ASP HA 58 69.89 -40.18 38.92
CA ASP HA 58 69.06 -39.74 40.08
C ASP HA 58 67.88 -40.72 40.22
N ARG HA 59 66.62 -40.27 40.23
CA ARG HA 59 65.48 -41.23 40.26
C ARG HA 59 64.26 -40.45 39.77
N PRO HA 60 63.29 -41.04 39.03
CA PRO HA 60 62.20 -40.24 38.51
C PRO HA 60 61.84 -39.52 39.76
N LYS HA 61 61.70 -38.19 39.70
CA LYS HA 61 61.55 -37.43 40.96
C LYS HA 61 60.30 -37.79 41.76
N ASN HA 62 59.14 -37.90 41.09
CA ASN HA 62 57.90 -38.13 41.87
C ASN HA 62 58.11 -39.50 42.52
N LEU HA 63 58.71 -40.42 41.77
CA LEU HA 63 58.91 -41.78 42.29
C LEU HA 63 59.89 -41.61 43.45
N ASP HA 64 59.68 -42.36 44.52
CA ASP HA 64 60.47 -42.17 45.75
C ASP HA 64 60.29 -43.46 46.53
N GLY HA 65 60.93 -43.58 47.67
CA GLY HA 65 60.81 -44.87 48.35
C GLY HA 65 59.39 -45.19 48.74
N ALA HA 66 58.52 -44.20 48.90
CA ALA HA 66 57.20 -44.54 49.49
C ALA HA 66 56.40 -45.54 48.67
N LEU HA 67 56.26 -45.35 47.37
CA LEU HA 67 55.37 -46.28 46.65
C LEU HA 67 55.99 -47.69 46.63
N VAL HA 68 55.17 -48.71 46.84
CA VAL HA 68 55.67 -50.11 46.92
C VAL HA 68 56.23 -50.53 45.56
N GLY HA 69 57.27 -51.36 45.57
CA GLY HA 69 57.81 -51.86 44.30
C GLY HA 69 58.28 -50.76 43.38
N ASP HA 70 58.91 -49.71 43.90
CA ASP HA 70 59.44 -48.71 42.94
C ASP HA 70 60.94 -48.89 42.75
N VAL HA 71 61.37 -49.21 41.54
CA VAL HA 71 62.83 -49.22 41.23
C VAL HA 71 63.14 -47.91 40.53
N GLY HA 72 62.10 -47.11 40.28
CA GLY HA 72 62.31 -45.86 39.55
C GLY HA 72 62.40 -46.03 38.05
N PHE HA 73 61.79 -47.07 37.48
CA PHE HA 73 61.82 -47.10 36.00
C PHE HA 73 60.68 -46.31 35.51
N ASP HA 74 60.84 -45.02 35.31
CA ASP HA 74 59.71 -44.24 34.73
C ASP HA 74 60.29 -43.40 33.60
N PRO HA 75 60.56 -44.01 32.45
CA PRO HA 75 61.22 -43.31 31.39
C PRO HA 75 60.33 -42.24 30.85
N LEU HA 76 59.07 -42.46 31.00
CA LEU HA 76 58.26 -41.48 30.27
C LEU HA 76 57.68 -40.54 31.29
N GLY HA 77 58.14 -40.67 32.52
CA GLY HA 77 57.76 -39.64 33.49
C GLY HA 77 56.31 -39.69 33.73
N PHE HA 78 55.73 -40.84 33.50
CA PHE HA 78 54.27 -40.83 33.62
C PHE HA 78 53.95 -40.36 35.04
N SER HA 79 54.87 -40.65 35.92
CA SER HA 79 54.55 -40.27 37.31
C SER HA 79 54.46 -38.78 37.34
N ASN HA 80 55.14 -38.13 36.42
CA ASN HA 80 55.33 -36.67 36.55
C ASN HA 80 53.99 -35.93 36.69
N TRP HA 81 53.01 -36.22 35.84
CA TRP HA 81 51.77 -35.41 35.91
C TRP HA 81 50.72 -36.19 36.65
N LEU HA 82 50.93 -37.47 36.84
CA LEU HA 82 49.89 -38.42 37.18
C LEU HA 82 49.79 -38.55 38.70
N ASP HA 83 48.58 -39.04 38.97
CA ASP HA 83 48.27 -39.31 40.36
C ASP HA 83 48.70 -40.74 40.52
N LEU HA 84 49.87 -40.96 41.12
CA LEU HA 84 50.37 -42.34 41.32
C LEU HA 84 49.35 -43.11 42.17
N ARG HA 85 48.51 -42.46 42.96
CA ARG HA 85 47.45 -43.18 43.68
C ARG HA 85 46.48 -43.80 42.67
N TRP HA 86 46.12 -43.16 41.56
CA TRP HA 86 45.30 -43.82 40.53
C TRP HA 86 46.28 -44.53 39.72
N ALA HA 87 47.46 -44.01 39.83
CA ALA HA 87 48.37 -44.84 39.04
C ALA HA 87 48.64 -46.18 39.73
N ARG HA 88 48.87 -46.16 41.04
CA ARG HA 88 49.12 -47.40 41.75
C ARG HA 88 47.86 -48.26 41.82
N GLU HA 89 46.68 -47.64 41.97
CA GLU HA 89 45.44 -48.40 41.94
C GLU HA 89 45.25 -49.07 40.59
N ALA HA 90 45.51 -48.34 39.50
CA ALA HA 90 45.40 -48.90 38.16
C ALA HA 90 46.41 -50.03 37.95
N GLU HA 91 47.62 -50.05 38.45
CA GLU HA 91 48.51 -51.19 38.08
C GLU HA 91 48.13 -52.49 38.74
N ILE HA 92 47.77 -52.46 40.01
CA ILE HA 92 47.51 -53.74 40.68
C ILE HA 92 46.27 -54.36 40.05
N LYS HA 93 45.19 -53.64 39.76
CA LYS HA 93 43.98 -54.32 39.22
C LYS HA 93 44.30 -54.91 37.84
N HIS HA 94 45.08 -54.26 36.97
CA HIS HA 94 45.47 -54.89 35.67
C HIS HA 94 46.29 -56.13 35.97
N GLY HA 95 47.15 -56.07 36.96
CA GLY HA 95 47.93 -57.23 37.30
C GLY HA 95 47.05 -58.33 37.78
N ARG HA 96 46.07 -58.07 38.62
CA ARG HA 96 45.27 -59.21 39.16
C ARG HA 96 44.43 -59.81 38.05
N VAL HA 97 43.90 -59.03 37.14
CA VAL HA 97 43.08 -59.68 36.13
C VAL HA 97 44.02 -60.60 35.39
N ALA HA 98 45.17 -60.12 35.00
CA ALA HA 98 46.08 -60.95 34.15
C ALA HA 98 46.61 -62.19 34.85
N MET HA 99 47.06 -62.08 36.07
CA MET HA 99 47.47 -63.32 36.69
C MET HA 99 46.23 -64.23 36.65
N LEU HA 100 45.01 -63.75 36.93
CA LEU HA 100 43.87 -64.70 36.87
C LEU HA 100 43.70 -65.11 35.41
N ALA HA 101 43.79 -64.22 34.43
CA ALA HA 101 43.51 -64.67 33.06
C ALA HA 101 44.54 -65.68 32.68
N ALA HA 102 45.75 -65.41 33.07
CA ALA HA 102 46.85 -66.31 32.65
C ALA HA 102 46.76 -67.66 33.34
N THR HA 103 46.42 -67.65 34.59
CA THR HA 103 46.39 -68.97 35.14
C THR HA 103 45.45 -69.63 34.22
N GLY HA 104 44.46 -68.91 33.72
CA GLY HA 104 43.35 -69.50 32.96
C GLY HA 104 43.61 -70.07 31.60
N MET HA 105 44.30 -69.37 30.75
CA MET HA 105 44.47 -70.04 29.46
C MET HA 105 45.25 -71.35 29.74
N ILE HA 106 46.24 -71.31 30.60
CA ILE HA 106 47.08 -72.49 30.94
C ILE HA 106 46.22 -73.58 31.59
N VAL HA 107 45.25 -73.28 32.44
CA VAL HA 107 44.51 -74.38 33.11
C VAL HA 107 43.28 -74.65 32.27
N GLN HA 108 43.15 -73.99 31.13
CA GLN HA 108 42.01 -74.30 30.22
C GLN HA 108 42.47 -75.24 29.12
N ASP HA 109 43.63 -75.00 28.50
CA ASP HA 109 44.15 -75.98 27.51
C ASP HA 109 44.39 -77.28 28.25
N VAL HA 110 44.87 -77.20 29.47
CA VAL HA 110 45.01 -78.41 30.32
C VAL HA 110 43.68 -78.84 30.95
N TYR HA 111 42.66 -78.08 31.25
CA TYR HA 111 41.46 -78.79 31.78
C TYR HA 111 40.22 -78.13 31.32
N LYS HA 112 39.13 -78.87 31.23
CA LYS HA 112 37.82 -78.26 30.91
C LYS HA 112 36.88 -78.85 31.95
N PHE HA 113 35.90 -78.12 32.46
CA PHE HA 113 35.15 -78.62 33.63
C PHE HA 113 34.07 -79.60 33.26
N PRO HA 114 33.36 -80.22 34.22
CA PRO HA 114 32.40 -81.24 33.88
C PRO HA 114 31.61 -80.59 32.84
N GLY HA 115 31.47 -81.22 31.71
CA GLY HA 115 30.78 -80.57 30.60
C GLY HA 115 31.75 -79.68 29.91
N VAL HA 116 31.28 -78.56 29.43
CA VAL HA 116 32.12 -77.58 28.71
C VAL HA 116 32.37 -78.31 27.42
N GLN HA 117 32.89 -79.51 27.53
CA GLN HA 117 33.25 -80.23 26.28
C GLN HA 117 32.04 -80.23 25.34
N LYS HA 118 30.88 -80.68 25.81
CA LYS HA 118 29.74 -80.82 24.88
C LYS HA 118 29.37 -79.45 24.35
N THR HA 119 29.33 -78.42 25.19
CA THR HA 119 29.09 -77.04 24.69
C THR HA 119 30.44 -76.49 24.34
N PHE HA 120 30.53 -75.34 23.72
CA PHE HA 120 31.87 -74.73 23.55
C PHE HA 120 32.62 -75.58 22.63
N GLY HA 121 31.94 -76.60 22.13
CA GLY HA 121 32.67 -77.54 21.29
C GLY HA 121 33.89 -77.86 22.08
N ASP HA 122 35.04 -77.86 21.44
CA ASP HA 122 36.28 -77.90 22.22
C ASP HA 122 36.99 -76.76 21.49
N ALA HA 123 37.11 -75.57 22.10
CA ALA HA 123 37.62 -74.44 21.28
C ALA HA 123 38.74 -73.67 21.95
N SER HA 124 39.58 -73.06 21.11
CA SER HA 124 40.75 -72.31 21.59
C SER HA 124 40.27 -71.15 22.43
N MET HA 125 41.20 -70.49 23.06
CA MET HA 125 40.78 -69.45 24.05
C MET HA 125 40.07 -68.22 23.48
N MET HA 126 40.53 -67.61 22.39
CA MET HA 126 39.71 -66.46 21.87
C MET HA 126 38.34 -66.97 21.40
N LYS HA 127 38.28 -68.10 20.68
CA LYS HA 127 36.92 -68.52 20.23
C LYS HA 127 35.99 -68.55 21.44
N LEU HA 128 36.50 -68.89 22.61
CA LEU HA 128 35.58 -68.96 23.72
C LEU HA 128 35.01 -67.55 23.86
N HIS HA 129 35.78 -66.50 23.73
CA HIS HA 129 35.15 -65.16 23.98
C HIS HA 129 34.18 -64.87 22.84
N ASN HA 130 34.11 -65.70 21.80
CA ASN HA 130 33.06 -65.48 20.75
C ASN HA 130 31.87 -66.44 20.92
N VAL HA 131 32.10 -67.70 21.24
CA VAL HA 131 31.01 -68.68 21.55
C VAL HA 131 30.38 -68.31 22.89
N ALA HA 132 31.19 -67.98 23.87
CA ALA HA 132 30.62 -67.76 25.19
C ALA HA 132 29.67 -66.60 25.10
N VAL HA 133 30.00 -65.57 24.38
CA VAL HA 133 29.08 -64.42 24.45
C VAL HA 133 27.70 -64.92 24.05
N ASP HA 134 27.60 -66.12 23.48
CA ASP HA 134 26.28 -66.60 22.98
C ASP HA 134 25.76 -67.76 23.81
N GLN HA 135 26.61 -68.64 24.31
CA GLN HA 135 26.09 -69.68 25.22
C GLN HA 135 25.53 -68.91 26.40
N GLY HA 136 25.98 -67.68 26.59
CA GLY HA 136 25.51 -66.82 27.68
C GLY HA 136 26.46 -66.75 28.84
N ALA HA 137 27.49 -67.57 28.87
CA ALA HA 137 28.30 -67.54 30.07
C ALA HA 137 28.88 -66.17 30.21
N MET HA 138 29.56 -65.76 29.20
CA MET HA 138 30.25 -64.50 29.42
C MET HA 138 29.23 -63.43 29.79
N GLN HA 139 28.12 -63.34 29.13
CA GLN HA 139 27.26 -62.20 29.45
C GLN HA 139 26.85 -62.29 30.90
N GLN HA 140 26.93 -63.43 31.55
CA GLN HA 140 26.58 -63.45 33.00
C GLN HA 140 27.88 -63.45 33.76
N LEU HA 141 28.95 -62.95 33.19
CA LEU HA 141 30.21 -62.77 33.92
C LEU HA 141 30.52 -61.33 33.64
N PHE HA 142 29.66 -60.63 32.94
CA PHE HA 142 29.88 -59.18 32.82
C PHE HA 142 28.78 -58.58 33.65
N LEU HA 143 27.66 -59.27 33.82
CA LEU HA 143 26.62 -58.77 34.74
C LEU HA 143 27.23 -58.66 36.15
N TRP HA 144 27.60 -59.79 36.73
CA TRP HA 144 28.11 -59.79 38.14
C TRP HA 144 29.40 -58.99 38.32
N ILE HA 145 30.35 -59.06 37.38
CA ILE HA 145 31.58 -58.22 37.50
C ILE HA 145 31.20 -56.73 37.43
N THR HA 146 30.26 -56.35 36.56
CA THR HA 146 29.81 -54.93 36.51
C THR HA 146 29.18 -54.58 37.85
N VAL HA 147 28.40 -55.49 38.41
CA VAL HA 147 27.76 -55.24 39.74
C VAL HA 147 28.89 -55.09 40.76
N LEU HA 148 29.93 -55.91 40.66
CA LEU HA 148 31.07 -55.83 41.61
C LEU HA 148 31.70 -54.43 41.51
N GLU HA 149 32.21 -54.08 40.32
CA GLU HA 149 32.92 -52.79 40.16
C GLU HA 149 32.01 -51.63 40.52
N THR HA 150 30.78 -51.60 40.04
CA THR HA 150 29.98 -50.40 40.36
C THR HA 150 29.86 -50.28 41.87
N LEU HA 151 29.30 -51.29 42.54
CA LEU HA 151 29.05 -51.13 43.99
C LEU HA 151 30.34 -50.95 44.82
N THR HA 152 31.40 -51.72 44.59
CA THR HA 152 32.60 -51.47 45.41
C THR HA 152 33.80 -51.00 44.60
N GLY HA 153 33.84 -51.32 43.31
CA GLY HA 153 35.00 -50.94 42.48
C GLY HA 153 35.18 -49.46 42.33
N ILE HA 154 34.09 -48.72 42.14
CA ILE HA 154 34.23 -47.26 41.84
C ILE HA 154 34.30 -46.42 43.12
N PRO HA 155 33.53 -46.64 44.22
CA PRO HA 155 33.76 -45.79 45.38
C PRO HA 155 35.19 -45.85 45.88
N ALA HA 156 35.78 -47.04 45.87
CA ALA HA 156 37.13 -47.17 46.47
C ALA HA 156 38.14 -46.30 45.73
N ILE HA 157 38.08 -46.25 44.39
CA ILE HA 157 39.04 -45.32 43.71
C ILE HA 157 38.74 -43.88 44.14
N ILE HA 158 37.46 -43.50 44.22
CA ILE HA 158 37.11 -42.08 44.56
C ILE HA 158 37.64 -41.77 45.96
N GLN HA 159 37.51 -42.71 46.89
CA GLN HA 159 38.02 -42.48 48.26
C GLN HA 159 39.54 -42.35 48.20
N THR HA 160 40.23 -43.22 47.44
CA THR HA 160 41.70 -43.09 47.34
C THR HA 160 42.05 -41.76 46.69
N LEU HA 161 41.32 -41.36 45.65
CA LEU HA 161 41.52 -40.02 45.02
C LEU HA 161 41.18 -38.93 46.04
N ASN HA 162 40.13 -39.15 46.84
CA ASN HA 162 39.64 -38.13 47.82
C ASN HA 162 40.62 -37.94 48.98
N GLY HA 163 41.62 -38.82 49.14
CA GLY HA 163 42.46 -38.70 50.35
C GLY HA 163 41.99 -39.62 51.46
N SER HA 164 41.07 -40.53 51.14
CA SER HA 164 40.64 -41.54 52.13
C SER HA 164 41.83 -42.43 52.46
N GLU HA 165 41.87 -43.02 53.65
CA GLU HA 165 43.05 -43.76 54.16
C GLU HA 165 43.41 -44.95 53.27
N ARG HA 166 42.45 -45.68 52.70
CA ARG HA 166 42.82 -46.92 52.01
C ARG HA 166 43.86 -46.69 50.92
N GLN HA 167 44.90 -47.54 50.90
CA GLN HA 167 46.00 -47.43 49.91
C GLN HA 167 45.50 -47.90 48.54
N PRO HA 168 46.02 -47.35 47.42
CA PRO HA 168 45.64 -47.83 46.11
C PRO HA 168 45.72 -49.34 46.05
N GLY HA 169 44.59 -50.01 45.80
CA GLY HA 169 44.59 -51.45 45.63
C GLY HA 169 44.20 -52.24 46.85
N ASP HA 170 43.87 -51.55 47.93
CA ASP HA 170 43.50 -52.24 49.18
C ASP HA 170 41.98 -52.36 49.29
N PHE HA 171 41.50 -53.59 49.13
CA PHE HA 171 40.04 -53.85 49.20
C PHE HA 171 39.84 -54.56 50.51
N GLY HA 172 40.90 -54.63 51.29
CA GLY HA 172 40.79 -55.23 52.63
C GLY HA 172 40.30 -56.66 52.52
N PHE HA 173 40.73 -57.40 51.50
CA PHE HA 173 40.33 -58.83 51.50
C PHE HA 173 41.48 -59.68 51.95
N ASP HA 174 41.37 -60.23 53.16
CA ASP HA 174 42.41 -61.12 53.71
C ASP HA 174 41.67 -62.20 54.49
N PRO HA 175 40.91 -63.11 53.85
CA PRO HA 175 40.10 -64.06 54.59
C PRO HA 175 40.92 -64.99 55.46
N LEU HA 176 42.07 -65.45 54.97
CA LEU HA 176 43.00 -66.24 55.81
C LEU HA 176 44.13 -65.25 56.01
N GLY HA 177 44.57 -65.02 57.25
CA GLY HA 177 45.50 -63.89 57.42
C GLY HA 177 46.95 -64.16 57.13
N CYS HA 178 47.29 -64.42 55.87
CA CYS HA 178 48.72 -64.47 55.49
C CYS HA 178 49.18 -63.03 55.73
N GLY HA 179 48.31 -62.09 55.38
CA GLY HA 179 48.56 -60.65 55.55
C GLY HA 179 48.73 -60.24 57.00
N ARG HA 180 47.93 -60.86 57.88
CA ARG HA 180 47.94 -60.50 59.32
C ARG HA 180 49.36 -60.25 59.82
N ASN HA 181 50.23 -61.26 59.75
CA ASN HA 181 51.65 -61.07 60.15
C ASN HA 181 52.16 -59.84 59.40
N PRO HA 182 52.54 -58.74 60.09
CA PRO HA 182 52.93 -57.52 59.38
C PRO HA 182 54.15 -57.70 58.49
N GLU HA 183 55.15 -58.43 58.97
CA GLU HA 183 56.40 -58.55 58.18
C GLU HA 183 56.12 -59.24 56.83
N THR HA 184 55.33 -60.32 56.84
CA THR HA 184 55.11 -61.09 55.60
C THR HA 184 54.28 -60.30 54.62
N LEU HA 185 53.38 -59.46 55.11
CA LEU HA 185 52.46 -58.73 54.19
C LEU HA 185 53.35 -57.85 53.30
N ALA HA 186 54.38 -57.24 53.88
CA ALA HA 186 55.25 -56.34 53.09
C ALA HA 186 55.92 -57.16 51.99
N ARG HA 187 56.36 -58.37 52.31
CA ARG HA 187 56.95 -59.23 51.26
C ARG HA 187 55.87 -59.53 50.22
N ARG HA 188 54.65 -59.82 50.67
CA ARG HA 188 53.58 -60.19 49.71
C ARG HA 188 53.29 -59.01 48.79
N GLN HA 189 53.26 -57.78 49.32
CA GLN HA 189 52.87 -56.64 48.45
C GLN HA 189 53.89 -56.51 47.34
N LEU HA 190 55.17 -56.67 47.66
CA LEU HA 190 56.19 -56.65 46.58
C LEU HA 190 55.98 -57.92 45.76
N VAL HA 191 55.72 -59.05 46.42
CA VAL HA 191 55.50 -60.23 45.59
C VAL HA 191 54.27 -60.03 44.70
N GLU HA 192 53.13 -59.70 45.28
CA GLU HA 192 51.91 -59.63 44.44
C GLU HA 192 52.19 -58.85 43.16
N LEU HA 193 52.64 -57.62 43.29
CA LEU HA 193 52.81 -56.75 42.11
C LEU HA 193 53.84 -57.32 41.13
N LYS HA 194 54.96 -57.85 41.62
CA LYS HA 194 55.97 -58.26 40.61
C LYS HA 194 55.40 -59.38 39.73
N ASN HA 195 54.71 -60.34 40.34
CA ASN HA 195 54.16 -61.48 39.55
C ASN HA 195 53.13 -60.91 38.59
N GLY HA 196 52.31 -59.96 39.06
CA GLY HA 196 51.30 -59.31 38.19
C GLY HA 196 51.96 -58.54 37.07
N ARG HA 197 53.05 -57.85 37.36
CA ARG HA 197 53.77 -57.13 36.28
C ARG HA 197 54.24 -58.22 35.31
N LEU HA 198 54.68 -59.38 35.82
CA LEU HA 198 55.14 -60.49 34.94
C LEU HA 198 53.95 -61.08 34.17
N ALA HA 199 52.85 -61.37 34.87
CA ALA HA 199 51.70 -62.04 34.24
C ALA HA 199 51.11 -61.16 33.13
N MET HA 200 51.03 -59.86 33.34
CA MET HA 200 50.35 -59.06 32.31
C MET HA 200 51.17 -59.24 31.03
N ILE HA 201 52.49 -59.22 31.14
CA ILE HA 201 53.30 -59.46 29.91
C ILE HA 201 53.03 -60.88 29.40
N ALA HA 202 52.98 -61.88 30.28
CA ALA HA 202 52.80 -63.26 29.77
C ALA HA 202 51.44 -63.40 29.08
N VAL HA 203 50.36 -62.93 29.72
CA VAL HA 203 48.98 -63.10 29.13
C VAL HA 203 48.93 -62.27 27.84
N GLY HA 204 49.57 -61.12 27.82
CA GLY HA 204 49.60 -60.34 26.58
C GLY HA 204 50.31 -61.17 25.54
N GLY HA 205 51.40 -61.83 25.95
CA GLY HA 205 52.10 -62.72 25.01
C GLY HA 205 51.23 -63.88 24.56
N MET HA 206 50.57 -64.56 25.51
CA MET HA 206 49.75 -65.75 25.15
C MET HA 206 48.75 -65.35 24.07
N VAL HA 207 48.03 -64.25 24.30
CA VAL HA 207 47.04 -63.76 23.31
C VAL HA 207 47.70 -63.37 21.99
N HIS HA 208 48.84 -62.69 22.04
CA HIS HA 208 49.55 -62.32 20.79
C HIS HA 208 50.04 -63.57 20.05
N HIS HA 209 50.65 -64.51 20.75
CA HIS HA 209 51.23 -65.69 20.06
C HIS HA 209 50.12 -66.48 19.36
N TYR HA 210 49.03 -66.75 20.08
CA TYR HA 210 47.98 -67.64 19.51
C TYR HA 210 47.37 -67.06 18.24
N LEU HA 211 47.09 -65.76 18.19
CA LEU HA 211 46.46 -65.31 16.93
C LEU HA 211 47.46 -65.55 15.79
N LEU HA 212 48.73 -65.21 16.00
CA LEU HA 212 49.64 -65.38 14.85
C LEU HA 212 49.77 -66.85 14.46
N VAL HA 213 49.93 -67.74 15.45
CA VAL HA 213 50.13 -69.19 15.16
C VAL HA 213 49.74 -70.06 16.35
N GLY HA 214 49.38 -71.31 16.13
CA GLY HA 214 49.19 -72.25 17.25
C GLY HA 214 47.87 -72.12 17.97
N ARG HA 215 47.66 -72.96 18.99
CA ARG HA 215 46.46 -72.77 19.82
C ARG HA 215 46.78 -72.69 21.31
N GLY HA 216 46.48 -71.60 21.99
CA GLY HA 216 46.54 -71.57 23.46
C GLY HA 216 47.93 -71.44 24.05
N PRO HA 217 48.09 -71.26 25.38
CA PRO HA 217 49.41 -71.33 25.97
C PRO HA 217 50.13 -72.67 25.97
N ILE HA 218 49.45 -73.74 26.39
CA ILE HA 218 50.16 -75.04 26.50
C ILE HA 218 50.64 -75.50 25.11
N GLU HA 219 49.76 -75.47 24.12
CA GLU HA 219 50.13 -75.97 22.75
C GLU HA 219 51.26 -75.11 22.15
N PHE HA 220 51.25 -73.79 22.36
CA PHE HA 220 52.29 -72.99 21.66
C PHE HA 220 53.64 -73.45 22.17
N VAL HA 221 53.76 -73.71 23.47
CA VAL HA 221 55.01 -74.32 24.03
C VAL HA 221 55.13 -75.71 23.40
N LYS HA 222 54.00 -76.41 23.24
CA LYS HA 222 54.01 -77.79 22.69
C LYS HA 222 54.61 -77.79 21.27
N ASN HA 223 54.06 -77.03 20.32
CA ASN HA 223 54.68 -77.10 18.97
C ASN HA 223 55.63 -75.91 18.78
N ILE HA 224 56.93 -76.20 18.75
CA ILE HA 224 57.96 -75.15 18.53
C ILE HA 224 57.87 -74.51 17.14
N PRO HA 225 57.65 -75.26 16.04
CA PRO HA 225 57.71 -74.66 14.70
C PRO HA 225 56.68 -73.59 14.31
N ASN HA 226 56.94 -72.94 13.18
CA ASN HA 226 55.81 -72.23 12.50
C ASN HA 226 55.33 -73.34 11.56
N PHE HA 227 55.56 -74.61 11.92
CA PHE HA 227 55.30 -75.75 10.99
C PHE HA 227 53.85 -75.91 10.69
N LYS HA 228 53.00 -76.04 11.71
CA LYS HA 228 51.53 -76.07 11.47
C LYS HA 228 51.00 -74.72 11.94
N ASN HA 229 50.05 -74.17 11.19
CA ASN HA 229 49.54 -72.82 11.54
C ASN HA 229 48.03 -72.95 11.67
N PRO HA 230 47.49 -73.57 12.73
CA PRO HA 230 46.06 -73.79 12.80
C PRO HA 230 45.47 -72.42 12.86
N LEU HA 231 44.35 -72.24 12.17
CA LEU HA 231 43.75 -70.89 12.07
C LEU HA 231 43.10 -70.49 13.39
N PRO HA 232 42.96 -69.19 13.74
CA PRO HA 232 42.21 -68.78 14.92
C PRO HA 232 40.79 -69.19 14.67
N PHE IA 43 -13.82 76.99 -16.42
CA PHE IA 43 -14.14 78.20 -17.21
C PHE IA 43 -13.69 77.96 -18.63
N SER IA 44 -13.91 76.75 -19.14
CA SER IA 44 -13.33 76.47 -20.47
C SER IA 44 -13.85 77.47 -21.50
N ALA IA 45 -12.99 78.06 -22.33
CA ALA IA 45 -13.50 79.06 -23.27
C ALA IA 45 -14.41 78.40 -24.30
N ALA IA 46 -13.98 77.26 -24.80
CA ALA IA 46 -14.76 76.63 -25.88
C ALA IA 46 -16.11 76.21 -25.36
N VAL IA 47 -16.11 75.59 -24.20
CA VAL IA 47 -17.41 75.24 -23.58
C VAL IA 47 -17.55 76.09 -22.32
N PRO IA 48 -18.41 77.12 -22.31
CA PRO IA 48 -18.43 78.02 -21.17
C PRO IA 48 -18.80 77.21 -19.94
N PHE IA 49 -19.75 76.31 -20.13
CA PHE IA 49 -20.23 75.52 -18.99
C PHE IA 49 -19.10 74.74 -18.35
N LEU IA 50 -18.46 73.82 -19.06
CA LEU IA 50 -17.44 72.99 -18.38
C LEU IA 50 -16.29 73.86 -17.86
N LYS IA 51 -15.61 73.45 -16.78
CA LYS IA 51 -14.44 74.20 -16.27
C LYS IA 51 -13.22 73.87 -17.13
N ARG IA 52 -12.17 74.69 -17.13
CA ARG IA 52 -11.04 74.35 -18.04
C ARG IA 52 -10.44 73.05 -17.49
N PRO IA 53 -10.05 72.08 -18.32
CA PRO IA 53 -9.54 70.83 -17.79
C PRO IA 53 -8.30 71.33 -17.13
N THR IA 54 -7.89 70.71 -16.03
CA THR IA 54 -6.81 71.31 -15.22
C THR IA 54 -5.51 71.52 -15.95
N ASN IA 55 -5.06 70.58 -16.77
CA ASN IA 55 -3.70 70.74 -17.36
C ASN IA 55 -3.75 71.37 -18.75
N LEU IA 56 -4.92 71.71 -19.28
CA LEU IA 56 -4.94 72.46 -20.56
C LEU IA 56 -4.92 73.96 -20.22
N ASP IA 57 -3.73 74.55 -20.11
CA ASP IA 57 -3.60 75.96 -19.68
C ASP IA 57 -3.12 76.89 -20.80
N GLY IA 58 -3.10 76.42 -22.05
CA GLY IA 58 -2.70 77.30 -23.16
C GLY IA 58 -1.21 77.31 -23.42
N GLN IA 59 -0.46 76.49 -22.72
CA GLN IA 59 0.99 76.41 -22.99
C GLN IA 59 1.20 75.94 -24.42
N TYR IA 60 0.46 74.93 -24.84
CA TYR IA 60 0.57 74.45 -26.24
C TYR IA 60 -0.41 75.25 -27.04
N ILE IA 61 -0.05 75.56 -28.27
CA ILE IA 61 -0.98 76.44 -29.01
C ILE IA 61 -2.07 75.55 -29.61
N GLY IA 62 -3.25 76.12 -29.82
CA GLY IA 62 -4.38 75.30 -30.26
C GLY IA 62 -5.23 74.97 -29.06
N ASP IA 63 -5.07 75.72 -27.99
CA ASP IA 63 -5.82 75.32 -26.78
C ASP IA 63 -7.10 76.13 -26.61
N VAL IA 64 -8.26 75.49 -26.67
CA VAL IA 64 -9.54 76.19 -26.40
C VAL IA 64 -10.16 75.51 -25.20
N GLY IA 65 -9.39 74.69 -24.49
CA GLY IA 65 -9.91 74.06 -23.26
C GLY IA 65 -10.78 72.89 -23.56
N PHE IA 66 -10.86 72.50 -24.82
CA PHE IA 66 -11.76 71.39 -25.19
C PHE IA 66 -11.15 70.11 -24.78
N ASP IA 67 -11.28 69.72 -23.54
CA ASP IA 67 -10.88 68.33 -23.20
C ASP IA 67 -12.03 67.81 -22.36
N PRO IA 68 -13.22 67.61 -22.94
CA PRO IA 68 -14.35 67.25 -22.12
C PRO IA 68 -14.18 65.95 -21.42
N LEU IA 69 -13.68 64.94 -22.11
CA LEU IA 69 -13.64 63.60 -21.45
C LEU IA 69 -12.37 63.50 -20.61
N GLY IA 70 -11.66 64.61 -20.43
CA GLY IA 70 -10.48 64.60 -19.55
C GLY IA 70 -9.37 63.64 -19.96
N PHE IA 71 -9.07 63.47 -21.24
CA PHE IA 71 -7.91 62.61 -21.61
C PHE IA 71 -6.64 63.28 -21.14
N SER IA 72 -6.67 64.60 -21.00
CA SER IA 72 -5.42 65.31 -20.67
C SER IA 72 -4.87 64.82 -19.34
N ASP IA 73 -5.74 64.70 -18.36
CA ASP IA 73 -5.26 64.36 -17.00
C ASP IA 73 -4.59 63.00 -16.98
N VAL IA 74 -5.22 62.02 -17.62
CA VAL IA 74 -4.66 60.63 -17.57
C VAL IA 74 -3.30 60.51 -18.28
N PHE IA 75 -3.09 61.08 -19.47
CA PHE IA 75 -1.81 60.85 -20.18
C PHE IA 75 -1.02 62.14 -20.28
N ASP IA 76 0.29 62.04 -20.54
CA ASP IA 76 1.13 63.26 -20.51
C ASP IA 76 0.71 64.16 -21.66
N LEU IA 77 0.55 65.45 -21.41
CA LEU IA 77 0.04 66.30 -22.50
C LEU IA 77 1.08 66.28 -23.60
N ARG IA 78 2.34 66.27 -23.24
CA ARG IA 78 3.39 66.39 -24.28
C ARG IA 78 3.29 65.23 -25.25
N VAL IA 79 3.09 64.04 -24.75
CA VAL IA 79 2.95 62.87 -25.65
C VAL IA 79 1.72 63.11 -26.53
N LEU IA 80 0.69 63.68 -25.96
CA LEU IA 80 -0.53 63.84 -26.78
C LEU IA 80 -0.26 64.86 -27.87
N ARG IA 81 0.40 65.97 -27.59
CA ARG IA 81 0.56 66.94 -28.69
C ARG IA 81 1.32 66.25 -29.81
N GLU IA 82 2.33 65.46 -29.45
CA GLU IA 82 3.14 64.79 -30.47
C GLU IA 82 2.17 64.06 -31.36
N ALA IA 83 1.29 63.30 -30.75
CA ALA IA 83 0.30 62.53 -31.53
C ALA IA 83 -0.66 63.41 -32.29
N GLU IA 84 -1.06 64.53 -31.75
CA GLU IA 84 -2.06 65.29 -32.51
C GLU IA 84 -1.38 65.58 -33.81
N LEU IA 85 -0.24 66.22 -33.71
CA LEU IA 85 0.39 66.65 -34.96
C LEU IA 85 0.76 65.42 -35.79
N LYS IA 86 1.27 64.36 -35.22
CA LYS IA 86 1.68 63.25 -36.12
C LYS IA 86 0.46 62.69 -36.86
N HIS IA 87 -0.66 62.50 -36.22
CA HIS IA 87 -1.84 62.07 -37.00
C HIS IA 87 -2.18 63.15 -38.01
N GLY IA 88 -2.25 64.36 -37.54
CA GLY IA 88 -2.63 65.42 -38.45
C GLY IA 88 -1.73 65.37 -39.63
N ARG IA 89 -0.44 65.22 -39.42
CA ARG IA 89 0.47 65.31 -40.57
C ARG IA 89 0.11 64.20 -41.54
N PHE IA 90 -0.17 62.98 -41.07
CA PHE IA 90 -0.47 61.97 -42.10
C PHE IA 90 -1.72 62.37 -42.82
N ALA IA 91 -2.72 62.82 -42.09
CA ALA IA 91 -3.99 63.15 -42.73
C ALA IA 91 -3.84 64.34 -43.67
N MET IA 92 -3.14 65.36 -43.24
CA MET IA 92 -3.08 66.57 -44.09
C MET IA 92 -2.46 66.12 -45.40
N LEU IA 93 -1.52 65.21 -45.37
CA LEU IA 93 -0.96 64.67 -46.63
C LEU IA 93 -2.02 63.82 -47.30
N ALA IA 94 -2.63 62.88 -46.60
CA ALA IA 94 -3.53 61.93 -47.30
C ALA IA 94 -4.65 62.66 -47.98
N THR IA 95 -5.23 63.62 -47.28
CA THR IA 95 -6.25 64.38 -47.97
C THR IA 95 -5.68 64.85 -49.28
N LEU IA 96 -4.45 65.35 -49.34
CA LEU IA 96 -4.01 65.87 -50.65
C LEU IA 96 -4.00 64.69 -51.59
N GLY IA 97 -3.55 63.56 -51.09
CA GLY IA 97 -3.43 62.44 -52.02
C GLY IA 97 -4.73 61.97 -52.59
N PHE IA 98 -5.72 61.66 -51.75
CA PHE IA 98 -7.00 61.29 -52.39
C PHE IA 98 -7.30 62.29 -53.47
N ILE IA 99 -7.16 63.58 -53.23
CA ILE IA 99 -7.50 64.49 -54.34
C ILE IA 99 -6.56 64.25 -55.52
N VAL IA 100 -5.25 64.18 -55.30
CA VAL IA 100 -4.33 64.04 -56.46
C VAL IA 100 -4.50 62.66 -57.07
N GLN IA 101 -4.64 61.63 -56.26
CA GLN IA 101 -4.65 60.28 -56.87
C GLN IA 101 -5.83 60.23 -57.83
N GLU IA 102 -6.90 60.93 -57.50
CA GLU IA 102 -8.10 60.86 -58.34
C GLU IA 102 -7.79 61.55 -59.66
N LEU IA 103 -7.34 62.79 -59.61
CA LEU IA 103 -7.12 63.55 -60.87
C LEU IA 103 -6.05 62.86 -61.72
N TYR IA 104 -4.95 62.37 -61.13
CA TYR IA 104 -3.85 61.82 -61.94
C TYR IA 104 -3.17 60.66 -61.28
N THR IA 105 -2.73 59.67 -62.04
CA THR IA 105 -1.95 58.55 -61.50
C THR IA 105 -0.80 58.31 -62.44
N PHE IA 106 0.35 57.90 -61.92
CA PHE IA 106 1.54 57.69 -62.76
C PHE IA 106 1.26 56.58 -63.70
N PRO IA 107 1.83 56.61 -64.90
CA PRO IA 107 1.50 55.62 -65.90
C PRO IA 107 1.82 54.20 -65.52
N PHE IA 108 2.95 53.99 -64.90
CA PHE IA 108 3.38 52.60 -64.60
C PHE IA 108 2.40 51.89 -63.66
N PHE IA 109 1.75 52.63 -62.78
CA PHE IA 109 0.72 51.99 -61.93
C PHE IA 109 -0.59 51.91 -62.67
N PRO IA 110 -1.38 50.83 -62.46
CA PRO IA 110 -2.68 50.72 -63.08
C PRO IA 110 -3.62 51.77 -62.54
N LYS IA 111 -4.57 52.26 -63.33
CA LYS IA 111 -5.47 53.28 -62.73
C LYS IA 111 -6.48 52.62 -61.78
N MET IA 112 -6.57 53.13 -60.55
CA MET IA 112 -7.48 52.56 -59.53
C MET IA 112 -8.04 53.71 -58.70
N ALA IA 113 -9.14 53.49 -58.00
CA ALA IA 113 -9.71 54.51 -57.12
C ALA IA 113 -8.78 54.66 -55.92
N PRO IA 114 -8.79 55.78 -55.21
CA PRO IA 114 -7.80 55.98 -54.19
C PRO IA 114 -7.80 54.91 -53.14
N VAL IA 115 -8.95 54.41 -52.71
CA VAL IA 115 -8.88 53.44 -51.58
C VAL IA 115 -8.57 52.06 -52.14
N ASP IA 116 -8.99 51.79 -53.37
CA ASP IA 116 -8.80 50.44 -53.95
C ASP IA 116 -7.33 50.09 -53.80
N ALA IA 117 -6.51 51.08 -54.11
CA ALA IA 117 -5.06 50.85 -54.14
C ALA IA 117 -4.52 50.28 -52.86
N HIS IA 118 -5.19 50.44 -51.73
CA HIS IA 118 -4.52 49.90 -50.53
C HIS IA 118 -4.38 48.43 -50.86
N ASP IA 119 -5.27 47.93 -51.69
CA ASP IA 119 -5.22 46.48 -51.96
C ASP IA 119 -4.20 46.14 -53.05
N TYR IA 120 -4.18 46.85 -54.18
CA TYR IA 120 -3.20 46.41 -55.20
C TYR IA 120 -1.85 46.54 -54.62
N PHE IA 121 -1.62 47.65 -53.95
CA PHE IA 121 -0.26 47.92 -53.41
C PHE IA 121 0.06 46.94 -52.31
N VAL IA 122 -0.91 46.37 -51.65
CA VAL IA 122 -0.46 45.39 -50.62
C VAL IA 122 0.28 44.30 -51.39
N LYS IA 123 -0.12 44.05 -52.64
CA LYS IA 123 0.46 42.91 -53.40
C LYS IA 123 1.57 43.31 -54.38
N GLN IA 124 1.48 44.45 -55.03
CA GLN IA 124 2.57 44.78 -55.98
C GLN IA 124 3.82 44.80 -55.12
N GLY IA 125 3.69 45.27 -53.89
CA GLY IA 125 4.84 45.35 -52.98
C GLY IA 125 5.20 46.79 -52.76
N GLY IA 126 4.50 47.70 -53.41
CA GLY IA 126 4.77 49.10 -53.10
C GLY IA 126 4.43 49.33 -51.66
N GLY IA 127 3.36 48.75 -51.21
CA GLY IA 127 2.94 48.92 -49.83
C GLY IA 127 4.09 48.66 -48.92
N SER IA 128 4.79 47.55 -49.07
CA SER IA 128 5.86 47.32 -48.09
C SER IA 128 6.84 48.49 -48.16
N GLN IA 129 7.19 48.95 -49.35
CA GLN IA 129 8.21 49.99 -49.37
C GLN IA 129 7.68 51.19 -48.59
N ILE IA 130 6.47 51.64 -48.87
CA ILE IA 130 6.03 52.86 -48.14
C ILE IA 130 6.01 52.53 -46.66
N ILE IA 131 5.63 51.32 -46.26
CA ILE IA 131 5.74 50.98 -44.81
C ILE IA 131 7.21 50.92 -44.35
N PHE IA 132 8.12 50.37 -45.15
CA PHE IA 132 9.47 50.23 -44.58
C PHE IA 132 9.99 51.58 -44.28
N TRP IA 133 9.86 52.49 -45.22
CA TRP IA 133 10.48 53.79 -44.96
C TRP IA 133 9.75 54.52 -43.85
N ILE IA 134 8.44 54.55 -43.89
CA ILE IA 134 7.78 55.35 -42.82
C ILE IA 134 8.16 54.73 -41.50
N SER IA 135 8.35 53.42 -41.45
CA SER IA 135 8.86 52.84 -40.19
C SER IA 135 10.29 53.34 -39.91
N PHE IA 136 11.17 53.39 -40.89
CA PHE IA 136 12.56 53.80 -40.61
C PHE IA 136 12.49 55.18 -40.07
N VAL IA 137 11.70 56.04 -40.67
CA VAL IA 137 11.74 57.42 -40.14
C VAL IA 137 11.30 57.28 -38.70
N GLU IA 138 10.44 56.34 -38.39
CA GLU IA 138 9.87 56.35 -37.02
C GLU IA 138 10.86 55.85 -35.97
N LEU IA 139 11.85 55.05 -36.32
CA LEU IA 139 12.78 54.67 -35.23
C LEU IA 139 13.29 55.98 -34.65
N PHE IA 140 13.65 56.90 -35.52
CA PHE IA 140 14.22 58.17 -35.04
C PHE IA 140 13.12 58.82 -34.24
N GLY IA 141 11.88 58.64 -34.64
CA GLY IA 141 10.74 59.20 -33.88
C GLY IA 141 10.65 58.65 -32.47
N VAL IA 142 10.90 57.37 -32.26
CA VAL IA 142 10.92 56.85 -30.87
C VAL IA 142 11.99 57.60 -30.09
N VAL IA 143 13.15 57.79 -30.68
CA VAL IA 143 14.25 58.51 -29.99
C VAL IA 143 13.77 59.93 -29.75
N ALA IA 144 13.08 60.52 -30.70
CA ALA IA 144 12.58 61.88 -30.52
C ALA IA 144 11.58 61.92 -29.38
N LEU IA 145 10.71 60.94 -29.29
CA LEU IA 145 9.66 61.03 -28.24
C LEU IA 145 10.34 60.98 -26.88
N PHE IA 146 11.15 59.96 -26.68
CA PHE IA 146 11.85 59.76 -25.39
C PHE IA 146 12.49 61.05 -25.03
N GLU IA 147 13.01 61.76 -26.01
CA GLU IA 147 13.55 63.08 -25.67
C GLU IA 147 12.41 63.97 -25.18
N THR IA 148 11.24 63.95 -25.80
CA THR IA 148 10.19 64.87 -25.34
C THR IA 148 9.83 64.56 -23.92
N LEU IA 149 9.75 63.27 -23.60
CA LEU IA 149 9.40 62.85 -22.24
C LEU IA 149 10.49 63.34 -21.29
N GLN IA 150 11.75 63.29 -21.69
CA GLN IA 150 12.82 63.83 -20.83
C GLN IA 150 12.77 65.35 -20.89
N GLY IA 151 11.87 65.90 -21.70
CA GLY IA 151 11.68 67.35 -21.72
C GLY IA 151 12.68 68.08 -22.57
N LYS IA 152 13.49 67.34 -23.33
CA LYS IA 152 14.55 68.04 -24.11
C LYS IA 152 14.08 68.36 -25.52
N ARG IA 153 12.89 67.94 -25.93
CA ARG IA 153 12.35 68.30 -27.26
C ARG IA 153 10.93 68.85 -27.17
N GLU IA 154 10.63 69.97 -27.84
CA GLU IA 154 9.23 70.45 -27.87
C GLU IA 154 8.44 69.43 -28.65
N PRO IA 155 7.23 69.02 -28.24
CA PRO IA 155 6.56 67.96 -28.95
C PRO IA 155 6.30 68.42 -30.35
N GLY IA 156 6.46 67.54 -31.33
CA GLY IA 156 6.13 67.87 -32.72
C GLY IA 156 7.22 68.60 -33.47
N ASP IA 157 8.38 68.78 -32.85
CA ASP IA 157 9.45 69.55 -33.52
C ASP IA 157 10.48 68.57 -34.01
N PHE IA 158 10.61 68.43 -35.33
CA PHE IA 158 11.68 67.57 -35.89
C PHE IA 158 12.69 68.51 -36.44
N ALA IA 159 12.53 69.78 -36.17
CA ALA IA 159 13.47 70.82 -36.63
C ALA IA 159 13.53 70.90 -38.15
N PHE IA 160 12.47 70.55 -38.84
CA PHE IA 160 12.48 70.64 -40.32
C PHE IA 160 11.85 71.88 -40.79
N ASP IA 161 12.66 72.85 -41.11
CA ASP IA 161 12.12 74.03 -41.79
C ASP IA 161 13.13 74.28 -42.90
N PRO IA 162 13.24 73.42 -43.93
CA PRO IA 162 14.28 73.60 -44.92
C PRO IA 162 14.20 74.90 -45.64
N LEU IA 163 13.02 75.26 -46.13
CA LEU IA 163 12.88 76.48 -46.94
C LEU IA 163 12.81 77.68 -45.99
N GLY IA 164 13.00 77.45 -44.70
CA GLY IA 164 13.12 78.57 -43.75
C GLY IA 164 11.96 79.54 -43.77
N LEU IA 165 10.74 79.03 -43.93
CA LEU IA 165 9.55 79.91 -43.99
C LEU IA 165 9.34 80.64 -42.66
N ALA IA 166 9.71 80.04 -41.52
CA ALA IA 166 9.40 80.67 -40.20
C ALA IA 166 10.41 81.74 -39.82
N LYS IA 167 10.22 82.96 -40.32
CA LYS IA 167 11.13 84.10 -40.02
C LYS IA 167 11.17 84.56 -38.55
N ASP IA 168 10.04 84.65 -37.86
CA ASP IA 168 10.00 85.24 -36.49
C ASP IA 168 9.25 84.37 -35.49
N GLU IA 169 9.52 84.56 -34.20
CA GLU IA 169 8.84 83.76 -33.17
C GLU IA 169 7.33 84.01 -33.20
N ALA IA 170 6.88 85.14 -33.73
CA ALA IA 170 5.42 85.30 -33.89
C ALA IA 170 4.95 84.48 -35.08
N THR IA 171 5.72 84.51 -36.17
CA THR IA 171 5.31 83.80 -37.39
C THR IA 171 5.24 82.36 -37.03
N LEU IA 172 6.17 81.89 -36.22
CA LEU IA 172 6.08 80.49 -35.80
C LEU IA 172 4.76 80.34 -35.05
N GLU IA 173 4.40 81.24 -34.15
CA GLU IA 173 3.14 80.99 -33.43
C GLU IA 173 1.97 81.07 -34.40
N ARG IA 174 1.97 82.01 -35.33
CA ARG IA 174 0.85 82.01 -36.29
C ARG IA 174 0.82 80.67 -37.00
N TYR IA 175 1.92 80.30 -37.66
CA TYR IA 175 1.86 79.07 -38.45
C TYR IA 175 1.58 77.91 -37.55
N ARG IA 176 2.26 77.84 -36.42
CA ARG IA 176 2.09 76.64 -35.59
C ARG IA 176 0.62 76.44 -35.31
N LEU IA 177 -0.12 77.52 -35.02
CA LEU IA 177 -1.56 77.36 -34.82
C LEU IA 177 -2.21 76.87 -36.11
N ALA IA 178 -1.79 77.40 -37.25
CA ALA IA 178 -2.49 77.03 -38.48
C ALA IA 178 -2.34 75.53 -38.67
N GLU IA 179 -1.16 75.03 -38.40
CA GLU IA 179 -0.95 73.60 -38.66
C GLU IA 179 -1.90 72.85 -37.75
N VAL IA 180 -1.98 73.28 -36.50
CA VAL IA 180 -2.82 72.50 -35.56
C VAL IA 180 -4.25 72.60 -36.08
N LYS IA 181 -4.68 73.77 -36.53
CA LYS IA 181 -6.06 73.79 -37.07
C LYS IA 181 -6.16 72.89 -38.31
N HIS IA 182 -5.23 72.98 -39.24
CA HIS IA 182 -5.43 72.14 -40.44
C HIS IA 182 -5.41 70.68 -40.03
N ALA IA 183 -4.56 70.30 -39.10
CA ALA IA 183 -4.48 68.87 -38.79
C ALA IA 183 -5.83 68.41 -38.27
N ARG IA 184 -6.43 69.21 -37.42
CA ARG IA 184 -7.75 68.86 -36.89
C ARG IA 184 -8.77 68.82 -38.04
N LEU IA 185 -8.85 69.82 -38.90
CA LEU IA 185 -9.80 69.72 -40.04
C LEU IA 185 -9.46 68.47 -40.85
N ALA IA 186 -8.22 68.28 -41.23
CA ALA IA 186 -7.90 67.17 -42.15
C ALA IA 186 -8.21 65.83 -41.51
N MET IA 187 -7.93 65.65 -40.24
CA MET IA 187 -8.18 64.29 -39.70
C MET IA 187 -9.66 64.01 -39.86
N ILE IA 188 -10.51 65.00 -39.70
CA ILE IA 188 -11.96 64.79 -39.94
C ILE IA 188 -12.13 64.50 -41.42
N ALA IA 189 -11.66 65.37 -42.29
CA ALA IA 189 -11.97 65.18 -43.72
C ALA IA 189 -11.45 63.86 -44.26
N ILE IA 190 -10.25 63.40 -43.91
CA ILE IA 190 -9.77 62.15 -44.57
C ILE IA 190 -10.75 61.05 -44.20
N GLY IA 191 -11.22 61.05 -42.96
CA GLY IA 191 -12.14 60.00 -42.55
C GLY IA 191 -13.34 60.13 -43.42
N GLY IA 192 -13.75 61.35 -43.69
CA GLY IA 192 -14.88 61.45 -44.60
C GLY IA 192 -14.59 60.93 -45.96
N PHE IA 193 -13.48 61.29 -46.55
CA PHE IA 193 -13.36 60.87 -47.95
C PHE IA 193 -13.46 59.37 -47.96
N ILE IA 194 -12.91 58.72 -46.97
CA ILE IA 194 -12.91 57.25 -47.12
C ILE IA 194 -14.34 56.73 -46.95
N HIS IA 195 -15.04 57.08 -45.88
CA HIS IA 195 -16.38 56.48 -45.65
C HIS IA 195 -17.32 56.86 -46.78
N GLN IA 196 -17.27 58.09 -47.25
CA GLN IA 196 -18.25 58.42 -48.30
C GLN IA 196 -17.93 57.46 -49.44
N TYR IA 197 -16.67 57.22 -49.78
CA TYR IA 197 -16.44 56.25 -50.88
C TYR IA 197 -16.93 54.88 -50.47
N TRP IA 198 -16.57 54.40 -49.30
CA TRP IA 198 -17.14 53.07 -48.99
C TRP IA 198 -18.64 53.00 -49.28
N VAL IA 199 -19.38 54.12 -49.29
CA VAL IA 199 -20.85 54.00 -49.48
C VAL IA 199 -21.25 54.36 -50.90
N THR IA 200 -20.86 55.55 -51.34
CA THR IA 200 -21.19 56.02 -52.69
C THR IA 200 -20.43 55.26 -53.73
N LYS IA 201 -19.35 54.59 -53.35
CA LYS IA 201 -18.51 53.94 -54.37
C LYS IA 201 -18.17 54.97 -55.44
N GLN IA 202 -18.09 56.24 -55.06
CA GLN IA 202 -17.64 57.26 -56.02
C GLN IA 202 -16.46 58.01 -55.37
N THR IA 203 -15.46 58.39 -56.15
CA THR IA 203 -14.31 59.14 -55.60
C THR IA 203 -14.80 60.51 -55.19
N VAL IA 204 -14.05 61.22 -54.35
CA VAL IA 204 -14.60 62.48 -53.80
C VAL IA 204 -14.92 63.51 -54.88
N LEU IA 205 -14.03 63.77 -55.83
CA LEU IA 205 -14.38 64.83 -56.81
C LEU IA 205 -15.55 64.36 -57.69
N GLU IA 206 -15.56 63.08 -58.04
CA GLU IA 206 -16.65 62.56 -58.89
C GLU IA 206 -17.96 62.70 -58.15
N GLN IA 207 -17.96 62.38 -56.86
CA GLN IA 207 -19.21 62.44 -56.08
C GLN IA 207 -19.65 63.89 -56.08
N LEU IA 208 -18.71 64.80 -55.94
CA LEU IA 208 -19.15 66.21 -55.86
C LEU IA 208 -19.82 66.54 -57.21
N GLY IA 209 -19.24 66.07 -58.31
CA GLY IA 209 -19.84 66.33 -59.64
C GLY IA 209 -21.21 65.70 -59.79
N ASN IA 210 -21.32 64.42 -59.44
CA ASN IA 210 -22.61 63.69 -59.54
C ASN IA 210 -22.99 63.32 -58.12
N PHE IA 211 -23.84 64.10 -57.44
CA PHE IA 211 -24.06 63.85 -55.98
C PHE IA 211 -24.63 62.46 -55.77
N LYS IA 212 -25.54 62.02 -56.63
CA LYS IA 212 -26.00 60.61 -56.52
C LYS IA 212 -26.45 60.31 -55.07
N SER IA 213 -27.39 61.10 -54.55
CA SER IA 213 -27.83 60.94 -53.14
C SER IA 213 -28.36 59.53 -52.89
N LEU IA 214 -28.07 58.98 -51.71
CA LEU IA 214 -28.48 57.60 -51.38
C LEU IA 214 -29.91 57.39 -51.86
N ASP JA 1 24.60 70.48 -27.00
CA ASP JA 1 23.18 70.76 -26.67
C ASP JA 1 22.28 69.96 -27.61
N ARG JA 2 22.50 70.06 -28.91
CA ARG JA 2 21.69 69.32 -29.89
C ARG JA 2 22.64 68.59 -30.81
N SER JA 3 22.28 67.40 -31.24
CA SER JA 3 23.12 66.70 -32.24
C SER JA 3 23.11 67.51 -33.52
N TYR JA 4 24.15 67.47 -34.34
CA TYR JA 4 24.08 68.21 -35.62
C TYR JA 4 23.28 67.38 -36.54
N SER JA 5 23.56 66.10 -36.53
CA SER JA 5 22.88 65.19 -37.46
C SER JA 5 21.40 65.12 -37.19
N MET JA 6 21.04 64.95 -35.93
CA MET JA 6 19.61 64.84 -35.59
C MET JA 6 19.35 66.07 -34.75
N PRO JA 7 18.84 67.19 -35.30
CA PRO JA 7 18.70 68.39 -34.53
C PRO JA 7 17.79 68.23 -33.36
N PHE JA 8 16.76 67.43 -33.47
CA PHE JA 8 15.77 67.33 -32.37
C PHE JA 8 16.36 66.74 -31.14
N LEU JA 9 17.18 65.73 -31.27
CA LEU JA 9 17.76 65.02 -30.11
C LEU JA 9 18.91 65.81 -29.51
N GLU JA 10 19.45 65.36 -28.38
CA GLU JA 10 20.59 66.01 -27.72
C GLU JA 10 21.91 65.41 -28.17
N ARG JA 11 22.98 66.18 -28.12
CA ARG JA 11 24.25 65.66 -28.63
C ARG JA 11 24.54 64.47 -27.76
N PRO JA 12 24.95 63.32 -28.28
CA PRO JA 12 25.19 62.20 -27.41
C PRO JA 12 26.30 62.71 -26.57
N PRO JA 13 26.28 62.49 -25.23
CA PRO JA 13 27.27 63.12 -24.38
C PRO JA 13 28.64 62.73 -24.77
N ALA JA 14 28.82 61.43 -24.99
CA ALA JA 14 30.19 60.93 -25.23
C ALA JA 14 30.74 61.57 -26.48
N LEU JA 15 29.90 61.76 -27.48
CA LEU JA 15 30.47 62.27 -28.74
C LEU JA 15 30.85 63.73 -28.55
N ASP JA 16 32.10 64.06 -28.78
CA ASP JA 16 32.53 65.47 -28.82
C ASP JA 16 33.23 65.57 -30.17
N GLY JA 17 33.74 66.72 -30.55
CA GLY JA 17 34.30 66.85 -31.90
C GLY JA 17 35.52 65.98 -32.10
N SER JA 18 36.16 65.53 -31.03
CA SER JA 18 37.47 64.88 -31.18
C SER JA 18 37.46 63.64 -32.08
N LEU JA 19 36.52 62.71 -31.95
CA LEU JA 19 36.60 61.56 -32.88
C LEU JA 19 36.24 62.08 -34.27
N ALA JA 20 36.76 61.45 -35.31
CA ALA JA 20 36.47 61.94 -36.66
C ALA JA 20 35.17 61.34 -37.14
N GLY JA 21 34.53 62.01 -38.07
CA GLY JA 21 33.26 61.53 -38.58
C GLY JA 21 32.18 61.73 -37.58
N ASP JA 22 32.33 62.70 -36.68
CA ASP JA 22 31.34 62.86 -35.60
C ASP JA 22 30.35 63.96 -35.95
N VAL JA 23 29.18 63.58 -36.43
CA VAL JA 23 28.14 64.60 -36.66
C VAL JA 23 27.09 64.34 -35.59
N GLY JA 24 27.39 63.53 -34.59
CA GLY JA 24 26.46 63.34 -33.47
C GLY JA 24 25.42 62.27 -33.66
N PHE JA 25 25.56 61.43 -34.65
CA PHE JA 25 24.45 60.49 -34.92
C PHE JA 25 24.63 59.29 -34.07
N ASP JA 26 24.26 59.33 -32.80
CA ASP JA 26 24.20 58.07 -32.02
C ASP JA 26 22.86 58.13 -31.33
N PRO JA 27 21.76 58.03 -32.05
CA PRO JA 27 20.47 58.25 -31.45
C PRO JA 27 20.14 57.24 -30.39
N LEU JA 28 20.49 56.00 -30.63
CA LEU JA 28 20.17 54.91 -29.70
C LEU JA 28 21.25 54.92 -28.63
N GLY JA 29 22.20 55.82 -28.74
CA GLY JA 29 23.19 55.93 -27.65
C GLY JA 29 24.03 54.71 -27.36
N PHE JA 30 24.50 53.99 -28.37
CA PHE JA 30 25.42 52.88 -28.06
C PHE JA 30 26.66 53.50 -27.47
N SER JA 31 26.97 54.74 -27.80
CA SER JA 31 28.25 55.33 -27.34
C SER JA 31 28.29 55.34 -25.84
N ASN JA 32 27.17 55.64 -25.20
CA ASN JA 32 27.16 55.76 -23.73
C ASN JA 32 27.58 54.44 -23.12
N TYR JA 33 27.16 53.31 -23.69
CA TYR JA 33 27.43 52.01 -23.03
C TYR JA 33 28.52 51.16 -23.67
N PHE JA 34 29.38 51.68 -24.53
CA PHE JA 34 30.55 50.89 -25.02
C PHE JA 34 31.72 51.82 -25.30
N ASP JA 35 32.90 51.24 -25.48
CA ASP JA 35 34.09 52.10 -25.62
C ASP JA 35 34.18 52.64 -27.02
N LEU JA 36 34.30 53.95 -27.19
CA LEU JA 36 34.29 54.44 -28.58
C LEU JA 36 35.46 53.77 -29.28
N LYS JA 37 36.57 53.58 -28.60
CA LYS JA 37 37.68 52.98 -29.34
C LYS JA 37 37.21 51.62 -29.82
N TRP JA 38 36.49 50.84 -29.04
CA TRP JA 38 36.04 49.54 -29.62
C TRP JA 38 35.08 49.82 -30.76
N LEU JA 39 34.18 50.75 -30.56
CA LEU JA 39 33.19 50.97 -31.61
C LEU JA 39 33.90 51.45 -32.86
N ARG JA 40 34.86 52.37 -32.74
CA ARG JA 40 35.46 52.89 -33.99
C ARG JA 40 36.20 51.76 -34.65
N GLU JA 41 36.89 50.96 -33.88
CA GLU JA 41 37.68 49.93 -34.58
C GLU JA 41 36.71 49.14 -35.43
N ALA JA 42 35.53 48.82 -34.92
CA ALA JA 42 34.51 48.12 -35.73
C ALA JA 42 33.98 48.95 -36.88
N GLU JA 43 33.75 50.24 -36.72
CA GLU JA 43 33.19 50.98 -37.87
C GLU JA 43 34.22 50.88 -38.96
N LEU JA 44 35.48 50.98 -38.61
CA LEU JA 44 36.52 50.97 -39.63
C LEU JA 44 36.63 49.56 -40.14
N LYS JA 45 36.75 48.58 -39.27
CA LYS JA 45 37.03 47.23 -39.79
C LYS JA 45 35.89 46.75 -40.67
N HIS JA 46 34.66 46.99 -40.30
CA HIS JA 46 33.60 46.52 -41.22
C HIS JA 46 33.75 47.28 -42.52
N GLY JA 47 34.04 48.56 -42.50
CA GLY JA 47 34.17 49.24 -43.80
C GLY JA 47 35.35 48.73 -44.59
N ARG JA 48 36.49 48.58 -43.97
CA ARG JA 48 37.69 48.19 -44.71
C ARG JA 48 37.36 46.82 -45.29
N VAL JA 49 36.65 46.00 -44.54
CA VAL JA 49 36.24 44.67 -45.05
C VAL JA 49 35.21 44.87 -46.15
N CYS JA 50 34.42 45.94 -46.09
CA CYS JA 50 33.46 45.95 -47.20
C CYS JA 50 33.92 46.97 -48.27
N MET JA 51 35.07 47.64 -48.14
CA MET JA 51 35.69 48.34 -49.28
C MET JA 51 36.37 47.28 -50.15
N LEU JA 52 37.07 46.33 -49.53
CA LEU JA 52 37.62 45.23 -50.33
C LEU JA 52 36.46 44.42 -50.94
N GLY JA 53 35.43 44.12 -50.14
CA GLY JA 53 34.31 43.28 -50.61
C GLY JA 53 33.49 43.91 -51.72
N CYS JA 54 33.24 45.18 -51.61
CA CYS JA 54 32.39 45.79 -52.64
C CYS JA 54 33.17 45.84 -53.94
N THR JA 55 34.42 46.24 -53.84
CA THR JA 55 35.25 46.20 -55.05
C THR JA 55 35.27 44.78 -55.54
N GLY JA 56 35.28 43.83 -54.62
CA GLY JA 56 35.37 42.44 -55.03
C GLY JA 56 34.17 42.04 -55.86
N PHE JA 57 32.96 42.43 -55.45
CA PHE JA 57 31.78 41.95 -56.20
C PHE JA 57 31.86 42.46 -57.63
N ILE JA 58 32.21 43.73 -57.81
CA ILE JA 58 32.32 44.30 -59.17
C ILE JA 58 33.47 43.63 -59.94
N THR JA 59 34.66 43.48 -59.37
CA THR JA 59 35.78 42.94 -60.16
C THR JA 59 35.51 41.55 -60.55
N GLN JA 60 34.95 40.74 -59.66
CA GLN JA 60 34.83 39.30 -59.99
C GLN JA 60 33.98 39.18 -61.25
N GLU JA 61 32.94 39.97 -61.38
CA GLU JA 61 32.07 39.77 -62.54
C GLU JA 61 32.86 40.04 -63.81
N LYS JA 62 33.60 41.13 -63.84
CA LYS JA 62 34.29 41.45 -65.11
C LYS JA 62 35.43 40.48 -65.37
N ILE JA 63 36.25 40.19 -64.37
CA ILE JA 63 37.45 39.35 -64.61
C ILE JA 63 37.54 38.25 -63.56
N GLN JA 64 37.80 37.03 -64.00
CA GLN JA 64 37.87 35.88 -63.07
C GLN JA 64 39.19 35.16 -63.28
N LEU JA 65 39.84 34.68 -62.23
CA LEU JA 65 41.16 34.01 -62.35
C LEU JA 65 41.03 32.79 -63.29
N PRO JA 66 42.12 32.33 -63.92
CA PRO JA 66 42.06 31.17 -64.80
C PRO JA 66 41.69 29.85 -64.17
N LEU JA 67 41.95 29.66 -62.88
CA LEU JA 67 41.78 28.35 -62.21
C LEU JA 67 40.33 27.88 -62.26
N PRO JA 68 40.08 26.57 -62.30
CA PRO JA 68 38.73 26.05 -62.43
C PRO JA 68 37.79 26.35 -61.29
N GLY JA 69 36.55 26.73 -61.60
CA GLY JA 69 35.52 27.05 -60.58
C GLY JA 69 35.63 28.49 -60.16
N PHE JA 70 36.66 29.19 -60.59
CA PHE JA 70 36.69 30.62 -60.29
C PHE JA 70 35.93 31.32 -61.38
N ASP JA 71 35.02 30.61 -62.03
CA ASP JA 71 34.35 31.19 -63.22
C ASP JA 71 32.92 31.69 -63.01
N ASN JA 72 32.41 31.73 -61.79
CA ASN JA 72 30.98 32.13 -61.66
C ASN JA 72 30.93 33.65 -61.54
N LYS JA 73 30.18 34.30 -62.43
CA LYS JA 73 30.11 35.77 -62.41
C LYS JA 73 29.49 36.26 -61.10
N VAL JA 74 28.44 35.61 -60.60
CA VAL JA 74 27.72 36.14 -59.41
C VAL JA 74 28.53 35.92 -58.13
N ALA JA 75 28.76 36.93 -57.33
CA ALA JA 75 29.61 36.65 -56.15
C ALA JA 75 28.96 35.60 -55.28
N THR JA 76 27.67 35.71 -55.03
CA THR JA 76 27.06 34.80 -54.06
C THR JA 76 27.21 33.41 -54.56
N GLU JA 77 26.97 33.19 -55.85
CA GLU JA 77 27.07 31.82 -56.43
C GLU JA 77 28.52 31.35 -56.35
N ALA JA 78 29.47 32.24 -56.56
CA ALA JA 78 30.89 31.83 -56.61
C ALA JA 78 31.31 31.24 -55.28
N PHE JA 79 30.73 31.68 -54.18
CA PHE JA 79 31.26 31.20 -52.90
C PHE JA 79 31.17 29.73 -52.91
N PHE JA 80 30.04 29.18 -53.36
CA PHE JA 80 29.87 27.71 -53.43
C PHE JA 80 30.80 27.06 -54.47
N SER JA 81 30.97 27.63 -55.66
CA SER JA 81 31.77 27.01 -56.74
C SER JA 81 33.25 26.85 -56.36
N VAL JA 82 33.82 27.88 -55.77
CA VAL JA 82 35.28 27.82 -55.48
C VAL JA 82 35.55 26.64 -54.55
N PRO JA 83 36.74 26.01 -54.60
CA PRO JA 83 37.04 24.94 -53.69
C PRO JA 83 36.94 25.40 -52.25
N ALA JA 84 36.32 24.58 -51.40
CA ALA JA 84 36.11 24.96 -49.99
C ALA JA 84 37.43 25.16 -49.26
N GLY JA 85 38.40 24.33 -49.56
CA GLY JA 85 39.67 24.41 -48.83
C GLY JA 85 40.29 25.77 -49.05
N GLY JA 86 40.20 26.30 -50.25
CA GLY JA 86 40.82 27.59 -50.54
C GLY JA 86 40.18 28.62 -49.65
N LEU JA 87 38.86 28.57 -49.51
CA LEU JA 87 38.16 29.60 -48.71
C LEU JA 87 38.67 29.50 -47.27
N TRP JA 88 38.83 28.30 -46.74
CA TRP JA 88 39.42 28.20 -45.39
C TRP JA 88 40.85 28.73 -45.40
N GLN JA 89 41.62 28.47 -46.45
CA GLN JA 89 43.01 28.97 -46.38
C GLN JA 89 42.96 30.50 -46.27
N ILE JA 90 42.05 31.14 -46.99
CA ILE JA 90 41.89 32.62 -46.90
C ILE JA 90 41.49 32.91 -45.45
N PHE JA 91 40.54 32.18 -44.90
CA PHE JA 91 40.10 32.47 -43.53
C PHE JA 91 41.30 32.52 -42.66
N PHE JA 92 42.12 31.48 -42.70
CA PHE JA 92 43.26 31.42 -41.77
C PHE JA 92 44.24 32.54 -42.04
N THR JA 93 44.51 32.85 -43.29
CA THR JA 93 45.53 33.89 -43.52
C THR JA 93 45.04 35.15 -42.90
N LEU JA 94 43.76 35.45 -43.09
CA LEU JA 94 43.16 36.68 -42.50
C LEU JA 94 43.23 36.53 -40.98
N GLY JA 95 43.01 35.33 -40.47
CA GLY JA 95 43.03 35.13 -39.02
C GLY JA 95 44.40 35.46 -38.48
N ALA JA 96 45.45 35.03 -39.17
CA ALA JA 96 46.81 35.40 -38.73
C ALA JA 96 46.95 36.91 -38.81
N ILE JA 97 46.43 37.53 -39.85
CA ILE JA 97 46.67 38.99 -39.95
C ILE JA 97 46.03 39.59 -38.69
N GLU JA 98 44.87 39.09 -38.30
CA GLU JA 98 44.24 39.62 -37.08
C GLU JA 98 45.22 39.53 -35.90
N ILE JA 99 45.68 38.33 -35.59
CA ILE JA 99 46.50 38.20 -34.35
C ILE JA 99 47.78 39.02 -34.48
N LEU JA 100 48.48 38.94 -35.60
CA LEU JA 100 49.75 39.70 -35.69
C LEU JA 100 49.45 41.20 -35.64
N SER JA 101 48.42 41.66 -36.35
CA SER JA 101 48.16 43.11 -36.42
C SER JA 101 47.85 43.65 -35.04
N ASN JA 102 47.03 42.92 -34.30
CA ASN JA 102 46.59 43.43 -32.98
C ASN JA 102 47.62 42.99 -31.94
N GLY JA 103 48.60 42.21 -32.35
CA GLY JA 103 49.67 41.84 -31.41
C GLY JA 103 49.20 40.83 -30.40
N GLY JA 104 48.11 40.13 -30.70
CA GLY JA 104 47.60 39.09 -29.79
C GLY JA 104 46.66 39.66 -28.77
N LYS JA 105 46.61 40.98 -28.64
CA LYS JA 105 45.62 41.62 -27.75
C LYS JA 105 44.38 41.72 -28.61
N LEU JA 106 43.52 40.71 -28.60
CA LEU JA 106 42.38 40.65 -29.53
C LEU JA 106 41.02 40.81 -28.86
N ALA JA 107 40.91 41.45 -27.70
CA ALA JA 107 39.61 41.48 -27.00
C ALA JA 107 39.23 42.88 -26.57
N PRO JA 108 37.95 43.15 -26.23
CA PRO JA 108 37.52 44.50 -25.97
C PRO JA 108 38.35 45.14 -24.91
N GLY JA 109 38.73 44.36 -23.93
CA GLY JA 109 39.46 44.98 -22.83
C GLY JA 109 40.90 45.22 -23.18
N ASP JA 110 41.52 44.34 -23.95
CA ASP JA 110 42.98 44.50 -24.13
C ASP JA 110 43.43 45.06 -25.48
N MET JA 111 42.58 45.08 -26.48
CA MET JA 111 43.12 45.49 -27.80
C MET JA 111 43.76 46.87 -27.70
N PHE JA 112 43.13 47.79 -26.98
CA PHE JA 112 43.62 49.18 -26.99
C PHE JA 112 44.47 49.42 -25.80
N ALA JA 113 44.84 48.35 -25.12
CA ALA JA 113 45.58 48.52 -23.85
C ALA JA 113 46.90 49.25 -24.10
N ASP JA 114 47.60 48.91 -25.17
CA ASP JA 114 48.82 49.69 -25.44
C ASP JA 114 48.59 50.61 -26.64
N GLY JA 115 48.41 51.91 -26.43
CA GLY JA 115 48.33 52.79 -27.61
C GLY JA 115 47.25 52.32 -28.56
N ARG JA 116 47.63 52.12 -29.82
CA ARG JA 116 46.67 51.65 -30.83
C ARG JA 116 45.43 52.54 -30.91
N ALA JA 117 45.59 53.77 -31.35
CA ALA JA 117 44.38 54.57 -31.55
C ALA JA 117 43.56 53.73 -32.50
N PRO JA 118 42.23 53.70 -32.37
CA PRO JA 118 41.48 52.74 -33.13
C PRO JA 118 41.78 52.78 -34.60
N GLY JA 119 42.02 51.61 -35.18
CA GLY JA 119 42.30 51.50 -36.62
C GLY JA 119 43.74 51.77 -36.97
N ASP JA 120 44.63 51.93 -36.01
CA ASP JA 120 46.03 52.17 -36.43
C ASP JA 120 46.75 50.85 -36.39
N LEU JA 121 46.54 50.01 -37.38
CA LEU JA 121 47.18 48.68 -37.41
C LEU JA 121 48.53 48.89 -38.08
N GLY JA 122 48.88 50.13 -38.35
CA GLY JA 122 50.20 50.46 -38.89
C GLY JA 122 50.33 50.48 -40.40
N PHE JA 123 49.26 50.33 -41.16
CA PHE JA 123 49.47 50.27 -42.63
C PHE JA 123 49.47 51.64 -43.16
N ASP JA 124 50.62 52.27 -43.22
CA ASP JA 124 50.72 53.56 -43.93
C ASP JA 124 51.99 53.41 -44.76
N PRO JA 125 52.05 52.58 -45.80
CA PRO JA 125 53.29 52.38 -46.47
C PRO JA 125 53.83 53.63 -47.09
N LEU JA 126 53.00 54.40 -47.77
CA LEU JA 126 53.48 55.69 -48.31
C LEU JA 126 53.10 56.65 -47.23
N ASN JA 127 54.03 57.27 -46.53
CA ASN JA 127 53.55 58.05 -45.37
C ASN JA 127 52.67 59.14 -45.96
N LEU JA 128 51.41 59.15 -45.57
CA LEU JA 128 50.50 60.21 -46.04
C LEU JA 128 49.84 60.79 -44.78
N SER JA 129 50.08 60.16 -43.64
CA SER JA 129 49.46 60.62 -42.38
C SER JA 129 50.46 61.47 -41.61
N GLY JA 130 51.43 62.05 -42.30
CA GLY JA 130 52.33 62.97 -41.59
C GLY JA 130 51.74 64.33 -41.30
N ASP JA 131 51.04 64.94 -42.24
CA ASP JA 131 50.37 66.22 -41.93
C ASP JA 131 49.22 65.89 -40.99
N ASP JA 132 48.92 66.74 -40.04
CA ASP JA 132 47.83 66.35 -39.12
C ASP JA 132 46.55 66.72 -39.83
N ALA JA 133 46.50 67.95 -40.28
CA ALA JA 133 45.29 68.41 -40.99
C ALA JA 133 44.92 67.41 -42.08
N ALA JA 134 45.92 66.93 -42.81
CA ALA JA 134 45.64 65.95 -43.88
C ALA JA 134 45.07 64.69 -43.27
N LEU JA 135 45.67 64.23 -42.16
CA LEU JA 135 45.20 62.98 -41.53
C LEU JA 135 43.78 63.18 -41.07
N ARG JA 136 43.46 64.34 -40.48
CA ARG JA 136 42.10 64.53 -39.93
C ARG JA 136 41.09 64.43 -41.08
N ARG JA 137 41.42 64.91 -42.28
CA ARG JA 137 40.47 64.90 -43.40
C ARG JA 137 40.46 63.55 -44.11
N PHE JA 138 41.59 62.88 -44.23
CA PHE JA 138 41.57 61.53 -44.82
C PHE JA 138 40.75 60.65 -43.95
N ILE JA 139 40.84 60.81 -42.65
CA ILE JA 139 40.08 59.93 -41.73
C ILE JA 139 38.59 60.13 -41.98
N LEU JA 140 38.12 61.34 -42.24
CA LEU JA 140 36.68 61.47 -42.54
C LEU JA 140 36.43 60.68 -43.81
N ALA JA 141 37.32 60.71 -44.77
CA ALA JA 141 36.99 60.01 -46.01
C ALA JA 141 36.86 58.54 -45.74
N GLU JA 142 37.77 58.00 -44.97
CA GLU JA 142 37.70 56.55 -44.84
C GLU JA 142 36.37 56.24 -44.23
N LEU JA 143 35.98 56.97 -43.22
CA LEU JA 143 34.72 56.60 -42.57
C LEU JA 143 33.61 56.83 -43.59
N LYS JA 144 33.62 57.92 -44.32
CA LYS JA 144 32.48 58.10 -45.25
C LYS JA 144 32.53 56.99 -46.30
N HIS JA 145 33.69 56.54 -46.74
CA HIS JA 145 33.66 55.41 -47.70
C HIS JA 145 33.28 54.17 -46.95
N CYS JA 146 33.73 54.00 -45.72
CA CYS JA 146 33.40 52.74 -45.06
C CYS JA 146 31.89 52.70 -44.91
N ARG JA 147 31.29 53.78 -44.50
CA ARG JA 147 29.83 53.75 -44.24
C ARG JA 147 29.06 53.48 -45.54
N LEU JA 148 29.43 54.08 -46.65
CA LEU JA 148 28.75 53.83 -47.93
C LEU JA 148 28.96 52.39 -48.33
N ALA JA 149 30.16 51.87 -48.17
CA ALA JA 149 30.39 50.51 -48.67
C ALA JA 149 29.52 49.53 -47.92
N MET JA 150 29.51 49.64 -46.61
CA MET JA 150 28.61 48.79 -45.81
C MET JA 150 27.24 48.80 -46.47
N ILE JA 151 26.66 49.95 -46.70
CA ILE JA 151 25.29 49.98 -47.27
C ILE JA 151 25.37 49.37 -48.66
N GLY JA 152 26.38 49.68 -49.45
CA GLY JA 152 26.41 49.15 -50.82
C GLY JA 152 26.51 47.66 -50.83
N LEU JA 153 27.37 47.07 -50.02
CA LEU JA 153 27.53 45.60 -50.09
C LEU JA 153 26.21 44.99 -49.69
N GLY JA 154 25.56 45.51 -48.68
CA GLY JA 154 24.32 44.83 -48.33
C GLY JA 154 23.42 44.90 -49.52
N GLY JA 155 23.35 46.04 -50.16
CA GLY JA 155 22.41 46.11 -51.26
C GLY JA 155 22.84 45.15 -52.32
N MET JA 156 24.11 45.11 -52.64
CA MET JA 156 24.46 44.21 -53.76
C MET JA 156 24.17 42.78 -53.33
N LEU JA 157 24.46 42.40 -52.09
CA LEU JA 157 24.25 40.98 -51.77
C LEU JA 157 22.78 40.68 -51.89
N HIS JA 158 21.93 41.49 -51.29
CA HIS JA 158 20.49 41.14 -51.29
C HIS JA 158 20.00 41.21 -52.73
N GLN JA 159 20.38 42.20 -53.49
CA GLN JA 159 19.82 42.30 -54.85
C GLN JA 159 20.32 41.12 -55.67
N MET JA 160 21.54 40.67 -55.49
CA MET JA 160 21.99 39.45 -56.19
C MET JA 160 21.17 38.24 -55.71
N LEU JA 161 20.87 38.15 -54.42
CA LEU JA 161 20.16 36.92 -53.98
C LEU JA 161 18.84 36.87 -54.75
N ILE JA 162 18.13 37.98 -54.90
CA ILE JA 162 16.91 37.94 -55.73
C ILE JA 162 17.20 37.71 -57.21
N THR JA 163 18.17 38.40 -57.77
CA THR JA 163 18.30 38.35 -59.23
C THR JA 163 19.21 37.27 -59.71
N LYS JA 164 20.01 36.70 -58.84
CA LYS JA 164 21.01 35.74 -59.35
C LYS JA 164 21.79 36.45 -60.45
N GLN JA 165 22.10 37.74 -60.27
CA GLN JA 165 22.93 38.49 -61.23
C GLN JA 165 23.86 39.45 -60.49
N GLY JA 166 25.05 39.63 -61.06
CA GLY JA 166 26.07 40.48 -60.44
C GLY JA 166 25.63 41.89 -60.50
N PRO JA 167 26.25 42.79 -59.74
CA PRO JA 167 25.67 44.10 -59.72
C PRO JA 167 25.61 44.79 -61.05
N LEU JA 168 26.69 44.79 -61.81
CA LEU JA 168 26.67 45.56 -63.08
C LEU JA 168 25.69 44.91 -64.05
N ASP JA 169 25.69 43.59 -64.11
CA ASP JA 169 24.82 42.90 -65.08
C ASP JA 169 23.37 43.19 -64.73
N GLN JA 170 22.99 43.19 -63.47
CA GLN JA 170 21.56 43.39 -63.16
C GLN JA 170 21.18 44.76 -63.66
N LEU JA 171 22.06 45.74 -63.51
CA LEU JA 171 21.62 47.09 -63.92
C LEU JA 171 21.35 47.01 -65.41
N ALA JA 172 22.21 46.34 -66.17
CA ALA JA 172 21.88 46.10 -67.58
C ALA JA 172 20.78 45.06 -67.55
N ASN JA 173 19.88 45.05 -68.50
CA ASN JA 173 18.88 43.95 -68.45
C ASN JA 173 18.19 43.93 -67.09
N PHE JA 174 17.89 45.10 -66.52
CA PHE JA 174 17.15 45.11 -65.23
C PHE JA 174 15.80 44.56 -65.49
N GLN JA 175 15.28 43.75 -64.59
CA GLN JA 175 13.89 43.27 -64.74
C GLN JA 175 13.18 43.51 -63.42
N PRO JA 176 11.89 43.85 -63.39
CA PRO JA 176 11.22 43.98 -62.11
C PRO JA 176 11.29 42.72 -61.29
N ILE JA 177 11.03 42.82 -60.00
CA ILE JA 177 11.19 41.68 -59.04
C ILE JA 177 10.24 40.56 -59.45
N GLN JA 178 9.07 40.87 -59.95
CA GLN JA 178 8.12 39.77 -60.22
C GLN JA 178 8.77 38.83 -61.24
N TYR JA 179 9.51 39.31 -62.22
CA TYR JA 179 10.04 38.42 -63.26
C TYR JA 179 10.88 37.37 -62.64
N TYR JA 180 11.69 37.74 -61.67
CA TYR JA 180 12.62 36.73 -61.11
C TYR JA 180 11.79 35.73 -60.32
N GLY KA 40 34.61 81.72 -47.58
CA GLY KA 40 35.54 80.82 -48.27
C GLY KA 40 35.89 81.38 -49.63
N LEU KA 41 35.08 82.32 -50.13
CA LEU KA 41 35.30 82.86 -51.48
C LEU KA 41 35.87 84.25 -51.25
N ASP KA 42 37.02 84.54 -51.84
CA ASP KA 42 37.74 85.83 -51.59
C ASP KA 42 38.16 86.36 -52.96
N GLY KA 43 38.47 87.65 -53.05
CA GLY KA 43 38.71 88.29 -54.35
C GLY KA 43 39.89 87.73 -55.10
N THR KA 44 40.87 87.13 -54.44
CA THR KA 44 42.13 86.80 -55.12
C THR KA 44 41.91 85.88 -56.29
N TYR KA 45 41.07 84.87 -56.20
CA TYR KA 45 40.97 84.02 -57.41
C TYR KA 45 40.39 84.85 -58.54
N VAL KA 46 40.92 84.61 -59.74
CA VAL KA 46 40.44 85.36 -60.93
C VAL KA 46 39.02 84.90 -61.18
N GLY KA 47 38.20 85.75 -61.75
CA GLY KA 47 36.84 85.30 -62.06
C GLY KA 47 35.97 85.31 -60.84
N ASP KA 48 36.36 85.97 -59.76
CA ASP KA 48 35.45 85.87 -58.59
C ASP KA 48 34.39 86.96 -58.68
N VAL KA 49 33.18 86.56 -59.01
CA VAL KA 49 32.02 87.49 -59.01
C VAL KA 49 31.33 87.26 -57.66
N GLY KA 50 31.82 86.28 -56.89
CA GLY KA 50 31.25 86.00 -55.56
C GLY KA 50 30.09 85.03 -55.60
N PHE KA 51 30.00 84.19 -56.62
CA PHE KA 51 28.82 83.32 -56.78
C PHE KA 51 29.03 81.91 -56.28
N ASP KA 52 28.78 81.63 -55.01
CA ASP KA 52 28.84 80.23 -54.51
C ASP KA 52 27.57 79.98 -53.71
N PRO KA 53 26.39 79.85 -54.30
CA PRO KA 53 25.19 79.73 -53.52
C PRO KA 53 25.21 78.50 -52.66
N LEU KA 54 25.71 77.39 -53.17
CA LEU KA 54 25.64 76.09 -52.45
C LEU KA 54 26.83 75.96 -51.50
N GLY KA 55 27.71 76.94 -51.44
CA GLY KA 55 28.84 76.89 -50.50
C GLY KA 55 29.81 75.75 -50.68
N PHE KA 56 30.12 75.38 -51.92
CA PHE KA 56 31.13 74.34 -52.21
C PHE KA 56 32.43 74.81 -51.68
N SER KA 57 32.71 76.09 -51.76
CA SER KA 57 34.04 76.60 -51.38
C SER KA 57 34.30 76.26 -49.93
N SER KA 58 33.29 76.32 -49.09
CA SER KA 58 33.52 76.11 -47.65
C SER KA 58 34.08 74.71 -47.40
N ILE KA 59 33.60 73.69 -48.09
CA ILE KA 59 34.04 72.30 -47.78
C ILE KA 59 35.29 71.91 -48.57
N ILE KA 60 35.50 72.41 -49.78
CA ILE KA 60 36.66 71.92 -50.58
C ILE KA 60 37.70 72.98 -50.92
N ASP KA 61 38.97 72.64 -50.83
CA ASP KA 61 40.04 73.64 -51.04
C ASP KA 61 39.78 74.35 -52.34
N MET KA 62 39.87 75.67 -52.35
CA MET KA 62 39.59 76.46 -53.57
C MET KA 62 40.60 76.03 -54.63
N ARG KA 63 41.84 75.78 -54.23
CA ARG KA 63 42.86 75.45 -55.23
C ARG KA 63 42.34 74.25 -56.01
N TRP KA 64 41.81 73.25 -55.32
CA TRP KA 64 41.22 72.12 -56.07
C TRP KA 64 40.05 72.58 -56.89
N LEU KA 65 39.19 73.40 -56.31
CA LEU KA 65 37.98 73.67 -57.10
C LEU KA 65 38.43 74.36 -58.38
N ARG KA 66 39.35 75.30 -58.26
CA ARG KA 66 39.78 76.07 -59.46
C ARG KA 66 40.47 75.17 -60.48
N GLU KA 67 41.32 74.28 -60.00
CA GLU KA 67 42.08 73.46 -60.96
C GLU KA 67 41.04 72.69 -61.71
N ALA KA 68 39.99 72.32 -61.02
CA ALA KA 68 38.91 71.55 -61.65
C ALA KA 68 38.15 72.41 -62.64
N GLU KA 69 37.80 73.62 -62.25
CA GLU KA 69 36.99 74.39 -63.19
C GLU KA 69 37.81 74.60 -64.42
N LEU KA 70 39.08 74.93 -64.26
CA LEU KA 70 39.80 75.12 -65.53
C LEU KA 70 39.86 73.80 -66.29
N LYS KA 71 40.14 72.69 -65.61
CA LYS KA 71 40.34 71.45 -66.38
C LYS KA 71 39.04 71.10 -67.08
N HIS KA 72 37.91 71.23 -66.42
CA HIS KA 72 36.68 70.93 -67.17
C HIS KA 72 36.57 71.93 -68.31
N GLY KA 73 36.88 73.17 -68.02
CA GLY KA 73 36.68 74.12 -69.11
C GLY KA 73 37.60 73.82 -70.26
N ARG KA 74 38.86 73.51 -69.98
CA ARG KA 74 39.77 73.34 -71.12
C ARG KA 74 39.27 72.16 -71.92
N VAL KA 75 38.85 71.10 -71.25
CA VAL KA 75 38.31 69.94 -72.00
C VAL KA 75 37.03 70.32 -72.75
N CYS KA 76 36.14 71.04 -72.10
CA CYS KA 76 34.87 71.30 -72.81
C CYS KA 76 35.16 72.14 -74.03
N MET KA 77 36.00 73.15 -73.91
CA MET KA 77 36.23 74.02 -75.08
C MET KA 77 36.63 73.10 -76.23
N LEU KA 78 37.58 72.24 -75.98
CA LEU KA 78 38.07 71.35 -77.07
C LEU KA 78 36.88 70.49 -77.49
N ALA KA 79 36.09 69.99 -76.56
CA ALA KA 79 35.00 69.11 -76.98
C ALA KA 79 34.02 69.84 -77.87
N ALA KA 80 33.67 71.05 -77.47
CA ALA KA 80 32.68 71.76 -78.28
C ALA KA 80 33.30 71.96 -79.65
N THR KA 81 34.57 72.34 -79.66
CA THR KA 81 35.13 72.66 -80.96
C THR KA 81 35.07 71.41 -81.76
N GLY KA 82 35.43 70.30 -81.14
CA GLY KA 82 35.47 69.09 -81.93
C GLY KA 82 34.11 68.72 -82.44
N MET KA 83 33.11 68.83 -81.61
CA MET KA 83 31.80 68.32 -82.09
C MET KA 83 31.40 69.17 -83.30
N ILE KA 84 31.59 70.49 -83.20
CA ILE KA 84 31.30 71.35 -84.36
C ILE KA 84 32.24 70.98 -85.52
N VAL KA 85 33.52 70.78 -85.26
CA VAL KA 85 34.42 70.50 -86.41
C VAL KA 85 33.95 69.19 -87.01
N GLN KA 86 33.70 68.20 -86.18
CA GLN KA 86 33.41 66.87 -86.75
C GLN KA 86 32.28 67.00 -87.77
N ASP KA 87 31.25 67.78 -87.49
CA ASP KA 87 30.17 67.78 -88.52
C ASP KA 87 30.70 68.35 -89.85
N VAL KA 88 31.44 69.45 -89.80
CA VAL KA 88 31.99 70.08 -91.05
C VAL KA 88 33.03 69.22 -91.78
N TYR KA 89 33.96 68.57 -91.08
CA TYR KA 89 35.08 67.88 -91.76
C TYR KA 89 35.36 66.60 -91.06
N GLN KA 90 35.94 65.63 -91.76
CA GLN KA 90 36.35 64.38 -91.11
C GLN KA 90 37.74 64.04 -91.65
N PHE KA 91 38.58 63.31 -90.90
CA PHE KA 91 39.97 63.05 -91.37
C PHE KA 91 39.88 62.15 -92.58
N PRO KA 92 40.97 61.88 -93.31
CA PRO KA 92 40.79 61.19 -94.57
C PRO KA 92 40.17 59.82 -94.65
N GLY KA 93 40.54 58.88 -93.81
CA GLY KA 93 39.94 57.55 -94.03
C GLY KA 93 38.79 57.36 -93.09
N VAL KA 94 38.53 58.35 -92.29
CA VAL KA 94 37.59 58.10 -91.16
C VAL KA 94 36.19 57.72 -91.61
N THR KA 95 35.68 58.37 -92.63
CA THR KA 95 34.26 58.14 -92.93
C THR KA 95 34.06 56.70 -93.27
N LYS KA 96 34.97 56.11 -94.03
CA LYS KA 96 34.65 54.72 -94.40
C LYS KA 96 34.59 53.81 -93.17
N SER KA 97 35.58 53.93 -92.28
CA SER KA 97 35.57 52.98 -91.15
C SER KA 97 34.38 53.23 -90.22
N PHE KA 98 34.10 54.49 -89.92
CA PHE KA 98 33.04 54.75 -88.92
C PHE KA 98 31.71 55.00 -89.57
N GLY KA 99 31.70 55.36 -90.84
CA GLY KA 99 30.43 55.72 -91.48
C GLY KA 99 29.90 57.05 -90.99
N ASP KA 100 28.59 57.16 -90.81
CA ASP KA 100 27.94 58.45 -90.44
C ASP KA 100 27.74 58.66 -88.95
N ALA KA 101 28.16 57.74 -88.10
CA ALA KA 101 27.82 57.90 -86.67
C ALA KA 101 28.43 59.19 -86.15
N LYS KA 102 27.68 59.91 -85.31
CA LYS KA 102 28.17 61.21 -84.79
C LYS KA 102 27.95 61.33 -83.29
N MET KA 103 28.67 62.25 -82.66
CA MET KA 103 28.44 62.52 -81.23
C MET KA 103 28.61 61.22 -80.43
N THR KA 104 27.68 60.90 -79.55
CA THR KA 104 27.82 59.74 -78.66
C THR KA 104 27.89 58.50 -79.50
N THR KA 105 27.14 58.42 -80.57
CA THR KA 105 27.08 57.16 -81.32
C THR KA 105 28.47 56.90 -81.79
N LEU KA 106 29.18 57.95 -82.19
CA LEU KA 106 30.53 57.74 -82.73
C LEU KA 106 31.34 57.10 -81.61
N HIS KA 107 31.14 57.54 -80.37
CA HIS KA 107 31.99 56.98 -79.31
C HIS KA 107 31.75 55.48 -79.23
N ASP KA 108 30.49 55.08 -79.31
CA ASP KA 108 30.29 53.62 -79.14
C ASP KA 108 30.99 52.91 -80.29
N VAL KA 109 31.07 53.53 -81.45
CA VAL KA 109 31.74 52.91 -82.63
C VAL KA 109 33.24 53.10 -82.48
N ALA KA 110 33.65 54.24 -81.99
CA ALA KA 110 35.09 54.56 -81.89
C ALA KA 110 35.76 53.57 -80.97
N VAL KA 111 35.11 53.16 -79.89
CA VAL KA 111 35.81 52.34 -78.89
C VAL KA 111 36.28 51.07 -79.60
N LYS KA 112 35.46 50.53 -80.49
CA LYS KA 112 35.80 49.27 -81.20
C LYS KA 112 37.06 49.49 -82.03
N GLN KA 113 37.22 50.65 -82.66
CA GLN KA 113 38.41 50.95 -83.47
C GLN KA 113 39.58 50.91 -82.51
N GLY KA 114 39.37 51.38 -81.29
CA GLY KA 114 40.50 51.52 -80.35
C GLY KA 114 41.06 52.91 -80.46
N SER KA 115 40.42 53.76 -81.25
CA SER KA 115 40.87 55.15 -81.28
C SER KA 115 40.68 55.68 -79.88
N MET KA 116 39.56 55.33 -79.29
CA MET KA 116 39.30 55.88 -77.96
C MET KA 116 40.37 55.36 -77.00
N GLN KA 117 40.75 54.09 -77.09
CA GLN KA 117 41.72 53.61 -76.10
C GLN KA 117 42.97 54.45 -76.22
N GLN KA 118 43.56 54.49 -77.40
CA GLN KA 118 44.80 55.28 -77.44
C GLN KA 118 44.49 56.58 -76.71
N LEU KA 119 43.33 57.15 -76.95
CA LEU KA 119 43.13 58.46 -76.28
C LEU KA 119 43.14 58.24 -74.78
N LEU KA 120 42.49 57.21 -74.27
CA LEU KA 120 42.56 57.11 -72.79
C LEU KA 120 44.01 56.87 -72.35
N VAL KA 121 44.74 56.00 -73.02
CA VAL KA 121 46.07 55.74 -72.44
C VAL KA 121 46.92 57.00 -72.49
N TRP KA 122 46.94 57.70 -73.61
CA TRP KA 122 47.84 58.87 -73.59
C TRP KA 122 47.38 59.95 -72.65
N LEU KA 123 46.09 60.22 -72.64
CA LEU KA 123 45.54 61.28 -71.79
C LEU KA 123 45.77 60.87 -70.34
N GLY KA 124 45.62 59.59 -70.06
CA GLY KA 124 45.91 59.15 -68.69
C GLY KA 124 47.35 59.41 -68.38
N LEU KA 125 48.26 59.16 -69.31
CA LEU KA 125 49.67 59.39 -68.92
C LEU KA 125 49.80 60.88 -68.61
N LEU KA 126 49.20 61.75 -69.39
CA LEU KA 126 49.38 63.16 -69.01
C LEU KA 126 48.77 63.35 -67.63
N GLU KA 127 47.64 62.73 -67.36
CA GLU KA 127 46.94 62.98 -66.08
C GLU KA 127 47.81 62.52 -64.92
N ILE KA 128 48.57 61.45 -65.02
CA ILE KA 128 49.34 61.05 -63.81
C ILE KA 128 50.26 62.21 -63.45
N PHE KA 129 50.86 62.85 -64.42
CA PHE KA 129 51.69 64.03 -64.08
C PHE KA 129 50.75 65.06 -63.46
N GLY KA 130 49.54 65.18 -63.96
CA GLY KA 130 48.58 66.13 -63.39
C GLY KA 130 48.24 65.80 -61.96
N PHE KA 131 48.09 64.52 -61.64
CA PHE KA 131 47.90 64.16 -60.21
C PHE KA 131 49.12 64.58 -59.48
N VAL KA 132 50.31 64.39 -60.03
CA VAL KA 132 51.46 64.85 -59.23
C VAL KA 132 51.28 66.35 -59.09
N ALA KA 133 50.87 67.03 -60.14
CA ALA KA 133 50.82 68.49 -59.98
C ALA KA 133 49.82 68.88 -58.92
N ILE KA 134 48.64 68.26 -58.90
CA ILE KA 134 47.71 68.75 -57.85
C ILE KA 134 48.36 68.43 -56.51
N VAL KA 135 48.97 67.26 -56.36
CA VAL KA 135 49.52 66.89 -55.04
C VAL KA 135 50.61 67.90 -54.70
N GLN KA 136 51.47 68.19 -55.63
CA GLN KA 136 52.54 69.11 -55.23
C GLN KA 136 51.84 70.40 -54.82
N MET KA 137 50.86 70.89 -55.57
CA MET KA 137 50.24 72.20 -55.21
C MET KA 137 49.56 72.12 -53.85
N LEU KA 138 48.84 71.04 -53.58
CA LEU KA 138 48.14 70.91 -52.28
C LEU KA 138 49.22 70.84 -51.21
N GLN KA 139 50.31 70.14 -51.48
CA GLN KA 139 51.45 70.19 -50.53
C GLN KA 139 51.94 71.59 -50.77
N GLY KA 140 52.62 72.20 -49.83
CA GLY KA 140 52.91 73.59 -50.22
C GLY KA 140 53.75 73.55 -51.48
N SER KA 141 53.39 74.32 -52.50
CA SER KA 141 54.22 74.42 -53.73
C SER KA 141 53.92 75.69 -54.49
N ASP KA 142 54.84 76.08 -55.34
CA ASP KA 142 54.72 77.32 -56.14
C ASP KA 142 53.56 77.31 -57.13
N ARG KA 143 53.28 76.19 -57.78
CA ARG KA 143 52.36 76.24 -58.94
C ARG KA 143 50.97 76.74 -58.56
N GLN KA 144 50.42 77.63 -59.39
CA GLN KA 144 49.07 78.16 -59.12
C GLN KA 144 48.09 77.23 -59.81
N PRO KA 145 46.83 77.14 -59.35
CA PRO KA 145 45.96 76.14 -59.91
C PRO KA 145 45.80 76.42 -61.35
N GLY KA 146 45.83 75.37 -62.14
CA GLY KA 146 45.66 75.50 -63.58
C GLY KA 146 46.92 75.87 -64.31
N ASP KA 147 48.07 75.94 -63.63
CA ASP KA 147 49.24 76.34 -64.44
C ASP KA 147 50.05 75.09 -64.74
N PHE KA 148 50.14 74.73 -66.00
CA PHE KA 148 50.97 73.57 -66.39
C PHE KA 148 52.21 74.06 -67.03
N GLY KA 149 52.37 75.36 -67.16
CA GLY KA 149 53.55 75.89 -67.87
C GLY KA 149 53.47 75.75 -69.37
N PHE KA 150 52.29 75.74 -69.98
CA PHE KA 150 52.32 75.70 -71.45
C PHE KA 150 52.03 77.06 -71.94
N ASP KA 151 53.05 77.78 -72.40
CA ASP KA 151 52.89 79.10 -73.07
C ASP KA 151 53.93 79.07 -74.19
N PRO KA 152 53.77 78.26 -75.25
CA PRO KA 152 54.81 78.11 -76.25
C PRO KA 152 55.11 79.41 -76.98
N LEU KA 153 54.09 80.21 -77.28
CA LEU KA 153 54.24 81.45 -78.09
C LEU KA 153 54.59 82.63 -77.18
N ASN KA 154 54.76 82.40 -75.88
CA ASN KA 154 55.11 83.46 -74.91
C ASN KA 154 54.01 84.52 -74.88
N CYS KA 155 52.76 84.10 -75.02
CA CYS KA 155 51.62 85.04 -75.04
C CYS KA 155 51.41 85.73 -73.68
N ALA KA 156 51.74 85.09 -72.55
CA ALA KA 156 51.48 85.68 -71.22
C ALA KA 156 52.70 86.42 -70.68
N ALA KA 157 53.69 86.71 -71.51
CA ALA KA 157 54.93 87.31 -70.98
C ALA KA 157 54.62 88.64 -70.29
N ASN KA 158 53.73 89.45 -70.87
CA ASN KA 158 53.33 90.69 -70.13
C ASN KA 158 52.51 90.26 -68.91
N PRO KA 159 52.79 90.73 -67.67
CA PRO KA 159 51.97 90.36 -66.54
C PRO KA 159 50.51 90.79 -66.68
N ASP KA 160 50.27 92.01 -67.15
CA ASP KA 160 48.88 92.53 -67.25
C ASP KA 160 48.09 91.67 -68.22
N THR KA 161 48.61 91.43 -69.41
CA THR KA 161 47.82 90.71 -70.44
C THR KA 161 47.40 89.38 -69.90
N LEU KA 162 48.24 88.79 -69.07
CA LEU KA 162 47.90 87.44 -68.59
C LEU KA 162 46.59 87.54 -67.84
N ALA KA 163 46.44 88.57 -67.02
CA ALA KA 163 45.22 88.57 -66.19
C ALA KA 163 44.00 88.62 -67.08
N ARG KA 164 44.06 89.44 -68.12
CA ARG KA 164 42.85 89.55 -68.96
C ARG KA 164 42.60 88.19 -69.58
N ARG KA 165 43.66 87.52 -70.02
CA ARG KA 165 43.49 86.20 -70.67
C ARG KA 165 42.93 85.21 -69.64
N GLN KA 166 43.37 85.29 -68.38
CA GLN KA 166 42.88 84.28 -67.44
C GLN KA 166 41.38 84.44 -67.34
N LEU KA 167 40.87 85.67 -67.27
CA LEU KA 167 39.41 85.81 -67.09
C LEU KA 167 38.78 85.22 -68.33
N VAL KA 168 39.40 85.45 -69.47
CA VAL KA 168 38.75 84.97 -70.70
C VAL KA 168 38.66 83.46 -70.60
N GLU KA 169 39.75 82.83 -70.15
CA GLU KA 169 39.74 81.35 -70.16
C GLU KA 169 38.66 80.80 -69.26
N LEU KA 170 38.49 81.35 -68.05
CA LEU KA 170 37.39 80.76 -67.26
C LEU KA 170 36.09 81.03 -68.00
N LYS KA 171 35.91 82.25 -68.49
CA LYS KA 171 34.57 82.55 -69.06
C LYS KA 171 34.32 81.73 -70.33
N ASN KA 172 35.30 81.61 -71.20
CA ASN KA 172 34.95 80.81 -72.38
C ASN KA 172 34.67 79.40 -71.89
N GLY KA 173 35.48 78.93 -70.96
CA GLY KA 173 35.33 77.55 -70.49
C GLY KA 173 33.98 77.40 -69.82
N ARG KA 174 33.57 78.38 -69.03
CA ARG KA 174 32.28 78.16 -68.36
C ARG KA 174 31.24 78.05 -69.48
N LEU KA 175 31.34 78.89 -70.50
CA LEU KA 175 30.37 78.84 -71.61
C LEU KA 175 30.48 77.49 -72.31
N ALA KA 176 31.70 77.06 -72.57
CA ALA KA 176 31.87 75.83 -73.36
C ALA KA 176 31.17 74.70 -72.65
N MET KA 177 31.35 74.64 -71.34
CA MET KA 177 30.77 73.47 -70.67
C MET KA 177 29.27 73.56 -70.89
N ILE KA 178 28.70 74.76 -70.77
CA ILE KA 178 27.22 74.85 -70.91
C ILE KA 178 26.87 74.41 -72.32
N ALA KA 179 27.65 74.87 -73.28
CA ALA KA 179 27.36 74.51 -74.67
C ALA KA 179 27.49 73.02 -74.92
N THR KA 180 28.54 72.42 -74.38
CA THR KA 180 28.77 71.01 -74.72
C THR KA 180 27.61 70.26 -74.20
N ALA KA 181 27.17 70.60 -72.99
CA ALA KA 181 26.10 69.80 -72.41
C ALA KA 181 24.90 69.96 -73.32
N GLY KA 182 24.71 71.20 -73.75
CA GLY KA 182 23.55 71.42 -74.60
C GLY KA 182 23.69 70.66 -75.89
N MET KA 183 24.88 70.67 -76.48
CA MET KA 183 24.90 70.02 -77.81
C MET KA 183 24.55 68.55 -77.59
N LEU KA 184 25.13 67.97 -76.55
CA LEU KA 184 24.88 66.52 -76.37
C LEU KA 184 23.39 66.31 -76.08
N HIS KA 185 22.81 67.13 -75.23
CA HIS KA 185 21.38 66.83 -74.90
C HIS KA 185 20.59 67.00 -76.19
N HIS KA 186 20.92 68.05 -76.93
CA HIS KA 186 20.19 68.32 -78.18
C HIS KA 186 20.34 67.01 -78.96
N PHE KA 187 21.56 66.50 -78.98
CA PHE KA 187 21.77 65.26 -79.76
C PHE KA 187 20.86 64.19 -79.19
N PHE KA 188 20.90 63.99 -77.90
CA PHE KA 188 20.11 62.84 -77.40
C PHE KA 188 18.74 62.98 -78.00
N ILE KA 189 18.06 64.10 -77.75
CA ILE KA 189 16.65 64.25 -78.19
C ILE KA 189 16.44 64.24 -79.72
N THR KA 190 17.25 64.97 -80.47
CA THR KA 190 16.97 65.10 -81.91
C THR KA 190 17.72 64.10 -82.73
N GLY KA 191 18.65 63.39 -82.14
CA GLY KA 191 19.49 62.52 -82.98
C GLY KA 191 20.19 63.36 -84.03
N LYS KA 192 20.55 64.60 -83.73
CA LYS KA 192 21.16 65.40 -84.80
C LYS KA 192 22.45 66.09 -84.33
N GLY KA 193 23.45 66.18 -85.20
CA GLY KA 193 24.69 66.91 -84.88
C GLY KA 193 24.40 68.38 -84.79
N PRO KA 194 25.15 69.18 -84.01
CA PRO KA 194 24.76 70.58 -83.84
C PRO KA 194 24.75 71.43 -85.10
N ILE KA 195 25.76 71.29 -85.97
CA ILE KA 195 25.75 72.04 -87.26
C ILE KA 195 24.56 71.54 -88.08
N GLN KA 196 24.29 70.24 -88.06
CA GLN KA 196 23.10 69.72 -88.78
C GLN KA 196 21.85 70.35 -88.15
N LEU KA 197 21.79 70.49 -86.84
CA LEU KA 197 20.53 71.04 -86.30
C LEU KA 197 20.37 72.45 -86.87
N ILE KA 198 21.46 73.19 -86.94
CA ILE KA 198 21.37 74.54 -87.56
C ILE KA 198 20.96 74.37 -89.03
N THR KA 199 21.51 73.38 -89.73
CA THR KA 199 21.19 73.25 -91.16
C THR KA 199 19.70 73.08 -91.31
N ALA LA 40 56.34 76.78 -65.52
CA ALA LA 40 55.57 77.52 -64.51
C ALA LA 40 55.51 78.97 -64.95
N VAL LA 41 54.43 79.36 -65.62
CA VAL LA 41 54.43 80.72 -66.18
C VAL LA 41 54.51 81.71 -65.03
N PHE LA 42 53.79 81.49 -63.94
CA PHE LA 42 53.99 82.37 -62.76
C PHE LA 42 55.38 82.04 -62.28
N GLN LA 43 56.14 83.03 -61.81
CA GLN LA 43 57.52 82.64 -61.43
C GLN LA 43 57.52 81.70 -60.23
N GLY LA 44 58.32 80.65 -60.26
CA GLY LA 44 58.48 79.81 -59.06
C GLY LA 44 59.78 79.04 -59.12
N ASP LA 45 60.31 78.61 -57.98
CA ASP LA 45 61.47 77.70 -58.03
C ASP LA 45 60.88 76.38 -58.52
N PHE LA 46 61.45 75.68 -59.53
CA PHE LA 46 60.90 74.36 -59.93
C PHE LA 46 61.87 73.41 -60.65
N SER LA 47 61.48 72.13 -60.82
CA SER LA 47 62.32 71.06 -61.45
C SER LA 47 62.58 71.29 -62.93
N GLU LA 48 63.78 70.98 -63.41
CA GLU LA 48 64.07 71.29 -64.81
C GLU LA 48 63.23 70.52 -65.82
N SER LA 49 63.09 69.22 -65.64
CA SER LA 49 62.39 68.45 -66.68
C SER LA 49 60.93 68.84 -66.77
N VAL LA 50 60.31 68.97 -65.61
CA VAL LA 50 58.86 69.27 -65.65
C VAL LA 50 58.76 70.63 -64.98
N PRO LA 51 58.25 71.65 -65.67
CA PRO LA 51 58.22 72.96 -65.07
C PRO LA 51 57.33 73.00 -63.87
N PHE LA 52 56.19 72.34 -63.93
CA PHE LA 52 55.21 72.49 -62.82
C PHE LA 52 55.72 71.96 -61.50
N LEU LA 53 56.46 70.87 -61.43
CA LEU LA 53 56.79 70.24 -60.13
C LEU LA 53 58.09 70.71 -59.47
N LYS LA 54 58.17 70.67 -58.14
CA LYS LA 54 59.38 71.12 -57.41
C LYS LA 54 60.48 70.07 -57.56
N THR LA 55 61.73 70.48 -57.41
CA THR LA 55 62.82 69.52 -57.60
C THR LA 55 62.63 68.48 -56.54
N PRO LA 56 62.74 67.19 -56.86
CA PRO LA 56 62.44 66.16 -55.87
C PRO LA 56 63.45 66.30 -54.77
N THR LA 57 63.00 66.17 -53.52
CA THR LA 57 63.92 66.24 -52.39
C THR LA 57 64.78 65.00 -52.41
N ASN LA 58 66.02 65.09 -51.91
CA ASN LA 58 66.96 63.94 -51.86
C ASN LA 58 67.23 63.47 -53.30
N LEU LA 59 66.78 64.22 -54.29
CA LEU LA 59 67.14 63.91 -55.69
C LEU LA 59 68.06 65.07 -56.02
N ASP LA 60 69.33 64.82 -56.26
CA ASP LA 60 70.32 65.91 -56.45
C ASP LA 60 71.07 65.60 -57.73
N GLY LA 61 71.77 66.57 -58.29
CA GLY LA 61 72.40 66.40 -59.62
C GLY LA 61 73.46 65.33 -59.57
N SER LA 62 73.92 64.94 -58.39
CA SER LA 62 75.08 64.05 -58.31
C SER LA 62 74.90 62.72 -59.02
N LEU LA 63 73.77 62.05 -58.91
CA LEU LA 63 73.70 60.78 -59.69
C LEU LA 63 73.69 61.17 -61.17
N PRO LA 64 74.28 60.38 -62.07
CA PRO LA 64 74.37 60.78 -63.46
C PRO LA 64 73.02 60.76 -64.08
N GLY LA 65 72.85 61.56 -65.12
CA GLY LA 65 71.57 61.62 -65.83
C GLY LA 65 70.43 62.03 -64.96
N ASP LA 66 70.61 63.06 -64.14
CA ASP LA 66 69.51 63.59 -63.29
C ASP LA 66 68.89 64.80 -63.97
N VAL LA 67 67.77 64.63 -64.65
CA VAL LA 67 67.09 65.79 -65.22
C VAL LA 67 66.07 66.23 -64.17
N GLY LA 68 66.06 65.55 -63.02
CA GLY LA 68 65.10 65.89 -61.97
C GLY LA 68 63.75 65.24 -62.10
N PHE LA 69 63.56 64.29 -63.01
CA PHE LA 69 62.18 63.75 -63.13
C PHE LA 69 61.96 62.60 -62.23
N ASP LA 70 61.26 62.80 -61.13
CA ASP LA 70 60.80 61.70 -60.27
C ASP LA 70 59.46 62.24 -59.84
N PRO LA 71 58.46 62.32 -60.73
CA PRO LA 71 57.25 63.01 -60.38
C PRO LA 71 56.54 62.41 -59.23
N LEU LA 72 56.47 61.11 -59.11
CA LEU LA 72 55.87 60.54 -57.89
C LEU LA 72 57.15 60.17 -57.18
N GLY LA 73 57.39 60.71 -56.01
CA GLY LA 73 58.71 60.37 -55.49
C GLY LA 73 58.76 58.91 -55.23
N PHE LA 74 59.81 58.25 -55.68
CA PHE LA 74 60.01 56.83 -55.34
C PHE LA 74 61.26 56.94 -54.60
N SER LA 75 62.01 57.94 -54.99
CA SER LA 75 63.28 58.19 -54.29
C SER LA 75 63.01 58.50 -52.83
N GLU LA 76 61.94 59.22 -52.53
CA GLU LA 76 61.61 59.48 -51.12
C GLU LA 76 61.27 58.18 -50.41
N VAL LA 77 60.60 57.26 -51.08
CA VAL LA 77 60.15 56.04 -50.36
C VAL LA 77 61.30 55.03 -50.18
N PHE LA 78 62.20 54.90 -51.17
CA PHE LA 78 63.32 53.93 -51.16
C PHE LA 78 64.59 54.64 -51.50
N ASP LA 79 65.76 54.16 -51.07
CA ASP LA 79 67.02 54.93 -51.27
C ASP LA 79 67.38 55.08 -52.73
N ILE LA 80 67.86 56.25 -53.12
CA ILE LA 80 68.11 56.49 -54.57
C ILE LA 80 69.18 55.50 -55.03
N ARG LA 81 70.20 55.25 -54.23
CA ARG LA 81 71.27 54.37 -54.74
C ARG LA 81 70.67 53.01 -55.02
N VAL LA 82 69.81 52.49 -54.15
CA VAL LA 82 69.29 51.14 -54.46
C VAL LA 82 68.50 51.25 -55.76
N LEU LA 83 67.78 52.35 -55.96
CA LEU LA 83 66.97 52.49 -57.18
C LEU LA 83 67.92 52.60 -58.36
N ARG LA 84 69.03 53.30 -58.22
CA ARG LA 84 69.95 53.49 -59.37
C ARG LA 84 70.47 52.13 -59.79
N GLU LA 85 70.75 51.29 -58.81
CA GLU LA 85 71.37 50.00 -59.16
C GLU LA 85 70.36 49.32 -60.06
N ALA LA 86 69.09 49.43 -59.70
CA ALA LA 86 68.03 48.84 -60.53
C ALA LA 86 67.95 49.48 -61.90
N GLU LA 87 68.06 50.79 -61.99
CA GLU LA 87 67.89 51.32 -63.35
C GLU LA 87 69.01 50.74 -64.18
N LEU LA 88 70.23 50.74 -63.65
CA LEU LA 88 71.31 50.25 -64.50
C LEU LA 88 71.11 48.77 -64.78
N LYS LA 89 70.74 47.97 -63.77
CA LYS LA 89 70.67 46.53 -64.09
C LYS LA 89 69.60 46.33 -65.12
N HIS LA 90 68.47 46.98 -64.96
CA HIS LA 90 67.45 46.66 -65.97
C HIS LA 90 68.04 47.14 -67.28
N GLY LA 91 68.66 48.30 -67.28
CA GLY LA 91 69.11 48.79 -68.59
C GLY LA 91 70.15 47.90 -69.20
N ARG LA 92 71.12 47.45 -68.42
CA ARG LA 92 72.21 46.70 -69.04
C ARG LA 92 71.55 45.45 -69.60
N ILE LA 93 70.65 44.83 -68.86
CA ILE LA 93 69.94 43.65 -69.42
C ILE LA 93 69.25 44.12 -70.69
N ALA LA 94 68.56 45.25 -70.64
CA ALA LA 94 67.78 45.65 -71.83
C ALA LA 94 68.66 45.93 -73.01
N MET LA 95 69.81 46.57 -72.80
CA MET LA 95 70.58 46.96 -74.00
C MET LA 95 70.98 45.71 -74.76
N LEU LA 96 71.39 44.69 -74.05
CA LEU LA 96 71.69 43.45 -74.77
C LEU LA 96 70.41 42.96 -75.44
N ALA LA 97 69.27 43.07 -74.78
CA ALA LA 97 68.05 42.48 -75.39
C ALA LA 97 67.66 43.23 -76.64
N THR LA 98 67.80 44.55 -76.69
CA THR LA 98 67.42 45.20 -77.94
C THR LA 98 68.31 44.68 -79.02
N LEU LA 99 69.62 44.53 -78.78
CA LEU LA 99 70.47 44.10 -79.90
C LEU LA 99 70.03 42.71 -80.30
N GLY LA 100 69.77 41.89 -79.32
CA GLY LA 100 69.45 40.51 -79.65
C GLY LA 100 68.19 40.36 -80.44
N TYR LA 101 67.14 41.07 -80.08
CA TYR LA 101 65.89 40.78 -80.80
C TYR LA 101 66.16 41.16 -82.21
N LEU LA 102 66.83 42.28 -82.45
CA LEU LA 102 67.12 42.58 -83.86
C LEU LA 102 68.07 41.54 -84.50
N VAL LA 103 69.14 41.16 -83.81
CA VAL LA 103 70.12 40.22 -84.45
C VAL LA 103 69.39 38.91 -84.68
N GLN LA 104 68.57 38.50 -83.72
CA GLN LA 104 67.94 37.17 -83.82
C GLN LA 104 67.07 37.20 -85.07
N GLU LA 105 66.51 38.34 -85.40
CA GLU LA 105 65.69 38.27 -86.63
C GLU LA 105 66.62 37.98 -87.80
N ALA LA 106 67.63 38.81 -88.00
CA ALA LA 106 68.50 38.66 -89.20
C ALA LA 106 69.27 37.35 -89.22
N TYR LA 107 69.81 36.94 -88.07
CA TYR LA 107 70.70 35.76 -88.12
C TYR LA 107 70.38 34.82 -87.03
N VAL LA 108 70.64 33.55 -87.26
CA VAL LA 108 70.47 32.56 -86.16
C VAL LA 108 71.80 31.80 -86.17
N PHE LA 109 72.28 31.38 -85.01
CA PHE LA 109 73.49 30.55 -85.03
C PHE LA 109 73.06 29.31 -85.76
N PRO LA 110 73.92 28.67 -86.55
CA PRO LA 110 73.45 27.58 -87.38
C PRO LA 110 72.89 26.47 -86.56
N PHE LA 111 73.51 26.13 -85.43
CA PHE LA 111 73.01 24.95 -84.70
C PHE LA 111 71.58 25.18 -84.27
N PHE LA 112 71.27 26.37 -83.79
CA PHE LA 112 69.85 26.71 -83.46
C PHE LA 112 69.00 26.93 -84.70
N ASP LA 113 67.73 26.58 -84.67
CA ASP LA 113 66.78 26.88 -85.78
C ASP LA 113 66.40 28.37 -85.78
N LYS LA 114 66.05 28.92 -86.95
CA LYS LA 114 65.58 30.32 -87.01
C LYS LA 114 64.07 30.34 -86.77
N VAL LA 115 63.64 30.97 -85.70
CA VAL LA 115 62.19 31.08 -85.35
C VAL LA 115 62.01 32.52 -84.86
N PRO LA 116 60.79 33.08 -84.81
CA PRO LA 116 60.64 34.45 -84.37
C PRO LA 116 61.14 34.42 -82.97
N PRO LA 117 61.87 35.45 -82.47
CA PRO LA 117 62.48 35.37 -81.16
C PRO LA 117 61.57 34.97 -80.03
N ILE LA 118 60.35 35.46 -79.99
CA ILE LA 118 59.53 35.12 -78.80
C ILE LA 118 59.36 33.60 -78.84
N GLN LA 119 59.21 33.03 -80.01
CA GLN LA 119 59.08 31.56 -80.16
C GLN LA 119 60.37 30.91 -79.66
N ALA LA 120 61.52 31.52 -79.89
CA ALA LA 120 62.76 30.83 -79.51
C ALA LA 120 62.73 30.56 -78.01
N HIS LA 121 62.23 31.47 -77.21
CA HIS LA 121 62.30 31.21 -75.76
C HIS LA 121 61.52 29.94 -75.55
N ASP LA 122 60.39 29.80 -76.22
CA ASP LA 122 59.71 28.52 -75.94
C ASP LA 122 60.58 27.35 -76.42
N VAL LA 123 61.23 27.46 -77.58
CA VAL LA 123 62.00 26.29 -78.07
C VAL LA 123 63.12 26.03 -77.07
N LEU LA 124 63.89 27.05 -76.75
CA LEU LA 124 65.05 26.86 -75.86
C LEU LA 124 64.53 26.37 -74.51
N VAL LA 125 63.40 26.86 -74.01
CA VAL LA 125 63.00 26.40 -72.65
C VAL LA 125 62.80 24.88 -72.68
N LYS LA 126 62.15 24.33 -73.71
CA LYS LA 126 62.04 22.85 -73.80
C LYS LA 126 63.42 22.23 -73.94
N SER LA 127 64.27 22.87 -74.73
CA SER LA 127 65.63 22.38 -74.99
C SER LA 127 66.39 22.37 -73.67
N GLY LA 128 66.12 23.33 -72.80
CA GLY LA 128 66.90 23.49 -71.57
C GLY LA 128 68.02 24.47 -71.80
N GLY LA 129 68.05 25.08 -72.95
CA GLY LA 129 69.04 26.14 -73.16
C GLY LA 129 68.79 27.27 -72.20
N MET LA 130 67.53 27.59 -71.99
CA MET LA 130 67.21 28.73 -71.10
C MET LA 130 67.65 28.37 -69.70
N SER LA 131 67.52 27.12 -69.29
CA SER LA 131 67.99 26.86 -67.92
C SER LA 131 69.47 27.16 -67.89
N GLN LA 132 70.22 26.82 -68.93
CA GLN LA 132 71.65 27.15 -68.82
C GLN LA 132 71.78 28.67 -68.69
N ILE LA 133 71.03 29.45 -69.45
CA ILE LA 133 71.21 30.91 -69.26
C ILE LA 133 70.80 31.23 -67.83
N LEU LA 134 69.72 30.63 -67.34
CA LEU LA 134 69.27 31.03 -65.99
C LEU LA 134 70.33 30.65 -64.97
N LEU LA 135 70.90 29.46 -65.10
CA LEU LA 135 71.83 29.09 -64.02
C LEU LA 135 73.04 30.03 -63.99
N TRP LA 136 73.67 30.25 -65.12
CA TRP LA 136 74.88 31.07 -65.03
C TRP LA 136 74.55 32.51 -64.65
N THR LA 137 73.46 33.05 -65.16
CA THR LA 137 73.06 34.41 -64.79
C THR LA 137 72.77 34.43 -63.32
N SER LA 138 72.11 33.42 -62.78
CA SER LA 138 71.90 33.44 -61.31
C SER LA 138 73.24 33.41 -60.60
N PHE LA 139 74.17 32.61 -61.07
CA PHE LA 139 75.42 32.59 -60.29
C PHE LA 139 76.00 33.95 -60.30
N LEU LA 140 76.00 34.62 -61.44
CA LEU LA 140 76.65 35.94 -61.40
C LEU LA 140 75.84 36.80 -60.45
N GLU LA 141 74.53 36.67 -60.48
CA GLU LA 141 73.67 37.56 -59.66
C GLU LA 141 74.00 37.34 -58.18
N ILE LA 142 74.29 36.12 -57.74
CA ILE LA 142 74.52 35.95 -56.29
C ILE LA 142 75.72 36.82 -55.89
N PHE LA 143 76.75 36.89 -56.72
CA PHE LA 143 77.87 37.80 -56.38
C PHE LA 143 77.30 39.20 -56.37
N GLY LA 144 76.42 39.51 -57.30
CA GLY LA 144 75.83 40.86 -57.37
C GLY LA 144 75.02 41.19 -56.14
N GLY LA 145 74.26 40.24 -55.60
CA GLY LA 145 73.39 40.52 -54.44
C GLY LA 145 74.20 40.91 -53.23
N ILE LA 146 75.38 40.34 -53.06
CA ILE LA 146 76.30 40.74 -51.97
C ILE LA 146 76.70 42.21 -52.19
N ALA LA 147 76.98 42.59 -53.45
CA ALA LA 147 77.43 43.96 -53.76
C ALA LA 147 76.29 44.94 -53.52
N LEU LA 148 75.04 44.52 -53.74
CA LEU LA 148 73.91 45.43 -53.43
C LEU LA 148 73.92 45.70 -51.92
N PHE LA 149 74.18 44.67 -51.11
CA PHE LA 149 74.17 44.86 -49.64
C PHE LA 149 75.26 45.87 -49.28
N GLN LA 150 76.42 45.76 -49.93
CA GLN LA 150 77.47 46.78 -49.67
C GLN LA 150 76.95 48.15 -50.14
N THR LA 151 76.24 48.21 -51.26
CA THR LA 151 75.80 49.53 -51.76
C THR LA 151 74.92 50.13 -50.70
N ILE LA 152 74.08 49.31 -50.09
CA ILE LA 152 73.16 49.82 -49.03
C ILE LA 152 73.99 50.35 -47.86
N GLN LA 153 75.02 49.60 -47.44
CA GLN LA 153 75.89 50.03 -46.32
C GLN LA 153 77.07 50.81 -46.89
N GLY LA 154 76.85 51.98 -47.48
CA GLY LA 154 77.99 52.77 -47.98
C GLY LA 154 78.79 51.97 -48.98
N ARG LA 155 80.11 51.86 -48.82
CA ARG LA 155 80.92 50.99 -49.70
C ARG LA 155 80.74 51.33 -51.19
N ARG LA 156 80.30 50.40 -52.03
CA ARG LA 156 80.30 50.62 -53.50
C ARG LA 156 79.26 51.59 -54.06
N TYR LA 157 79.65 52.36 -55.06
CA TYR LA 157 78.74 53.28 -55.77
C TYR LA 157 77.78 52.45 -56.53
N PRO LA 158 76.51 52.84 -56.71
CA PRO LA 158 75.57 51.98 -57.39
C PRO LA 158 75.99 51.56 -58.77
N GLY LA 159 75.98 50.26 -59.03
CA GLY LA 159 76.25 49.77 -60.39
C GLY LA 159 77.70 49.68 -60.76
N ASP LA 160 78.62 49.87 -59.82
CA ASP LA 160 80.03 49.70 -60.26
C ASP LA 160 80.47 48.30 -59.89
N PHE LA 161 80.73 47.46 -60.88
CA PHE LA 161 81.24 46.10 -60.63
C PHE LA 161 82.70 46.12 -60.96
N ALA LA 162 83.20 47.31 -61.23
CA ALA LA 162 84.61 47.47 -61.60
C ALA LA 162 84.93 46.65 -62.85
N PHE LA 163 83.96 46.51 -63.74
CA PHE LA 163 84.19 45.75 -64.99
C PHE LA 163 84.64 46.69 -66.02
N ASP LA 164 85.94 46.91 -66.07
CA ASP LA 164 86.45 47.73 -67.19
C ASP LA 164 87.64 46.96 -67.75
N PRO LA 165 87.46 45.80 -68.39
CA PRO LA 165 88.62 45.03 -68.81
C PRO LA 165 89.39 45.85 -69.81
N LEU LA 166 88.66 46.47 -70.72
CA LEU LA 166 89.30 47.33 -71.73
C LEU LA 166 89.74 48.63 -71.05
N GLY LA 167 90.48 49.46 -71.74
CA GLY LA 167 90.97 50.68 -71.09
C GLY LA 167 89.97 51.81 -71.26
N LEU LA 168 88.75 51.54 -71.71
CA LEU LA 168 87.88 52.70 -71.87
C LEU LA 168 87.70 53.26 -70.45
N SER LA 169 87.73 54.58 -70.26
CA SER LA 169 87.59 55.21 -68.92
C SER LA 169 88.68 54.66 -68.01
N GLN LA 170 89.86 54.42 -68.56
CA GLN LA 170 91.04 53.98 -67.78
C GLN LA 170 91.59 55.25 -67.15
N GLY LA 171 92.60 55.19 -66.29
CA GLY LA 171 93.02 56.40 -65.58
C GLY LA 171 93.43 57.44 -66.61
N LYS LA 172 94.06 57.03 -67.70
CA LYS LA 172 94.35 58.01 -68.78
C LYS LA 172 93.02 58.54 -69.30
N ASN LA 173 92.00 57.70 -69.42
CA ASN LA 173 90.69 58.07 -70.00
C ASN LA 173 89.72 58.41 -68.86
N ALA LA 174 90.21 58.53 -67.63
CA ALA LA 174 89.31 58.71 -66.46
C ALA LA 174 88.38 59.90 -66.64
N GLU LA 175 88.79 60.86 -67.44
CA GLU LA 175 87.96 62.06 -67.68
C GLU LA 175 86.66 61.59 -68.32
N LYS LA 176 86.76 60.61 -69.21
CA LYS LA 176 85.58 60.14 -69.99
C LYS LA 176 84.51 59.52 -69.09
N LEU LA 177 84.87 59.03 -67.91
CA LEU LA 177 83.87 58.25 -67.14
C LEU LA 177 82.65 59.10 -66.86
N GLU LA 178 82.83 60.35 -66.50
CA GLU LA 178 81.58 61.05 -66.15
C GLU LA 178 80.69 61.07 -67.39
N ARG LA 179 81.27 61.34 -68.54
CA ARG LA 179 80.45 61.45 -69.76
C ARG LA 179 79.80 60.12 -70.08
N TYR LA 180 80.56 59.05 -69.96
CA TYR LA 180 80.04 57.72 -70.32
C TYR LA 180 78.89 57.40 -69.45
N GLN LA 181 79.06 57.66 -68.15
CA GLN LA 181 77.97 57.38 -67.20
C GLN LA 181 76.70 57.97 -67.80
N LEU LA 182 76.76 59.21 -68.27
CA LEU LA 182 75.49 59.78 -68.76
C LEU LA 182 75.03 58.92 -69.92
N ALA LA 183 75.94 58.52 -70.78
CA ALA LA 183 75.43 57.78 -71.95
C ALA LA 183 74.79 56.50 -71.47
N GLU LA 184 75.42 55.86 -70.50
CA GLU LA 184 74.87 54.54 -70.15
C GLU LA 184 73.47 54.74 -69.64
N ILE LA 185 73.25 55.72 -68.78
CA ILE LA 185 71.84 55.80 -68.31
C ILE LA 185 70.99 56.14 -69.53
N LYS LA 186 71.45 57.06 -70.35
CA LYS LA 186 70.54 57.45 -71.46
C LYS LA 186 70.34 56.25 -72.39
N HIS LA 187 71.39 55.52 -72.69
CA HIS LA 187 71.12 54.42 -73.64
C HIS LA 187 70.16 53.48 -72.92
N SER LA 188 70.41 53.25 -71.64
CA SER LA 188 69.58 52.26 -70.93
C SER LA 188 68.14 52.77 -70.90
N ARG LA 189 67.95 54.02 -70.53
CA ARG LA 189 66.53 54.42 -70.47
C ARG LA 189 65.95 54.11 -71.83
N LEU LA 190 66.62 54.49 -72.90
CA LEU LA 190 66.04 54.30 -74.25
C LEU LA 190 65.85 52.83 -74.56
N ALA LA 191 66.83 52.01 -74.21
CA ALA LA 191 66.72 50.61 -74.64
C ALA LA 191 65.51 49.99 -73.99
N MET LA 192 65.31 50.31 -72.73
CA MET LA 192 64.19 49.63 -72.03
C MET LA 192 62.92 50.05 -72.74
N LEU LA 193 62.80 51.31 -73.11
CA LEU LA 193 61.59 51.68 -73.88
C LEU LA 193 61.59 50.95 -75.21
N ALA LA 194 62.74 50.87 -75.89
CA ALA LA 194 62.72 50.26 -77.23
C ALA LA 194 62.33 48.80 -77.20
N PHE LA 195 62.89 48.02 -76.29
CA PHE LA 195 62.59 46.58 -76.34
C PHE LA 195 61.15 46.47 -76.08
N SER LA 196 60.72 47.22 -75.09
CA SER LA 196 59.31 47.08 -74.74
C SER LA 196 58.59 47.25 -76.06
N GLY LA 197 59.00 48.27 -76.79
CA GLY LA 197 58.27 48.54 -78.03
C GLY LA 197 58.41 47.40 -79.00
N PHE LA 198 59.60 46.87 -79.14
CA PHE LA 198 59.69 45.87 -80.21
C PHE LA 198 58.79 44.73 -79.87
N VAL LA 199 58.83 44.29 -78.63
CA VAL LA 199 58.01 43.08 -78.41
C VAL LA 199 56.52 43.39 -78.58
N HIS LA 200 56.05 44.50 -78.03
CA HIS LA 200 54.58 44.74 -78.11
C HIS LA 200 54.19 44.96 -79.57
N GLN LA 201 54.99 45.72 -80.30
CA GLN LA 201 54.59 46.05 -81.68
C GLN LA 201 54.54 44.73 -82.41
N GLY LA 202 55.52 43.89 -82.12
CA GLY LA 202 55.59 42.62 -82.82
C GLY LA 202 54.36 41.83 -82.50
N PHE LA 203 53.90 41.83 -81.26
CA PHE LA 203 52.71 40.99 -81.08
C PHE LA 203 51.57 41.53 -81.90
N ILE LA 204 51.34 42.83 -81.96
CA ILE LA 204 50.11 43.26 -82.70
C ILE LA 204 50.32 42.98 -84.18
N THR LA 205 51.41 43.48 -84.74
CA THR LA 205 51.66 43.33 -86.18
C THR LA 205 51.82 41.88 -86.54
N LYS LA 206 52.38 41.05 -85.67
CA LYS LA 206 52.73 39.65 -86.03
C LYS LA 206 53.79 39.80 -87.10
N GLN LA 207 54.42 40.97 -87.14
CA GLN LA 207 55.42 41.30 -88.17
C GLN LA 207 56.74 41.62 -87.49
N GLY LA 208 57.86 41.09 -87.96
CA GLY LA 208 59.16 41.27 -87.30
C GLY LA 208 59.62 42.70 -87.37
N VAL LA 209 60.44 43.14 -86.42
CA VAL LA 209 60.77 44.58 -86.41
C VAL LA 209 61.47 45.02 -87.68
N LEU LA 210 62.43 44.26 -88.19
CA LEU LA 210 63.05 44.76 -89.45
C LEU LA 210 61.99 44.76 -90.56
N GLU LA 211 61.17 43.72 -90.60
CA GLU LA 211 60.14 43.61 -91.64
C GLU LA 211 59.16 44.76 -91.50
N GLN LA 212 58.79 45.10 -90.28
CA GLN LA 212 57.76 46.15 -90.11
C GLN LA 212 58.36 47.43 -90.69
N LEU LA 213 59.60 47.72 -90.36
CA LEU LA 213 60.22 48.92 -90.92
C LEU LA 213 60.02 48.91 -92.44
N GLY LA 214 60.62 47.94 -93.12
CA GLY LA 214 60.56 47.98 -94.60
C GLY LA 214 59.15 47.87 -95.14
N ASN LA 215 58.34 46.98 -94.60
CA ASN LA 215 56.93 46.98 -95.05
C ASN LA 215 56.13 47.45 -93.86
N PHE LA 216 55.43 48.57 -94.00
CA PHE LA 216 54.76 49.09 -92.79
C PHE LA 216 53.31 49.01 -93.07
N LYS LA 217 52.60 48.41 -92.14
CA LYS LA 217 51.16 48.21 -92.36
C LYS LA 217 50.43 48.60 -91.08
N PRO LA 218 49.16 48.97 -91.16
CA PRO LA 218 48.38 49.26 -89.97
C PRO LA 218 48.08 47.97 -89.25
N ILE LA 219 47.69 48.08 -87.98
CA ILE LA 219 47.38 46.87 -87.17
C ILE LA 219 46.32 46.14 -87.96
N PRO LA 220 46.35 44.80 -87.98
CA PRO LA 220 45.49 44.13 -88.91
C PRO LA 220 44.02 44.41 -88.84
N GLY LA 221 43.45 44.65 -90.02
CA GLY LA 221 42.02 44.91 -90.21
C GLY LA 221 41.66 46.38 -90.15
N PHE LA 222 42.48 47.22 -89.55
CA PHE LA 222 42.00 48.63 -89.42
C PHE LA 222 41.64 49.23 -90.79
N PRO LA 223 42.47 49.16 -91.86
CA PRO LA 223 42.05 49.84 -93.08
C PRO LA 223 40.78 49.21 -93.56
N GLU LA 224 40.74 47.88 -93.53
CA GLU LA 224 39.54 47.15 -93.97
C GLU LA 224 38.29 47.34 -93.08
N ALA LA 225 38.44 47.29 -91.76
CA ALA LA 225 37.26 47.24 -90.84
C ALA LA 225 36.46 48.51 -90.68
N THR LA 226 35.13 48.37 -90.54
CA THR LA 226 34.34 49.55 -90.18
C THR LA 226 33.65 49.21 -88.89
N PHE LA 227 33.84 50.03 -87.87
CA PHE LA 227 33.24 49.75 -86.55
C PHE LA 227 31.74 49.81 -86.71
N PHE LA 228 31.26 50.78 -87.49
CA PHE LA 228 29.81 50.89 -87.78
C PHE LA 228 29.61 51.94 -88.87
N ASN MA 1 91.40 42.44 -55.30
CA ASN MA 1 91.41 40.99 -54.95
C ASN MA 1 90.51 40.24 -55.92
N ALA MA 2 90.06 39.05 -55.56
CA ALA MA 2 89.30 38.24 -56.54
C ALA MA 2 88.00 38.91 -56.92
N MET MA 3 87.30 39.49 -55.96
CA MET MA 3 86.11 40.25 -56.36
C MET MA 3 86.53 41.69 -56.19
N PRO MA 4 86.68 42.47 -57.26
CA PRO MA 4 87.06 43.83 -57.04
C PRO MA 4 86.00 44.58 -56.29
N PHE MA 5 84.73 44.35 -56.64
CA PHE MA 5 83.65 45.18 -56.05
C PHE MA 5 83.51 45.01 -54.55
N LEU MA 6 83.45 43.78 -54.07
CA LEU MA 6 83.21 43.57 -52.64
C LEU MA 6 84.51 43.85 -51.88
N GLU MA 7 84.40 44.29 -50.62
CA GLU MA 7 85.60 44.48 -49.78
C GLU MA 7 86.23 43.13 -49.46
N ARG MA 8 87.56 43.06 -49.35
CA ARG MA 8 88.22 41.77 -49.12
C ARG MA 8 87.75 41.22 -47.76
N PRO MA 9 87.45 39.91 -47.64
CA PRO MA 9 86.90 39.41 -46.39
C PRO MA 9 87.93 39.58 -45.31
N PRO MA 10 87.53 40.02 -44.11
CA PRO MA 10 88.56 40.33 -43.12
C PRO MA 10 89.41 39.18 -42.65
N LYS MA 11 88.75 38.12 -42.19
CA LYS MA 11 89.51 36.97 -41.62
C LYS MA 11 90.41 36.38 -42.71
N LEU MA 12 90.06 36.54 -43.97
CA LEU MA 12 91.03 36.01 -44.97
C LEU MA 12 92.28 36.87 -44.81
N ASP MA 13 93.44 36.24 -44.85
CA ASP MA 13 94.73 36.95 -44.66
C ASP MA 13 95.74 36.32 -45.61
N GLY MA 14 96.82 36.99 -45.93
CA GLY MA 14 97.71 36.40 -46.94
C GLY MA 14 98.38 35.14 -46.44
N SER MA 15 98.24 34.82 -45.16
CA SER MA 15 99.04 33.69 -44.62
C SER MA 15 98.70 32.34 -45.26
N LEU MA 16 97.43 32.02 -45.44
CA LEU MA 16 97.15 30.66 -45.97
C LEU MA 16 97.53 30.67 -47.45
N ALA MA 17 98.01 29.54 -47.96
CA ALA MA 17 98.45 29.52 -49.36
C ALA MA 17 97.22 29.68 -50.24
N GLY MA 18 97.42 30.28 -51.40
CA GLY MA 18 96.27 30.49 -52.30
C GLY MA 18 95.17 31.29 -51.66
N ASP MA 19 95.53 32.31 -50.89
CA ASP MA 19 94.44 33.20 -50.41
C ASP MA 19 94.41 34.36 -51.41
N VAL MA 20 93.39 34.38 -52.24
CA VAL MA 20 93.21 35.49 -53.21
C VAL MA 20 92.13 36.38 -52.62
N GLY MA 21 91.70 36.08 -51.40
CA GLY MA 21 90.68 36.91 -50.75
C GLY MA 21 89.35 36.59 -51.35
N PHE MA 22 89.13 35.35 -51.77
CA PHE MA 22 87.86 35.03 -52.48
C PHE MA 22 86.86 34.41 -51.54
N ASP MA 23 86.26 35.18 -50.64
CA ASP MA 23 85.16 34.58 -49.85
C ASP MA 23 84.01 35.59 -49.91
N PRO MA 24 83.31 35.74 -51.04
CA PRO MA 24 82.30 36.77 -51.12
C PRO MA 24 81.26 36.44 -50.11
N VAL MA 25 80.93 35.17 -50.00
CA VAL MA 25 79.83 34.75 -49.10
C VAL MA 25 80.26 35.05 -47.66
N GLY MA 26 81.57 35.11 -47.41
CA GLY MA 26 82.03 35.27 -46.03
C GLY MA 26 81.68 34.16 -45.08
N PHE MA 27 81.78 32.91 -45.53
CA PHE MA 27 81.60 31.75 -44.63
C PHE MA 27 82.70 31.84 -43.58
N SER MA 28 83.89 32.30 -43.95
CA SER MA 28 85.05 32.33 -43.03
C SER MA 28 84.67 33.18 -41.85
N ASN MA 29 83.91 34.24 -42.07
CA ASN MA 29 83.55 35.04 -40.88
C ASN MA 29 82.87 34.10 -39.90
N TYR MA 30 81.85 33.40 -40.35
CA TYR MA 30 81.04 32.50 -39.48
C TYR MA 30 81.84 31.33 -38.89
N PHE MA 31 82.75 30.70 -39.64
CA PHE MA 31 83.40 29.45 -39.15
C PHE MA 31 84.92 29.56 -39.16
N ASP MA 32 85.60 28.76 -38.35
CA ASP MA 32 87.07 28.90 -38.22
C ASP MA 32 87.78 28.62 -39.53
N ILE MA 33 88.79 29.42 -39.84
CA ILE MA 33 89.49 29.25 -41.13
C ILE MA 33 90.12 27.86 -41.11
N ARG MA 34 90.67 27.46 -39.98
CA ARG MA 34 91.40 26.18 -39.95
C ARG MA 34 90.45 25.03 -40.25
N TRP MA 35 89.24 25.06 -39.69
CA TRP MA 35 88.33 23.91 -39.91
C TRP MA 35 88.02 23.85 -41.38
N LEU MA 36 87.82 25.02 -41.97
CA LEU MA 36 87.46 25.04 -43.39
C LEU MA 36 88.71 24.58 -44.13
N ARG MA 37 89.85 25.11 -43.74
CA ARG MA 37 91.07 24.80 -44.52
C ARG MA 37 91.23 23.28 -44.54
N GLU MA 38 90.97 22.63 -43.40
CA GLU MA 38 91.16 21.17 -43.33
C GLU MA 38 90.23 20.51 -44.35
N ALA MA 39 88.97 20.97 -44.40
CA ALA MA 39 88.00 20.37 -45.35
C ALA MA 39 88.43 20.63 -46.78
N GLU MA 40 88.90 21.84 -47.07
CA GLU MA 40 89.23 22.17 -48.47
C GLU MA 40 90.38 21.26 -48.93
N LEU MA 41 91.40 21.10 -48.09
CA LEU MA 41 92.48 20.17 -48.47
C LEU MA 41 91.92 18.75 -48.56
N LYS MA 42 91.07 18.38 -47.60
CA LYS MA 42 90.61 16.96 -47.58
C LYS MA 42 89.71 16.71 -48.79
N HIS MA 43 88.78 17.61 -49.10
CA HIS MA 43 87.99 17.35 -50.32
C HIS MA 43 88.94 17.34 -51.52
N GLY MA 44 89.89 18.26 -51.53
CA GLY MA 44 90.81 18.35 -52.68
C GLY MA 44 91.64 17.10 -52.83
N ARG MA 45 92.17 16.59 -51.71
CA ARG MA 45 93.01 15.36 -51.74
C ARG MA 45 92.13 14.18 -52.19
N VAL MA 46 90.93 14.06 -51.64
CA VAL MA 46 90.08 12.88 -51.99
C VAL MA 46 89.83 12.99 -53.50
N CYS MA 47 89.51 14.19 -53.96
CA CYS MA 47 89.19 14.40 -55.40
C CYS MA 47 90.42 14.08 -56.26
N MET MA 48 91.61 14.50 -55.83
CA MET MA 48 92.77 14.26 -56.71
C MET MA 48 92.78 12.77 -57.05
N LEU MA 49 92.68 11.93 -56.01
CA LEU MA 49 92.61 10.46 -56.26
C LEU MA 49 91.33 10.14 -57.05
N GLY MA 50 90.23 10.83 -56.75
CA GLY MA 50 88.97 10.60 -57.48
C GLY MA 50 89.19 10.70 -58.97
N VAL MA 51 89.75 11.82 -59.43
CA VAL MA 51 89.99 12.02 -60.89
C VAL MA 51 90.96 10.93 -61.36
N THR MA 52 92.00 10.65 -60.55
CA THR MA 52 92.99 9.67 -60.99
C THR MA 52 92.28 8.35 -61.14
N GLY MA 53 91.41 8.04 -60.18
CA GLY MA 53 90.70 6.76 -60.22
C GLY MA 53 89.82 6.64 -61.43
N LEU MA 54 89.07 7.69 -61.77
CA LEU MA 54 88.12 7.55 -62.90
C LEU MA 54 88.92 7.24 -64.16
N LEU MA 55 90.01 7.95 -64.37
CA LEU MA 55 90.86 7.69 -65.56
C LEU MA 55 91.48 6.29 -65.49
N VAL MA 56 92.01 5.91 -64.32
CA VAL MA 56 92.70 4.59 -64.22
C VAL MA 56 91.70 3.44 -64.42
N GLN MA 57 90.60 3.49 -63.64
CA GLN MA 57 89.65 2.36 -63.61
C GLN MA 57 89.02 2.10 -64.98
N GLU MA 58 88.73 3.14 -65.76
CA GLU MA 58 88.13 2.81 -67.07
C GLU MA 58 89.16 1.99 -67.85
N ALA MA 59 90.43 2.43 -67.83
CA ALA MA 59 91.50 1.70 -68.53
C ALA MA 59 91.81 0.35 -67.88
N ILE MA 60 91.87 0.28 -66.54
CA ILE MA 60 92.34 -0.98 -65.88
C ILE MA 60 91.31 -1.55 -64.89
N CYS MA 61 91.01 -2.83 -64.99
CA CYS MA 61 90.10 -3.50 -64.02
C CYS MA 61 90.87 -4.65 -63.34
N LEU MA 62 90.66 -4.85 -62.04
CA LEU MA 62 91.32 -5.99 -61.36
C LEU MA 62 90.79 -7.29 -61.97
N PRO MA 63 91.63 -8.33 -62.15
CA PRO MA 63 91.14 -9.61 -62.65
C PRO MA 63 90.19 -10.03 -61.57
N GLN MA 64 90.53 -9.70 -60.32
CA GLN MA 64 89.73 -10.09 -59.15
C GLN MA 64 88.31 -9.51 -59.21
N PHE MA 65 88.14 -8.27 -59.67
CA PHE MA 65 86.80 -7.60 -59.64
C PHE MA 65 86.19 -7.47 -61.03
N ALA MA 66 84.86 -7.53 -61.13
CA ALA MA 66 84.15 -7.36 -62.42
C ALA MA 66 84.24 -5.91 -62.90
N ASN MA 67 84.15 -5.67 -64.21
CA ASN MA 67 84.31 -4.30 -64.78
C ASN MA 67 82.97 -3.70 -65.21
N GLY MA 68 82.79 -2.38 -65.04
CA GLY MA 68 81.58 -1.68 -65.48
C GLY MA 68 81.84 -0.93 -66.79
N LYS MA 69 80.79 -0.70 -67.57
CA LYS MA 69 80.94 -0.01 -68.88
C LYS MA 69 81.49 1.39 -68.65
N THR MA 70 81.31 1.91 -67.44
CA THR MA 70 81.80 3.25 -67.10
C THR MA 70 82.57 3.10 -65.83
N PRO MA 71 83.51 4.01 -65.50
CA PRO MA 71 84.18 3.90 -64.23
C PRO MA 71 83.10 3.96 -63.17
N VAL MA 72 82.09 4.80 -63.37
CA VAL MA 72 81.02 4.96 -62.35
C VAL MA 72 80.36 3.60 -62.12
N ASP MA 73 80.15 2.83 -63.20
CA ASP MA 73 79.49 1.50 -63.08
C ASP MA 73 80.39 0.57 -62.25
N ASP MA 74 81.71 0.76 -62.29
CA ASP MA 74 82.63 -0.18 -61.58
C ASP MA 74 82.26 -0.17 -60.10
N PHE MA 75 81.93 0.99 -59.54
CA PHE MA 75 81.48 1.02 -58.13
C PHE MA 75 80.31 0.07 -57.97
N PHE MA 76 79.41 -0.01 -58.95
CA PHE MA 76 78.20 -0.86 -58.77
C PHE MA 76 78.54 -2.34 -58.96
N VAL MA 77 79.38 -2.69 -59.93
CA VAL MA 77 79.66 -4.13 -60.23
C VAL MA 77 80.55 -4.74 -59.12
N VAL MA 78 81.23 -3.91 -58.32
CA VAL MA 78 82.04 -4.42 -57.18
C VAL MA 78 81.11 -5.08 -56.14
N PRO MA 79 81.54 -6.18 -55.49
CA PRO MA 79 80.73 -6.79 -54.44
C PRO MA 79 80.38 -5.77 -53.39
N ALA MA 80 79.27 -5.98 -52.69
CA ALA MA 80 78.84 -5.07 -51.61
C ALA MA 80 79.90 -5.06 -50.52
N ALA MA 81 80.51 -6.21 -50.30
CA ALA MA 81 81.46 -6.29 -49.18
C ALA MA 81 82.56 -5.27 -49.44
N GLY MA 82 82.99 -5.13 -50.68
CA GLY MA 82 84.17 -4.29 -50.88
C GLY MA 82 83.91 -2.89 -50.40
N LEU MA 83 82.73 -2.37 -50.68
CA LEU MA 83 82.47 -0.98 -50.31
C LEU MA 83 82.55 -0.91 -48.79
N TRP MA 84 81.87 -1.81 -48.10
CA TRP MA 84 81.89 -1.62 -46.64
C TRP MA 84 83.29 -1.88 -46.12
N GLN MA 85 84.06 -2.75 -46.77
CA GLN MA 85 85.41 -2.94 -46.19
C GLN MA 85 86.16 -1.62 -46.31
N VAL MA 86 86.09 -1.01 -47.49
CA VAL MA 86 86.87 0.23 -47.71
C VAL MA 86 86.30 1.29 -46.79
N PHE MA 87 84.98 1.30 -46.63
CA PHE MA 87 84.39 2.41 -45.87
C PHE MA 87 84.96 2.40 -44.49
N PHE MA 88 85.06 1.22 -43.91
CA PHE MA 88 85.69 1.12 -42.56
C PHE MA 88 87.18 1.45 -42.64
N THR MA 89 87.88 1.00 -43.67
CA THR MA 89 89.32 1.26 -43.63
C THR MA 89 89.50 2.75 -43.58
N ILE MA 90 88.74 3.46 -44.40
CA ILE MA 90 88.87 4.94 -44.48
C ILE MA 90 88.50 5.56 -43.13
N GLY MA 91 87.44 5.08 -42.49
CA GLY MA 91 87.01 5.75 -41.26
C GLY MA 91 88.12 5.66 -40.23
N ALA MA 92 88.77 4.51 -40.17
CA ALA MA 92 89.83 4.34 -39.18
C ALA MA 92 90.93 5.33 -39.49
N VAL MA 93 91.22 5.49 -40.76
CA VAL MA 93 92.36 6.38 -41.11
C VAL MA 93 91.94 7.75 -40.57
N GLU MA 94 90.67 8.07 -40.67
CA GLU MA 94 90.27 9.36 -40.09
C GLU MA 94 90.59 9.31 -38.60
N PHE MA 95 90.25 8.20 -37.93
CA PHE MA 95 90.44 8.18 -36.45
C PHE MA 95 91.89 8.30 -36.07
N PHE MA 96 92.73 7.56 -36.76
CA PHE MA 96 94.15 7.57 -36.33
C PHE MA 96 94.69 8.95 -36.51
N SER MA 97 94.43 9.49 -37.68
CA SER MA 97 95.03 10.80 -37.97
C SER MA 97 94.46 11.85 -37.02
N ASN MA 98 93.14 11.98 -36.93
CA ASN MA 98 92.56 13.07 -36.10
C ASN MA 98 92.72 12.74 -34.62
N GLY MA 99 93.29 11.59 -34.29
CA GLY MA 99 93.57 11.26 -32.87
C GLY MA 99 92.27 11.21 -32.13
N PHE MA 100 91.19 10.94 -32.87
CA PHE MA 100 89.84 10.85 -32.26
C PHE MA 100 89.35 12.26 -31.94
N LYS MA 101 90.07 13.29 -32.39
CA LYS MA 101 89.54 14.66 -32.21
C LYS MA 101 88.71 15.01 -33.45
N LEU MA 102 87.69 14.21 -33.75
CA LEU MA 102 86.88 14.38 -34.98
C LEU MA 102 86.05 15.66 -35.05
N THR MA 103 85.44 16.09 -33.96
CA THR MA 103 84.50 17.24 -34.04
C THR MA 103 85.25 18.54 -34.23
N PRO MA 104 84.59 19.59 -34.74
CA PRO MA 104 85.29 20.82 -35.04
C PRO MA 104 85.95 21.44 -33.84
N GLY MA 105 85.24 21.49 -32.72
CA GLY MA 105 85.93 22.02 -31.54
C GLY MA 105 87.09 21.14 -31.15
N ASP MA 106 86.87 19.83 -31.14
CA ASP MA 106 87.92 18.92 -30.61
C ASP MA 106 89.17 18.97 -31.49
N MET MA 107 88.97 18.84 -32.80
CA MET MA 107 90.13 18.76 -33.70
C MET MA 107 90.95 20.02 -33.51
N PHE MA 108 92.26 19.89 -33.55
CA PHE MA 108 93.15 21.09 -33.52
C PHE MA 108 93.27 21.57 -32.11
N SER MA 109 92.58 20.91 -31.17
CA SER MA 109 92.68 21.48 -29.81
C SER MA 109 94.15 21.36 -29.41
N GLU MA 110 94.77 20.22 -29.73
CA GLU MA 110 96.23 20.11 -29.49
C GLU MA 110 96.96 20.54 -30.77
N GLY MA 111 96.84 21.81 -31.17
CA GLY MA 111 97.56 22.32 -32.36
C GLY MA 111 97.24 21.54 -33.63
N ARG MA 112 98.22 20.83 -34.19
CA ARG MA 112 98.06 20.01 -35.43
C ARG MA 112 98.02 20.95 -36.66
N GLU MA 113 98.30 22.24 -36.44
CA GLU MA 113 98.30 23.23 -37.54
C GLU MA 113 96.92 23.18 -38.22
N ALA MA 114 96.85 23.23 -39.55
CA ALA MA 114 95.56 23.06 -40.26
C ALA MA 114 95.78 22.07 -41.40
N GLY MA 115 94.90 21.07 -41.54
CA GLY MA 115 95.00 20.15 -42.68
C GLY MA 115 96.37 19.49 -42.72
N ASP MA 116 96.95 19.20 -41.55
CA ASP MA 116 98.24 18.46 -41.52
C ASP MA 116 98.03 17.11 -40.85
N LEU MA 117 98.31 16.02 -41.55
CA LEU MA 117 98.19 14.67 -40.96
C LEU MA 117 99.59 14.12 -40.63
N GLY MA 118 100.62 14.94 -40.80
CA GLY MA 118 102.00 14.48 -40.56
C GLY MA 118 102.35 13.28 -41.42
N PHE MA 119 101.88 13.28 -42.67
CA PHE MA 119 102.18 12.17 -43.61
C PHE MA 119 103.24 12.63 -44.60
N ASP MA 120 104.51 12.28 -44.35
CA ASP MA 120 105.55 12.60 -45.35
C ASP MA 120 106.47 11.39 -45.32
N PRO MA 121 105.97 10.19 -45.60
CA PRO MA 121 106.82 9.02 -45.42
C PRO MA 121 107.98 9.22 -46.34
N LEU MA 122 107.72 9.60 -47.58
CA LEU MA 122 108.88 9.96 -48.43
C LEU MA 122 109.17 11.37 -47.95
N GLY MA 123 110.42 11.70 -47.70
CA GLY MA 123 110.62 13.03 -47.13
C GLY MA 123 110.70 14.04 -48.23
N CYS MA 124 109.64 14.83 -48.38
CA CYS MA 124 109.74 15.92 -49.38
C CYS MA 124 109.60 17.26 -48.65
N GLY MA 125 108.98 17.27 -47.47
CA GLY MA 125 108.76 18.53 -46.74
C GLY MA 125 110.03 18.98 -46.04
N LYS MA 126 111.18 18.49 -46.51
CA LYS MA 126 112.48 18.80 -45.84
C LYS MA 126 112.81 20.30 -45.89
N ASN MA 127 112.54 20.96 -47.02
CA ASN MA 127 112.95 22.39 -47.17
C ASN MA 127 111.72 23.30 -47.10
N PRO MA 128 111.73 24.35 -46.26
CA PRO MA 128 110.56 25.22 -46.09
C PRO MA 128 110.14 25.96 -47.34
N ASP MA 129 111.11 26.46 -48.11
CA ASP MA 129 110.75 27.28 -49.30
C ASP MA 129 109.93 26.44 -50.27
N ALA MA 130 110.34 25.19 -50.50
CA ALA MA 130 109.53 24.30 -51.35
C ALA MA 130 108.18 24.03 -50.69
N LEU MA 131 108.15 23.86 -49.38
CA LEU MA 131 106.89 23.44 -48.71
C LEU MA 131 105.79 24.48 -48.95
N ALA MA 132 106.10 25.77 -48.86
CA ALA MA 132 105.07 26.79 -49.17
C ALA MA 132 104.59 26.57 -50.60
N ARG MA 133 105.49 26.75 -51.57
CA ARG MA 133 105.16 26.55 -52.97
C ARG MA 133 104.41 25.23 -53.18
N ARG MA 134 104.84 24.17 -52.50
CA ARG MA 134 104.15 22.90 -52.57
C ARG MA 134 102.73 23.01 -52.03
N ARG MA 135 102.55 23.79 -50.96
CA ARG MA 135 101.20 24.00 -50.40
C ARG MA 135 100.30 24.71 -51.41
N LEU MA 136 100.82 25.74 -52.07
CA LEU MA 136 100.03 26.46 -53.07
C LEU MA 136 99.67 25.55 -54.24
N VAL MA 137 100.63 24.78 -54.72
CA VAL MA 137 100.36 23.83 -55.80
C VAL MA 137 99.32 22.80 -55.36
N GLU MA 138 99.45 22.32 -54.12
CA GLU MA 138 98.53 21.32 -53.59
C GLU MA 138 97.11 21.85 -53.53
N VAL MA 139 96.92 23.07 -53.02
CA VAL MA 139 95.57 23.59 -52.88
C VAL MA 139 94.96 23.91 -54.25
N LYS MA 140 95.76 24.47 -55.17
CA LYS MA 140 95.24 24.75 -56.50
C LYS MA 140 94.84 23.48 -57.23
N ASN MA 141 95.71 22.46 -57.20
CA ASN MA 141 95.38 21.20 -57.85
C ASN MA 141 94.22 20.50 -57.15
N GLY MA 142 94.06 20.69 -55.84
CA GLY MA 142 92.91 20.12 -55.15
C GLY MA 142 91.59 20.74 -55.55
N ARG MA 143 91.55 22.08 -55.65
CA ARG MA 143 90.33 22.73 -56.12
C ARG MA 143 90.03 22.34 -57.56
N LEU MA 144 91.05 22.31 -58.41
CA LEU MA 144 90.88 21.84 -59.78
C LEU MA 144 90.41 20.40 -59.81
N ALA MA 145 90.88 19.57 -58.88
CA ALA MA 145 90.45 18.18 -58.81
C ALA MA 145 88.99 18.08 -58.38
N MET MA 146 88.54 18.95 -57.47
CA MET MA 146 87.13 18.97 -57.11
C MET MA 146 86.27 19.26 -58.32
N ILE MA 147 86.65 20.29 -59.08
CA ILE MA 147 85.80 20.67 -60.23
C ILE MA 147 85.91 19.56 -61.26
N ALA MA 148 87.10 19.05 -61.51
CA ALA MA 148 87.17 18.05 -62.60
C ALA MA 148 86.38 16.82 -62.22
N PHE MA 149 86.50 16.37 -60.98
CA PHE MA 149 85.84 15.09 -60.67
C PHE MA 149 84.41 15.28 -60.90
N GLY MA 150 83.91 16.42 -60.51
CA GLY MA 150 82.46 16.56 -60.61
C GLY MA 150 82.10 16.42 -62.06
N GLY MA 151 82.91 17.02 -62.91
CA GLY MA 151 82.68 16.92 -64.34
C GLY MA 151 82.89 15.54 -64.88
N MET MA 152 83.96 14.89 -64.50
CA MET MA 152 84.17 13.60 -65.15
C MET MA 152 82.98 12.75 -64.78
N LEU MA 153 82.63 12.76 -63.51
CA LEU MA 153 81.56 11.83 -63.12
C LEU MA 153 80.25 12.21 -63.77
N HIS MA 154 79.87 13.48 -63.71
CA HIS MA 154 78.51 13.81 -64.21
C HIS MA 154 78.48 13.52 -65.71
N GLN MA 155 79.52 13.84 -66.43
CA GLN MA 155 79.43 13.53 -67.87
C GLN MA 155 79.28 12.02 -68.01
N GLN MA 156 80.03 11.23 -67.25
CA GLN MA 156 79.96 9.77 -67.46
C GLN MA 156 78.56 9.27 -67.12
N LEU MA 157 77.97 9.74 -66.03
CA LEU MA 157 76.66 9.19 -65.66
C LEU MA 157 75.73 9.55 -66.80
N LEU MA 158 75.88 10.75 -67.33
CA LEU MA 158 74.92 11.20 -68.35
C LEU MA 158 75.12 10.38 -69.59
N THR MA 159 76.25 10.62 -70.26
CA THR MA 159 76.54 10.01 -71.58
C THR MA 159 76.77 8.54 -71.48
N GLY MA 160 77.55 8.12 -70.51
CA GLY MA 160 77.87 6.69 -70.36
C GLY MA 160 79.16 6.36 -71.05
N GLN MA 161 79.76 7.31 -71.72
CA GLN MA 161 81.09 6.97 -72.28
C GLN MA 161 82.14 7.17 -71.17
N GLY MA 162 83.36 6.70 -71.39
CA GLY MA 162 84.46 6.95 -70.44
C GLY MA 162 85.06 8.31 -70.67
N THR MA 163 85.77 8.87 -69.69
CA THR MA 163 86.26 10.24 -69.93
C THR MA 163 87.20 10.23 -71.09
N LEU MA 164 88.11 9.27 -71.15
CA LEU MA 164 88.96 9.22 -72.36
C LEU MA 164 88.08 8.92 -73.57
N GLU MA 165 87.11 8.03 -73.40
CA GLU MA 165 86.28 7.66 -74.57
C GLU MA 165 85.49 8.88 -75.04
N GLN MA 166 84.95 9.67 -74.12
CA GLN MA 166 84.07 10.80 -74.54
C GLN MA 166 84.84 11.71 -75.50
N LEU MA 167 86.14 11.91 -75.26
CA LEU MA 167 86.94 12.72 -76.21
C LEU MA 167 86.97 12.04 -77.59
N ALA MA 168 87.09 10.72 -77.65
CA ALA MA 168 87.23 10.05 -78.96
C ALA MA 168 85.97 10.29 -79.80
N ASN MA 169 84.79 10.17 -79.19
CA ASN MA 169 83.53 10.50 -79.91
C ASN MA 169 82.73 11.46 -79.02
N PHE MA 170 82.62 12.74 -79.39
CA PHE MA 170 81.95 13.67 -78.45
C PHE MA 170 80.47 13.31 -78.31
N LYS MA 171 79.80 13.00 -79.42
CA LYS MA 171 78.38 12.53 -79.34
C LYS MA 171 77.56 13.48 -78.45
N ALA MA 172 77.57 14.78 -78.73
CA ALA MA 172 76.87 15.74 -77.85
C ALA MA 172 75.38 15.40 -77.78
N ILE MA 173 74.80 15.51 -76.59
CA ILE MA 173 73.34 15.22 -76.40
C ILE MA 173 72.58 15.69 -77.64
N GLU NA 89 -74.64 -37.95 42.08
CA GLU NA 89 -73.26 -37.87 42.61
C GLU NA 89 -72.76 -36.42 42.53
N ALA NA 90 -73.13 -35.58 43.50
CA ALA NA 90 -72.74 -34.16 43.45
C ALA NA 90 -71.22 -34.03 43.66
N GLN NA 91 -70.65 -32.86 43.38
CA GLN NA 91 -69.17 -32.71 43.48
C GLN NA 91 -68.82 -31.31 44.01
N GLY NA 92 -67.71 -31.19 44.74
CA GLY NA 92 -67.26 -29.88 45.26
C GLY NA 92 -67.86 -29.54 46.61
N PHE NA 93 -68.32 -28.30 46.78
CA PHE NA 93 -68.85 -27.89 48.11
C PHE NA 93 -69.99 -28.84 48.53
N THR NA 94 -70.73 -29.40 47.56
CA THR NA 94 -71.89 -30.26 47.89
C THR NA 94 -71.51 -31.73 47.91
N ALA NA 95 -70.26 -32.06 47.55
CA ALA NA 95 -69.84 -33.49 47.49
C ALA NA 95 -69.71 -34.06 48.89
N PRO NA 96 -70.09 -35.33 49.13
CA PRO NA 96 -69.91 -35.93 50.45
C PRO NA 96 -68.44 -36.04 50.84
N LYS NA 97 -67.58 -36.41 49.88
CA LYS NA 97 -66.14 -36.63 50.20
C LYS NA 97 -65.47 -35.32 50.65
N ASN NA 98 -65.76 -34.19 49.99
CA ASN NA 98 -65.10 -32.91 50.34
C ASN NA 98 -65.43 -32.58 51.79
N HIS NA 99 -66.67 -32.89 52.19
CA HIS NA 99 -67.15 -32.62 53.58
C HIS NA 99 -66.41 -33.50 54.59
N PHE NA 100 -66.23 -34.79 54.27
CA PHE NA 100 -65.47 -35.67 55.19
C PHE NA 100 -64.07 -35.09 55.27
N ALA NA 101 -63.51 -34.69 54.12
CA ALA NA 101 -62.17 -34.06 54.12
C ALA NA 101 -62.22 -32.77 54.92
N SER NA 102 -63.32 -32.02 54.81
CA SER NA 102 -63.42 -30.72 55.51
C SER NA 102 -63.36 -30.96 57.03
N VAL NA 103 -64.07 -31.96 57.53
CA VAL NA 103 -64.04 -32.29 59.00
C VAL NA 103 -62.62 -32.73 59.38
N ILE NA 104 -61.98 -33.53 58.53
CA ILE NA 104 -60.57 -33.96 58.81
C ILE NA 104 -59.70 -32.69 58.83
N GLY NA 105 -59.95 -31.77 57.89
CA GLY NA 105 -59.17 -30.52 57.84
C GLY NA 105 -59.38 -29.69 59.09
N LEU NA 106 -60.62 -29.60 59.55
CA LEU NA 106 -60.93 -28.83 60.79
C LEU NA 106 -60.19 -29.47 61.98
N TRP NA 107 -60.13 -30.80 62.02
CA TRP NA 107 -59.38 -31.46 63.12
C TRP NA 107 -57.91 -31.03 63.05
N VAL NA 108 -57.35 -30.98 61.85
CA VAL NA 108 -55.90 -30.65 61.73
C VAL NA 108 -55.69 -29.22 62.25
N LEU NA 109 -56.59 -28.30 61.90
CA LEU NA 109 -56.49 -26.89 62.36
C LEU NA 109 -56.65 -26.83 63.88
N PHE NA 110 -57.61 -27.57 64.45
CA PHE NA 110 -57.90 -27.50 65.91
C PHE NA 110 -56.84 -28.25 66.72
N ALA NA 111 -56.07 -29.10 66.04
CA ALA NA 111 -55.05 -29.91 66.73
C ALA NA 111 -54.00 -28.98 67.34
N LEU NA 112 -53.52 -28.03 66.55
CA LEU NA 112 -52.43 -27.15 67.07
C LEU NA 112 -52.93 -26.38 68.29
N PRO NA 113 -54.12 -25.74 68.30
CA PRO NA 113 -54.57 -25.08 69.51
C PRO NA 113 -54.82 -26.04 70.65
N VAL NA 114 -55.52 -27.16 70.38
CA VAL NA 114 -55.89 -28.09 71.50
C VAL NA 114 -54.66 -28.81 72.06
N TRP NA 115 -53.82 -29.38 71.19
CA TRP NA 115 -52.70 -30.22 71.73
C TRP NA 115 -51.45 -29.41 72.03
N SER NA 116 -51.20 -28.32 71.30
CA SER NA 116 -50.04 -27.48 71.69
C SER NA 116 -50.31 -26.93 73.09
N ALA NA 117 -51.55 -26.49 73.33
CA ALA NA 117 -51.92 -25.99 74.68
C ALA NA 117 -51.73 -27.11 75.69
N ALA NA 118 -52.16 -28.32 75.33
CA ALA NA 118 -51.98 -29.48 76.25
C ALA NA 118 -50.49 -29.71 76.46
N TYR NA 119 -49.70 -29.64 75.39
CA TYR NA 119 -48.23 -29.84 75.51
C TYR NA 119 -47.65 -28.67 76.31
N LYS NA 120 -48.18 -27.46 76.08
CA LYS NA 120 -47.70 -26.29 76.86
C LYS NA 120 -48.01 -26.50 78.34
N GLN NA 121 -49.20 -27.02 78.65
CA GLN NA 121 -49.60 -27.16 80.07
C GLN NA 121 -48.66 -28.10 80.82
N ALA NA 122 -48.33 -29.26 80.25
CA ALA NA 122 -47.50 -30.22 81.00
C ALA NA 122 -46.51 -30.98 80.12
N GLY NA 123 -46.33 -30.57 78.85
CA GLY NA 123 -45.49 -31.39 77.97
C GLY NA 123 -44.09 -31.54 78.50
N ALA NA 124 -43.62 -32.79 78.65
CA ALA NA 124 -42.27 -33.04 79.17
C ALA NA 124 -42.11 -32.22 80.44
N SER NA 125 -41.02 -31.45 80.56
CA SER NA 125 -40.86 -30.51 81.70
C SER NA 125 -41.02 -31.26 83.03
N ASN NA 126 -40.52 -32.49 83.11
CA ASN NA 126 -40.60 -33.27 84.37
C ASN NA 126 -39.18 -33.64 84.79
N PRO NA 127 -38.78 -33.46 86.06
CA PRO NA 127 -37.46 -33.91 86.49
C PRO NA 127 -37.44 -35.40 86.26
N GLU NA 128 -38.58 -36.06 86.44
CA GLU NA 128 -38.61 -37.54 86.33
C GLU NA 128 -38.56 -37.98 84.86
N TRP NA 129 -38.89 -37.08 83.92
CA TRP NA 129 -38.88 -37.41 82.47
C TRP NA 129 -37.52 -37.10 81.86
N PHE NA 130 -36.67 -38.12 81.68
CA PHE NA 130 -35.37 -37.91 80.99
C PHE NA 130 -35.05 -39.14 80.13
N GLY NA 131 -34.30 -38.95 79.05
CA GLY NA 131 -33.90 -40.07 78.18
C GLY NA 131 -32.86 -40.94 78.83
N VAL NA 132 -32.72 -42.20 78.38
CA VAL NA 132 -31.72 -43.13 78.98
C VAL NA 132 -31.03 -43.95 77.86
N SER NA 133 -29.73 -44.22 78.02
CA SER NA 133 -28.99 -45.07 77.04
C SER NA 133 -28.17 -46.13 77.78
N GLN NA 134 -28.13 -47.35 77.27
CA GLN NA 134 -27.32 -48.44 77.89
C GLN NA 134 -25.83 -48.11 77.81
N VAL NA 135 -25.38 -47.47 76.73
CA VAL NA 135 -23.92 -47.22 76.53
C VAL NA 135 -23.34 -46.41 77.69
N SER NA 136 -22.14 -46.76 78.15
CA SER NA 136 -21.48 -46.03 79.25
C SER NA 136 -20.98 -44.66 78.76
N GLU NA 137 -20.85 -43.69 79.67
CA GLU NA 137 -20.45 -42.31 79.26
C GLU NA 137 -18.95 -42.28 78.90
N ASP NA 138 -18.16 -43.23 79.41
CA ASP NA 138 -16.71 -43.30 79.07
C ASP NA 138 -16.50 -43.86 77.65
N ALA NA 139 -17.55 -44.40 77.04
CA ALA NA 139 -17.39 -45.05 75.71
C ALA NA 139 -16.79 -44.06 74.72
N PRO NA 140 -15.88 -44.50 73.82
CA PRO NA 140 -15.21 -43.58 72.91
C PRO NA 140 -16.15 -42.88 71.96
N GLY NA 141 -15.85 -41.61 71.64
CA GLY NA 141 -16.71 -40.83 70.73
C GLY NA 141 -17.80 -40.08 71.44
N ILE NA 142 -17.82 -40.10 72.77
CA ILE NA 142 -18.83 -39.31 73.53
C ILE NA 142 -18.22 -37.94 73.84
N GLY NA 143 -18.87 -36.87 73.38
CA GLY NA 143 -18.32 -35.51 73.55
C GLY NA 143 -18.30 -35.04 74.98
N LEU NA 144 -17.29 -34.26 75.36
CA LEU NA 144 -17.22 -33.70 76.72
C LEU NA 144 -18.43 -32.78 76.94
N LEU NA 145 -18.78 -31.98 75.94
CA LEU NA 145 -19.90 -31.02 76.13
C LEU NA 145 -20.95 -31.20 75.02
N ALA NA 146 -22.23 -31.23 75.39
CA ALA NA 146 -23.32 -31.50 74.41
C ALA NA 146 -23.53 -30.34 73.45
N LYS NA 147 -23.97 -30.63 72.22
CA LYS NA 147 -24.29 -29.56 71.25
C LYS NA 147 -23.06 -28.65 71.12
N ALA NA 148 -21.88 -29.25 71.01
CA ALA NA 148 -20.64 -28.44 70.99
C ALA NA 148 -20.60 -27.53 69.76
N ALA NA 149 -20.07 -26.32 69.93
CA ALA NA 149 -19.94 -25.37 68.81
C ALA NA 149 -18.56 -24.73 68.86
N PRO NA 150 -17.58 -25.23 68.08
CA PRO NA 150 -16.24 -24.66 68.06
C PRO NA 150 -16.22 -23.26 67.46
N GLU NA 151 -15.38 -22.36 68.02
CA GLU NA 151 -15.28 -20.96 67.51
C GLU NA 151 -14.75 -20.97 66.06
N TYR NA 152 -13.77 -21.83 65.76
CA TYR NA 152 -13.15 -21.88 64.40
C TYR NA 152 -12.68 -20.49 63.97
N ASN NA 153 -11.76 -19.91 64.73
CA ASN NA 153 -11.14 -18.64 64.26
C ASN NA 153 -10.01 -19.07 63.32
N GLY NA 154 -10.34 -19.39 62.06
CA GLY NA 154 -9.32 -19.97 61.16
C GLY NA 154 -9.54 -19.58 59.71
N PRO NA 155 -8.92 -20.29 58.74
CA PRO NA 155 -9.00 -19.90 57.34
C PRO NA 155 -10.43 -19.74 56.83
N SER NA 156 -10.67 -18.67 56.07
CA SER NA 156 -12.04 -18.38 55.55
C SER NA 156 -12.55 -19.55 54.71
N PHE NA 157 -13.86 -19.65 54.49
CA PHE NA 157 -14.43 -20.80 53.75
C PHE NA 157 -13.74 -20.97 52.38
N ARG NA 158 -13.52 -19.87 51.67
CA ARG NA 158 -12.94 -19.97 50.29
C ARG NA 158 -11.55 -20.60 50.34
N GLU NA 159 -10.73 -20.19 51.32
CA GLU NA 159 -9.35 -20.73 51.43
C GLU NA 159 -9.44 -22.24 51.68
N GLY NA 160 -10.43 -22.66 52.47
CA GLY NA 160 -10.63 -24.10 52.71
C GLY NA 160 -10.94 -24.82 51.42
N LEU NA 161 -11.79 -24.23 50.57
CA LEU NA 161 -12.08 -24.84 49.26
C LEU NA 161 -10.75 -24.94 48.51
N GLU NA 162 -9.92 -23.90 48.64
CA GLU NA 162 -8.57 -23.95 48.01
C GLU NA 162 -7.77 -25.10 48.65
N TYR NA 163 -7.75 -25.20 49.99
CA TYR NA 163 -7.06 -26.35 50.56
C TYR NA 163 -7.58 -27.66 49.96
N VAL NA 164 -8.89 -27.77 49.80
CA VAL NA 164 -9.47 -28.96 49.18
C VAL NA 164 -9.05 -29.09 47.72
N PHE NA 165 -8.89 -27.96 47.03
CA PHE NA 165 -8.37 -28.02 45.65
C PHE NA 165 -6.88 -28.38 45.64
N SER NA 166 -6.12 -27.86 46.59
CA SER NA 166 -4.72 -28.21 46.72
C SER NA 166 -4.53 -29.68 47.05
N PHE NA 167 -5.56 -30.33 47.58
CA PHE NA 167 -5.54 -31.78 47.69
C PHE NA 167 -5.29 -32.43 46.33
N VAL NA 168 -5.91 -31.90 45.28
CA VAL NA 168 -5.84 -32.54 43.96
C VAL NA 168 -4.81 -31.90 43.02
N TRP NA 169 -4.29 -30.73 43.31
CA TRP NA 169 -3.24 -30.26 42.41
C TRP NA 169 -1.92 -30.04 43.17
N LYS NA 170 -1.90 -30.21 44.49
CA LYS NA 170 -0.65 -30.06 45.23
C LYS NA 170 -0.62 -30.96 46.46
N PRO NA 171 -0.66 -32.31 46.29
CA PRO NA 171 -0.57 -33.21 47.43
C PRO NA 171 0.89 -33.33 47.82
N PRO NA 172 1.21 -33.82 49.03
CA PRO NA 172 2.60 -33.86 49.49
C PRO NA 172 3.34 -35.12 49.05
N ILE NA 173 2.82 -35.82 48.05
CA ILE NA 173 3.45 -37.12 47.64
C ILE NA 173 4.90 -36.93 47.18
N LEU NA 174 5.18 -35.90 46.36
CA LEU NA 174 6.55 -35.77 45.78
C LEU NA 174 7.49 -34.90 46.65
N ILE NA 175 6.98 -34.20 47.67
CA ILE NA 175 7.90 -33.43 48.54
C ILE NA 175 8.84 -34.42 49.25
N ALA NA 176 8.36 -35.62 49.56
CA ALA NA 176 9.19 -36.57 50.34
C ALA NA 176 10.47 -36.86 49.57
N TRP NA 177 10.41 -36.87 48.23
CA TRP NA 177 11.61 -37.14 47.40
C TRP NA 177 12.33 -35.84 47.04
N LYS NA 178 12.23 -34.80 47.87
CA LYS NA 178 13.00 -33.55 47.60
C LYS NA 178 14.50 -33.82 47.72
N PRO NA 179 15.36 -33.23 46.86
CA PRO NA 179 16.85 -33.37 46.97
C PRO NA 179 17.35 -32.56 48.15
N ARG NA 180 18.49 -32.96 48.73
CA ARG NA 180 19.07 -32.15 49.82
C ARG NA 180 20.38 -31.51 49.33
N VAL NA 212 25.20 -21.69 47.14
CA VAL NA 212 25.64 -20.27 47.14
C VAL NA 212 24.95 -19.53 45.98
N TYR NA 213 25.14 -18.21 45.90
CA TYR NA 213 24.56 -17.43 44.77
C TYR NA 213 25.69 -16.88 43.93
N ASP NA 214 25.63 -17.12 42.61
CA ASP NA 214 26.67 -16.55 41.70
C ASP NA 214 26.54 -15.03 41.71
N GLU NA 215 27.67 -14.32 41.68
CA GLU NA 215 27.65 -12.83 41.70
C GLU NA 215 28.50 -12.30 40.53
N PHE OA 43 34.57 -46.15 56.74
CA PHE OA 43 34.85 -47.37 57.53
C PHE OA 43 33.64 -48.25 57.46
N SER OA 44 33.01 -48.35 56.28
CA SER OA 44 31.72 -49.09 56.28
C SER OA 44 31.93 -50.52 56.75
N ALA OA 45 31.09 -51.03 57.65
CA ALA OA 45 31.33 -52.39 58.16
C ALA OA 45 31.14 -53.40 57.03
N ALA OA 46 30.08 -53.23 56.27
CA ALA OA 46 29.78 -54.23 55.24
C ALA OA 46 30.86 -54.26 54.20
N VAL OA 47 31.27 -53.08 53.77
CA VAL OA 47 32.41 -53.02 52.82
C VAL OA 47 33.57 -52.35 53.56
N PRO OA 48 34.60 -53.09 53.97
CA PRO OA 48 35.63 -52.48 54.79
C PRO OA 48 36.25 -51.34 54.00
N PHE OA 49 36.47 -51.61 52.73
CA PHE OA 49 37.14 -50.60 51.87
C PHE OA 49 36.35 -49.29 51.88
N LEU OA 50 35.13 -49.27 51.39
CA LEU OA 50 34.44 -47.95 51.29
C LEU OA 50 34.25 -47.33 52.69
N LYS OA 51 34.21 -46.00 52.77
CA LYS OA 51 33.95 -45.32 54.07
C LYS OA 51 32.46 -45.38 54.38
N ARG OA 52 32.04 -45.20 55.63
CA ARG OA 52 30.58 -45.33 55.88
C ARG OA 52 29.93 -44.15 55.15
N PRO OA 53 28.79 -44.31 54.48
CA PRO OA 53 28.20 -43.21 53.74
C PRO OA 53 27.90 -42.29 54.88
N THR OA 54 27.96 -40.99 54.65
CA THR OA 54 27.89 -40.05 55.79
C THR OA 54 26.62 -40.14 56.62
N ASN OA 55 25.46 -40.28 56.01
CA ASN OA 55 24.21 -40.23 56.82
C ASN OA 55 23.72 -41.63 57.23
N LEU OA 56 24.41 -42.70 56.85
CA LEU OA 56 24.00 -44.02 57.39
C LEU OA 56 24.80 -44.25 58.67
N ASP OA 57 24.24 -43.86 59.82
CA ASP OA 57 24.97 -43.94 61.12
C ASP OA 57 24.37 -44.97 62.06
N GLY OA 58 23.47 -45.83 61.59
CA GLY OA 58 22.90 -46.89 62.46
C GLY OA 58 21.70 -46.44 63.25
N GLN OA 59 21.21 -45.24 63.01
CA GLN OA 59 19.99 -44.79 63.69
C GLN OA 59 18.84 -45.71 63.32
N TYR OA 60 18.73 -46.03 62.04
CA TYR OA 60 17.67 -46.97 61.58
C TYR OA 60 18.24 -48.33 61.68
N ILE OA 61 17.42 -49.30 62.04
CA ILE OA 61 18.03 -50.64 62.23
C ILE OA 61 18.13 -51.29 60.86
N GLY OA 62 19.08 -52.20 60.68
CA GLY OA 62 19.30 -52.77 59.36
C GLY OA 62 20.46 -52.05 58.73
N ASP OA 63 21.26 -51.35 59.51
CA ASP OA 63 22.31 -50.54 58.86
C ASP OA 63 23.66 -51.26 58.87
N VAL OA 64 24.19 -51.60 57.70
CA VAL OA 64 25.55 -52.19 57.63
C VAL OA 64 26.40 -51.23 56.81
N GLY OA 65 25.91 -50.02 56.59
CA GLY OA 65 26.71 -49.02 55.88
C GLY OA 65 26.69 -49.24 54.39
N PHE OA 66 25.89 -50.17 53.93
CA PHE OA 66 25.87 -50.48 52.49
C PHE OA 66 25.12 -49.43 51.76
N ASP OA 67 25.77 -48.32 51.47
CA ASP OA 67 25.10 -47.39 50.53
C ASP OA 67 26.19 -47.01 49.54
N PRO OA 68 26.65 -47.95 48.69
CA PRO OA 68 27.77 -47.65 47.84
C PRO OA 68 27.51 -46.53 46.89
N LEU OA 69 26.35 -46.51 46.25
CA LEU OA 69 26.15 -45.48 45.20
C LEU OA 69 25.66 -44.19 45.85
N GLY OA 70 25.71 -44.13 47.19
CA GLY OA 70 25.35 -42.87 47.88
C GLY OA 70 23.93 -42.37 47.63
N PHE OA 71 22.92 -43.24 47.56
CA PHE OA 71 21.53 -42.73 47.43
C PHE OA 71 21.15 -42.01 48.70
N SER OA 72 21.79 -42.38 49.80
CA SER OA 72 21.36 -41.81 51.10
C SER OA 72 21.52 -40.29 51.08
N ASP OA 73 22.65 -39.82 50.58
CA ASP OA 73 22.93 -38.37 50.65
C ASP OA 73 21.90 -37.58 49.86
N VAL OA 74 21.59 -38.03 48.65
CA VAL OA 74 20.65 -37.26 47.79
C VAL OA 74 19.22 -37.19 48.35
N PHE OA 75 18.64 -38.29 48.86
CA PHE OA 75 17.22 -38.22 49.31
C PHE OA 75 17.13 -38.41 50.81
N ASP OA 76 16.01 -38.00 51.41
CA ASP OA 76 15.91 -38.04 52.88
C ASP OA 76 15.94 -39.49 53.35
N LEU OA 77 16.73 -39.81 54.36
CA LEU OA 77 16.82 -41.25 54.71
C LEU OA 77 15.45 -41.68 55.17
N ARG OA 78 14.73 -40.81 55.87
CA ARG OA 78 13.45 -41.24 56.46
C ARG OA 78 12.50 -41.67 55.36
N VAL OA 79 12.44 -40.94 54.28
CA VAL OA 79 11.56 -41.33 53.16
C VAL OA 79 12.04 -42.68 52.64
N LEU OA 80 13.33 -42.88 52.60
CA LEU OA 80 13.82 -44.14 52.03
C LEU OA 80 13.43 -45.28 52.96
N ARG OA 81 13.56 -45.14 54.26
CA ARG OA 81 13.22 -46.34 55.08
C ARG OA 81 11.77 -46.67 54.84
N GLU OA 82 10.92 -45.66 54.73
CA GLU OA 82 9.49 -45.90 54.54
C GLU OA 82 9.39 -46.80 53.32
N ALA OA 83 10.05 -46.42 52.27
CA ALA OA 83 10.01 -47.22 51.03
C ALA OA 83 10.63 -48.59 51.20
N GLU OA 84 11.69 -48.71 51.97
CA GLU OA 84 12.29 -50.05 52.01
C GLU OA 84 11.19 -50.93 52.54
N LEU OA 85 10.68 -50.56 53.68
CA LEU OA 85 9.70 -51.46 54.29
C LEU OA 85 8.47 -51.56 53.39
N LYS OA 86 7.99 -50.48 52.82
CA LYS OA 86 6.73 -50.65 52.04
C LYS OA 86 6.96 -51.60 50.86
N HIS OA 87 8.07 -51.51 50.14
CA HIS OA 87 8.29 -52.52 49.09
C HIS OA 87 8.40 -53.88 49.74
N GLY OA 88 9.21 -53.96 50.76
CA GLY OA 88 9.41 -55.25 51.39
C GLY OA 88 8.08 -55.80 51.74
N ARG OA 89 7.21 -55.00 52.32
CA ARG OA 89 5.94 -55.58 52.80
C ARG OA 89 5.20 -56.13 51.60
N PHE OA 90 5.18 -55.46 50.46
CA PHE OA 90 4.40 -56.09 49.36
C PHE OA 90 5.05 -57.36 48.99
N ALA OA 91 6.36 -57.36 48.88
CA ALA OA 91 7.06 -58.58 48.44
C ALA OA 91 6.90 -59.70 49.44
N MET OA 92 7.06 -59.40 50.72
CA MET OA 92 7.03 -60.49 51.70
C MET OA 92 5.66 -61.15 51.57
N LEU OA 93 4.63 -60.38 51.29
CA LEU OA 93 3.31 -60.98 51.06
C LEU OA 93 3.34 -61.70 49.71
N ALA OA 94 3.79 -61.06 48.65
CA ALA OA 94 3.64 -61.70 47.31
C ALA OA 94 4.37 -63.01 47.29
N THR OA 95 5.56 -63.04 47.84
CA THR OA 95 6.23 -64.33 47.88
C THR OA 95 5.27 -65.32 48.49
N LEU OA 96 4.57 -64.99 49.55
CA LEU OA 96 3.72 -66.06 50.14
C LEU OA 96 2.70 -66.41 49.08
N GLY OA 97 2.20 -65.42 48.40
CA GLY OA 97 1.12 -65.72 47.46
C GLY OA 97 1.56 -66.60 46.33
N PHE OA 98 2.61 -66.25 45.60
CA PHE OA 98 3.02 -67.20 44.55
C PHE OA 98 3.04 -68.58 45.15
N ILE OA 99 3.60 -68.77 46.33
CA ILE OA 99 3.60 -70.17 46.85
C ILE OA 99 2.16 -70.64 47.05
N VAL OA 100 1.31 -69.85 47.71
CA VAL OA 100 -0.06 -70.35 48.01
C VAL OA 100 -0.85 -70.44 46.70
N GLN OA 101 -0.71 -69.47 45.82
CA GLN OA 101 -1.60 -69.50 44.64
C GLN OA 101 -1.31 -70.79 43.89
N GLU OA 102 -0.08 -71.24 43.93
CA GLU OA 102 0.30 -72.45 43.17
C GLU OA 102 -0.39 -73.64 43.82
N LEU OA 103 -0.18 -73.84 45.11
CA LEU OA 103 -0.73 -75.04 45.77
C LEU OA 103 -2.27 -75.02 45.70
N TYR OA 104 -2.92 -73.88 45.92
CA TYR OA 104 -4.41 -73.87 45.99
C TYR OA 104 -4.99 -72.60 45.43
N THR OA 105 -6.15 -72.69 44.77
CA THR OA 105 -6.86 -71.51 44.29
C THR OA 105 -8.31 -71.68 44.62
N PHE OA 106 -9.01 -70.60 44.94
CA PHE OA 106 -10.42 -70.68 45.35
C PHE OA 106 -11.21 -71.19 44.19
N PRO OA 107 -12.28 -71.95 44.44
CA PRO OA 107 -13.01 -72.56 43.35
C PRO OA 107 -13.59 -71.61 42.35
N PHE OA 108 -14.16 -70.51 42.83
CA PHE OA 108 -14.86 -69.59 41.90
C PHE OA 108 -13.91 -69.00 40.86
N PHE OA 109 -12.65 -68.82 41.19
CA PHE OA 109 -11.70 -68.35 40.17
C PHE OA 109 -11.21 -69.52 39.34
N PRO OA 110 -10.96 -69.31 38.04
CA PRO OA 110 -10.41 -70.36 37.19
C PRO OA 110 -9.01 -70.71 37.61
N LYS OA 111 -8.56 -71.95 37.46
CA LYS OA 111 -7.17 -72.21 37.88
C LYS OA 111 -6.18 -71.64 36.86
N MET OA 112 -5.21 -70.85 37.32
CA MET OA 112 -4.22 -70.22 36.43
C MET OA 112 -2.88 -70.19 37.17
N ALA OA 113 -1.79 -70.02 36.43
CA ALA OA 113 -0.46 -69.90 37.06
C ALA OA 113 -0.39 -68.57 37.76
N PRO OA 114 0.47 -68.38 38.76
CA PRO OA 114 0.42 -67.16 39.53
C PRO OA 114 0.56 -65.92 38.70
N VAL OA 115 1.43 -65.90 37.70
CA VAL OA 115 1.62 -64.59 37.00
C VAL OA 115 0.52 -64.44 35.97
N ASP OA 116 0.03 -65.54 35.42
CA ASP OA 116 -0.99 -65.45 34.35
C ASP OA 116 -2.11 -64.55 34.85
N ALA OA 117 -2.47 -64.80 36.10
CA ALA OA 117 -3.62 -64.11 36.68
C ALA OA 117 -3.53 -62.60 36.57
N HIS OA 118 -2.34 -62.03 36.44
CA HIS OA 118 -2.37 -60.54 36.43
C HIS OA 118 -3.25 -60.23 35.25
N ASP OA 119 -3.28 -61.14 34.28
CA ASP OA 119 -4.07 -60.82 33.08
C ASP OA 119 -5.56 -61.15 33.27
N TYR OA 120 -5.91 -62.32 33.78
CA TYR OA 120 -7.37 -62.58 33.87
C TYR OA 120 -7.95 -61.54 34.74
N PHE OA 121 -7.29 -61.28 35.85
CA PHE OA 121 -7.86 -60.34 36.84
C PHE OA 121 -7.87 -58.94 36.27
N VAL OA 122 -7.03 -58.62 35.31
CA VAL OA 122 -7.19 -57.23 34.81
C VAL OA 122 -8.59 -57.15 34.22
N LYS OA 123 -9.11 -58.26 33.72
CA LYS OA 123 -10.42 -58.23 33.00
C LYS OA 123 -11.60 -58.69 33.86
N GLN OA 124 -11.44 -59.68 34.73
CA GLN OA 124 -12.62 -60.08 35.52
C GLN OA 124 -13.03 -58.83 36.27
N GLY OA 125 -12.06 -58.04 36.69
CA GLY OA 125 -12.33 -56.81 37.43
C GLY OA 125 -11.88 -56.98 38.86
N GLY OA 126 -11.37 -58.14 39.20
CA GLY OA 126 -10.82 -58.27 40.54
C GLY OA 126 -9.67 -57.31 40.67
N GLY OA 127 -8.89 -57.21 39.63
CA GLY OA 127 -7.74 -56.32 39.65
C GLY OA 127 -8.16 -54.96 40.12
N SER OA 128 -9.20 -54.40 39.55
CA SER OA 128 -9.51 -53.03 40.00
C SER OA 128 -9.78 -53.06 41.50
N GLN OA 129 -10.51 -54.05 41.99
CA GLN OA 129 -10.83 -53.98 43.42
C GLN OA 129 -9.52 -54.00 44.19
N ILE OA 130 -8.63 -54.92 43.90
CA ILE OA 130 -7.40 -54.96 44.75
C ILE OA 130 -6.69 -53.62 44.56
N ILE OA 131 -6.68 -53.03 43.38
CA ILE OA 131 -6.09 -51.67 43.24
C ILE OA 131 -6.91 -50.62 44.02
N PHE OA 132 -8.23 -50.68 43.98
CA PHE OA 132 -8.94 -49.56 44.64
C PHE OA 132 -8.59 -49.55 46.08
N TRP OA 133 -8.66 -50.72 46.70
CA TRP OA 133 -8.43 -50.68 48.14
C TRP OA 133 -6.99 -50.35 48.45
N ILE OA 134 -6.05 -50.96 47.77
CA ILE OA 134 -4.65 -50.68 48.16
C ILE OA 134 -4.43 -49.18 47.94
N SER OA 135 -5.08 -48.61 46.96
CA SER OA 135 -4.98 -47.13 46.82
C SER OA 135 -5.62 -46.44 48.03
N PHE OA 136 -6.80 -46.89 48.48
CA PHE OA 136 -7.47 -46.18 49.58
C PHE OA 136 -6.56 -46.25 50.75
N VAL OA 137 -5.96 -47.40 51.00
CA VAL OA 137 -5.15 -47.44 52.22
C VAL OA 137 -4.06 -46.39 51.98
N GLU OA 138 -3.67 -46.19 50.75
CA GLU OA 138 -2.48 -45.32 50.56
C GLU OA 138 -2.81 -43.83 50.73
N LEU OA 139 -4.04 -43.40 50.57
CA LEU OA 139 -4.24 -41.96 50.82
C LEU OA 139 -3.75 -41.73 52.24
N PHE OA 140 -4.13 -42.60 53.14
CA PHE OA 140 -3.76 -42.40 54.55
C PHE OA 140 -2.24 -42.46 54.58
N GLY OA 141 -1.65 -43.28 53.72
CA GLY OA 141 -0.18 -43.36 53.64
C GLY OA 141 0.46 -42.04 53.24
N VAL OA 142 -0.13 -41.30 52.31
CA VAL OA 142 0.43 -39.96 51.98
C VAL OA 142 0.40 -39.11 53.24
N VAL OA 143 -0.69 -39.15 53.98
CA VAL OA 143 -0.79 -38.34 55.22
C VAL OA 143 0.27 -38.86 56.18
N ALA OA 144 0.47 -40.16 56.23
CA ALA OA 144 1.49 -40.71 57.13
C ALA OA 144 2.85 -40.24 56.71
N LEU OA 145 3.15 -40.21 55.42
CA LEU OA 145 4.52 -39.84 55.01
C LEU OA 145 4.78 -38.40 55.43
N PHE OA 146 3.88 -37.50 55.02
CA PHE OA 146 4.04 -36.07 55.32
C PHE OA 146 4.30 -35.94 56.77
N GLU OA 147 3.67 -36.76 57.58
CA GLU OA 147 4.01 -36.72 59.01
C GLU OA 147 5.47 -37.14 59.19
N THR OA 148 5.95 -38.16 58.49
CA THR OA 148 7.34 -38.57 58.75
C THR OA 148 8.26 -37.44 58.40
N LEU OA 149 7.99 -36.77 57.29
CA LEU OA 149 8.83 -35.64 56.85
C LEU OA 149 8.79 -34.57 57.91
N GLN OA 150 7.63 -34.31 58.51
CA GLN OA 150 7.56 -33.32 59.61
C GLN OA 150 8.18 -33.93 60.86
N GLY OA 151 8.60 -35.19 60.77
CA GLY OA 151 9.33 -35.80 61.90
C GLY OA 151 8.41 -36.32 62.97
N LYS OA 152 7.11 -36.32 62.74
CA LYS OA 152 6.20 -36.74 63.83
C LYS OA 152 5.87 -38.24 63.75
N ARG OA 153 6.33 -38.94 62.72
CA ARG OA 153 6.11 -40.41 62.65
C ARG OA 153 7.42 -41.15 62.36
N GLU OA 154 7.70 -42.24 63.09
CA GLU OA 154 8.89 -43.05 62.73
C GLU OA 154 8.60 -43.68 61.40
N PRO OA 155 9.53 -43.73 60.43
CA PRO OA 155 9.17 -44.25 59.13
C PRO OA 155 8.78 -45.68 59.28
N GLY OA 156 7.74 -46.10 58.55
CA GLY OA 156 7.34 -47.52 58.56
C GLY OA 156 6.43 -47.89 59.70
N ASP OA 157 6.02 -46.94 60.52
CA ASP OA 157 5.19 -47.29 61.69
C ASP OA 157 3.76 -46.89 61.37
N PHE OA 158 2.87 -47.86 61.24
CA PHE OA 158 1.44 -47.54 61.04
C PHE OA 158 0.79 -47.88 62.34
N ALA OA 159 1.57 -48.19 63.33
CA ALA OA 159 1.07 -48.52 64.68
C ALA OA 159 0.20 -49.76 64.68
N PHE OA 160 0.43 -50.69 63.77
CA PHE OA 160 -0.37 -51.93 63.72
C PHE OA 160 0.32 -53.03 64.40
N ASP OA 161 -0.05 -53.29 65.63
CA ASP OA 161 0.45 -54.51 66.29
C ASP OA 161 -0.81 -55.06 66.95
N PRO OA 162 -1.81 -55.55 66.21
CA PRO OA 162 -3.04 -55.96 66.85
C PRO OA 162 -2.87 -57.06 67.85
N LEU OA 163 -2.14 -58.11 67.48
CA LEU OA 163 -1.99 -59.27 68.38
C LEU OA 163 -0.92 -58.95 69.42
N GLY OA 164 -0.42 -57.72 69.43
CA GLY OA 164 0.48 -57.28 70.50
C GLY OA 164 1.70 -58.15 70.69
N LEU OA 165 2.28 -58.63 69.61
CA LEU OA 165 3.45 -59.54 69.70
C LEU OA 165 4.65 -58.78 70.29
N ALA OA 166 4.79 -57.48 70.06
CA ALA OA 166 6.01 -56.75 70.54
C ALA OA 166 5.93 -56.36 72.00
N LYS OA 167 6.28 -57.28 72.89
CA LYS OA 167 6.26 -57.04 74.36
C LYS OA 167 7.25 -55.97 74.87
N ASP OA 168 8.49 -55.94 74.40
CA ASP OA 168 9.53 -55.03 74.97
C ASP OA 168 10.27 -54.24 73.91
N GLU OA 169 10.88 -53.13 74.31
CA GLU OA 169 11.63 -52.28 73.35
C GLU OA 169 12.79 -53.08 72.74
N ALA OA 170 13.28 -54.12 73.42
CA ALA OA 170 14.31 -54.95 72.76
C ALA OA 170 13.63 -55.85 71.73
N THR OA 171 12.49 -56.41 72.09
CA THR OA 171 11.81 -57.34 71.18
C THR OA 171 11.47 -56.57 69.95
N LEU OA 172 11.06 -55.34 70.12
CA LEU OA 172 10.80 -54.53 68.93
C LEU OA 172 12.10 -54.44 68.15
N GLU OA 173 13.24 -54.18 68.78
CA GLU OA 173 14.45 -54.05 67.95
C GLU OA 173 14.77 -55.41 67.32
N ARG OA 174 14.64 -56.50 68.04
CA ARG OA 174 14.90 -57.79 67.37
C ARG OA 174 13.97 -57.91 66.18
N TYR OA 175 12.67 -57.83 66.40
CA TYR OA 175 11.75 -58.07 65.27
C TYR OA 175 11.99 -57.06 64.22
N ARG OA 176 12.12 -55.81 64.60
CA ARG OA 176 12.20 -54.77 63.56
C ARG OA 176 13.35 -55.11 62.63
N LEU OA 177 14.46 -55.59 63.16
CA LEU OA 177 15.56 -56.01 62.26
C LEU OA 177 15.10 -57.18 61.41
N ALA OA 178 14.38 -58.12 62.00
CA ALA OA 178 14.03 -59.31 61.23
C ALA OA 178 13.21 -58.87 60.04
N GLU OA 179 12.30 -57.96 60.26
CA GLU OA 179 11.42 -57.57 59.16
C GLU OA 179 12.32 -56.97 58.09
N VAL OA 180 13.25 -56.13 58.48
CA VAL OA 180 14.06 -55.45 57.44
C VAL OA 180 14.85 -56.55 56.74
N LYS OA 181 15.38 -57.53 57.46
CA LYS OA 181 16.07 -58.59 56.69
C LYS OA 181 15.08 -59.33 55.79
N HIS OA 182 13.93 -59.73 56.29
CA HIS OA 182 13.05 -60.51 55.40
C HIS OA 182 12.67 -59.64 54.21
N ALA OA 183 12.42 -58.37 54.42
CA ALA OA 183 11.96 -57.57 53.27
C ALA OA 183 13.04 -57.57 52.21
N ARG OA 184 14.27 -57.42 52.62
CA ARG OA 184 15.38 -57.46 51.66
C ARG OA 184 15.44 -58.84 50.99
N LEU OA 185 15.42 -59.94 51.72
CA LEU OA 185 15.42 -61.26 51.05
C LEU OA 185 14.22 -61.34 50.12
N ALA OA 186 13.03 -61.03 50.60
CA ALA OA 186 11.83 -61.25 49.77
C ALA OA 186 11.87 -60.39 48.52
N MET OA 187 12.29 -59.15 48.61
CA MET OA 187 12.23 -58.34 47.37
C MET OA 187 13.09 -59.02 46.33
N ILE OA 188 14.19 -59.62 46.73
CA ILE OA 188 15.02 -60.38 45.75
C ILE OA 188 14.19 -61.59 45.31
N ALA OA 189 13.72 -62.40 46.23
CA ALA OA 189 13.07 -63.64 45.80
C ALA OA 189 11.85 -63.39 44.92
N ILE OA 190 10.99 -62.41 45.21
CA ILE OA 190 9.76 -62.30 44.36
C ILE OA 190 10.23 -62.04 42.94
N GLY OA 191 11.25 -61.22 42.79
CA GLY OA 191 11.72 -60.92 41.44
C GLY OA 191 12.16 -62.22 40.84
N GLY OA 192 12.80 -63.06 41.63
CA GLY OA 192 13.14 -64.34 41.03
C GLY OA 192 11.94 -65.15 40.65
N PHE OA 193 10.96 -65.26 41.51
CA PHE OA 193 9.92 -66.22 41.12
C PHE OA 193 9.38 -65.74 39.80
N ILE OA 194 9.26 -64.46 39.63
CA ILE OA 194 8.59 -64.07 38.38
C ILE OA 194 9.49 -64.37 37.19
N HIS OA 195 10.75 -63.92 37.19
CA HIS OA 195 11.59 -64.11 35.98
C HIS OA 195 11.79 -65.59 35.71
N GLN OA 196 11.99 -66.40 36.74
CA GLN OA 196 12.23 -67.81 36.42
C GLN OA 196 10.98 -68.27 35.71
N TYR OA 197 9.78 -67.91 36.14
CA TYR OA 197 8.60 -68.37 35.36
C TYR OA 197 8.63 -67.76 33.98
N TRP OA 198 8.83 -66.47 33.86
CA TRP OA 198 8.86 -66.01 32.45
C TRP OA 198 9.76 -66.88 31.58
N VAL OA 199 10.73 -67.60 32.12
CA VAL OA 199 11.64 -68.37 31.22
C VAL OA 199 11.28 -69.86 31.22
N THR OA 200 11.24 -70.46 32.39
CA THR OA 200 10.90 -71.88 32.50
C THR OA 200 9.46 -72.14 32.18
N LYS OA 201 8.63 -71.11 32.24
CA LYS OA 201 7.18 -71.35 32.07
C LYS OA 201 6.76 -72.45 33.04
N GLN OA 202 7.43 -72.53 34.17
CA GLN OA 202 6.98 -73.48 35.21
C GLN OA 202 6.81 -72.70 36.51
N THR OA 203 5.81 -73.03 37.32
CA THR OA 203 5.60 -72.34 38.60
C THR OA 203 6.73 -72.70 39.52
N VAL OA 204 6.96 -71.93 40.58
CA VAL OA 204 8.18 -72.16 41.38
C VAL OA 204 8.22 -73.55 42.00
N LEU OA 205 7.16 -74.04 42.62
CA LEU OA 205 7.29 -75.37 43.26
C LEU OA 205 7.45 -76.44 42.17
N GLU OA 206 6.72 -76.29 41.07
CA GLU OA 206 6.82 -77.29 39.99
C GLU OA 206 8.24 -77.31 39.46
N GLN OA 207 8.82 -76.13 39.29
CA GLN OA 207 10.19 -76.07 38.72
C GLN OA 207 11.10 -76.78 39.70
N LEU OA 208 10.88 -76.57 40.99
CA LEU OA 208 11.82 -77.20 41.93
C LEU OA 208 11.67 -78.71 41.76
N GLY OA 209 10.45 -79.20 41.59
CA GLY OA 209 10.23 -80.64 41.40
C GLY OA 209 10.88 -81.16 40.12
N ASN OA 210 10.63 -80.47 39.00
CA ASN OA 210 11.20 -80.86 37.70
C ASN OA 210 12.13 -79.73 37.28
N PHE OA 211 13.43 -79.83 37.53
CA PHE OA 211 14.31 -78.64 37.32
C PHE OA 211 14.27 -78.23 35.85
N LYS OA 212 14.27 -79.18 34.93
CA LYS OA 212 14.09 -78.79 33.52
C LYS OA 212 15.10 -77.69 33.13
N SER OA 213 16.39 -77.96 33.32
CA SER OA 213 17.44 -76.94 33.05
C SER OA 213 17.38 -76.47 31.61
N LEU OA 214 17.60 -75.17 31.39
CA LEU OA 214 17.52 -74.59 30.02
C LEU OA 214 18.20 -75.56 29.05
N ASP PA 1 -2.00 -35.98 70.92
CA ASP PA 1 -0.69 -36.46 70.41
C ASP PA 1 -0.92 -37.40 69.23
N ARG PA 2 -1.76 -38.41 69.40
CA ARG PA 2 -2.04 -39.37 68.33
C ARG PA 2 -3.54 -39.46 68.18
N SER PA 3 -4.06 -39.62 66.98
CA SER PA 3 -5.50 -39.83 66.81
C SER PA 3 -5.86 -41.17 67.46
N TYR PA 4 -7.07 -41.35 67.96
CA TYR PA 4 -7.42 -42.67 68.52
C TYR PA 4 -7.72 -43.55 67.38
N SER PA 5 -8.46 -43.01 66.44
CA SER PA 5 -8.90 -43.80 65.29
C SER PA 5 -7.72 -44.24 64.44
N MET PA 6 -6.84 -43.32 64.14
CA MET PA 6 -5.68 -43.66 63.29
C MET PA 6 -4.50 -43.46 64.22
N PRO PA 7 -3.96 -44.50 64.88
CA PRO PA 7 -2.91 -44.30 65.84
C PRO PA 7 -1.67 -43.70 65.25
N PHE PA 8 -1.36 -44.02 64.01
CA PHE PA 8 -0.09 -43.54 63.42
C PHE PA 8 -0.08 -42.06 63.28
N LEU PA 9 -1.16 -41.47 62.85
CA LEU PA 9 -1.23 -40.02 62.59
C LEU PA 9 -1.38 -39.23 63.89
N GLU PA 10 -1.34 -37.90 63.80
CA GLU PA 10 -1.49 -37.04 64.98
C GLU PA 10 -2.93 -36.62 65.16
N ARG PA 11 -3.33 -36.31 66.40
CA ARG PA 11 -4.75 -35.99 66.62
C ARG PA 11 -4.98 -34.76 65.79
N PRO PA 12 -6.05 -34.65 65.02
CA PRO PA 12 -6.22 -33.47 64.21
C PRO PA 12 -6.31 -32.42 65.26
N PRO PA 13 -5.66 -31.24 65.09
CA PRO PA 13 -5.61 -30.28 66.18
C PRO PA 13 -6.97 -29.84 66.56
N ALA PA 14 -7.78 -29.53 65.57
CA ALA PA 14 -9.10 -28.95 65.85
C ALA PA 14 -9.92 -29.94 66.66
N LEU PA 15 -9.80 -31.21 66.35
CA LEU PA 15 -10.68 -32.15 67.06
C LEU PA 15 -10.21 -32.29 68.50
N ASP PA 16 -11.09 -31.99 69.43
CA ASP PA 16 -10.80 -32.27 70.86
C ASP PA 16 -12.01 -33.11 71.29
N GLY PA 17 -12.08 -33.54 72.52
CA GLY PA 17 -13.18 -34.44 72.89
C GLY PA 17 -14.52 -33.77 72.82
N SER PA 18 -14.58 -32.45 72.79
CA SER PA 18 -15.88 -31.77 72.94
C SER PA 18 -16.90 -32.13 71.86
N LEU PA 19 -16.57 -32.16 70.59
CA LEU PA 19 -17.64 -32.54 69.64
C LEU PA 19 -17.93 -34.02 69.85
N ALA PA 20 -19.15 -34.44 69.56
CA ALA PA 20 -19.49 -35.86 69.80
C ALA PA 20 -19.10 -36.67 68.59
N GLY PA 21 -18.87 -37.95 68.79
CA GLY PA 21 -18.46 -38.81 67.68
C GLY PA 21 -17.04 -38.54 67.31
N ASP PA 22 -16.23 -38.03 68.24
CA ASP PA 22 -14.85 -37.63 67.87
C ASP PA 22 -13.88 -38.72 68.26
N VAL PA 23 -13.48 -39.54 67.32
CA VAL PA 23 -12.43 -40.53 67.61
C VAL PA 23 -11.20 -40.05 66.86
N GLY PA 24 -11.22 -38.82 66.35
CA GLY PA 24 -10.01 -38.26 65.72
C GLY PA 24 -9.83 -38.56 64.26
N PHE PA 25 -10.86 -39.05 63.60
CA PHE PA 25 -10.62 -39.50 62.20
C PHE PA 25 -10.79 -38.34 61.29
N ASP PA 26 -9.81 -37.47 61.18
CA ASP PA 26 -9.87 -36.46 60.10
C ASP PA 26 -8.51 -36.51 59.46
N PRO PA 27 -8.17 -37.60 58.76
CA PRO PA 27 -6.83 -37.75 58.26
C PRO PA 27 -6.45 -36.71 57.27
N LEU PA 28 -7.36 -36.37 56.39
CA LEU PA 28 -7.07 -35.40 55.32
C LEU PA 28 -7.25 -34.02 55.94
N GLY PA 29 -7.60 -33.94 57.20
CA GLY PA 29 -7.64 -32.62 57.84
C GLY PA 29 -8.60 -31.61 57.26
N PHE PA 30 -9.81 -32.01 56.88
CA PHE PA 30 -10.78 -30.98 56.44
C PHE PA 30 -11.05 -30.11 57.63
N SER PA 31 -10.92 -30.63 58.85
CA SER PA 31 -11.32 -29.85 60.04
C SER PA 31 -10.51 -28.58 60.11
N ASN PA 32 -9.24 -28.66 59.76
CA ASN PA 32 -8.34 -27.49 59.91
C ASN PA 32 -8.87 -26.37 59.02
N TYR PA 33 -9.38 -26.68 57.84
CA TYR PA 33 -9.77 -25.61 56.89
C TYR PA 33 -11.26 -25.37 56.74
N PHE PA 34 -12.13 -25.85 57.62
CA PHE PA 34 -13.58 -25.46 57.56
C PHE PA 34 -14.16 -25.45 58.96
N ASP PA 35 -15.34 -24.88 59.11
CA ASP PA 35 -15.90 -24.70 60.45
C ASP PA 35 -16.50 -26.00 60.93
N LEU PA 36 -16.13 -26.49 62.10
CA LEU PA 36 -16.68 -27.81 62.47
C LEU PA 36 -18.19 -27.65 62.52
N LYS PA 37 -18.68 -26.50 62.96
CA LYS PA 37 -20.14 -26.42 63.02
C LYS PA 37 -20.66 -26.61 61.61
N TRP PA 38 -20.05 -26.05 60.58
CA TRP PA 38 -20.62 -26.33 59.24
C TRP PA 38 -20.45 -27.80 58.94
N LEU PA 39 -19.29 -28.34 59.25
CA LEU PA 39 -19.08 -29.75 58.88
C LEU PA 39 -20.08 -30.60 59.64
N ARG PA 40 -20.29 -30.36 60.92
CA ARG PA 40 -21.19 -31.28 61.65
C ARG PA 40 -22.58 -31.13 61.09
N GLU PA 41 -22.98 -29.92 60.79
CA GLU PA 41 -24.36 -29.82 60.33
C GLU PA 41 -24.50 -30.72 59.12
N ALA PA 42 -23.52 -30.74 58.24
CA ALA PA 42 -23.55 -31.66 57.08
C ALA PA 42 -23.46 -33.13 57.48
N GLU PA 43 -22.64 -33.50 58.45
CA GLU PA 43 -22.57 -34.94 58.75
C GLU PA 43 -23.95 -35.34 59.19
N LEU PA 44 -24.60 -34.50 59.95
CA LEU PA 44 -25.92 -34.87 60.48
C LEU PA 44 -26.89 -34.80 59.32
N LYS PA 45 -26.90 -33.72 58.58
CA LYS PA 45 -27.99 -33.60 57.58
C LYS PA 45 -27.87 -34.71 56.55
N HIS PA 46 -26.68 -35.04 56.09
CA HIS PA 46 -26.65 -36.14 55.11
C HIS PA 46 -27.15 -37.40 55.81
N GLY PA 47 -26.78 -37.64 57.04
CA GLY PA 47 -27.32 -38.87 57.66
C GLY PA 47 -28.81 -38.83 57.85
N ARG PA 48 -29.35 -37.73 58.34
CA ARG PA 48 -30.78 -37.68 58.62
C ARG PA 48 -31.45 -37.88 57.28
N VAL PA 49 -30.89 -37.33 56.23
CA VAL PA 49 -31.45 -37.53 54.87
C VAL PA 49 -31.25 -38.98 54.46
N CYS PA 50 -30.20 -39.62 54.95
CA CYS PA 50 -30.13 -40.98 54.43
C CYS PA 50 -30.61 -41.98 55.51
N MET PA 51 -31.06 -41.57 56.68
CA MET PA 51 -31.83 -42.45 57.59
C MET PA 51 -33.26 -42.51 57.02
N LEU PA 52 -33.81 -41.38 56.63
CA LEU PA 52 -35.14 -41.45 55.96
C LEU PA 52 -34.99 -42.23 54.64
N GLY PA 53 -33.96 -41.95 53.86
CA GLY PA 53 -33.79 -42.60 52.54
C GLY PA 53 -33.55 -44.09 52.61
N CYS PA 54 -32.76 -44.52 53.56
CA CYS PA 54 -32.47 -45.95 53.59
C CYS PA 54 -33.72 -46.69 54.02
N THR PA 55 -34.38 -46.14 55.03
CA THR PA 55 -35.66 -46.77 55.41
C THR PA 55 -36.56 -46.73 54.21
N GLY PA 56 -36.46 -45.65 53.43
CA GLY PA 56 -37.36 -45.51 52.28
C GLY PA 56 -37.14 -46.63 51.30
N PHE PA 57 -35.89 -46.96 51.00
CA PHE PA 57 -35.67 -47.99 49.94
C PHE PA 57 -36.30 -49.29 50.37
N ILE PA 58 -36.11 -49.68 51.63
CA ILE PA 58 -36.69 -50.94 52.15
C ILE PA 58 -38.23 -50.84 52.18
N THR PA 59 -38.82 -49.77 52.69
CA THR PA 59 -40.29 -49.73 52.81
C THR PA 59 -40.92 -49.76 51.48
N GLN PA 60 -40.37 -49.02 50.52
CA GLN PA 60 -41.10 -48.91 49.24
C GLN PA 60 -41.25 -50.30 48.66
N GLU PA 61 -40.24 -51.13 48.76
CA GLU PA 61 -40.36 -52.43 48.11
C GLU PA 61 -41.50 -53.21 48.72
N LYS PA 62 -41.58 -53.24 50.04
CA LYS PA 62 -42.63 -54.07 50.65
C LYS PA 62 -44.01 -53.46 50.43
N ILE PA 63 -44.15 -52.16 50.65
CA ILE PA 63 -45.50 -51.54 50.58
C ILE PA 63 -45.46 -50.29 49.70
N GLN PA 64 -46.42 -50.14 48.80
CA GLN PA 64 -46.45 -48.98 47.89
C GLN PA 64 -47.81 -48.32 47.98
N LEU PA 65 -47.89 -47.00 47.94
CA LEU PA 65 -49.18 -46.28 48.07
C LEU PA 65 -50.13 -46.75 46.96
N PRO PA 66 -51.46 -46.62 47.13
CA PRO PA 66 -52.41 -47.02 46.09
C PRO PA 66 -52.36 -46.24 44.79
N LEU PA 67 -51.92 -44.99 44.81
CA LEU PA 67 -52.00 -44.11 43.62
C LEU PA 67 -51.19 -44.67 42.45
N PRO PA 68 -51.60 -44.41 41.21
CA PRO PA 68 -50.94 -44.99 40.04
C PRO PA 68 -49.51 -44.56 39.82
N GLY PA 69 -48.63 -45.51 39.48
CA GLY PA 69 -47.20 -45.24 39.22
C GLY PA 69 -46.42 -45.29 40.51
N PHE PA 70 -47.09 -45.39 41.65
CA PHE PA 70 -46.32 -45.58 42.89
C PHE PA 70 -46.09 -47.04 43.04
N ASP PA 71 -46.11 -47.78 41.94
CA ASP PA 71 -46.06 -49.26 42.04
C ASP PA 71 -44.71 -49.91 41.71
N ASN PA 72 -43.64 -49.14 41.50
CA ASN PA 72 -42.39 -49.82 41.08
C ASN PA 72 -41.63 -50.22 42.34
N LYS PA 73 -41.31 -51.50 42.47
CA LYS PA 73 -40.62 -51.98 43.68
C LYS PA 73 -39.24 -51.34 43.79
N VAL PA 74 -38.49 -51.20 42.70
CA VAL PA 74 -37.08 -50.70 42.78
C VAL PA 74 -37.04 -49.20 43.06
N ALA PA 75 -36.33 -48.74 44.06
CA ALA PA 75 -36.39 -47.30 44.30
C ALA PA 75 -35.90 -46.54 43.09
N THR PA 76 -34.80 -46.96 42.50
CA THR PA 76 -34.23 -46.15 41.42
C THR PA 76 -35.21 -46.07 40.31
N GLU PA 77 -35.85 -47.17 39.98
CA GLU PA 77 -36.84 -47.19 38.86
C GLU PA 77 -38.02 -46.29 39.23
N ALA PA 78 -38.43 -46.32 40.48
CA ALA PA 78 -39.64 -45.58 40.89
C ALA PA 78 -39.45 -44.09 40.66
N PHE PA 79 -38.23 -43.59 40.74
CA PHE PA 79 -38.10 -42.13 40.65
C PHE PA 79 -38.69 -41.71 39.35
N PHE PA 80 -38.37 -42.44 38.27
CA PHE PA 80 -38.93 -42.11 36.94
C PHE PA 80 -40.44 -42.35 36.85
N SER PA 81 -40.97 -43.43 37.41
CA SER PA 81 -42.41 -43.77 37.28
C SER PA 81 -43.32 -42.72 37.94
N VAL PA 82 -42.96 -42.28 39.13
CA VAL PA 82 -43.85 -41.36 39.87
C VAL PA 82 -44.04 -40.09 39.02
N PRO PA 83 -45.18 -39.39 39.13
CA PRO PA 83 -45.35 -38.14 38.41
C PRO PA 83 -44.28 -37.16 38.78
N ALA PA 84 -43.73 -36.47 37.78
CA ALA PA 84 -42.61 -35.53 38.02
C ALA PA 84 -43.06 -34.37 38.90
N GLY PA 85 -44.28 -33.91 38.72
CA GLY PA 85 -44.74 -32.74 39.48
C GLY PA 85 -44.71 -33.05 40.95
N GLY PA 86 -45.10 -34.27 41.31
CA GLY PA 86 -45.13 -34.62 42.74
C GLY PA 86 -43.75 -34.50 43.29
N LEU PA 87 -42.75 -34.97 42.55
CA LEU PA 87 -41.36 -34.96 43.06
C LEU PA 87 -40.96 -33.51 43.28
N TRP PA 88 -41.30 -32.61 42.36
CA TRP PA 88 -41.00 -31.19 42.62
C TRP PA 88 -41.81 -30.70 43.83
N GLN PA 89 -43.04 -31.13 44.00
CA GLN PA 89 -43.78 -30.60 45.17
C GLN PA 89 -43.02 -31.00 46.43
N ILE PA 90 -42.50 -32.23 46.47
CA ILE PA 90 -41.70 -32.68 47.64
C ILE PA 90 -40.47 -31.75 47.71
N PHE PA 91 -39.82 -31.51 46.59
CA PHE PA 91 -38.61 -30.67 46.63
C PHE PA 91 -38.95 -29.40 47.35
N PHE PA 92 -40.01 -28.75 46.89
CA PHE PA 92 -40.33 -27.41 47.47
C PHE PA 92 -40.69 -27.53 48.94
N THR PA 93 -41.45 -28.55 49.32
CA THR PA 93 -41.85 -28.59 50.73
C THR PA 93 -40.61 -28.70 51.55
N LEU PA 94 -39.68 -29.54 51.12
CA LEU PA 94 -38.39 -29.71 51.85
C LEU PA 94 -37.66 -28.37 51.80
N GLY PA 95 -37.74 -27.68 50.68
CA GLY PA 95 -37.03 -26.41 50.56
C GLY PA 95 -37.55 -25.42 51.57
N ALA PA 96 -38.87 -25.38 51.76
CA ALA PA 96 -39.43 -24.51 52.80
C ALA PA 96 -38.93 -24.97 54.16
N ILE PA 97 -38.87 -26.27 54.38
CA ILE PA 97 -38.46 -26.70 55.74
C ILE PA 97 -37.05 -26.14 55.93
N GLU PA 98 -36.22 -26.20 54.91
CA GLU PA 98 -34.88 -25.63 55.04
C GLU PA 98 -34.94 -24.18 55.51
N ILE PA 99 -35.62 -23.32 54.75
CA ILE PA 99 -35.58 -21.89 55.11
C ILE PA 99 -36.19 -21.66 56.48
N LEU PA 100 -37.35 -22.24 56.76
CA LEU PA 100 -37.97 -21.97 58.07
C LEU PA 100 -37.08 -22.53 59.19
N SER PA 101 -36.55 -23.73 59.01
CA SER PA 101 -35.78 -24.37 60.09
C SER PA 101 -34.55 -23.54 60.42
N ASN PA 102 -33.88 -23.07 59.38
CA ASN PA 102 -32.61 -22.33 59.61
C ASN PA 102 -32.95 -20.87 59.81
N GLY PA 103 -34.22 -20.51 59.66
CA GLY PA 103 -34.62 -19.12 59.94
C GLY PA 103 -34.14 -18.18 58.86
N GLY PA 104 -33.84 -18.71 57.68
CA GLY PA 104 -33.43 -17.87 56.55
C GLY PA 104 -31.94 -17.64 56.55
N LYS PA 105 -31.27 -17.96 57.65
CA LYS PA 105 -29.79 -17.88 57.68
C LYS PA 105 -29.34 -19.19 57.08
N LEU PA 106 -29.17 -19.27 55.77
CA LEU PA 106 -28.91 -20.55 55.09
C LEU PA 106 -27.50 -20.67 54.52
N ALA PA 107 -26.51 -19.96 55.03
CA ALA PA 107 -25.17 -19.99 54.38
C ALA PA 107 -24.04 -20.24 55.37
N PRO PA 108 -22.84 -20.63 54.92
CA PRO PA 108 -21.81 -21.04 55.85
C PRO PA 108 -21.53 -19.99 56.85
N GLY PA 109 -21.59 -18.74 56.42
CA GLY PA 109 -21.22 -17.68 57.35
C GLY PA 109 -22.34 -17.38 58.33
N ASP PA 110 -23.59 -17.47 57.88
CA ASP PA 110 -24.66 -16.99 58.80
C ASP PA 110 -25.48 -18.08 59.48
N MET PA 111 -25.43 -19.31 59.02
CA MET PA 111 -26.37 -20.29 59.62
C MET PA 111 -26.17 -20.33 61.13
N PHE PA 112 -24.94 -20.32 61.59
CA PHE PA 112 -24.68 -20.54 63.03
C PHE PA 112 -24.53 -19.23 63.71
N ALA PA 113 -24.87 -18.16 63.02
CA ALA PA 113 -24.61 -16.82 63.59
C ALA PA 113 -25.37 -16.65 64.90
N ASP PA 114 -26.61 -17.10 64.97
CA ASP PA 114 -27.29 -17.02 66.27
C ASP PA 114 -27.39 -18.40 66.89
N GLY PA 115 -26.60 -18.71 67.90
CA GLY PA 115 -26.81 -20.01 68.58
C GLY PA 115 -26.78 -21.14 67.59
N ARG PA 116 -27.83 -21.95 67.59
CA ARG PA 116 -27.92 -23.09 66.65
C ARG PA 116 -26.71 -24.01 66.74
N ALA PA 117 -26.53 -24.68 67.87
CA ALA PA 117 -25.44 -25.66 67.88
C ALA PA 117 -25.74 -26.57 66.72
N PRO PA 118 -24.74 -27.06 66.00
CA PRO PA 118 -25.06 -27.73 64.75
C PRO PA 118 -26.06 -28.84 64.92
N GLY PA 119 -27.06 -28.84 64.04
CA GLY PA 119 -28.11 -29.87 64.07
C GLY PA 119 -29.22 -29.58 65.05
N ASP PA 120 -29.24 -28.42 65.68
CA ASP PA 120 -30.36 -28.20 66.63
C ASP PA 120 -31.42 -27.41 65.89
N LEU PA 121 -32.19 -28.07 65.05
CA LEU PA 121 -33.24 -27.39 64.27
C LEU PA 121 -34.46 -27.39 65.15
N GLY PA 122 -34.32 -27.84 66.38
CA GLY PA 122 -35.43 -27.78 67.35
C GLY PA 122 -36.35 -28.98 67.39
N PHE PA 123 -36.09 -30.06 66.68
CA PHE PA 123 -37.08 -31.16 66.72
C PHE PA 123 -36.78 -32.03 67.85
N ASP PA 124 -37.36 -31.75 69.00
CA ASP PA 124 -37.27 -32.70 70.12
C ASP PA 124 -38.69 -32.75 70.67
N PRO PA 125 -39.67 -33.33 69.95
CA PRO PA 125 -41.02 -33.25 70.45
C PRO PA 125 -41.20 -33.90 71.77
N LEU PA 126 -40.66 -35.09 71.97
CA LEU PA 126 -40.75 -35.72 73.30
C LEU PA 126 -39.46 -35.30 73.93
N ASN PA 127 -39.46 -34.49 74.97
CA ASN PA 127 -38.13 -33.99 75.41
C ASN PA 127 -37.37 -35.23 75.84
N LEU PA 128 -36.26 -35.49 75.19
CA LEU PA 128 -35.41 -36.63 75.58
C LEU PA 128 -33.99 -36.06 75.75
N SER PA 129 -33.81 -34.81 75.38
CA SER PA 129 -32.47 -34.19 75.45
C SER PA 129 -32.38 -33.37 76.73
N GLY PA 130 -33.20 -33.67 77.73
CA GLY PA 130 -33.05 -32.95 79.01
C GLY PA 130 -31.88 -33.41 79.84
N ASP PA 131 -31.64 -34.72 79.97
CA ASP PA 131 -30.43 -35.17 80.70
C ASP PA 131 -29.25 -34.81 79.84
N ASP PA 132 -28.12 -34.42 80.41
CA ASP PA 132 -27.01 -34.03 79.52
C ASP PA 132 -26.36 -35.33 79.13
N ALA PA 133 -26.04 -36.11 80.14
CA ALA PA 133 -25.36 -37.40 79.86
C ALA PA 133 -26.14 -38.17 78.79
N ALA PA 134 -27.47 -38.16 78.91
CA ALA PA 134 -28.30 -38.87 77.91
C ALA PA 134 -28.08 -38.22 76.55
N LEU PA 135 -28.10 -36.89 76.51
CA LEU PA 135 -27.96 -36.19 75.22
C LEU PA 135 -26.58 -36.54 74.63
N ARG PA 136 -25.54 -36.56 75.46
CA ARG PA 136 -24.19 -36.79 74.91
C ARG PA 136 -24.15 -38.17 74.26
N ARG PA 137 -24.85 -39.16 74.81
CA ARG PA 137 -24.79 -40.54 74.28
C ARG PA 137 -25.77 -40.70 73.11
N PHE PA 138 -26.92 -40.07 73.15
CA PHE PA 138 -27.84 -40.16 71.98
C PHE PA 138 -27.15 -39.53 70.81
N ILE PA 139 -26.42 -38.47 71.03
CA ILE PA 139 -25.75 -37.77 69.89
C ILE PA 139 -24.74 -38.73 69.27
N LEU PA 140 -24.02 -39.53 70.03
CA LEU PA 140 -23.12 -40.49 69.37
C LEU PA 140 -23.99 -41.42 68.55
N ALA PA 141 -25.14 -41.81 69.03
CA ALA PA 141 -25.90 -42.78 68.23
C ALA PA 141 -26.29 -42.16 66.92
N GLU PA 142 -26.73 -40.93 66.96
CA GLU PA 142 -27.25 -40.40 65.71
C GLU PA 142 -26.10 -40.41 64.75
N LEU PA 143 -24.94 -39.97 65.18
CA LEU PA 143 -23.83 -39.90 64.21
C LEU PA 143 -23.54 -41.33 63.79
N LYS PA 144 -23.46 -42.28 64.70
CA LYS PA 144 -23.11 -43.62 64.23
C LYS PA 144 -24.21 -44.12 63.29
N HIS PA 145 -25.47 -43.82 63.51
CA HIS PA 145 -26.46 -44.28 62.52
C HIS PA 145 -26.31 -43.44 61.27
N CYS PA 146 -26.02 -42.17 61.42
CA CYS PA 146 -25.96 -41.38 60.18
C CYS PA 146 -24.84 -41.93 59.35
N ARG PA 147 -23.70 -42.21 59.95
CA ARG PA 147 -22.54 -42.65 59.15
C ARG PA 147 -22.83 -43.99 58.49
N LEU PA 148 -23.44 -44.94 59.17
CA LEU PA 148 -23.79 -46.24 58.56
C LEU PA 148 -24.78 -46.03 57.45
N ALA PA 149 -25.77 -45.17 57.64
CA ALA PA 149 -26.80 -45.06 56.61
C ALA PA 149 -26.19 -44.52 55.34
N MET PA 150 -25.41 -43.48 55.45
CA MET PA 150 -24.69 -42.96 54.27
C MET PA 150 -24.07 -44.14 53.53
N ILE PA 151 -23.29 -44.96 54.20
CA ILE PA 151 -22.63 -46.08 53.49
C ILE PA 151 -23.72 -47.01 52.98
N GLY PA 152 -24.75 -47.29 53.75
CA GLY PA 152 -25.76 -48.25 53.30
C GLY PA 152 -26.48 -47.75 52.08
N LEU PA 153 -26.89 -46.50 52.06
CA LEU PA 153 -27.68 -46.02 50.90
C LEU PA 153 -26.79 -46.11 49.69
N GLY PA 154 -25.53 -45.74 49.81
CA GLY PA 154 -24.75 -45.80 48.58
C GLY PA 154 -24.75 -47.23 48.13
N GLY PA 155 -24.56 -48.14 49.05
CA GLY PA 155 -24.48 -49.52 48.58
C GLY PA 155 -25.79 -49.90 47.98
N MET PA 156 -26.89 -49.56 48.61
CA MET PA 156 -28.14 -50.04 48.01
C MET PA 156 -28.32 -49.38 46.65
N LEU PA 157 -28.01 -48.09 46.51
CA LEU PA 157 -28.29 -47.48 45.21
C LEU PA 157 -27.44 -48.17 44.17
N HIS PA 158 -26.15 -48.31 44.42
CA HIS PA 158 -25.29 -48.87 43.36
C HIS PA 158 -25.71 -50.31 43.12
N GLN PA 159 -25.98 -51.07 44.15
CA GLN PA 159 -26.28 -52.50 43.91
C GLN PA 159 -27.60 -52.58 43.14
N MET PA 160 -28.57 -51.72 43.42
CA MET PA 160 -29.81 -51.71 42.60
C MET PA 160 -29.47 -51.31 41.16
N LEU PA 161 -28.59 -50.35 40.95
CA LEU PA 161 -28.37 -49.93 39.54
C LEU PA 161 -27.88 -51.17 38.78
N ILE PA 162 -26.98 -51.95 39.34
CA ILE PA 162 -26.60 -53.20 38.64
C ILE PA 162 -27.72 -54.22 38.56
N THR PA 163 -28.42 -54.46 39.64
CA THR PA 163 -29.35 -55.60 39.64
C THR PA 163 -30.73 -55.24 39.21
N LYS PA 164 -31.06 -53.97 39.17
CA LYS PA 164 -32.47 -53.63 38.87
C LYS PA 164 -33.34 -54.40 39.88
N GLN PA 165 -32.89 -54.51 41.12
CA GLN PA 165 -33.70 -55.17 42.18
C GLN PA 165 -33.53 -54.42 43.51
N GLY PA 166 -34.61 -54.40 44.28
CA GLY PA 166 -34.61 -53.67 45.55
C GLY PA 166 -33.72 -54.38 46.51
N PRO PA 167 -33.35 -53.74 47.62
CA PRO PA 167 -32.38 -54.41 48.42
C PRO PA 167 -32.78 -55.74 48.94
N LEU PA 168 -33.97 -55.88 49.50
CA LEU PA 168 -34.32 -57.19 50.11
C LEU PA 168 -34.45 -58.25 49.02
N ASP PA 169 -35.06 -57.88 47.91
CA ASP PA 169 -35.27 -58.86 46.83
C ASP PA 169 -33.93 -59.34 46.31
N GLN PA 170 -32.95 -58.46 46.14
CA GLN PA 170 -31.68 -58.94 45.55
C GLN PA 170 -31.10 -59.95 46.51
N LEU PA 171 -31.21 -59.73 47.81
CA LEU PA 171 -30.55 -60.69 48.70
C LEU PA 171 -31.22 -62.03 48.45
N ALA PA 172 -32.54 -62.05 48.33
CA ALA PA 172 -33.20 -63.30 47.92
C ALA PA 172 -32.85 -63.47 46.45
N ASN PA 173 -32.74 -64.66 45.94
CA ASN PA 173 -32.49 -64.74 44.48
C ASN PA 173 -31.25 -63.91 44.13
N PHE PA 174 -30.21 -63.94 44.96
CA PHE PA 174 -28.97 -63.23 44.61
C PHE PA 174 -28.39 -63.89 43.42
N GLN PA 175 -27.87 -63.13 42.48
CA GLN PA 175 -27.17 -63.75 41.34
C GLN PA 175 -25.83 -63.04 41.18
N PRO PA 176 -24.75 -63.73 40.79
CA PRO PA 176 -23.51 -63.01 40.57
C PRO PA 176 -23.64 -61.91 39.56
N ILE PA 177 -22.69 -60.99 39.53
CA ILE PA 177 -22.76 -59.77 38.68
C ILE PA 177 -22.81 -60.18 37.22
N GLN PA 178 -22.11 -61.25 36.84
CA GLN PA 178 -22.07 -61.56 35.40
C GLN PA 178 -23.51 -61.82 34.91
N TYR PA 179 -24.37 -62.43 35.72
CA TYR PA 179 -25.70 -62.79 35.20
C TYR PA 179 -26.41 -61.54 34.79
N TYR PA 180 -26.29 -60.48 35.56
CA TYR PA 180 -27.07 -59.28 35.20
C TYR PA 180 -26.47 -58.68 33.93
N GLY QA 40 -15.66 -53.49 85.85
CA GLY QA 40 -17.09 -53.31 85.53
C GLY QA 40 -17.90 -54.47 86.06
N LEU QA 41 -17.22 -55.57 86.39
CA LEU QA 41 -17.94 -56.76 86.85
C LEU QA 41 -17.68 -56.83 88.36
N ASP QA 42 -18.73 -56.89 89.16
CA ASP QA 42 -18.61 -56.82 90.64
C ASP QA 42 -19.47 -57.94 91.20
N GLY QA 43 -19.25 -58.34 92.45
CA GLY QA 43 -19.91 -59.53 93.01
C GLY QA 43 -21.41 -59.41 93.09
N THR QA 44 -21.97 -58.22 93.16
CA THR QA 44 -23.40 -58.09 93.48
C THR QA 44 -24.28 -58.81 92.49
N TYR QA 45 -24.00 -58.75 91.21
CA TYR QA 45 -24.95 -59.48 90.32
C TYR QA 45 -24.86 -60.97 90.64
N VAL QA 46 -26.01 -61.62 90.61
CA VAL QA 46 -26.05 -63.08 90.89
C VAL QA 46 -25.34 -63.76 89.73
N GLY QA 47 -24.75 -64.91 89.98
CA GLY QA 47 -24.12 -65.61 88.86
C GLY QA 47 -22.78 -65.00 88.51
N ASP QA 48 -22.20 -64.17 89.37
CA ASP QA 48 -20.92 -63.60 88.91
C ASP QA 48 -19.78 -64.53 89.25
N VAL QA 49 -19.24 -65.20 88.26
CA VAL QA 49 -18.04 -66.05 88.44
C VAL QA 49 -16.86 -65.19 87.98
N GLY QA 50 -17.16 -63.99 87.49
CA GLY QA 50 -16.09 -63.06 87.06
C GLY QA 50 -15.67 -63.26 85.63
N PHE QA 51 -16.52 -63.83 84.78
CA PHE QA 51 -16.09 -64.19 83.40
C PHE QA 51 -16.52 -63.18 82.37
N ASP QA 52 -15.72 -62.14 82.10
CA ASP QA 52 -16.02 -61.21 80.98
C ASP QA 52 -14.74 -61.03 80.18
N PRO QA 53 -14.28 -62.01 79.40
CA PRO QA 53 -13.01 -61.85 78.73
C PRO QA 53 -13.03 -60.71 77.76
N LEU QA 54 -14.12 -60.50 77.05
CA LEU QA 54 -14.15 -59.49 75.97
C LEU QA 54 -14.54 -58.12 76.57
N GLY QA 55 -14.76 -58.03 77.87
CA GLY QA 55 -15.05 -56.73 78.50
C GLY QA 55 -16.31 -56.03 78.02
N PHE QA 56 -17.38 -56.78 77.77
CA PHE QA 56 -18.68 -56.19 77.38
C PHE QA 56 -19.14 -55.34 78.52
N SER QA 57 -18.88 -55.74 79.75
CA SER QA 57 -19.43 -55.01 80.90
C SER QA 57 -18.92 -53.57 80.86
N SER QA 58 -17.68 -53.37 80.46
CA SER QA 58 -17.12 -52.02 80.53
C SER QA 58 -17.93 -51.06 79.65
N ILE QA 59 -18.37 -51.48 78.48
CA ILE QA 59 -19.06 -50.52 77.57
C ILE QA 59 -20.58 -50.47 77.81
N ILE QA 60 -21.21 -51.54 78.25
CA ILE QA 60 -22.70 -51.50 78.38
C ILE QA 60 -23.23 -51.69 79.80
N ASP QA 61 -24.23 -50.92 80.18
CA ASP QA 61 -24.73 -50.97 81.57
C ASP QA 61 -25.01 -52.41 81.94
N MET QA 62 -24.55 -52.85 83.09
CA MET QA 62 -24.74 -54.26 83.51
C MET QA 62 -26.23 -54.51 83.60
N ARG QA 63 -27.01 -53.54 84.06
CA ARG QA 63 -28.44 -53.78 84.24
C ARG QA 63 -28.98 -54.22 82.89
N TRP QA 64 -28.60 -53.54 81.82
CA TRP QA 64 -29.03 -54.01 80.49
C TRP QA 64 -28.48 -55.37 80.18
N LEU QA 65 -27.21 -55.59 80.48
CA LEU QA 65 -26.67 -56.87 80.01
C LEU QA 65 -27.45 -57.95 80.73
N ARG QA 66 -27.68 -57.79 82.03
CA ARG QA 66 -28.37 -58.85 82.80
C ARG QA 66 -29.81 -59.04 82.32
N GLU QA 67 -30.50 -57.96 82.04
CA GLU QA 67 -31.91 -58.11 81.67
C GLU QA 67 -31.90 -58.92 80.41
N ALA QA 68 -30.88 -58.69 79.60
CA ALA QA 68 -30.77 -59.41 78.33
C ALA QA 68 -30.46 -60.87 78.58
N GLU QA 69 -29.50 -61.14 79.45
CA GLU QA 69 -29.14 -62.55 79.60
C GLU QA 69 -30.36 -63.27 80.10
N LEU QA 70 -31.05 -62.69 81.06
CA LEU QA 70 -32.23 -63.46 81.50
C LEU QA 70 -33.22 -63.58 80.36
N LYS QA 71 -33.47 -62.51 79.62
CA LYS QA 71 -34.54 -62.60 78.61
C LYS QA 71 -34.14 -63.63 77.57
N HIS QA 72 -32.90 -63.65 77.14
CA HIS QA 72 -32.55 -64.71 76.17
C HIS QA 72 -32.73 -66.04 76.87
N GLY QA 73 -32.29 -66.11 78.11
CA GLY QA 73 -32.40 -67.43 78.72
C GLY QA 73 -33.83 -67.86 78.86
N ARG QA 74 -34.71 -66.96 79.28
CA ARG QA 74 -36.08 -67.41 79.53
C ARG QA 74 -36.64 -67.87 78.18
N VAL QA 75 -36.38 -67.13 77.12
CA VAL QA 75 -36.86 -67.58 75.80
C VAL QA 75 -36.21 -68.89 75.39
N CYS QA 76 -34.91 -69.02 75.58
CA CYS QA 76 -34.30 -70.26 75.07
C CYS QA 76 -34.88 -71.44 75.84
N MET QA 77 -35.02 -71.32 77.15
CA MET QA 77 -35.50 -72.49 77.90
C MET QA 77 -36.81 -72.92 77.25
N LEU QA 78 -37.71 -71.97 77.03
CA LEU QA 78 -39.01 -72.33 76.45
C LEU QA 78 -38.75 -72.90 75.05
N ALA QA 79 -37.82 -72.31 74.30
CA ALA QA 79 -37.63 -72.83 72.93
C ALA QA 79 -37.13 -74.27 72.96
N ALA QA 80 -36.19 -74.53 73.86
CA ALA QA 80 -35.65 -75.89 73.86
C ALA QA 80 -36.79 -76.80 74.24
N THR QA 81 -37.58 -76.38 75.23
CA THR QA 81 -38.60 -77.31 75.68
C THR QA 81 -39.50 -77.53 74.52
N GLY QA 82 -39.83 -76.47 73.83
CA GLY QA 82 -40.79 -76.66 72.76
C GLY QA 82 -40.25 -77.56 71.69
N MET QA 83 -39.00 -77.37 71.33
CA MET QA 83 -38.53 -78.17 70.18
C MET QA 83 -38.59 -79.64 70.58
N ILE QA 84 -38.17 -79.94 71.81
CA ILE QA 84 -38.28 -81.34 72.29
C ILE QA 84 -39.76 -81.73 72.37
N VAL QA 85 -40.62 -80.87 72.90
CA VAL QA 85 -42.03 -81.31 73.03
C VAL QA 85 -42.55 -81.54 71.62
N GLN QA 86 -42.28 -80.61 70.74
CA GLN QA 86 -42.91 -80.74 69.40
C GLN QA 86 -42.63 -82.13 68.84
N ASP QA 87 -41.42 -82.64 68.98
CA ASP QA 87 -41.23 -83.97 68.33
C ASP QA 87 -42.14 -85.02 68.97
N VAL QA 88 -42.23 -85.05 70.30
CA VAL QA 88 -43.08 -86.04 71.02
C VAL QA 88 -44.59 -85.87 70.77
N TYR QA 89 -45.11 -84.65 70.78
CA TYR QA 89 -46.58 -84.45 70.72
C TYR QA 89 -46.89 -83.28 69.84
N GLN QA 90 -48.08 -83.26 69.27
CA GLN QA 90 -48.50 -82.08 68.48
C GLN QA 90 -49.95 -81.78 68.87
N PHE QA 91 -50.40 -80.53 68.76
CA PHE QA 91 -51.78 -80.19 69.23
C PHE QA 91 -52.76 -80.91 68.32
N PRO QA 92 -54.07 -80.91 68.60
CA PRO QA 92 -54.92 -81.78 67.81
C PRO QA 92 -55.07 -81.63 66.33
N GLY QA 93 -55.22 -80.44 65.79
CA GLY QA 93 -55.43 -80.42 64.34
C GLY QA 93 -54.15 -80.10 63.64
N VAL QA 94 -53.10 -79.91 64.42
CA VAL QA 94 -51.89 -79.33 63.80
C VAL QA 94 -51.28 -80.18 62.71
N THR QA 95 -51.24 -81.48 62.90
CA THR QA 95 -50.47 -82.29 61.94
C THR QA 95 -51.09 -82.13 60.59
N LYS QA 96 -52.41 -82.13 60.51
CA LYS QA 96 -52.94 -82.08 59.13
C LYS QA 96 -52.55 -80.78 58.44
N SER QA 97 -52.70 -79.64 59.13
CA SER QA 97 -52.42 -78.39 58.41
C SER QA 97 -50.94 -78.25 58.06
N PHE QA 98 -50.08 -78.58 59.02
CA PHE QA 98 -48.64 -78.35 58.77
C PHE QA 98 -47.95 -79.55 58.23
N GLY QA 99 -48.53 -80.73 58.41
CA GLY QA 99 -47.82 -81.95 58.00
C GLY QA 99 -46.65 -82.25 58.89
N ASP QA 100 -45.55 -82.75 58.32
CA ASP QA 100 -44.37 -83.20 59.09
C ASP QA 100 -43.29 -82.14 59.28
N ALA QA 101 -43.48 -80.92 58.80
CA ALA QA 101 -42.35 -79.97 58.87
C ALA QA 101 -41.99 -79.74 60.33
N LYS QA 102 -40.70 -79.64 60.62
CA LYS QA 102 -40.24 -79.47 62.02
C LYS QA 102 -39.18 -78.38 62.13
N MET QA 103 -38.98 -77.86 63.34
CA MET QA 103 -37.89 -76.89 63.56
C MET QA 103 -38.07 -75.70 62.63
N THR QA 104 -37.01 -75.30 61.93
CA THR QA 104 -37.07 -74.08 61.10
C THR QA 104 -38.09 -74.29 60.02
N THR QA 105 -38.18 -75.48 59.46
CA THR QA 105 -39.06 -75.66 58.31
C THR QA 105 -40.44 -75.33 58.78
N LEU QA 106 -40.76 -75.71 60.01
CA LEU QA 106 -42.13 -75.48 60.49
C LEU QA 106 -42.33 -73.96 60.46
N HIS QA 107 -41.31 -73.19 60.83
CA HIS QA 107 -41.54 -71.73 60.89
C HIS QA 107 -41.90 -71.26 59.51
N ASP QA 108 -41.20 -71.73 58.50
CA ASP QA 108 -41.52 -71.16 57.18
C ASP QA 108 -42.97 -71.54 56.84
N VAL QA 109 -43.44 -72.67 57.32
CA VAL QA 109 -44.84 -73.11 57.04
C VAL QA 109 -45.77 -72.38 58.01
N ALA QA 110 -45.32 -72.21 59.23
CA ALA QA 110 -46.19 -71.60 60.26
C ALA QA 110 -46.55 -70.18 59.85
N VAL QA 111 -45.62 -69.45 59.25
CA VAL QA 111 -45.87 -68.01 59.01
C VAL QA 111 -47.12 -67.94 58.12
N LYS QA 112 -47.24 -68.84 57.16
CA LYS QA 112 -48.38 -68.81 56.21
C LYS QA 112 -49.69 -69.01 57.00
N GLN QA 113 -49.70 -69.87 58.00
CA GLN QA 113 -50.91 -70.10 58.82
C GLN QA 113 -51.22 -68.77 59.47
N GLY QA 114 -50.19 -68.03 59.87
CA GLY QA 114 -50.40 -66.81 60.65
C GLY QA 114 -50.34 -67.14 62.11
N SER QA 115 -50.00 -68.38 62.43
CA SER QA 115 -49.81 -68.70 63.84
C SER QA 115 -48.65 -67.83 64.31
N MET QA 116 -47.65 -67.73 63.48
CA MET QA 116 -46.48 -66.96 63.90
C MET QA 116 -46.91 -65.51 64.11
N GLN QA 117 -47.73 -64.96 63.22
CA GLN QA 117 -48.06 -63.53 63.42
C GLN QA 117 -48.71 -63.37 64.78
N GLN QA 118 -49.79 -64.08 65.02
CA GLN QA 118 -50.40 -63.84 66.34
C GLN QA 118 -49.25 -63.85 67.34
N LEU QA 119 -48.32 -64.78 67.20
CA LEU QA 119 -47.28 -64.79 68.24
C LEU QA 119 -46.52 -63.47 68.19
N LEU QA 120 -46.17 -62.97 67.02
CA LEU QA 120 -45.42 -61.70 67.09
C LEU QA 120 -46.30 -60.61 67.68
N VAL QA 121 -47.55 -60.51 67.28
CA VAL QA 121 -48.29 -59.34 67.81
C VAL QA 121 -48.43 -59.46 69.32
N TRP QA 122 -48.81 -60.61 69.83
CA TRP QA 122 -48.99 -60.62 71.29
C TRP QA 122 -47.69 -60.44 72.04
N LEU QA 123 -46.66 -61.11 71.59
CA LEU QA 123 -45.35 -61.04 72.28
C LEU QA 123 -44.86 -59.61 72.16
N GLY QA 124 -45.09 -58.99 71.01
CA GLY QA 124 -44.70 -57.58 70.91
C GLY QA 124 -45.47 -56.76 71.93
N LEU QA 125 -46.75 -57.02 72.11
CA LEU QA 125 -47.45 -56.16 73.08
C LEU QA 125 -46.79 -56.38 74.43
N LEU QA 126 -46.46 -57.60 74.79
CA LEU QA 126 -45.81 -57.71 76.11
C LEU QA 126 -44.51 -56.92 76.07
N GLU QA 127 -43.79 -57.00 74.97
CA GLU QA 127 -42.46 -56.35 74.92
C GLU QA 127 -42.60 -54.84 75.09
N ILE QA 128 -43.63 -54.19 74.57
CA ILE QA 128 -43.65 -52.73 74.73
C ILE QA 128 -43.66 -52.43 76.22
N PHE QA 129 -44.39 -53.18 77.01
CA PHE QA 129 -44.33 -52.95 78.46
C PHE QA 129 -42.91 -53.23 78.90
N GLY QA 130 -42.27 -54.23 78.33
CA GLY QA 130 -40.87 -54.55 78.67
C GLY QA 130 -39.95 -53.40 78.33
N PHE QA 131 -40.15 -52.74 77.20
CA PHE QA 131 -39.36 -51.54 76.91
C PHE QA 131 -39.64 -50.53 77.97
N VAL QA 132 -40.89 -50.39 78.38
CA VAL QA 132 -41.08 -49.38 79.44
C VAL QA 132 -40.29 -49.88 80.63
N ALA QA 133 -40.33 -51.18 80.91
CA ALA QA 133 -39.63 -51.59 82.12
C ALA QA 133 -38.14 -51.31 82.02
N ILE QA 134 -37.53 -51.59 80.88
CA ILE QA 134 -36.07 -51.34 80.89
C ILE QA 134 -35.89 -49.83 81.08
N VAL QA 135 -36.72 -49.03 80.43
CA VAL QA 135 -36.50 -47.57 80.51
C VAL QA 135 -36.69 -47.15 81.96
N GLN QA 136 -37.74 -47.63 82.57
CA GLN QA 136 -37.92 -47.15 83.95
C GLN QA 136 -36.67 -47.60 84.71
N MET QA 137 -36.19 -48.83 84.55
CA MET QA 137 -35.04 -49.28 85.36
C MET QA 137 -33.81 -48.44 85.05
N LEU QA 138 -33.57 -48.16 83.78
CA LEU QA 138 -32.37 -47.37 83.40
C LEU QA 138 -32.55 -45.98 84.00
N GLN QA 139 -33.77 -45.45 83.96
CA GLN QA 139 -34.04 -44.19 84.68
C GLN QA 139 -33.97 -44.66 86.11
N GLY QA 140 -33.69 -43.81 87.06
CA GLY QA 140 -33.59 -44.50 88.35
C GLY QA 140 -34.92 -45.13 88.65
N SER QA 141 -34.94 -46.41 89.03
CA SER QA 141 -36.21 -47.06 89.46
C SER QA 141 -35.92 -48.29 90.31
N ASP QA 142 -36.91 -48.71 91.06
CA ASP QA 142 -36.79 -49.86 91.98
C ASP QA 142 -36.52 -51.19 91.28
N ARG QA 143 -37.13 -51.45 90.13
CA ARG QA 143 -37.11 -52.82 89.59
C ARG QA 143 -35.70 -53.32 89.32
N GLN QA 144 -35.42 -54.56 89.72
CA GLN QA 144 -34.08 -55.14 89.48
C GLN QA 144 -34.13 -55.81 88.12
N PRO QA 145 -32.99 -55.96 87.42
CA PRO QA 145 -33.07 -56.46 86.07
C PRO QA 145 -33.66 -57.81 86.10
N GLY QA 146 -34.55 -58.06 85.16
CA GLY QA 146 -35.19 -59.38 85.06
C GLY QA 146 -36.38 -59.52 85.98
N ASP QA 147 -36.79 -58.49 86.69
CA ASP QA 147 -37.94 -58.76 87.58
C ASP QA 147 -39.18 -58.19 86.93
N PHE QA 148 -40.11 -59.05 86.57
CA PHE QA 148 -41.38 -58.58 85.99
C PHE QA 148 -42.45 -58.73 87.00
N GLY QA 149 -42.15 -59.23 88.17
CA GLY QA 149 -43.20 -59.47 89.18
C GLY QA 149 -44.05 -60.68 88.90
N PHE QA 150 -43.54 -61.71 88.21
CA PHE QA 150 -44.41 -62.89 88.08
C PHE QA 150 -43.96 -63.90 89.04
N ASP QA 151 -44.67 -64.08 90.15
CA ASP QA 151 -44.41 -65.17 91.13
C ASP QA 151 -45.81 -65.61 91.55
N PRO QA 152 -46.62 -66.26 90.69
CA PRO QA 152 -48.00 -66.56 91.03
C PRO QA 152 -48.12 -67.49 92.23
N LEU QA 153 -47.24 -68.47 92.35
CA LEU QA 153 -47.33 -69.51 93.41
C LEU QA 153 -46.59 -69.03 94.67
N ASN QA 154 -46.08 -67.81 94.67
CA ASN QA 154 -45.35 -67.24 95.82
C ASN QA 154 -44.13 -68.10 96.15
N CYS QA 155 -43.47 -68.62 95.13
CA CYS QA 155 -42.28 -69.49 95.33
C CYS QA 155 -41.08 -68.71 95.91
N ALA QA 156 -40.94 -67.41 95.65
CA ALA QA 156 -39.75 -66.65 96.11
C ALA QA 156 -40.04 -65.92 97.43
N ALA QA 157 -41.12 -66.26 98.12
CA ALA QA 157 -41.49 -65.48 99.33
C ALA QA 157 -40.34 -65.55 100.34
N ASN QA 158 -39.71 -66.71 100.52
CA ASN QA 158 -38.51 -66.72 101.42
C ASN QA 158 -37.39 -65.94 100.72
N PRO QA 159 -36.71 -64.96 101.37
CA PRO QA 159 -35.60 -64.27 100.71
C PRO QA 159 -34.47 -65.21 100.30
N ASP QA 160 -34.09 -66.13 101.17
CA ASP QA 160 -32.93 -67.03 100.88
C ASP QA 160 -33.24 -67.87 99.65
N THR QA 161 -34.41 -68.52 99.62
CA THR QA 161 -34.69 -69.47 98.51
C THR QA 161 -34.61 -68.74 97.20
N LEU QA 162 -34.96 -67.46 97.21
CA LEU QA 162 -34.98 -66.74 95.94
C LEU QA 162 -33.57 -66.75 95.40
N ALA QA 163 -32.60 -66.52 96.25
CA ALA QA 163 -31.24 -66.38 95.69
C ALA QA 163 -30.85 -67.68 95.01
N ARG QA 164 -31.16 -68.79 95.65
CA ARG QA 164 -30.71 -70.07 95.05
C ARG QA 164 -31.42 -70.20 93.70
N ARG QA 165 -32.71 -69.85 93.66
CA ARG QA 165 -33.47 -69.97 92.39
C ARG QA 165 -32.86 -69.03 91.35
N GLN QA 166 -32.44 -67.84 91.75
CA GLN QA 166 -31.95 -66.91 90.72
C GLN QA 166 -30.73 -67.57 90.07
N LEU QA 167 -29.85 -68.18 90.86
CA LEU QA 167 -28.64 -68.74 90.22
C LEU QA 167 -29.12 -69.83 89.28
N VAL QA 168 -30.11 -70.57 89.72
CA VAL QA 168 -30.54 -71.70 88.87
C VAL QA 168 -31.01 -71.10 87.55
N GLU QA 169 -31.79 -70.03 87.61
CA GLU QA 169 -32.38 -69.52 86.37
C GLU QA 169 -31.28 -69.06 85.41
N LEU QA 170 -30.27 -68.35 85.88
CA LEU QA 170 -29.26 -67.98 84.88
C LEU QA 170 -28.64 -69.26 84.35
N LYS QA 171 -28.29 -70.18 85.25
CA LYS QA 171 -27.54 -71.36 84.76
C LYS QA 171 -28.39 -72.22 83.83
N ASN QA 172 -29.65 -72.45 84.17
CA ASN QA 172 -30.39 -73.28 83.21
C ASN QA 172 -30.45 -72.51 81.90
N GLY QA 173 -30.71 -71.21 82.01
CA GLY QA 173 -30.86 -70.40 80.80
C GLY QA 173 -29.56 -70.41 80.03
N ARG QA 174 -28.43 -70.30 80.71
CA ARG QA 174 -27.20 -70.25 79.89
C ARG QA 174 -27.14 -71.60 79.17
N LEU QA 175 -27.46 -72.68 79.85
CA LEU QA 175 -27.41 -74.01 79.19
C LEU QA 175 -28.41 -74.05 78.06
N ALA QA 176 -29.61 -73.56 78.31
CA ALA QA 176 -30.67 -73.69 77.29
C ALA QA 176 -30.20 -73.01 76.03
N MET QA 177 -29.61 -71.85 76.18
CA MET QA 177 -29.26 -71.13 74.94
C MET QA 177 -28.28 -72.03 74.21
N ILE QA 178 -27.33 -72.62 74.93
CA ILE QA 178 -26.30 -73.42 74.23
C ILE QA 178 -27.02 -74.58 73.56
N ALA QA 179 -27.95 -75.17 74.27
CA ALA QA 179 -28.67 -76.32 73.69
C ALA QA 179 -29.49 -75.92 72.48
N THR QA 180 -30.18 -74.80 72.57
CA THR QA 180 -31.09 -74.47 71.47
C THR QA 180 -30.24 -74.29 70.27
N ALA QA 181 -29.11 -73.63 70.43
CA ALA QA 181 -28.32 -73.35 69.24
C ALA QA 181 -27.92 -74.69 68.66
N GLY QA 182 -27.53 -75.57 69.57
CA GLY QA 182 -27.10 -76.87 69.08
C GLY QA 182 -28.23 -77.58 68.41
N MET QA 183 -29.43 -77.54 68.98
CA MET QA 183 -30.45 -78.38 68.35
C MET QA 183 -30.64 -77.83 66.93
N LEU QA 184 -30.70 -76.51 66.83
CA LEU QA 184 -30.99 -75.96 65.48
C LEU QA 184 -29.83 -76.32 64.55
N HIS QA 185 -28.59 -76.18 65.01
CA HIS QA 185 -27.51 -76.44 64.03
C HIS QA 185 -27.58 -77.91 63.65
N HIS QA 186 -27.83 -78.74 64.66
CA HIS QA 186 -27.92 -80.19 64.39
C HIS QA 186 -28.97 -80.29 63.31
N PHE QA 187 -30.07 -79.57 63.51
CA PHE QA 187 -31.15 -79.68 62.50
C PHE QA 187 -30.59 -79.24 61.16
N PHE QA 188 -29.97 -78.08 61.12
CA PHE QA 188 -29.56 -77.63 59.78
C PHE QA 188 -28.86 -78.79 59.13
N ILE QA 189 -27.78 -79.28 59.75
CA ILE QA 189 -26.96 -80.34 59.09
C ILE QA 189 -27.68 -81.67 58.85
N THR QA 190 -28.41 -82.18 59.84
CA THR QA 190 -28.98 -83.54 59.68
C THR QA 190 -30.37 -83.52 59.15
N GLY QA 191 -31.00 -82.35 59.09
CA GLY QA 191 -32.43 -82.35 58.73
C GLY QA 191 -33.20 -83.20 59.71
N LYS QA 192 -32.80 -83.23 60.98
CA LYS QA 192 -33.54 -84.13 61.90
C LYS QA 192 -33.93 -83.41 63.18
N GLY QA 193 -35.10 -83.71 63.72
CA GLY QA 193 -35.54 -83.14 65.01
C GLY QA 193 -34.71 -83.73 66.12
N PRO QA 194 -34.49 -83.04 67.25
CA PRO QA 194 -33.56 -83.58 68.24
C PRO QA 194 -33.94 -84.91 68.85
N ILE QA 195 -35.21 -85.12 69.20
CA ILE QA 195 -35.65 -86.45 69.72
C ILE QA 195 -35.44 -87.49 68.61
N GLN QA 196 -35.75 -87.12 67.36
CA GLN QA 196 -35.51 -88.06 66.24
C GLN QA 196 -34.00 -88.33 66.17
N LEU QA 197 -33.15 -87.33 66.37
CA LEU QA 197 -31.71 -87.65 66.21
C LEU QA 197 -31.38 -88.70 67.27
N ILE QA 198 -31.91 -88.53 68.47
CA ILE QA 198 -31.66 -89.56 69.51
C ILE QA 198 -32.28 -90.89 69.04
N THR QA 199 -33.46 -90.87 68.43
CA THR QA 199 -34.10 -92.14 68.03
C THR QA 199 -33.17 -92.86 67.10
N ALA RA 40 -43.76 -57.21 91.18
CA ALA RA 40 -42.33 -56.98 91.46
C ALA RA 40 -41.94 -57.91 92.59
N VAL RA 41 -41.39 -59.07 92.28
CA VAL RA 41 -41.15 -60.03 93.38
C VAL RA 41 -40.14 -59.40 94.35
N PHE RA 42 -39.11 -58.74 93.85
CA PHE RA 42 -38.24 -58.01 94.81
C PHE RA 42 -39.09 -56.89 95.32
N GLN RA 43 -38.98 -56.53 96.59
CA GLN RA 43 -39.93 -55.48 97.06
C GLN RA 43 -39.62 -54.13 96.37
N GLY RA 44 -40.65 -53.43 95.92
CA GLY RA 44 -40.44 -52.07 95.41
C GLY RA 44 -41.71 -51.27 95.46
N ASP RA 45 -41.63 -49.94 95.49
CA ASP RA 45 -42.88 -49.15 95.35
C ASP RA 45 -43.26 -49.33 93.89
N PHE RA 46 -44.52 -49.66 93.53
CA PHE RA 46 -44.88 -49.74 92.08
C PHE RA 46 -46.38 -49.57 91.75
N SER RA 47 -46.72 -49.40 90.46
CA SER RA 47 -48.10 -49.17 89.97
C SER RA 47 -49.03 -50.36 90.17
N GLU RA 48 -50.29 -50.11 90.53
CA GLU RA 48 -51.16 -51.26 90.81
C GLU RA 48 -51.44 -52.17 89.63
N SER RA 49 -51.77 -51.61 88.49
CA SER RA 49 -52.17 -52.48 87.36
C SER RA 49 -51.00 -53.33 86.90
N VAL RA 50 -49.85 -52.70 86.77
CA VAL RA 50 -48.71 -53.47 86.24
C VAL RA 50 -47.70 -53.47 87.37
N PRO RA 51 -47.31 -54.62 87.90
CA PRO RA 51 -46.42 -54.62 89.03
C PRO RA 51 -45.08 -54.04 88.68
N PHE RA 52 -44.57 -54.35 87.50
CA PHE RA 52 -43.18 -53.92 87.20
C PHE RA 52 -43.02 -52.41 87.14
N LEU RA 53 -43.97 -51.63 86.63
CA LEU RA 53 -43.72 -50.19 86.40
C LEU RA 53 -44.09 -49.26 87.56
N LYS RA 54 -43.42 -48.11 87.67
CA LYS RA 54 -43.70 -47.14 88.78
C LYS RA 54 -45.00 -46.40 88.48
N THR RA 55 -45.66 -45.88 89.51
CA THR RA 55 -46.94 -45.21 89.28
C THR RA 55 -46.62 -44.05 88.39
N PRO RA 56 -47.41 -43.79 87.34
CA PRO RA 56 -47.06 -42.74 86.41
C PRO RA 56 -47.11 -41.44 87.17
N THR RA 57 -46.14 -40.56 86.92
CA THR RA 57 -46.15 -39.25 87.57
C THR RA 57 -47.27 -38.44 87.00
N ASN RA 58 -47.85 -37.53 87.78
CA ASN RA 58 -48.97 -36.66 87.34
C ASN RA 58 -50.16 -37.54 86.97
N LEU RA 59 -50.08 -38.84 87.27
CA LEU RA 59 -51.27 -39.71 87.09
C LEU RA 59 -51.64 -40.02 88.52
N ASP RA 60 -52.78 -39.57 88.98
CA ASP RA 60 -53.16 -39.68 90.41
C ASP RA 60 -54.55 -40.30 90.45
N GLY RA 61 -54.97 -40.82 91.59
CA GLY RA 61 -56.24 -41.56 91.69
C GLY RA 61 -57.41 -40.67 91.36
N SER RA 62 -57.23 -39.36 91.38
CA SER RA 62 -58.39 -38.47 91.27
C SER RA 62 -59.20 -38.65 90.01
N LEU RA 63 -58.60 -38.81 88.84
CA LEU RA 63 -59.50 -39.01 87.68
C LEU RA 63 -60.16 -40.38 87.86
N PRO RA 64 -61.42 -40.56 87.45
CA PRO RA 64 -62.11 -41.81 87.71
C PRO RA 64 -61.49 -42.92 86.92
N GLY RA 65 -61.63 -44.13 87.41
CA GLY RA 65 -61.08 -45.28 86.70
C GLY RA 65 -59.60 -45.23 86.50
N ASP RA 66 -58.85 -44.85 87.53
CA ASP RA 66 -57.37 -44.83 87.44
C ASP RA 66 -56.81 -46.09 88.07
N VAL RA 67 -56.46 -47.07 87.25
CA VAL RA 67 -55.81 -48.28 87.81
C VAL RA 67 -54.32 -48.00 87.72
N GLY RA 68 -53.93 -46.82 87.25
CA GLY RA 68 -52.50 -46.49 87.10
C GLY RA 68 -51.88 -46.95 85.81
N PHE RA 69 -52.64 -47.44 84.84
CA PHE RA 69 -51.94 -47.94 83.63
C PHE RA 69 -51.74 -46.87 82.63
N ASP RA 70 -50.54 -46.35 82.52
CA ASP RA 70 -50.17 -45.44 81.41
C ASP RA 70 -48.74 -45.86 81.18
N PRO RA 71 -48.49 -47.06 80.63
CA PRO RA 71 -47.14 -47.55 80.57
C PRO RA 71 -46.22 -46.69 79.79
N LEU RA 72 -46.64 -46.14 78.67
CA LEU RA 72 -45.76 -45.19 77.98
C LEU RA 72 -46.43 -43.93 78.41
N GLY RA 73 -45.73 -43.06 79.10
CA GLY RA 73 -46.52 -41.93 79.59
C GLY RA 73 -47.01 -41.15 78.42
N PHE RA 74 -48.28 -40.83 78.38
CA PHE RA 74 -48.82 -39.94 77.33
C PHE RA 74 -49.26 -38.82 78.16
N SER RA 75 -49.61 -39.19 79.37
CA SER RA 75 -50.03 -38.16 80.34
C SER RA 75 -48.89 -37.18 80.56
N GLU RA 76 -47.66 -37.66 80.62
CA GLU RA 76 -46.50 -36.75 80.77
C GLU RA 76 -46.41 -35.84 79.57
N VAL RA 77 -46.67 -36.34 78.37
CA VAL RA 77 -46.44 -35.49 77.18
C VAL RA 77 -47.58 -34.48 76.96
N PHE RA 78 -48.83 -34.86 77.26
CA PHE RA 78 -50.03 -34.00 77.05
C PHE RA 78 -50.85 -33.98 78.31
N ASP RA 79 -51.64 -32.96 78.58
CA ASP RA 79 -52.34 -32.84 79.88
C ASP RA 79 -53.37 -33.95 80.08
N ILE RA 80 -53.46 -34.49 81.28
CA ILE RA 80 -54.35 -35.66 81.49
C ILE RA 80 -55.78 -35.22 81.21
N ARG RA 81 -56.17 -34.02 81.62
CA ARG RA 81 -57.58 -33.65 81.42
C ARG RA 81 -57.87 -33.64 79.93
N VAL RA 82 -56.98 -33.11 79.11
CA VAL RA 82 -57.33 -33.09 77.67
C VAL RA 82 -57.45 -34.56 77.23
N LEU RA 83 -56.59 -35.43 77.74
CA LEU RA 83 -56.64 -36.84 77.31
C LEU RA 83 -57.93 -37.44 77.82
N ARG RA 84 -58.37 -37.09 79.02
CA ARG RA 84 -59.61 -37.72 79.57
C ARG RA 84 -60.77 -37.33 78.68
N GLU RA 85 -60.77 -36.09 78.22
CA GLU RA 85 -61.93 -35.65 77.43
C GLU RA 85 -61.99 -36.57 76.25
N ALA RA 86 -60.83 -36.86 75.68
CA ALA RA 86 -60.77 -37.80 74.55
C ALA RA 86 -61.23 -39.20 74.92
N GLU RA 87 -60.81 -39.70 76.07
CA GLU RA 87 -61.23 -41.09 76.30
C GLU RA 87 -62.75 -41.07 76.35
N LEU RA 88 -63.32 -40.11 77.05
CA LEU RA 88 -64.78 -40.16 77.16
C LEU RA 88 -65.39 -39.93 75.78
N LYS RA 89 -64.89 -38.98 75.01
CA LYS RA 89 -65.61 -38.74 73.74
C LYS RA 89 -65.51 -39.98 72.91
N HIS RA 90 -64.34 -40.57 72.85
CA HIS RA 90 -64.30 -41.74 71.96
C HIS RA 90 -65.26 -42.74 72.55
N GLY RA 91 -65.24 -42.89 73.86
CA GLY RA 91 -66.09 -43.94 74.39
C GLY RA 91 -67.55 -43.67 74.17
N ARG RA 92 -67.98 -42.45 74.39
CA ARG RA 92 -69.43 -42.20 74.29
C ARG RA 92 -69.79 -42.49 72.84
N ILE RA 93 -68.97 -42.05 71.89
CA ILE RA 93 -69.26 -42.39 70.48
C ILE RA 93 -69.28 -43.91 70.38
N ALA RA 94 -68.30 -44.58 70.96
CA ALA RA 94 -68.23 -46.04 70.77
C ALA RA 94 -69.44 -46.73 71.39
N MET RA 95 -69.87 -46.30 72.56
CA MET RA 95 -70.93 -47.09 73.20
C MET RA 95 -72.16 -47.08 72.31
N LEU RA 96 -72.47 -45.95 71.73
CA LEU RA 96 -73.61 -45.95 70.79
C LEU RA 96 -73.25 -46.88 69.64
N ALA RA 97 -72.02 -46.88 69.17
CA ALA RA 97 -71.73 -47.69 67.98
C ALA RA 97 -71.84 -49.18 68.28
N THR RA 98 -71.44 -49.63 69.45
CA THR RA 98 -71.60 -51.06 69.69
C THR RA 98 -73.07 -51.38 69.63
N LEU RA 99 -73.92 -50.56 70.24
CA LEU RA 99 -75.34 -50.95 70.25
C LEU RA 99 -75.82 -50.96 68.81
N GLY RA 100 -75.41 -49.96 68.07
CA GLY RA 100 -75.94 -49.87 66.71
C GLY RA 100 -75.53 -51.02 65.84
N TYR RA 101 -74.28 -51.43 65.90
CA TYR RA 101 -73.90 -52.47 64.91
C TYR RA 101 -74.74 -53.65 65.25
N LEU RA 102 -74.89 -53.96 66.54
CA LEU RA 102 -75.78 -55.10 66.83
C LEU RA 102 -77.25 -54.85 66.42
N VAL RA 103 -77.79 -53.67 66.73
CA VAL RA 103 -79.23 -53.42 66.42
C VAL RA 103 -79.36 -53.45 64.90
N GLN RA 104 -78.41 -52.87 64.21
CA GLN RA 104 -78.56 -52.75 62.73
C GLN RA 104 -78.61 -54.16 62.19
N GLU RA 105 -77.94 -55.09 62.81
CA GLU RA 105 -78.06 -56.42 62.20
C GLU RA 105 -79.52 -56.88 62.36
N ALA RA 106 -80.01 -56.93 63.60
CA ALA RA 106 -81.37 -57.47 63.84
C ALA RA 106 -82.46 -56.66 63.16
N TYR RA 107 -82.39 -55.34 63.20
CA TYR RA 107 -83.53 -54.56 62.69
C TYR RA 107 -83.06 -53.45 61.82
N VAL RA 108 -83.90 -53.07 60.88
CA VAL RA 108 -83.58 -51.88 60.06
C VAL RA 108 -84.84 -51.03 60.13
N PHE RA 109 -84.71 -49.71 60.15
CA PHE RA 109 -85.94 -48.89 60.11
C PHE RA 109 -86.53 -49.23 58.77
N PRO RA 110 -87.86 -49.28 58.64
CA PRO RA 110 -88.43 -49.77 57.41
C PRO RA 110 -88.03 -48.92 56.23
N PHE RA 111 -87.97 -47.61 56.38
CA PHE RA 111 -87.68 -46.79 55.19
C PHE RA 111 -86.32 -47.14 54.64
N PHE RA 112 -85.34 -47.32 55.51
CA PHE RA 112 -83.99 -47.78 55.06
C PHE RA 112 -84.00 -49.26 54.68
N ASP RA 113 -83.20 -49.66 53.69
CA ASP RA 113 -83.01 -51.10 53.33
C ASP RA 113 -82.14 -51.81 54.38
N LYS RA 114 -82.31 -53.12 54.55
CA LYS RA 114 -81.44 -53.89 55.47
C LYS RA 114 -80.21 -54.35 54.68
N VAL RA 115 -79.04 -53.88 55.07
CA VAL RA 115 -77.76 -54.27 54.41
C VAL RA 115 -76.76 -54.48 55.56
N PRO RA 116 -75.63 -55.18 55.37
CA PRO RA 116 -74.72 -55.37 56.47
C PRO RA 116 -74.30 -53.99 56.84
N PRO RA 117 -74.12 -53.65 58.14
CA PRO RA 117 -73.87 -52.27 58.51
C PRO RA 117 -72.74 -51.58 57.79
N ILE RA 118 -71.64 -52.27 57.54
CA ILE RA 118 -70.51 -51.53 56.91
C ILE RA 118 -71.03 -51.06 55.55
N GLN RA 119 -71.82 -51.90 54.88
CA GLN RA 119 -72.41 -51.53 53.57
C GLN RA 119 -73.32 -50.32 53.77
N ALA RA 120 -74.02 -50.23 54.89
CA ALA RA 120 -75.00 -49.12 55.01
C ALA RA 120 -74.24 -47.81 54.88
N HIS RA 121 -73.05 -47.69 55.45
CA HIS RA 121 -72.39 -46.38 55.39
C HIS RA 121 -72.24 -46.10 53.93
N ASP RA 122 -71.86 -47.07 53.14
CA ASP RA 122 -71.73 -46.67 51.72
C ASP RA 122 -73.11 -46.27 51.18
N VAL RA 123 -74.18 -46.98 51.52
CA VAL RA 123 -75.49 -46.61 50.93
C VAL RA 123 -75.84 -45.21 51.39
N LEU RA 124 -75.81 -44.99 52.69
CA LEU RA 124 -76.22 -43.68 53.23
C LEU RA 124 -75.27 -42.61 52.65
N VAL RA 125 -73.99 -42.87 52.49
CA VAL RA 125 -73.12 -41.76 52.01
C VAL RA 125 -73.60 -41.32 50.64
N LYS RA 126 -73.95 -42.24 49.74
CA LYS RA 126 -74.52 -41.83 48.43
C LYS RA 126 -75.84 -41.12 48.66
N SER RA 127 -76.64 -41.63 49.57
CA SER RA 127 -77.97 -41.07 49.88
C SER RA 127 -77.77 -39.65 50.39
N GLY RA 128 -76.70 -39.41 51.12
CA GLY RA 128 -76.51 -38.11 51.78
C GLY RA 128 -77.03 -38.17 53.19
N GLY RA 129 -77.46 -39.33 53.62
CA GLY RA 129 -77.86 -39.46 55.02
C GLY RA 129 -76.68 -39.19 55.90
N MET RA 130 -75.51 -39.68 55.51
CA MET RA 130 -74.33 -39.51 56.37
C MET RA 130 -73.99 -38.03 56.43
N SER RA 131 -74.18 -37.29 55.35
CA SER RA 131 -73.85 -35.87 55.50
C SER RA 131 -74.80 -35.32 56.57
N GLN RA 132 -76.05 -35.72 56.59
CA GLN RA 132 -76.88 -35.12 57.65
C GLN RA 132 -76.28 -35.51 59.01
N ILE RA 133 -75.85 -36.75 59.19
CA ILE RA 133 -75.29 -37.05 60.53
C ILE RA 133 -74.05 -36.16 60.69
N LEU RA 134 -73.24 -36.01 59.64
CA LEU RA 134 -72.00 -35.24 59.85
C LEU RA 134 -72.35 -33.81 60.19
N LEU RA 135 -73.31 -33.22 59.50
CA LEU RA 135 -73.52 -31.80 59.78
C LEU RA 135 -74.00 -31.60 61.22
N TRP RA 136 -74.99 -32.34 61.65
CA TRP RA 136 -75.48 -32.03 63.01
C TRP RA 136 -74.44 -32.38 64.06
N THR RA 137 -73.72 -33.47 63.88
CA THR RA 137 -72.66 -33.84 64.83
C THR RA 137 -71.62 -32.78 64.82
N SER RA 138 -71.26 -32.23 63.66
CA SER RA 138 -70.27 -31.14 63.69
C SER RA 138 -70.86 -29.95 64.44
N PHE RA 139 -72.11 -29.64 64.24
CA PHE RA 139 -72.58 -28.44 64.97
C PHE RA 139 -72.46 -28.70 66.41
N LEU RA 140 -72.83 -29.88 66.89
CA LEU RA 140 -72.73 -30.06 68.34
C LEU RA 140 -71.26 -29.93 68.71
N GLU RA 141 -70.38 -30.47 67.89
CA GLU RA 141 -68.94 -30.51 68.23
C GLU RA 141 -68.44 -29.07 68.35
N ILE RA 142 -68.89 -28.14 67.53
CA ILE RA 142 -68.31 -26.77 67.64
C ILE RA 142 -68.60 -26.25 69.04
N PHE RA 143 -69.78 -26.50 69.59
CA PHE RA 143 -70.02 -26.07 70.98
C PHE RA 143 -69.04 -26.81 71.86
N GLY RA 144 -68.80 -28.08 71.56
CA GLY RA 144 -67.86 -28.89 72.35
C GLY RA 144 -66.45 -28.36 72.30
N GLY RA 145 -65.98 -27.89 71.14
CA GLY RA 145 -64.60 -27.42 71.01
C GLY RA 145 -64.34 -26.22 71.87
N ILE RA 146 -65.32 -25.35 72.05
CA ILE RA 146 -65.21 -24.20 72.98
C ILE RA 146 -65.03 -24.74 74.40
N ALA RA 147 -65.78 -25.79 74.76
CA ALA RA 147 -65.72 -26.36 76.12
C ALA RA 147 -64.36 -27.02 76.35
N LEU RA 148 -63.77 -27.59 75.30
CA LEU RA 148 -62.40 -28.15 75.48
C LEU RA 148 -61.45 -27.00 75.85
N PHE RA 149 -61.61 -25.85 75.19
CA PHE RA 149 -60.69 -24.72 75.47
C PHE RA 149 -60.86 -24.32 76.92
N GLN RA 150 -62.10 -24.30 77.42
CA GLN RA 150 -62.31 -24.01 78.86
C GLN RA 150 -61.63 -25.12 79.69
N THR RA 151 -61.72 -26.37 79.25
CA THR RA 151 -61.15 -27.46 80.08
C THR RA 151 -59.67 -27.19 80.19
N ILE RA 152 -59.06 -26.75 79.10
CA ILE RA 152 -57.59 -26.46 79.12
C ILE RA 152 -57.32 -25.33 80.12
N GLN RA 153 -58.13 -24.26 80.08
CA GLN RA 153 -57.95 -23.12 81.01
C GLN RA 153 -58.81 -23.36 82.25
N GLY RA 154 -58.50 -24.38 83.06
CA GLY RA 154 -59.28 -24.57 84.30
C GLY RA 154 -60.74 -24.76 83.97
N ARG RA 155 -61.64 -24.02 84.61
CA ARG RA 155 -63.08 -24.07 84.24
C ARG RA 155 -63.65 -25.49 84.31
N ARG RA 156 -64.18 -26.04 83.21
CA ARG RA 156 -64.92 -27.33 83.28
C ARG RA 156 -64.09 -28.59 83.47
N TYR RA 157 -64.62 -29.54 84.25
CA TYR RA 157 -63.99 -30.85 84.46
C TYR RA 157 -64.07 -31.58 83.19
N PRO RA 158 -63.09 -32.44 82.80
CA PRO RA 158 -63.14 -33.09 81.51
C PRO RA 158 -64.39 -33.88 81.27
N GLY RA 159 -65.07 -33.63 80.16
CA GLY RA 159 -66.22 -34.46 79.79
C GLY RA 159 -67.51 -34.09 80.46
N ASP RA 160 -67.57 -32.99 81.20
CA ASP RA 160 -68.90 -32.68 81.78
C ASP RA 160 -69.58 -31.66 80.89
N PHE RA 161 -70.67 -32.06 80.24
CA PHE RA 161 -71.45 -31.13 79.38
C PHE RA 161 -72.67 -30.78 80.17
N ALA RA 162 -72.70 -31.22 81.41
CA ALA RA 162 -73.86 -30.97 82.29
C ALA RA 162 -75.12 -31.56 81.67
N PHE RA 163 -74.99 -32.66 80.94
CA PHE RA 163 -76.17 -33.30 80.33
C PHE RA 163 -76.68 -34.30 81.27
N ASP RA 164 -77.55 -33.86 82.15
CA ASP RA 164 -78.22 -34.86 83.00
C ASP RA 164 -79.70 -34.52 82.97
N PRO RA 165 -80.40 -34.70 81.84
CA PRO RA 165 -81.78 -34.27 81.80
C PRO RA 165 -82.56 -35.05 82.81
N LEU RA 166 -82.29 -36.34 82.86
CA LEU RA 166 -82.98 -37.21 83.84
C LEU RA 166 -82.38 -36.93 85.22
N GLY RA 167 -82.98 -37.48 86.26
CA GLY RA 167 -82.45 -37.19 87.60
C GLY RA 167 -81.38 -38.17 87.99
N LEU RA 168 -80.86 -38.97 87.06
CA LEU RA 168 -79.84 -39.91 87.55
C LEU RA 168 -78.69 -39.02 88.04
N SER RA 169 -78.07 -39.33 89.17
CA SER RA 169 -76.95 -38.52 89.74
C SER RA 169 -77.46 -37.09 89.96
N GLN RA 170 -78.71 -36.95 90.34
CA GLN RA 170 -79.30 -35.63 90.67
C GLN RA 170 -78.83 -35.34 92.09
N GLY RA 171 -79.09 -34.16 92.66
CA GLY RA 171 -78.50 -33.84 93.97
C GLY RA 171 -78.95 -34.89 94.97
N LYS RA 172 -80.19 -35.37 94.88
CA LYS RA 172 -80.61 -36.49 95.75
C LYS RA 172 -79.72 -37.70 95.44
N ASN RA 173 -79.39 -37.93 94.17
CA ASN RA 173 -78.63 -39.11 93.72
C ASN RA 173 -77.15 -38.72 93.58
N ALA RA 174 -76.76 -37.53 94.05
CA ALA RA 174 -75.38 -37.02 93.82
C ALA RA 174 -74.32 -38.02 94.29
N GLU RA 175 -74.68 -38.85 95.24
CA GLU RA 175 -73.73 -39.84 95.78
C GLU RA 175 -73.35 -40.76 94.63
N LYS RA 176 -74.31 -41.09 93.78
CA LYS RA 176 -74.11 -42.07 92.69
C LYS RA 176 -73.08 -41.57 91.68
N LEU RA 177 -72.87 -40.27 91.55
CA LEU RA 177 -72.04 -39.79 90.43
C LEU RA 177 -70.66 -40.39 90.50
N GLU RA 178 -70.07 -40.49 91.67
CA GLU RA 178 -68.70 -40.99 91.61
C GLU RA 178 -68.74 -42.40 91.04
N ARG RA 179 -69.70 -43.21 91.48
CA ARG RA 179 -69.74 -44.60 91.03
C ARG RA 179 -70.00 -44.67 89.54
N TYR RA 180 -70.92 -43.83 89.06
CA TYR RA 180 -71.29 -43.89 87.63
C TYR RA 180 -70.10 -43.53 86.82
N GLN RA 181 -69.38 -42.50 87.25
CA GLN RA 181 -68.18 -42.09 86.50
C GLN RA 181 -67.36 -43.34 86.26
N LEU RA 182 -67.17 -44.16 87.27
CA LEU RA 182 -66.29 -45.32 87.03
C LEU RA 182 -66.97 -46.16 85.96
N ALA RA 183 -68.27 -46.33 86.04
CA ALA RA 183 -68.86 -47.24 85.06
C ALA RA 183 -68.66 -46.66 83.68
N GLU RA 184 -68.83 -45.35 83.56
CA GLU RA 184 -68.78 -44.83 82.20
C GLU RA 184 -67.39 -45.09 81.65
N ILE RA 185 -66.34 -44.83 82.42
CA ILE RA 185 -65.04 -45.09 81.76
C ILE RA 185 -64.98 -46.58 81.49
N LYS RA 186 -65.40 -47.41 82.43
CA LYS RA 186 -65.21 -48.85 82.17
C LYS RA 186 -66.07 -49.27 80.98
N HIS RA 187 -67.30 -48.79 80.91
CA HIS RA 187 -68.08 -49.28 79.76
C HIS RA 187 -67.37 -48.77 78.51
N SER RA 188 -66.93 -47.52 78.57
CA SER RA 188 -66.32 -46.94 77.36
C SER RA 188 -65.07 -47.71 77.01
N ARG RA 189 -64.22 -47.96 77.98
CA ARG RA 189 -62.99 -48.66 77.56
C ARG RA 189 -63.47 -49.93 76.86
N LEU RA 190 -64.40 -50.65 77.45
CA LEU RA 190 -64.81 -51.95 76.86
C LEU RA 190 -65.46 -51.75 75.50
N ALA RA 191 -66.31 -50.75 75.38
CA ALA RA 191 -67.04 -50.64 74.11
C ALA RA 191 -66.05 -50.40 73.00
N MET RA 192 -65.07 -49.55 73.25
CA MET RA 192 -64.15 -49.22 72.15
C MET RA 192 -63.46 -50.51 71.75
N LEU RA 193 -63.06 -51.33 72.71
CA LEU RA 193 -62.47 -52.62 72.30
C LEU RA 193 -63.52 -53.45 71.57
N ALA RA 194 -64.76 -53.48 72.07
CA ALA RA 194 -65.74 -54.37 71.43
C ALA RA 194 -66.06 -53.99 70.00
N PHE RA 195 -66.26 -52.71 69.73
CA PHE RA 195 -66.66 -52.35 68.36
C PHE RA 195 -65.53 -52.72 67.51
N SER RA 196 -64.35 -52.37 67.99
CA SER RA 196 -63.20 -52.63 67.14
C SER RA 196 -63.35 -54.10 66.78
N GLY RA 197 -63.64 -54.90 67.78
CA GLY RA 197 -63.70 -56.34 67.51
C GLY RA 197 -64.81 -56.67 66.56
N PHE RA 198 -65.96 -56.06 66.75
CA PHE RA 198 -67.04 -56.54 65.86
C PHE RA 198 -66.66 -56.24 64.46
N VAL RA 199 -66.17 -55.04 64.20
CA VAL RA 199 -65.95 -54.76 62.77
C VAL RA 199 -64.86 -55.67 62.21
N HIS RA 200 -63.75 -55.83 62.93
CA HIS RA 200 -62.65 -56.61 62.33
C HIS RA 200 -63.09 -58.08 62.17
N GLN RA 201 -63.77 -58.60 63.18
CA GLN RA 201 -64.11 -60.04 63.12
C GLN RA 201 -65.03 -60.16 61.94
N GLY RA 202 -65.92 -59.20 61.79
CA GLY RA 202 -66.88 -59.28 60.71
C GLY RA 202 -66.14 -59.26 59.40
N PHE RA 203 -65.11 -58.45 59.26
CA PHE RA 203 -64.49 -58.51 57.93
C PHE RA 203 -63.91 -59.89 57.69
N ILE RA 204 -63.25 -60.50 58.65
CA ILE RA 204 -62.60 -61.80 58.28
C ILE RA 204 -63.71 -62.82 58.04
N THR RA 205 -64.60 -63.00 59.00
CA THR RA 205 -65.65 -64.02 58.88
C THR RA 205 -66.56 -63.72 57.73
N LYS RA 206 -66.82 -62.44 57.41
CA LYS RA 206 -67.85 -62.08 56.40
C LYS RA 206 -69.15 -62.55 57.01
N GLN RA 207 -69.13 -62.74 58.32
CA GLN RA 207 -70.31 -63.28 59.04
C GLN RA 207 -70.73 -62.25 60.09
N GLY RA 208 -72.03 -61.96 60.21
CA GLY RA 208 -72.51 -60.92 61.12
C GLY RA 208 -72.31 -61.30 62.56
N VAL RA 209 -72.19 -60.32 63.45
CA VAL RA 209 -71.81 -60.70 64.84
C VAL RA 209 -72.86 -61.60 65.48
N LEU RA 210 -74.15 -61.32 65.32
CA LEU RA 210 -75.10 -62.27 65.96
C LEU RA 210 -74.96 -63.65 65.30
N GLU RA 211 -74.82 -63.65 63.98
CA GLU RA 211 -74.71 -64.93 63.24
C GLU RA 211 -73.46 -65.65 63.69
N GLN RA 212 -72.36 -64.93 63.87
CA GLN RA 212 -71.10 -65.63 64.22
C GLN RA 212 -71.32 -66.32 65.55
N LEU RA 213 -71.92 -65.60 66.49
CA LEU RA 213 -72.19 -66.24 67.79
C LEU RA 213 -72.91 -67.56 67.55
N GLY RA 214 -74.12 -67.52 66.99
CA GLY RA 214 -74.89 -68.77 66.86
C GLY RA 214 -74.23 -69.79 65.97
N ASN RA 215 -73.69 -69.38 64.83
CA ASN RA 215 -72.94 -70.36 64.02
C ASN RA 215 -71.50 -69.90 64.10
N PHE RA 216 -70.61 -70.72 64.64
CA PHE RA 216 -69.25 -70.22 64.81
C PHE RA 216 -68.39 -71.05 63.94
N LYS RA 217 -67.61 -70.37 63.13
CA LYS RA 217 -66.77 -71.10 62.17
C LYS RA 217 -65.37 -70.51 62.21
N PRO RA 218 -64.34 -71.26 61.82
CA PRO RA 218 -63.00 -70.74 61.75
C PRO RA 218 -62.91 -69.79 60.56
N ILE RA 219 -61.86 -68.97 60.56
CA ILE RA 219 -61.68 -67.99 59.44
C ILE RA 219 -61.66 -68.84 58.19
N PRO RA 220 -62.24 -68.34 57.09
CA PRO RA 220 -62.42 -69.24 55.99
C PRO RA 220 -61.21 -69.92 55.42
N GLY RA 221 -61.36 -71.24 55.22
CA GLY RA 221 -60.33 -72.11 54.65
C GLY RA 221 -59.44 -72.75 55.68
N PHE RA 222 -59.35 -72.21 56.89
CA PHE RA 222 -58.35 -72.83 57.81
C PHE RA 222 -58.63 -74.32 58.01
N PRO RA 223 -59.85 -74.82 58.31
CA PRO RA 223 -59.96 -76.26 58.54
C PRO RA 223 -59.57 -76.97 57.28
N GLU RA 224 -60.07 -76.48 56.16
CA GLU RA 224 -59.75 -77.09 54.85
C GLU RA 224 -58.27 -76.97 54.41
N ALA RA 225 -57.65 -75.80 54.57
CA ALA RA 225 -56.31 -75.54 53.96
C ALA RA 225 -55.12 -76.24 54.61
N THR RA 226 -54.15 -76.64 53.78
CA THR RA 226 -52.89 -77.12 54.37
C THR RA 226 -51.81 -76.23 53.82
N PHE RA 227 -51.04 -75.62 54.70
CA PHE RA 227 -49.98 -74.68 54.25
C PHE RA 227 -48.97 -75.49 53.48
N PHE RA 228 -48.66 -76.70 53.97
CA PHE RA 228 -47.74 -77.60 53.25
C PHE RA 228 -47.78 -78.97 53.92
N ASN SA 1 -77.52 -21.26 82.22
CA ASN SA 1 -77.96 -20.47 81.04
C ASN SA 1 -78.15 -21.42 79.86
N ALA SA 2 -78.16 -20.90 78.64
CA ALA SA 2 -78.49 -21.78 77.50
C ALA SA 2 -77.47 -22.89 77.33
N MET SA 3 -76.18 -22.58 77.49
CA MET SA 3 -75.22 -23.68 77.45
C MET SA 3 -74.82 -23.84 78.90
N PRO SA 4 -75.16 -24.94 79.57
CA PRO SA 4 -74.73 -25.04 80.93
C PRO SA 4 -73.24 -25.12 81.01
N PHE SA 5 -72.61 -25.89 80.12
CA PHE SA 5 -71.15 -26.14 80.25
C PHE SA 5 -70.31 -24.88 80.12
N LEU SA 6 -70.54 -24.10 79.08
CA LEU SA 6 -69.68 -22.92 78.86
C LEU SA 6 -70.07 -21.83 79.84
N GLU SA 7 -69.13 -20.97 80.23
CA GLU SA 7 -69.45 -19.81 81.08
C GLU SA 7 -70.32 -18.82 80.31
N ARG SA 8 -71.24 -18.12 80.99
CA ARG SA 8 -72.16 -17.21 80.27
C ARG SA 8 -71.31 -16.11 79.63
N PRO SA 9 -71.59 -15.68 78.39
CA PRO SA 9 -70.74 -14.71 77.74
C PRO SA 9 -70.82 -13.42 78.50
N PRO SA 10 -69.69 -12.73 78.72
CA PRO SA 10 -69.76 -11.57 79.58
C PRO SA 10 -70.61 -10.42 79.12
N LYS SA 11 -70.35 -9.96 77.89
CA LYS SA 11 -71.09 -8.77 77.37
C LYS SA 11 -72.59 -9.09 77.32
N LEU SA 12 -72.94 -10.36 77.18
CA LEU SA 12 -74.41 -10.60 77.22
C LEU SA 12 -74.86 -10.22 78.63
N ASP SA 13 -75.99 -9.54 78.72
CA ASP SA 13 -76.50 -9.05 80.03
C ASP SA 13 -78.02 -9.22 80.00
N GLY SA 14 -78.68 -9.24 81.14
CA GLY SA 14 -80.13 -9.50 81.07
C GLY SA 14 -80.88 -8.38 80.40
N SER SA 15 -80.22 -7.25 80.14
CA SER SA 15 -80.99 -6.08 79.65
C SER SA 15 -81.68 -6.31 78.31
N LEU SA 16 -81.00 -6.90 77.33
CA LEU SA 16 -81.67 -7.02 76.01
C LEU SA 16 -82.75 -8.08 76.14
N ALA SA 17 -83.86 -7.93 75.44
CA ALA SA 17 -84.95 -8.91 75.58
C ALA SA 17 -84.47 -10.23 75.00
N GLY SA 18 -84.97 -11.32 75.54
CA GLY SA 18 -84.56 -12.63 75.04
C GLY SA 18 -83.07 -12.84 75.15
N ASP SA 19 -82.46 -12.37 76.24
CA ASP SA 19 -81.04 -12.75 76.41
C ASP SA 19 -81.07 -13.99 77.31
N VAL SA 20 -80.76 -15.13 76.72
CA VAL SA 20 -80.68 -16.39 77.49
C VAL SA 20 -79.19 -16.66 77.70
N GLY SA 21 -78.36 -15.72 77.28
CA GLY SA 21 -76.91 -15.89 77.46
C GLY SA 21 -76.42 -16.86 76.43
N PHE SA 22 -77.03 -16.89 75.24
CA PHE SA 22 -76.63 -17.93 74.26
C PHE SA 22 -75.66 -17.36 73.24
N ASP SA 23 -74.42 -17.12 73.61
CA ASP SA 23 -73.45 -16.74 72.56
C ASP SA 23 -72.23 -17.62 72.76
N PRO SA 24 -72.28 -18.92 72.44
CA PRO SA 24 -71.14 -19.76 72.75
C PRO SA 24 -69.98 -19.26 71.98
N VAL SA 25 -70.23 -18.89 70.73
CA VAL SA 25 -69.14 -18.45 69.82
C VAL SA 25 -68.54 -17.17 70.40
N GLY SA 26 -69.32 -16.42 71.18
CA GLY SA 26 -68.83 -15.12 71.64
C GLY SA 26 -68.54 -14.10 70.57
N PHE SA 27 -69.40 -14.01 69.55
CA PHE SA 27 -69.28 -12.94 68.54
C PHE SA 27 -69.46 -11.61 69.27
N SER SA 28 -70.32 -11.56 70.28
CA SER SA 28 -70.65 -10.31 70.98
C SER SA 28 -69.36 -9.77 71.55
N ASN SA 29 -68.48 -10.64 72.02
CA ASN SA 29 -67.23 -10.06 72.56
C ASN SA 29 -66.61 -9.21 71.45
N TYR SA 30 -66.43 -9.81 70.28
CA TYR SA 30 -65.76 -9.12 69.14
C TYR SA 30 -66.53 -7.89 68.62
N PHE SA 31 -67.86 -7.91 68.57
CA PHE SA 31 -68.60 -6.81 67.90
C PHE SA 31 -69.65 -6.19 68.82
N ASP SA 32 -70.05 -4.95 68.56
CA ASP SA 32 -70.98 -4.25 69.48
C ASP SA 32 -72.31 -4.96 69.56
N ILE SA 33 -72.86 -5.05 70.77
CA ILE SA 33 -74.14 -5.78 70.93
C ILE SA 33 -75.20 -5.03 70.11
N ARG SA 34 -75.14 -3.70 70.14
CA ARG SA 34 -76.20 -2.93 69.46
C ARG SA 34 -76.17 -3.21 67.97
N TRP SA 35 -74.99 -3.27 67.36
CA TRP SA 35 -74.95 -3.46 65.90
C TRP SA 35 -75.56 -4.80 65.60
N LEU SA 36 -75.22 -5.78 66.43
CA LEU SA 36 -75.73 -7.13 66.17
C LEU SA 36 -77.24 -7.06 66.43
N ARG SA 37 -77.60 -6.42 67.53
CA ARG SA 37 -79.05 -6.44 67.87
C ARG SA 37 -79.83 -5.87 66.69
N GLU SA 38 -79.29 -4.81 66.07
CA GLU SA 38 -80.02 -4.19 64.95
C GLU SA 38 -80.20 -5.22 63.85
N ALA SA 39 -79.13 -5.96 63.53
CA ALA SA 39 -79.19 -6.97 62.45
C ALA SA 39 -80.17 -8.07 62.83
N GLU SA 40 -80.14 -8.52 64.08
CA GLU SA 40 -81.01 -9.66 64.45
C GLU SA 40 -82.47 -9.25 64.29
N LEU SA 41 -82.82 -8.05 64.76
CA LEU SA 41 -84.21 -7.59 64.55
C LEU SA 41 -84.47 -7.43 63.05
N LYS SA 42 -83.50 -6.87 62.34
CA LYS SA 42 -83.76 -6.57 60.90
C LYS SA 42 -83.88 -7.89 60.12
N HIS SA 43 -82.98 -8.85 60.35
CA HIS SA 43 -83.20 -10.13 59.63
C HIS SA 43 -84.53 -10.72 60.09
N GLY SA 44 -84.83 -10.63 61.38
CA GLY SA 44 -86.07 -11.23 61.89
C GLY SA 44 -87.29 -10.58 61.29
N ARG SA 45 -87.29 -9.24 61.21
CA ARG SA 45 -88.45 -8.50 60.63
C ARG SA 45 -88.57 -8.85 59.14
N VAL SA 46 -87.44 -8.86 58.41
CA VAL SA 46 -87.54 -9.13 56.95
C VAL SA 46 -88.13 -10.54 56.82
N CYS SA 47 -87.64 -11.47 57.63
CA CYS SA 47 -88.10 -12.88 57.54
C CYS SA 47 -89.58 -12.97 57.90
N MET SA 48 -90.02 -12.24 58.92
CA MET SA 48 -91.45 -12.39 59.30
C MET SA 48 -92.28 -12.17 58.05
N LEU SA 49 -92.01 -11.07 57.34
CA LEU SA 49 -92.72 -10.80 56.06
C LEU SA 49 -92.38 -11.91 55.06
N GLY SA 50 -91.12 -12.36 55.04
CA GLY SA 50 -90.71 -13.44 54.13
C GLY SA 50 -91.64 -14.62 54.25
N VAL SA 51 -91.81 -15.15 55.47
CA VAL SA 51 -92.68 -16.34 55.68
C VAL SA 51 -94.10 -15.94 55.27
N THR SA 52 -94.53 -14.73 55.65
CA THR SA 52 -95.91 -14.34 55.35
C THR SA 52 -96.05 -14.33 53.85
N GLY SA 53 -95.03 -13.79 53.16
CA GLY SA 53 -95.11 -13.69 51.70
C GLY SA 53 -95.18 -15.06 51.06
N LEU SA 54 -94.37 -16.01 51.52
CA LEU SA 54 -94.35 -17.32 50.81
C LEU SA 54 -95.75 -17.94 50.92
N LEU SA 55 -96.34 -17.88 52.10
CA LEU SA 55 -97.71 -18.43 52.28
C LEU SA 55 -98.73 -17.62 51.43
N VAL SA 56 -98.64 -16.29 51.48
CA VAL SA 56 -99.66 -15.46 50.76
C VAL SA 56 -99.53 -15.68 49.24
N GLN SA 57 -98.31 -15.51 48.73
CA GLN SA 57 -98.08 -15.52 47.26
C GLN SA 57 -98.50 -16.85 46.64
N GLU SA 58 -98.26 -17.98 47.31
CA GLU SA 58 -98.68 -19.22 46.62
C GLU SA 58 -100.20 -19.16 46.45
N ALA SA 59 -100.91 -18.75 47.51
CA ALA SA 59 -102.38 -18.62 47.45
C ALA SA 59 -102.83 -17.49 46.51
N ILE SA 60 -102.17 -16.32 46.56
CA ILE SA 60 -102.70 -15.14 45.80
C ILE SA 60 -101.67 -14.57 44.83
N CYS SA 61 -102.07 -14.34 43.58
CA CYS SA 61 -101.17 -13.70 42.58
C CYS SA 61 -101.85 -12.42 42.08
N LEU SA 62 -101.08 -11.35 41.87
CA LEU SA 62 -101.68 -10.11 41.31
C LEU SA 62 -102.19 -10.42 39.90
N PRO SA 63 -103.34 -9.87 39.47
CA PRO SA 63 -103.81 -10.06 38.11
C PRO SA 63 -102.72 -9.42 37.30
N GLN SA 64 -102.16 -8.33 37.83
CA GLN SA 64 -101.11 -7.56 37.14
C GLN SA 64 -99.86 -8.42 36.85
N PHE SA 65 -99.46 -9.31 37.77
CA PHE SA 65 -98.19 -10.07 37.59
C PHE SA 65 -98.45 -11.54 37.30
N ALA SA 66 -97.57 -12.17 36.52
CA ALA SA 66 -97.69 -13.63 36.20
C ALA SA 66 -97.39 -14.48 37.45
N ASN SA 67 -97.93 -15.70 37.51
CA ASN SA 67 -97.75 -16.56 38.72
C ASN SA 67 -96.76 -17.70 38.47
N GLY SA 68 -95.98 -18.07 39.48
CA GLY SA 68 -95.04 -19.22 39.38
C GLY SA 68 -95.62 -20.44 40.08
N LYS SA 69 -95.19 -21.62 39.67
CA LYS SA 69 -95.71 -22.89 40.24
C LYS SA 69 -95.38 -22.93 41.73
N THR SA 70 -94.36 -22.17 42.12
CA THR SA 70 -93.95 -22.12 43.54
C THR SA 70 -93.89 -20.68 43.91
N PRO SA 71 -93.98 -20.31 45.19
CA PRO SA 71 -93.82 -18.91 45.54
C PRO SA 71 -92.44 -18.51 45.06
N VAL SA 72 -91.47 -19.40 45.21
CA VAL SA 72 -90.07 -19.04 44.81
C VAL SA 72 -90.07 -18.69 43.32
N ASP SA 73 -90.82 -19.42 42.51
CA ASP SA 73 -90.86 -19.16 41.04
C ASP SA 73 -91.46 -17.77 40.80
N ASP SA 74 -92.36 -17.29 41.66
CA ASP SA 74 -93.03 -16.00 41.42
C ASP SA 74 -91.96 -14.91 41.32
N PHE SA 75 -90.92 -14.97 42.15
CA PHE SA 75 -89.80 -14.00 42.00
C PHE SA 75 -89.28 -14.04 40.57
N PHE SA 76 -89.21 -15.22 39.97
CA PHE SA 76 -88.61 -15.31 38.60
C PHE SA 76 -89.60 -14.83 37.54
N VAL SA 77 -90.88 -15.17 37.65
CA VAL SA 77 -91.88 -14.81 36.59
C VAL SA 77 -92.17 -13.30 36.62
N VAL SA 78 -91.86 -12.60 37.72
CA VAL SA 78 -92.05 -11.12 37.81
C VAL SA 78 -91.11 -10.44 36.81
N PRO SA 79 -91.54 -9.34 36.15
CA PRO SA 79 -90.65 -8.62 35.27
C PRO SA 79 -89.38 -8.22 35.98
N ALA SA 80 -88.30 -8.03 35.23
CA ALA SA 80 -87.01 -7.62 35.82
C ALA SA 80 -87.17 -6.25 36.47
N ALA SA 81 -87.99 -5.43 35.86
CA ALA SA 81 -88.10 -4.05 36.38
C ALA SA 81 -88.59 -4.13 37.80
N GLY SA 82 -89.51 -5.04 38.08
CA GLY SA 82 -90.11 -4.98 39.43
C GLY SA 82 -89.05 -5.15 40.49
N LEU SA 83 -88.14 -6.08 40.25
CA LEU SA 83 -87.14 -6.35 41.30
C LEU SA 83 -86.34 -5.06 41.49
N TRP SA 84 -85.88 -4.48 40.40
CA TRP SA 84 -85.02 -3.30 40.64
C TRP SA 84 -85.85 -2.18 41.23
N GLN SA 85 -87.13 -2.09 40.88
CA GLN SA 85 -87.87 -0.97 41.49
C GLN SA 85 -87.90 -1.19 42.99
N VAL SA 86 -88.23 -2.41 43.40
CA VAL SA 86 -88.38 -2.67 44.85
C VAL SA 86 -87.00 -2.50 45.48
N PHE SA 87 -85.96 -2.94 44.78
CA PHE SA 87 -84.65 -2.94 45.43
C PHE SA 87 -84.31 -1.52 45.81
N PHE SA 88 -84.58 -0.60 44.91
CA PHE SA 88 -84.34 0.83 45.25
C PHE SA 88 -85.32 1.30 46.32
N THR SA 89 -86.58 0.88 46.27
CA THR SA 89 -87.48 1.45 47.27
C THR SA 89 -86.94 1.07 48.62
N ILE SA 90 -86.52 -0.18 48.76
CA ILE SA 90 -86.02 -0.69 50.06
C ILE SA 90 -84.77 0.07 50.45
N GLY SA 91 -83.86 0.31 49.52
CA GLY SA 91 -82.59 0.94 49.90
C GLY SA 91 -82.87 2.31 50.49
N ALA SA 92 -83.80 3.02 49.89
CA ALA SA 92 -84.10 4.37 50.37
C ALA SA 92 -84.63 4.24 51.79
N VAL SA 93 -85.46 3.24 52.01
CA VAL SA 93 -86.09 3.15 53.36
C VAL SA 93 -84.90 2.97 54.30
N GLU SA 94 -83.90 2.21 53.88
CA GLU SA 94 -82.73 2.11 54.76
C GLU SA 94 -82.18 3.51 54.97
N PHE SA 95 -82.05 4.30 53.91
CA PHE SA 95 -81.40 5.62 54.07
C PHE SA 95 -82.18 6.53 54.98
N PHE SA 96 -83.48 6.56 54.79
CA PHE SA 96 -84.26 7.53 55.59
C PHE SA 96 -84.15 7.15 57.02
N SER SA 97 -84.37 5.88 57.27
CA SER SA 97 -84.39 5.45 58.68
C SER SA 97 -83.01 5.65 59.31
N ASN SA 98 -81.97 5.11 58.70
CA ASN SA 98 -80.63 5.19 59.34
C ASN SA 98 -80.07 6.61 59.23
N GLY SA 99 -80.80 7.52 58.59
CA GLY SA 99 -80.38 8.93 58.56
C GLY SA 99 -79.06 9.01 57.84
N PHE SA 100 -78.80 8.04 57.00
CA PHE SA 100 -77.53 7.98 56.21
C PHE SA 100 -76.40 7.57 57.15
N LYS SA 101 -76.72 7.15 58.37
CA LYS SA 101 -75.64 6.62 59.24
C LYS SA 101 -75.57 5.10 59.01
N LEU SA 102 -75.34 4.68 57.77
CA LEU SA 102 -75.36 3.24 57.41
C LEU SA 102 -74.24 2.40 58.03
N THR SA 103 -73.01 2.90 58.10
CA THR SA 103 -71.90 2.05 58.56
C THR SA 103 -71.98 1.78 60.04
N PRO SA 104 -71.32 0.72 60.54
CA PRO SA 104 -71.46 0.35 61.94
C PRO SA 104 -71.01 1.43 62.86
N GLY SA 105 -69.88 2.06 62.59
CA GLY SA 105 -69.50 3.16 63.48
C GLY SA 105 -70.50 4.28 63.38
N ASP SA 106 -70.91 4.63 62.17
CA ASP SA 106 -71.78 5.83 62.01
C ASP SA 106 -73.12 5.61 62.69
N MET SA 107 -73.74 4.47 62.40
CA MET SA 107 -75.11 4.25 62.92
C MET SA 107 -75.05 4.34 64.43
N PHE SA 108 -76.07 4.91 65.03
CA PHE SA 108 -76.18 4.92 66.50
C PHE SA 108 -75.29 5.99 67.05
N SER SA 109 -74.57 6.71 66.20
CA SER SA 109 -73.65 7.70 66.79
C SER SA 109 -74.55 8.70 67.51
N GLU SA 110 -75.65 9.09 66.88
CA GLU SA 110 -76.64 9.94 67.59
C GLU SA 110 -77.66 9.04 68.29
N GLY SA 111 -77.25 8.23 69.26
CA GLY SA 111 -78.19 7.37 70.01
C GLY SA 111 -78.98 6.44 69.12
N ARG SA 112 -80.30 6.62 69.02
CA ARG SA 112 -81.21 5.79 68.17
C ARG SA 112 -81.44 4.44 68.88
N GLU SA 113 -80.97 4.30 70.12
CA GLU SA 113 -81.14 3.03 70.89
C GLU SA 113 -80.54 1.91 70.06
N ALA SA 114 -81.19 0.74 69.98
CA ALA SA 114 -80.72 -0.35 69.11
C ALA SA 114 -81.92 -0.90 68.32
N GLY SA 115 -81.79 -1.04 67.01
CA GLY SA 115 -82.89 -1.65 66.23
C GLY SA 115 -84.17 -0.87 66.42
N ASP SA 116 -84.08 0.46 66.56
CA ASP SA 116 -85.33 1.28 66.64
C ASP SA 116 -85.38 2.21 65.43
N LEU SA 117 -86.45 2.11 64.64
CA LEU SA 117 -86.61 3.01 63.47
C LEU SA 117 -87.68 4.06 63.80
N GLY SA 118 -88.16 4.09 65.04
CA GLY SA 118 -89.23 5.04 65.42
C GLY SA 118 -90.46 4.87 64.55
N PHE SA 119 -90.80 3.62 64.23
CA PHE SA 119 -92.01 3.34 63.41
C PHE SA 119 -93.12 2.82 64.31
N ASP SA 120 -94.04 3.68 64.73
CA ASP SA 120 -95.20 3.19 65.51
C ASP SA 120 -96.36 4.01 65.01
N PRO SA 121 -96.69 3.97 63.70
CA PRO SA 121 -97.69 4.87 63.20
C PRO SA 121 -98.94 4.54 63.94
N LEU SA 122 -99.25 3.25 64.06
CA LEU SA 122 -100.40 2.93 64.93
C LEU SA 122 -99.75 2.97 66.29
N GLY SA 123 -100.37 3.61 67.27
CA GLY SA 123 -99.63 3.74 68.53
C GLY SA 123 -99.84 2.51 69.35
N CYS SA 124 -98.82 1.66 69.43
CA CYS SA 124 -98.97 0.50 70.34
C CYS SA 124 -97.89 0.60 71.42
N GLY SA 125 -96.80 1.32 71.16
CA GLY SA 125 -95.69 1.42 72.13
C GLY SA 125 -96.05 2.40 73.25
N LYS SA 126 -97.34 2.67 73.43
CA LYS SA 126 -97.78 3.68 74.44
C LYS SA 126 -97.39 3.27 75.87
N ASN SA 127 -97.53 1.99 76.23
CA ASN SA 127 -97.27 1.56 77.64
C ASN SA 127 -95.96 0.78 77.73
N PRO SA 128 -95.05 1.14 78.67
CA PRO SA 128 -93.75 0.49 78.75
C PRO SA 128 -93.81 -0.99 79.08
N ASP SA 129 -94.70 -1.39 79.98
CA ASP SA 129 -94.73 -2.81 80.41
C ASP SA 129 -95.04 -3.70 79.20
N ALA SA 130 -95.99 -3.29 78.37
CA ALA SA 130 -96.27 -4.05 77.13
C ALA SA 130 -95.05 -4.00 76.21
N LEU SA 131 -94.39 -2.85 76.12
CA LEU SA 131 -93.30 -2.70 75.12
C LEU SA 131 -92.19 -3.72 75.38
N ALA SA 132 -91.81 -3.94 76.64
CA ALA SA 132 -90.79 -4.99 76.90
C ALA SA 132 -91.32 -6.31 76.38
N ARG SA 133 -92.40 -6.80 76.97
CA ARG SA 133 -93.03 -8.05 76.55
C ARG SA 133 -93.17 -8.10 75.02
N ARG SA 134 -93.56 -6.99 74.42
CA ARG SA 134 -93.66 -6.93 72.96
C ARG SA 134 -92.29 -7.11 72.32
N ARG SA 135 -91.24 -6.55 72.93
CA ARG SA 135 -89.88 -6.74 72.40
C ARG SA 135 -89.47 -8.21 72.45
N LEU SA 136 -89.75 -8.89 73.56
CA LEU SA 136 -89.42 -10.31 73.67
C LEU SA 136 -90.18 -11.14 72.65
N VAL SA 137 -91.48 -10.87 72.49
CA VAL SA 137 -92.28 -11.57 71.49
C VAL SA 137 -91.74 -11.29 70.10
N GLU SA 138 -91.35 -10.04 69.83
CA GLU SA 138 -90.85 -9.67 68.52
C GLU SA 138 -89.56 -10.40 68.19
N VAL SA 139 -88.62 -10.46 69.14
CA VAL SA 139 -87.35 -11.11 68.85
C VAL SA 139 -87.51 -12.62 68.71
N LYS SA 140 -88.35 -13.24 69.56
CA LYS SA 140 -88.57 -14.67 69.44
C LYS SA 140 -89.23 -15.03 68.12
N ASN SA 141 -90.28 -14.29 67.74
CA ASN SA 141 -90.93 -14.55 66.47
C ASN SA 141 -90.02 -14.23 65.29
N GLY SA 142 -89.12 -13.26 65.44
CA GLY SA 142 -88.16 -12.98 64.38
C GLY SA 142 -87.16 -14.10 64.15
N ARG SA 143 -86.61 -14.64 65.24
CA ARG SA 143 -85.71 -15.79 65.10
C ARG SA 143 -86.44 -17.00 64.52
N LEU SA 144 -87.66 -17.25 65.01
CA LEU SA 144 -88.47 -18.32 64.45
C LEU SA 144 -88.78 -18.07 62.98
N ALA SA 145 -88.97 -16.81 62.60
CA ALA SA 145 -89.21 -16.46 61.20
C ALA SA 145 -87.98 -16.70 60.35
N MET SA 146 -86.80 -16.41 60.89
CA MET SA 146 -85.56 -16.73 60.16
C MET SA 146 -85.48 -18.22 59.86
N ILE SA 147 -85.72 -19.03 60.88
CA ILE SA 147 -85.56 -20.49 60.68
C ILE SA 147 -86.69 -20.93 59.74
N ALA SA 148 -87.90 -20.46 59.96
CA ALA SA 148 -88.97 -21.00 59.10
C ALA SA 148 -88.73 -20.61 57.66
N PHE SA 149 -88.34 -19.37 57.43
CA PHE SA 149 -88.26 -18.97 56.00
C PHE SA 149 -87.26 -19.84 55.38
N GLY SA 150 -86.18 -20.11 56.07
CA GLY SA 150 -85.14 -20.87 55.40
C GLY SA 150 -85.73 -22.18 55.02
N GLY SA 151 -86.52 -22.75 55.91
CA GLY SA 151 -87.17 -24.02 55.61
C GLY SA 151 -88.22 -23.92 54.54
N MET SA 152 -89.05 -22.92 54.60
CA MET SA 152 -90.12 -22.95 53.61
C MET SA 152 -89.43 -22.86 52.26
N LEU SA 153 -88.49 -21.95 52.14
CA LEU SA 153 -87.91 -21.77 50.80
C LEU SA 153 -87.14 -23.00 50.38
N HIS SA 154 -86.28 -23.54 51.23
CA HIS SA 154 -85.44 -24.66 50.74
C HIS SA 154 -86.35 -25.83 50.41
N GLN SA 155 -87.37 -26.09 51.20
CA GLN SA 155 -88.21 -27.23 50.81
C GLN SA 155 -88.84 -26.91 49.46
N GLN SA 156 -89.31 -25.69 49.25
CA GLN SA 156 -89.99 -25.40 47.97
C GLN SA 156 -89.02 -25.55 46.82
N LEU SA 157 -87.81 -25.05 46.94
CA LEU SA 157 -86.89 -25.13 45.79
C LEU SA 157 -86.69 -26.59 45.52
N LEU SA 158 -86.56 -27.37 46.58
CA LEU SA 158 -86.24 -28.80 46.39
C LEU SA 158 -87.40 -29.49 45.73
N THR SA 159 -88.49 -29.63 46.50
CA THR SA 159 -89.68 -30.40 46.08
C THR SA 159 -90.43 -29.74 44.98
N GLY SA 160 -90.63 -28.44 45.11
CA GLY SA 160 -91.41 -27.70 44.10
C GLY SA 160 -92.85 -27.61 44.49
N GLN SA 161 -93.24 -28.22 45.58
CA GLN SA 161 -94.64 -28.01 45.98
C GLN SA 161 -94.71 -26.71 46.77
N GLY SA 162 -95.91 -26.21 47.04
CA GLY SA 162 -96.07 -25.02 47.90
C GLY SA 162 -96.05 -25.41 49.35
N THR SA 163 -95.77 -24.48 50.27
CA THR SA 163 -95.67 -24.91 51.66
C THR SA 163 -96.98 -25.48 52.10
N LEU SA 164 -98.08 -24.81 51.80
CA LEU SA 164 -99.37 -25.45 52.15
C LEU SA 164 -99.52 -26.74 51.35
N GLU SA 165 -99.13 -26.72 50.08
CA GLU SA 165 -99.32 -27.93 49.25
C GLU SA 165 -98.49 -29.08 49.83
N GLN SA 166 -97.25 -28.80 50.24
CA GLN SA 166 -96.36 -29.91 50.68
C GLN SA 166 -97.03 -30.69 51.81
N LEU SA 167 -97.77 -30.00 52.69
CA LEU SA 167 -98.51 -30.72 53.76
C LEU SA 167 -99.57 -31.63 53.13
N ALA SA 168 -100.25 -31.18 52.08
CA ALA SA 168 -101.35 -32.01 51.52
C ALA SA 168 -100.79 -33.33 50.99
N ASN SA 169 -99.66 -33.28 50.28
CA ASN SA 169 -99.01 -34.55 49.84
C ASN SA 169 -97.54 -34.46 50.26
N PHE SA 170 -97.12 -35.25 51.24
CA PHE SA 170 -95.72 -35.07 51.72
C PHE SA 170 -94.73 -35.46 50.61
N LYS SA 171 -94.98 -36.58 49.93
CA LYS SA 171 -94.12 -36.96 48.77
C LYS SA 171 -92.63 -36.90 49.16
N ALA SA 172 -92.24 -37.57 50.24
CA ALA SA 172 -90.83 -37.44 50.71
C ALA SA 172 -89.86 -37.92 49.62
N ILE SA 173 -88.75 -37.20 49.46
CA ILE SA 173 -87.73 -37.57 48.44
C ILE SA 173 -87.65 -39.09 48.36
N PRO TA 90 60.48 16.51 -66.47
CA PRO TA 90 61.05 17.12 -65.26
C PRO TA 90 60.00 17.37 -64.17
N GLN TA 91 60.27 16.88 -62.96
CA GLN TA 91 59.36 17.00 -61.84
C GLN TA 91 60.11 17.47 -60.60
N GLY TA 92 59.39 18.16 -59.72
CA GLY TA 92 59.94 18.53 -58.42
C GLY TA 92 61.12 19.47 -58.54
N PHE TA 93 62.20 19.15 -57.81
CA PHE TA 93 63.38 20.00 -57.74
C PHE TA 93 64.15 20.07 -59.06
N THR TA 94 63.74 19.31 -60.08
CA THR TA 94 64.36 19.40 -61.39
C THR TA 94 63.45 20.04 -62.43
N SER TA 95 62.23 20.42 -62.06
CA SER TA 95 61.30 21.04 -62.99
C SER TA 95 61.67 22.49 -63.22
N PRO TA 96 61.74 22.95 -64.47
CA PRO TA 96 62.03 24.38 -64.73
C PRO TA 96 61.01 25.32 -64.13
N LYS TA 97 59.74 24.92 -64.07
CA LYS TA 97 58.73 25.76 -63.41
C LYS TA 97 59.07 25.96 -61.94
N ASN TA 98 59.55 24.92 -61.28
CA ASN TA 98 59.97 25.05 -59.89
C ASN TA 98 61.22 25.92 -59.76
N HIS TA 99 62.09 25.91 -60.77
CA HIS TA 99 63.23 26.82 -60.75
C HIS TA 99 62.78 28.28 -60.85
N PHE TA 100 61.83 28.56 -61.74
CA PHE TA 100 61.28 29.90 -61.85
C PHE TA 100 60.60 30.32 -60.55
N ALA TA 101 59.84 29.40 -59.94
CA ALA TA 101 59.18 29.70 -58.67
C ALA TA 101 60.19 29.96 -57.57
N SER TA 102 61.29 29.20 -57.55
CA SER TA 102 62.34 29.42 -56.55
C SER TA 102 63.00 30.79 -56.74
N VAL TA 103 63.22 31.19 -58.00
CA VAL TA 103 63.81 32.50 -58.25
C VAL TA 103 62.85 33.61 -57.81
N ILE TA 104 61.56 33.45 -58.09
CA ILE TA 104 60.57 34.43 -57.65
C ILE TA 104 60.52 34.49 -56.12
N GLY TA 105 60.56 33.33 -55.47
CA GLY TA 105 60.56 33.30 -54.02
C GLY TA 105 61.79 33.93 -53.41
N LEU TA 106 62.96 33.73 -54.03
CA LEU TA 106 64.18 34.39 -53.57
C LEU TA 106 64.08 35.90 -53.75
N TRP TA 107 63.48 36.34 -54.86
CA TRP TA 107 63.22 37.77 -55.05
C TRP TA 107 62.35 38.33 -53.94
N VAL TA 108 61.28 37.60 -53.60
CA VAL TA 108 60.37 38.05 -52.55
C VAL TA 108 61.08 38.10 -51.20
N LEU TA 109 61.91 37.08 -50.93
CA LEU TA 109 62.63 37.03 -49.65
C LEU TA 109 63.67 38.14 -49.55
N PHE TA 110 64.33 38.47 -50.67
CA PHE TA 110 65.30 39.56 -50.70
C PHE TA 110 64.64 40.93 -50.78
N ALA TA 111 63.35 41.00 -51.10
CA ALA TA 111 62.68 42.30 -51.18
C ALA TA 111 62.68 43.03 -49.85
N LEU TA 112 62.41 42.30 -48.75
CA LEU TA 112 62.37 42.95 -47.44
C LEU TA 112 63.70 43.56 -47.03
N PRO TA 113 64.85 42.86 -47.08
CA PRO TA 113 66.09 43.53 -46.66
C PRO TA 113 66.51 44.70 -47.54
N VAL TA 114 66.59 44.50 -48.85
CA VAL TA 114 67.10 45.54 -49.76
C VAL TA 114 66.20 46.76 -49.71
N TRP TA 115 64.92 46.58 -49.98
CA TRP TA 115 64.03 47.73 -50.06
C TRP TA 115 63.67 48.27 -48.69
N SER TA 116 63.65 47.44 -47.65
CA SER TA 116 63.49 47.97 -46.30
C SER TA 116 64.67 48.85 -45.91
N ALA TA 117 65.89 48.45 -46.27
CA ALA TA 117 67.05 49.28 -45.99
C ALA TA 117 67.00 50.58 -46.79
N ALA TA 118 66.60 50.50 -48.06
CA ALA TA 118 66.46 51.70 -48.87
C ALA TA 118 65.42 52.65 -48.27
N TYR TA 119 64.32 52.10 -47.76
CA TYR TA 119 63.33 52.91 -47.04
C TYR TA 119 63.91 53.52 -45.78
N LYS TA 120 64.74 52.76 -45.05
CA LYS TA 120 65.34 53.29 -43.83
C LYS TA 120 66.29 54.44 -44.14
N GLN TA 121 67.01 54.36 -45.25
CA GLN TA 121 67.88 55.46 -45.65
C GLN TA 121 67.08 56.70 -46.02
N ALA TA 122 66.05 56.52 -46.86
CA ALA TA 122 65.15 57.61 -47.26
C ALA TA 122 63.72 57.08 -47.16
N GLY TA 123 62.99 57.53 -46.15
CA GLY TA 123 61.66 57.00 -45.86
C GLY TA 123 60.54 58.01 -45.96
N CYS TA 124 60.54 58.77 -47.05
CA CYS TA 124 59.61 59.89 -47.25
C CYS TA 124 59.79 60.95 -46.16
N THR TA 125 61.01 61.05 -45.64
CA THR TA 125 61.35 62.03 -44.62
C THR TA 125 61.80 63.34 -45.28
N THR TA 126 60.90 63.90 -46.07
CA THR TA 126 61.11 65.12 -46.82
C THR TA 126 60.16 66.18 -46.32
N PRO TA 127 60.63 67.41 -46.07
CA PRO TA 127 59.70 68.47 -45.61
C PRO TA 127 58.58 68.76 -46.58
N ASP TA 128 58.82 68.59 -47.88
CA ASP TA 128 57.74 68.76 -48.87
C ASP TA 128 56.83 67.54 -48.94
N TRP TA 129 57.24 66.41 -48.38
CA TRP TA 129 56.45 65.18 -48.47
C TRP TA 129 55.37 65.19 -47.39
N PHE TA 130 54.12 65.40 -47.81
CA PHE TA 130 52.96 65.25 -46.95
C PHE TA 130 51.74 65.14 -47.83
N GLY TA 131 50.70 64.50 -47.29
CA GLY TA 131 49.47 64.34 -48.05
C GLY TA 131 48.76 65.66 -48.27
N VAL TA 132 47.88 65.67 -49.26
CA VAL TA 132 47.10 66.86 -49.60
C VAL TA 132 45.66 66.44 -49.88
N SER TA 133 44.72 67.23 -49.38
CA SER TA 133 43.30 67.03 -49.63
C SER TA 133 42.70 68.36 -50.09
N GLN TA 134 41.83 68.27 -51.10
CA GLN TA 134 41.19 69.48 -51.62
C GLN TA 134 40.09 69.99 -50.71
N VAL TA 135 39.62 69.17 -49.77
CA VAL TA 135 38.59 69.59 -48.84
C VAL TA 135 39.16 70.60 -47.86
N ALA TA 136 38.33 71.56 -47.45
CA ALA TA 136 38.73 72.50 -46.41
C ALA TA 136 38.83 71.80 -45.07
N GLU TA 137 39.79 72.22 -44.25
CA GLU TA 137 40.03 71.58 -42.95
C GLU TA 137 38.93 71.87 -41.95
N ASP TA 138 38.04 72.84 -42.21
CA ASP TA 138 36.94 73.14 -41.32
C ASP TA 138 35.63 72.52 -41.78
N ALA TA 139 35.67 71.60 -42.74
CA ALA TA 139 34.47 70.93 -43.20
C ALA TA 139 33.89 70.08 -42.07
N PRO TA 140 32.56 69.94 -42.02
CA PRO TA 140 31.96 69.10 -40.97
C PRO TA 140 32.42 67.65 -41.07
N GLY TA 141 32.66 67.06 -39.92
CA GLY TA 141 33.19 65.71 -39.83
C GLY TA 141 34.69 65.63 -39.63
N VAL TA 142 35.41 66.74 -39.80
CA VAL TA 142 36.85 66.75 -39.58
C VAL TA 142 37.11 66.83 -38.08
N GLY TA 143 37.87 65.88 -37.55
CA GLY TA 143 38.15 65.87 -36.13
C GLY TA 143 39.10 66.98 -35.72
N LEU TA 144 39.00 67.38 -34.46
CA LEU TA 144 39.90 68.41 -33.94
C LEU TA 144 41.33 67.89 -33.84
N LEU TA 145 41.50 66.65 -33.40
CA LEU TA 145 42.82 66.04 -33.29
C LEU TA 145 42.80 64.67 -33.94
N ALA TA 146 43.90 64.32 -34.61
CA ALA TA 146 44.00 63.07 -35.33
C ALA TA 146 44.23 61.91 -34.36
N LYS TA 147 43.58 60.78 -34.66
CA LYS TA 147 43.71 59.54 -33.88
C LYS TA 147 43.33 59.76 -32.42
N ALA TA 148 42.07 60.16 -32.22
CA ALA TA 148 41.57 60.41 -30.88
C ALA TA 148 41.36 59.10 -30.12
N ALA TA 149 41.75 59.09 -28.86
CA ALA TA 149 41.61 57.92 -27.98
C ALA TA 149 40.96 58.35 -26.68
N PRO TA 150 39.63 58.47 -26.66
CA PRO TA 150 38.95 58.82 -25.40
C PRO TA 150 39.13 57.74 -24.34
N GLU TA 151 39.15 58.18 -23.08
CA GLU TA 151 39.45 57.27 -21.98
C GLU TA 151 38.31 56.29 -21.72
N TYR TA 152 37.06 56.77 -21.79
CA TYR TA 152 35.85 55.96 -21.55
C TYR TA 152 35.87 55.33 -20.16
N ASN TA 153 35.75 56.20 -19.15
CA ASN TA 153 35.50 55.75 -17.79
C ASN TA 153 33.98 55.59 -17.60
N GLY TA 154 33.43 54.60 -18.30
CA GLY TA 154 32.01 54.40 -18.34
C GLY TA 154 31.58 52.97 -18.08
N PRO TA 155 30.38 52.61 -18.52
CA PRO TA 155 29.86 51.27 -18.25
C PRO TA 155 30.64 50.18 -18.97
N SER TA 156 30.57 48.98 -18.42
CA SER TA 156 31.28 47.84 -18.96
C SER TA 156 30.56 47.29 -20.20
N PHE TA 157 31.19 46.31 -20.84
CA PHE TA 157 30.65 45.72 -22.07
C PHE TA 157 29.33 45.00 -21.79
N ARG TA 158 29.23 44.30 -20.67
CA ARG TA 158 28.01 43.57 -20.33
C ARG TA 158 26.84 44.52 -20.15
N GLU TA 159 27.07 45.68 -19.51
CA GLU TA 159 26.01 46.67 -19.37
C GLU TA 159 25.57 47.20 -20.73
N GLY TA 160 26.52 47.38 -21.65
CA GLY TA 160 26.16 47.79 -23.00
C GLY TA 160 25.31 46.76 -23.72
N LEU TA 161 25.66 45.47 -23.58
CA LEU TA 161 24.86 44.41 -24.18
C LEU TA 161 23.47 44.37 -23.57
N GLU TA 162 23.37 44.56 -22.26
CA GLU TA 162 22.07 44.61 -21.60
C GLU TA 162 21.25 45.80 -22.07
N TYR TA 163 21.91 46.94 -22.32
CA TYR TA 163 21.23 48.10 -22.88
C TYR TA 163 20.70 47.82 -24.28
N VAL TA 164 21.51 47.16 -25.11
CA VAL TA 164 21.08 46.80 -26.46
C VAL TA 164 19.91 45.81 -26.41
N PHE TA 165 19.90 44.90 -25.43
CA PHE TA 165 18.76 44.01 -25.28
C PHE TA 165 17.53 44.76 -24.77
N SER TA 166 17.73 45.71 -23.86
CA SER TA 166 16.63 46.55 -23.37
C SER TA 166 16.05 47.40 -24.48
N PHE TA 167 16.80 47.62 -25.56
CA PHE TA 167 16.21 48.22 -26.75
C PHE TA 167 15.02 47.41 -27.24
N VAL TA 168 15.11 46.09 -27.20
CA VAL TA 168 14.07 45.24 -27.76
C VAL TA 168 13.09 44.68 -26.73
N TRP TA 169 13.43 44.68 -25.44
CA TRP TA 169 12.45 44.26 -24.45
C TRP TA 169 11.95 45.39 -23.56
N LYS TA 170 12.54 46.57 -23.63
CA LYS TA 170 12.10 47.68 -22.79
C LYS TA 170 12.36 49.03 -23.45
N PRO TA 171 11.75 49.32 -24.60
CA PRO TA 171 12.04 50.60 -25.27
C PRO TA 171 11.25 51.74 -24.64
N PRO TA 172 11.70 52.98 -24.82
CA PRO TA 172 11.04 54.12 -24.15
C PRO TA 172 9.71 54.53 -24.79
N ILE TA 173 9.12 53.62 -25.58
CA ILE TA 173 7.93 53.95 -26.36
C ILE TA 173 6.76 54.29 -25.43
N LEU TA 174 6.49 53.44 -24.45
CA LEU TA 174 5.27 53.58 -23.66
C LEU TA 174 5.39 54.46 -22.43
N ILE TA 175 6.61 54.85 -22.03
CA ILE TA 175 6.74 55.73 -20.86
C ILE TA 175 6.29 57.15 -21.14
N ALA TA 176 6.09 57.51 -22.41
CA ALA TA 176 5.58 58.84 -22.73
C ALA TA 176 4.14 59.01 -22.26
N TRP TA 177 3.35 57.94 -22.34
CA TRP TA 177 1.94 57.99 -21.92
C TRP TA 177 1.85 57.64 -20.44
N LYS TA 178 2.35 58.38 -19.47
CA LYS TA 178 2.21 57.75 -18.11
C LYS TA 178 1.05 58.33 -17.29
N PRO TA 179 0.16 57.52 -16.66
CA PRO TA 179 -0.92 58.05 -15.78
C PRO TA 179 -0.35 58.89 -14.65
N ARG TA 180 -1.20 59.75 -14.08
CA ARG TA 180 -0.73 60.64 -12.99
C ARG TA 180 -1.44 60.24 -11.69
N VAL TA 212 -2.01 57.47 -1.89
CA VAL TA 212 -1.56 57.28 -0.47
C VAL TA 212 -1.34 55.78 -0.24
N TYR TA 213 -1.06 55.39 1.01
CA TYR TA 213 -0.89 53.95 1.34
C TYR TA 213 -1.96 53.56 2.36
N ASP TA 214 -2.69 52.47 2.08
CA ASP TA 214 -3.73 52.00 3.04
C ASP TA 214 -3.05 51.53 4.33
N GLU TA 215 -3.68 51.79 5.47
CA GLU TA 215 -3.12 51.39 6.79
C GLU TA 215 -3.80 50.10 7.27
#